data_8TL9
#
_entry.id   8TL9
#
_cell.length_a   1.00
_cell.length_b   1.00
_cell.length_c   1.00
_cell.angle_alpha   90.00
_cell.angle_beta   90.00
_cell.angle_gamma   90.00
#
_symmetry.space_group_name_H-M   'P 1'
#
loop_
_entity.id
_entity.type
_entity.pdbx_description
1 polymer 'Inositol 1,4,5-trisphosphate receptor type 3'
2 non-polymer 'ZINC ION'
3 non-polymer D-MYO-INOSITOL-1,4,5-TRIPHOSPHATE
4 non-polymer 'CALCIUM ION'
5 non-polymer "ADENOSINE-5'-TRIPHOSPHATE"
#
_entity_poly.entity_id   1
_entity_poly.type   'polypeptide(L)'
_entity_poly.pdbx_seq_one_letter_code
;MSEMSSFLHIGDIVSLYAEGSVNGFISTLGLVDDRCVVEPAAGDLDNPPKKFRDCLFKVCPMNRYSAQKQYWKAKQTKQD
KEKIADVVLLQKLQHAAQMEQKQNDTENKKVHGDVVKYGSVIQLLHMKSNKYLTVNKRLPALLEKNAMRVTLDATGNEGS
WLFIQPFWKLRSNGDNVVVGDKVILNPVNAGQPLHASNYELSDNAGCKEVNSVNCNTSWKINLFMQFRDHLEEVLKGGDV
VRLFHAEQEKFLTCDEYKGKLQVFLRTTLRQSATSATSSNALWEVEVVHHDPCRGGAGHWNGLYRFKHLATGNYLAAEEN
PSYKGDASDPKAAGMGAQGRTGRRNAGEKIKYCLVAVPHGNDIASLFELDPTTLQKTDSFVPRNSYVRLRHLCTNTWIQS
TNVPIDIEEERPIRLMLGTCPTKEDKEAFAIVSVPVSEIRDLDFANDASSMLASAVEKLNEGFISQNDRRFVIQLLEDLV
FFVSDVPNNGQNVLDIMVTKPNRERQKLMREQNILKQVFGILKAPFREKGGEGPLVRLEELSDQKNAPYQHMFRLCYRVL
RHSQEDYRKNQEHIAKQFGMMQSQIGYDILAEDTITALLHNNRKLLEKHITKTEVETFVSLVRKNREPRFLDYLSDLCVS
NHIAIPVTQELICKCVLDPKNSDILIRTELRPVKEMAQSHEYLSIEYSEEEVWLTWTDKNNEHHEKSVRQLAQEARAGNA
HDENVLSYYRYQLKLFARMCLDRQYLAIDEISQQLGVDLIFLCMADEMLPFDLRASFCHLMLHVHVDRDPQELVTPVKFA
RLWTEIPTAITIKDYDSNLNASRDDKKNKFANTMEFVEDYLNNVVSEAVPFANEEKNKLTFEVVSLAHNLIYFGFYSFSE
LLRLTRTLLGIIDCVQGPPAMLQAYEDPGGKNVRRSIQGVGHMMSTMVLSRKQSVFSAPSLSAGASAAEPLDRSKFEENE
DIVVMETKLKILEILQFILNVRLDYRISYLLSVFKKEFVEVFPMQDSGADGTAPAFDSTTANMNLDRIGEQAEAMFGVGK
TSSMLEVDDEGGRMFLRVLIHLTMHDYAPLVSGALQLLFKHFSQRQEAMHTFKQVQLLISAQDVENYKVIKSELDRLRTM
VEKSELWVDKKGSGKGEEVEAGAAKDKKERPTDEEGFLHPPGEKSSENYQIVKGILERLNKMCGVGEQMRKKQQRLLKNM
DAHKVMLDLLQIPYDKGDAKMMEILRYTHQFLQKFCAGNPGNQALLHKHLHLFLTPGLLEAETMQHIFLNNYQLCSEISE
PVLQHFVHLLATHGRHVQYLDFLHTVIKAEGKYVKKCQDMIMTELTNAGDDVVVFYNDKASLAHLLDMMKAARDGVEDHS
PLMYHISLVDLLAACAEGKNVYTEIKCTSLLPLEDVVSVVTHEDCITEVKMAYVNFVNHCYVDTEVEMKEIYTSNHIWTL
FENFTLDMARVCSKREKRVADPTLEKYVLSVVLDTINAFFSSPFSENSTSLQTHQTIVVQLLQSTTRLLECPWLQQQHKG
SVEACIRTLAMVAKGRAILLPMDLDAHISSMLSSGASCAAAAQRNASSYKATTRAFPRVTPTANQWDYKNIIEKLQDIIT
ALEERLKPLVQAELSVLVDVLHWPELLFLEGSEAYQRCESGGFLSKLIQHTKDLMESEEKLCIKVLRTLQQMLLKKTKYG
DRGNQLRKMLLQNYLQNRKSTSRGDLPDPIGTGLDPDWSAIAATQCRLDKEGATKLVCDLITSTKNEKIFQESIGLAIHL
LDGGNTEIQKSFHNLMMSDKKSERFFKVLHDRMKRAQQETKSTVAVNMNDLGSQPHEDREPVDPTTKGRVASFSIPGSSS
RYSLGPSLRRGHEVSERVQSSEMGTSVLIMQPILRFLQLLCENHNRDLQNFLRCQNNKTNYNLVCETLQFLDIMCGSTTG
GLGLLGLYINEDNVGLVIQTLETLTEYCQGPCHENQTCIVTHESNGIDIITALILNDISPLCKYRMDLVLQLKDNASKLL
LALMESRHDSENAERILISLRPQELVDVIKKAYLQEEERENSEVSPREVGHNIYILALQLSRHNKQLQHLLKPVKRIQEE
EAEGISSMLSLNNKQLSQMLKSSAPAQEEEEDPLAYYENHTSQIEIVRQDRSMEQIVFPVPGICQFLTEETKHRLFTTTE
QDEQGSKVSDFFDQSSFLHNEMEWQRKLRSMPLIYWFSRRMTLWGSISFNLAVFINIIIAFFYPYMEGASTGVLDSPLIS
LLFWILICFSIAALFTKRYSIRPLIVALILRSIYYLGIGPTLNILGALNLTNKIVFVVSFVGNRGTFIRGYKAMVMDMEF
LYHVGYILTSVLGLFAHELFYSILLFDLIYREETLFNVIKSVTRNGRSILLTALLALILVYLFSIVGFLFLKDDFILEVD
RLPNNHSTASPLGMPHGAAAFVDTCSGDKMDCVSGLSVPEVLEEDRELDSTERACDTLLMCIVTVMNHGLRNGGGVGDIL
RKPSKDESLFPARVVYDLLFFFIVIIIVLNLIFGVIIDTFADLRSEKQKKEEILKTTCFICGLERDKFDNKTVSFEEHIK
LEHNMWNYLYFIVLVRVKNKTDYTGPESYVAQMIKNKNLDWFPRMRAMSLVSNEGEGEQNEIRILQDKLNSTMKLVSHLT
AQLNELKEQMTEQRKRRQRLGFVDVQNCISR
;
_entity_poly.pdbx_strand_id   A,B,C,D
#
loop_
_chem_comp.id
_chem_comp.type
_chem_comp.name
_chem_comp.formula
ATP non-polymer ADENOSINE-5'-TRIPHOSPHATE 'C10 H16 N5 O13 P3'
CA non-polymer 'CALCIUM ION' 'Ca 2'
I3P non-polymer D-MYO-INOSITOL-1,4,5-TRIPHOSPHATE 'C6 H15 O15 P3'
ZN non-polymer 'ZINC ION' 'Zn 2'
#
# COMPACT_ATOMS: atom_id res chain seq x y z
N LEU A 235 -21.65 3.61 50.12
CA LEU A 235 -22.32 3.02 51.27
C LEU A 235 -21.50 1.87 51.84
N LYS A 236 -21.14 1.98 53.12
CA LYS A 236 -20.32 0.98 53.78
C LYS A 236 -20.85 0.73 55.19
N GLY A 237 -20.54 -0.44 55.71
CA GLY A 237 -20.93 -0.76 57.08
C GLY A 237 -20.18 0.12 58.08
N GLY A 238 -20.83 0.35 59.22
CA GLY A 238 -20.26 1.21 60.23
C GLY A 238 -20.42 2.69 59.98
N ASP A 239 -21.16 3.07 58.93
CA ASP A 239 -21.42 4.47 58.61
C ASP A 239 -22.86 4.80 58.99
N VAL A 240 -23.11 6.08 59.23
CA VAL A 240 -24.43 6.55 59.68
C VAL A 240 -25.00 7.49 58.64
N VAL A 241 -26.28 7.31 58.34
CA VAL A 241 -27.01 8.18 57.43
C VAL A 241 -28.43 8.34 57.94
N ARG A 242 -29.10 9.38 57.47
CA ARG A 242 -30.50 9.63 57.82
C ARG A 242 -31.39 9.15 56.70
N LEU A 243 -32.42 8.38 57.04
CA LEU A 243 -33.35 7.85 56.05
C LEU A 243 -34.64 8.66 56.12
N PHE A 244 -35.00 9.28 55.00
CA PHE A 244 -36.17 10.15 54.93
C PHE A 244 -37.23 9.52 54.04
N HIS A 245 -38.49 9.54 54.50
CA HIS A 245 -39.60 8.99 53.74
C HIS A 245 -40.31 10.10 52.99
N ALA A 246 -40.37 9.98 51.67
CA ALA A 246 -41.00 11.03 50.85
C ALA A 246 -42.51 11.04 51.03
N GLU A 247 -43.15 9.87 51.05
CA GLU A 247 -44.60 9.82 51.14
C GLU A 247 -45.08 10.43 52.44
N GLN A 248 -44.49 10.02 53.56
CA GLN A 248 -44.87 10.59 54.86
C GLN A 248 -44.25 11.95 55.11
N GLU A 249 -43.23 12.33 54.35
CA GLU A 249 -42.54 13.61 54.54
C GLU A 249 -42.05 13.74 55.98
N LYS A 250 -41.50 12.66 56.52
CA LYS A 250 -41.06 12.60 57.90
C LYS A 250 -39.74 11.85 57.98
N PHE A 251 -39.00 12.11 59.05
CA PHE A 251 -37.69 11.51 59.28
C PHE A 251 -37.80 10.41 60.32
N LEU A 252 -37.23 9.23 60.02
CA LEU A 252 -37.28 8.11 60.95
C LEU A 252 -36.41 8.39 62.16
N THR A 253 -37.00 8.25 63.35
CA THR A 253 -36.30 8.50 64.60
C THR A 253 -36.69 7.45 65.63
N CYS A 254 -35.73 7.11 66.50
CA CYS A 254 -35.95 6.19 67.60
C CYS A 254 -35.77 6.93 68.92
N ASP A 255 -36.78 6.85 69.79
CA ASP A 255 -36.72 7.56 71.06
C ASP A 255 -37.47 6.78 72.13
N GLU A 256 -37.05 6.99 73.39
CA GLU A 256 -37.65 6.34 74.54
C GLU A 256 -38.87 7.14 75.00
N TYR A 257 -40.00 6.89 74.31
CA TYR A 257 -41.19 7.68 74.55
C TYR A 257 -41.82 7.38 75.91
N LYS A 258 -41.98 6.09 76.23
CA LYS A 258 -42.64 5.67 77.46
C LYS A 258 -41.69 4.88 78.35
N GLY A 259 -40.42 5.25 78.38
CA GLY A 259 -39.41 4.45 79.05
C GLY A 259 -38.95 3.25 78.25
N LYS A 260 -39.47 3.06 77.05
CA LYS A 260 -39.09 1.97 76.16
C LYS A 260 -38.84 2.56 74.78
N LEU A 261 -37.75 2.15 74.16
CA LEU A 261 -37.38 2.71 72.86
C LEU A 261 -38.38 2.32 71.80
N GLN A 262 -38.77 3.30 70.98
CA GLN A 262 -39.72 3.12 69.90
C GLN A 262 -39.16 3.76 68.64
N VAL A 263 -39.26 3.04 67.51
CA VAL A 263 -38.84 3.55 66.21
C VAL A 263 -40.08 4.01 65.47
N PHE A 264 -40.00 5.19 64.86
CA PHE A 264 -41.19 5.86 64.36
C PHE A 264 -40.80 6.86 63.28
N LEU A 265 -41.81 7.46 62.66
CA LEU A 265 -41.61 8.55 61.70
C LEU A 265 -42.12 9.82 62.36
N ARG A 266 -41.20 10.66 62.83
CA ARG A 266 -41.56 11.84 63.60
C ARG A 266 -42.10 12.95 62.71
N THR A 267 -43.11 13.65 63.21
CA THR A 267 -43.62 14.85 62.54
C THR A 267 -42.91 16.07 63.12
N THR A 268 -42.64 17.04 62.26
CA THR A 268 -41.93 18.26 62.63
C THR A 268 -42.79 19.46 62.30
N LEU A 269 -42.89 20.40 63.24
CA LEU A 269 -43.58 21.66 63.01
C LEU A 269 -42.72 22.68 62.27
N ARG A 270 -41.43 22.37 62.07
CA ARG A 270 -40.57 23.28 61.31
C ARG A 270 -41.04 23.36 59.87
N GLN A 271 -40.79 24.52 59.25
CA GLN A 271 -41.27 24.74 57.89
C GLN A 271 -40.70 23.72 56.92
N SER A 272 -39.43 23.35 57.11
CA SER A 272 -38.77 22.37 56.25
C SER A 272 -38.70 21.04 56.99
N ALA A 273 -39.22 19.99 56.35
CA ALA A 273 -39.22 18.67 56.99
C ALA A 273 -37.79 18.17 57.22
N THR A 274 -36.92 18.34 56.22
CA THR A 274 -35.54 17.87 56.36
C THR A 274 -34.78 18.65 57.42
N SER A 275 -35.22 19.87 57.72
CA SER A 275 -34.50 20.68 58.70
C SER A 275 -34.48 20.02 60.06
N ALA A 276 -35.60 19.44 60.49
CA ALA A 276 -35.67 18.77 61.78
C ALA A 276 -34.94 17.44 61.71
N THR A 277 -33.95 17.25 62.58
CA THR A 277 -33.15 16.03 62.60
C THR A 277 -32.66 15.79 64.02
N SER A 278 -32.27 14.56 64.28
CA SER A 278 -31.87 14.16 65.62
C SER A 278 -30.74 13.15 65.58
N SER A 279 -29.82 13.28 66.52
CA SER A 279 -28.77 12.27 66.69
C SER A 279 -29.37 10.91 67.00
N ASN A 280 -30.47 10.90 67.75
CA ASN A 280 -31.21 9.66 67.93
C ASN A 280 -31.78 9.17 66.61
N ALA A 281 -32.19 10.10 65.75
CA ALA A 281 -32.71 9.70 64.44
C ALA A 281 -31.62 9.14 63.55
N LEU A 282 -30.37 9.48 63.83
CA LEU A 282 -29.26 8.93 63.03
C LEU A 282 -29.28 7.41 63.06
N TRP A 283 -29.14 6.82 61.88
CA TRP A 283 -29.10 5.36 61.71
C TRP A 283 -27.75 4.95 61.15
N GLU A 284 -27.11 3.98 61.80
CA GLU A 284 -25.82 3.47 61.36
C GLU A 284 -26.06 2.25 60.49
N VAL A 285 -25.46 2.24 59.29
CA VAL A 285 -25.61 1.12 58.38
C VAL A 285 -24.51 0.12 58.62
N GLU A 286 -24.87 -1.17 58.60
CA GLU A 286 -23.95 -2.27 58.79
C GLU A 286 -24.14 -3.28 57.67
N VAL A 287 -23.03 -3.68 57.05
CA VAL A 287 -23.05 -4.56 55.89
C VAL A 287 -22.67 -5.96 56.36
N VAL A 288 -23.46 -6.96 55.97
CA VAL A 288 -23.14 -8.33 56.32
C VAL A 288 -22.02 -8.84 55.43
N HIS A 289 -21.03 -9.50 56.03
CA HIS A 289 -19.91 -10.06 55.31
C HIS A 289 -19.56 -11.42 55.90
N HIS A 290 -18.73 -12.17 55.17
CA HIS A 290 -18.39 -13.52 55.61
C HIS A 290 -17.70 -13.52 56.97
N ASP A 291 -16.73 -12.63 57.16
CA ASP A 291 -16.03 -12.51 58.43
C ASP A 291 -16.72 -11.46 59.30
N PRO A 292 -17.14 -11.78 60.52
CA PRO A 292 -17.87 -10.78 61.32
C PRO A 292 -17.10 -9.49 61.52
N CYS A 293 -15.79 -9.57 61.73
CA CYS A 293 -14.97 -8.36 61.86
C CYS A 293 -14.94 -7.60 60.54
N ARG A 294 -14.83 -8.32 59.42
CA ARG A 294 -14.80 -7.69 58.12
C ARG A 294 -16.13 -6.99 57.83
N GLY A 295 -16.04 -5.78 57.28
CA GLY A 295 -17.22 -5.03 56.91
C GLY A 295 -17.29 -4.73 55.42
N GLY A 296 -16.13 -4.61 54.80
CA GLY A 296 -16.10 -4.35 53.36
C GLY A 296 -16.87 -3.10 53.01
N ALA A 297 -17.69 -3.20 51.97
CA ALA A 297 -18.55 -2.11 51.54
C ALA A 297 -19.91 -2.66 51.17
N GLY A 298 -20.92 -1.81 51.27
CA GLY A 298 -22.29 -2.27 51.12
C GLY A 298 -22.65 -2.59 49.67
N HIS A 299 -23.55 -3.55 49.51
CA HIS A 299 -24.11 -3.90 48.22
C HIS A 299 -25.64 -3.90 48.33
N TRP A 300 -26.31 -3.69 47.20
CA TRP A 300 -27.77 -3.71 47.20
C TRP A 300 -28.29 -5.07 47.65
N ASN A 301 -27.68 -6.15 47.14
CA ASN A 301 -28.09 -7.48 47.55
C ASN A 301 -27.59 -7.81 48.95
N GLY A 302 -26.47 -7.21 49.37
CA GLY A 302 -25.93 -7.51 50.67
C GLY A 302 -26.89 -7.10 51.78
N LEU A 303 -26.89 -7.88 52.86
CA LEU A 303 -27.80 -7.62 53.96
C LEU A 303 -27.36 -6.40 54.76
N TYR A 304 -28.33 -5.56 55.10
CA TYR A 304 -28.10 -4.29 55.77
C TYR A 304 -28.77 -4.30 57.15
N ARG A 305 -28.07 -3.76 58.14
CA ARG A 305 -28.62 -3.57 59.48
C ARG A 305 -28.54 -2.11 59.86
N PHE A 306 -29.66 -1.55 60.32
CA PHE A 306 -29.71 -0.17 60.78
C PHE A 306 -29.64 -0.13 62.29
N LYS A 307 -28.89 0.82 62.84
CA LYS A 307 -28.69 0.92 64.28
C LYS A 307 -29.00 2.33 64.77
N HIS A 308 -29.85 2.43 65.79
CA HIS A 308 -30.07 3.70 66.47
C HIS A 308 -28.74 4.16 67.08
N LEU A 309 -28.29 5.35 66.68
CA LEU A 309 -26.95 5.80 67.02
C LEU A 309 -26.78 5.96 68.53
N ALA A 310 -27.70 6.71 69.17
CA ALA A 310 -27.53 7.01 70.59
C ALA A 310 -27.61 5.75 71.43
N THR A 311 -28.65 4.94 71.24
CA THR A 311 -28.82 3.74 72.05
C THR A 311 -27.88 2.63 71.61
N GLY A 312 -27.60 2.54 70.30
CA GLY A 312 -26.84 1.43 69.77
C GLY A 312 -27.63 0.18 69.50
N ASN A 313 -28.95 0.22 69.70
CA ASN A 313 -29.82 -0.92 69.45
C ASN A 313 -30.17 -0.98 67.96
N TYR A 314 -30.19 -2.17 67.39
CA TYR A 314 -30.49 -2.30 65.97
C TYR A 314 -32.00 -2.26 65.74
N LEU A 315 -32.41 -1.45 64.77
CA LEU A 315 -33.79 -1.47 64.31
C LEU A 315 -34.11 -2.84 63.74
N ALA A 316 -35.28 -3.36 64.12
CA ALA A 316 -35.70 -4.69 63.70
C ALA A 316 -37.21 -4.73 63.57
N ALA A 317 -37.69 -5.71 62.81
CA ALA A 317 -39.11 -5.92 62.59
C ALA A 317 -39.55 -7.16 63.37
N GLU A 318 -40.59 -7.02 64.17
CA GLU A 318 -41.11 -8.10 65.00
C GLU A 318 -42.62 -8.16 64.87
N GLU A 319 -43.18 -9.30 65.24
CA GLU A 319 -44.61 -9.51 65.08
C GLU A 319 -45.40 -8.45 65.84
N ASN A 320 -46.46 -7.95 65.20
CA ASN A 320 -47.29 -6.90 65.75
C ASN A 320 -48.62 -7.49 66.22
N PRO A 321 -49.05 -7.23 67.47
CA PRO A 321 -50.35 -7.74 67.92
C PRO A 321 -51.49 -7.35 67.01
N ILE A 350 -51.35 -5.17 59.50
CA ILE A 350 -49.96 -4.92 59.84
C ILE A 350 -49.39 -6.13 60.57
N LYS A 351 -48.80 -7.04 59.80
CA LYS A 351 -48.34 -8.31 60.35
C LYS A 351 -47.23 -8.11 61.38
N TYR A 352 -46.29 -7.21 61.09
CA TYR A 352 -45.14 -6.99 61.94
C TYR A 352 -44.91 -5.49 62.12
N CYS A 353 -44.40 -5.11 63.29
CA CYS A 353 -44.12 -3.72 63.63
C CYS A 353 -42.64 -3.60 64.00
N LEU A 354 -42.02 -2.52 63.54
CA LEU A 354 -40.59 -2.32 63.81
C LEU A 354 -40.35 -2.06 65.29
N VAL A 355 -39.31 -2.69 65.83
CA VAL A 355 -38.88 -2.49 67.21
C VAL A 355 -37.37 -2.70 67.28
N ALA A 356 -36.72 -1.89 68.11
CA ALA A 356 -35.27 -1.98 68.26
C ALA A 356 -34.89 -3.27 68.99
N VAL A 357 -33.71 -3.78 68.65
CA VAL A 357 -33.17 -4.98 69.30
C VAL A 357 -31.77 -4.66 69.81
N PRO A 358 -31.36 -5.19 70.96
CA PRO A 358 -30.04 -4.82 71.51
C PRO A 358 -28.87 -5.19 70.63
N HIS A 359 -28.94 -6.32 69.93
CA HIS A 359 -27.82 -6.84 69.16
C HIS A 359 -28.27 -7.27 67.78
N GLY A 360 -27.32 -7.31 66.86
CA GLY A 360 -27.53 -7.79 65.51
C GLY A 360 -27.45 -9.28 65.34
N ASN A 361 -27.16 -10.02 66.41
CA ASN A 361 -27.10 -11.47 66.30
C ASN A 361 -28.45 -12.04 65.87
N ASP A 362 -29.53 -11.52 66.43
CA ASP A 362 -30.86 -11.93 66.01
C ASP A 362 -31.10 -11.52 64.56
N ILE A 363 -31.69 -12.43 63.79
CA ILE A 363 -31.99 -12.14 62.39
C ILE A 363 -33.08 -11.09 62.22
N ALA A 364 -33.71 -10.67 63.33
CA ALA A 364 -34.72 -9.61 63.23
C ALA A 364 -34.10 -8.31 62.74
N SER A 365 -32.90 -7.99 63.22
CA SER A 365 -32.24 -6.75 62.81
C SER A 365 -31.95 -6.75 61.31
N LEU A 366 -31.67 -7.91 60.74
CA LEU A 366 -31.29 -7.99 59.34
C LEU A 366 -32.40 -7.45 58.45
N PHE A 367 -32.00 -6.63 57.48
CA PHE A 367 -32.91 -6.07 56.49
C PHE A 367 -32.28 -6.15 55.11
N GLU A 368 -33.13 -6.18 54.09
CA GLU A 368 -32.71 -6.20 52.70
C GLU A 368 -33.16 -4.92 52.02
N LEU A 369 -32.28 -4.37 51.17
CA LEU A 369 -32.53 -3.10 50.49
C LEU A 369 -32.63 -3.34 48.99
N ASP A 370 -33.67 -2.78 48.38
CA ASP A 370 -33.87 -2.87 46.94
C ASP A 370 -33.74 -1.49 46.33
N PRO A 371 -32.88 -1.27 45.33
CA PRO A 371 -32.77 0.08 44.75
C PRO A 371 -34.06 0.49 44.06
N THR A 372 -34.46 1.75 44.30
CA THR A 372 -35.62 2.29 43.59
C THR A 372 -35.34 2.46 42.11
N THR A 373 -34.16 2.96 41.77
CA THR A 373 -33.75 3.17 40.39
C THR A 373 -32.76 2.09 39.98
N LEU A 374 -32.57 1.97 38.66
CA LEU A 374 -31.69 0.93 38.14
C LEU A 374 -30.27 1.13 38.62
N GLN A 375 -29.58 0.02 38.87
CA GLN A 375 -28.21 0.04 39.37
C GLN A 375 -27.35 -0.87 38.49
N LYS A 376 -26.04 -0.64 38.54
CA LYS A 376 -25.09 -1.37 37.72
C LYS A 376 -24.74 -2.68 38.41
N THR A 377 -25.28 -3.78 37.89
CA THR A 377 -25.02 -5.14 38.40
C THR A 377 -25.24 -5.11 39.91
N ASP A 378 -24.34 -5.66 40.72
CA ASP A 378 -24.43 -5.62 42.18
C ASP A 378 -23.35 -4.70 42.75
N SER A 379 -23.07 -3.60 42.06
CA SER A 379 -22.02 -2.69 42.49
C SER A 379 -22.36 -2.07 43.84
N PHE A 380 -21.36 -1.42 44.43
CA PHE A 380 -21.55 -0.81 45.76
C PHE A 380 -22.62 0.26 45.69
N VAL A 381 -23.42 0.34 46.75
CA VAL A 381 -24.57 1.24 46.75
C VAL A 381 -24.09 2.68 46.68
N PRO A 382 -24.59 3.51 45.78
CA PRO A 382 -24.22 4.93 45.79
C PRO A 382 -24.77 5.62 47.03
N ARG A 383 -24.03 6.62 47.49
CA ARG A 383 -24.44 7.36 48.69
C ARG A 383 -25.58 8.31 48.36
N ASN A 384 -26.39 8.60 49.37
CA ASN A 384 -27.55 9.47 49.23
C ASN A 384 -28.49 8.97 48.12
N SER A 385 -28.72 7.67 48.10
CA SER A 385 -29.57 7.04 47.08
C SER A 385 -30.80 6.43 47.75
N TYR A 386 -31.94 6.55 47.07
CA TYR A 386 -33.17 5.98 47.58
C TYR A 386 -33.04 4.47 47.73
N VAL A 387 -33.62 3.94 48.80
CA VAL A 387 -33.60 2.51 49.07
C VAL A 387 -35.01 2.06 49.43
N ARG A 388 -35.31 0.79 49.15
CA ARG A 388 -36.57 0.16 49.54
C ARG A 388 -36.27 -0.82 50.65
N LEU A 389 -36.87 -0.60 51.82
CA LEU A 389 -36.61 -1.41 52.99
C LEU A 389 -37.46 -2.68 52.94
N ARG A 390 -36.88 -3.81 53.37
CA ARG A 390 -37.63 -5.05 53.50
C ARG A 390 -37.00 -5.88 54.62
N HIS A 391 -37.78 -6.82 55.13
CA HIS A 391 -37.35 -7.68 56.23
C HIS A 391 -37.08 -9.07 55.68
N LEU A 392 -35.80 -9.37 55.43
CA LEU A 392 -35.44 -10.67 54.88
C LEU A 392 -35.81 -11.80 55.83
N CYS A 393 -35.69 -11.56 57.14
CA CYS A 393 -36.04 -12.59 58.12
C CYS A 393 -37.46 -13.10 57.91
N THR A 394 -38.43 -12.20 57.86
CA THR A 394 -39.82 -12.59 57.71
C THR A 394 -40.31 -12.52 56.27
N ASN A 395 -39.44 -12.15 55.33
CA ASN A 395 -39.78 -12.13 53.91
C ASN A 395 -40.96 -11.18 53.64
N THR A 396 -40.84 -9.95 54.13
CA THR A 396 -41.84 -8.92 53.94
C THR A 396 -41.15 -7.59 53.65
N TRP A 397 -41.94 -6.61 53.21
CA TRP A 397 -41.44 -5.29 52.89
C TRP A 397 -41.92 -4.29 53.94
N ILE A 398 -41.01 -3.46 54.43
CA ILE A 398 -41.34 -2.48 55.46
C ILE A 398 -42.18 -1.37 54.85
N GLN A 399 -42.96 -0.70 55.69
CA GLN A 399 -43.83 0.38 55.25
C GLN A 399 -44.12 1.29 56.43
N SER A 400 -44.64 2.48 56.14
CA SER A 400 -44.99 3.47 57.16
C SER A 400 -46.49 3.64 57.21
N THR A 401 -47.04 3.79 58.41
CA THR A 401 -48.47 3.93 58.63
C THR A 401 -48.76 5.30 59.22
N ASN A 402 -49.90 5.87 58.82
CA ASN A 402 -50.26 7.20 59.32
C ASN A 402 -50.59 7.18 60.80
N VAL A 403 -50.96 6.02 61.33
CA VAL A 403 -51.31 5.93 62.74
C VAL A 403 -50.07 6.26 63.58
N PRO A 404 -50.17 7.06 64.63
CA PRO A 404 -48.97 7.43 65.39
C PRO A 404 -48.61 6.40 66.45
N ILE A 405 -47.30 6.36 66.75
CA ILE A 405 -46.78 5.46 67.79
C ILE A 405 -46.99 6.00 69.19
N ASP A 406 -47.37 7.28 69.32
CA ASP A 406 -47.55 7.93 70.61
C ASP A 406 -48.95 8.53 70.68
N ILE A 407 -49.95 7.72 70.32
CA ILE A 407 -51.33 8.19 70.28
C ILE A 407 -51.72 8.87 71.58
N GLU A 408 -51.13 8.43 72.70
CA GLU A 408 -51.53 8.97 74.00
C GLU A 408 -51.23 10.46 74.10
N GLU A 409 -50.05 10.88 73.65
CA GLU A 409 -49.66 12.28 73.81
C GLU A 409 -50.45 13.18 72.88
N GLU A 410 -50.58 14.44 73.27
CA GLU A 410 -51.24 15.43 72.43
C GLU A 410 -50.33 15.80 71.25
N ARG A 411 -50.95 16.03 70.10
CA ARG A 411 -50.25 16.35 68.87
C ARG A 411 -49.19 15.27 68.58
N PRO A 412 -49.61 14.02 68.39
CA PRO A 412 -48.63 12.95 68.18
C PRO A 412 -47.70 13.26 67.01
N ILE A 413 -46.40 13.08 67.25
CA ILE A 413 -45.38 13.28 66.23
C ILE A 413 -44.89 11.94 65.68
N ARG A 414 -44.78 10.94 66.55
CA ARG A 414 -44.26 9.64 66.14
C ARG A 414 -45.28 8.91 65.27
N LEU A 415 -44.81 8.38 64.14
CA LEU A 415 -45.64 7.60 63.23
C LEU A 415 -45.17 6.16 63.25
N MET A 416 -46.12 5.22 63.36
CA MET A 416 -45.76 3.83 63.46
C MET A 416 -45.37 3.27 62.09
N LEU A 417 -44.52 2.25 62.11
CA LEU A 417 -44.05 1.59 60.89
C LEU A 417 -44.46 0.12 60.94
N GLY A 418 -45.10 -0.34 59.87
CA GLY A 418 -45.56 -1.70 59.77
C GLY A 418 -44.89 -2.46 58.64
N THR A 419 -45.49 -3.60 58.29
CA THR A 419 -44.95 -4.51 57.29
C THR A 419 -46.06 -5.04 56.40
N CYS A 420 -45.75 -5.26 55.13
CA CYS A 420 -46.70 -5.83 54.19
C CYS A 420 -45.99 -6.83 53.28
N PRO A 421 -46.68 -7.88 52.80
CA PRO A 421 -46.00 -8.82 51.90
C PRO A 421 -45.68 -8.21 50.54
N THR A 422 -46.52 -7.32 50.03
CA THR A 422 -46.31 -6.75 48.71
C THR A 422 -45.18 -5.72 48.74
N LYS A 423 -44.68 -5.37 47.56
CA LYS A 423 -43.67 -4.35 47.40
C LYS A 423 -44.32 -3.09 46.83
N GLU A 424 -44.01 -1.94 47.44
CA GLU A 424 -44.54 -0.65 47.01
C GLU A 424 -43.38 0.24 46.59
N ASP A 425 -43.49 0.81 45.39
CA ASP A 425 -42.46 1.75 44.94
C ASP A 425 -42.42 2.98 45.84
N LYS A 426 -43.59 3.40 46.34
CA LYS A 426 -43.63 4.56 47.23
C LYS A 426 -42.87 4.29 48.53
N GLU A 427 -42.89 3.05 49.01
CA GLU A 427 -42.26 2.70 50.27
C GLU A 427 -40.76 2.57 50.07
N ALA A 428 -40.11 3.73 50.01
CA ALA A 428 -38.66 3.81 49.89
C ALA A 428 -38.16 4.98 50.72
N PHE A 429 -36.93 4.86 51.21
CA PHE A 429 -36.32 5.88 52.06
C PHE A 429 -35.07 6.42 51.36
N ALA A 430 -34.88 7.73 51.43
CA ALA A 430 -33.74 8.40 50.83
C ALA A 430 -32.61 8.52 51.85
N ILE A 431 -31.40 8.21 51.41
CA ILE A 431 -30.22 8.32 52.25
C ILE A 431 -29.77 9.78 52.29
N VAL A 432 -29.32 10.22 53.47
CA VAL A 432 -28.85 11.58 53.69
C VAL A 432 -27.56 11.52 54.48
N SER A 433 -26.54 12.22 53.99
CA SER A 433 -25.22 12.20 54.63
C SER A 433 -25.30 12.84 56.02
N VAL A 434 -24.41 12.40 56.90
CA VAL A 434 -24.34 12.87 58.28
C VAL A 434 -22.92 13.32 58.55
N PRO A 435 -22.70 14.53 59.04
CA PRO A 435 -21.32 14.94 59.36
C PRO A 435 -20.73 14.10 60.48
N VAL A 436 -19.44 13.78 60.34
CA VAL A 436 -18.77 13.01 61.38
C VAL A 436 -18.77 13.77 62.69
N SER A 437 -18.84 15.10 62.63
CA SER A 437 -18.85 15.92 63.83
C SER A 437 -20.09 15.64 64.67
N GLU A 438 -21.22 15.38 64.02
CA GLU A 438 -22.45 15.09 64.75
C GLU A 438 -22.31 13.79 65.56
N ILE A 439 -21.72 12.76 64.95
CA ILE A 439 -21.54 11.50 65.66
C ILE A 439 -20.51 11.66 66.77
N ARG A 440 -19.46 12.43 66.51
CA ARG A 440 -18.46 12.67 67.56
C ARG A 440 -19.10 13.42 68.73
N ASP A 441 -19.95 14.39 68.44
CA ASP A 441 -20.65 15.12 69.49
C ASP A 441 -21.59 14.21 70.26
N LEU A 442 -22.29 13.31 69.57
CA LEU A 442 -23.17 12.38 70.27
C LEU A 442 -22.38 11.44 71.18
N ASP A 443 -21.24 10.94 70.69
CA ASP A 443 -20.42 10.06 71.51
C ASP A 443 -19.86 10.80 72.72
N PHE A 444 -19.38 12.04 72.51
CA PHE A 444 -18.87 12.82 73.62
C PHE A 444 -20.00 13.17 74.59
N ALA A 445 -21.23 13.31 74.09
CA ALA A 445 -22.36 13.58 74.97
C ALA A 445 -22.73 12.35 75.76
N ASN A 446 -22.59 11.16 75.17
CA ASN A 446 -22.76 9.93 75.93
C ASN A 446 -21.70 9.83 77.02
N ASP A 447 -20.46 10.22 76.71
CA ASP A 447 -19.41 10.25 77.72
C ASP A 447 -19.73 11.27 78.82
N ALA A 448 -20.23 12.44 78.43
CA ALA A 448 -20.62 13.44 79.42
C ALA A 448 -21.74 12.93 80.30
N SER A 449 -22.69 12.20 79.72
CA SER A 449 -23.73 11.55 80.50
C SER A 449 -23.14 10.52 81.44
N SER A 450 -22.08 9.82 81.00
CA SER A 450 -21.42 8.85 81.87
C SER A 450 -20.79 9.54 83.09
N MET A 451 -20.12 10.67 82.87
CA MET A 451 -19.54 11.40 84.00
C MET A 451 -20.63 11.99 84.89
N LEU A 452 -21.68 12.54 84.29
CA LEU A 452 -22.82 13.02 85.09
C LEU A 452 -23.42 11.87 85.89
N ALA A 453 -23.44 10.67 85.33
CA ALA A 453 -24.00 9.52 86.04
C ALA A 453 -23.07 9.05 87.13
N SER A 454 -21.76 9.20 86.95
CA SER A 454 -20.83 8.92 88.05
C SER A 454 -21.05 9.89 89.20
N ALA A 455 -21.22 11.18 88.89
CA ALA A 455 -21.53 12.15 89.93
C ALA A 455 -22.86 11.82 90.60
N VAL A 456 -23.85 11.43 89.82
CA VAL A 456 -25.16 11.08 90.37
C VAL A 456 -25.05 9.82 91.22
N GLU A 457 -24.19 8.89 90.84
CA GLU A 457 -23.96 7.70 91.64
C GLU A 457 -23.34 8.06 92.99
N LYS A 458 -22.37 8.96 92.99
CA LYS A 458 -21.80 9.42 94.25
C LYS A 458 -22.87 10.11 95.09
N LEU A 459 -23.72 10.93 94.46
CA LEU A 459 -24.80 11.58 95.19
C LEU A 459 -25.76 10.55 95.79
N ASN A 460 -26.13 9.54 95.01
CA ASN A 460 -27.03 8.50 95.50
C ASN A 460 -26.41 7.76 96.68
N GLU A 461 -25.13 7.42 96.57
CA GLU A 461 -24.43 6.79 97.69
C GLU A 461 -24.40 7.74 98.89
N GLY A 462 -24.48 9.04 98.64
CA GLY A 462 -24.37 10.04 99.68
C GLY A 462 -22.95 10.34 100.09
N PHE A 463 -21.97 9.75 99.43
CA PHE A 463 -20.56 9.95 99.74
C PHE A 463 -19.83 10.39 98.48
N ILE A 464 -19.06 11.46 98.59
CA ILE A 464 -18.16 11.91 97.52
C ILE A 464 -16.90 12.46 98.18
N SER A 465 -15.76 11.88 97.82
CA SER A 465 -14.50 12.35 98.35
C SER A 465 -14.28 13.80 97.95
N GLN A 466 -13.37 14.48 98.68
CA GLN A 466 -13.01 15.83 98.29
C GLN A 466 -12.37 15.85 96.91
N ASN A 467 -11.47 14.89 96.65
CA ASN A 467 -10.85 14.80 95.34
C ASN A 467 -11.87 14.42 94.27
N ASP A 468 -12.84 13.56 94.61
CA ASP A 468 -13.89 13.22 93.66
C ASP A 468 -14.74 14.43 93.32
N ARG A 469 -15.05 15.26 94.32
CA ARG A 469 -15.81 16.48 94.06
C ARG A 469 -15.00 17.47 93.23
N ARG A 470 -13.69 17.53 93.47
CA ARG A 470 -12.83 18.35 92.62
C ARG A 470 -12.84 17.84 91.18
N PHE A 471 -12.86 16.51 91.01
CA PHE A 471 -12.96 15.93 89.67
C PHE A 471 -14.29 16.30 89.03
N VAL A 472 -15.36 16.32 89.81
CA VAL A 472 -16.66 16.73 89.29
C VAL A 472 -16.61 18.20 88.86
N ILE A 473 -15.92 19.04 89.63
CA ILE A 473 -15.76 20.44 89.27
C ILE A 473 -14.97 20.56 87.97
N GLN A 474 -13.92 19.75 87.81
CA GLN A 474 -13.15 19.76 86.57
C GLN A 474 -14.00 19.30 85.40
N LEU A 475 -14.85 18.30 85.62
CA LEU A 475 -15.79 17.87 84.59
C LEU A 475 -16.73 18.99 84.20
N LEU A 476 -17.23 19.72 85.19
CA LEU A 476 -18.09 20.87 84.90
C LEU A 476 -17.35 21.94 84.12
N GLU A 477 -16.06 22.14 84.43
CA GLU A 477 -15.25 23.11 83.70
C GLU A 477 -15.08 22.69 82.24
N ASP A 478 -14.79 21.40 82.01
CA ASP A 478 -14.67 20.91 80.63
C ASP A 478 -15.99 21.03 79.89
N LEU A 479 -17.10 20.73 80.58
CA LEU A 479 -18.41 20.89 79.96
C LEU A 479 -18.69 22.36 79.65
N VAL A 480 -18.21 23.26 80.50
CA VAL A 480 -18.34 24.69 80.24
C VAL A 480 -17.59 25.06 78.96
N PHE A 481 -16.35 24.61 78.83
CA PHE A 481 -15.59 24.89 77.62
C PHE A 481 -16.31 24.36 76.40
N PHE A 482 -16.77 23.11 76.45
CA PHE A 482 -17.45 22.52 75.31
C PHE A 482 -18.73 23.28 74.95
N VAL A 483 -19.53 23.63 75.97
CA VAL A 483 -20.79 24.32 75.73
C VAL A 483 -20.53 25.67 75.08
N SER A 484 -19.55 26.41 75.61
CA SER A 484 -19.22 27.70 75.01
C SER A 484 -18.64 27.52 73.61
N ASP A 485 -18.04 26.36 73.34
CA ASP A 485 -17.31 26.10 72.10
C ASP A 485 -16.07 26.97 71.99
N VAL A 486 -15.60 27.50 73.11
CA VAL A 486 -14.46 28.40 73.14
C VAL A 486 -13.36 27.80 74.03
N PRO A 487 -12.10 27.85 73.64
CA PRO A 487 -11.04 27.36 74.53
C PRO A 487 -10.88 28.27 75.75
N ASN A 488 -10.34 27.68 76.81
CA ASN A 488 -10.10 28.43 78.04
C ASN A 488 -9.20 29.62 77.78
N ASN A 489 -9.57 30.77 78.32
CA ASN A 489 -8.79 32.01 78.20
C ASN A 489 -8.05 32.35 79.49
N GLY A 490 -7.94 31.40 80.42
CA GLY A 490 -7.38 31.68 81.72
C GLY A 490 -8.37 32.26 82.70
N GLN A 491 -9.61 32.49 82.29
CA GLN A 491 -10.64 33.06 83.15
C GLN A 491 -11.44 31.95 83.82
N ASN A 492 -12.18 32.33 84.85
CA ASN A 492 -12.97 31.36 85.60
C ASN A 492 -14.07 30.78 84.72
N VAL A 493 -14.25 29.45 84.80
CA VAL A 493 -15.29 28.80 84.03
C VAL A 493 -16.65 29.37 84.39
N LEU A 494 -16.82 29.82 85.63
CA LEU A 494 -18.06 30.48 86.01
C LEU A 494 -18.24 31.77 85.22
N ASP A 495 -17.15 32.49 84.96
CA ASP A 495 -17.17 33.73 84.20
C ASP A 495 -17.10 33.50 82.70
N ILE A 496 -17.05 32.24 82.25
CA ILE A 496 -16.93 31.94 80.84
C ILE A 496 -17.93 32.76 80.04
N MET A 497 -17.49 33.25 78.87
CA MET A 497 -18.30 34.10 78.02
C MET A 497 -18.33 33.50 76.61
N VAL A 498 -19.53 33.46 76.04
CA VAL A 498 -19.72 33.08 74.64
C VAL A 498 -20.71 34.07 74.02
N THR A 499 -20.31 34.67 72.89
CA THR A 499 -21.16 35.68 72.27
C THR A 499 -22.46 35.05 71.74
N LYS A 500 -22.36 33.90 71.08
CA LYS A 500 -23.51 33.21 70.53
C LYS A 500 -23.38 31.72 70.80
N PRO A 501 -24.36 31.08 71.44
CA PRO A 501 -24.25 29.64 71.70
C PRO A 501 -24.45 28.83 70.42
N ASN A 502 -24.03 27.57 70.49
CA ASN A 502 -24.19 26.62 69.39
C ASN A 502 -25.55 25.94 69.55
N ARG A 503 -26.49 26.30 68.67
CA ARG A 503 -27.85 25.77 68.79
C ARG A 503 -27.87 24.25 68.61
N GLU A 504 -27.05 23.74 67.69
CA GLU A 504 -27.01 22.29 67.49
C GLU A 504 -26.53 21.58 68.75
N ARG A 505 -25.49 22.12 69.40
CA ARG A 505 -25.00 21.51 70.63
C ARG A 505 -26.04 21.60 71.74
N GLN A 506 -26.74 22.73 71.83
CA GLN A 506 -27.79 22.87 72.83
C GLN A 506 -28.89 21.84 72.61
N LYS A 507 -29.30 21.64 71.36
CA LYS A 507 -30.31 20.64 71.05
C LYS A 507 -29.81 19.24 71.41
N LEU A 508 -28.55 18.95 71.10
CA LEU A 508 -27.98 17.66 71.46
C LEU A 508 -28.03 17.45 72.96
N MET A 509 -27.69 18.47 73.74
CA MET A 509 -27.75 18.36 75.20
C MET A 509 -29.17 18.11 75.66
N ARG A 510 -30.13 18.86 75.10
CA ARG A 510 -31.52 18.72 75.51
C ARG A 510 -32.02 17.30 75.25
N GLU A 511 -31.72 16.76 74.07
CA GLU A 511 -32.17 15.40 73.76
C GLU A 511 -31.44 14.37 74.61
N GLN A 512 -30.14 14.59 74.87
CA GLN A 512 -29.38 13.68 75.70
C GLN A 512 -29.80 13.72 77.16
N ASN A 513 -30.54 14.75 77.57
CA ASN A 513 -30.97 14.93 78.95
C ASN A 513 -29.82 15.32 79.87
N ILE A 514 -28.74 15.85 79.30
CA ILE A 514 -27.65 16.35 80.12
C ILE A 514 -28.14 17.46 81.04
N LEU A 515 -29.04 18.31 80.54
CA LEU A 515 -29.67 19.30 81.41
C LEU A 515 -30.47 18.64 82.51
N LYS A 516 -31.17 17.55 82.19
CA LYS A 516 -31.88 16.79 83.21
C LYS A 516 -30.91 16.22 84.24
N GLN A 517 -29.78 15.70 83.77
CA GLN A 517 -28.77 15.18 84.70
C GLN A 517 -28.26 16.29 85.62
N VAL A 518 -28.02 17.48 85.06
CA VAL A 518 -27.55 18.60 85.86
C VAL A 518 -28.60 19.01 86.89
N PHE A 519 -29.87 19.03 86.47
CA PHE A 519 -30.95 19.36 87.40
C PHE A 519 -31.00 18.36 88.55
N GLY A 520 -30.91 17.07 88.23
CA GLY A 520 -30.89 16.07 89.27
C GLY A 520 -29.69 16.20 90.18
N ILE A 521 -28.53 16.56 89.62
CA ILE A 521 -27.33 16.76 90.41
C ILE A 521 -27.51 17.92 91.37
N LEU A 522 -28.12 19.01 90.89
CA LEU A 522 -28.40 20.15 91.77
C LEU A 522 -29.37 19.75 92.87
N LYS A 523 -30.40 18.96 92.53
CA LYS A 523 -31.46 18.67 93.48
C LYS A 523 -31.02 17.67 94.55
N ALA A 524 -30.25 16.66 94.17
CA ALA A 524 -29.99 15.54 95.07
C ALA A 524 -29.33 15.97 96.38
N PRO A 525 -28.28 16.80 96.39
CA PRO A 525 -27.64 17.13 97.68
C PRO A 525 -28.60 17.75 98.67
N PHE A 526 -29.51 18.61 98.22
CA PHE A 526 -30.47 19.21 99.14
C PHE A 526 -31.64 18.27 99.41
N ARG A 527 -31.78 17.21 98.62
CA ARG A 527 -32.85 16.25 98.79
C ARG A 527 -32.86 15.67 100.20
N PRO A 534 -29.47 15.50 104.76
CA PRO A 534 -29.07 15.61 103.35
C PRO A 534 -27.56 15.70 103.17
N LEU A 535 -27.08 15.40 101.96
CA LEU A 535 -25.65 15.50 101.69
C LEU A 535 -25.18 16.94 101.85
N VAL A 536 -25.96 17.90 101.35
CA VAL A 536 -25.61 19.31 101.41
C VAL A 536 -26.84 20.10 101.84
N ARG A 537 -26.61 21.26 102.45
CA ARG A 537 -27.67 22.17 102.86
C ARG A 537 -27.34 23.57 102.38
N LEU A 538 -28.38 24.31 101.98
CA LEU A 538 -28.17 25.66 101.46
C LEU A 538 -27.54 26.56 102.52
N GLU A 539 -28.01 26.47 103.77
CA GLU A 539 -27.40 27.23 104.85
C GLU A 539 -25.97 26.77 105.09
N GLU A 540 -25.72 25.47 105.04
CA GLU A 540 -24.37 24.95 105.25
C GLU A 540 -23.42 25.37 104.14
N LEU A 541 -23.95 25.77 102.98
CA LEU A 541 -23.07 26.24 101.90
C LEU A 541 -22.20 27.39 102.38
N SER A 542 -22.69 28.20 103.32
CA SER A 542 -21.86 29.24 103.91
C SER A 542 -20.65 28.64 104.62
N ASP A 543 -20.83 27.49 105.27
CA ASP A 543 -19.73 26.81 105.93
C ASP A 543 -18.70 26.37 104.91
N GLN A 544 -17.42 26.38 105.33
CA GLN A 544 -16.35 26.00 104.42
C GLN A 544 -16.48 24.56 103.96
N LYS A 545 -17.13 23.71 104.75
CA LYS A 545 -17.28 22.30 104.36
C LYS A 545 -18.05 22.17 103.07
N ASN A 546 -19.15 22.92 102.92
CA ASN A 546 -19.99 22.86 101.74
C ASN A 546 -19.76 24.01 100.76
N ALA A 547 -18.70 24.78 100.97
CA ALA A 547 -18.33 25.79 99.96
C ALA A 547 -18.01 25.17 98.62
N PRO A 548 -17.23 24.09 98.52
CA PRO A 548 -17.04 23.44 97.22
C PRO A 548 -18.35 22.93 96.62
N TYR A 549 -19.28 22.45 97.45
CA TYR A 549 -20.59 22.08 96.95
C TYR A 549 -21.32 23.28 96.35
N GLN A 550 -21.25 24.42 97.04
CA GLN A 550 -21.83 25.64 96.50
C GLN A 550 -21.20 26.00 95.17
N HIS A 551 -19.88 25.83 95.05
CA HIS A 551 -19.21 26.10 93.79
C HIS A 551 -19.68 25.15 92.69
N MET A 552 -19.95 23.89 93.05
CA MET A 552 -20.44 22.93 92.07
C MET A 552 -21.85 23.32 91.59
N PHE A 553 -22.71 23.72 92.53
CA PHE A 553 -24.02 24.24 92.13
C PHE A 553 -23.87 25.45 91.22
N ARG A 554 -22.90 26.32 91.53
CA ARG A 554 -22.65 27.50 90.69
C ARG A 554 -22.23 27.09 89.29
N LEU A 555 -21.34 26.11 89.19
CA LEU A 555 -20.94 25.60 87.87
C LEU A 555 -22.14 25.07 87.10
N CYS A 556 -22.99 24.31 87.77
CA CYS A 556 -24.18 23.77 87.12
C CYS A 556 -25.07 24.89 86.60
N TYR A 557 -25.28 25.92 87.42
CA TYR A 557 -26.16 27.00 87.01
C TYR A 557 -25.56 27.81 85.87
N ARG A 558 -24.25 28.05 85.89
CA ARG A 558 -23.61 28.74 84.77
C ARG A 558 -23.77 27.95 83.49
N VAL A 559 -23.58 26.62 83.57
CA VAL A 559 -23.74 25.78 82.39
C VAL A 559 -25.17 25.86 81.88
N LEU A 560 -26.15 25.85 82.80
CA LEU A 560 -27.54 25.97 82.38
C LEU A 560 -27.79 27.31 81.68
N ARG A 561 -27.24 28.39 82.23
CA ARG A 561 -27.42 29.71 81.63
C ARG A 561 -26.86 29.74 80.22
N HIS A 562 -25.67 29.16 80.03
CA HIS A 562 -25.09 29.13 78.69
C HIS A 562 -25.90 28.22 77.77
N SER A 563 -26.45 27.14 78.31
CA SER A 563 -27.17 26.18 77.47
C SER A 563 -28.48 26.77 76.95
N GLN A 564 -29.22 27.47 77.79
CA GLN A 564 -30.56 27.92 77.44
C GLN A 564 -30.59 29.28 76.77
N GLU A 565 -29.42 29.85 76.46
CA GLU A 565 -29.38 31.18 75.86
C GLU A 565 -30.07 31.18 74.50
N ASP A 566 -31.12 31.98 74.38
CA ASP A 566 -31.79 32.22 73.10
C ASP A 566 -32.31 30.92 72.48
N TYR A 567 -32.84 30.00 73.29
CA TYR A 567 -33.43 28.77 72.80
C TYR A 567 -34.74 28.53 73.53
N ARG A 568 -35.86 28.67 72.80
CA ARG A 568 -37.17 28.52 73.41
C ARG A 568 -37.39 27.11 73.92
N LYS A 569 -36.86 26.11 73.22
CA LYS A 569 -37.08 24.72 73.64
C LYS A 569 -36.31 24.40 74.92
N ASN A 570 -35.06 24.85 75.01
CA ASN A 570 -34.31 24.69 76.25
C ASN A 570 -34.97 25.43 77.39
N GLN A 571 -35.47 26.64 77.11
CA GLN A 571 -36.20 27.38 78.14
C GLN A 571 -37.46 26.63 78.57
N GLU A 572 -38.14 25.98 77.61
CA GLU A 572 -39.31 25.18 77.95
C GLU A 572 -38.93 24.02 78.86
N HIS A 573 -37.83 23.34 78.55
CA HIS A 573 -37.39 22.24 79.40
C HIS A 573 -37.07 22.75 80.80
N ILE A 574 -36.40 23.90 80.90
CA ILE A 574 -36.09 24.47 82.20
C ILE A 574 -37.36 24.93 82.93
N ALA A 575 -38.40 25.27 82.18
CA ALA A 575 -39.62 25.77 82.80
C ALA A 575 -40.22 24.73 83.75
N LYS A 576 -40.19 23.46 83.36
CA LYS A 576 -40.70 22.42 84.24
C LYS A 576 -39.87 22.34 85.53
N GLN A 577 -38.62 22.77 85.47
CA GLN A 577 -37.74 22.81 86.63
C GLN A 577 -37.71 24.17 87.30
N PHE A 578 -38.52 25.13 86.83
CA PHE A 578 -38.49 26.47 87.40
C PHE A 578 -38.70 26.45 88.91
N GLY A 579 -39.46 25.47 89.40
CA GLY A 579 -39.75 25.42 90.83
C GLY A 579 -38.48 25.27 91.67
N MET A 580 -37.56 24.41 91.22
CA MET A 580 -36.33 24.21 91.98
C MET A 580 -35.46 25.46 91.93
N MET A 581 -35.53 26.22 90.83
CA MET A 581 -34.90 27.54 90.81
C MET A 581 -35.47 28.43 91.90
N GLN A 582 -36.80 28.46 92.02
CA GLN A 582 -37.44 29.26 93.06
C GLN A 582 -36.95 28.84 94.45
N SER A 583 -36.91 27.53 94.69
CA SER A 583 -36.45 27.05 96.00
C SER A 583 -35.00 27.42 96.25
N GLN A 584 -34.15 27.29 95.22
CA GLN A 584 -32.73 27.59 95.39
C GLN A 584 -32.46 29.08 95.55
N ILE A 585 -33.37 29.94 95.07
CA ILE A 585 -33.13 31.37 95.19
C ILE A 585 -32.96 31.76 96.66
N GLY A 586 -32.34 32.90 96.88
CA GLY A 586 -32.01 33.36 98.21
C GLY A 586 -30.66 32.89 98.73
N TYR A 587 -29.87 32.21 97.90
CA TYR A 587 -28.56 31.72 98.29
C TYR A 587 -27.56 32.02 97.18
N ASP A 588 -26.27 32.04 97.56
CA ASP A 588 -25.19 32.38 96.65
C ASP A 588 -24.96 31.23 95.67
N ILE A 589 -25.86 31.12 94.70
CA ILE A 589 -25.78 30.10 93.65
C ILE A 589 -25.88 30.67 92.26
N LEU A 590 -25.94 32.01 92.12
CA LEU A 590 -26.09 32.67 90.83
C LEU A 590 -27.41 32.31 90.17
N ALA A 591 -28.31 31.71 90.95
CA ALA A 591 -29.64 31.40 90.46
C ALA A 591 -30.37 32.67 90.05
N GLU A 592 -30.11 33.77 90.74
CA GLU A 592 -30.75 35.03 90.36
C GLU A 592 -30.40 35.40 88.92
N ASP A 593 -29.11 35.40 88.58
CA ASP A 593 -28.71 35.78 87.24
C ASP A 593 -29.22 34.79 86.20
N THR A 594 -29.13 33.48 86.49
CA THR A 594 -29.61 32.50 85.52
C THR A 594 -31.12 32.66 85.27
N ILE A 595 -31.89 32.82 86.34
CA ILE A 595 -33.33 32.99 86.23
C ILE A 595 -33.65 34.26 85.47
N THR A 596 -32.93 35.35 85.76
CA THR A 596 -33.17 36.60 85.05
C THR A 596 -32.91 36.43 83.57
N ALA A 597 -31.82 35.73 83.21
CA ALA A 597 -31.52 35.51 81.80
C ALA A 597 -32.66 34.77 81.11
N LEU A 598 -33.09 33.64 81.68
CA LEU A 598 -34.14 32.86 81.03
C LEU A 598 -35.45 33.64 80.96
N LEU A 599 -35.80 34.33 82.04
CA LEU A 599 -37.06 35.06 82.08
C LEU A 599 -37.06 36.22 81.09
N HIS A 600 -35.94 36.93 80.97
CA HIS A 600 -35.84 37.96 79.95
C HIS A 600 -35.93 37.33 78.56
N ASN A 601 -35.33 36.16 78.37
CA ASN A 601 -35.37 35.51 77.07
C ASN A 601 -36.81 35.24 76.64
N ASN A 602 -37.64 34.72 77.55
CA ASN A 602 -39.03 34.43 77.23
C ASN A 602 -39.98 35.21 78.13
N ARG A 603 -40.92 35.92 77.52
CA ARG A 603 -41.92 36.67 78.29
C ARG A 603 -43.10 35.77 78.68
N LYS A 604 -43.62 34.99 77.74
CA LYS A 604 -44.75 34.12 78.04
C LYS A 604 -44.40 33.18 79.19
N LEU A 605 -43.26 32.50 79.08
CA LEU A 605 -42.78 31.69 80.20
C LEU A 605 -42.66 32.52 81.46
N LEU A 606 -42.25 33.78 81.33
CA LEU A 606 -42.20 34.65 82.50
C LEU A 606 -43.59 34.89 83.07
N GLU A 607 -44.59 35.03 82.21
CA GLU A 607 -45.95 35.19 82.72
C GLU A 607 -46.39 33.95 83.50
N LYS A 608 -46.05 32.75 82.99
CA LYS A 608 -46.40 31.54 83.73
C LYS A 608 -45.63 31.46 85.05
N HIS A 609 -44.36 31.84 85.04
CA HIS A 609 -43.50 31.66 86.21
C HIS A 609 -43.81 32.69 87.30
N ILE A 610 -44.16 33.91 86.90
CA ILE A 610 -44.21 35.03 87.84
C ILE A 610 -45.25 34.76 88.91
N THR A 611 -44.92 35.11 90.15
CA THR A 611 -45.90 35.06 91.22
C THR A 611 -45.51 36.03 92.34
N LYS A 612 -46.55 36.61 92.93
CA LYS A 612 -46.38 37.65 93.94
C LYS A 612 -45.46 37.17 95.06
N THR A 613 -45.51 35.88 95.38
CA THR A 613 -44.63 35.37 96.43
C THR A 613 -43.16 35.45 96.01
N GLU A 614 -42.85 35.19 94.74
CA GLU A 614 -41.48 35.40 94.28
C GLU A 614 -41.10 36.88 94.31
N VAL A 615 -42.00 37.78 93.92
CA VAL A 615 -41.65 39.20 94.03
C VAL A 615 -41.36 39.55 95.50
N GLU A 616 -42.16 39.01 96.42
CA GLU A 616 -41.96 39.25 97.84
C GLU A 616 -40.64 38.65 98.32
N THR A 617 -40.28 37.46 97.82
CA THR A 617 -39.02 36.83 98.19
C THR A 617 -37.84 37.67 97.72
N PHE A 618 -37.93 38.19 96.49
CA PHE A 618 -36.90 39.10 96.01
C PHE A 618 -36.80 40.33 96.90
N VAL A 619 -37.95 40.88 97.29
CA VAL A 619 -37.96 42.05 98.17
C VAL A 619 -37.27 41.73 99.49
N SER A 620 -37.61 40.58 100.07
CA SER A 620 -37.05 40.20 101.37
C SER A 620 -35.54 40.01 101.28
N LEU A 621 -35.07 39.27 100.27
CA LEU A 621 -33.65 39.01 100.16
C LEU A 621 -32.87 40.28 99.83
N VAL A 622 -33.44 41.16 98.99
CA VAL A 622 -32.74 42.40 98.69
C VAL A 622 -32.69 43.30 99.91
N ARG A 623 -33.76 43.30 100.72
CA ARG A 623 -33.71 44.07 101.96
C ARG A 623 -32.62 43.51 102.87
N LYS A 624 -32.55 42.19 103.00
CA LYS A 624 -31.58 41.57 103.90
C LYS A 624 -30.15 41.88 103.45
N ASN A 625 -29.89 41.78 102.14
CA ASN A 625 -28.53 41.99 101.65
C ASN A 625 -28.16 43.46 101.63
N ARG A 626 -29.11 44.34 101.33
CA ARG A 626 -28.85 45.76 101.20
C ARG A 626 -27.76 46.00 100.14
N GLU A 627 -27.88 45.30 99.01
CA GLU A 627 -26.90 45.35 97.95
C GLU A 627 -27.54 45.73 96.62
N PRO A 628 -26.86 46.52 95.79
CA PRO A 628 -27.49 46.96 94.53
C PRO A 628 -27.73 45.85 93.52
N ARG A 629 -26.99 44.73 93.61
CA ARG A 629 -27.12 43.69 92.61
C ARG A 629 -28.50 43.05 92.64
N PHE A 630 -29.07 42.87 93.83
CA PHE A 630 -30.40 42.29 93.93
C PHE A 630 -31.45 43.23 93.32
N LEU A 631 -31.28 44.54 93.51
CA LEU A 631 -32.14 45.50 92.83
C LEU A 631 -31.98 45.42 91.32
N ASP A 632 -30.74 45.23 90.87
CA ASP A 632 -30.48 45.09 89.44
C ASP A 632 -31.21 43.87 88.87
N TYR A 633 -31.26 42.78 89.64
CA TYR A 633 -32.00 41.61 89.19
C TYR A 633 -33.47 41.95 88.95
N LEU A 634 -34.10 42.67 89.88
CA LEU A 634 -35.49 43.05 89.70
C LEU A 634 -35.65 43.99 88.51
N SER A 635 -34.71 44.91 88.33
CA SER A 635 -34.79 45.84 87.20
C SER A 635 -34.75 45.08 85.89
N ASP A 636 -33.86 44.08 85.79
CA ASP A 636 -33.81 43.25 84.59
C ASP A 636 -35.10 42.46 84.43
N LEU A 637 -35.64 41.93 85.54
CA LEU A 637 -36.88 41.17 85.47
C LEU A 637 -38.01 42.01 84.88
N CYS A 638 -38.07 43.29 85.26
CA CYS A 638 -39.22 44.12 84.89
C CYS A 638 -39.36 44.23 83.38
N VAL A 639 -38.26 44.45 82.66
CA VAL A 639 -38.30 44.77 81.24
C VAL A 639 -37.74 43.59 80.44
N SER A 640 -38.26 43.42 79.23
CA SER A 640 -37.78 42.40 78.29
C SER A 640 -37.78 43.00 76.90
N ASN A 641 -36.69 42.78 76.16
CA ASN A 641 -36.53 43.28 74.79
C ASN A 641 -36.76 44.79 74.72
N HIS A 642 -36.48 45.50 75.82
CA HIS A 642 -36.72 46.93 75.97
C HIS A 642 -38.20 47.27 76.02
N ILE A 643 -39.07 46.28 76.21
CA ILE A 643 -40.51 46.48 76.32
C ILE A 643 -40.95 45.97 77.69
N ALA A 644 -41.66 46.81 78.43
CA ALA A 644 -42.14 46.41 79.75
C ALA A 644 -43.27 45.41 79.63
N ILE A 645 -43.41 44.58 80.67
CA ILE A 645 -44.45 43.55 80.73
C ILE A 645 -45.49 44.01 81.74
N PRO A 646 -46.75 44.24 81.33
CA PRO A 646 -47.68 44.94 82.23
C PRO A 646 -47.95 44.23 83.55
N VAL A 647 -48.23 42.91 83.51
CA VAL A 647 -48.62 42.22 84.73
C VAL A 647 -47.47 42.18 85.72
N THR A 648 -46.28 41.80 85.25
CA THR A 648 -45.12 41.77 86.14
C THR A 648 -44.80 43.16 86.67
N GLN A 649 -44.90 44.17 85.82
CA GLN A 649 -44.64 45.53 86.26
C GLN A 649 -45.62 45.95 87.35
N GLU A 650 -46.90 45.60 87.19
CA GLU A 650 -47.89 45.95 88.20
C GLU A 650 -47.61 45.25 89.52
N LEU A 651 -47.29 43.96 89.47
CA LEU A 651 -46.97 43.24 90.70
C LEU A 651 -45.76 43.87 91.39
N ILE A 652 -44.71 44.17 90.63
CA ILE A 652 -43.51 44.76 91.21
C ILE A 652 -43.83 46.15 91.75
N CYS A 653 -44.72 46.88 91.07
CA CYS A 653 -45.12 48.20 91.54
C CYS A 653 -45.78 48.11 92.90
N LYS A 654 -46.74 47.18 93.04
CA LYS A 654 -47.38 46.99 94.34
C LYS A 654 -46.34 46.66 95.40
N CYS A 655 -45.44 45.71 95.10
CA CYS A 655 -44.47 45.29 96.10
C CYS A 655 -43.55 46.43 96.50
N VAL A 656 -43.07 47.21 95.53
CA VAL A 656 -42.11 48.27 95.82
C VAL A 656 -42.78 49.41 96.56
N LEU A 657 -43.99 49.80 96.14
CA LEU A 657 -44.69 50.91 96.77
C LEU A 657 -45.39 50.50 98.05
N ASP A 658 -45.35 49.23 98.42
CA ASP A 658 -45.88 48.82 99.71
C ASP A 658 -45.18 49.60 100.82
N PRO A 659 -45.92 50.22 101.75
CA PRO A 659 -45.24 50.98 102.80
C PRO A 659 -44.31 50.15 103.66
N LYS A 660 -44.53 48.83 103.73
CA LYS A 660 -43.66 47.98 104.54
C LYS A 660 -42.22 48.08 104.06
N ASN A 661 -41.99 48.16 102.75
CA ASN A 661 -40.66 48.20 102.17
C ASN A 661 -40.11 49.62 102.08
N SER A 662 -40.60 50.53 102.92
CA SER A 662 -40.12 51.91 102.88
C SER A 662 -38.64 51.99 103.26
N ASP A 663 -38.17 51.06 104.10
CA ASP A 663 -36.81 51.14 104.60
C ASP A 663 -35.79 51.03 103.46
N ILE A 664 -36.01 50.11 102.52
CA ILE A 664 -35.01 49.86 101.48
C ILE A 664 -34.82 51.10 100.62
N LEU A 665 -35.92 51.79 100.29
CA LEU A 665 -35.84 52.91 99.36
C LEU A 665 -35.19 54.11 100.06
N ILE A 666 -34.35 54.82 99.31
CA ILE A 666 -33.68 56.00 99.81
C ILE A 666 -34.58 57.20 99.57
N ARG A 667 -34.92 57.92 100.64
CA ARG A 667 -35.73 59.13 100.52
C ARG A 667 -34.84 60.34 100.27
N THR A 668 -35.36 61.29 99.50
CA THR A 668 -34.63 62.49 99.11
C THR A 668 -35.49 63.71 99.35
N GLU A 669 -34.83 64.83 99.66
CA GLU A 669 -35.52 66.09 99.94
C GLU A 669 -34.61 67.23 99.51
N LEU A 670 -35.20 68.40 99.31
CA LEU A 670 -34.45 69.60 98.95
C LEU A 670 -34.68 70.66 100.02
N ARG A 671 -33.59 71.27 100.49
CA ARG A 671 -33.63 72.29 101.52
C ARG A 671 -32.85 73.53 101.08
N PRO A 672 -33.25 74.73 101.51
CA PRO A 672 -32.49 75.91 101.10
C PRO A 672 -31.02 75.87 101.53
N VAL A 673 -30.76 75.74 102.83
CA VAL A 673 -29.40 75.69 103.35
C VAL A 673 -28.55 76.81 102.76
N GLU A 689 -29.24 78.16 95.02
CA GLU A 689 -29.90 78.67 96.22
C GLU A 689 -30.49 77.53 97.04
N GLU A 690 -30.51 76.33 96.47
CA GLU A 690 -31.07 75.17 97.13
C GLU A 690 -30.05 74.03 97.08
N GLU A 691 -30.22 73.06 97.99
CA GLU A 691 -29.39 71.88 98.03
C GLU A 691 -30.29 70.67 98.21
N VAL A 692 -29.74 69.49 97.92
CA VAL A 692 -30.49 68.23 97.99
C VAL A 692 -29.81 67.34 99.02
N TRP A 693 -30.60 66.73 99.89
CA TRP A 693 -30.12 65.80 100.89
C TRP A 693 -30.85 64.46 100.72
N LEU A 694 -30.15 63.39 101.06
CA LEU A 694 -30.68 62.04 101.00
C LEU A 694 -30.56 61.39 102.38
N THR A 695 -31.56 60.60 102.72
CA THR A 695 -31.60 59.85 103.97
C THR A 695 -31.64 58.36 103.64
N TRP A 696 -30.76 57.59 104.29
CA TRP A 696 -30.68 56.16 104.05
C TRP A 696 -30.62 55.41 105.37
N THR A 697 -31.08 54.15 105.32
CA THR A 697 -31.21 53.30 106.49
C THR A 697 -30.20 52.16 106.41
N ASP A 698 -29.54 51.87 107.52
CA ASP A 698 -28.57 50.78 107.58
C ASP A 698 -29.25 49.49 108.02
N LYS A 699 -28.55 48.37 107.82
CA LYS A 699 -29.02 47.11 108.36
C LYS A 699 -29.20 47.18 109.86
N ASN A 700 -28.43 48.05 110.54
CA ASN A 700 -28.60 48.27 111.96
C ASN A 700 -29.90 49.02 112.26
N ASN A 701 -30.59 49.53 111.23
CA ASN A 701 -31.82 50.28 111.37
C ASN A 701 -31.54 51.72 111.78
N GLU A 702 -30.26 52.12 111.76
CA GLU A 702 -29.90 53.51 111.99
C GLU A 702 -30.15 54.32 110.72
N HIS A 703 -30.69 55.52 110.89
CA HIS A 703 -30.98 56.41 109.78
C HIS A 703 -29.93 57.51 109.73
N HIS A 704 -29.40 57.75 108.54
CA HIS A 704 -28.41 58.81 108.31
C HIS A 704 -28.95 59.73 107.23
N GLU A 705 -28.58 61.01 107.30
CA GLU A 705 -28.95 61.99 106.29
C GLU A 705 -27.73 62.82 105.93
N LYS A 706 -27.57 63.12 104.64
CA LYS A 706 -26.38 63.83 104.17
C LYS A 706 -26.67 64.49 102.83
N SER A 707 -25.89 65.53 102.53
CA SER A 707 -26.06 66.28 101.29
C SER A 707 -25.53 65.49 100.09
N VAL A 708 -26.22 65.63 98.95
CA VAL A 708 -25.84 64.89 97.76
C VAL A 708 -24.46 65.33 97.28
N ARG A 709 -24.19 66.64 97.30
CA ARG A 709 -22.86 67.12 96.92
C ARG A 709 -21.79 66.53 97.83
N GLN A 710 -22.10 66.42 99.13
CA GLN A 710 -21.12 65.89 100.06
C GLN A 710 -20.88 64.40 99.83
N LEU A 711 -21.94 63.65 99.51
CA LEU A 711 -21.75 62.26 99.10
C LEU A 711 -20.87 62.16 97.86
N ALA A 712 -21.12 63.01 96.86
CA ALA A 712 -20.32 62.97 95.64
C ALA A 712 -18.86 63.30 95.93
N GLN A 713 -18.62 64.28 96.79
CA GLN A 713 -17.25 64.65 97.13
C GLN A 713 -16.56 63.53 97.92
N GLU A 714 -17.30 62.87 98.81
CA GLU A 714 -16.72 61.76 99.55
C GLU A 714 -16.38 60.59 98.62
N ALA A 715 -17.24 60.33 97.63
CA ALA A 715 -16.92 59.32 96.64
C ALA A 715 -15.69 59.71 95.84
N ARG A 716 -15.58 60.98 95.47
CA ARG A 716 -14.36 61.46 94.83
C ARG A 716 -13.14 61.17 95.70
N ALA A 717 -13.25 61.45 97.00
CA ALA A 717 -12.15 61.14 97.90
C ALA A 717 -11.84 59.65 97.91
N GLY A 718 -12.87 58.81 97.82
CA GLY A 718 -12.68 57.38 97.77
C GLY A 718 -13.28 56.60 98.92
N ASN A 719 -14.15 57.22 99.73
CA ASN A 719 -14.75 56.52 100.86
C ASN A 719 -15.60 55.36 100.35
N ALA A 720 -15.27 54.15 100.82
CA ALA A 720 -15.96 52.96 100.33
C ALA A 720 -17.44 53.00 100.67
N HIS A 721 -17.78 53.40 101.91
CA HIS A 721 -19.18 53.40 102.32
C HIS A 721 -19.99 54.41 101.52
N ASP A 722 -19.45 55.62 101.34
CA ASP A 722 -20.16 56.63 100.57
C ASP A 722 -20.31 56.23 99.11
N GLU A 723 -19.25 55.64 98.53
CA GLU A 723 -19.36 55.17 97.16
C GLU A 723 -20.41 54.07 97.04
N ASN A 724 -20.44 53.15 98.01
CA ASN A 724 -21.43 52.08 97.97
C ASN A 724 -22.85 52.62 98.06
N VAL A 725 -23.08 53.56 98.97
CA VAL A 725 -24.44 54.10 99.11
C VAL A 725 -24.82 54.89 97.86
N LEU A 726 -23.88 55.60 97.25
CA LEU A 726 -24.19 56.31 96.01
C LEU A 726 -24.53 55.33 94.89
N SER A 727 -23.80 54.22 94.80
CA SER A 727 -24.12 53.23 93.77
C SER A 727 -25.47 52.58 94.03
N TYR A 728 -25.76 52.25 95.30
CA TYR A 728 -27.08 51.73 95.66
C TYR A 728 -28.17 52.72 95.27
N TYR A 729 -27.95 54.01 95.54
CA TYR A 729 -28.93 55.03 95.18
C TYR A 729 -29.11 55.13 93.67
N ARG A 730 -28.02 55.05 92.91
CA ARG A 730 -28.14 55.02 91.46
C ARG A 730 -29.00 53.86 91.01
N TYR A 731 -28.75 52.68 91.57
CA TYR A 731 -29.53 51.50 91.18
C TYR A 731 -30.99 51.67 91.57
N GLN A 732 -31.25 52.28 92.72
CA GLN A 732 -32.64 52.53 93.13
C GLN A 732 -33.33 53.51 92.18
N LEU A 733 -32.60 54.53 91.74
CA LEU A 733 -33.16 55.47 90.76
C LEU A 733 -33.51 54.74 89.47
N LYS A 734 -32.60 53.91 88.98
CA LYS A 734 -32.88 53.16 87.77
C LYS A 734 -34.04 52.21 87.98
N LEU A 735 -34.18 51.69 89.20
CA LEU A 735 -35.32 50.83 89.53
C LEU A 735 -36.63 51.61 89.42
N PHE A 736 -36.65 52.84 89.96
CA PHE A 736 -37.85 53.66 89.85
C PHE A 736 -38.19 53.96 88.39
N ALA A 737 -37.18 54.31 87.59
CA ALA A 737 -37.42 54.56 86.17
C ALA A 737 -37.96 53.31 85.49
N ARG A 738 -37.41 52.15 85.84
CA ARG A 738 -37.89 50.89 85.27
C ARG A 738 -39.34 50.64 85.66
N MET A 739 -39.70 50.96 86.91
CA MET A 739 -41.10 50.83 87.33
C MET A 739 -41.98 51.71 86.47
N CYS A 740 -41.55 52.95 86.23
CA CYS A 740 -42.32 53.89 85.43
C CYS A 740 -42.18 53.67 83.93
N LEU A 741 -41.45 52.63 83.52
CA LEU A 741 -41.32 52.32 82.11
C LEU A 741 -42.68 52.01 81.49
N ASP A 742 -42.84 52.42 80.22
CA ASP A 742 -44.08 52.18 79.46
C ASP A 742 -45.29 52.82 80.14
N ARG A 743 -45.09 54.00 80.73
CA ARG A 743 -46.19 54.83 81.21
C ARG A 743 -47.16 54.02 82.08
N GLN A 744 -46.64 53.50 83.19
CA GLN A 744 -47.46 52.79 84.18
C GLN A 744 -47.79 53.78 85.30
N TYR A 745 -48.93 54.45 85.16
CA TYR A 745 -49.28 55.53 86.08
C TYR A 745 -49.40 55.05 87.53
N LEU A 746 -49.72 53.76 87.72
CA LEU A 746 -50.02 53.25 89.06
C LEU A 746 -48.91 53.58 90.06
N ALA A 747 -47.66 53.50 89.61
CA ALA A 747 -46.53 53.86 90.45
C ALA A 747 -45.91 55.20 90.06
N ILE A 748 -46.16 55.67 88.83
CA ILE A 748 -45.67 56.98 88.44
C ILE A 748 -46.25 58.05 89.35
N ASP A 749 -47.50 57.86 89.80
CA ASP A 749 -48.09 58.84 90.69
C ASP A 749 -47.25 59.02 91.95
N GLU A 750 -46.95 57.91 92.64
CA GLU A 750 -46.18 57.98 93.87
C GLU A 750 -44.76 58.49 93.61
N ILE A 751 -44.14 58.02 92.52
CA ILE A 751 -42.77 58.42 92.24
C ILE A 751 -42.71 59.91 91.94
N SER A 752 -43.73 60.45 91.27
CA SER A 752 -43.79 61.89 91.01
C SER A 752 -44.04 62.66 92.30
N GLN A 753 -44.87 62.12 93.20
CA GLN A 753 -45.03 62.74 94.50
C GLN A 753 -43.70 62.84 95.23
N GLN A 754 -42.89 61.79 95.13
CA GLN A 754 -41.61 61.79 95.84
C GLN A 754 -40.58 62.70 95.17
N LEU A 755 -40.53 62.69 93.83
CA LEU A 755 -39.52 63.44 93.08
C LEU A 755 -40.19 64.55 92.28
N GLY A 756 -39.59 65.73 92.28
CA GLY A 756 -40.11 66.88 91.57
C GLY A 756 -39.24 67.23 90.38
N VAL A 757 -39.81 68.00 89.44
CA VAL A 757 -39.08 68.36 88.23
C VAL A 757 -37.92 69.29 88.57
N ASP A 758 -38.13 70.25 89.46
CA ASP A 758 -37.08 71.20 89.79
C ASP A 758 -35.90 70.50 90.45
N LEU A 759 -36.17 69.55 91.33
CA LEU A 759 -35.11 68.79 91.97
C LEU A 759 -34.27 68.06 90.93
N ILE A 760 -34.93 67.35 90.02
CA ILE A 760 -34.21 66.60 89.00
C ILE A 760 -33.40 67.53 88.12
N PHE A 761 -33.99 68.67 87.74
CA PHE A 761 -33.26 69.62 86.90
C PHE A 761 -32.04 70.16 87.61
N LEU A 762 -32.16 70.51 88.89
CA LEU A 762 -31.00 70.98 89.63
C LEU A 762 -29.90 69.93 89.63
N CYS A 763 -30.27 68.69 89.93
CA CYS A 763 -29.27 67.62 89.99
C CYS A 763 -28.61 67.42 88.64
N MET A 764 -29.40 67.46 87.56
CA MET A 764 -28.85 67.31 86.22
C MET A 764 -27.88 68.45 85.90
N ALA A 765 -28.29 69.70 86.18
CA ALA A 765 -27.48 70.85 85.81
C ALA A 765 -26.17 70.87 86.58
N ASP A 766 -26.21 70.49 87.86
CA ASP A 766 -25.02 70.57 88.69
C ASP A 766 -23.87 69.77 88.07
N GLU A 767 -22.70 70.40 87.96
CA GLU A 767 -21.52 69.75 87.41
C GLU A 767 -20.70 69.03 88.47
N MET A 768 -20.88 69.36 89.76
CA MET A 768 -20.07 68.73 90.79
C MET A 768 -20.37 67.25 90.91
N LEU A 769 -21.60 66.85 90.59
CA LEU A 769 -21.98 65.45 90.72
C LEU A 769 -21.37 64.63 89.58
N PRO A 770 -21.20 63.33 89.77
CA PRO A 770 -20.61 62.50 88.72
C PRO A 770 -21.49 62.34 87.49
N PHE A 771 -20.82 62.05 86.37
CA PHE A 771 -21.49 61.96 85.08
C PHE A 771 -22.54 60.85 85.08
N ASP A 772 -22.21 59.70 85.67
CA ASP A 772 -23.15 58.60 85.70
C ASP A 772 -24.42 58.97 86.45
N LEU A 773 -24.28 59.70 87.57
CA LEU A 773 -25.45 60.10 88.33
C LEU A 773 -26.27 61.13 87.55
N ARG A 774 -25.58 62.04 86.85
CA ARG A 774 -26.30 62.99 86.00
C ARG A 774 -27.11 62.26 84.94
N ALA A 775 -26.52 61.24 84.33
CA ALA A 775 -27.22 60.46 83.32
C ALA A 775 -28.41 59.71 83.93
N SER A 776 -28.24 59.20 85.16
CA SER A 776 -29.35 58.52 85.82
C SER A 776 -30.50 59.50 86.07
N PHE A 777 -30.18 60.74 86.46
CA PHE A 777 -31.22 61.76 86.56
C PHE A 777 -31.90 62.02 85.23
N CYS A 778 -31.12 62.07 84.14
CA CYS A 778 -31.72 62.24 82.82
C CYS A 778 -32.74 61.14 82.55
N HIS A 779 -32.34 59.89 82.80
CA HIS A 779 -33.24 58.76 82.57
C HIS A 779 -34.49 58.86 83.43
N LEU A 780 -34.31 59.18 84.71
CA LEU A 780 -35.45 59.28 85.62
C LEU A 780 -36.43 60.34 85.15
N MET A 781 -35.93 61.53 84.81
CA MET A 781 -36.81 62.58 84.33
C MET A 781 -37.57 62.14 83.09
N LEU A 782 -36.85 61.62 82.09
CA LEU A 782 -37.50 61.19 80.86
C LEU A 782 -38.63 60.21 81.17
N HIS A 783 -38.36 59.24 82.04
CA HIS A 783 -39.30 58.14 82.20
C HIS A 783 -40.45 58.50 83.12
N VAL A 784 -40.26 59.51 83.98
CA VAL A 784 -41.31 59.84 84.95
C VAL A 784 -42.15 61.01 84.46
N HIS A 785 -41.51 62.16 84.20
CA HIS A 785 -42.26 63.40 83.97
C HIS A 785 -42.45 63.74 82.50
N VAL A 786 -41.40 63.62 81.69
CA VAL A 786 -41.51 64.06 80.29
C VAL A 786 -42.53 63.21 79.55
N ASP A 787 -42.54 61.90 79.79
CA ASP A 787 -43.51 60.99 79.19
C ASP A 787 -44.67 60.81 80.17
N ARG A 788 -45.80 61.45 79.87
CA ARG A 788 -46.93 61.46 80.78
C ARG A 788 -48.20 61.71 79.98
N ASP A 789 -49.33 61.75 80.69
CA ASP A 789 -50.62 61.92 80.03
C ASP A 789 -50.71 63.24 79.27
N PRO A 790 -50.34 64.39 79.83
CA PRO A 790 -50.52 65.65 79.09
C PRO A 790 -49.81 65.66 77.75
N GLN A 791 -48.66 65.00 77.65
CA GLN A 791 -47.93 64.92 76.40
C GLN A 791 -48.45 63.76 75.55
N GLU A 792 -48.53 63.99 74.24
CA GLU A 792 -48.96 62.97 73.30
C GLU A 792 -48.09 63.06 72.05
N LEU A 793 -47.87 61.91 71.42
CA LEU A 793 -47.06 61.86 70.21
C LEU A 793 -47.76 62.62 69.09
N VAL A 794 -46.96 63.31 68.28
CA VAL A 794 -47.46 64.16 67.20
C VAL A 794 -47.04 63.56 65.87
N THR A 795 -48.00 63.44 64.95
CA THR A 795 -47.70 62.99 63.60
C THR A 795 -47.26 64.17 62.76
N PRO A 796 -46.03 64.17 62.23
CA PRO A 796 -45.52 65.40 61.60
C PRO A 796 -46.35 65.90 60.42
N VAL A 797 -46.85 64.98 59.58
CA VAL A 797 -47.53 65.35 58.35
C VAL A 797 -49.01 64.98 58.47
N LYS A 798 -49.88 65.96 58.30
CA LYS A 798 -51.32 65.76 58.35
C LYS A 798 -51.87 65.81 56.94
N PHE A 799 -52.49 64.70 56.51
CA PHE A 799 -53.06 64.65 55.17
C PHE A 799 -54.23 65.61 55.02
N ALA A 800 -55.08 65.71 56.04
CA ALA A 800 -56.27 66.55 55.99
C ALA A 800 -55.93 67.98 56.36
N ARG A 801 -56.59 68.93 55.69
CA ARG A 801 -56.48 70.34 56.02
C ARG A 801 -57.84 71.00 55.80
N LEU A 802 -58.04 72.14 56.44
CA LEU A 802 -59.30 72.88 56.34
C LEU A 802 -59.12 74.05 55.39
N TRP A 803 -60.07 74.20 54.47
CA TRP A 803 -59.94 75.21 53.42
C TRP A 803 -59.91 76.61 54.00
N THR A 804 -60.72 76.87 55.03
CA THR A 804 -60.66 78.16 55.71
C THR A 804 -59.33 78.36 56.42
N GLU A 805 -58.81 77.30 57.06
CA GLU A 805 -57.57 77.43 57.81
C GLU A 805 -56.37 77.70 56.90
N ILE A 806 -56.47 77.34 55.62
CA ILE A 806 -55.37 77.52 54.69
C ILE A 806 -54.95 79.00 54.71
N PRO A 807 -53.73 79.32 55.15
CA PRO A 807 -53.34 80.73 55.22
C PRO A 807 -53.31 81.38 53.85
N THR A 808 -53.63 82.69 53.84
CA THR A 808 -53.48 83.46 52.61
C THR A 808 -52.02 83.51 52.18
N ALA A 809 -51.11 83.71 53.13
CA ALA A 809 -49.68 83.62 52.90
C ALA A 809 -49.05 82.89 54.08
N ILE A 810 -47.97 82.17 53.81
CA ILE A 810 -47.34 81.31 54.80
C ILE A 810 -45.84 81.57 54.81
N THR A 811 -45.26 81.64 55.99
CA THR A 811 -43.82 81.65 56.18
C THR A 811 -43.46 80.63 57.25
N ILE A 812 -42.16 80.51 57.52
CA ILE A 812 -41.69 79.56 58.51
C ILE A 812 -42.31 79.87 59.88
N LYS A 813 -42.41 81.15 60.20
CA LYS A 813 -43.01 81.54 61.48
C LYS A 813 -44.50 81.22 61.50
N ASP A 814 -45.22 81.54 60.42
CA ASP A 814 -46.66 81.32 60.39
C ASP A 814 -46.99 79.84 60.50
N TYR A 815 -46.20 78.98 59.86
CA TYR A 815 -46.48 77.54 59.94
C TYR A 815 -46.52 77.07 61.39
N ASP A 816 -45.54 77.48 62.20
CA ASP A 816 -45.54 77.07 63.60
C ASP A 816 -46.57 77.86 64.41
N SER A 817 -46.98 79.03 63.92
CA SER A 817 -47.94 79.85 64.65
C SER A 817 -49.25 79.12 64.90
N ASN A 818 -49.60 78.15 64.06
CA ASN A 818 -50.90 77.51 64.18
C ASN A 818 -51.05 76.80 65.53
N LEU A 819 -50.01 76.08 65.97
CA LEU A 819 -50.01 75.42 67.26
C LEU A 819 -49.02 76.05 68.24
N ASN A 820 -48.54 77.26 67.95
CA ASN A 820 -47.58 77.91 68.85
C ASN A 820 -48.19 78.13 70.23
N ALA A 821 -49.44 78.59 70.30
CA ALA A 821 -50.05 78.92 71.58
C ALA A 821 -50.02 77.72 72.53
N SER A 822 -50.50 76.57 72.07
CA SER A 822 -50.41 75.36 72.88
C SER A 822 -48.95 74.99 73.13
N ARG A 823 -48.09 75.21 72.14
CA ARG A 823 -46.67 74.98 72.35
C ARG A 823 -46.11 75.88 73.44
N ASP A 824 -46.49 77.16 73.42
CA ASP A 824 -46.04 78.08 74.46
C ASP A 824 -46.52 77.62 75.83
N ASP A 825 -47.79 77.22 75.93
CA ASP A 825 -48.31 76.78 77.22
C ASP A 825 -47.60 75.54 77.73
N LYS A 826 -47.34 74.56 76.84
CA LYS A 826 -46.71 73.33 77.26
C LYS A 826 -45.23 73.54 77.59
N LYS A 827 -44.60 74.52 76.94
CA LYS A 827 -43.17 74.71 77.11
C LYS A 827 -42.81 75.03 78.56
N ASN A 828 -43.61 75.88 79.21
CA ASN A 828 -43.22 76.44 80.50
C ASN A 828 -42.80 75.36 81.49
N LYS A 829 -43.46 74.19 81.45
CA LYS A 829 -43.19 73.17 82.45
C LYS A 829 -41.77 72.65 82.36
N PHE A 830 -41.28 72.43 81.14
CA PHE A 830 -39.94 71.88 80.90
C PHE A 830 -39.01 72.89 80.21
N ALA A 831 -39.30 74.19 80.34
CA ALA A 831 -38.55 75.18 79.59
C ALA A 831 -37.06 75.14 79.95
N ASN A 832 -36.75 75.04 81.24
CA ASN A 832 -35.35 74.98 81.65
C ASN A 832 -34.66 73.74 81.10
N THR A 833 -35.38 72.61 81.06
CA THR A 833 -34.79 71.39 80.52
C THR A 833 -34.46 71.54 79.03
N MET A 834 -35.29 72.28 78.30
CA MET A 834 -34.99 72.53 76.89
C MET A 834 -33.64 73.23 76.75
N GLU A 835 -33.42 74.26 77.56
CA GLU A 835 -32.14 74.96 77.54
C GLU A 835 -31.00 74.04 77.96
N PHE A 836 -31.23 73.19 78.97
CA PHE A 836 -30.19 72.25 79.37
C PHE A 836 -29.79 71.40 78.17
N VAL A 837 -30.78 70.85 77.45
CA VAL A 837 -30.49 70.00 76.30
C VAL A 837 -29.69 70.78 75.25
N GLU A 838 -30.15 71.99 74.94
CA GLU A 838 -29.50 72.77 73.87
C GLU A 838 -28.05 73.06 74.23
N ASP A 839 -27.81 73.57 75.44
CA ASP A 839 -26.44 73.90 75.83
C ASP A 839 -25.56 72.65 75.94
N TYR A 840 -26.12 71.52 76.40
CA TYR A 840 -25.29 70.32 76.48
C TYR A 840 -24.86 69.87 75.09
N LEU A 841 -25.80 69.86 74.13
CA LEU A 841 -25.44 69.46 72.78
C LEU A 841 -24.47 70.46 72.16
N ASN A 842 -24.62 71.75 72.50
CA ASN A 842 -23.66 72.74 72.03
C ASN A 842 -22.27 72.47 72.59
N ASN A 843 -22.19 72.07 73.85
CA ASN A 843 -20.90 71.71 74.44
C ASN A 843 -20.30 70.50 73.73
N VAL A 844 -21.13 69.51 73.42
CA VAL A 844 -20.63 68.32 72.72
C VAL A 844 -20.06 68.71 71.36
N VAL A 845 -20.78 69.55 70.62
CA VAL A 845 -20.29 69.94 69.29
C VAL A 845 -19.04 70.79 69.42
N SER A 846 -18.97 71.62 70.45
CA SER A 846 -17.77 72.43 70.67
C SER A 846 -16.56 71.54 70.94
N GLU A 847 -16.74 70.48 71.72
CA GLU A 847 -15.63 69.58 72.01
C GLU A 847 -15.04 69.02 70.72
N ALA A 848 -13.71 68.99 70.66
CA ALA A 848 -13.04 68.52 69.44
C ALA A 848 -13.35 67.05 69.17
N VAL A 849 -13.34 66.22 70.20
CA VAL A 849 -13.61 64.80 70.08
C VAL A 849 -15.04 64.56 70.58
N PRO A 850 -15.99 64.20 69.71
CA PRO A 850 -17.37 64.07 70.19
C PRO A 850 -17.57 62.98 71.22
N PHE A 851 -17.14 61.75 70.93
CA PHE A 851 -17.44 60.59 71.77
C PHE A 851 -16.18 59.98 72.36
N ALA A 852 -15.19 60.81 72.68
CA ALA A 852 -13.92 60.30 73.20
C ALA A 852 -14.11 59.67 74.58
N ASN A 853 -14.74 60.40 75.49
CA ASN A 853 -14.83 59.99 76.89
C ASN A 853 -16.04 59.11 77.12
N GLU A 854 -15.80 57.93 77.72
CA GLU A 854 -16.90 57.00 77.98
C GLU A 854 -17.89 57.58 78.98
N GLU A 855 -17.39 58.21 80.05
CA GLU A 855 -18.29 58.78 81.05
C GLU A 855 -19.18 59.86 80.44
N LYS A 856 -18.59 60.71 79.59
CA LYS A 856 -19.38 61.72 78.91
C LYS A 856 -20.35 61.09 77.91
N ASN A 857 -19.94 59.98 77.28
CA ASN A 857 -20.84 59.29 76.36
C ASN A 857 -22.07 58.76 77.09
N LYS A 858 -21.88 58.31 78.33
CA LYS A 858 -23.02 57.81 79.10
C LYS A 858 -24.10 58.87 79.23
N LEU A 859 -23.71 60.11 79.55
CA LEU A 859 -24.69 61.18 79.67
C LEU A 859 -25.17 61.66 78.31
N THR A 860 -24.29 61.57 77.30
CA THR A 860 -24.69 61.98 75.96
C THR A 860 -25.84 61.14 75.44
N PHE A 861 -25.78 59.83 75.69
CA PHE A 861 -26.88 58.96 75.28
C PHE A 861 -28.20 59.42 75.90
N GLU A 862 -28.20 59.68 77.20
CA GLU A 862 -29.43 60.09 77.88
C GLU A 862 -29.93 61.43 77.36
N VAL A 863 -29.03 62.40 77.16
CA VAL A 863 -29.45 63.71 76.68
C VAL A 863 -30.03 63.60 75.28
N VAL A 864 -29.39 62.83 74.41
CA VAL A 864 -29.89 62.67 73.05
C VAL A 864 -31.25 61.98 73.05
N SER A 865 -31.41 60.96 73.90
CA SER A 865 -32.71 60.29 73.99
C SER A 865 -33.78 61.25 74.51
N LEU A 866 -33.44 62.10 75.47
CA LEU A 866 -34.39 63.08 75.97
C LEU A 866 -34.78 64.06 74.88
N ALA A 867 -33.81 64.51 74.09
CA ALA A 867 -34.12 65.41 72.98
C ALA A 867 -35.03 64.72 71.97
N HIS A 868 -34.76 63.45 71.67
CA HIS A 868 -35.62 62.70 70.75
C HIS A 868 -37.03 62.63 71.29
N ASN A 869 -37.19 62.31 72.58
CA ASN A 869 -38.52 62.20 73.16
C ASN A 869 -39.25 63.54 73.12
N LEU A 870 -38.56 64.63 73.49
CA LEU A 870 -39.19 65.94 73.46
C LEU A 870 -39.63 66.31 72.05
N ILE A 871 -38.77 66.07 71.06
CA ILE A 871 -39.10 66.41 69.69
C ILE A 871 -40.30 65.59 69.22
N TYR A 872 -40.31 64.29 69.52
CA TYR A 872 -41.41 63.45 69.07
C TYR A 872 -42.72 63.84 69.75
N PHE A 873 -42.64 64.30 71.00
CA PHE A 873 -43.84 64.81 71.66
C PHE A 873 -44.23 66.19 71.14
N GLY A 874 -43.32 66.89 70.47
CA GLY A 874 -43.66 68.10 69.76
C GLY A 874 -43.38 69.41 70.48
N PHE A 875 -42.63 69.38 71.59
CA PHE A 875 -42.36 70.62 72.31
C PHE A 875 -41.54 71.57 71.46
N TYR A 876 -40.55 71.07 70.73
CA TYR A 876 -39.70 71.91 69.90
C TYR A 876 -40.50 72.52 68.75
N SER A 877 -40.24 73.79 68.46
CA SER A 877 -40.83 74.45 67.30
C SER A 877 -40.07 74.05 66.04
N PHE A 878 -40.62 74.45 64.89
CA PHE A 878 -40.01 74.05 63.62
C PHE A 878 -38.69 74.79 63.39
N SER A 879 -38.66 76.09 63.69
CA SER A 879 -37.41 76.83 63.56
C SER A 879 -36.35 76.29 64.51
N GLU A 880 -36.75 75.96 65.75
CA GLU A 880 -35.82 75.37 66.69
C GLU A 880 -35.33 74.02 66.20
N LEU A 881 -36.21 73.24 65.57
CA LEU A 881 -35.79 71.95 65.02
C LEU A 881 -34.78 72.14 63.90
N LEU A 882 -35.02 73.12 63.03
CA LEU A 882 -34.05 73.39 61.96
C LEU A 882 -32.70 73.82 62.54
N ARG A 883 -32.73 74.62 63.61
CA ARG A 883 -31.50 75.00 64.28
C ARG A 883 -30.82 73.79 64.90
N LEU A 884 -31.61 72.86 65.45
CA LEU A 884 -31.06 71.71 66.15
C LEU A 884 -30.48 70.69 65.18
N THR A 885 -30.98 70.68 63.95
CA THR A 885 -30.45 69.74 62.96
C THR A 885 -28.95 69.95 62.76
N ARG A 886 -28.52 71.20 62.67
CA ARG A 886 -27.10 71.49 62.47
C ARG A 886 -26.27 70.88 63.59
N THR A 887 -26.67 71.12 64.85
CA THR A 887 -25.89 70.60 65.97
C THR A 887 -25.89 69.08 65.98
N LEU A 888 -27.06 68.46 65.78
CA LEU A 888 -27.16 67.01 65.87
C LEU A 888 -26.32 66.35 64.76
N LEU A 889 -26.36 66.91 63.56
CA LEU A 889 -25.57 66.36 62.47
C LEU A 889 -24.08 66.60 62.68
N GLY A 890 -23.72 67.77 63.21
CA GLY A 890 -22.32 68.05 63.48
C GLY A 890 -21.74 67.11 64.52
N ILE A 891 -22.55 66.71 65.50
CA ILE A 891 -22.07 65.76 66.51
C ILE A 891 -21.58 64.48 65.84
N ILE A 892 -22.31 64.00 64.83
CA ILE A 892 -22.02 62.70 64.23
C ILE A 892 -21.22 62.87 62.95
N ASP A 893 -20.86 64.12 62.62
CA ASP A 893 -20.02 64.40 61.47
C ASP A 893 -18.60 63.94 61.78
N CYS A 894 -17.89 63.48 60.74
CA CYS A 894 -16.52 63.01 60.90
C CYS A 894 -15.65 64.07 61.55
N ASP A 961 -18.51 49.87 70.06
CA ASP A 961 -19.05 50.44 71.28
C ASP A 961 -20.55 50.73 71.11
N ILE A 962 -21.36 50.13 71.97
CA ILE A 962 -22.81 50.13 71.76
C ILE A 962 -23.40 51.52 71.98
N VAL A 963 -22.90 52.24 72.98
CA VAL A 963 -23.55 53.51 73.38
C VAL A 963 -23.44 54.53 72.25
N VAL A 964 -22.26 54.62 71.62
CA VAL A 964 -22.07 55.59 70.55
C VAL A 964 -22.98 55.28 69.38
N MET A 965 -23.08 54.00 69.02
CA MET A 965 -23.94 53.61 67.91
C MET A 965 -25.40 53.92 68.22
N GLU A 966 -25.83 53.66 69.46
CA GLU A 966 -27.22 53.97 69.84
C GLU A 966 -27.47 55.47 69.76
N THR A 967 -26.53 56.29 70.22
CA THR A 967 -26.69 57.73 70.13
C THR A 967 -26.82 58.18 68.69
N LYS A 968 -25.97 57.64 67.81
CA LYS A 968 -26.03 58.02 66.40
C LYS A 968 -27.35 57.60 65.78
N LEU A 969 -27.85 56.41 66.14
CA LEU A 969 -29.15 55.97 65.65
C LEU A 969 -30.27 56.92 66.10
N LYS A 970 -30.23 57.35 67.36
CA LYS A 970 -31.24 58.28 67.85
C LYS A 970 -31.17 59.61 67.11
N ILE A 971 -29.96 60.09 66.83
CA ILE A 971 -29.80 61.31 66.06
C ILE A 971 -30.42 61.14 64.68
N LEU A 972 -30.21 59.97 64.08
CA LEU A 972 -30.83 59.70 62.78
C LEU A 972 -32.35 59.75 62.85
N GLU A 973 -32.92 59.19 63.92
CA GLU A 973 -34.38 59.24 64.07
C GLU A 973 -34.87 60.68 64.20
N ILE A 974 -34.15 61.51 64.95
CA ILE A 974 -34.53 62.91 65.08
C ILE A 974 -34.50 63.58 63.71
N LEU A 975 -33.45 63.32 62.93
CA LEU A 975 -33.37 63.88 61.59
C LEU A 975 -34.56 63.43 60.73
N GLN A 976 -34.94 62.16 60.85
CA GLN A 976 -36.11 61.66 60.12
C GLN A 976 -37.34 62.46 60.46
N PHE A 977 -37.59 62.67 61.76
CA PHE A 977 -38.78 63.44 62.16
C PHE A 977 -38.74 64.85 61.60
N ILE A 978 -37.56 65.49 61.65
CA ILE A 978 -37.49 66.88 61.19
C ILE A 978 -37.72 66.96 59.69
N LEU A 979 -37.20 66.00 58.93
CA LEU A 979 -37.48 65.97 57.50
C LEU A 979 -38.98 65.77 57.25
N ASN A 980 -39.62 64.92 58.05
CA ASN A 980 -41.06 64.73 57.91
C ASN A 980 -41.80 66.04 58.14
N VAL A 981 -41.34 66.84 59.12
CA VAL A 981 -41.96 68.14 59.36
C VAL A 981 -41.76 69.07 58.16
N ARG A 982 -40.56 69.03 57.56
CA ARG A 982 -40.30 69.85 56.38
C ARG A 982 -41.27 69.50 55.26
N LEU A 983 -41.55 68.21 55.09
CA LEU A 983 -42.53 67.80 54.07
C LEU A 983 -43.87 68.49 54.27
N ASP A 984 -44.35 68.52 55.52
CA ASP A 984 -45.66 69.12 55.78
C ASP A 984 -45.61 70.62 55.55
N TYR A 985 -44.48 71.26 55.88
CA TYR A 985 -44.35 72.68 55.56
C TYR A 985 -44.49 72.92 54.07
N ARG A 986 -43.82 72.11 53.25
CA ARG A 986 -43.92 72.28 51.81
C ARG A 986 -45.36 72.06 51.33
N ILE A 987 -46.04 71.06 51.90
CA ILE A 987 -47.43 70.80 51.53
C ILE A 987 -48.28 72.02 51.85
N SER A 988 -48.09 72.61 53.03
CA SER A 988 -48.86 73.78 53.42
C SER A 988 -48.58 74.95 52.48
N TYR A 989 -47.32 75.14 52.10
CA TYR A 989 -47.01 76.21 51.16
C TYR A 989 -47.75 76.03 49.84
N LEU A 990 -47.76 74.80 49.31
CA LEU A 990 -48.40 74.58 48.03
C LEU A 990 -49.92 74.76 48.14
N LEU A 991 -50.50 74.32 49.27
CA LEU A 991 -51.92 74.53 49.50
C LEU A 991 -52.26 76.02 49.58
N SER A 992 -51.42 76.79 50.26
CA SER A 992 -51.64 78.23 50.35
C SER A 992 -51.56 78.87 48.96
N VAL A 993 -50.63 78.41 48.14
CA VAL A 993 -50.53 78.92 46.77
C VAL A 993 -51.83 78.63 46.01
N PHE A 994 -52.34 77.41 46.12
CA PHE A 994 -53.57 77.06 45.43
C PHE A 994 -54.72 77.94 45.88
N LYS A 995 -54.85 78.14 47.20
CA LYS A 995 -55.94 78.98 47.71
C LYS A 995 -55.80 80.40 47.22
N LYS A 996 -54.57 80.93 47.23
CA LYS A 996 -54.37 82.31 46.81
C LYS A 996 -54.75 82.48 45.35
N GLU A 997 -54.35 81.54 44.49
CA GLU A 997 -54.73 81.64 43.08
C GLU A 997 -56.23 81.52 42.90
N PHE A 998 -56.87 80.61 43.63
CA PHE A 998 -58.32 80.48 43.50
C PHE A 998 -59.01 81.78 43.90
N VAL A 999 -58.58 82.40 44.99
CA VAL A 999 -59.18 83.66 45.41
C VAL A 999 -58.94 84.74 44.36
N GLU A 1000 -57.72 84.82 43.83
CA GLU A 1000 -57.40 85.86 42.86
C GLU A 1000 -58.24 85.71 41.60
N VAL A 1001 -58.37 84.49 41.08
CA VAL A 1001 -59.10 84.27 39.84
C VAL A 1001 -60.60 84.47 40.07
N PHE A 1002 -61.13 83.89 41.14
CA PHE A 1002 -62.56 83.97 41.45
C PHE A 1002 -62.74 84.71 42.78
N PRO A 1003 -63.17 85.99 42.76
CA PRO A 1003 -63.41 86.66 44.06
C PRO A 1003 -64.43 85.93 44.92
N MET A 1004 -65.49 85.41 44.31
CA MET A 1004 -66.53 84.65 45.02
C MET A 1004 -66.90 85.30 46.36
N ASN A 1022 -59.65 81.27 34.48
CA ASN A 1022 -58.27 81.23 34.04
C ASN A 1022 -57.31 81.33 35.22
N MET A 1023 -56.47 80.31 35.39
CA MET A 1023 -55.51 80.24 36.47
C MET A 1023 -54.09 80.31 35.90
N ASN A 1024 -53.19 80.96 36.62
CA ASN A 1024 -51.80 81.11 36.19
C ASN A 1024 -51.01 79.89 36.68
N LEU A 1025 -51.28 78.76 36.01
CA LEU A 1025 -50.57 77.53 36.34
C LEU A 1025 -49.06 77.70 36.17
N ASP A 1026 -48.64 78.52 35.21
CA ASP A 1026 -47.21 78.79 35.06
C ASP A 1026 -46.65 79.47 36.31
N ARG A 1027 -47.36 80.47 36.83
CA ARG A 1027 -46.93 81.14 38.06
C ARG A 1027 -46.86 80.15 39.21
N ILE A 1028 -47.89 79.31 39.34
CA ILE A 1028 -47.92 78.38 40.47
C ILE A 1028 -46.79 77.36 40.36
N GLY A 1029 -46.53 76.88 39.14
CA GLY A 1029 -45.43 75.95 38.95
C GLY A 1029 -44.08 76.57 39.26
N GLU A 1030 -43.90 77.83 38.85
CA GLU A 1030 -42.67 78.54 39.18
C GLU A 1030 -42.51 78.66 40.69
N GLN A 1031 -43.59 78.98 41.40
CA GLN A 1031 -43.52 79.06 42.86
C GLN A 1031 -43.23 77.71 43.47
N ALA A 1032 -43.84 76.64 42.95
CA ALA A 1032 -43.71 75.33 43.57
C ALA A 1032 -42.33 74.73 43.34
N GLU A 1033 -41.72 75.02 42.19
CA GLU A 1033 -40.37 74.53 41.95
C GLU A 1033 -39.40 75.08 43.00
N ALA A 1034 -39.62 76.31 43.44
CA ALA A 1034 -38.76 76.89 44.46
C ALA A 1034 -38.87 76.13 45.77
N MET A 1035 -40.10 75.84 46.22
CA MET A 1035 -40.27 75.11 47.47
C MET A 1035 -39.71 73.71 47.36
N PHE A 1036 -39.91 73.06 46.22
CA PHE A 1036 -39.37 71.70 46.04
C PHE A 1036 -37.85 71.72 46.01
N GLY A 1037 -37.25 72.80 45.51
CA GLY A 1037 -35.81 72.91 45.45
C GLY A 1037 -35.15 72.81 46.81
N SER A 1043 -31.71 76.13 50.67
CA SER A 1043 -32.35 77.37 51.07
C SER A 1043 -32.55 77.39 52.58
N MET A 1044 -33.59 78.11 53.04
CA MET A 1044 -33.85 78.20 54.47
C MET A 1044 -34.21 76.84 55.05
N LEU A 1045 -34.98 76.03 54.31
CA LEU A 1045 -35.51 74.79 54.83
C LEU A 1045 -34.47 73.69 54.93
N GLU A 1046 -33.27 73.88 54.39
CA GLU A 1046 -32.26 72.83 54.41
C GLU A 1046 -31.87 72.48 55.85
N VAL A 1047 -31.63 71.19 56.08
CA VAL A 1047 -31.28 70.74 57.43
C VAL A 1047 -29.98 71.36 57.89
N ASP A 1048 -29.00 71.46 57.00
CA ASP A 1048 -27.68 71.97 57.34
C ASP A 1048 -27.40 73.26 56.57
N ASP A 1049 -26.43 74.03 57.08
CA ASP A 1049 -25.99 75.26 56.45
C ASP A 1049 -24.85 75.04 55.47
N GLU A 1050 -24.43 73.80 55.26
CA GLU A 1050 -23.37 73.50 54.32
C GLU A 1050 -23.86 73.38 52.88
N GLY A 1051 -25.16 73.55 52.65
CA GLY A 1051 -25.73 73.37 51.33
C GLY A 1051 -26.18 71.97 51.01
N GLY A 1052 -26.30 71.10 52.02
CA GLY A 1052 -26.67 69.72 51.82
C GLY A 1052 -25.52 68.75 51.77
N ARG A 1053 -24.27 69.24 51.84
CA ARG A 1053 -23.12 68.35 51.76
C ARG A 1053 -22.96 67.55 53.06
N MET A 1054 -23.11 68.21 54.21
CA MET A 1054 -22.83 67.57 55.49
C MET A 1054 -23.77 66.38 55.72
N PHE A 1055 -25.04 66.52 55.33
CA PHE A 1055 -25.96 65.41 55.48
C PHE A 1055 -25.48 64.20 54.69
N LEU A 1056 -25.03 64.43 53.45
CA LEU A 1056 -24.52 63.33 52.62
C LEU A 1056 -23.29 62.70 53.25
N ARG A 1057 -22.35 63.53 53.73
CA ARG A 1057 -21.13 62.97 54.31
C ARG A 1057 -21.44 62.14 55.55
N VAL A 1058 -22.32 62.65 56.42
CA VAL A 1058 -22.71 61.91 57.61
C VAL A 1058 -23.37 60.60 57.22
N LEU A 1059 -24.27 60.64 56.25
CA LEU A 1059 -24.99 59.43 55.87
C LEU A 1059 -24.03 58.38 55.32
N ILE A 1060 -23.07 58.79 54.49
CA ILE A 1060 -22.14 57.83 53.90
C ILE A 1060 -21.20 57.27 54.96
N HIS A 1061 -20.75 58.12 55.89
CA HIS A 1061 -19.88 57.63 56.96
C HIS A 1061 -20.63 56.63 57.84
N LEU A 1062 -21.90 56.91 58.15
CA LEU A 1062 -22.68 55.97 58.95
C LEU A 1062 -22.99 54.70 58.16
N THR A 1063 -23.10 54.80 56.83
CA THR A 1063 -23.23 53.61 56.02
C THR A 1063 -21.98 52.75 56.12
N MET A 1064 -20.80 53.38 56.06
CA MET A 1064 -19.56 52.65 56.24
C MET A 1064 -19.46 52.02 57.63
N HIS A 1065 -20.04 52.68 58.64
CA HIS A 1065 -20.05 52.12 59.98
C HIS A 1065 -20.55 50.67 59.97
N ASP A 1066 -20.15 49.92 60.99
CA ASP A 1066 -20.42 48.48 61.01
C ASP A 1066 -21.84 48.18 61.49
N TYR A 1067 -22.36 48.98 62.42
CA TYR A 1067 -23.62 48.65 63.07
C TYR A 1067 -24.74 48.52 62.04
N ALA A 1068 -25.41 47.35 62.04
CA ALA A 1068 -26.39 47.08 60.99
C ALA A 1068 -27.59 48.01 61.04
N PRO A 1069 -28.25 48.23 62.19
CA PRO A 1069 -29.38 49.18 62.19
C PRO A 1069 -28.96 50.58 61.77
N LEU A 1070 -27.77 51.02 62.19
CA LEU A 1070 -27.31 52.34 61.81
C LEU A 1070 -27.09 52.43 60.31
N VAL A 1071 -26.50 51.39 59.72
CA VAL A 1071 -26.28 51.38 58.27
C VAL A 1071 -27.62 51.39 57.54
N SER A 1072 -28.58 50.61 58.03
CA SER A 1072 -29.89 50.57 57.37
C SER A 1072 -30.56 51.93 57.41
N GLY A 1073 -30.56 52.58 58.58
CA GLY A 1073 -31.16 53.91 58.66
C GLY A 1073 -30.45 54.93 57.80
N ALA A 1074 -29.12 54.88 57.78
CA ALA A 1074 -28.36 55.80 56.93
C ALA A 1074 -28.68 55.59 55.47
N LEU A 1075 -28.78 54.33 55.04
CA LEU A 1075 -29.12 54.04 53.64
C LEU A 1075 -30.52 54.55 53.31
N GLN A 1076 -31.48 54.34 54.21
CA GLN A 1076 -32.83 54.82 53.96
C GLN A 1076 -32.85 56.34 53.80
N LEU A 1077 -32.17 57.04 54.71
CA LEU A 1077 -32.15 58.50 54.63
C LEU A 1077 -31.40 58.98 53.40
N LEU A 1078 -30.33 58.28 53.01
CA LEU A 1078 -29.61 58.65 51.80
C LEU A 1078 -30.49 58.51 50.57
N PHE A 1079 -31.26 57.41 50.49
CA PHE A 1079 -32.16 57.23 49.36
C PHE A 1079 -33.23 58.32 49.35
N LYS A 1080 -33.76 58.65 50.53
CA LYS A 1080 -34.82 59.67 50.57
C LYS A 1080 -34.28 61.07 50.29
N HIS A 1081 -32.99 61.31 50.54
CA HIS A 1081 -32.44 62.64 50.37
C HIS A 1081 -32.51 63.11 48.92
N PHE A 1082 -32.49 62.18 47.96
CA PHE A 1082 -32.52 62.51 46.54
C PHE A 1082 -33.88 62.27 45.91
N SER A 1083 -34.93 62.10 46.71
CA SER A 1083 -36.29 61.92 46.20
C SER A 1083 -37.27 62.85 46.90
N GLN A 1084 -36.83 64.07 47.21
CA GLN A 1084 -37.70 65.01 47.92
C GLN A 1084 -38.92 65.38 47.08
N ARG A 1085 -38.72 65.59 45.78
CA ARG A 1085 -39.80 66.11 44.94
C ARG A 1085 -40.91 65.08 44.77
N GLN A 1086 -40.55 63.83 44.48
CA GLN A 1086 -41.54 62.79 44.25
C GLN A 1086 -42.38 62.55 45.50
N GLU A 1087 -41.73 62.49 46.66
CA GLU A 1087 -42.46 62.26 47.90
C GLU A 1087 -43.45 63.39 48.18
N ALA A 1088 -43.02 64.63 47.98
CA ALA A 1088 -43.91 65.76 48.20
C ALA A 1088 -45.09 65.74 47.23
N MET A 1089 -44.83 65.40 45.97
CA MET A 1089 -45.92 65.30 45.00
C MET A 1089 -46.92 64.22 45.41
N HIS A 1090 -46.42 63.07 45.85
CA HIS A 1090 -47.30 62.00 46.30
C HIS A 1090 -48.13 62.45 47.48
N THR A 1091 -47.49 63.10 48.46
CA THR A 1091 -48.22 63.55 49.64
C THR A 1091 -49.31 64.54 49.27
N PHE A 1092 -49.02 65.48 48.36
CA PHE A 1092 -50.05 66.43 47.97
C PHE A 1092 -51.17 65.74 47.21
N LYS A 1093 -50.83 64.76 46.37
CA LYS A 1093 -51.88 63.99 45.72
C LYS A 1093 -52.78 63.33 46.76
N GLN A 1094 -52.20 62.91 47.88
CA GLN A 1094 -53.01 62.36 48.98
C GLN A 1094 -53.72 63.42 49.80
N VAL A 1095 -53.34 64.70 49.67
CA VAL A 1095 -53.92 65.74 50.51
C VAL A 1095 -55.44 65.75 50.34
N GLN A 1096 -56.14 66.07 51.42
CA GLN A 1096 -57.58 66.26 51.41
C GLN A 1096 -57.91 67.61 52.02
N LEU A 1097 -58.87 68.31 51.40
CA LEU A 1097 -59.31 69.62 51.87
C LEU A 1097 -60.75 69.52 52.34
N LEU A 1098 -61.05 70.14 53.48
CA LEU A 1098 -62.40 70.19 54.02
C LEU A 1098 -63.01 71.54 53.65
N ILE A 1099 -64.10 71.50 52.87
CA ILE A 1099 -64.80 72.70 52.42
C ILE A 1099 -66.28 72.66 52.77
N SER A 1100 -66.86 71.46 52.92
CA SER A 1100 -68.27 71.30 53.24
C SER A 1100 -68.47 71.53 54.73
N ALA A 1101 -69.47 72.34 55.08
CA ALA A 1101 -69.71 72.65 56.48
C ALA A 1101 -70.09 71.40 57.27
N GLN A 1102 -70.92 70.53 56.70
CA GLN A 1102 -71.35 69.33 57.40
C GLN A 1102 -70.15 68.43 57.70
N ASP A 1103 -69.30 68.22 56.69
CA ASP A 1103 -68.12 67.36 56.89
C ASP A 1103 -67.12 68.02 57.83
N VAL A 1104 -67.04 69.35 57.82
CA VAL A 1104 -66.14 70.05 58.75
C VAL A 1104 -66.61 69.87 60.18
N GLU A 1105 -67.93 70.00 60.41
CA GLU A 1105 -68.47 69.75 61.74
C GLU A 1105 -68.21 68.30 62.16
N ASN A 1106 -68.37 67.36 61.22
CA ASN A 1106 -68.07 65.97 61.54
C ASN A 1106 -66.61 65.79 61.90
N TYR A 1107 -65.71 66.48 61.18
CA TYR A 1107 -64.29 66.42 61.48
C TYR A 1107 -64.00 66.92 62.88
N LYS A 1108 -64.60 68.06 63.26
CA LYS A 1108 -64.38 68.60 64.60
C LYS A 1108 -64.89 67.65 65.67
N VAL A 1109 -66.11 67.12 65.47
CA VAL A 1109 -66.69 66.21 66.44
C VAL A 1109 -65.82 64.96 66.58
N ILE A 1110 -65.34 64.44 65.45
CA ILE A 1110 -64.49 63.25 65.48
C ILE A 1110 -63.20 63.54 66.23
N LYS A 1111 -62.59 64.69 65.96
CA LYS A 1111 -61.36 65.05 66.67
C LYS A 1111 -61.58 65.05 68.18
N SER A 1112 -62.63 65.74 68.63
CA SER A 1112 -62.89 65.82 70.07
C SER A 1112 -63.18 64.44 70.66
N GLU A 1113 -64.04 63.67 70.00
CA GLU A 1113 -64.40 62.35 70.52
C GLU A 1113 -63.19 61.43 70.57
N LEU A 1114 -62.35 61.48 69.53
CA LEU A 1114 -61.16 60.65 69.50
C LEU A 1114 -60.20 61.03 70.61
N ASP A 1115 -60.02 62.33 70.87
CA ASP A 1115 -59.11 62.72 71.95
C ASP A 1115 -59.66 62.24 73.30
N ARG A 1116 -60.97 62.36 73.51
CA ARG A 1116 -61.56 61.86 74.75
C ARG A 1116 -61.34 60.36 74.89
N LEU A 1117 -61.64 59.60 73.83
CA LEU A 1117 -61.51 58.14 73.90
C LEU A 1117 -60.05 57.74 74.12
N ARG A 1118 -59.12 58.42 73.46
CA ARG A 1118 -57.71 58.11 73.63
C ARG A 1118 -57.26 58.40 75.06
N THR A 1119 -57.73 59.50 75.63
CA THR A 1119 -57.40 59.79 77.04
C THR A 1119 -57.94 58.69 77.95
N MET A 1120 -59.17 58.23 77.70
CA MET A 1120 -59.72 57.16 78.54
C MET A 1120 -58.94 55.86 78.39
N VAL A 1121 -58.59 55.50 77.15
CA VAL A 1121 -57.80 54.30 76.95
C VAL A 1121 -56.45 54.43 77.63
N GLU A 1122 -55.88 55.64 77.61
CA GLU A 1122 -54.61 55.88 78.31
C GLU A 1122 -54.77 55.67 79.81
N LYS A 1123 -55.87 56.13 80.38
CA LYS A 1123 -56.16 55.94 81.80
C LYS A 1123 -56.96 54.67 82.05
N SER A 1124 -56.76 53.71 81.13
CA SER A 1124 -57.18 52.34 81.33
C SER A 1124 -57.11 51.93 82.80
N GLU A 1125 -56.00 52.23 83.48
CA GLU A 1125 -55.89 51.85 84.88
C GLU A 1125 -56.96 52.54 85.71
N LEU A 1126 -57.26 53.81 85.42
CA LEU A 1126 -58.24 54.53 86.21
C LEU A 1126 -59.65 54.01 85.97
N TRP A 1127 -60.06 53.84 84.71
CA TRP A 1127 -61.40 53.33 84.42
C TRP A 1127 -61.44 51.84 84.13
N VAL A 1128 -60.58 51.04 84.75
CA VAL A 1128 -60.70 49.58 84.70
C VAL A 1128 -60.67 49.05 86.12
N ASP A 1129 -61.58 48.12 86.41
CA ASP A 1129 -61.69 47.53 87.74
C ASP A 1129 -61.50 46.02 87.68
N SER A 1166 -68.67 52.20 86.07
CA SER A 1166 -68.82 53.60 86.43
C SER A 1166 -69.36 54.41 85.26
N GLU A 1167 -69.48 55.72 85.46
CA GLU A 1167 -70.00 56.58 84.40
C GLU A 1167 -69.08 56.61 83.19
N ASN A 1168 -67.79 56.32 83.39
CA ASN A 1168 -66.85 56.29 82.27
C ASN A 1168 -67.24 55.21 81.26
N TYR A 1169 -67.69 54.05 81.75
CA TYR A 1169 -68.09 52.97 80.85
C TYR A 1169 -69.25 53.41 79.97
N GLN A 1170 -70.25 54.06 80.57
CA GLN A 1170 -71.37 54.56 79.79
C GLN A 1170 -70.93 55.64 78.81
N ILE A 1171 -70.03 56.52 79.24
CA ILE A 1171 -69.55 57.59 78.36
C ILE A 1171 -68.89 56.99 77.13
N VAL A 1172 -68.05 55.98 77.33
CA VAL A 1172 -67.32 55.42 76.20
C VAL A 1172 -68.22 54.55 75.35
N LYS A 1173 -69.22 53.90 75.96
CA LYS A 1173 -70.23 53.22 75.15
C LYS A 1173 -70.95 54.21 74.25
N GLY A 1174 -71.28 55.38 74.81
CA GLY A 1174 -71.90 56.43 73.99
C GLY A 1174 -71.00 56.91 72.88
N ILE A 1175 -69.71 57.08 73.18
CA ILE A 1175 -68.77 57.52 72.13
C ILE A 1175 -68.65 56.45 71.04
N LEU A 1176 -68.61 55.19 71.43
CA LEU A 1176 -68.55 54.10 70.46
C LEU A 1176 -69.78 54.10 69.57
N GLU A 1177 -70.96 54.27 70.17
CA GLU A 1177 -72.19 54.33 69.37
C GLU A 1177 -72.19 55.56 68.48
N ARG A 1178 -71.66 56.69 68.97
CA ARG A 1178 -71.58 57.89 68.16
C ARG A 1178 -70.69 57.67 66.95
N LEU A 1179 -69.55 57.00 67.14
CA LEU A 1179 -68.68 56.71 66.01
C LEU A 1179 -69.33 55.73 65.04
N ASN A 1180 -70.07 54.75 65.57
CA ASN A 1180 -70.78 53.82 64.71
C ASN A 1180 -71.82 54.55 63.86
N LYS A 1181 -72.50 55.52 64.45
CA LYS A 1181 -73.39 56.38 63.66
C LYS A 1181 -72.59 57.22 62.66
N MET A 1182 -71.43 57.71 63.07
CA MET A 1182 -70.60 58.57 62.24
C MET A 1182 -70.11 57.84 61.00
N CYS A 1183 -69.98 56.52 61.06
CA CYS A 1183 -69.47 55.78 59.91
C CYS A 1183 -70.20 56.19 58.63
N GLY A 1184 -71.51 56.42 58.73
CA GLY A 1184 -72.29 56.92 57.62
C GLY A 1184 -73.06 55.84 56.89
N VAL A 1185 -73.94 56.29 56.00
CA VAL A 1185 -74.76 55.42 55.17
C VAL A 1185 -74.57 55.80 53.72
N GLY A 1186 -74.67 54.80 52.84
CA GLY A 1186 -74.41 55.00 51.43
C GLY A 1186 -72.97 54.71 51.09
N GLU A 1187 -72.71 54.19 49.89
CA GLU A 1187 -71.35 53.78 49.55
C GLU A 1187 -70.44 54.98 49.36
N GLN A 1188 -70.90 56.01 48.63
CA GLN A 1188 -70.08 57.19 48.43
C GLN A 1188 -69.82 57.93 49.74
N MET A 1189 -70.86 58.10 50.56
CA MET A 1189 -70.68 58.74 51.86
C MET A 1189 -69.73 57.93 52.72
N ARG A 1190 -69.86 56.60 52.69
CA ARG A 1190 -68.96 55.75 53.46
C ARG A 1190 -67.52 55.90 52.98
N LYS A 1191 -67.30 56.00 51.67
CA LYS A 1191 -65.95 56.18 51.16
C LYS A 1191 -65.36 57.51 51.61
N LYS A 1192 -66.15 58.59 51.54
CA LYS A 1192 -65.66 59.88 52.02
C LYS A 1192 -65.34 59.82 53.52
N GLN A 1193 -66.22 59.20 54.30
CA GLN A 1193 -66.00 59.10 55.74
C GLN A 1193 -64.79 58.23 56.05
N GLN A 1194 -64.54 57.21 55.22
CA GLN A 1194 -63.36 56.37 55.44
C GLN A 1194 -62.09 57.11 55.10
N ARG A 1195 -62.12 57.95 54.06
CA ARG A 1195 -60.97 58.82 53.79
C ARG A 1195 -60.72 59.75 54.97
N LEU A 1196 -61.79 60.34 55.52
CA LEU A 1196 -61.64 61.20 56.67
C LEU A 1196 -61.07 60.43 57.86
N LEU A 1197 -61.53 59.19 58.08
CA LEU A 1197 -61.04 58.39 59.19
C LEU A 1197 -59.57 58.05 59.01
N LYS A 1198 -59.17 57.67 57.79
CA LYS A 1198 -57.77 57.42 57.53
C LYS A 1198 -56.93 58.66 57.83
N ASN A 1199 -57.44 59.83 57.45
CA ASN A 1199 -56.74 61.07 57.78
C ASN A 1199 -56.66 61.26 59.29
N MET A 1200 -57.75 60.92 60.01
CA MET A 1200 -57.78 61.07 61.45
C MET A 1200 -56.75 60.20 62.14
N ASP A 1201 -56.60 58.96 61.67
CA ASP A 1201 -55.82 57.92 62.34
C ASP A 1201 -56.52 57.35 63.56
N ALA A 1202 -57.86 57.44 63.61
CA ALA A 1202 -58.60 56.87 64.72
C ALA A 1202 -58.40 55.37 64.83
N HIS A 1203 -58.06 54.72 63.71
CA HIS A 1203 -57.84 53.28 63.71
C HIS A 1203 -56.81 52.87 64.75
N LYS A 1204 -55.80 53.71 64.99
CA LYS A 1204 -54.78 53.37 65.97
C LYS A 1204 -55.37 53.40 67.38
N VAL A 1205 -56.15 54.43 67.69
CA VAL A 1205 -56.81 54.51 69.00
C VAL A 1205 -57.73 53.32 69.20
N MET A 1206 -58.44 52.91 68.15
CA MET A 1206 -59.32 51.76 68.26
C MET A 1206 -58.53 50.48 68.51
N LEU A 1207 -57.40 50.32 67.84
CA LEU A 1207 -56.57 49.15 68.08
C LEU A 1207 -56.05 49.12 69.51
N ASP A 1208 -55.64 50.27 70.05
CA ASP A 1208 -55.24 50.29 71.46
C ASP A 1208 -56.42 49.97 72.38
N LEU A 1209 -57.60 50.48 72.04
CA LEU A 1209 -58.78 50.16 72.83
C LEU A 1209 -59.01 48.65 72.88
N LEU A 1210 -58.86 47.98 71.73
CA LEU A 1210 -58.94 46.52 71.74
C LEU A 1210 -57.82 45.92 72.58
N GLN A 1211 -56.61 46.49 72.47
CA GLN A 1211 -55.47 45.98 73.22
C GLN A 1211 -55.63 46.12 74.73
N ILE A 1212 -56.55 46.98 75.18
CA ILE A 1212 -56.72 47.24 76.61
C ILE A 1212 -56.98 45.92 77.33
N PRO A 1213 -56.35 45.66 78.48
CA PRO A 1213 -56.60 44.40 79.18
C PRO A 1213 -57.99 44.34 79.78
N TYR A 1214 -58.47 43.12 80.01
CA TYR A 1214 -59.78 42.91 80.61
C TYR A 1214 -59.94 41.45 81.00
N ASP A 1215 -61.07 41.15 81.64
CA ASP A 1215 -61.42 39.81 82.07
C ASP A 1215 -62.80 39.44 81.55
N LYS A 1216 -63.04 38.13 81.42
CA LYS A 1216 -64.26 37.64 80.80
C LYS A 1216 -65.51 38.18 81.52
N GLY A 1217 -65.41 38.45 82.81
CA GLY A 1217 -66.60 38.80 83.58
C GLY A 1217 -67.15 40.18 83.27
N ASP A 1218 -66.34 41.05 82.67
CA ASP A 1218 -66.73 42.44 82.44
C ASP A 1218 -67.62 42.51 81.20
N ALA A 1219 -68.92 42.39 81.42
CA ALA A 1219 -69.88 42.39 80.31
C ALA A 1219 -69.97 43.78 79.68
N LYS A 1220 -69.87 44.84 80.48
CA LYS A 1220 -69.85 46.18 79.91
C LYS A 1220 -68.67 46.35 78.97
N MET A 1221 -67.51 45.82 79.36
CA MET A 1221 -66.33 45.93 78.52
C MET A 1221 -66.46 45.07 77.28
N MET A 1222 -67.10 43.89 77.39
CA MET A 1222 -67.30 43.07 76.21
C MET A 1222 -68.25 43.75 75.23
N GLU A 1223 -69.26 44.45 75.75
CA GLU A 1223 -70.12 45.26 74.89
C GLU A 1223 -69.33 46.35 74.18
N ILE A 1224 -68.44 47.03 74.92
CA ILE A 1224 -67.61 48.05 74.30
C ILE A 1224 -66.72 47.44 73.22
N LEU A 1225 -66.19 46.24 73.47
CA LEU A 1225 -65.37 45.57 72.47
C LEU A 1225 -66.18 45.22 71.23
N ARG A 1226 -67.43 44.79 71.42
CA ARG A 1226 -68.28 44.52 70.27
C ARG A 1226 -68.51 45.78 69.45
N TYR A 1227 -68.76 46.91 70.11
CA TYR A 1227 -68.91 48.17 69.40
C TYR A 1227 -67.64 48.53 68.64
N THR A 1228 -66.48 48.35 69.29
CA THR A 1228 -65.22 48.67 68.63
C THR A 1228 -64.99 47.78 67.41
N HIS A 1229 -65.33 46.51 67.52
CA HIS A 1229 -65.20 45.61 66.38
C HIS A 1229 -66.11 46.03 65.24
N GLN A 1230 -67.35 46.45 65.57
CA GLN A 1230 -68.24 46.96 64.54
C GLN A 1230 -67.65 48.20 63.87
N PHE A 1231 -67.06 49.10 64.65
CA PHE A 1231 -66.46 50.28 64.06
C PHE A 1231 -65.30 49.93 63.14
N LEU A 1232 -64.45 48.99 63.55
CA LEU A 1232 -63.36 48.56 62.69
C LEU A 1232 -63.90 47.91 61.42
N GLN A 1233 -65.00 47.16 61.54
CA GLN A 1233 -65.66 46.61 60.36
C GLN A 1233 -66.10 47.72 59.41
N LYS A 1234 -66.72 48.76 59.95
CA LYS A 1234 -67.15 49.87 59.12
C LYS A 1234 -65.94 50.54 58.46
N PHE A 1235 -64.83 50.64 59.19
CA PHE A 1235 -63.62 51.20 58.62
C PHE A 1235 -63.11 50.37 57.45
N CYS A 1236 -63.15 49.04 57.59
CA CYS A 1236 -62.63 48.15 56.56
C CYS A 1236 -63.64 47.85 55.46
N ALA A 1237 -64.86 48.37 55.59
CA ALA A 1237 -65.92 48.07 54.63
C ALA A 1237 -65.56 48.64 53.26
N GLY A 1238 -65.20 47.76 52.33
CA GLY A 1238 -64.93 48.16 50.96
C GLY A 1238 -63.84 49.19 50.83
N ASN A 1239 -62.76 49.03 51.58
CA ASN A 1239 -61.61 49.94 51.51
C ASN A 1239 -60.32 49.14 51.50
N PRO A 1240 -59.69 48.93 50.34
CA PRO A 1240 -58.44 48.14 50.33
C PRO A 1240 -57.35 48.73 51.21
N GLY A 1241 -57.24 50.06 51.25
CA GLY A 1241 -56.23 50.66 52.12
C GLY A 1241 -56.46 50.36 53.58
N ASN A 1242 -57.70 50.51 54.04
CA ASN A 1242 -58.00 50.21 55.44
C ASN A 1242 -57.80 48.73 55.72
N GLN A 1243 -58.12 47.86 54.76
CA GLN A 1243 -57.89 46.43 54.94
C GLN A 1243 -56.41 46.13 55.08
N ALA A 1244 -55.57 46.78 54.27
CA ALA A 1244 -54.12 46.62 54.42
C ALA A 1244 -53.65 47.13 55.77
N LEU A 1245 -54.20 48.25 56.22
CA LEU A 1245 -53.84 48.77 57.53
C LEU A 1245 -54.18 47.77 58.63
N LEU A 1246 -55.36 47.15 58.55
CA LEU A 1246 -55.71 46.12 59.52
C LEU A 1246 -54.76 44.93 59.42
N HIS A 1247 -54.40 44.54 58.19
CA HIS A 1247 -53.44 43.45 58.02
C HIS A 1247 -52.13 43.78 58.72
N LYS A 1248 -51.74 45.05 58.72
CA LYS A 1248 -50.49 45.43 59.37
C LYS A 1248 -50.48 45.01 60.84
N HIS A 1249 -51.60 45.17 61.53
CA HIS A 1249 -51.71 44.82 62.94
C HIS A 1249 -52.58 43.58 63.16
N LEU A 1250 -52.68 42.72 62.15
CA LEU A 1250 -53.50 41.52 62.28
C LEU A 1250 -53.07 40.64 63.46
N HIS A 1251 -51.80 40.71 63.84
CA HIS A 1251 -51.31 39.86 64.93
C HIS A 1251 -52.17 40.03 66.19
N LEU A 1252 -52.58 41.27 66.48
CA LEU A 1252 -53.50 41.49 67.58
C LEU A 1252 -54.83 40.81 67.32
N PHE A 1253 -55.30 40.85 66.08
CA PHE A 1253 -56.61 40.30 65.74
C PHE A 1253 -56.63 38.78 65.91
N LEU A 1254 -55.48 38.13 65.82
CA LEU A 1254 -55.41 36.67 65.92
C LEU A 1254 -55.58 36.28 67.39
N THR A 1255 -56.80 35.95 67.77
CA THR A 1255 -57.12 35.58 69.15
C THR A 1255 -58.12 34.44 69.11
N PRO A 1256 -58.29 33.71 70.24
CA PRO A 1256 -59.32 32.67 70.32
C PRO A 1256 -60.70 33.22 70.66
N GLY A 1257 -61.10 34.26 69.93
CA GLY A 1257 -62.39 34.89 70.14
C GLY A 1257 -63.23 34.92 68.87
N LEU A 1258 -64.52 34.60 68.99
CA LEU A 1258 -65.37 34.52 67.81
C LEU A 1258 -65.63 35.90 67.22
N LEU A 1259 -65.77 36.92 68.08
CA LEU A 1259 -65.92 38.28 67.58
C LEU A 1259 -64.67 38.73 66.82
N GLU A 1260 -63.49 38.43 67.36
CA GLU A 1260 -62.26 38.78 66.66
C GLU A 1260 -62.14 38.01 65.35
N ALA A 1261 -62.55 36.74 65.34
CA ALA A 1261 -62.50 35.96 64.11
C ALA A 1261 -63.43 36.55 63.05
N GLU A 1262 -64.64 36.97 63.45
CA GLU A 1262 -65.54 37.61 62.50
C GLU A 1262 -64.96 38.91 61.98
N THR A 1263 -64.37 39.72 62.87
CA THR A 1263 -63.75 40.95 62.42
C THR A 1263 -62.60 40.66 61.45
N MET A 1264 -61.88 39.56 61.67
CA MET A 1264 -60.83 39.16 60.75
C MET A 1264 -61.41 38.75 59.41
N GLN A 1265 -62.54 38.05 59.42
CA GLN A 1265 -63.23 37.71 58.17
C GLN A 1265 -63.57 38.97 57.39
N HIS A 1266 -64.09 39.98 58.07
CA HIS A 1266 -64.41 41.24 57.39
C HIS A 1266 -63.15 41.97 56.95
N ILE A 1267 -62.05 41.81 57.70
CA ILE A 1267 -60.77 42.38 57.27
C ILE A 1267 -60.33 41.78 55.95
N PHE A 1268 -60.42 40.46 55.83
CA PHE A 1268 -59.98 39.75 54.64
C PHE A 1268 -61.03 39.71 53.54
N LEU A 1269 -62.22 40.26 53.79
CA LEU A 1269 -63.28 40.25 52.78
C LEU A 1269 -62.83 40.93 51.50
N ASN A 1270 -63.03 40.25 50.38
CA ASN A 1270 -62.83 40.83 49.05
C ASN A 1270 -61.46 41.49 48.91
N ASN A 1271 -60.40 40.70 49.15
CA ASN A 1271 -59.02 41.14 48.95
C ASN A 1271 -58.23 39.97 48.37
N TYR A 1272 -58.19 39.88 47.04
CA TYR A 1272 -57.53 38.76 46.40
C TYR A 1272 -56.03 38.79 46.62
N GLN A 1273 -55.44 39.98 46.67
CA GLN A 1273 -54.00 40.07 46.95
C GLN A 1273 -53.69 39.54 48.35
N LEU A 1274 -54.51 39.90 49.34
CA LEU A 1274 -54.31 39.38 50.69
C LEU A 1274 -54.52 37.88 50.73
N CYS A 1275 -55.50 37.37 49.98
CA CYS A 1275 -55.68 35.92 49.90
C CYS A 1275 -54.45 35.26 49.30
N SER A 1276 -53.88 35.86 48.26
CA SER A 1276 -52.68 35.30 47.63
C SER A 1276 -51.51 35.27 48.60
N GLU A 1277 -51.32 36.33 49.36
CA GLU A 1277 -50.26 36.40 50.35
C GLU A 1277 -50.68 35.89 51.72
N ILE A 1278 -51.80 35.14 51.78
CA ILE A 1278 -52.26 34.59 53.05
C ILE A 1278 -51.20 33.68 53.63
N SER A 1279 -51.28 33.44 54.94
CA SER A 1279 -50.24 32.71 55.65
C SER A 1279 -50.71 31.33 56.08
N GLU A 1280 -49.95 30.32 55.67
CA GLU A 1280 -50.21 28.96 56.16
C GLU A 1280 -50.21 28.92 57.69
N PRO A 1281 -49.35 29.66 58.40
CA PRO A 1281 -49.49 29.70 59.86
C PRO A 1281 -50.85 30.20 60.33
N VAL A 1282 -51.43 31.18 59.64
CA VAL A 1282 -52.77 31.65 60.00
C VAL A 1282 -53.79 30.54 59.77
N LEU A 1283 -53.67 29.84 58.64
CA LEU A 1283 -54.56 28.70 58.40
C LEU A 1283 -54.41 27.66 59.50
N GLN A 1284 -53.17 27.41 59.93
CA GLN A 1284 -52.92 26.46 61.00
C GLN A 1284 -53.57 26.93 62.30
N HIS A 1285 -53.50 28.22 62.58
CA HIS A 1285 -54.16 28.76 63.77
C HIS A 1285 -55.66 28.51 63.71
N PHE A 1286 -56.27 28.78 62.57
CA PHE A 1286 -57.71 28.60 62.44
C PHE A 1286 -58.11 27.13 62.62
N VAL A 1287 -57.38 26.23 61.97
CA VAL A 1287 -57.71 24.81 62.07
C VAL A 1287 -57.45 24.30 63.48
N HIS A 1288 -56.41 24.83 64.14
CA HIS A 1288 -56.16 24.45 65.53
C HIS A 1288 -57.30 24.89 66.44
N LEU A 1289 -57.82 26.10 66.23
CA LEU A 1289 -58.98 26.53 67.00
C LEU A 1289 -60.17 25.62 66.76
N LEU A 1290 -60.41 25.27 65.49
CA LEU A 1290 -61.52 24.36 65.19
C LEU A 1290 -61.33 23.01 65.87
N ALA A 1291 -60.11 22.46 65.83
CA ALA A 1291 -59.86 21.17 66.46
C ALA A 1291 -60.05 21.26 67.97
N THR A 1292 -59.57 22.34 68.58
CA THR A 1292 -59.72 22.48 70.03
C THR A 1292 -61.18 22.56 70.42
N HIS A 1293 -61.94 23.46 69.79
CA HIS A 1293 -63.34 23.63 70.16
C HIS A 1293 -64.28 23.33 68.99
N GLY A 1294 -64.09 24.01 67.87
CA GLY A 1294 -64.99 23.83 66.75
C GLY A 1294 -66.44 24.10 67.12
N ARG A 1295 -66.68 25.12 67.94
CA ARG A 1295 -68.02 25.30 68.51
C ARG A 1295 -69.02 25.74 67.46
N HIS A 1296 -68.68 26.75 66.66
CA HIS A 1296 -69.66 27.44 65.84
C HIS A 1296 -69.11 27.65 64.44
N VAL A 1297 -69.93 28.29 63.60
CA VAL A 1297 -69.66 28.33 62.17
C VAL A 1297 -68.73 29.48 61.76
N GLN A 1298 -68.28 30.31 62.70
CA GLN A 1298 -67.52 31.49 62.33
C GLN A 1298 -66.13 31.12 61.82
N TYR A 1299 -65.49 30.14 62.47
CA TYR A 1299 -64.18 29.71 62.02
C TYR A 1299 -64.25 29.14 60.61
N LEU A 1300 -65.30 28.36 60.33
CA LEU A 1300 -65.49 27.83 58.99
C LEU A 1300 -65.83 28.93 57.99
N ASP A 1301 -66.59 29.94 58.43
CA ASP A 1301 -66.96 31.03 57.55
C ASP A 1301 -65.74 31.83 57.13
N PHE A 1302 -64.77 31.99 58.03
CA PHE A 1302 -63.54 32.66 57.64
C PHE A 1302 -62.88 31.95 56.46
N LEU A 1303 -62.72 30.63 56.54
CA LEU A 1303 -62.13 29.88 55.45
C LEU A 1303 -62.99 29.95 54.20
N HIS A 1304 -64.31 29.94 54.37
CA HIS A 1304 -65.21 30.05 53.23
C HIS A 1304 -64.98 31.36 52.49
N THR A 1305 -64.84 32.46 53.24
CA THR A 1305 -64.55 33.74 52.61
C THR A 1305 -63.17 33.72 51.94
N VAL A 1306 -62.19 33.10 52.58
CA VAL A 1306 -60.85 33.03 51.99
C VAL A 1306 -60.89 32.28 50.66
N ILE A 1307 -61.72 31.24 50.56
CA ILE A 1307 -61.68 30.37 49.39
C ILE A 1307 -61.89 31.17 48.11
N LYS A 1308 -62.90 32.04 48.09
CA LYS A 1308 -63.24 32.81 46.90
C LYS A 1308 -63.14 34.30 47.20
N ALA A 1309 -62.52 35.03 46.28
CA ALA A 1309 -62.38 36.48 46.38
C ALA A 1309 -62.48 37.09 44.99
N GLU A 1310 -63.26 38.17 44.88
CA GLU A 1310 -63.45 38.87 43.61
C GLU A 1310 -63.92 37.91 42.51
N GLY A 1311 -64.74 36.94 42.89
CA GLY A 1311 -65.16 35.93 41.94
C GLY A 1311 -64.00 35.15 41.36
N LYS A 1312 -62.98 34.88 42.16
CA LYS A 1312 -61.79 34.16 41.73
C LYS A 1312 -61.42 33.13 42.78
N TYR A 1313 -60.80 32.03 42.32
CA TYR A 1313 -60.50 30.89 43.17
C TYR A 1313 -58.99 30.73 43.31
N VAL A 1314 -58.57 30.07 44.38
CA VAL A 1314 -57.15 29.87 44.67
C VAL A 1314 -56.94 28.39 44.99
N LYS A 1315 -56.33 27.67 44.05
CA LYS A 1315 -56.17 26.23 44.19
C LYS A 1315 -55.30 25.88 45.40
N LYS A 1316 -54.23 26.65 45.65
CA LYS A 1316 -53.38 26.34 46.78
C LYS A 1316 -54.14 26.51 48.09
N CYS A 1317 -54.98 27.54 48.19
CA CYS A 1317 -55.79 27.73 49.39
C CYS A 1317 -56.76 26.57 49.58
N GLN A 1318 -57.44 26.16 48.52
CA GLN A 1318 -58.37 25.03 48.64
C GLN A 1318 -57.63 23.76 49.05
N ASP A 1319 -56.47 23.52 48.44
CA ASP A 1319 -55.69 22.33 48.78
C ASP A 1319 -55.23 22.37 50.22
N MET A 1320 -54.78 23.53 50.70
CA MET A 1320 -54.38 23.63 52.10
C MET A 1320 -55.56 23.36 53.03
N ILE A 1321 -56.74 23.88 52.67
CA ILE A 1321 -57.92 23.64 53.50
C ILE A 1321 -58.21 22.14 53.58
N MET A 1322 -58.20 21.46 52.44
CA MET A 1322 -58.54 20.04 52.45
C MET A 1322 -57.47 19.21 53.16
N THR A 1323 -56.19 19.55 52.96
CA THR A 1323 -55.13 18.83 53.65
C THR A 1323 -55.25 19.02 55.16
N GLU A 1324 -55.52 20.24 55.62
CA GLU A 1324 -55.70 20.47 57.04
C GLU A 1324 -56.90 19.70 57.58
N LEU A 1325 -57.99 19.64 56.80
CA LEU A 1325 -59.14 18.86 57.21
C LEU A 1325 -58.76 17.40 57.39
N THR A 1326 -58.00 16.85 56.44
CA THR A 1326 -57.59 15.45 56.53
C THR A 1326 -56.69 15.22 57.72
N ASN A 1327 -55.73 16.12 57.97
CA ASN A 1327 -54.84 15.95 59.12
C ASN A 1327 -55.65 15.98 60.42
N ALA A 1328 -56.61 16.90 60.52
CA ALA A 1328 -57.46 16.94 61.71
C ALA A 1328 -58.25 15.65 61.86
N GLY A 1329 -58.76 15.11 60.77
CA GLY A 1329 -59.41 13.81 60.79
C GLY A 1329 -60.91 13.88 60.90
N ASP A 1330 -61.50 12.70 61.10
CA ASP A 1330 -62.95 12.58 61.09
C ASP A 1330 -63.59 13.42 62.19
N ASP A 1331 -62.88 13.65 63.29
CA ASP A 1331 -63.47 14.35 64.43
C ASP A 1331 -63.95 15.74 64.03
N VAL A 1332 -63.10 16.52 63.35
CA VAL A 1332 -63.50 17.86 62.95
C VAL A 1332 -64.61 17.81 61.91
N VAL A 1333 -64.51 16.88 60.96
CA VAL A 1333 -65.50 16.77 59.89
C VAL A 1333 -66.61 15.83 60.35
N VAL A 1334 -67.60 16.38 61.06
CA VAL A 1334 -68.66 15.56 61.62
C VAL A 1334 -69.60 15.10 60.51
N PHE A 1335 -69.87 13.80 60.48
CA PHE A 1335 -70.88 13.24 59.60
C PHE A 1335 -71.90 12.46 60.42
N TYR A 1336 -72.99 12.08 59.76
CA TYR A 1336 -73.99 11.19 60.33
C TYR A 1336 -74.26 10.00 59.41
N ASN A 1337 -73.23 9.54 58.70
CA ASN A 1337 -73.42 8.47 57.72
C ASN A 1337 -73.89 7.18 58.37
N ASP A 1338 -73.29 6.80 59.49
CA ASP A 1338 -73.72 5.60 60.22
C ASP A 1338 -75.22 5.71 60.50
N LYS A 1339 -75.86 4.55 60.67
CA LYS A 1339 -77.32 4.56 60.87
C LYS A 1339 -77.69 5.21 62.20
N ALA A 1340 -76.94 4.95 63.26
CA ALA A 1340 -77.27 5.55 64.56
C ALA A 1340 -77.03 7.06 64.54
N SER A 1341 -75.90 7.49 63.97
CA SER A 1341 -75.65 8.91 63.85
C SER A 1341 -76.70 9.58 62.97
N LEU A 1342 -77.14 8.88 61.92
CA LEU A 1342 -78.20 9.40 61.07
C LEU A 1342 -79.52 9.51 61.83
N ALA A 1343 -79.79 8.56 62.73
CA ALA A 1343 -81.00 8.63 63.54
C ALA A 1343 -80.94 9.83 64.48
N HIS A 1344 -79.77 10.08 65.08
CA HIS A 1344 -79.62 11.28 65.93
C HIS A 1344 -79.80 12.54 65.10
N LEU A 1345 -79.20 12.58 63.91
CA LEU A 1345 -79.40 13.70 63.00
C LEU A 1345 -80.86 13.87 62.66
N LEU A 1346 -81.58 12.76 62.46
CA LEU A 1346 -83.00 12.81 62.14
C LEU A 1346 -83.80 13.39 63.30
N ASP A 1347 -83.46 12.99 64.53
CA ASP A 1347 -84.14 13.55 65.70
C ASP A 1347 -83.90 15.06 65.79
N MET A 1348 -82.66 15.49 65.59
CA MET A 1348 -82.37 16.92 65.62
C MET A 1348 -83.09 17.66 64.50
N MET A 1349 -83.14 17.05 63.31
CA MET A 1349 -83.81 17.67 62.17
C MET A 1349 -85.31 17.79 62.43
N LYS A 1350 -85.90 16.78 63.06
CA LYS A 1350 -87.31 16.86 63.42
C LYS A 1350 -87.54 17.94 64.46
N ALA A 1351 -86.65 18.05 65.43
CA ALA A 1351 -86.77 19.11 66.44
C ALA A 1351 -86.71 20.49 65.79
N ALA A 1352 -85.80 20.68 64.84
CA ALA A 1352 -85.64 21.94 64.13
C ALA A 1352 -86.47 22.00 62.86
N ARG A 1353 -87.44 21.09 62.69
CA ARG A 1353 -88.22 21.04 61.46
C ARG A 1353 -88.97 22.34 61.25
N ASP A 1354 -89.55 22.90 62.32
CA ASP A 1354 -90.20 24.20 62.21
C ASP A 1354 -89.19 25.27 61.85
N GLY A 1355 -88.00 25.21 62.44
CA GLY A 1355 -86.96 26.17 62.14
C GLY A 1355 -85.64 25.72 62.72
N VAL A 1356 -84.56 26.28 62.16
CA VAL A 1356 -83.19 25.96 62.58
C VAL A 1356 -82.57 27.21 63.18
N GLU A 1357 -81.87 27.02 64.30
CA GLU A 1357 -81.21 28.14 64.96
C GLU A 1357 -80.01 28.59 64.14
N ASP A 1358 -79.63 29.86 64.33
CA ASP A 1358 -78.47 30.39 63.62
C ASP A 1358 -77.21 29.63 63.98
N HIS A 1359 -77.12 29.14 65.23
CA HIS A 1359 -75.94 28.44 65.72
C HIS A 1359 -76.25 27.02 66.18
N SER A 1360 -77.23 26.37 65.57
CA SER A 1360 -77.55 25.00 65.96
C SER A 1360 -76.43 24.06 65.53
N PRO A 1361 -76.24 22.93 66.21
CA PRO A 1361 -75.23 21.97 65.75
C PRO A 1361 -75.53 21.42 64.35
N LEU A 1362 -76.82 21.26 64.02
CA LEU A 1362 -77.19 20.89 62.67
C LEU A 1362 -76.73 21.95 61.67
N MET A 1363 -76.93 23.23 62.03
CA MET A 1363 -76.46 24.31 61.16
C MET A 1363 -74.95 24.28 61.05
N TYR A 1364 -74.25 23.91 62.13
CA TYR A 1364 -72.79 23.83 62.07
C TYR A 1364 -72.34 22.73 61.12
N HIS A 1365 -72.99 21.57 61.17
CA HIS A 1365 -72.66 20.50 60.23
C HIS A 1365 -72.97 20.94 58.80
N ILE A 1366 -74.08 21.64 58.61
CA ILE A 1366 -74.43 22.13 57.28
C ILE A 1366 -73.37 23.09 56.77
N SER A 1367 -72.89 24.00 57.64
CA SER A 1367 -71.86 24.93 57.23
C SER A 1367 -70.56 24.20 56.91
N LEU A 1368 -70.25 23.14 57.66
CA LEU A 1368 -69.08 22.33 57.34
C LEU A 1368 -69.21 21.72 55.94
N VAL A 1369 -70.40 21.19 55.63
CA VAL A 1369 -70.62 20.62 54.31
C VAL A 1369 -70.51 21.71 53.24
N ASP A 1370 -71.00 22.91 53.55
CA ASP A 1370 -70.89 24.01 52.60
C ASP A 1370 -69.44 24.41 52.36
N LEU A 1371 -68.61 24.39 53.41
CA LEU A 1371 -67.20 24.67 53.24
C LEU A 1371 -66.53 23.61 52.39
N LEU A 1372 -66.90 22.35 52.59
CA LEU A 1372 -66.37 21.29 51.74
C LEU A 1372 -66.81 21.50 50.29
N ALA A 1373 -68.04 21.95 50.08
CA ALA A 1373 -68.49 22.28 48.72
C ALA A 1373 -67.69 23.45 48.16
N ALA A 1374 -67.33 24.41 49.00
CA ALA A 1374 -66.50 25.52 48.57
C ALA A 1374 -65.15 25.02 48.10
N CYS A 1375 -64.56 24.09 48.84
CA CYS A 1375 -63.33 23.44 48.38
C CYS A 1375 -63.55 22.72 47.06
N ALA A 1376 -64.71 22.06 46.92
CA ALA A 1376 -65.01 21.32 45.70
C ALA A 1376 -65.08 22.24 44.48
N GLU A 1377 -65.62 23.44 44.66
CA GLU A 1377 -65.73 24.37 43.54
C GLU A 1377 -64.38 24.54 42.86
N GLY A 1378 -64.43 24.77 41.54
CA GLY A 1378 -63.24 25.07 40.77
C GLY A 1378 -62.65 23.92 39.99
N LYS A 1379 -63.37 22.80 39.86
CA LYS A 1379 -62.89 21.63 39.11
C LYS A 1379 -61.43 21.31 39.47
N ASN A 1380 -61.15 21.32 40.76
CA ASN A 1380 -59.80 21.09 41.27
C ASN A 1380 -59.61 19.58 41.43
N VAL A 1381 -58.91 18.97 40.46
CA VAL A 1381 -58.82 17.51 40.41
C VAL A 1381 -58.12 16.96 41.64
N TYR A 1382 -57.02 17.60 42.06
CA TYR A 1382 -56.23 17.07 43.16
C TYR A 1382 -57.07 16.97 44.43
N THR A 1383 -57.72 18.08 44.81
CA THR A 1383 -58.59 18.03 45.99
C THR A 1383 -59.91 17.35 45.68
N GLU A 1384 -60.29 17.25 44.40
CA GLU A 1384 -61.41 16.41 44.00
C GLU A 1384 -61.21 14.97 44.48
N ILE A 1385 -60.00 14.44 44.34
CA ILE A 1385 -59.74 13.08 44.80
C ILE A 1385 -60.08 12.96 46.27
N LYS A 1386 -59.63 13.92 47.08
CA LYS A 1386 -59.88 13.87 48.51
C LYS A 1386 -61.37 14.01 48.81
N CYS A 1387 -62.08 14.85 48.05
CA CYS A 1387 -63.51 15.00 48.28
C CYS A 1387 -64.27 13.71 47.97
N THR A 1388 -63.91 13.05 46.87
CA THR A 1388 -64.55 11.78 46.52
C THR A 1388 -64.29 10.73 47.58
N SER A 1389 -63.05 10.66 48.08
CA SER A 1389 -62.77 9.76 49.19
C SER A 1389 -63.49 10.21 50.46
N LEU A 1390 -63.75 11.51 50.59
CA LEU A 1390 -64.37 12.05 51.79
C LEU A 1390 -65.81 11.58 51.92
N LEU A 1391 -66.59 11.73 50.86
CA LEU A 1391 -68.01 11.41 50.97
C LEU A 1391 -68.50 10.55 49.81
N PRO A 1392 -69.30 9.53 50.08
CA PRO A 1392 -69.93 8.76 49.00
C PRO A 1392 -71.30 9.33 48.61
N LEU A 1393 -71.70 9.04 47.37
CA LEU A 1393 -72.99 9.53 46.90
C LEU A 1393 -74.15 8.84 47.63
N GLU A 1394 -73.89 7.66 48.22
CA GLU A 1394 -74.98 6.90 48.82
C GLU A 1394 -75.49 7.56 50.09
N ASP A 1395 -74.58 8.12 50.91
CA ASP A 1395 -75.01 8.81 52.11
C ASP A 1395 -75.83 10.05 51.77
N VAL A 1396 -75.37 10.82 50.79
CA VAL A 1396 -76.13 11.98 50.33
C VAL A 1396 -77.49 11.53 49.81
N VAL A 1397 -77.53 10.40 49.11
CA VAL A 1397 -78.78 9.88 48.59
C VAL A 1397 -79.73 9.54 49.73
N SER A 1398 -79.21 8.88 50.77
CA SER A 1398 -80.05 8.50 51.90
C SER A 1398 -80.63 9.74 52.57
N VAL A 1399 -79.79 10.73 52.86
CA VAL A 1399 -80.29 11.93 53.53
C VAL A 1399 -81.30 12.65 52.65
N VAL A 1400 -81.03 12.76 51.35
CA VAL A 1400 -81.94 13.47 50.46
C VAL A 1400 -83.28 12.74 50.37
N THR A 1401 -83.25 11.42 50.23
CA THR A 1401 -84.46 10.62 50.09
C THR A 1401 -85.19 10.39 51.40
N HIS A 1402 -84.60 10.78 52.53
CA HIS A 1402 -85.30 10.69 53.80
C HIS A 1402 -86.69 11.32 53.67
N GLU A 1403 -87.64 10.80 54.45
CA GLU A 1403 -89.01 11.29 54.34
C GLU A 1403 -89.10 12.78 54.66
N ASP A 1404 -88.38 13.22 55.69
CA ASP A 1404 -88.34 14.63 56.09
C ASP A 1404 -86.89 15.09 56.07
N CYS A 1405 -86.56 15.94 55.10
CA CYS A 1405 -85.23 16.52 54.99
C CYS A 1405 -85.35 18.04 54.97
N ILE A 1406 -84.46 18.70 55.73
CA ILE A 1406 -84.48 20.17 55.76
C ILE A 1406 -84.21 20.71 54.37
N THR A 1407 -84.95 21.75 53.99
CA THR A 1407 -84.74 22.35 52.68
C THR A 1407 -83.33 22.89 52.55
N GLU A 1408 -82.82 23.54 53.60
CA GLU A 1408 -81.45 24.04 53.58
C GLU A 1408 -80.44 22.90 53.42
N VAL A 1409 -80.67 21.79 54.13
CA VAL A 1409 -79.81 20.63 53.97
C VAL A 1409 -79.82 20.16 52.53
N LYS A 1410 -81.01 20.18 51.90
CA LYS A 1410 -81.10 19.74 50.52
C LYS A 1410 -80.37 20.68 49.58
N MET A 1411 -80.45 22.00 49.81
CA MET A 1411 -79.66 22.90 48.97
C MET A 1411 -78.17 22.65 49.15
N ALA A 1412 -77.75 22.44 50.40
CA ALA A 1412 -76.34 22.18 50.66
C ALA A 1412 -75.88 20.92 49.92
N TYR A 1413 -76.70 19.87 49.95
CA TYR A 1413 -76.30 18.61 49.31
C TYR A 1413 -76.35 18.73 47.79
N VAL A 1414 -77.33 19.46 47.25
CA VAL A 1414 -77.39 19.67 45.81
C VAL A 1414 -76.16 20.43 45.34
N ASN A 1415 -75.75 21.46 46.08
CA ASN A 1415 -74.54 22.19 45.75
C ASN A 1415 -73.32 21.29 45.87
N PHE A 1416 -73.29 20.46 46.91
CA PHE A 1416 -72.22 19.49 47.11
C PHE A 1416 -72.07 18.59 45.88
N VAL A 1417 -73.18 18.08 45.37
CA VAL A 1417 -73.12 17.27 44.16
C VAL A 1417 -72.74 18.12 42.96
N ASN A 1418 -73.23 19.36 42.91
CA ASN A 1418 -72.95 20.23 41.78
C ASN A 1418 -71.45 20.38 41.55
N HIS A 1419 -70.67 20.47 42.63
CA HIS A 1419 -69.23 20.61 42.47
C HIS A 1419 -68.41 19.35 42.68
N CYS A 1420 -68.72 18.53 43.69
CA CYS A 1420 -67.91 17.36 43.96
C CYS A 1420 -67.94 16.37 42.80
N TYR A 1421 -69.08 16.28 42.10
CA TYR A 1421 -69.29 15.24 41.10
C TYR A 1421 -69.50 15.80 39.70
N VAL A 1422 -70.34 16.84 39.55
CA VAL A 1422 -70.60 17.38 38.22
C VAL A 1422 -69.41 18.19 37.73
N ASP A 1423 -68.82 19.00 38.60
CA ASP A 1423 -67.71 19.87 38.23
C ASP A 1423 -66.37 19.16 38.18
N THR A 1424 -66.36 17.83 38.29
CA THR A 1424 -65.11 17.08 38.31
C THR A 1424 -64.30 17.34 37.06
N GLU A 1425 -63.02 17.66 37.24
CA GLU A 1425 -62.14 17.84 36.10
C GLU A 1425 -61.93 16.54 35.35
N VAL A 1426 -61.78 15.43 36.08
CA VAL A 1426 -61.63 14.10 35.51
C VAL A 1426 -62.91 13.33 35.77
N GLU A 1427 -63.27 12.43 34.85
CA GLU A 1427 -64.52 11.71 34.98
C GLU A 1427 -64.38 10.56 35.95
N MET A 1428 -65.33 10.47 36.88
CA MET A 1428 -65.43 9.35 37.82
C MET A 1428 -66.49 8.38 37.29
N LYS A 1429 -66.09 7.14 37.05
CA LYS A 1429 -67.02 6.16 36.49
C LYS A 1429 -68.21 5.93 37.41
N GLU A 1430 -68.01 6.13 38.72
CA GLU A 1430 -69.08 5.81 39.67
C GLU A 1430 -70.30 6.71 39.46
N ILE A 1431 -70.07 8.01 39.32
CA ILE A 1431 -71.21 8.93 39.14
C ILE A 1431 -71.96 8.59 37.85
N TYR A 1432 -71.22 8.32 36.78
CA TYR A 1432 -71.85 8.15 35.48
C TYR A 1432 -72.46 6.76 35.32
N THR A 1433 -72.11 5.82 36.18
CA THR A 1433 -72.78 4.53 36.24
C THR A 1433 -73.88 4.49 37.31
N SER A 1434 -73.94 5.49 38.18
CA SER A 1434 -74.93 5.53 39.24
C SER A 1434 -76.28 6.01 38.70
N ASN A 1435 -77.34 5.29 39.04
CA ASN A 1435 -78.71 5.74 38.82
C ASN A 1435 -79.24 6.53 40.00
N HIS A 1436 -78.42 6.75 41.02
CA HIS A 1436 -78.79 7.66 42.10
C HIS A 1436 -79.01 9.06 41.56
N ILE A 1437 -78.40 9.39 40.42
CA ILE A 1437 -78.68 10.68 39.78
C ILE A 1437 -80.13 10.74 39.34
N TRP A 1438 -80.65 9.65 38.77
CA TRP A 1438 -82.05 9.65 38.35
C TRP A 1438 -82.99 9.59 39.54
N THR A 1439 -82.57 8.92 40.61
CA THR A 1439 -83.34 8.98 41.85
C THR A 1439 -83.42 10.42 42.37
N LEU A 1440 -82.28 11.11 42.39
CA LEU A 1440 -82.26 12.51 42.79
C LEU A 1440 -83.08 13.36 41.83
N PHE A 1441 -83.17 12.95 40.57
CA PHE A 1441 -83.94 13.73 39.60
C PHE A 1441 -85.44 13.57 39.81
N GLU A 1442 -85.89 12.35 40.14
CA GLU A 1442 -87.30 12.20 40.50
C GLU A 1442 -87.61 12.96 41.78
N ASN A 1443 -86.67 12.96 42.73
CA ASN A 1443 -86.85 13.79 43.92
C ASN A 1443 -86.91 15.28 43.55
N PHE A 1444 -86.08 15.69 42.59
CA PHE A 1444 -86.09 17.07 42.12
C PHE A 1444 -87.43 17.42 41.50
N THR A 1445 -87.99 16.50 40.72
CA THR A 1445 -89.31 16.72 40.14
C THR A 1445 -90.37 16.82 41.22
N LEU A 1446 -90.26 16.00 42.27
CA LEU A 1446 -91.19 16.10 43.39
C LEU A 1446 -91.09 17.48 44.04
N ASP A 1447 -89.88 17.97 44.26
CA ASP A 1447 -89.70 19.28 44.87
C ASP A 1447 -90.21 20.39 43.96
N MET A 1448 -89.96 20.28 42.65
CA MET A 1448 -90.46 21.26 41.71
C MET A 1448 -91.98 21.29 41.71
N ALA A 1449 -92.60 20.11 41.74
CA ALA A 1449 -94.06 20.04 41.82
C ALA A 1449 -94.55 20.67 43.13
N ARG A 1450 -93.83 20.44 44.23
CA ARG A 1450 -94.20 21.06 45.49
C ARG A 1450 -94.16 22.58 45.38
N VAL A 1451 -93.11 23.12 44.80
CA VAL A 1451 -92.98 24.58 44.69
C VAL A 1451 -94.08 25.14 43.80
N CYS A 1452 -94.28 24.53 42.63
CA CYS A 1452 -95.29 25.02 41.69
C CYS A 1452 -96.68 24.92 42.29
N SER A 1453 -97.00 23.81 42.95
CA SER A 1453 -98.31 23.65 43.58
C SER A 1453 -98.47 24.61 44.75
N LYS A 1454 -97.38 24.92 45.45
CA LYS A 1454 -97.45 25.92 46.50
C LYS A 1454 -97.86 27.28 45.95
N ARG A 1455 -97.15 27.72 44.90
CA ARG A 1455 -97.49 29.03 44.31
C ARG A 1455 -98.87 29.00 43.66
N GLU A 1456 -99.30 27.83 43.19
CA GLU A 1456 -100.67 27.70 42.68
C GLU A 1456 -101.68 27.83 43.82
N LYS A 1457 -101.38 27.26 44.98
CA LYS A 1457 -102.20 27.38 46.17
C LYS A 1457 -102.13 28.75 46.81
N ARG A 1458 -101.20 29.60 46.36
CA ARG A 1458 -100.96 30.96 46.84
C ARG A 1458 -100.18 30.95 48.16
N VAL A 1459 -99.77 29.78 48.66
CA VAL A 1459 -98.95 29.66 49.86
C VAL A 1459 -97.70 28.89 49.47
N ALA A 1460 -96.53 29.47 49.74
CA ALA A 1460 -95.27 28.88 49.33
C ALA A 1460 -94.18 29.20 50.33
N ASP A 1461 -93.12 28.39 50.30
CA ASP A 1461 -91.98 28.58 51.18
C ASP A 1461 -90.83 29.17 50.38
N PRO A 1462 -90.34 30.37 50.72
CA PRO A 1462 -89.25 30.96 49.93
C PRO A 1462 -88.00 30.09 49.92
N THR A 1463 -87.70 29.38 51.01
CA THR A 1463 -86.52 28.54 51.04
C THR A 1463 -86.63 27.41 50.02
N LEU A 1464 -87.80 26.75 49.97
CA LEU A 1464 -87.99 25.69 48.98
C LEU A 1464 -87.97 26.25 47.57
N GLU A 1465 -88.60 27.42 47.37
CA GLU A 1465 -88.59 28.04 46.04
C GLU A 1465 -87.16 28.29 45.57
N LYS A 1466 -86.33 28.88 46.45
CA LYS A 1466 -84.95 29.14 46.07
C LYS A 1466 -84.16 27.85 45.91
N TYR A 1467 -84.47 26.84 46.71
CA TYR A 1467 -83.82 25.53 46.55
C TYR A 1467 -84.03 25.00 45.15
N VAL A 1468 -85.28 25.01 44.68
CA VAL A 1468 -85.57 24.55 43.33
C VAL A 1468 -84.94 25.49 42.31
N LEU A 1469 -84.94 26.79 42.59
CA LEU A 1469 -84.57 27.78 41.58
C LEU A 1469 -83.07 27.79 41.30
N SER A 1470 -82.24 27.79 42.34
CA SER A 1470 -80.82 28.04 42.11
C SER A 1470 -80.00 26.76 42.10
N VAL A 1471 -79.97 26.05 43.22
CA VAL A 1471 -79.05 24.91 43.35
C VAL A 1471 -79.50 23.77 42.45
N VAL A 1472 -80.80 23.45 42.48
CA VAL A 1472 -81.30 22.34 41.69
C VAL A 1472 -81.10 22.63 40.19
N LEU A 1473 -81.46 23.84 39.76
CA LEU A 1473 -81.33 24.19 38.36
C LEU A 1473 -79.87 24.15 37.92
N ASP A 1474 -78.97 24.73 38.71
CA ASP A 1474 -77.56 24.72 38.34
C ASP A 1474 -77.00 23.31 38.29
N THR A 1475 -77.38 22.47 39.26
CA THR A 1475 -76.87 21.10 39.29
C THR A 1475 -77.34 20.33 38.06
N ILE A 1476 -78.63 20.42 37.73
CA ILE A 1476 -79.14 19.70 36.57
C ILE A 1476 -78.51 20.24 35.29
N ASN A 1477 -78.39 21.56 35.18
CA ASN A 1477 -77.78 22.16 34.00
C ASN A 1477 -76.35 21.66 33.82
N ALA A 1478 -75.56 21.70 34.89
CA ALA A 1478 -74.18 21.24 34.79
C ALA A 1478 -74.10 19.75 34.46
N PHE A 1479 -74.98 18.95 35.07
CA PHE A 1479 -74.97 17.52 34.80
C PHE A 1479 -75.22 17.24 33.32
N PHE A 1480 -76.22 17.91 32.74
CA PHE A 1480 -76.53 17.67 31.34
C PHE A 1480 -75.53 18.35 30.41
N SER A 1481 -74.83 19.36 30.90
CA SER A 1481 -73.81 20.03 30.09
C SER A 1481 -72.52 19.23 30.05
N SER A 1482 -72.26 18.46 31.10
CA SER A 1482 -71.00 17.71 31.17
C SER A 1482 -70.89 16.75 29.99
N PRO A 1483 -69.83 16.81 29.19
CA PRO A 1483 -69.67 15.79 28.15
C PRO A 1483 -69.53 14.40 28.73
N PHE A 1484 -68.98 14.29 29.94
CA PHE A 1484 -68.84 12.98 30.58
C PHE A 1484 -70.19 12.34 30.84
N SER A 1485 -71.18 13.14 31.28
CA SER A 1485 -72.51 12.59 31.53
C SER A 1485 -73.14 12.06 30.26
N GLU A 1486 -72.81 12.68 29.11
CA GLU A 1486 -73.39 12.23 27.85
C GLU A 1486 -73.01 10.78 27.55
N ASN A 1487 -71.87 10.31 28.08
CA ASN A 1487 -71.47 8.93 27.85
C ASN A 1487 -72.46 7.96 28.47
N SER A 1488 -73.00 8.29 29.64
CA SER A 1488 -73.94 7.40 30.31
C SER A 1488 -75.15 7.15 29.42
N THR A 1489 -75.59 5.89 29.39
CA THR A 1489 -76.75 5.48 28.60
C THR A 1489 -77.91 5.01 29.47
N SER A 1490 -77.87 5.28 30.78
CA SER A 1490 -78.97 4.91 31.66
C SER A 1490 -80.23 5.73 31.39
N LEU A 1491 -80.14 6.79 30.59
CA LEU A 1491 -81.31 7.58 30.28
C LEU A 1491 -82.37 6.76 29.58
N GLN A 1492 -81.98 5.65 28.94
CA GLN A 1492 -82.97 4.80 28.29
C GLN A 1492 -83.76 4.01 29.33
N THR A 1493 -83.10 3.54 30.38
CA THR A 1493 -83.82 2.86 31.46
C THR A 1493 -84.68 3.85 32.24
N HIS A 1494 -84.16 5.05 32.48
CA HIS A 1494 -84.89 6.10 33.18
C HIS A 1494 -85.51 7.11 32.22
N GLN A 1495 -85.97 6.62 31.06
CA GLN A 1495 -86.55 7.51 30.06
C GLN A 1495 -87.74 8.27 30.61
N THR A 1496 -88.59 7.62 31.39
CA THR A 1496 -89.72 8.31 32.01
C THR A 1496 -89.23 9.38 32.97
N ILE A 1497 -88.17 9.10 33.72
CA ILE A 1497 -87.69 10.05 34.72
C ILE A 1497 -87.18 11.33 34.06
N VAL A 1498 -86.40 11.19 32.99
CA VAL A 1498 -85.81 12.38 32.35
C VAL A 1498 -86.90 13.19 31.65
N VAL A 1499 -87.85 12.52 31.00
CA VAL A 1499 -88.95 13.24 30.36
C VAL A 1499 -89.80 13.95 31.41
N GLN A 1500 -89.98 13.31 32.57
CA GLN A 1500 -90.74 13.95 33.65
C GLN A 1500 -89.97 15.14 34.22
N LEU A 1501 -88.64 15.05 34.25
CA LEU A 1501 -87.84 16.20 34.66
C LEU A 1501 -87.99 17.35 33.68
N LEU A 1502 -87.98 17.05 32.38
CA LEU A 1502 -88.21 18.09 31.38
C LEU A 1502 -89.60 18.68 31.55
N GLN A 1503 -90.59 17.84 31.83
CA GLN A 1503 -91.95 18.33 32.06
C GLN A 1503 -92.01 19.25 33.27
N SER A 1504 -91.32 18.87 34.35
CA SER A 1504 -91.28 19.70 35.55
C SER A 1504 -90.61 21.04 35.27
N THR A 1505 -89.51 21.03 34.52
CA THR A 1505 -88.85 22.28 34.17
C THR A 1505 -89.74 23.14 33.28
N THR A 1506 -90.45 22.52 32.34
CA THR A 1506 -91.38 23.26 31.50
C THR A 1506 -92.51 23.88 32.32
N ARG A 1507 -93.03 23.13 33.29
CA ARG A 1507 -94.05 23.68 34.18
C ARG A 1507 -93.49 24.84 35.00
N LEU A 1508 -92.25 24.70 35.48
CA LEU A 1508 -91.61 25.77 36.23
C LEU A 1508 -91.49 27.03 35.39
N LEU A 1509 -91.10 26.88 34.12
CA LEU A 1509 -91.04 28.04 33.23
C LEU A 1509 -92.42 28.61 32.96
N GLU A 1510 -93.42 27.73 32.79
CA GLU A 1510 -94.77 28.20 32.46
C GLU A 1510 -95.38 28.99 33.61
N CYS A 1511 -95.14 28.55 34.84
CA CYS A 1511 -95.83 29.15 35.98
C CYS A 1511 -95.46 30.62 36.11
N PRO A 1512 -96.38 31.48 36.52
CA PRO A 1512 -96.07 32.92 36.58
C PRO A 1512 -95.11 33.30 37.69
N TRP A 1513 -95.04 32.51 38.77
CA TRP A 1513 -94.21 32.90 39.91
C TRP A 1513 -92.74 33.00 39.54
N LEU A 1514 -92.32 32.31 38.48
CA LEU A 1514 -90.91 32.30 38.12
C LEU A 1514 -90.43 33.70 37.74
N GLN A 1515 -89.21 34.03 38.18
CA GLN A 1515 -88.63 35.32 37.89
C GLN A 1515 -88.07 35.35 36.46
N GLN A 1516 -87.88 36.56 35.94
CA GLN A 1516 -87.36 36.72 34.59
C GLN A 1516 -85.94 36.18 34.47
N GLN A 1517 -85.08 36.49 35.45
CA GLN A 1517 -83.73 35.93 35.45
C GLN A 1517 -83.77 34.42 35.60
N HIS A 1518 -84.60 33.93 36.53
CA HIS A 1518 -84.80 32.49 36.67
C HIS A 1518 -85.39 31.90 35.40
N LYS A 1519 -86.28 32.64 34.73
CA LYS A 1519 -86.84 32.17 33.48
C LYS A 1519 -85.76 32.00 32.42
N GLY A 1520 -84.85 32.96 32.30
CA GLY A 1520 -83.77 32.84 31.33
C GLY A 1520 -82.83 31.68 31.64
N SER A 1521 -82.47 31.54 32.92
CA SER A 1521 -81.63 30.40 33.30
C SER A 1521 -82.33 29.09 32.99
N VAL A 1522 -83.63 29.00 33.31
CA VAL A 1522 -84.40 27.80 33.02
C VAL A 1522 -84.44 27.53 31.53
N GLU A 1523 -84.52 28.59 30.72
CA GLU A 1523 -84.54 28.42 29.27
C GLU A 1523 -83.22 27.85 28.77
N ALA A 1524 -82.10 28.33 29.32
CA ALA A 1524 -80.81 27.75 28.95
C ALA A 1524 -80.74 26.27 29.34
N CYS A 1525 -81.14 25.96 30.57
CA CYS A 1525 -81.13 24.56 31.00
C CYS A 1525 -82.04 23.73 30.11
N ILE A 1526 -83.18 24.27 29.70
CA ILE A 1526 -84.12 23.51 28.87
C ILE A 1526 -83.55 23.31 27.48
N ARG A 1527 -82.78 24.28 26.98
CA ARG A 1527 -82.09 24.04 25.71
C ARG A 1527 -81.14 22.86 25.83
N THR A 1528 -80.38 22.79 26.93
CA THR A 1528 -79.52 21.63 27.14
C THR A 1528 -80.35 20.35 27.25
N LEU A 1529 -81.45 20.41 27.99
CA LEU A 1529 -82.31 19.25 28.14
C LEU A 1529 -82.88 18.82 26.78
N ALA A 1530 -83.07 19.77 25.87
CA ALA A 1530 -83.58 19.43 24.55
C ALA A 1530 -82.52 18.72 23.71
N MET A 1531 -81.29 19.25 23.71
CA MET A 1531 -80.23 18.52 23.02
C MET A 1531 -80.10 17.11 23.58
N VAL A 1532 -80.31 16.95 24.88
CA VAL A 1532 -80.32 15.60 25.46
C VAL A 1532 -81.54 14.82 24.99
N ALA A 1533 -82.68 15.49 24.86
CA ALA A 1533 -83.93 14.81 24.58
C ALA A 1533 -83.99 14.28 23.16
N LYS A 1534 -83.21 14.85 22.25
CA LYS A 1534 -83.27 14.41 20.86
C LYS A 1534 -83.02 12.90 20.74
N GLY A 1535 -81.99 12.40 21.41
CA GLY A 1535 -81.54 11.03 21.16
C GLY A 1535 -81.34 10.14 22.38
N ARG A 1536 -82.19 10.27 23.41
CA ARG A 1536 -82.03 9.47 24.63
C ARG A 1536 -83.19 8.51 24.82
N ALA A 1537 -83.66 7.87 23.75
CA ALA A 1537 -84.73 6.88 23.83
C ALA A 1537 -85.97 7.44 24.51
N ILE A 1538 -86.21 8.75 24.34
CA ILE A 1538 -87.33 9.43 24.96
C ILE A 1538 -88.12 10.16 23.89
N LEU A 1539 -89.42 9.93 23.85
CA LEU A 1539 -90.33 10.59 22.92
C LEU A 1539 -91.25 11.50 23.70
N LEU A 1540 -91.25 12.79 23.35
CA LEU A 1540 -92.10 13.74 24.04
C LEU A 1540 -93.57 13.46 23.72
N PRO A 1541 -94.47 13.65 24.68
CA PRO A 1541 -95.90 13.69 24.32
C PRO A 1541 -96.13 14.86 23.38
N MET A 1542 -97.13 14.76 22.51
CA MET A 1542 -97.26 15.75 21.45
C MET A 1542 -97.67 17.11 22.00
N ASP A 1543 -98.51 17.15 23.02
CA ASP A 1543 -98.89 18.44 23.61
C ASP A 1543 -97.70 19.07 24.32
N LEU A 1544 -97.00 18.28 25.14
CA LEU A 1544 -95.79 18.78 25.79
C LEU A 1544 -94.78 19.23 24.74
N ASP A 1545 -94.78 18.57 23.58
CA ASP A 1545 -93.86 18.94 22.50
C ASP A 1545 -94.32 20.22 21.83
N ALA A 1546 -95.62 20.50 21.85
CA ALA A 1546 -96.11 21.78 21.37
C ALA A 1546 -95.61 22.92 22.25
N HIS A 1547 -95.76 22.76 23.57
CA HIS A 1547 -95.18 23.80 24.44
C HIS A 1547 -93.67 23.82 24.35
N ILE A 1548 -93.04 22.68 24.05
CA ILE A 1548 -91.58 22.66 23.87
C ILE A 1548 -91.19 23.37 22.59
N SER A 1549 -92.05 23.33 21.57
CA SER A 1549 -91.81 24.09 20.35
C SER A 1549 -91.95 25.58 20.62
N SER A 1550 -92.91 25.96 21.46
CA SER A 1550 -92.97 27.33 21.94
C SER A 1550 -91.67 27.71 22.66
N MET A 1551 -91.14 26.77 23.45
CA MET A 1551 -89.86 26.98 24.12
C MET A 1551 -88.73 27.16 23.12
N LEU A 1552 -88.72 26.36 22.06
CA LEU A 1552 -87.69 26.50 21.03
C LEU A 1552 -87.79 27.86 20.34
N SER A 1553 -89.02 28.33 20.09
CA SER A 1553 -89.20 29.67 19.56
C SER A 1553 -88.66 30.72 20.52
N SER A 1554 -88.91 30.54 21.82
CA SER A 1554 -88.37 31.47 22.81
C SER A 1554 -86.85 31.47 22.78
N GLY A 1555 -86.24 30.29 22.70
CA GLY A 1555 -84.79 30.22 22.62
C GLY A 1555 -84.24 30.90 21.39
N ALA A 1556 -84.91 30.71 20.24
CA ALA A 1556 -84.54 31.44 19.04
C ALA A 1556 -84.68 32.94 19.25
N SER A 1557 -85.64 33.35 20.07
CA SER A 1557 -85.84 34.76 20.38
C SER A 1557 -84.76 35.25 21.35
N TRP A 1586 -68.86 80.24 46.60
CA TRP A 1586 -67.87 79.18 46.63
C TRP A 1586 -68.48 77.86 46.19
N ASP A 1587 -67.86 77.21 45.20
CA ASP A 1587 -68.36 75.96 44.65
C ASP A 1587 -67.49 74.81 45.13
N TYR A 1588 -68.11 73.88 45.86
CA TYR A 1588 -67.40 72.71 46.39
C TYR A 1588 -66.74 71.92 45.26
N LYS A 1589 -67.53 71.55 44.26
CA LYS A 1589 -66.99 70.76 43.15
C LYS A 1589 -65.98 71.56 42.34
N ASN A 1590 -66.22 72.86 42.18
CA ASN A 1590 -65.28 73.69 41.45
C ASN A 1590 -63.91 73.69 42.13
N ILE A 1591 -63.89 73.89 43.45
CA ILE A 1591 -62.62 73.92 44.17
C ILE A 1591 -61.94 72.55 44.08
N ILE A 1592 -62.70 71.47 44.27
CA ILE A 1592 -62.11 70.14 44.26
C ILE A 1592 -61.50 69.84 42.89
N GLU A 1593 -62.26 70.14 41.83
CA GLU A 1593 -61.76 69.88 40.47
C GLU A 1593 -60.55 70.75 40.15
N LYS A 1594 -60.56 72.00 40.62
CA LYS A 1594 -59.41 72.87 40.38
C LYS A 1594 -58.17 72.33 41.07
N LEU A 1595 -58.32 71.82 42.30
CA LEU A 1595 -57.18 71.22 42.98
C LEU A 1595 -56.69 69.98 42.26
N GLN A 1596 -57.61 69.16 41.75
CA GLN A 1596 -57.18 67.99 40.98
C GLN A 1596 -56.42 68.41 39.73
N ASP A 1597 -56.90 69.44 39.03
CA ASP A 1597 -56.24 69.91 37.83
C ASP A 1597 -54.86 70.46 38.15
N ILE A 1598 -54.73 71.21 39.24
CA ILE A 1598 -53.42 71.77 39.59
C ILE A 1598 -52.47 70.64 39.98
N ILE A 1599 -52.97 69.61 40.67
CA ILE A 1599 -52.13 68.46 40.98
C ILE A 1599 -51.60 67.83 39.69
N THR A 1600 -52.49 67.60 38.73
CA THR A 1600 -52.06 66.99 37.47
C THR A 1600 -51.03 67.86 36.77
N ALA A 1601 -51.29 69.17 36.68
CA ALA A 1601 -50.39 70.06 35.96
C ALA A 1601 -49.02 70.11 36.63
N LEU A 1602 -49.00 70.19 37.96
CA LEU A 1602 -47.73 70.22 38.68
C LEU A 1602 -46.96 68.92 38.48
N GLU A 1603 -47.66 67.78 38.51
CA GLU A 1603 -46.99 66.50 38.29
C GLU A 1603 -46.34 66.47 36.92
N GLU A 1604 -47.08 66.86 35.88
CA GLU A 1604 -46.50 66.86 34.54
C GLU A 1604 -45.33 67.83 34.45
N ARG A 1605 -45.45 69.00 35.11
CA ARG A 1605 -44.38 69.99 35.06
C ARG A 1605 -43.11 69.47 35.71
N LEU A 1606 -43.23 68.79 36.85
CA LEU A 1606 -42.09 68.39 37.66
C LEU A 1606 -41.60 66.98 37.36
N LYS A 1607 -42.24 66.25 36.43
CA LYS A 1607 -41.79 64.89 36.15
C LYS A 1607 -40.30 64.79 35.85
N PRO A 1608 -39.73 65.56 34.92
CA PRO A 1608 -38.29 65.38 34.62
C PRO A 1608 -37.37 65.71 35.77
N LEU A 1609 -37.75 66.68 36.62
CA LEU A 1609 -36.90 67.07 37.73
C LEU A 1609 -36.72 65.91 38.70
N VAL A 1610 -37.76 65.11 38.90
CA VAL A 1610 -37.65 63.93 39.75
C VAL A 1610 -36.60 62.98 39.19
N GLN A 1611 -36.62 62.75 37.88
CA GLN A 1611 -35.64 61.87 37.27
C GLN A 1611 -34.23 62.41 37.46
N ALA A 1612 -34.05 63.72 37.30
CA ALA A 1612 -32.72 64.30 37.51
C ALA A 1612 -32.26 64.12 38.95
N GLU A 1613 -33.16 64.37 39.91
CA GLU A 1613 -32.80 64.21 41.32
C GLU A 1613 -32.40 62.77 41.61
N LEU A 1614 -33.14 61.81 41.05
CA LEU A 1614 -32.78 60.41 41.22
C LEU A 1614 -31.42 60.12 40.60
N SER A 1615 -31.15 60.69 39.42
CA SER A 1615 -29.89 60.44 38.73
C SER A 1615 -28.71 60.94 39.54
N VAL A 1616 -28.89 62.01 40.33
CA VAL A 1616 -27.76 62.53 41.11
C VAL A 1616 -27.18 61.46 42.02
N LEU A 1617 -28.03 60.57 42.54
CA LEU A 1617 -27.56 59.55 43.47
C LEU A 1617 -26.56 58.61 42.81
N VAL A 1618 -26.72 58.36 41.50
CA VAL A 1618 -25.79 57.49 40.80
C VAL A 1618 -24.39 58.08 40.84
N ASP A 1619 -24.27 59.38 40.54
CA ASP A 1619 -22.96 60.03 40.60
C ASP A 1619 -22.43 60.05 42.03
N VAL A 1620 -23.32 60.28 43.00
CA VAL A 1620 -22.87 60.30 44.40
C VAL A 1620 -22.26 58.96 44.78
N LEU A 1621 -22.93 57.86 44.43
CA LEU A 1621 -22.39 56.53 44.69
C LEU A 1621 -21.10 56.29 43.91
N HIS A 1622 -21.04 56.76 42.67
CA HIS A 1622 -19.85 56.55 41.85
C HIS A 1622 -18.63 57.22 42.46
N TRP A 1623 -18.78 58.44 42.97
CA TRP A 1623 -17.66 59.24 43.47
C TRP A 1623 -17.95 59.69 44.89
N PRO A 1624 -17.82 58.79 45.87
CA PRO A 1624 -18.04 59.20 47.26
C PRO A 1624 -16.89 60.02 47.84
N GLU A 1625 -15.69 59.89 47.29
CA GLU A 1625 -14.54 60.57 47.88
C GLU A 1625 -14.69 62.08 47.80
N LEU A 1626 -15.35 62.58 46.75
CA LEU A 1626 -15.47 64.02 46.57
C LEU A 1626 -16.15 64.67 47.77
N LEU A 1627 -17.14 63.99 48.36
CA LEU A 1627 -17.83 64.55 49.50
C LEU A 1627 -16.89 64.77 50.68
N PHE A 1628 -16.03 63.79 50.96
CA PHE A 1628 -15.11 63.90 52.08
C PHE A 1628 -13.89 64.71 51.68
N LEU A 1629 -13.24 65.31 52.70
CA LEU A 1629 -12.13 66.21 52.44
C LEU A 1629 -10.92 65.45 51.89
N GLU A 1630 -10.16 66.12 51.04
CA GLU A 1630 -9.00 65.52 50.41
C GLU A 1630 -7.95 65.15 51.46
N GLY A 1631 -7.34 63.98 51.28
CA GLY A 1631 -6.29 63.53 52.16
C GLY A 1631 -6.75 63.00 53.50
N SER A 1632 -8.05 62.77 53.67
CA SER A 1632 -8.56 62.31 54.96
C SER A 1632 -8.57 60.78 55.02
N GLU A 1633 -8.72 60.27 56.26
CA GLU A 1633 -8.85 58.83 56.44
C GLU A 1633 -10.10 58.31 55.73
N ALA A 1634 -11.22 59.03 55.86
CA ALA A 1634 -12.42 58.64 55.13
C ALA A 1634 -12.21 58.77 53.63
N TYR A 1635 -11.40 59.75 53.21
CA TYR A 1635 -11.05 59.85 51.79
C TYR A 1635 -10.31 58.61 51.32
N GLN A 1636 -9.36 58.13 52.10
CA GLN A 1636 -8.66 56.89 51.73
C GLN A 1636 -9.63 55.72 51.69
N ARG A 1637 -10.52 55.63 52.68
CA ARG A 1637 -11.47 54.52 52.72
C ARG A 1637 -12.38 54.52 51.50
N CYS A 1638 -12.84 55.70 51.09
CA CYS A 1638 -13.71 55.79 49.92
C CYS A 1638 -12.93 55.56 48.63
N GLU A 1639 -11.68 56.03 48.59
CA GLU A 1639 -10.85 55.84 47.40
C GLU A 1639 -10.59 54.37 47.16
N SER A 1640 -10.37 53.60 48.22
CA SER A 1640 -10.19 52.16 48.09
C SER A 1640 -11.47 51.45 47.66
N GLY A 1641 -12.55 52.17 47.41
CA GLY A 1641 -13.82 51.56 47.09
C GLY A 1641 -14.60 51.06 48.28
N GLY A 1642 -14.31 51.57 49.48
CA GLY A 1642 -14.96 51.03 50.67
C GLY A 1642 -16.47 51.20 50.65
N PHE A 1643 -16.95 52.34 50.18
CA PHE A 1643 -18.39 52.62 50.24
C PHE A 1643 -19.17 51.62 49.38
N LEU A 1644 -18.72 51.39 48.15
CA LEU A 1644 -19.46 50.51 47.26
C LEU A 1644 -19.41 49.06 47.76
N SER A 1645 -18.23 48.61 48.19
CA SER A 1645 -18.10 47.25 48.71
C SER A 1645 -18.97 47.06 49.95
N LYS A 1646 -18.97 48.03 50.85
CA LYS A 1646 -19.81 47.95 52.04
C LYS A 1646 -21.29 47.95 51.65
N LEU A 1647 -21.67 48.74 50.65
CA LEU A 1647 -23.06 48.74 50.21
C LEU A 1647 -23.46 47.38 49.68
N ILE A 1648 -22.59 46.75 48.89
CA ILE A 1648 -22.89 45.42 48.34
C ILE A 1648 -23.02 44.40 49.47
N GLN A 1649 -22.05 44.41 50.40
CA GLN A 1649 -22.07 43.45 51.49
C GLN A 1649 -23.30 43.64 52.36
N HIS A 1650 -23.67 44.89 52.64
CA HIS A 1650 -24.86 45.13 53.45
C HIS A 1650 -26.12 44.79 52.69
N THR A 1651 -26.12 44.95 51.37
CA THR A 1651 -27.24 44.48 50.58
C THR A 1651 -27.46 43.00 50.79
N LYS A 1652 -26.38 42.21 50.70
CA LYS A 1652 -26.50 40.78 50.97
C LYS A 1652 -26.97 40.53 52.41
N ASP A 1653 -26.39 41.23 53.38
CA ASP A 1653 -26.76 41.02 54.77
C ASP A 1653 -28.23 41.34 55.01
N LEU A 1654 -28.76 42.33 54.30
CA LEU A 1654 -30.07 42.89 54.57
C LEU A 1654 -31.16 42.40 53.62
N MET A 1655 -30.84 41.50 52.67
CA MET A 1655 -31.88 41.06 51.75
C MET A 1655 -33.11 40.55 52.52
N GLU A 1656 -32.87 39.92 53.67
CA GLU A 1656 -33.98 39.35 54.43
C GLU A 1656 -34.64 40.38 55.32
N SER A 1657 -33.85 41.23 55.98
CA SER A 1657 -34.40 42.16 56.96
C SER A 1657 -35.27 43.22 56.30
N GLU A 1658 -34.76 43.85 55.24
CA GLU A 1658 -35.47 44.95 54.58
C GLU A 1658 -35.54 44.65 53.08
N GLU A 1659 -36.67 44.06 52.66
CA GLU A 1659 -36.82 43.70 51.25
C GLU A 1659 -36.84 44.93 50.37
N LYS A 1660 -37.58 45.97 50.77
CA LYS A 1660 -37.67 47.19 49.96
C LYS A 1660 -36.30 47.85 49.84
N LEU A 1661 -35.55 47.91 50.93
CA LEU A 1661 -34.21 48.50 50.88
C LEU A 1661 -33.29 47.70 49.98
N CYS A 1662 -33.34 46.36 50.07
CA CYS A 1662 -32.52 45.53 49.20
C CYS A 1662 -32.86 45.77 47.74
N ILE A 1663 -34.15 45.80 47.41
CA ILE A 1663 -34.56 46.00 46.03
C ILE A 1663 -34.13 47.37 45.53
N LYS A 1664 -34.29 48.40 46.37
CA LYS A 1664 -33.87 49.74 45.99
C LYS A 1664 -32.37 49.79 45.73
N VAL A 1665 -31.57 49.14 46.58
CA VAL A 1665 -30.12 49.14 46.38
C VAL A 1665 -29.76 48.42 45.09
N LEU A 1666 -30.40 47.29 44.80
CA LEU A 1666 -30.12 46.58 43.56
C LEU A 1666 -30.47 47.43 42.35
N ARG A 1667 -31.62 48.09 42.39
CA ARG A 1667 -32.01 48.96 41.27
C ARG A 1667 -31.03 50.13 41.14
N THR A 1668 -30.55 50.65 42.26
CA THR A 1668 -29.56 51.73 42.20
C THR A 1668 -28.28 51.27 41.56
N LEU A 1669 -27.82 50.05 41.88
CA LEU A 1669 -26.62 49.52 41.23
C LEU A 1669 -26.85 49.35 39.74
N GLN A 1670 -28.04 48.87 39.35
CA GLN A 1670 -28.35 48.75 37.92
C GLN A 1670 -28.32 50.12 37.24
N GLN A 1671 -28.86 51.14 37.89
CA GLN A 1671 -28.83 52.49 37.33
C GLN A 1671 -27.38 52.97 37.19
N MET A 1672 -26.55 52.72 38.20
CA MET A 1672 -25.13 53.03 38.08
C MET A 1672 -24.53 52.39 36.83
N LEU A 1673 -24.84 51.11 36.61
CA LEU A 1673 -24.29 50.41 35.45
C LEU A 1673 -24.79 51.02 34.15
N LEU A 1674 -26.06 51.43 34.11
CA LEU A 1674 -26.67 51.86 32.85
C LEU A 1674 -25.99 53.12 32.31
N LYS A 1675 -26.12 53.31 30.99
CA LYS A 1675 -25.49 54.43 30.32
C LYS A 1675 -26.20 55.74 30.66
N LYS A 1676 -25.43 56.83 30.67
CA LYS A 1676 -25.98 58.15 30.94
C LYS A 1676 -26.89 58.60 29.81
N THR A 1677 -27.81 59.51 30.13
CA THR A 1677 -28.77 60.04 29.16
C THR A 1677 -29.07 61.50 29.50
N LYS A 1678 -29.29 62.29 28.45
CA LYS A 1678 -29.65 63.69 28.64
C LYS A 1678 -31.06 63.81 29.22
N TYR A 1679 -31.31 64.91 29.92
CA TYR A 1679 -32.59 65.13 30.60
C TYR A 1679 -33.27 66.43 30.21
N GLY A 1680 -33.04 66.92 28.99
CA GLY A 1680 -33.60 68.18 28.56
C GLY A 1680 -32.87 69.37 29.14
N ASP A 1681 -33.29 70.57 28.71
CA ASP A 1681 -32.62 71.78 29.17
C ASP A 1681 -32.84 72.02 30.65
N ARG A 1682 -34.10 71.97 31.09
CA ARG A 1682 -34.40 72.22 32.50
C ARG A 1682 -33.82 71.12 33.39
N GLY A 1683 -33.96 69.86 32.96
CA GLY A 1683 -33.40 68.76 33.73
C GLY A 1683 -31.88 68.85 33.82
N ASN A 1684 -31.24 69.25 32.73
CA ASN A 1684 -29.78 69.40 32.75
C ASN A 1684 -29.37 70.54 33.68
N GLN A 1685 -30.13 71.65 33.67
CA GLN A 1685 -29.84 72.72 34.61
C GLN A 1685 -29.95 72.23 36.05
N LEU A 1686 -31.01 71.48 36.35
CA LEU A 1686 -31.19 70.98 37.71
C LEU A 1686 -30.06 70.04 38.10
N ARG A 1687 -29.69 69.13 37.19
CA ARG A 1687 -28.63 68.17 37.47
C ARG A 1687 -27.31 68.90 37.70
N LYS A 1688 -27.03 69.91 36.87
CA LYS A 1688 -25.81 70.70 37.03
C LYS A 1688 -25.77 71.37 38.40
N MET A 1689 -26.87 72.03 38.79
CA MET A 1689 -26.89 72.71 40.08
C MET A 1689 -26.72 71.72 41.22
N LEU A 1690 -27.44 70.61 41.18
CA LEU A 1690 -27.38 69.62 42.26
C LEU A 1690 -25.97 69.06 42.38
N LEU A 1691 -25.35 68.72 41.25
CA LEU A 1691 -24.00 68.17 41.28
C LEU A 1691 -22.99 69.19 41.77
N GLN A 1692 -23.13 70.44 41.32
CA GLN A 1692 -22.21 71.48 41.76
C GLN A 1692 -22.29 71.67 43.27
N ASN A 1693 -23.51 71.62 43.82
CA ASN A 1693 -23.67 71.81 45.26
C ASN A 1693 -23.15 70.60 46.04
N TYR A 1694 -23.53 69.38 45.63
CA TYR A 1694 -23.20 68.20 46.43
C TYR A 1694 -21.74 67.79 46.28
N LEU A 1695 -21.20 67.86 45.07
CA LEU A 1695 -19.84 67.44 44.78
C LEU A 1695 -19.00 68.64 44.38
N GLN A 1696 -17.72 68.61 44.74
CA GLN A 1696 -16.86 69.77 44.50
C GLN A 1696 -16.73 70.06 43.00
N ASN A 1697 -16.35 69.04 42.22
CA ASN A 1697 -16.11 69.15 40.78
C ASN A 1697 -15.03 68.15 40.36
N ARG A 1698 -14.09 67.87 41.26
CA ARG A 1698 -12.98 66.96 40.99
C ARG A 1698 -13.42 65.73 40.20
N TRP A 1718 -19.06 52.95 25.24
CA TRP A 1718 -19.25 51.66 25.88
C TRP A 1718 -18.04 51.30 26.74
N SER A 1719 -16.92 51.97 26.47
CA SER A 1719 -15.72 51.74 27.26
C SER A 1719 -15.93 52.14 28.72
N ALA A 1720 -16.59 53.27 28.95
CA ALA A 1720 -16.89 53.67 30.32
C ALA A 1720 -17.82 52.67 31.00
N ILE A 1721 -18.79 52.14 30.26
CA ILE A 1721 -19.68 51.13 30.81
C ILE A 1721 -18.90 49.88 31.21
N ALA A 1722 -17.98 49.45 30.36
CA ALA A 1722 -17.15 48.29 30.69
C ALA A 1722 -16.29 48.56 31.91
N ALA A 1723 -15.72 49.76 32.01
CA ALA A 1723 -14.91 50.10 33.18
C ALA A 1723 -15.74 50.07 34.46
N THR A 1724 -16.95 50.62 34.41
CA THR A 1724 -17.82 50.60 35.59
C THR A 1724 -18.20 49.17 35.95
N GLN A 1725 -18.47 48.34 34.94
CA GLN A 1725 -18.78 46.94 35.21
C GLN A 1725 -17.60 46.24 35.88
N CYS A 1726 -16.39 46.51 35.41
CA CYS A 1726 -15.21 45.91 36.04
C CYS A 1726 -15.06 46.38 37.48
N ARG A 1727 -15.29 47.68 37.73
CA ARG A 1727 -15.23 48.18 39.10
C ARG A 1727 -16.23 47.47 39.99
N LEU A 1728 -17.48 47.33 39.53
CA LEU A 1728 -18.49 46.67 40.34
C LEU A 1728 -18.15 45.20 40.56
N ASP A 1729 -17.61 44.53 39.55
CA ASP A 1729 -17.20 43.14 39.71
C ASP A 1729 -16.10 43.01 40.76
N LYS A 1730 -15.11 43.91 40.72
CA LYS A 1730 -14.06 43.87 41.73
C LYS A 1730 -14.64 44.10 43.12
N GLU A 1731 -15.57 45.06 43.25
CA GLU A 1731 -16.19 45.28 44.54
C GLU A 1731 -17.05 44.10 44.98
N GLY A 1732 -17.48 43.27 44.05
CA GLY A 1732 -18.15 42.02 44.38
C GLY A 1732 -19.62 41.91 44.00
N ALA A 1733 -20.06 42.57 42.93
CA ALA A 1733 -21.45 42.45 42.51
C ALA A 1733 -21.77 41.04 42.04
N THR A 1734 -20.79 40.35 41.45
CA THR A 1734 -21.02 39.01 40.93
C THR A 1734 -21.44 38.04 42.02
N LYS A 1735 -20.70 38.02 43.13
CA LYS A 1735 -21.04 37.13 44.24
C LYS A 1735 -22.38 37.51 44.85
N LEU A 1736 -22.67 38.81 44.94
CA LEU A 1736 -23.95 39.23 45.48
C LEU A 1736 -25.08 38.69 44.62
N VAL A 1737 -24.95 38.82 43.29
CA VAL A 1737 -25.97 38.32 42.37
C VAL A 1737 -26.14 36.82 42.52
N CYS A 1738 -25.01 36.09 42.55
CA CYS A 1738 -25.08 34.64 42.64
C CYS A 1738 -25.79 34.20 43.93
N ASP A 1739 -25.40 34.81 45.06
CA ASP A 1739 -25.99 34.42 46.33
C ASP A 1739 -27.48 34.76 46.38
N LEU A 1740 -27.85 35.94 45.88
CA LEU A 1740 -29.27 36.30 45.87
C LEU A 1740 -30.07 35.32 45.03
N ILE A 1741 -29.61 35.02 43.81
CA ILE A 1741 -30.36 34.10 42.97
C ILE A 1741 -30.40 32.71 43.62
N THR A 1742 -29.35 32.35 44.36
CA THR A 1742 -29.31 31.02 44.97
C THR A 1742 -30.31 30.90 46.11
N SER A 1743 -30.35 31.88 47.01
CA SER A 1743 -31.04 31.72 48.29
C SER A 1743 -32.30 32.56 48.46
N THR A 1744 -32.58 33.51 47.58
CA THR A 1744 -33.72 34.40 47.79
C THR A 1744 -35.02 33.68 47.46
N LYS A 1745 -36.06 33.98 48.23
CA LYS A 1745 -37.41 33.52 47.97
C LYS A 1745 -38.33 34.64 47.53
N ASN A 1746 -37.79 35.80 47.19
CA ASN A 1746 -38.58 36.96 46.80
C ASN A 1746 -38.52 37.13 45.28
N GLU A 1747 -39.69 37.18 44.65
CA GLU A 1747 -39.74 37.32 43.20
C GLU A 1747 -39.08 38.62 42.74
N LYS A 1748 -39.36 39.72 43.45
CA LYS A 1748 -38.75 40.99 43.08
C LYS A 1748 -37.23 40.94 43.21
N ILE A 1749 -36.74 40.33 44.29
CA ILE A 1749 -35.30 40.23 44.49
C ILE A 1749 -34.67 39.40 43.37
N PHE A 1750 -35.30 38.28 43.02
CA PHE A 1750 -34.76 37.46 41.94
C PHE A 1750 -34.74 38.22 40.62
N GLN A 1751 -35.83 38.93 40.30
CA GLN A 1751 -35.88 39.68 39.06
C GLN A 1751 -34.80 40.76 39.03
N GLU A 1752 -34.63 41.48 40.14
CA GLU A 1752 -33.61 42.52 40.18
C GLU A 1752 -32.21 41.94 40.09
N SER A 1753 -31.99 40.78 40.71
CA SER A 1753 -30.68 40.14 40.64
C SER A 1753 -30.36 39.73 39.21
N ILE A 1754 -31.34 39.13 38.51
CA ILE A 1754 -31.10 38.75 37.11
C ILE A 1754 -30.88 39.98 36.25
N GLY A 1755 -31.62 41.06 36.51
CA GLY A 1755 -31.39 42.29 35.78
C GLY A 1755 -30.00 42.85 36.01
N LEU A 1756 -29.53 42.80 37.26
CA LEU A 1756 -28.17 43.25 37.55
C LEU A 1756 -27.15 42.38 36.84
N ALA A 1757 -27.37 41.06 36.80
CA ALA A 1757 -26.47 40.18 36.09
C ALA A 1757 -26.42 40.53 34.61
N ILE A 1758 -27.58 40.77 34.01
CA ILE A 1758 -27.65 41.11 32.60
C ILE A 1758 -26.92 42.42 32.34
N HIS A 1759 -27.14 43.41 33.19
CA HIS A 1759 -26.48 44.70 33.00
C HIS A 1759 -24.97 44.58 33.16
N LEU A 1760 -24.52 43.79 34.14
CA LEU A 1760 -23.08 43.58 34.31
C LEU A 1760 -22.47 42.93 33.08
N LEU A 1761 -23.07 41.84 32.61
CA LEU A 1761 -22.50 41.10 31.49
C LEU A 1761 -22.73 41.79 30.15
N ASP A 1762 -23.59 42.81 30.10
CA ASP A 1762 -23.92 43.43 28.83
C ASP A 1762 -22.67 44.01 28.19
N GLY A 1763 -22.60 43.91 26.87
CA GLY A 1763 -21.37 44.19 26.14
C GLY A 1763 -20.44 43.00 26.03
N GLY A 1764 -20.81 41.85 26.57
CA GLY A 1764 -20.00 40.66 26.47
C GLY A 1764 -18.65 40.80 27.14
N ASN A 1765 -18.63 41.32 28.37
CA ASN A 1765 -17.36 41.57 29.04
C ASN A 1765 -16.71 40.26 29.48
N THR A 1766 -15.55 39.98 28.92
CA THR A 1766 -14.85 38.73 29.22
C THR A 1766 -14.51 38.64 30.71
N GLU A 1767 -14.20 39.77 31.35
CA GLU A 1767 -13.85 39.73 32.76
C GLU A 1767 -15.03 39.29 33.61
N ILE A 1768 -16.22 39.84 33.34
CA ILE A 1768 -17.40 39.44 34.09
C ILE A 1768 -17.73 37.98 33.81
N GLN A 1769 -17.62 37.56 32.54
CA GLN A 1769 -17.91 36.17 32.23
C GLN A 1769 -16.96 35.22 32.97
N LYS A 1770 -15.67 35.57 33.00
CA LYS A 1770 -14.70 34.74 33.69
C LYS A 1770 -14.95 34.74 35.20
N SER A 1771 -15.36 35.88 35.76
CA SER A 1771 -15.69 35.92 37.18
C SER A 1771 -16.87 34.99 37.48
N PHE A 1772 -17.89 35.02 36.63
CA PHE A 1772 -19.03 34.11 36.81
C PHE A 1772 -18.57 32.65 36.75
N HIS A 1773 -17.74 32.32 35.76
CA HIS A 1773 -17.26 30.95 35.64
C HIS A 1773 -16.46 30.53 36.86
N ASN A 1774 -15.56 31.40 37.33
CA ASN A 1774 -14.74 31.07 38.49
C ASN A 1774 -15.60 30.85 39.72
N LEU A 1775 -16.57 31.73 39.95
CA LEU A 1775 -17.47 31.55 41.09
C LEU A 1775 -18.23 30.24 40.98
N MET A 1776 -18.77 29.94 39.79
CA MET A 1776 -19.54 28.72 39.62
C MET A 1776 -18.70 27.49 39.89
N MET A 1777 -17.46 27.46 39.38
CA MET A 1777 -16.63 26.28 39.56
C MET A 1777 -16.15 26.15 40.99
N SER A 1778 -15.69 27.25 41.59
CA SER A 1778 -15.09 27.17 42.93
C SER A 1778 -16.15 26.90 43.99
N ASP A 1779 -17.27 27.61 43.94
CA ASP A 1779 -18.24 27.51 45.03
C ASP A 1779 -18.93 26.16 45.03
N LYS A 1780 -19.37 25.73 46.22
CA LYS A 1780 -20.07 24.47 46.40
C LYS A 1780 -21.56 24.59 46.11
N LYS A 1781 -22.07 25.80 45.85
CA LYS A 1781 -23.49 26.03 45.60
C LYS A 1781 -23.80 26.17 44.11
N SER A 1782 -22.85 25.84 43.23
CA SER A 1782 -23.13 25.89 41.80
C SER A 1782 -24.32 25.01 41.45
N GLU A 1783 -24.41 23.84 42.08
CA GLU A 1783 -25.57 22.98 41.90
C GLU A 1783 -26.85 23.70 42.29
N ARG A 1784 -26.83 24.44 43.41
CA ARG A 1784 -28.01 25.16 43.85
C ARG A 1784 -28.40 26.25 42.86
N PHE A 1785 -27.42 27.00 42.36
CA PHE A 1785 -27.71 28.07 41.39
C PHE A 1785 -28.32 27.50 40.11
N PHE A 1786 -27.67 26.48 39.54
CA PHE A 1786 -28.20 25.88 38.33
C PHE A 1786 -29.55 25.23 38.58
N LYS A 1787 -29.75 24.69 39.79
CA LYS A 1787 -31.05 24.12 40.14
C LYS A 1787 -32.13 25.19 40.15
N VAL A 1788 -31.82 26.36 40.73
CA VAL A 1788 -32.80 27.44 40.74
C VAL A 1788 -33.19 27.81 39.32
N LEU A 1789 -32.19 28.05 38.47
CA LEU A 1789 -32.49 28.47 37.11
C LEU A 1789 -33.26 27.39 36.35
N HIS A 1790 -32.82 26.14 36.46
CA HIS A 1790 -33.44 25.05 35.73
C HIS A 1790 -34.87 24.82 36.19
N ASP A 1791 -35.12 24.88 37.51
CA ASP A 1791 -36.47 24.71 38.02
C ASP A 1791 -37.38 25.83 37.53
N ARG A 1792 -36.88 27.07 37.51
CA ARG A 1792 -37.71 28.17 37.00
C ARG A 1792 -38.05 27.94 35.53
N MET A 1793 -37.07 27.51 34.73
CA MET A 1793 -37.36 27.27 33.31
C MET A 1793 -38.35 26.12 33.14
N LYS A 1794 -38.22 25.07 33.95
CA LYS A 1794 -39.15 23.95 33.86
C LYS A 1794 -40.56 24.38 34.23
N ARG A 1795 -40.71 25.19 35.27
CA ARG A 1795 -42.03 25.68 35.65
C ARG A 1795 -42.61 26.56 34.55
N ALA A 1796 -41.78 27.38 33.91
CA ALA A 1796 -42.24 28.17 32.79
C ALA A 1796 -42.73 27.27 31.66
N GLN A 1797 -42.01 26.20 31.38
CA GLN A 1797 -42.46 25.24 30.37
C GLN A 1797 -43.81 24.64 30.72
N GLN A 1798 -43.98 24.26 31.99
CA GLN A 1798 -45.25 23.66 32.41
C GLN A 1798 -46.40 24.66 32.26
N GLU A 1799 -46.18 25.91 32.65
CA GLU A 1799 -47.22 26.92 32.52
C GLU A 1799 -47.55 27.18 31.05
N THR A 1800 -46.52 27.19 30.19
CA THR A 1800 -46.77 27.37 28.77
C THR A 1800 -47.60 26.21 28.22
N LYS A 1801 -47.30 24.99 28.65
CA LYS A 1801 -48.10 23.84 28.23
C LYS A 1801 -49.55 23.98 28.68
N SER A 1802 -49.76 24.42 29.92
CA SER A 1802 -51.12 24.61 30.42
C SER A 1802 -51.86 25.66 29.61
N THR A 1803 -51.19 26.77 29.29
CA THR A 1803 -51.82 27.82 28.49
C THR A 1803 -52.15 27.31 27.09
N VAL A 1804 -51.26 26.53 26.49
CA VAL A 1804 -51.53 25.97 25.18
C VAL A 1804 -52.74 25.04 25.24
N ALA A 1805 -52.82 24.22 26.28
CA ALA A 1805 -53.98 23.35 26.45
C ALA A 1805 -55.26 24.17 26.57
N VAL A 1806 -55.21 25.28 27.31
CA VAL A 1806 -56.38 26.15 27.40
C VAL A 1806 -56.75 26.69 26.03
N ASN A 1807 -55.76 27.12 25.26
CA ASN A 1807 -56.00 27.66 23.93
C ASN A 1807 -56.15 26.53 22.91
N MET A 1863 -49.61 36.79 30.52
CA MET A 1863 -49.43 35.45 29.96
C MET A 1863 -48.71 34.54 30.96
N GLY A 1864 -48.74 34.91 32.23
CA GLY A 1864 -48.11 34.13 33.27
C GLY A 1864 -46.78 34.72 33.72
N THR A 1865 -46.65 34.97 35.02
CA THR A 1865 -45.40 35.51 35.54
C THR A 1865 -44.26 34.53 35.36
N SER A 1866 -44.55 33.23 35.43
CA SER A 1866 -43.51 32.22 35.22
C SER A 1866 -42.94 32.29 33.81
N VAL A 1867 -43.81 32.49 32.81
CA VAL A 1867 -43.33 32.65 31.44
C VAL A 1867 -42.64 33.99 31.27
N LEU A 1868 -43.15 35.04 31.92
CA LEU A 1868 -42.54 36.35 31.80
C LEU A 1868 -41.11 36.36 32.32
N ILE A 1869 -40.87 35.68 33.45
CA ILE A 1869 -39.53 35.69 34.05
C ILE A 1869 -38.52 34.99 33.15
N MET A 1870 -38.98 34.14 32.23
CA MET A 1870 -38.05 33.39 31.39
C MET A 1870 -37.25 34.31 30.47
N GLN A 1871 -37.82 35.43 30.06
CA GLN A 1871 -37.11 36.34 29.17
C GLN A 1871 -35.78 36.81 29.76
N PRO A 1872 -35.74 37.40 30.95
CA PRO A 1872 -34.44 37.80 31.51
C PRO A 1872 -33.51 36.62 31.73
N ILE A 1873 -34.03 35.44 32.07
CA ILE A 1873 -33.16 34.29 32.27
C ILE A 1873 -32.47 33.90 30.96
N LEU A 1874 -33.23 33.85 29.88
CA LEU A 1874 -32.64 33.51 28.58
C LEU A 1874 -31.66 34.59 28.14
N ARG A 1875 -31.99 35.86 28.38
CA ARG A 1875 -31.04 36.93 28.07
C ARG A 1875 -29.76 36.76 28.86
N PHE A 1876 -29.87 36.39 30.14
CA PHE A 1876 -28.70 36.19 30.98
C PHE A 1876 -27.84 35.04 30.44
N LEU A 1877 -28.47 33.94 30.02
CA LEU A 1877 -27.71 32.82 29.48
C LEU A 1877 -27.01 33.21 28.18
N GLN A 1878 -27.73 33.92 27.30
CA GLN A 1878 -27.12 34.37 26.04
C GLN A 1878 -25.94 35.28 26.33
N LEU A 1879 -26.08 36.16 27.32
CA LEU A 1879 -25.01 37.11 27.63
C LEU A 1879 -23.82 36.39 28.24
N LEU A 1880 -24.08 35.34 29.03
CA LEU A 1880 -22.99 34.52 29.55
C LEU A 1880 -22.22 33.85 28.43
N CYS A 1881 -22.94 33.34 27.43
CA CYS A 1881 -22.30 32.65 26.31
C CYS A 1881 -21.89 33.59 25.19
N GLU A 1882 -22.05 34.90 25.37
CA GLU A 1882 -21.72 35.86 24.33
C GLU A 1882 -20.22 35.88 24.08
N ASN A 1883 -19.85 36.28 22.86
CA ASN A 1883 -18.46 36.39 22.43
C ASN A 1883 -17.78 35.02 22.35
N HIS A 1884 -18.58 33.97 22.22
CA HIS A 1884 -18.07 32.62 21.99
C HIS A 1884 -17.10 32.20 23.10
N ASN A 1885 -17.63 32.13 24.32
CA ASN A 1885 -16.84 31.64 25.45
C ASN A 1885 -17.05 30.14 25.56
N ARG A 1886 -16.06 29.36 25.10
CA ARG A 1886 -16.20 27.92 25.05
C ARG A 1886 -16.39 27.33 26.45
N ASP A 1887 -15.66 27.86 27.42
CA ASP A 1887 -15.77 27.35 28.79
C ASP A 1887 -17.20 27.46 29.30
N LEU A 1888 -17.81 28.64 29.19
CA LEU A 1888 -19.19 28.80 29.64
C LEU A 1888 -20.16 27.98 28.81
N GLN A 1889 -19.95 27.92 27.49
CA GLN A 1889 -20.86 27.17 26.64
C GLN A 1889 -20.88 25.69 27.02
N ASN A 1890 -19.71 25.12 27.32
CA ASN A 1890 -19.68 23.72 27.75
C ASN A 1890 -20.13 23.56 29.19
N PHE A 1891 -19.90 24.59 30.02
CA PHE A 1891 -20.33 24.51 31.41
C PHE A 1891 -21.83 24.43 31.52
N LEU A 1892 -22.55 25.22 30.72
CA LEU A 1892 -24.01 25.18 30.76
C LEU A 1892 -24.52 23.78 30.39
N ARG A 1893 -23.91 23.15 29.39
CA ARG A 1893 -24.30 21.80 29.02
C ARG A 1893 -23.98 20.81 30.14
N CYS A 1894 -22.80 20.92 30.73
CA CYS A 1894 -22.38 20.02 31.80
C CYS A 1894 -21.48 20.77 32.77
N GLN A 1895 -22.08 21.23 33.87
CA GLN A 1895 -21.35 21.99 34.89
C GLN A 1895 -20.42 21.12 35.72
N ASN A 1896 -20.34 19.82 35.46
CA ASN A 1896 -19.41 18.93 36.17
C ASN A 1896 -19.67 18.97 37.67
N ASN A 1897 -20.84 18.50 38.07
CA ASN A 1897 -21.22 18.42 39.47
C ASN A 1897 -21.96 17.10 39.71
N LYS A 1898 -22.41 16.90 40.95
CA LYS A 1898 -23.11 15.67 41.28
C LYS A 1898 -24.36 15.48 40.42
N THR A 1899 -25.16 16.53 40.27
CA THR A 1899 -26.32 16.52 39.39
C THR A 1899 -26.11 17.61 38.34
N ASN A 1900 -26.21 17.22 37.08
CA ASN A 1900 -25.96 18.13 35.96
C ASN A 1900 -27.29 18.54 35.34
N TYR A 1901 -27.50 19.85 35.23
CA TYR A 1901 -28.72 20.41 34.67
C TYR A 1901 -28.37 20.97 33.29
N ASN A 1902 -29.14 20.58 32.28
CA ASN A 1902 -28.82 20.92 30.89
C ASN A 1902 -29.72 22.09 30.45
N LEU A 1903 -29.24 23.30 30.72
CA LEU A 1903 -29.99 24.50 30.38
C LEU A 1903 -30.21 24.60 28.88
N VAL A 1904 -29.28 24.05 28.08
CA VAL A 1904 -29.43 24.12 26.63
C VAL A 1904 -30.63 23.28 26.18
N CYS A 1905 -30.73 22.04 26.66
CA CYS A 1905 -31.89 21.23 26.34
C CYS A 1905 -33.17 21.85 26.90
N GLU A 1906 -33.08 22.48 28.08
CA GLU A 1906 -34.26 23.13 28.63
C GLU A 1906 -34.72 24.27 27.73
N THR A 1907 -33.78 25.06 27.20
CA THR A 1907 -34.13 26.14 26.29
C THR A 1907 -34.76 25.59 25.01
N LEU A 1908 -34.19 24.53 24.45
CA LEU A 1908 -34.76 23.94 23.25
C LEU A 1908 -36.17 23.43 23.51
N GLN A 1909 -36.38 22.78 24.65
CA GLN A 1909 -37.70 22.28 24.99
C GLN A 1909 -38.68 23.42 25.22
N PHE A 1910 -38.20 24.53 25.80
CA PHE A 1910 -39.05 25.71 25.95
C PHE A 1910 -39.49 26.23 24.59
N LEU A 1911 -38.57 26.32 23.63
CA LEU A 1911 -38.94 26.70 22.28
C LEU A 1911 -39.99 25.76 21.72
N ASP A 1912 -39.78 24.46 21.88
CA ASP A 1912 -40.71 23.47 21.34
C ASP A 1912 -42.11 23.65 21.93
N ILE A 1913 -42.19 23.76 23.26
CA ILE A 1913 -43.48 23.85 23.92
C ILE A 1913 -44.18 25.16 23.57
N MET A 1914 -43.42 26.26 23.51
CA MET A 1914 -44.01 27.54 23.14
C MET A 1914 -44.57 27.47 21.72
N CYS A 1915 -43.83 26.85 20.80
CA CYS A 1915 -44.25 26.74 19.42
C CYS A 1915 -45.35 25.71 19.19
N GLY A 1916 -45.60 24.84 20.17
CA GLY A 1916 -46.64 23.85 20.07
C GLY A 1916 -46.19 22.44 19.80
N SER A 1917 -44.89 22.22 19.60
CA SER A 1917 -44.32 20.87 19.47
C SER A 1917 -44.86 20.24 18.19
N THR A 1918 -45.46 19.05 18.25
CA THR A 1918 -45.78 18.31 17.04
C THR A 1918 -46.77 19.08 16.17
N THR A 1919 -47.72 19.78 16.78
CA THR A 1919 -48.67 20.56 16.00
C THR A 1919 -47.97 21.67 15.23
N GLY A 1920 -47.05 22.38 15.90
CA GLY A 1920 -46.26 23.37 15.21
C GLY A 1920 -45.45 22.77 14.07
N GLY A 1921 -44.94 21.56 14.28
CA GLY A 1921 -44.28 20.85 13.19
C GLY A 1921 -45.23 20.58 12.02
N LEU A 1922 -46.46 20.19 12.34
CA LEU A 1922 -47.46 20.00 11.29
C LEU A 1922 -47.68 21.29 10.51
N GLY A 1923 -47.65 22.43 11.19
CA GLY A 1923 -47.72 23.71 10.51
C GLY A 1923 -48.84 24.63 10.97
N LEU A 1924 -49.29 24.44 12.21
CA LEU A 1924 -50.23 25.36 12.83
C LEU A 1924 -49.51 26.45 13.61
N LEU A 1925 -48.27 26.76 13.23
CA LEU A 1925 -47.44 27.64 14.03
C LEU A 1925 -48.01 29.06 14.09
N GLY A 1926 -48.73 29.48 13.06
CA GLY A 1926 -49.34 30.79 13.07
C GLY A 1926 -50.36 30.94 14.18
N LEU A 1927 -51.12 29.89 14.44
CA LEU A 1927 -52.11 29.92 15.52
C LEU A 1927 -51.43 30.11 16.86
N TYR A 1928 -50.31 29.41 17.09
CA TYR A 1928 -49.66 29.48 18.39
C TYR A 1928 -48.92 30.79 18.58
N ILE A 1929 -48.23 31.27 17.55
CA ILE A 1929 -47.46 32.51 17.67
C ILE A 1929 -48.40 33.70 17.59
N ASN A 1930 -48.29 34.60 18.56
CA ASN A 1930 -49.04 35.85 18.56
C ASN A 1930 -48.07 36.99 18.89
N GLU A 1931 -48.60 38.21 18.89
CA GLU A 1931 -47.76 39.38 19.11
C GLU A 1931 -47.12 39.33 20.49
N ASP A 1932 -47.76 38.67 21.45
CA ASP A 1932 -47.28 38.70 22.83
C ASP A 1932 -46.02 37.85 23.00
N ASN A 1933 -46.02 36.64 22.46
CA ASN A 1933 -44.94 35.68 22.68
C ASN A 1933 -43.88 35.71 21.59
N VAL A 1934 -44.05 36.54 20.56
CA VAL A 1934 -43.07 36.58 19.47
C VAL A 1934 -41.72 37.06 19.98
N GLY A 1935 -41.73 38.02 20.91
CA GLY A 1935 -40.47 38.49 21.48
C GLY A 1935 -39.72 37.40 22.22
N LEU A 1936 -40.44 36.61 23.02
CA LEU A 1936 -39.81 35.52 23.75
C LEU A 1936 -39.31 34.45 22.79
N VAL A 1937 -40.05 34.18 21.72
CA VAL A 1937 -39.57 33.22 20.72
C VAL A 1937 -38.27 33.72 20.10
N ILE A 1938 -38.23 35.00 19.75
CA ILE A 1938 -37.02 35.58 19.16
C ILE A 1938 -35.86 35.46 20.14
N GLN A 1939 -36.10 35.76 21.41
CA GLN A 1939 -35.03 35.69 22.40
C GLN A 1939 -34.53 34.25 22.57
N THR A 1940 -35.44 33.28 22.58
CA THR A 1940 -35.03 31.89 22.70
C THR A 1940 -34.18 31.46 21.51
N LEU A 1941 -34.59 31.86 20.29
CA LEU A 1941 -33.81 31.53 19.11
C LEU A 1941 -32.43 32.18 19.16
N GLU A 1942 -32.36 33.44 19.61
CA GLU A 1942 -31.08 34.11 19.73
C GLU A 1942 -30.18 33.41 20.75
N THR A 1943 -30.76 32.98 21.88
CA THR A 1943 -29.98 32.27 22.88
C THR A 1943 -29.43 30.96 22.33
N LEU A 1944 -30.27 30.22 21.58
CA LEU A 1944 -29.79 28.98 20.98
C LEU A 1944 -28.68 29.25 19.97
N THR A 1945 -28.82 30.32 19.18
CA THR A 1945 -27.77 30.68 18.25
C THR A 1945 -26.47 30.99 18.97
N GLU A 1946 -26.55 31.73 20.08
CA GLU A 1946 -25.35 32.04 20.85
C GLU A 1946 -24.73 30.77 21.43
N TYR A 1947 -25.57 29.84 21.88
CA TYR A 1947 -25.05 28.54 22.32
C TYR A 1947 -24.26 27.86 21.21
N CYS A 1948 -24.84 27.80 20.02
CA CYS A 1948 -24.26 26.99 18.95
C CYS A 1948 -23.00 27.64 18.38
N GLN A 1949 -23.00 28.95 18.19
CA GLN A 1949 -21.91 29.60 17.47
C GLN A 1949 -20.60 29.49 18.24
N GLY A 1950 -19.49 29.53 17.50
CA GLY A 1950 -18.17 29.51 18.07
C GLY A 1950 -17.18 28.60 17.35
N PRO A 1951 -17.61 27.42 16.87
CA PRO A 1951 -18.83 26.66 17.19
C PRO A 1951 -18.59 25.69 18.34
N CYS A 1952 -19.63 25.28 19.06
CA CYS A 1952 -19.52 24.23 20.08
C CYS A 1952 -20.15 22.97 19.52
N HIS A 1953 -19.31 22.00 19.16
CA HIS A 1953 -19.80 20.81 18.49
C HIS A 1953 -20.77 20.03 19.37
N GLU A 1954 -20.49 19.95 20.67
CA GLU A 1954 -21.38 19.23 21.56
C GLU A 1954 -22.75 19.89 21.63
N ASN A 1955 -22.78 21.22 21.74
CA ASN A 1955 -24.07 21.92 21.78
C ASN A 1955 -24.83 21.76 20.47
N GLN A 1956 -24.12 21.85 19.34
CA GLN A 1956 -24.78 21.67 18.06
C GLN A 1956 -25.37 20.26 17.95
N THR A 1957 -24.60 19.25 18.35
CA THR A 1957 -25.11 17.88 18.32
C THR A 1957 -26.33 17.73 19.21
N CYS A 1958 -26.27 18.31 20.41
CA CYS A 1958 -27.40 18.21 21.34
C CYS A 1958 -28.65 18.82 20.73
N ILE A 1959 -28.54 20.03 20.18
CA ILE A 1959 -29.71 20.69 19.61
C ILE A 1959 -30.25 19.88 18.43
N VAL A 1960 -29.36 19.39 17.56
CA VAL A 1960 -29.82 18.69 16.36
C VAL A 1960 -30.47 17.35 16.74
N THR A 1961 -29.93 16.64 17.72
CA THR A 1961 -30.30 15.27 18.00
C THR A 1961 -31.22 15.14 19.22
N HIS A 1962 -31.67 16.25 19.81
CA HIS A 1962 -32.57 16.15 20.95
C HIS A 1962 -33.85 15.42 20.58
N GLU A 1963 -34.37 14.63 21.52
CA GLU A 1963 -35.56 13.83 21.27
C GLU A 1963 -36.78 14.69 20.96
N SER A 1964 -36.79 15.95 21.41
CA SER A 1964 -37.95 16.80 21.19
C SER A 1964 -38.15 17.14 19.72
N ASN A 1965 -37.13 16.92 18.87
CA ASN A 1965 -37.21 17.27 17.45
C ASN A 1965 -37.49 18.75 17.27
N GLY A 1966 -36.80 19.59 18.04
CA GLY A 1966 -37.00 21.03 17.94
C GLY A 1966 -36.42 21.61 16.66
N ILE A 1967 -35.56 20.86 15.98
CA ILE A 1967 -35.05 21.32 14.69
C ILE A 1967 -36.19 21.42 13.68
N ASP A 1968 -37.18 20.54 13.78
CA ASP A 1968 -38.35 20.64 12.93
C ASP A 1968 -39.07 21.97 13.14
N ILE A 1969 -39.23 22.38 14.39
CA ILE A 1969 -39.85 23.67 14.68
C ILE A 1969 -38.98 24.81 14.17
N ILE A 1970 -37.66 24.70 14.34
CA ILE A 1970 -36.77 25.76 13.89
C ILE A 1970 -36.89 25.96 12.39
N THR A 1971 -36.99 24.86 11.64
CA THR A 1971 -37.11 24.96 10.19
C THR A 1971 -38.53 25.40 9.79
N ALA A 1972 -39.54 24.96 10.54
CA ALA A 1972 -40.90 25.39 10.25
C ALA A 1972 -41.07 26.88 10.48
N LEU A 1973 -40.25 27.46 11.36
CA LEU A 1973 -40.26 28.91 11.54
C LEU A 1973 -39.89 29.61 10.23
N ILE A 1974 -38.87 29.11 9.54
CA ILE A 1974 -38.48 29.68 8.25
C ILE A 1974 -39.57 29.41 7.21
N LEU A 1975 -40.03 28.17 7.13
CA LEU A 1975 -40.87 27.77 6.00
C LEU A 1975 -42.29 28.33 6.10
N ASN A 1976 -42.86 28.31 7.31
CA ASN A 1976 -44.27 28.67 7.47
C ASN A 1976 -44.51 30.15 7.23
N ASP A 1977 -45.74 30.47 6.85
CA ASP A 1977 -46.09 31.87 6.56
C ASP A 1977 -46.28 32.67 7.84
N ILE A 1978 -46.80 32.06 8.90
CA ILE A 1978 -47.14 32.78 10.12
C ILE A 1978 -48.18 33.83 9.74
N SER A 1979 -49.25 33.40 9.06
CA SER A 1979 -50.18 34.34 8.46
C SER A 1979 -50.82 35.30 9.47
N PRO A 1980 -51.31 34.85 10.63
CA PRO A 1980 -51.98 35.79 11.54
C PRO A 1980 -51.09 36.94 11.96
N LEU A 1981 -49.79 36.69 12.15
CA LEU A 1981 -48.89 37.77 12.52
C LEU A 1981 -48.41 38.55 11.31
N CYS A 1982 -48.30 37.89 10.15
CA CYS A 1982 -47.85 38.59 8.96
C CYS A 1982 -48.86 39.65 8.54
N LYS A 1983 -50.15 39.34 8.67
CA LYS A 1983 -51.18 40.26 8.20
C LYS A 1983 -51.04 41.63 8.86
N TYR A 1984 -50.79 41.66 10.17
CA TYR A 1984 -50.75 42.92 10.92
C TYR A 1984 -49.34 43.45 11.12
N ARG A 1985 -48.39 42.60 11.54
CA ARG A 1985 -47.01 43.00 11.84
C ARG A 1985 -46.07 42.07 11.07
N MET A 1986 -45.67 42.51 9.87
CA MET A 1986 -44.77 41.71 9.06
C MET A 1986 -43.34 41.76 9.57
N ASP A 1987 -42.96 42.86 10.23
CA ASP A 1987 -41.59 43.02 10.68
C ASP A 1987 -41.21 41.93 11.69
N LEU A 1988 -42.13 41.60 12.60
CA LEU A 1988 -41.84 40.55 13.58
C LEU A 1988 -41.65 39.20 12.90
N VAL A 1989 -42.48 38.91 11.89
CA VAL A 1989 -42.33 37.65 11.16
C VAL A 1989 -40.97 37.60 10.46
N LEU A 1990 -40.57 38.71 9.84
CA LEU A 1990 -39.27 38.75 9.17
C LEU A 1990 -38.14 38.56 10.17
N GLN A 1991 -38.23 39.19 11.34
CA GLN A 1991 -37.20 39.02 12.35
C GLN A 1991 -37.14 37.58 12.82
N LEU A 1992 -38.30 36.95 13.03
CA LEU A 1992 -38.33 35.55 13.42
C LEU A 1992 -37.65 34.67 12.38
N LYS A 1993 -37.97 34.89 11.10
CA LYS A 1993 -37.35 34.10 10.04
C LYS A 1993 -35.84 34.31 9.99
N ASP A 1994 -35.40 35.56 10.13
CA ASP A 1994 -33.96 35.83 10.09
C ASP A 1994 -33.23 35.13 11.24
N ASN A 1995 -33.79 35.21 12.45
CA ASN A 1995 -33.15 34.57 13.59
C ASN A 1995 -33.14 33.06 13.43
N ALA A 1996 -34.23 32.48 12.92
CA ALA A 1996 -34.25 31.04 12.69
C ALA A 1996 -33.19 30.63 11.67
N SER A 1997 -33.05 31.41 10.59
CA SER A 1997 -32.03 31.10 9.60
C SER A 1997 -30.63 31.20 10.20
N LYS A 1998 -30.39 32.21 11.04
CA LYS A 1998 -29.10 32.33 11.69
C LYS A 1998 -28.82 31.12 12.57
N LEU A 1999 -29.82 30.68 13.32
CA LEU A 1999 -29.63 29.50 14.18
C LEU A 1999 -29.33 28.26 13.34
N LEU A 2000 -30.06 28.09 12.23
CA LEU A 2000 -29.81 26.93 11.38
C LEU A 2000 -28.41 26.95 10.79
N LEU A 2001 -27.95 28.13 10.36
CA LEU A 2001 -26.58 28.24 9.87
C LEU A 2001 -25.57 27.92 10.96
N ALA A 2002 -25.80 28.43 12.17
CA ALA A 2002 -24.88 28.16 13.27
C ALA A 2002 -24.82 26.67 13.56
N LEU A 2003 -25.93 25.96 13.40
CA LEU A 2003 -25.95 24.52 13.68
C LEU A 2003 -24.97 23.79 12.76
N MET A 2004 -24.80 24.26 11.53
CA MET A 2004 -23.93 23.63 10.54
C MET A 2004 -22.69 24.49 10.25
N GLU A 2005 -22.35 25.40 11.16
CA GLU A 2005 -21.25 26.33 10.92
C GLU A 2005 -20.01 25.61 10.38
N SER A 2006 -19.44 24.69 11.16
CA SER A 2006 -18.16 24.08 10.81
C SER A 2006 -18.19 22.56 10.88
N ARG A 2007 -19.32 21.94 10.57
CA ARG A 2007 -19.42 20.48 10.57
C ARG A 2007 -19.15 19.96 9.17
N HIS A 2008 -17.97 19.36 8.99
CA HIS A 2008 -17.63 18.76 7.70
C HIS A 2008 -18.55 17.58 7.39
N ASP A 2009 -18.89 16.79 8.41
CA ASP A 2009 -19.77 15.65 8.21
C ASP A 2009 -21.18 16.11 7.84
N SER A 2010 -21.95 15.18 7.29
CA SER A 2010 -23.25 15.51 6.69
C SER A 2010 -24.44 15.17 7.57
N GLU A 2011 -24.23 14.73 8.82
CA GLU A 2011 -25.35 14.29 9.63
C GLU A 2011 -26.30 15.45 9.95
N ASN A 2012 -25.74 16.57 10.43
CA ASN A 2012 -26.57 17.71 10.79
C ASN A 2012 -27.29 18.27 9.57
N ALA A 2013 -26.57 18.40 8.45
CA ALA A 2013 -27.19 18.90 7.23
C ALA A 2013 -28.33 17.99 6.77
N GLU A 2014 -28.12 16.68 6.81
CA GLU A 2014 -29.17 15.75 6.42
C GLU A 2014 -30.38 15.89 7.35
N ARG A 2015 -30.14 15.95 8.66
CA ARG A 2015 -31.25 16.05 9.60
C ARG A 2015 -32.05 17.33 9.34
N ILE A 2016 -31.36 18.44 9.11
CA ILE A 2016 -32.07 19.69 8.82
C ILE A 2016 -32.87 19.56 7.52
N LEU A 2017 -32.26 18.98 6.49
CA LEU A 2017 -32.90 18.96 5.18
C LEU A 2017 -34.12 18.04 5.16
N ILE A 2018 -34.11 16.97 5.95
CA ILE A 2018 -35.28 16.10 6.02
C ILE A 2018 -36.52 16.92 6.39
N SER A 2019 -36.40 17.78 7.38
CA SER A 2019 -37.53 18.63 7.76
C SER A 2019 -37.75 19.75 6.74
N LEU A 2020 -36.67 20.34 6.25
CA LEU A 2020 -36.76 21.48 5.33
C LEU A 2020 -36.61 20.97 3.90
N ARG A 2021 -37.72 20.87 3.19
CA ARG A 2021 -37.69 20.40 1.81
C ARG A 2021 -37.03 21.46 0.91
N PRO A 2022 -36.36 21.02 -0.16
CA PRO A 2022 -35.63 22.00 -0.99
C PRO A 2022 -36.54 22.90 -1.82
N GLN A 2023 -37.57 22.34 -2.45
CA GLN A 2023 -38.43 23.16 -3.31
C GLN A 2023 -39.09 24.27 -2.53
N GLU A 2024 -39.61 23.97 -1.34
CA GLU A 2024 -40.24 24.99 -0.53
C GLU A 2024 -39.23 26.05 -0.09
N LEU A 2025 -38.01 25.62 0.25
CA LEU A 2025 -36.97 26.58 0.59
C LEU A 2025 -36.74 27.55 -0.57
N VAL A 2026 -36.54 27.02 -1.77
CA VAL A 2026 -36.29 27.87 -2.94
C VAL A 2026 -37.46 28.79 -3.18
N ASP A 2027 -38.68 28.29 -2.99
CA ASP A 2027 -39.86 29.14 -3.13
C ASP A 2027 -39.82 30.30 -2.14
N VAL A 2028 -39.40 30.04 -0.91
CA VAL A 2028 -39.30 31.10 0.09
C VAL A 2028 -38.26 32.14 -0.34
N ILE A 2029 -37.11 31.67 -0.83
CA ILE A 2029 -36.05 32.60 -1.24
C ILE A 2029 -36.57 33.50 -2.36
N LYS A 2030 -37.25 32.90 -3.34
CA LYS A 2030 -37.81 33.70 -4.43
C LYS A 2030 -38.88 34.65 -3.92
N LYS A 2031 -39.70 34.21 -2.97
CA LYS A 2031 -40.81 35.02 -2.49
C LYS A 2031 -40.31 36.26 -1.75
N ALA A 2032 -39.23 36.12 -0.98
CA ALA A 2032 -38.74 37.27 -0.21
C ALA A 2032 -38.36 38.43 -1.11
N TYR A 2033 -37.67 38.13 -2.22
CA TYR A 2033 -37.24 39.18 -3.13
C TYR A 2033 -38.43 39.95 -3.68
N LEU A 2034 -39.50 39.26 -4.04
CA LEU A 2034 -40.72 39.94 -4.46
C LEU A 2034 -41.32 40.74 -3.31
N GLN A 2035 -41.28 40.18 -2.09
CA GLN A 2035 -41.79 40.88 -0.93
C GLN A 2035 -41.04 42.18 -0.66
N GLU A 2036 -39.83 42.31 -1.21
CA GLU A 2036 -39.07 43.55 -1.00
C GLU A 2036 -39.91 44.78 -1.35
N GLU A 2037 -40.57 44.77 -2.50
CA GLU A 2037 -41.31 45.95 -2.95
C GLU A 2037 -42.42 46.31 -1.97
N GLU A 2038 -43.11 45.31 -1.43
CA GLU A 2038 -44.17 45.54 -0.47
C GLU A 2038 -43.64 45.98 0.90
N ARG A 2039 -42.32 45.96 1.09
CA ARG A 2039 -41.74 46.34 2.37
C ARG A 2039 -42.16 47.74 2.77
N GLU A 2040 -42.50 47.90 4.04
CA GLU A 2040 -42.73 49.20 4.65
C GLU A 2040 -41.50 49.60 5.47
N ASN A 2041 -41.36 50.90 5.69
CA ASN A 2041 -40.20 51.43 6.41
C ASN A 2041 -39.99 50.65 7.70
N SER A 2042 -38.85 49.95 7.78
CA SER A 2042 -38.53 49.15 8.94
C SER A 2042 -37.05 48.82 8.92
N GLU A 2043 -36.53 48.45 10.10
CA GLU A 2043 -35.12 48.07 10.20
C GLU A 2043 -34.83 46.81 9.39
N VAL A 2044 -35.72 45.81 9.49
CA VAL A 2044 -35.49 44.55 8.79
C VAL A 2044 -35.74 44.73 7.30
N SER A 2045 -35.03 43.96 6.48
CA SER A 2045 -35.15 44.02 5.03
C SER A 2045 -35.47 42.64 4.48
N PRO A 2046 -36.56 42.48 3.72
CA PRO A 2046 -36.82 41.17 3.10
C PRO A 2046 -35.67 40.72 2.21
N ARG A 2047 -34.99 41.65 1.54
CA ARG A 2047 -33.84 41.27 0.72
C ARG A 2047 -32.74 40.65 1.57
N GLU A 2048 -32.45 41.24 2.72
CA GLU A 2048 -31.43 40.70 3.60
C GLU A 2048 -31.84 39.34 4.15
N VAL A 2049 -33.11 39.20 4.53
CA VAL A 2049 -33.59 37.91 5.03
C VAL A 2049 -33.45 36.84 3.96
N GLY A 2050 -33.85 37.18 2.73
CA GLY A 2050 -33.72 36.22 1.64
C GLY A 2050 -32.27 35.88 1.34
N HIS A 2051 -31.38 36.86 1.49
CA HIS A 2051 -29.95 36.60 1.28
C HIS A 2051 -29.42 35.61 2.31
N ASN A 2052 -29.81 35.80 3.57
CA ASN A 2052 -29.40 34.84 4.61
C ASN A 2052 -29.95 33.45 4.32
N ILE A 2053 -31.21 33.37 3.93
CA ILE A 2053 -31.79 32.07 3.60
C ILE A 2053 -31.07 31.46 2.40
N TYR A 2054 -30.65 32.29 1.45
CA TYR A 2054 -29.91 31.80 0.29
C TYR A 2054 -28.57 31.21 0.70
N ILE A 2055 -27.86 31.88 1.62
CA ILE A 2055 -26.59 31.35 2.08
C ILE A 2055 -26.78 30.00 2.77
N LEU A 2056 -27.81 29.91 3.62
CA LEU A 2056 -28.12 28.63 4.24
C LEU A 2056 -28.47 27.58 3.18
N ALA A 2057 -29.21 27.98 2.15
CA ALA A 2057 -29.60 27.06 1.10
C ALA A 2057 -28.39 26.54 0.35
N LEU A 2058 -27.42 27.41 0.05
CA LEU A 2058 -26.18 26.95 -0.57
C LEU A 2058 -25.46 25.93 0.31
N GLN A 2059 -25.29 26.27 1.59
CA GLN A 2059 -24.56 25.37 2.47
C GLN A 2059 -25.25 24.01 2.54
N LEU A 2060 -26.59 24.00 2.56
CA LEU A 2060 -27.30 22.72 2.51
C LEU A 2060 -27.22 22.07 1.14
N SER A 2061 -27.07 22.87 0.08
CA SER A 2061 -27.08 22.34 -1.27
C SER A 2061 -25.79 21.58 -1.57
N ARG A 2062 -24.68 21.97 -0.92
CA ARG A 2062 -23.46 21.20 -1.09
C ARG A 2062 -23.72 19.71 -0.91
N HIS A 2063 -24.71 19.34 -0.09
CA HIS A 2063 -24.99 17.94 0.17
C HIS A 2063 -26.13 17.43 -0.71
N ASN A 2064 -27.01 18.32 -1.17
CA ASN A 2064 -28.22 17.92 -1.86
C ASN A 2064 -28.15 18.31 -3.34
N LYS A 2065 -28.13 17.29 -4.20
CA LYS A 2065 -28.04 17.53 -5.64
C LYS A 2065 -29.30 18.21 -6.16
N GLN A 2066 -30.46 17.81 -5.67
CA GLN A 2066 -31.70 18.44 -6.09
C GLN A 2066 -31.72 19.92 -5.71
N LEU A 2067 -31.29 20.24 -4.49
CA LEU A 2067 -31.25 21.65 -4.08
C LEU A 2067 -30.24 22.42 -4.92
N GLN A 2068 -29.09 21.81 -5.23
CA GLN A 2068 -28.13 22.47 -6.10
C GLN A 2068 -28.76 22.80 -7.45
N HIS A 2069 -29.40 21.81 -8.07
CA HIS A 2069 -30.00 22.02 -9.39
C HIS A 2069 -31.07 23.09 -9.34
N LEU A 2070 -31.93 23.05 -8.33
CA LEU A 2070 -32.97 24.07 -8.19
C LEU A 2070 -32.36 25.45 -8.00
N LEU A 2071 -31.28 25.53 -7.22
CA LEU A 2071 -30.67 26.83 -6.93
C LEU A 2071 -30.01 27.41 -8.18
N LYS A 2072 -29.55 26.57 -9.09
CA LYS A 2072 -28.98 27.09 -10.33
C LYS A 2072 -30.00 27.99 -11.01
N PRO A 2073 -29.67 29.24 -11.31
CA PRO A 2073 -30.65 30.14 -11.94
C PRO A 2073 -30.84 29.83 -13.42
N VAL A 2074 -31.65 30.66 -14.06
CA VAL A 2074 -31.94 30.52 -15.48
C VAL A 2074 -30.64 30.54 -16.28
N GLU A 2111 -34.12 40.58 -12.70
CA GLU A 2111 -35.46 40.27 -12.20
C GLU A 2111 -35.48 38.92 -11.50
N ASP A 2112 -34.46 38.10 -11.75
CA ASP A 2112 -34.40 36.78 -11.15
C ASP A 2112 -33.81 36.89 -9.75
N PRO A 2113 -34.56 36.54 -8.70
CA PRO A 2113 -34.00 36.66 -7.34
C PRO A 2113 -32.76 35.81 -7.14
N LEU A 2114 -32.75 34.60 -7.70
CA LEU A 2114 -31.58 33.74 -7.57
C LEU A 2114 -30.38 34.35 -8.28
N ALA A 2115 -30.60 34.94 -9.46
CA ALA A 2115 -29.50 35.59 -10.16
C ALA A 2115 -28.94 36.76 -9.34
N TYR A 2116 -29.84 37.59 -8.78
CA TYR A 2116 -29.38 38.72 -7.97
C TYR A 2116 -28.57 38.24 -6.77
N TYR A 2117 -29.10 37.24 -6.05
CA TYR A 2117 -28.40 36.76 -4.86
C TYR A 2117 -27.07 36.11 -5.22
N GLU A 2118 -27.02 35.35 -6.31
CA GLU A 2118 -25.78 34.74 -6.74
C GLU A 2118 -24.74 35.79 -7.10
N ASN A 2119 -25.17 36.85 -7.80
CA ASN A 2119 -24.24 37.92 -8.15
C ASN A 2119 -23.78 38.68 -6.92
N HIS A 2120 -24.59 38.74 -5.86
CA HIS A 2120 -24.24 39.48 -4.65
C HIS A 2120 -23.74 38.58 -3.51
N THR A 2121 -23.44 37.32 -3.79
CA THR A 2121 -22.88 36.41 -2.80
C THR A 2121 -21.44 36.10 -3.17
N SER A 2122 -20.58 35.94 -2.16
CA SER A 2122 -19.16 35.65 -2.37
C SER A 2122 -18.71 34.54 -1.43
N GLN A 2123 -17.58 33.93 -1.78
CA GLN A 2123 -17.01 32.84 -1.00
C GLN A 2123 -15.50 33.01 -0.89
N ILE A 2124 -14.93 32.57 0.24
CA ILE A 2124 -13.50 32.56 0.46
C ILE A 2124 -13.12 31.28 1.19
N GLU A 2125 -11.83 31.01 1.22
CA GLU A 2125 -11.26 29.89 1.98
C GLU A 2125 -10.29 30.44 3.02
N ILE A 2126 -10.48 30.04 4.27
CA ILE A 2126 -9.64 30.50 5.37
C ILE A 2126 -9.01 29.29 6.05
N VAL A 2127 -7.91 29.54 6.74
CA VAL A 2127 -7.19 28.51 7.50
C VAL A 2127 -7.35 28.83 8.98
N ARG A 2128 -7.90 27.89 9.73
CA ARG A 2128 -8.16 28.10 11.15
C ARG A 2128 -6.91 27.84 11.98
N GLN A 2129 -7.05 28.00 13.29
CA GLN A 2129 -5.91 27.82 14.18
C GLN A 2129 -5.43 26.37 14.17
N ASP A 2130 -6.35 25.42 14.09
CA ASP A 2130 -5.98 24.01 14.04
C ASP A 2130 -5.37 23.61 12.69
N ARG A 2131 -5.11 24.57 11.81
CA ARG A 2131 -4.46 24.36 10.52
C ARG A 2131 -5.35 23.63 9.53
N SER A 2132 -6.67 23.67 9.73
CA SER A 2132 -7.63 23.08 8.80
C SER A 2132 -8.28 24.19 7.99
N MET A 2133 -8.62 23.89 6.75
CA MET A 2133 -9.22 24.87 5.87
C MET A 2133 -10.74 24.78 5.91
N GLU A 2134 -11.39 25.93 5.87
CA GLU A 2134 -12.84 26.03 5.82
C GLU A 2134 -13.25 27.05 4.78
N GLN A 2135 -14.48 26.92 4.29
CA GLN A 2135 -15.02 27.79 3.26
C GLN A 2135 -16.09 28.69 3.89
N ILE A 2136 -15.90 30.00 3.77
CA ILE A 2136 -16.82 30.99 4.33
C ILE A 2136 -17.57 31.62 3.17
N VAL A 2137 -18.90 31.49 3.19
CA VAL A 2137 -19.78 32.12 2.21
C VAL A 2137 -20.44 33.32 2.88
N PHE A 2138 -20.24 34.50 2.31
CA PHE A 2138 -20.71 35.73 2.90
C PHE A 2138 -21.44 36.57 1.87
N PRO A 2139 -22.37 37.43 2.31
CA PRO A 2139 -23.00 38.38 1.40
C PRO A 2139 -22.07 39.55 1.12
N VAL A 2140 -21.93 39.88 -0.16
CA VAL A 2140 -20.98 40.94 -0.54
C VAL A 2140 -21.42 42.26 0.07
N PRO A 2141 -20.55 42.98 0.77
CA PRO A 2141 -20.94 44.30 1.30
C PRO A 2141 -21.36 45.24 0.19
N GLY A 2142 -22.34 46.09 0.48
CA GLY A 2142 -22.83 47.01 -0.53
C GLY A 2142 -21.77 48.00 -1.00
N ILE A 2143 -20.94 48.48 -0.08
CA ILE A 2143 -19.92 49.46 -0.44
C ILE A 2143 -18.90 48.90 -1.40
N CYS A 2144 -18.83 47.58 -1.55
CA CYS A 2144 -17.81 46.97 -2.39
C CYS A 2144 -18.02 47.31 -3.86
N GLN A 2145 -19.28 47.52 -4.28
CA GLN A 2145 -19.56 47.73 -5.69
C GLN A 2145 -18.96 49.02 -6.22
N PHE A 2146 -18.62 49.96 -5.34
CA PHE A 2146 -18.15 51.27 -5.78
C PHE A 2146 -16.69 51.27 -6.18
N LEU A 2147 -15.96 50.18 -5.95
CA LEU A 2147 -14.53 50.15 -6.25
C LEU A 2147 -14.31 50.30 -7.76
N THR A 2148 -13.20 50.94 -8.12
CA THR A 2148 -12.93 51.28 -9.52
C THR A 2148 -12.07 50.22 -10.19
N GLU A 2149 -12.38 49.95 -11.45
CA GLU A 2149 -11.60 48.99 -12.23
C GLU A 2149 -10.16 49.46 -12.38
N GLU A 2150 -9.95 50.78 -12.50
CA GLU A 2150 -8.59 51.30 -12.61
C GLU A 2150 -7.78 50.96 -11.36
N THR A 2151 -8.35 51.19 -10.18
CA THR A 2151 -7.66 50.86 -8.94
C THR A 2151 -7.43 49.36 -8.82
N LYS A 2152 -8.43 48.56 -9.22
CA LYS A 2152 -8.25 47.11 -9.17
C LYS A 2152 -7.07 46.66 -10.03
N HIS A 2153 -7.01 47.18 -11.27
CA HIS A 2153 -5.91 46.82 -12.17
C HIS A 2153 -4.57 47.30 -11.62
N ARG A 2154 -4.53 48.52 -11.07
CA ARG A 2154 -3.29 49.02 -10.50
C ARG A 2154 -2.81 48.15 -9.36
N LEU A 2155 -3.72 47.77 -8.46
CA LEU A 2155 -3.32 46.91 -7.35
C LEU A 2155 -2.86 45.55 -7.84
N PHE A 2156 -3.54 44.98 -8.84
CA PHE A 2156 -3.15 43.68 -9.35
C PHE A 2156 -1.76 43.73 -9.98
N THR A 2157 -1.46 44.78 -10.74
CA THR A 2157 -0.23 44.82 -11.52
C THR A 2157 0.92 45.52 -10.80
N THR A 2158 0.69 46.11 -9.62
CA THR A 2158 1.73 46.89 -8.96
C THR A 2158 2.24 46.26 -7.67
N THR A 2159 1.48 45.35 -7.06
CA THR A 2159 1.90 44.77 -5.79
C THR A 2159 3.20 43.99 -5.98
N GLU A 2160 4.06 44.02 -4.97
CA GLU A 2160 5.38 43.41 -5.02
C GLU A 2160 5.46 42.25 -4.03
N GLN A 2161 6.14 41.18 -4.46
CA GLN A 2161 6.32 40.02 -3.60
C GLN A 2161 7.29 40.35 -2.46
N ASP A 2162 7.09 39.69 -1.32
CA ASP A 2162 7.96 39.86 -0.17
C ASP A 2162 9.11 38.85 -0.26
N GLU A 2163 9.87 38.71 0.83
CA GLU A 2163 10.98 37.76 0.84
C GLU A 2163 10.48 36.34 0.65
N GLN A 2164 9.36 35.98 1.29
CA GLN A 2164 8.82 34.64 1.18
C GLN A 2164 8.12 34.39 -0.15
N GLY A 2165 7.82 35.44 -0.91
CA GLY A 2165 7.18 35.30 -2.20
C GLY A 2165 5.68 35.48 -2.21
N SER A 2166 5.11 36.12 -1.20
CA SER A 2166 3.67 36.31 -1.10
C SER A 2166 3.32 37.79 -1.18
N LYS A 2167 2.30 38.11 -1.97
CA LYS A 2167 1.79 39.46 -2.12
C LYS A 2167 0.67 39.78 -1.14
N VAL A 2168 0.28 38.79 -0.33
CA VAL A 2168 -0.86 38.96 0.57
C VAL A 2168 -0.60 40.08 1.56
N SER A 2169 0.64 40.22 2.03
CA SER A 2169 0.95 41.24 3.02
C SER A 2169 0.65 42.64 2.47
N ASP A 2170 1.17 42.93 1.27
CA ASP A 2170 0.94 44.24 0.67
C ASP A 2170 -0.53 44.45 0.33
N PHE A 2171 -1.21 43.40 -0.14
CA PHE A 2171 -2.64 43.53 -0.42
C PHE A 2171 -3.40 43.91 0.84
N PHE A 2172 -3.12 43.21 1.95
CA PHE A 2172 -3.78 43.54 3.21
C PHE A 2172 -3.44 44.95 3.66
N ASP A 2173 -2.20 45.38 3.43
CA ASP A 2173 -1.80 46.74 3.79
C ASP A 2173 -2.61 47.78 3.02
N GLN A 2174 -2.85 47.54 1.73
CA GLN A 2174 -3.59 48.48 0.88
C GLN A 2174 -5.10 48.36 1.04
N SER A 2175 -5.58 47.35 1.75
CA SER A 2175 -7.02 47.21 1.98
C SER A 2175 -7.65 48.49 2.51
N SER A 2176 -7.02 49.15 3.47
CA SER A 2176 -7.63 50.33 4.09
C SER A 2176 -7.77 51.47 3.08
N PHE A 2177 -6.73 51.70 2.28
CA PHE A 2177 -6.83 52.71 1.24
C PHE A 2177 -7.94 52.36 0.25
N LEU A 2178 -8.08 51.08 -0.06
CA LEU A 2178 -9.17 50.66 -0.94
C LEU A 2178 -10.53 51.00 -0.34
N HIS A 2179 -10.69 50.75 0.96
CA HIS A 2179 -11.97 51.05 1.62
C HIS A 2179 -12.27 52.55 1.58
N ASN A 2180 -11.28 53.38 1.89
CA ASN A 2180 -11.49 54.83 1.84
C ASN A 2180 -11.83 55.28 0.42
N GLU A 2181 -11.16 54.70 -0.57
CA GLU A 2181 -11.46 55.03 -1.96
C GLU A 2181 -12.90 54.65 -2.30
N MET A 2182 -13.37 53.51 -1.80
CA MET A 2182 -14.76 53.13 -2.06
C MET A 2182 -15.72 54.14 -1.45
N GLU A 2183 -15.46 54.57 -0.22
CA GLU A 2183 -16.33 55.56 0.40
C GLU A 2183 -16.38 56.85 -0.42
N TRP A 2184 -15.22 57.34 -0.85
CA TRP A 2184 -15.23 58.59 -1.62
C TRP A 2184 -15.79 58.38 -3.02
N GLN A 2185 -15.71 57.17 -3.56
CA GLN A 2185 -16.41 56.89 -4.81
C GLN A 2185 -17.91 57.02 -4.63
N ARG A 2186 -18.44 56.50 -3.52
CA ARG A 2186 -19.87 56.66 -3.26
C ARG A 2186 -20.23 58.13 -3.15
N LYS A 2187 -19.46 58.91 -2.39
CA LYS A 2187 -19.76 60.34 -2.26
C LYS A 2187 -19.69 61.05 -3.61
N LEU A 2188 -18.66 60.73 -4.40
CA LEU A 2188 -18.49 61.39 -5.70
C LEU A 2188 -19.65 61.08 -6.63
N ARG A 2189 -20.11 59.82 -6.65
CA ARG A 2189 -21.30 59.50 -7.43
C ARG A 2189 -22.52 60.23 -6.88
N SER A 2190 -22.56 60.47 -5.56
CA SER A 2190 -23.65 61.25 -5.01
C SER A 2190 -23.68 62.66 -5.59
N MET A 2191 -22.50 63.29 -5.69
CA MET A 2191 -22.43 64.66 -6.21
C MET A 2191 -22.45 64.62 -7.74
N PRO A 2192 -23.46 65.21 -8.41
CA PRO A 2192 -23.58 65.02 -9.87
C PRO A 2192 -22.52 65.70 -10.71
N LEU A 2193 -22.34 67.02 -10.54
CA LEU A 2193 -21.57 67.79 -11.51
C LEU A 2193 -20.12 67.33 -11.58
N ILE A 2194 -19.48 67.13 -10.42
CA ILE A 2194 -18.07 66.76 -10.42
C ILE A 2194 -17.88 65.38 -11.06
N TYR A 2195 -18.93 64.57 -11.08
CA TYR A 2195 -18.82 63.25 -11.69
C TYR A 2195 -18.51 63.34 -13.18
N TRP A 2196 -19.18 64.26 -13.88
CA TRP A 2196 -18.96 64.41 -15.31
C TRP A 2196 -17.51 64.79 -15.60
N PHE A 2197 -16.96 65.74 -14.84
CA PHE A 2197 -15.57 66.13 -15.02
C PHE A 2197 -14.62 65.00 -14.67
N SER A 2198 -14.90 64.30 -13.56
CA SER A 2198 -13.98 63.25 -13.10
C SER A 2198 -13.91 62.10 -14.10
N ARG A 2199 -15.06 61.71 -14.66
CA ARG A 2199 -15.07 60.56 -15.56
C ARG A 2199 -14.17 60.79 -16.78
N ARG A 2200 -14.23 61.99 -17.34
CA ARG A 2200 -13.47 62.31 -18.56
C ARG A 2200 -12.11 62.92 -18.24
N MET A 2201 -11.33 62.23 -17.42
CA MET A 2201 -10.00 62.72 -17.06
C MET A 2201 -9.05 62.66 -18.27
N THR A 2202 -9.15 61.59 -19.07
CA THR A 2202 -8.25 61.42 -20.20
C THR A 2202 -8.44 62.53 -21.23
N LEU A 2203 -9.68 62.97 -21.44
CA LEU A 2203 -9.96 63.97 -22.45
C LEU A 2203 -9.22 65.28 -22.14
N TRP A 2204 -9.25 65.71 -20.87
CA TRP A 2204 -8.57 66.94 -20.50
C TRP A 2204 -7.07 66.84 -20.75
N GLY A 2205 -6.47 65.71 -20.36
CA GLY A 2205 -5.04 65.55 -20.58
C GLY A 2205 -4.67 65.54 -22.06
N SER A 2206 -5.46 64.84 -22.88
CA SER A 2206 -5.18 64.81 -24.31
C SER A 2206 -5.28 66.21 -24.91
N ILE A 2207 -6.33 66.96 -24.55
CA ILE A 2207 -6.49 68.31 -25.09
C ILE A 2207 -5.33 69.19 -24.63
N SER A 2208 -4.92 69.08 -23.36
CA SER A 2208 -3.83 69.88 -22.87
C SER A 2208 -2.53 69.57 -23.60
N PHE A 2209 -2.25 68.28 -23.84
CA PHE A 2209 -1.04 67.91 -24.57
C PHE A 2209 -1.07 68.46 -25.99
N ASN A 2210 -2.21 68.34 -26.67
CA ASN A 2210 -2.31 68.87 -28.02
C ASN A 2210 -2.10 70.39 -28.02
N LEU A 2211 -2.69 71.08 -27.05
CA LEU A 2211 -2.53 72.52 -26.96
C LEU A 2211 -1.08 72.90 -26.74
N ALA A 2212 -0.39 72.18 -25.84
CA ALA A 2212 1.02 72.46 -25.61
C ALA A 2212 1.84 72.28 -26.88
N VAL A 2213 1.59 71.18 -27.60
CA VAL A 2213 2.32 70.93 -28.84
C VAL A 2213 2.09 72.06 -29.83
N PHE A 2214 0.83 72.48 -29.98
CA PHE A 2214 0.52 73.50 -30.97
C PHE A 2214 1.12 74.86 -30.59
N ILE A 2215 1.03 75.25 -29.32
CA ILE A 2215 1.63 76.52 -28.90
C ILE A 2215 3.13 76.50 -29.12
N ASN A 2216 3.78 75.38 -28.78
CA ASN A 2216 5.22 75.29 -28.97
C ASN A 2216 5.59 75.36 -30.45
N ILE A 2217 4.79 74.71 -31.31
CA ILE A 2217 5.05 74.78 -32.74
C ILE A 2217 4.95 76.22 -33.23
N ILE A 2218 3.89 76.92 -32.83
CA ILE A 2218 3.72 78.31 -33.26
C ILE A 2218 4.88 79.17 -32.77
N ILE A 2219 5.26 79.01 -31.50
CA ILE A 2219 6.34 79.81 -30.94
C ILE A 2219 7.64 79.55 -31.71
N ALA A 2220 7.94 78.29 -31.97
CA ALA A 2220 9.17 77.95 -32.69
C ALA A 2220 9.16 78.54 -34.09
N PHE A 2221 8.02 78.48 -34.78
CA PHE A 2221 7.98 78.89 -36.18
C PHE A 2221 7.99 80.40 -36.33
N PHE A 2222 7.40 81.13 -35.38
CA PHE A 2222 7.20 82.57 -35.56
C PHE A 2222 8.05 83.43 -34.63
N TYR A 2223 8.43 82.95 -33.45
CA TYR A 2223 9.16 83.80 -32.52
C TYR A 2223 10.53 84.14 -33.09
N PRO A 2224 10.95 85.41 -32.99
CA PRO A 2224 10.22 86.58 -32.49
C PRO A 2224 9.21 87.08 -33.52
N TYR A 2225 8.06 87.58 -33.09
CA TYR A 2225 7.02 88.07 -33.99
C TYR A 2225 6.69 89.51 -33.64
N MET A 2226 6.56 90.35 -34.66
CA MET A 2226 6.25 91.77 -34.47
C MET A 2226 7.29 92.42 -33.56
N SER A 2260 -10.91 62.30 -37.28
CA SER A 2260 -10.26 63.05 -36.21
C SER A 2260 -10.59 64.53 -36.32
N ILE A 2261 -10.67 65.20 -35.17
CA ILE A 2261 -10.91 66.64 -35.12
C ILE A 2261 -9.62 67.43 -34.99
N ARG A 2262 -8.47 66.75 -34.93
CA ARG A 2262 -7.19 67.47 -34.93
C ARG A 2262 -6.99 68.28 -36.20
N PRO A 2263 -7.26 67.76 -37.41
CA PRO A 2263 -7.15 68.63 -38.59
C PRO A 2263 -8.07 69.84 -38.53
N LEU A 2264 -9.28 69.67 -38.02
CA LEU A 2264 -10.19 70.80 -37.91
C LEU A 2264 -9.65 71.85 -36.93
N ILE A 2265 -9.10 71.39 -35.81
CA ILE A 2265 -8.53 72.32 -34.84
C ILE A 2265 -7.32 73.04 -35.44
N VAL A 2266 -6.52 72.32 -36.23
CA VAL A 2266 -5.38 72.94 -36.89
C VAL A 2266 -5.85 73.99 -37.87
N ALA A 2267 -6.92 73.70 -38.61
CA ALA A 2267 -7.49 74.68 -39.53
C ALA A 2267 -8.00 75.91 -38.77
N LEU A 2268 -8.63 75.69 -37.62
CA LEU A 2268 -9.09 76.82 -36.80
C LEU A 2268 -7.91 77.68 -36.35
N ILE A 2269 -6.82 77.03 -35.92
CA ILE A 2269 -5.64 77.79 -35.49
C ILE A 2269 -5.05 78.56 -36.66
N LEU A 2270 -5.00 77.95 -37.83
CA LEU A 2270 -4.47 78.64 -39.00
C LEU A 2270 -5.32 79.85 -39.36
N ARG A 2271 -6.65 79.71 -39.30
CA ARG A 2271 -7.52 80.83 -39.58
C ARG A 2271 -7.35 81.93 -38.52
N SER A 2272 -7.15 81.53 -37.26
CA SER A 2272 -6.91 82.51 -36.21
C SER A 2272 -5.63 83.28 -36.49
N ILE A 2273 -4.58 82.59 -36.92
CA ILE A 2273 -3.34 83.27 -37.28
C ILE A 2273 -3.59 84.23 -38.44
N TYR A 2274 -4.34 83.79 -39.44
CA TYR A 2274 -4.57 84.61 -40.64
C TYR A 2274 -5.40 85.85 -40.32
N TYR A 2275 -6.35 85.73 -39.40
CA TYR A 2275 -7.29 86.83 -39.12
C TYR A 2275 -6.78 87.72 -37.99
N LEU A 2276 -6.63 87.14 -36.79
CA LEU A 2276 -6.26 87.95 -35.63
C LEU A 2276 -4.77 88.24 -35.60
N GLY A 2277 -3.95 87.23 -35.81
CA GLY A 2277 -2.51 87.36 -35.78
C GLY A 2277 -1.86 86.35 -34.86
N ILE A 2278 -0.54 86.24 -35.00
CA ILE A 2278 0.23 85.23 -34.27
C ILE A 2278 0.09 85.46 -32.77
N GLY A 2279 0.23 86.71 -32.33
CA GLY A 2279 0.19 87.02 -30.92
C GLY A 2279 -1.15 86.75 -30.29
N PRO A 2280 -2.22 87.27 -30.90
CA PRO A 2280 -3.57 86.94 -30.40
C PRO A 2280 -3.87 85.46 -30.40
N THR A 2281 -3.45 84.74 -31.43
CA THR A 2281 -3.69 83.29 -31.46
C THR A 2281 -2.95 82.61 -30.31
N LEU A 2282 -1.71 83.00 -30.06
CA LEU A 2282 -0.96 82.43 -28.95
C LEU A 2282 -1.63 82.74 -27.62
N ASN A 2283 -2.13 83.96 -27.46
CA ASN A 2283 -2.80 84.34 -26.21
C ASN A 2283 -4.05 83.49 -25.99
N ILE A 2284 -4.88 83.33 -27.03
CA ILE A 2284 -6.09 82.52 -26.89
C ILE A 2284 -5.73 81.08 -26.55
N LEU A 2285 -4.72 80.53 -27.25
CA LEU A 2285 -4.33 79.15 -26.98
C LEU A 2285 -3.83 78.98 -25.55
N GLY A 2286 -3.05 79.94 -25.06
CA GLY A 2286 -2.56 79.84 -23.69
C GLY A 2286 -3.67 79.94 -22.67
N ALA A 2287 -4.64 80.83 -22.90
CA ALA A 2287 -5.78 80.92 -21.99
C ALA A 2287 -6.55 79.61 -21.96
N LEU A 2288 -6.80 79.03 -23.13
CA LEU A 2288 -7.49 77.75 -23.18
C LEU A 2288 -6.69 76.67 -22.44
N ASN A 2289 -5.37 76.66 -22.62
CA ASN A 2289 -4.54 75.68 -21.95
C ASN A 2289 -4.63 75.81 -20.43
N LEU A 2290 -4.58 77.04 -19.93
CA LEU A 2290 -4.66 77.25 -18.49
C LEU A 2290 -6.02 76.80 -17.95
N THR A 2291 -7.10 77.17 -18.63
CA THR A 2291 -8.43 76.75 -18.18
C THR A 2291 -8.53 75.23 -18.16
N ASN A 2292 -8.06 74.57 -19.22
CA ASN A 2292 -8.15 73.12 -19.28
C ASN A 2292 -7.29 72.47 -18.21
N LYS A 2293 -6.13 73.06 -17.90
CA LYS A 2293 -5.28 72.48 -16.86
C LYS A 2293 -5.94 72.61 -15.49
N ILE A 2294 -6.63 73.72 -15.24
CA ILE A 2294 -7.39 73.83 -13.99
C ILE A 2294 -8.46 72.74 -13.93
N VAL A 2295 -9.21 72.58 -15.02
CA VAL A 2295 -10.23 71.53 -15.06
C VAL A 2295 -9.59 70.18 -14.80
N PHE A 2296 -8.41 69.94 -15.40
CA PHE A 2296 -7.77 68.63 -15.29
C PHE A 2296 -7.27 68.37 -13.87
N VAL A 2297 -6.73 69.39 -13.20
CA VAL A 2297 -6.26 69.17 -11.84
C VAL A 2297 -7.44 68.91 -10.90
N VAL A 2298 -8.56 69.62 -11.12
CA VAL A 2298 -9.75 69.33 -10.32
C VAL A 2298 -10.21 67.89 -10.56
N SER A 2299 -10.27 67.47 -11.82
CA SER A 2299 -10.68 66.11 -12.12
C SER A 2299 -9.73 65.09 -11.52
N PHE A 2300 -8.42 65.39 -11.53
CA PHE A 2300 -7.43 64.48 -10.97
C PHE A 2300 -7.63 64.31 -9.47
N VAL A 2301 -7.78 65.43 -8.75
CA VAL A 2301 -7.96 65.32 -7.30
C VAL A 2301 -9.28 64.60 -6.99
N GLY A 2302 -10.31 64.83 -7.82
CA GLY A 2302 -11.56 64.11 -7.62
C GLY A 2302 -11.41 62.61 -7.82
N ASN A 2303 -10.74 62.22 -8.92
CA ASN A 2303 -10.69 60.81 -9.29
C ASN A 2303 -9.77 60.03 -8.36
N ARG A 2304 -8.56 60.53 -8.10
CA ARG A 2304 -7.60 59.78 -7.32
C ARG A 2304 -7.84 59.87 -5.81
N GLY A 2305 -8.58 60.87 -5.36
CA GLY A 2305 -8.85 60.98 -3.92
C GLY A 2305 -7.59 61.10 -3.10
N THR A 2306 -6.59 61.84 -3.59
CA THR A 2306 -5.34 61.99 -2.86
C THR A 2306 -5.56 62.70 -1.52
N PHE A 2307 -6.39 63.75 -1.53
CA PHE A 2307 -6.67 64.50 -0.31
C PHE A 2307 -7.23 63.61 0.80
N ILE A 2308 -7.89 62.51 0.43
CA ILE A 2308 -8.53 61.66 1.45
C ILE A 2308 -7.51 61.26 2.52
N ARG A 2309 -6.31 60.88 2.10
CA ARG A 2309 -5.26 60.58 3.06
C ARG A 2309 -4.92 61.81 3.89
N GLY A 2310 -5.06 62.99 3.30
CA GLY A 2310 -4.83 64.23 4.01
C GLY A 2310 -4.20 65.27 3.12
N TYR A 2311 -4.24 66.52 3.58
CA TYR A 2311 -3.58 67.60 2.86
C TYR A 2311 -2.08 67.34 2.75
N LYS A 2312 -1.46 66.88 3.84
CA LYS A 2312 -0.05 66.55 3.81
C LYS A 2312 0.23 65.45 2.79
N ALA A 2313 -0.61 64.42 2.76
CA ALA A 2313 -0.44 63.37 1.76
C ALA A 2313 -0.62 63.91 0.34
N MET A 2314 -1.60 64.79 0.15
CA MET A 2314 -1.84 65.37 -1.18
C MET A 2314 -0.61 66.13 -1.65
N VAL A 2315 0.00 66.92 -0.76
CA VAL A 2315 1.24 67.60 -1.12
C VAL A 2315 2.36 66.59 -1.35
N MET A 2316 2.36 65.50 -0.58
CA MET A 2316 3.42 64.50 -0.69
C MET A 2316 3.41 63.85 -2.07
N ASP A 2317 2.23 63.59 -2.61
CA ASP A 2317 2.14 62.89 -3.90
C ASP A 2317 2.96 63.62 -4.96
N MET A 2318 3.80 62.86 -5.67
CA MET A 2318 4.69 63.46 -6.66
C MET A 2318 3.95 63.84 -7.92
N GLU A 2319 2.97 63.03 -8.33
CA GLU A 2319 2.19 63.36 -9.52
C GLU A 2319 1.43 64.67 -9.34
N PHE A 2320 0.88 64.88 -8.13
CA PHE A 2320 0.22 66.14 -7.85
C PHE A 2320 1.19 67.31 -7.99
N LEU A 2321 2.41 67.16 -7.47
CA LEU A 2321 3.40 68.22 -7.58
C LEU A 2321 3.76 68.47 -9.05
N TYR A 2322 3.83 67.41 -9.85
CA TYR A 2322 4.10 67.57 -11.27
C TYR A 2322 3.00 68.39 -11.94
N HIS A 2323 1.74 68.10 -11.60
CA HIS A 2323 0.63 68.85 -12.17
C HIS A 2323 0.65 70.31 -11.73
N VAL A 2324 0.98 70.57 -10.45
CA VAL A 2324 1.08 71.95 -9.99
C VAL A 2324 2.22 72.68 -10.71
N GLY A 2325 3.32 71.98 -10.95
CA GLY A 2325 4.41 72.58 -11.71
C GLY A 2325 3.99 72.90 -13.13
N TYR A 2326 3.20 72.01 -13.74
CA TYR A 2326 2.66 72.31 -15.07
C TYR A 2326 1.79 73.55 -15.03
N ILE A 2327 0.95 73.69 -14.01
CA ILE A 2327 0.09 74.86 -13.89
C ILE A 2327 0.94 76.12 -13.74
N LEU A 2328 1.97 76.07 -12.91
CA LEU A 2328 2.86 77.22 -12.73
C LEU A 2328 3.55 77.58 -14.04
N THR A 2329 4.01 76.58 -14.78
CA THR A 2329 4.65 76.83 -16.06
C THR A 2329 3.67 77.48 -17.04
N SER A 2330 2.42 77.01 -17.06
CA SER A 2330 1.42 77.61 -17.93
C SER A 2330 1.17 79.07 -17.57
N VAL A 2331 1.08 79.36 -16.27
CA VAL A 2331 0.88 80.74 -15.83
C VAL A 2331 2.06 81.61 -16.26
N LEU A 2332 3.28 81.12 -16.07
CA LEU A 2332 4.46 81.87 -16.46
C LEU A 2332 4.47 82.10 -17.97
N GLY A 2333 4.11 81.08 -18.75
CA GLY A 2333 4.02 81.25 -20.18
C GLY A 2333 3.00 82.31 -20.57
N LEU A 2334 1.84 82.30 -19.90
CA LEU A 2334 0.79 83.24 -20.26
C LEU A 2334 1.17 84.67 -19.93
N PHE A 2335 1.84 84.90 -18.80
CA PHE A 2335 2.08 86.27 -18.33
C PHE A 2335 3.52 86.71 -18.47
N ALA A 2336 4.49 85.98 -17.90
CA ALA A 2336 5.86 86.46 -17.87
C ALA A 2336 6.48 86.50 -19.27
N HIS A 2337 6.59 85.34 -19.92
CA HIS A 2337 7.24 85.26 -21.22
C HIS A 2337 6.67 84.07 -21.98
N GLU A 2338 6.61 84.21 -23.30
CA GLU A 2338 6.00 83.18 -24.13
C GLU A 2338 6.90 81.95 -24.23
N LEU A 2339 8.21 82.13 -24.15
CA LEU A 2339 9.12 81.01 -24.29
C LEU A 2339 9.02 80.03 -23.14
N PHE A 2340 8.38 80.42 -22.04
CA PHE A 2340 8.22 79.49 -20.92
C PHE A 2340 7.31 78.32 -21.26
N TYR A 2341 6.55 78.41 -22.36
CA TYR A 2341 5.72 77.28 -22.77
C TYR A 2341 6.56 76.09 -23.20
N SER A 2342 7.86 76.28 -23.44
CA SER A 2342 8.71 75.19 -23.94
C SER A 2342 8.80 74.07 -22.91
N ILE A 2343 8.87 74.41 -21.62
CA ILE A 2343 9.07 73.39 -20.59
C ILE A 2343 7.92 72.40 -20.59
N LEU A 2344 6.73 72.82 -21.04
CA LEU A 2344 5.58 71.93 -21.04
C LEU A 2344 5.77 70.73 -21.95
N LEU A 2345 6.72 70.79 -22.89
CA LEU A 2345 6.93 69.68 -23.80
C LEU A 2345 7.43 68.43 -23.09
N PHE A 2346 7.90 68.56 -21.85
CA PHE A 2346 8.34 67.40 -21.09
C PHE A 2346 7.19 66.47 -20.73
N ASP A 2347 5.94 66.91 -20.91
CA ASP A 2347 4.79 66.08 -20.59
C ASP A 2347 4.73 64.83 -21.45
N LEU A 2348 5.49 64.79 -22.56
CA LEU A 2348 5.53 63.59 -23.39
C LEU A 2348 6.06 62.40 -22.60
N ILE A 2349 7.08 62.64 -21.77
CA ILE A 2349 7.63 61.55 -20.95
C ILE A 2349 6.56 61.00 -20.02
N TYR A 2350 5.81 61.88 -19.37
CA TYR A 2350 4.74 61.44 -18.49
C TYR A 2350 3.67 60.67 -19.26
N ARG A 2351 3.28 61.17 -20.44
CA ARG A 2351 2.19 60.55 -21.18
C ARG A 2351 2.58 59.18 -21.71
N GLU A 2352 3.75 59.07 -22.36
CA GLU A 2352 4.15 57.84 -23.03
C GLU A 2352 4.92 56.97 -22.05
N GLU A 2353 4.38 55.77 -21.76
CA GLU A 2353 5.08 54.84 -20.89
C GLU A 2353 6.36 54.34 -21.53
N THR A 2354 6.36 54.17 -22.85
CA THR A 2354 7.54 53.65 -23.54
C THR A 2354 8.73 54.58 -23.38
N LEU A 2355 8.51 55.90 -23.53
CA LEU A 2355 9.61 56.85 -23.37
C LEU A 2355 10.10 56.85 -21.92
N PHE A 2356 9.19 56.71 -20.96
CA PHE A 2356 9.60 56.62 -19.57
C PHE A 2356 10.44 55.36 -19.34
N ASN A 2357 10.06 54.24 -19.96
CA ASN A 2357 10.86 53.03 -19.85
C ASN A 2357 12.25 53.23 -20.45
N VAL A 2358 12.32 53.94 -21.59
CA VAL A 2358 13.62 54.20 -22.20
C VAL A 2358 14.48 55.03 -21.28
N ILE A 2359 13.92 56.10 -20.69
CA ILE A 2359 14.68 56.93 -19.77
C ILE A 2359 15.04 56.18 -18.49
N LYS A 2360 14.26 55.16 -18.14
CA LYS A 2360 14.59 54.37 -16.96
C LYS A 2360 15.94 53.68 -17.11
N SER A 2361 16.36 53.38 -18.35
CA SER A 2361 17.69 52.82 -18.54
C SER A 2361 18.76 53.77 -18.05
N VAL A 2362 18.59 55.07 -18.32
CA VAL A 2362 19.54 56.07 -17.83
C VAL A 2362 19.42 56.23 -16.32
N THR A 2363 18.19 56.28 -15.81
CA THR A 2363 17.97 56.69 -14.42
C THR A 2363 18.17 55.59 -13.39
N ARG A 2364 17.93 54.32 -13.73
CA ARG A 2364 17.97 53.27 -12.72
C ARG A 2364 19.36 53.13 -12.11
N ASN A 2365 20.39 52.99 -12.95
CA ASN A 2365 21.77 52.90 -12.50
C ASN A 2365 22.52 54.20 -12.76
N GLY A 2366 21.84 55.33 -12.62
CA GLY A 2366 22.44 56.61 -12.91
C GLY A 2366 23.63 56.95 -12.04
N ARG A 2367 23.68 56.40 -10.82
CA ARG A 2367 24.81 56.67 -9.93
C ARG A 2367 26.11 56.15 -10.55
N SER A 2368 26.06 54.97 -11.16
CA SER A 2368 27.25 54.43 -11.83
C SER A 2368 27.70 55.35 -12.96
N ILE A 2369 26.76 55.94 -13.69
CA ILE A 2369 27.11 56.83 -14.78
C ILE A 2369 27.83 58.06 -14.26
N LEU A 2370 27.31 58.65 -13.18
CA LEU A 2370 27.96 59.82 -12.59
C LEU A 2370 29.34 59.47 -12.04
N LEU A 2371 29.48 58.28 -11.45
CA LEU A 2371 30.79 57.86 -10.95
C LEU A 2371 31.77 57.67 -12.09
N THR A 2372 31.31 57.12 -13.22
CA THR A 2372 32.17 57.00 -14.39
C THR A 2372 32.58 58.37 -14.91
N ALA A 2373 31.66 59.34 -14.89
CA ALA A 2373 32.00 60.70 -15.29
C ALA A 2373 33.05 61.28 -14.35
N LEU A 2374 32.93 61.01 -13.05
CA LEU A 2374 33.94 61.48 -12.09
C LEU A 2374 35.30 60.84 -12.37
N LEU A 2375 35.31 59.55 -12.72
CA LEU A 2375 36.56 58.90 -13.11
C LEU A 2375 37.16 59.56 -14.33
N ALA A 2376 36.33 59.89 -15.32
CA ALA A 2376 36.80 60.59 -16.50
C ALA A 2376 37.40 61.94 -16.12
N LEU A 2377 36.77 62.65 -15.20
CA LEU A 2377 37.29 63.93 -14.75
C LEU A 2377 38.65 63.77 -14.07
N ILE A 2378 38.80 62.72 -13.25
CA ILE A 2378 40.07 62.48 -12.57
C ILE A 2378 41.17 62.21 -13.60
N LEU A 2379 40.87 61.38 -14.59
CA LEU A 2379 41.86 61.07 -15.61
C LEU A 2379 42.21 62.31 -16.43
N VAL A 2380 41.21 63.14 -16.73
CA VAL A 2380 41.47 64.40 -17.44
C VAL A 2380 42.36 65.30 -16.61
N TYR A 2381 42.13 65.33 -15.29
CA TYR A 2381 42.96 66.14 -14.41
C TYR A 2381 44.41 65.68 -14.45
N LEU A 2382 44.63 64.37 -14.39
CA LEU A 2382 46.00 63.84 -14.44
C LEU A 2382 46.66 64.14 -15.78
N PHE A 2383 45.92 63.95 -16.88
CA PHE A 2383 46.47 64.26 -18.20
C PHE A 2383 46.80 65.74 -18.32
N SER A 2384 45.96 66.61 -17.75
CA SER A 2384 46.24 68.03 -17.78
C SER A 2384 47.49 68.36 -16.96
N ILE A 2385 47.66 67.70 -15.82
CA ILE A 2385 48.89 67.89 -15.05
C ILE A 2385 50.11 67.53 -15.90
N VAL A 2386 50.05 66.38 -16.56
CA VAL A 2386 51.19 65.96 -17.40
C VAL A 2386 51.44 66.99 -18.50
N GLY A 2387 50.38 67.44 -19.16
CA GLY A 2387 50.55 68.41 -20.23
C GLY A 2387 51.14 69.71 -19.75
N PHE A 2388 50.66 70.22 -18.60
CA PHE A 2388 51.21 71.45 -18.04
C PHE A 2388 52.68 71.29 -17.71
N LEU A 2389 53.05 70.15 -17.11
CA LEU A 2389 54.43 69.98 -16.69
C LEU A 2389 55.38 69.82 -17.87
N PHE A 2390 54.97 69.07 -18.90
CA PHE A 2390 55.90 68.70 -19.96
C PHE A 2390 55.50 69.18 -21.35
N LEU A 2391 54.21 69.15 -21.69
CA LEU A 2391 53.74 69.48 -23.03
C LEU A 2391 53.00 70.82 -23.07
N LYS A 2392 53.48 71.81 -22.33
CA LYS A 2392 52.76 73.07 -22.22
C LYS A 2392 52.65 73.79 -23.56
N ASP A 2393 53.76 73.89 -24.29
CA ASP A 2393 53.79 74.73 -25.49
C ASP A 2393 52.83 74.22 -26.56
N ASP A 2394 52.56 72.92 -26.58
CA ASP A 2394 51.71 72.37 -27.63
C ASP A 2394 50.27 72.83 -27.48
N PHE A 2395 49.90 73.35 -26.31
CA PHE A 2395 48.52 73.76 -26.05
C PHE A 2395 48.28 75.18 -26.58
N ILE A 2396 48.16 75.27 -27.90
CA ILE A 2396 47.81 76.49 -28.59
C ILE A 2396 46.50 76.26 -29.32
N LEU A 2397 45.49 77.06 -29.00
CA LEU A 2397 44.14 76.89 -29.53
C LEU A 2397 43.75 78.13 -30.33
N GLU A 2398 43.25 77.92 -31.54
CA GLU A 2398 42.79 79.03 -32.37
C GLU A 2398 41.58 79.70 -31.73
N VAL A 2399 41.49 81.02 -31.88
CA VAL A 2399 40.44 81.82 -31.26
C VAL A 2399 39.91 82.81 -32.28
N ASP A 2400 38.59 82.97 -32.30
CA ASP A 2400 37.93 84.01 -33.09
C ASP A 2400 37.45 85.10 -32.14
N ARG A 2401 37.81 86.34 -32.43
CA ARG A 2401 37.62 87.45 -31.52
C ARG A 2401 36.54 88.40 -32.06
N LEU A 2402 35.64 88.83 -31.20
CA LEU A 2402 34.68 89.85 -31.57
C LEU A 2402 35.38 91.21 -31.70
N PRO A 2403 34.85 92.13 -32.51
CA PRO A 2403 35.45 93.46 -32.65
C PRO A 2403 35.31 94.31 -31.38
N ASP A 2449 45.57 88.67 -31.75
CA ASP A 2449 46.15 87.55 -32.50
C ASP A 2449 45.09 86.50 -32.80
N SER A 2450 45.43 85.57 -33.69
CA SER A 2450 44.51 84.51 -34.08
C SER A 2450 44.63 83.26 -33.22
N THR A 2451 45.59 83.21 -32.30
CA THR A 2451 45.79 82.06 -31.44
C THR A 2451 46.11 82.51 -30.03
N GLU A 2452 45.79 81.66 -29.06
CA GLU A 2452 46.05 81.94 -27.66
C GLU A 2452 46.56 80.68 -26.97
N ARG A 2453 47.35 80.87 -25.91
CA ARG A 2453 47.87 79.75 -25.13
C ARG A 2453 46.83 79.32 -24.11
N ALA A 2454 46.64 78.00 -23.99
CA ALA A 2454 45.55 77.44 -23.19
C ALA A 2454 46.01 76.59 -22.02
N CYS A 2455 47.32 76.55 -21.75
CA CYS A 2455 47.86 75.72 -20.66
C CYS A 2455 48.89 76.54 -19.86
N ASP A 2456 48.58 77.82 -19.64
CA ASP A 2456 49.39 78.67 -18.77
C ASP A 2456 49.00 78.55 -17.31
N THR A 2457 47.84 77.96 -17.01
CA THR A 2457 47.43 77.66 -15.65
C THR A 2457 46.79 76.28 -15.66
N LEU A 2458 46.89 75.57 -14.52
CA LEU A 2458 46.38 74.21 -14.48
C LEU A 2458 44.86 74.17 -14.63
N LEU A 2459 44.16 75.13 -14.02
CA LEU A 2459 42.71 75.20 -14.22
C LEU A 2459 42.36 75.34 -15.70
N MET A 2460 43.06 76.23 -16.40
CA MET A 2460 42.78 76.42 -17.82
C MET A 2460 43.14 75.18 -18.63
N CYS A 2461 44.25 74.53 -18.29
CA CYS A 2461 44.63 73.34 -19.04
C CYS A 2461 43.60 72.23 -18.82
N ILE A 2462 43.09 72.10 -17.60
CA ILE A 2462 42.01 71.15 -17.32
C ILE A 2462 40.77 71.51 -18.12
N VAL A 2463 40.40 72.78 -18.15
CA VAL A 2463 39.22 73.19 -18.90
C VAL A 2463 39.39 72.84 -20.37
N THR A 2464 40.55 73.16 -20.95
CA THR A 2464 40.80 72.85 -22.34
C THR A 2464 40.68 71.35 -22.60
N VAL A 2465 41.36 70.53 -21.80
CA VAL A 2465 41.32 69.09 -22.02
C VAL A 2465 39.89 68.59 -21.92
N MET A 2466 39.19 68.91 -20.83
CA MET A 2466 37.86 68.37 -20.61
C MET A 2466 36.90 68.81 -21.71
N ASN A 2467 36.97 70.08 -22.12
CA ASN A 2467 36.00 70.61 -23.07
C ASN A 2467 36.28 70.09 -24.48
N HIS A 2468 37.55 69.98 -24.86
CA HIS A 2468 37.90 69.71 -26.25
C HIS A 2468 38.27 68.25 -26.52
N GLY A 2469 39.16 67.65 -25.71
CA GLY A 2469 39.57 66.29 -25.99
C GLY A 2469 38.42 65.30 -25.88
N LEU A 2470 37.59 65.46 -24.84
CA LEU A 2470 36.46 64.55 -24.67
C LEU A 2470 35.48 64.67 -25.83
N ARG A 2471 35.18 65.89 -26.28
CA ARG A 2471 34.21 66.08 -27.34
C ARG A 2471 34.78 65.64 -28.69
N ASN A 2472 36.08 65.85 -28.90
CA ASN A 2472 36.71 65.43 -30.14
C ASN A 2472 36.84 63.91 -30.20
N GLY A 2473 36.59 63.33 -31.36
CA GLY A 2473 36.67 61.89 -31.50
C GLY A 2473 38.06 61.35 -31.25
N GLY A 2474 39.07 61.98 -31.85
CA GLY A 2474 40.43 61.50 -31.66
C GLY A 2474 40.92 61.67 -30.23
N GLY A 2475 40.64 62.81 -29.62
CA GLY A 2475 41.07 63.13 -28.28
C GLY A 2475 41.75 64.48 -28.24
N VAL A 2476 42.55 64.69 -27.20
CA VAL A 2476 43.24 65.97 -27.03
C VAL A 2476 44.27 66.19 -28.12
N GLY A 2477 44.81 65.11 -28.70
CA GLY A 2477 45.79 65.27 -29.76
C GLY A 2477 45.25 66.04 -30.94
N ASP A 2478 43.93 65.99 -31.14
CA ASP A 2478 43.33 66.74 -32.24
C ASP A 2478 43.54 68.24 -32.07
N ILE A 2479 43.21 68.77 -30.89
CA ILE A 2479 43.38 70.20 -30.66
C ILE A 2479 44.86 70.55 -30.55
N LEU A 2480 45.65 69.68 -29.91
CA LEU A 2480 47.05 70.00 -29.67
C LEU A 2480 47.78 70.26 -30.99
N ARG A 2481 48.87 71.02 -30.88
CA ARG A 2481 49.65 71.40 -32.05
C ARG A 2481 50.24 70.17 -32.73
N LYS A 2482 50.34 70.23 -34.05
CA LYS A 2482 50.87 69.10 -34.81
C LYS A 2482 52.38 69.03 -34.64
N PRO A 2483 52.93 67.89 -34.21
CA PRO A 2483 54.38 67.82 -33.96
C PRO A 2483 55.19 67.45 -35.20
N SER A 2484 56.26 68.21 -35.46
CA SER A 2484 57.19 67.84 -36.52
C SER A 2484 58.04 66.65 -36.09
N LYS A 2485 58.41 65.82 -37.06
CA LYS A 2485 59.17 64.61 -36.73
C LYS A 2485 60.54 64.96 -36.13
N ASP A 2486 61.21 65.97 -36.70
CA ASP A 2486 62.56 66.31 -36.23
C ASP A 2486 62.55 66.70 -34.76
N GLU A 2487 61.41 67.15 -34.24
CA GLU A 2487 61.33 67.57 -32.85
C GLU A 2487 61.59 66.38 -31.93
N SER A 2488 62.24 66.66 -30.79
CA SER A 2488 62.63 65.59 -29.88
C SER A 2488 61.45 65.03 -29.09
N LEU A 2489 60.39 65.82 -28.94
CA LEU A 2489 59.24 65.41 -28.13
C LEU A 2489 58.18 64.66 -28.93
N PHE A 2490 58.43 64.37 -30.21
CA PHE A 2490 57.47 63.64 -31.01
C PHE A 2490 57.15 62.26 -30.45
N PRO A 2491 58.14 61.44 -30.03
CA PRO A 2491 57.78 60.14 -29.45
C PRO A 2491 56.91 60.25 -28.21
N ALA A 2492 57.17 61.26 -27.38
CA ALA A 2492 56.34 61.46 -26.19
C ALA A 2492 54.94 61.91 -26.57
N ARG A 2493 54.83 62.78 -27.57
CA ARG A 2493 53.51 63.25 -27.99
C ARG A 2493 52.68 62.11 -28.55
N VAL A 2494 53.30 61.22 -29.33
CA VAL A 2494 52.55 60.09 -29.89
C VAL A 2494 51.97 59.24 -28.77
N VAL A 2495 52.78 58.91 -27.76
CA VAL A 2495 52.32 58.10 -26.64
C VAL A 2495 51.23 58.83 -25.89
N TYR A 2496 51.41 60.13 -25.65
CA TYR A 2496 50.40 60.92 -24.94
C TYR A 2496 49.06 60.84 -25.65
N ASP A 2497 49.03 61.11 -26.95
CA ASP A 2497 47.78 61.11 -27.69
C ASP A 2497 47.14 59.73 -27.70
N LEU A 2498 47.93 58.70 -27.99
CA LEU A 2498 47.35 57.36 -28.08
C LEU A 2498 46.84 56.88 -26.72
N LEU A 2499 47.57 57.17 -25.65
CA LEU A 2499 47.12 56.78 -24.32
C LEU A 2499 45.84 57.50 -23.95
N PHE A 2500 45.74 58.81 -24.23
CA PHE A 2500 44.49 59.51 -23.97
C PHE A 2500 43.35 58.88 -24.76
N PHE A 2501 43.57 58.62 -26.04
CA PHE A 2501 42.51 58.06 -26.88
C PHE A 2501 42.03 56.72 -26.35
N PHE A 2502 42.97 55.84 -25.98
CA PHE A 2502 42.58 54.49 -25.55
C PHE A 2502 41.96 54.49 -24.16
N ILE A 2503 42.53 55.27 -23.23
CA ILE A 2503 42.06 55.22 -21.85
C ILE A 2503 40.73 55.95 -21.69
N VAL A 2504 40.64 57.17 -22.21
CA VAL A 2504 39.50 58.03 -21.97
C VAL A 2504 38.43 57.87 -23.04
N ILE A 2505 38.80 58.09 -24.31
CA ILE A 2505 37.80 58.12 -25.37
C ILE A 2505 37.24 56.72 -25.63
N ILE A 2506 38.10 55.70 -25.62
CA ILE A 2506 37.68 54.37 -26.03
C ILE A 2506 37.09 53.57 -24.88
N ILE A 2507 37.65 53.69 -23.68
CA ILE A 2507 37.27 52.84 -22.56
C ILE A 2507 36.30 53.57 -21.64
N VAL A 2508 36.74 54.68 -21.06
CA VAL A 2508 35.95 55.35 -20.02
C VAL A 2508 34.64 55.87 -20.59
N LEU A 2509 34.70 56.53 -21.75
CA LEU A 2509 33.48 57.08 -22.34
C LEU A 2509 32.52 55.97 -22.75
N ASN A 2510 33.05 54.82 -23.14
CA ASN A 2510 32.20 53.72 -23.57
C ASN A 2510 31.57 53.00 -22.38
N LEU A 2511 32.13 53.19 -21.18
CA LEU A 2511 31.59 52.51 -20.01
C LEU A 2511 30.20 53.05 -19.64
N ILE A 2512 29.96 54.33 -19.88
CA ILE A 2512 28.64 54.91 -19.63
C ILE A 2512 27.60 54.24 -20.54
N PHE A 2513 27.93 54.11 -21.83
CA PHE A 2513 27.02 53.44 -22.75
C PHE A 2513 26.82 51.98 -22.37
N GLY A 2514 27.90 51.31 -21.92
CA GLY A 2514 27.75 49.95 -21.45
C GLY A 2514 26.82 49.85 -20.26
N VAL A 2515 26.90 50.81 -19.33
CA VAL A 2515 26.00 50.82 -18.18
C VAL A 2515 24.57 50.97 -18.65
N ILE A 2516 24.31 51.87 -19.60
CA ILE A 2516 22.96 52.06 -20.11
C ILE A 2516 22.46 50.77 -20.75
N ILE A 2517 23.30 50.13 -21.56
CA ILE A 2517 22.90 48.90 -22.24
C ILE A 2517 22.57 47.82 -21.24
N ASP A 2518 23.40 47.68 -20.19
CA ASP A 2518 23.14 46.66 -19.17
C ASP A 2518 21.84 46.95 -18.42
N THR A 2519 21.58 48.22 -18.13
CA THR A 2519 20.33 48.58 -17.46
C THR A 2519 19.13 48.19 -18.31
N PHE A 2520 19.23 48.37 -19.64
CA PHE A 2520 18.16 47.92 -20.52
C PHE A 2520 17.83 46.45 -20.28
N ALA A 2521 18.84 45.59 -20.32
CA ALA A 2521 18.61 44.15 -20.16
C ALA A 2521 18.08 43.82 -18.77
N ASP A 2522 18.60 44.50 -17.74
CA ASP A 2522 18.11 44.26 -16.39
C ASP A 2522 16.62 44.56 -16.28
N LEU A 2523 16.20 45.71 -16.82
CA LEU A 2523 14.79 46.07 -16.80
C LEU A 2523 13.96 45.04 -17.56
N ARG A 2524 14.45 44.61 -18.73
CA ARG A 2524 13.70 43.63 -19.52
C ARG A 2524 13.52 42.33 -18.75
N SER A 2525 14.59 41.84 -18.11
CA SER A 2525 14.49 40.59 -17.37
C SER A 2525 13.54 40.72 -16.19
N GLU A 2526 13.61 41.84 -15.46
CA GLU A 2526 12.69 42.03 -14.33
C GLU A 2526 11.25 42.05 -14.80
N LYS A 2527 10.97 42.76 -15.90
CA LYS A 2527 9.61 42.81 -16.42
C LYS A 2527 9.12 41.42 -16.82
N GLN A 2528 9.97 40.66 -17.51
CA GLN A 2528 9.55 39.33 -17.95
C GLN A 2528 9.25 38.44 -16.76
N LYS A 2529 10.10 38.46 -15.74
CA LYS A 2529 9.86 37.62 -14.56
C LYS A 2529 8.56 38.01 -13.87
N LYS A 2530 8.33 39.31 -13.69
CA LYS A 2530 7.10 39.74 -13.03
C LYS A 2530 5.87 39.33 -13.82
N GLU A 2531 5.92 39.50 -15.15
CA GLU A 2531 4.79 39.11 -15.97
C GLU A 2531 4.52 37.61 -15.89
N GLU A 2532 5.58 36.80 -15.92
CA GLU A 2532 5.40 35.35 -15.82
C GLU A 2532 4.75 34.98 -14.48
N ILE A 2533 5.25 35.55 -13.39
CA ILE A 2533 4.66 35.24 -12.08
C ILE A 2533 3.19 35.64 -12.06
N LEU A 2534 2.88 36.86 -12.50
CA LEU A 2534 1.50 37.34 -12.44
C LEU A 2534 0.57 36.47 -13.28
N LYS A 2535 1.04 36.02 -14.44
CA LYS A 2535 0.18 35.24 -15.32
C LYS A 2535 0.00 33.81 -14.83
N THR A 2536 1.03 33.21 -14.23
CA THR A 2536 1.03 31.76 -14.00
C THR A 2536 0.89 31.39 -12.52
N THR A 2537 0.75 32.37 -11.63
CA THR A 2537 0.65 32.06 -10.20
C THR A 2537 -0.61 32.69 -9.61
N CYS A 2538 -1.18 31.99 -8.62
CA CYS A 2538 -2.31 32.50 -7.87
C CYS A 2538 -1.86 33.64 -6.96
N PHE A 2539 -2.65 34.72 -6.91
CA PHE A 2539 -2.26 35.87 -6.12
C PHE A 2539 -2.24 35.54 -4.63
N ILE A 2540 -3.20 34.75 -4.15
CA ILE A 2540 -3.34 34.54 -2.72
C ILE A 2540 -2.46 33.39 -2.25
N CYS A 2541 -2.68 32.19 -2.75
CA CYS A 2541 -1.97 31.00 -2.28
C CYS A 2541 -0.69 30.72 -3.06
N GLY A 2542 -0.52 31.30 -4.24
CA GLY A 2542 0.73 31.16 -4.97
C GLY A 2542 0.92 29.84 -5.69
N LEU A 2543 -0.10 28.98 -5.74
CA LEU A 2543 0.03 27.70 -6.43
C LEU A 2543 0.19 27.92 -7.93
N GLU A 2544 0.98 27.05 -8.55
CA GLU A 2544 1.26 27.14 -9.98
C GLU A 2544 0.15 26.51 -10.80
N ARG A 2545 0.13 26.85 -12.08
CA ARG A 2545 -0.87 26.29 -12.99
C ARG A 2545 -0.73 24.78 -13.12
N ASP A 2546 0.51 24.29 -13.23
CA ASP A 2546 0.73 22.87 -13.49
C ASP A 2546 0.10 22.00 -12.41
N LYS A 2547 0.01 22.52 -11.18
CA LYS A 2547 -0.55 21.72 -10.09
C LYS A 2547 -2.02 21.38 -10.36
N PHE A 2548 -2.73 22.21 -11.12
CA PHE A 2548 -4.14 22.00 -11.38
C PHE A 2548 -4.40 21.18 -12.64
N ASP A 2549 -3.36 20.71 -13.32
CA ASP A 2549 -3.55 19.93 -14.54
C ASP A 2549 -4.25 18.62 -14.23
N ASN A 2550 -5.12 18.19 -15.15
CA ASN A 2550 -5.85 16.93 -15.02
C ASN A 2550 -6.63 16.88 -13.71
N LYS A 2551 -7.34 17.96 -13.40
CA LYS A 2551 -8.12 18.06 -12.18
C LYS A 2551 -9.50 18.60 -12.51
N THR A 2552 -10.43 18.39 -11.59
CA THR A 2552 -11.81 18.83 -11.81
C THR A 2552 -11.90 20.34 -11.97
N VAL A 2553 -11.13 21.08 -11.18
CA VAL A 2553 -11.14 22.53 -11.20
C VAL A 2553 -9.91 23.03 -11.93
N SER A 2554 -10.11 23.88 -12.92
CA SER A 2554 -9.01 24.49 -13.64
C SER A 2554 -8.41 25.63 -12.82
N PHE A 2555 -7.21 26.07 -13.22
CA PHE A 2555 -6.59 27.21 -12.57
C PHE A 2555 -7.43 28.46 -12.71
N GLU A 2556 -8.05 28.64 -13.89
CA GLU A 2556 -8.94 29.78 -14.09
C GLU A 2556 -10.10 29.73 -13.11
N GLU A 2557 -10.71 28.56 -12.94
CA GLU A 2557 -11.79 28.42 -11.96
C GLU A 2557 -11.30 28.72 -10.55
N HIS A 2558 -10.12 28.21 -10.21
CA HIS A 2558 -9.56 28.45 -8.88
C HIS A 2558 -9.42 29.94 -8.61
N ILE A 2559 -8.83 30.68 -9.55
CA ILE A 2559 -8.62 32.11 -9.34
C ILE A 2559 -9.94 32.86 -9.35
N LYS A 2560 -10.88 32.44 -10.21
CA LYS A 2560 -12.12 33.19 -10.35
C LYS A 2560 -13.04 33.03 -9.15
N LEU A 2561 -13.19 31.79 -8.66
CA LEU A 2561 -14.17 31.49 -7.63
C LEU A 2561 -13.51 31.09 -6.30
N GLU A 2562 -12.64 30.09 -6.32
CA GLU A 2562 -12.10 29.56 -5.07
C GLU A 2562 -11.23 30.60 -4.37
N HIS A 2563 -10.29 31.21 -5.09
CA HIS A 2563 -9.35 32.18 -4.53
C HIS A 2563 -9.46 33.49 -5.32
N ASN A 2564 -10.26 34.42 -4.82
CA ASN A 2564 -10.38 35.74 -5.45
C ASN A 2564 -9.93 36.81 -4.45
N MET A 2565 -8.83 37.48 -4.79
CA MET A 2565 -8.32 38.54 -3.93
C MET A 2565 -9.40 39.57 -3.62
N TRP A 2566 -10.25 39.87 -4.60
CA TRP A 2566 -11.33 40.82 -4.35
C TRP A 2566 -12.36 40.25 -3.39
N ASN A 2567 -12.59 38.93 -3.43
CA ASN A 2567 -13.46 38.31 -2.44
C ASN A 2567 -12.86 38.44 -1.04
N TYR A 2568 -11.55 38.25 -0.92
CA TYR A 2568 -10.89 38.43 0.38
C TYR A 2568 -11.02 39.87 0.86
N LEU A 2569 -10.84 40.83 -0.05
CA LEU A 2569 -11.01 42.23 0.31
C LEU A 2569 -12.44 42.51 0.77
N TYR A 2570 -13.42 41.94 0.06
CA TYR A 2570 -14.81 42.09 0.46
C TYR A 2570 -15.05 41.52 1.84
N PHE A 2571 -14.45 40.36 2.15
CA PHE A 2571 -14.59 39.79 3.48
C PHE A 2571 -13.97 40.70 4.54
N ILE A 2572 -12.81 41.28 4.24
CA ILE A 2572 -12.18 42.19 5.21
C ILE A 2572 -13.09 43.39 5.46
N VAL A 2573 -13.67 43.95 4.39
CA VAL A 2573 -14.59 45.07 4.56
C VAL A 2573 -15.81 44.64 5.36
N LEU A 2574 -16.28 43.40 5.15
CA LEU A 2574 -17.41 42.90 5.92
C LEU A 2574 -17.07 42.82 7.41
N VAL A 2575 -15.88 42.32 7.73
CA VAL A 2575 -15.48 42.27 9.14
C VAL A 2575 -15.42 43.66 9.73
N ARG A 2576 -14.87 44.62 8.98
CA ARG A 2576 -14.79 45.98 9.50
C ARG A 2576 -16.18 46.57 9.73
N VAL A 2577 -17.09 46.41 8.77
CA VAL A 2577 -18.40 47.05 8.86
C VAL A 2577 -19.27 46.39 9.93
N LYS A 2578 -19.29 45.05 9.95
CA LYS A 2578 -20.22 44.33 10.81
C LYS A 2578 -19.96 44.64 12.28
N ASN A 2579 -21.04 44.73 13.06
CA ASN A 2579 -20.92 44.94 14.49
C ASN A 2579 -20.28 43.73 15.15
N LYS A 2580 -19.52 43.99 16.23
CA LYS A 2580 -18.80 42.91 16.90
C LYS A 2580 -19.76 41.87 17.46
N THR A 2581 -20.93 42.30 17.93
CA THR A 2581 -21.88 41.36 18.55
C THR A 2581 -22.36 40.33 17.55
N ASP A 2582 -22.59 40.73 16.29
CA ASP A 2582 -23.16 39.86 15.29
C ASP A 2582 -22.13 39.03 14.55
N TYR A 2583 -20.85 39.11 14.94
CA TYR A 2583 -19.83 38.29 14.31
C TYR A 2583 -20.18 36.81 14.42
N THR A 2584 -19.96 36.08 13.34
CA THR A 2584 -20.09 34.64 13.35
C THR A 2584 -18.77 34.02 13.81
N GLY A 2585 -18.73 32.68 13.84
CA GLY A 2585 -17.54 31.98 14.28
C GLY A 2585 -16.32 32.36 13.46
N PRO A 2586 -16.34 32.03 12.17
CA PRO A 2586 -15.18 32.38 11.32
C PRO A 2586 -14.85 33.86 11.31
N GLU A 2587 -15.88 34.71 11.32
CA GLU A 2587 -15.64 36.15 11.30
C GLU A 2587 -14.91 36.61 12.55
N SER A 2588 -15.25 36.03 13.71
CA SER A 2588 -14.55 36.38 14.94
C SER A 2588 -13.07 36.02 14.85
N TYR A 2589 -12.77 34.82 14.35
CA TYR A 2589 -11.37 34.41 14.19
C TYR A 2589 -10.62 35.34 13.24
N VAL A 2590 -11.25 35.67 12.12
CA VAL A 2590 -10.59 36.55 11.15
C VAL A 2590 -10.36 37.93 11.75
N ALA A 2591 -11.35 38.45 12.49
CA ALA A 2591 -11.18 39.76 13.12
C ALA A 2591 -10.06 39.75 14.15
N GLN A 2592 -9.98 38.69 14.96
CA GLN A 2592 -8.92 38.61 15.94
C GLN A 2592 -7.55 38.52 15.26
N MET A 2593 -7.44 37.75 14.19
CA MET A 2593 -6.18 37.66 13.46
C MET A 2593 -5.81 39.01 12.86
N ILE A 2594 -6.79 39.73 12.31
CA ILE A 2594 -6.52 41.05 11.76
C ILE A 2594 -6.02 41.99 12.83
N LYS A 2595 -6.66 41.97 14.01
CA LYS A 2595 -6.22 42.83 15.10
C LYS A 2595 -4.82 42.48 15.56
N ASN A 2596 -4.49 41.19 15.61
CA ASN A 2596 -3.17 40.74 16.03
C ASN A 2596 -2.13 40.82 14.91
N LYS A 2597 -2.52 41.24 13.70
CA LYS A 2597 -1.59 41.42 12.59
C LYS A 2597 -0.98 40.09 12.16
N ASN A 2598 -1.76 39.02 12.27
CA ASN A 2598 -1.37 37.70 11.79
C ASN A 2598 -2.06 37.44 10.47
N LEU A 2599 -1.26 37.13 9.43
CA LEU A 2599 -1.76 36.93 8.08
C LEU A 2599 -1.89 35.45 7.73
N ASP A 2600 -1.95 34.58 8.73
CA ASP A 2600 -2.05 33.15 8.48
C ASP A 2600 -3.46 32.69 8.12
N TRP A 2601 -4.47 33.55 8.25
CA TRP A 2601 -5.82 33.16 7.88
C TRP A 2601 -5.96 33.08 6.36
N PHE A 2602 -5.10 33.78 5.62
CA PHE A 2602 -5.03 33.58 4.19
C PHE A 2602 -4.49 32.19 3.88
N PRO A 2603 -4.98 31.52 2.84
CA PRO A 2603 -4.40 30.22 2.46
C PRO A 2603 -3.12 30.40 1.69
N ARG A 2604 -2.07 29.67 2.10
CA ARG A 2604 -0.76 29.76 1.46
C ARG A 2604 -0.36 28.37 1.00
N MET A 2605 -0.12 28.22 -0.30
CA MET A 2605 0.33 26.97 -0.88
C MET A 2605 -0.60 25.82 -0.54
N ARG A 2606 -1.91 26.09 -0.51
CA ARG A 2606 -2.90 25.06 -0.21
C ARG A 2606 -4.21 25.42 -0.87
N ALA A 2607 -4.91 24.40 -1.37
CA ALA A 2607 -6.23 24.57 -1.98
C ALA A 2607 -7.08 23.35 -1.66
N MET A 2608 -8.34 23.60 -1.31
CA MET A 2608 -9.22 22.50 -0.91
C MET A 2608 -9.42 21.50 -2.05
N SER A 2609 -9.62 22.00 -3.27
CA SER A 2609 -9.90 21.12 -4.40
C SER A 2609 -8.72 20.19 -4.67
N LEU A 2610 -7.50 20.72 -4.64
CA LEU A 2610 -6.33 19.88 -4.86
C LEU A 2610 -6.21 18.81 -3.79
N VAL A 2611 -6.51 19.17 -2.54
CA VAL A 2611 -6.49 18.18 -1.47
C VAL A 2611 -7.51 17.09 -1.74
N SER A 2612 -8.72 17.47 -2.17
CA SER A 2612 -9.76 16.51 -2.49
C SER A 2612 -10.85 17.15 -3.35
N LEU B 235 29.25 -33.11 32.61
CA LEU B 235 29.33 -34.32 33.42
C LEU B 235 28.78 -35.51 32.65
N LYS B 236 29.68 -36.40 32.22
CA LYS B 236 29.31 -37.56 31.43
C LYS B 236 30.05 -38.78 31.98
N GLY B 237 29.51 -39.96 31.66
CA GLY B 237 30.15 -41.19 32.10
C GLY B 237 31.51 -41.38 31.47
N GLY B 238 32.35 -42.14 32.17
CA GLY B 238 33.71 -42.36 31.73
C GLY B 238 34.70 -41.28 32.09
N ASP B 239 34.24 -40.23 32.78
CA ASP B 239 35.10 -39.14 33.23
C ASP B 239 35.14 -39.15 34.76
N VAL B 240 36.09 -38.40 35.31
CA VAL B 240 36.29 -38.32 36.75
C VAL B 240 36.25 -36.86 37.16
N VAL B 241 35.63 -36.59 38.32
CA VAL B 241 35.59 -35.26 38.91
C VAL B 241 35.58 -35.42 40.42
N ARG B 242 36.29 -34.55 41.12
CA ARG B 242 36.30 -34.61 42.58
C ARG B 242 35.00 -34.05 43.14
N LEU B 243 34.66 -34.51 44.33
CA LEU B 243 33.47 -34.06 45.05
C LEU B 243 33.92 -33.27 46.27
N PHE B 244 33.40 -32.05 46.40
CA PHE B 244 33.75 -31.15 47.50
C PHE B 244 32.47 -30.61 48.12
N HIS B 245 32.36 -30.69 49.44
CA HIS B 245 31.14 -30.29 50.13
C HIS B 245 31.27 -28.87 50.63
N ALA B 246 30.29 -28.03 50.32
CA ALA B 246 30.33 -26.62 50.71
C ALA B 246 30.23 -26.48 52.23
N GLU B 247 29.23 -27.11 52.84
CA GLU B 247 29.03 -26.97 54.28
C GLU B 247 30.21 -27.53 55.05
N GLN B 248 30.66 -28.74 54.68
CA GLN B 248 31.79 -29.35 55.36
C GLN B 248 33.11 -28.71 54.93
N GLU B 249 33.14 -28.12 53.73
CA GLU B 249 34.37 -27.56 53.16
C GLU B 249 35.46 -28.61 53.12
N LYS B 250 35.10 -29.83 52.73
CA LYS B 250 36.02 -30.96 52.70
C LYS B 250 35.81 -31.77 51.43
N PHE B 251 36.84 -32.55 51.10
CA PHE B 251 36.89 -33.32 49.86
C PHE B 251 36.52 -34.76 50.14
N LEU B 252 35.78 -35.37 49.21
CA LEU B 252 35.38 -36.77 49.36
C LEU B 252 36.52 -37.68 48.94
N THR B 253 36.80 -38.69 49.78
CA THR B 253 37.88 -39.62 49.53
C THR B 253 37.50 -41.00 50.06
N CYS B 254 38.04 -42.03 49.42
CA CYS B 254 37.81 -43.41 49.82
C CYS B 254 39.15 -44.07 50.11
N ASP B 255 39.22 -44.82 51.21
CA ASP B 255 40.48 -45.47 51.59
C ASP B 255 40.17 -46.71 52.42
N GLU B 256 41.15 -47.61 52.48
CA GLU B 256 41.04 -48.85 53.27
C GLU B 256 41.64 -48.61 54.65
N TYR B 257 40.86 -47.94 55.49
CA TYR B 257 41.36 -47.51 56.79
C TYR B 257 41.58 -48.70 57.72
N LYS B 258 40.59 -49.59 57.82
CA LYS B 258 40.67 -50.75 58.73
C LYS B 258 40.70 -52.07 57.97
N GLY B 259 41.30 -52.10 56.78
CA GLY B 259 41.23 -53.27 55.94
C GLY B 259 39.95 -53.37 55.14
N LYS B 260 39.02 -52.44 55.32
CA LYS B 260 37.76 -52.39 54.58
C LYS B 260 37.63 -51.01 53.97
N LEU B 261 37.31 -50.95 52.68
CA LEU B 261 37.19 -49.67 52.00
C LEU B 261 36.05 -48.85 52.61
N GLN B 262 36.32 -47.58 52.86
CA GLN B 262 35.36 -46.66 53.43
C GLN B 262 35.39 -45.36 52.62
N VAL B 263 34.21 -44.81 52.37
CA VAL B 263 34.05 -43.52 51.69
C VAL B 263 33.73 -42.49 52.75
N PHE B 264 34.35 -41.32 52.65
CA PHE B 264 34.30 -40.32 53.72
C PHE B 264 34.62 -38.96 53.14
N LEU B 265 34.55 -37.94 53.99
CA LEU B 265 34.95 -36.58 53.62
C LEU B 265 36.24 -36.25 54.36
N ARG B 266 37.38 -36.43 53.69
CA ARG B 266 38.66 -36.26 54.34
C ARG B 266 38.89 -34.80 54.72
N THR B 267 39.59 -34.60 55.84
CA THR B 267 39.93 -33.28 56.34
C THR B 267 41.44 -33.14 56.38
N THR B 268 41.94 -31.99 55.96
CA THR B 268 43.38 -31.71 55.91
C THR B 268 43.74 -30.63 56.91
N LEU B 269 44.86 -30.81 57.59
CA LEU B 269 45.36 -29.78 58.50
C LEU B 269 45.82 -28.54 57.74
N ARG B 270 45.99 -28.63 56.43
CA ARG B 270 46.35 -27.46 55.64
C ARG B 270 45.25 -26.41 55.74
N GLN B 271 45.66 -25.14 55.72
CA GLN B 271 44.70 -24.05 55.83
C GLN B 271 43.68 -24.10 54.69
N SER B 272 44.10 -24.56 53.51
CA SER B 272 43.24 -24.66 52.34
C SER B 272 42.82 -26.12 52.17
N ALA B 273 41.51 -26.36 52.27
CA ALA B 273 41.00 -27.71 52.07
C ALA B 273 41.22 -28.18 50.64
N THR B 274 40.99 -27.29 49.67
CA THR B 274 41.15 -27.68 48.26
C THR B 274 42.60 -28.00 47.92
N SER B 275 43.55 -27.42 48.66
CA SER B 275 44.96 -27.66 48.37
C SER B 275 45.31 -29.14 48.52
N ALA B 276 44.67 -29.82 49.47
CA ALA B 276 44.93 -31.24 49.72
C ALA B 276 44.00 -32.07 48.83
N THR B 277 44.60 -32.86 47.93
CA THR B 277 43.84 -33.70 47.01
C THR B 277 44.64 -34.97 46.76
N SER B 278 43.93 -36.04 46.36
CA SER B 278 44.54 -37.34 46.20
C SER B 278 43.89 -38.11 45.06
N SER B 279 44.69 -38.98 44.44
CA SER B 279 44.15 -39.87 43.41
C SER B 279 43.10 -40.80 44.00
N ASN B 280 43.33 -41.29 45.22
CA ASN B 280 42.30 -42.05 45.91
C ASN B 280 41.05 -41.20 46.12
N ALA B 281 41.24 -39.89 46.32
CA ALA B 281 40.10 -38.99 46.47
C ALA B 281 39.37 -38.80 45.15
N LEU B 282 40.05 -38.98 44.02
CA LEU B 282 39.42 -38.83 42.73
C LEU B 282 38.24 -39.79 42.59
N TRP B 283 37.15 -39.29 42.00
CA TRP B 283 35.93 -40.07 41.78
C TRP B 283 35.60 -40.06 40.30
N GLU B 284 35.21 -41.22 39.77
CA GLU B 284 34.86 -41.39 38.36
C GLU B 284 33.35 -41.37 38.25
N VAL B 285 32.82 -40.57 37.32
CA VAL B 285 31.38 -40.51 37.11
C VAL B 285 30.97 -41.46 36.00
N GLU B 286 29.83 -42.11 36.19
CA GLU B 286 29.28 -43.05 35.23
C GLU B 286 27.79 -42.79 35.08
N VAL B 287 27.26 -43.07 33.90
CA VAL B 287 25.87 -42.79 33.57
C VAL B 287 25.17 -44.09 33.21
N VAL B 288 23.96 -44.28 33.73
CA VAL B 288 23.16 -45.44 33.35
C VAL B 288 22.59 -45.23 31.95
N HIS B 289 22.54 -46.31 31.18
CA HIS B 289 22.00 -46.28 29.82
C HIS B 289 21.34 -47.63 29.52
N HIS B 290 20.52 -47.63 28.47
CA HIS B 290 19.81 -48.85 28.10
C HIS B 290 20.79 -49.98 27.79
N ASP B 291 21.85 -49.69 27.04
CA ASP B 291 22.88 -50.67 26.74
C ASP B 291 24.02 -50.52 27.75
N PRO B 292 24.37 -51.56 28.50
CA PRO B 292 25.43 -51.39 29.52
C PRO B 292 26.74 -50.89 28.94
N CYS B 293 27.12 -51.37 27.75
CA CYS B 293 28.34 -50.87 27.11
C CYS B 293 28.21 -49.40 26.75
N ARG B 294 27.04 -48.99 26.29
CA ARG B 294 26.84 -47.60 25.89
C ARG B 294 27.06 -46.68 27.07
N GLY B 295 27.82 -45.60 26.84
CA GLY B 295 28.05 -44.60 27.86
C GLY B 295 27.26 -43.33 27.60
N GLY B 296 27.17 -42.94 26.34
CA GLY B 296 26.38 -41.77 25.98
C GLY B 296 26.84 -40.54 26.72
N ALA B 297 25.88 -39.79 27.26
CA ALA B 297 26.15 -38.56 28.00
C ALA B 297 25.25 -38.50 29.22
N GLY B 298 25.75 -37.87 30.28
CA GLY B 298 25.01 -37.84 31.53
C GLY B 298 23.90 -36.80 31.51
N HIS B 299 22.80 -37.13 32.17
CA HIS B 299 21.66 -36.24 32.32
C HIS B 299 21.34 -36.04 33.79
N TRP B 300 20.66 -34.95 34.11
CA TRP B 300 20.21 -34.72 35.48
C TRP B 300 19.25 -35.83 35.91
N ASN B 301 18.34 -36.23 35.03
CA ASN B 301 17.43 -37.33 35.36
C ASN B 301 18.14 -38.68 35.30
N GLY B 302 19.17 -38.79 34.46
CA GLY B 302 19.86 -40.06 34.32
C GLY B 302 20.55 -40.44 35.62
N LEU B 303 20.63 -41.75 35.86
CA LEU B 303 21.25 -42.24 37.09
C LEU B 303 22.77 -42.12 37.00
N TYR B 304 23.36 -41.58 38.07
CA TYR B 304 24.79 -41.31 38.14
C TYR B 304 25.42 -42.25 39.15
N ARG B 305 26.62 -42.72 38.83
CA ARG B 305 27.41 -43.60 39.69
C ARG B 305 28.76 -42.96 39.93
N PHE B 306 29.27 -43.10 41.16
CA PHE B 306 30.60 -42.61 41.51
C PHE B 306 31.49 -43.81 41.81
N LYS B 307 32.75 -43.75 41.37
CA LYS B 307 33.68 -44.84 41.51
C LYS B 307 34.98 -44.33 42.15
N HIS B 308 35.44 -45.03 43.18
CA HIS B 308 36.75 -44.77 43.74
C HIS B 308 37.81 -45.06 42.68
N LEU B 309 38.63 -44.06 42.37
CA LEU B 309 39.54 -44.17 41.23
C LEU B 309 40.57 -45.26 41.45
N ALA B 310 41.24 -45.26 42.60
CA ALA B 310 42.32 -46.21 42.85
C ALA B 310 41.80 -47.64 42.88
N THR B 311 40.75 -47.89 43.67
CA THR B 311 40.24 -49.24 43.82
C THR B 311 39.43 -49.67 42.61
N GLY B 312 38.67 -48.75 42.02
CA GLY B 312 37.73 -49.08 40.98
C GLY B 312 36.36 -49.51 41.47
N ASN B 313 36.18 -49.65 42.78
CA ASN B 313 34.88 -50.00 43.33
C ASN B 313 33.91 -48.83 43.18
N TYR B 314 32.62 -49.14 43.25
CA TYR B 314 31.58 -48.13 43.12
C TYR B 314 31.10 -47.72 44.51
N LEU B 315 31.07 -46.41 44.76
CA LEU B 315 30.49 -45.89 45.98
C LEU B 315 28.99 -46.13 46.01
N ALA B 316 28.49 -46.56 47.17
CA ALA B 316 27.08 -46.84 47.38
C ALA B 316 26.73 -46.49 48.81
N ALA B 317 25.44 -46.58 49.14
CA ALA B 317 24.96 -46.38 50.50
C ALA B 317 24.37 -47.70 50.99
N GLU B 318 24.77 -48.11 52.19
CA GLU B 318 24.34 -49.38 52.76
C GLU B 318 23.93 -49.16 54.22
N GLU B 319 23.05 -50.02 54.69
CA GLU B 319 22.50 -49.88 56.03
C GLU B 319 23.63 -49.80 57.06
N ASN B 320 23.51 -48.83 57.98
CA ASN B 320 24.53 -48.57 58.98
C ASN B 320 23.98 -48.92 60.36
N PRO B 321 24.71 -49.71 61.16
CA PRO B 321 24.24 -50.03 62.51
C PRO B 321 23.89 -48.80 63.33
N ILE B 350 22.42 -42.30 61.91
CA ILE B 350 22.68 -42.49 60.48
C ILE B 350 22.10 -43.82 60.03
N LYS B 351 20.99 -43.76 59.29
CA LYS B 351 20.35 -44.98 58.82
C LYS B 351 21.23 -45.71 57.81
N TYR B 352 21.87 -44.97 56.91
CA TYR B 352 22.75 -45.56 55.90
C TYR B 352 24.07 -44.81 55.84
N CYS B 353 25.15 -45.57 55.65
CA CYS B 353 26.49 -45.02 55.54
C CYS B 353 27.04 -45.34 54.16
N LEU B 354 27.97 -44.51 53.68
CA LEU B 354 28.52 -44.69 52.35
C LEU B 354 29.74 -45.62 52.38
N VAL B 355 29.74 -46.61 51.50
CA VAL B 355 30.83 -47.59 51.40
C VAL B 355 30.99 -47.98 49.94
N ALA B 356 32.20 -48.38 49.56
CA ALA B 356 32.45 -48.81 48.20
C ALA B 356 31.99 -50.25 48.00
N VAL B 357 31.51 -50.55 46.79
CA VAL B 357 31.06 -51.90 46.45
C VAL B 357 31.92 -52.43 45.31
N PRO B 358 32.26 -53.72 45.31
CA PRO B 358 33.14 -54.23 44.24
C PRO B 358 32.58 -54.10 42.84
N HIS B 359 31.26 -54.24 42.69
CA HIS B 359 30.62 -54.24 41.38
C HIS B 359 29.44 -53.29 41.37
N GLY B 360 29.11 -52.81 40.16
CA GLY B 360 27.97 -51.95 39.95
C GLY B 360 26.67 -52.67 39.72
N ASN B 361 26.66 -54.00 39.77
CA ASN B 361 25.42 -54.74 39.57
C ASN B 361 24.40 -54.40 40.66
N ASP B 362 24.86 -54.28 41.90
CA ASP B 362 23.97 -53.91 42.99
C ASP B 362 23.38 -52.52 42.74
N ILE B 363 22.09 -52.39 42.99
CA ILE B 363 21.41 -51.11 42.77
C ILE B 363 21.97 -50.04 43.70
N ALA B 364 22.61 -50.45 44.79
CA ALA B 364 23.13 -49.46 45.75
C ALA B 364 24.16 -48.55 45.11
N SER B 365 24.96 -49.07 44.18
CA SER B 365 25.96 -48.24 43.50
C SER B 365 25.31 -47.05 42.81
N LEU B 366 24.08 -47.24 42.32
CA LEU B 366 23.40 -46.17 41.60
C LEU B 366 23.11 -44.99 42.53
N PHE B 367 23.24 -43.77 41.99
CA PHE B 367 22.94 -42.55 42.71
C PHE B 367 22.26 -41.58 41.76
N GLU B 368 21.54 -40.61 42.34
CA GLU B 368 20.82 -39.60 41.58
C GLU B 368 21.31 -38.21 42.00
N LEU B 369 21.32 -37.29 41.05
CA LEU B 369 21.84 -35.94 41.25
C LEU B 369 20.73 -34.91 41.10
N ASP B 370 20.69 -33.96 42.03
CA ASP B 370 19.73 -32.86 42.00
C ASP B 370 20.48 -31.54 41.85
N PRO B 371 20.13 -30.69 40.89
CA PRO B 371 20.84 -29.41 40.74
C PRO B 371 20.51 -28.44 41.86
N THR B 372 21.50 -27.65 42.26
CA THR B 372 21.26 -26.57 43.21
C THR B 372 20.56 -25.39 42.53
N THR B 373 21.02 -25.02 41.34
CA THR B 373 20.47 -23.91 40.58
C THR B 373 19.52 -24.43 39.51
N LEU B 374 18.70 -23.53 38.97
CA LEU B 374 17.72 -23.91 37.98
C LEU B 374 18.40 -24.48 36.74
N GLN B 375 17.80 -25.54 36.18
CA GLN B 375 18.33 -26.20 35.01
C GLN B 375 17.22 -26.34 33.98
N LYS B 376 17.63 -26.47 32.70
CA LYS B 376 16.69 -26.57 31.59
C LYS B 376 16.26 -28.02 31.44
N THR B 377 15.02 -28.32 31.81
CA THR B 377 14.43 -29.66 31.71
C THR B 377 15.41 -30.64 32.37
N ASP B 378 15.75 -31.75 31.73
CA ASP B 378 16.73 -32.70 32.24
C ASP B 378 17.94 -32.78 31.32
N SER B 379 18.38 -31.63 30.83
CA SER B 379 19.51 -31.58 29.91
C SER B 379 20.78 -32.09 30.58
N PHE B 380 21.83 -32.21 29.77
CA PHE B 380 23.10 -32.73 30.28
C PHE B 380 23.59 -31.88 31.44
N VAL B 381 24.08 -32.56 32.48
CA VAL B 381 24.53 -31.86 33.69
C VAL B 381 25.70 -30.95 33.33
N PRO B 382 25.68 -29.66 33.67
CA PRO B 382 26.86 -28.82 33.43
C PRO B 382 28.05 -29.33 34.21
N ARG B 383 29.23 -29.27 33.59
CA ARG B 383 30.44 -29.71 34.26
C ARG B 383 30.85 -28.69 35.32
N ASN B 384 31.46 -29.21 36.40
CA ASN B 384 31.89 -28.38 37.52
C ASN B 384 30.72 -27.60 38.11
N SER B 385 29.57 -28.27 38.24
CA SER B 385 28.36 -27.67 38.78
C SER B 385 27.93 -28.42 40.03
N TYR B 386 27.27 -27.72 40.94
CA TYR B 386 26.85 -28.31 42.19
C TYR B 386 25.81 -29.40 41.94
N VAL B 387 25.94 -30.50 42.68
CA VAL B 387 25.02 -31.63 42.59
C VAL B 387 24.75 -32.15 43.99
N ARG B 388 23.49 -32.50 44.26
CA ARG B 388 23.08 -33.11 45.51
C ARG B 388 22.87 -34.60 45.27
N LEU B 389 23.51 -35.43 46.09
CA LEU B 389 23.46 -36.87 45.92
C LEU B 389 22.29 -37.47 46.70
N ARG B 390 21.54 -38.36 46.04
CA ARG B 390 20.46 -39.09 46.69
C ARG B 390 20.57 -40.57 46.32
N HIS B 391 20.27 -41.43 47.29
CA HIS B 391 20.40 -42.87 47.14
C HIS B 391 19.07 -43.42 46.62
N LEU B 392 18.99 -43.64 45.31
CA LEU B 392 17.77 -44.16 44.71
C LEU B 392 17.49 -45.60 45.12
N CYS B 393 18.54 -46.37 45.42
CA CYS B 393 18.35 -47.76 45.79
C CYS B 393 17.45 -47.90 47.00
N THR B 394 17.76 -47.18 48.08
CA THR B 394 16.93 -47.18 49.28
C THR B 394 16.10 -45.91 49.43
N ASN B 395 16.11 -45.03 48.43
CA ASN B 395 15.28 -43.83 48.43
C ASN B 395 15.54 -42.97 49.67
N THR B 396 16.81 -42.84 50.04
CA THR B 396 17.22 -42.01 51.16
C THR B 396 18.20 -40.96 50.66
N TRP B 397 18.02 -39.72 51.10
CA TRP B 397 18.92 -38.64 50.69
C TRP B 397 20.24 -38.72 51.45
N ILE B 398 21.30 -38.26 50.80
CA ILE B 398 22.66 -38.36 51.34
C ILE B 398 23.01 -37.03 51.99
N GLN B 399 23.61 -37.10 53.19
CA GLN B 399 24.08 -35.93 53.90
C GLN B 399 25.46 -36.22 54.49
N SER B 400 26.13 -35.17 54.92
CA SER B 400 27.46 -35.26 55.51
C SER B 400 27.36 -34.98 57.01
N THR B 401 28.09 -35.75 57.80
CA THR B 401 28.10 -35.62 59.26
C THR B 401 29.53 -35.34 59.74
N ASN B 402 29.64 -34.44 60.71
CA ASN B 402 30.97 -34.09 61.22
C ASN B 402 31.63 -35.24 61.95
N VAL B 403 30.85 -36.22 62.39
CA VAL B 403 31.39 -37.36 63.14
C VAL B 403 32.38 -38.10 62.25
N PRO B 404 33.60 -38.37 62.72
CA PRO B 404 34.57 -39.07 61.86
C PRO B 404 34.15 -40.50 61.59
N ILE B 405 34.53 -40.99 60.41
CA ILE B 405 34.38 -42.41 60.10
C ILE B 405 35.52 -43.23 60.69
N ASP B 406 36.57 -42.57 61.19
CA ASP B 406 37.75 -43.21 61.74
C ASP B 406 38.00 -42.64 63.15
N ILE B 407 36.94 -42.61 63.95
CA ILE B 407 37.01 -41.99 65.27
C ILE B 407 38.13 -42.62 66.09
N GLU B 408 38.46 -43.88 65.83
CA GLU B 408 39.45 -44.58 66.65
C GLU B 408 40.81 -43.89 66.58
N GLU B 409 41.25 -43.51 65.39
CA GLU B 409 42.57 -42.89 65.25
C GLU B 409 42.55 -41.47 65.81
N GLU B 410 43.67 -41.07 66.41
CA GLU B 410 43.81 -39.73 66.94
C GLU B 410 43.82 -38.72 65.79
N ARG B 411 43.19 -37.57 66.03
CA ARG B 411 43.09 -36.51 65.05
C ARG B 411 42.50 -37.04 63.74
N PRO B 412 41.26 -37.52 63.76
CA PRO B 412 40.69 -38.14 62.56
C PRO B 412 40.69 -37.19 61.37
N ILE B 413 41.00 -37.73 60.20
CA ILE B 413 40.92 -36.97 58.96
C ILE B 413 39.66 -37.31 58.18
N ARG B 414 39.18 -38.55 58.32
CA ARG B 414 38.01 -38.99 57.59
C ARG B 414 36.73 -38.58 58.32
N LEU B 415 35.71 -38.21 57.55
CA LEU B 415 34.42 -37.82 58.08
C LEU B 415 33.35 -38.76 57.56
N MET B 416 32.54 -39.29 58.47
CA MET B 416 31.43 -40.15 58.09
C MET B 416 30.30 -39.32 57.50
N LEU B 417 29.55 -39.94 56.60
CA LEU B 417 28.44 -39.28 55.90
C LEU B 417 27.14 -39.97 56.28
N GLY B 418 26.15 -39.17 56.70
CA GLY B 418 24.87 -39.70 57.09
C GLY B 418 23.86 -39.72 55.96
N THR B 419 22.66 -40.20 56.28
CA THR B 419 21.56 -40.27 55.34
C THR B 419 20.26 -39.97 56.07
N CYS B 420 19.43 -39.11 55.47
CA CYS B 420 18.13 -38.77 56.01
C CYS B 420 17.12 -38.72 54.87
N PRO B 421 15.85 -39.02 55.15
CA PRO B 421 14.83 -38.88 54.09
C PRO B 421 14.69 -37.46 53.58
N THR B 422 14.87 -36.47 54.45
CA THR B 422 14.72 -35.08 54.06
C THR B 422 15.91 -34.64 53.18
N LYS B 423 15.65 -33.62 52.36
CA LYS B 423 16.67 -33.03 51.50
C LYS B 423 16.93 -31.59 51.92
N GLU B 424 18.20 -31.21 51.95
CA GLU B 424 18.62 -29.87 52.32
C GLU B 424 19.27 -29.20 51.12
N ASP B 425 18.85 -27.95 50.85
CA ASP B 425 19.48 -27.21 49.76
C ASP B 425 20.96 -26.98 50.04
N LYS B 426 21.31 -26.76 51.30
CA LYS B 426 22.71 -26.58 51.67
C LYS B 426 23.54 -27.83 51.36
N GLU B 427 22.92 -29.00 51.43
CA GLU B 427 23.64 -30.27 51.25
C GLU B 427 23.83 -30.53 49.76
N ALA B 428 24.84 -29.89 49.20
CA ALA B 428 25.17 -30.03 47.79
C ALA B 428 26.69 -30.20 47.64
N PHE B 429 27.09 -31.00 46.66
CA PHE B 429 28.49 -31.26 46.37
C PHE B 429 28.85 -30.59 45.05
N ALA B 430 29.99 -29.90 45.03
CA ALA B 430 30.42 -29.21 43.82
C ALA B 430 31.32 -30.11 43.00
N ILE B 431 30.98 -30.28 41.72
CA ILE B 431 31.85 -31.00 40.80
C ILE B 431 33.14 -30.21 40.63
N VAL B 432 34.28 -30.91 40.73
CA VAL B 432 35.59 -30.29 40.66
C VAL B 432 36.38 -30.93 39.53
N SER B 433 36.92 -30.10 38.65
CA SER B 433 37.67 -30.60 37.49
C SER B 433 38.89 -31.40 37.96
N VAL B 434 39.23 -32.43 37.19
CA VAL B 434 40.36 -33.31 37.47
C VAL B 434 41.23 -33.34 36.23
N PRO B 435 42.55 -33.24 36.37
CA PRO B 435 43.43 -33.41 35.20
C PRO B 435 43.52 -34.87 34.79
N VAL B 436 43.59 -35.10 33.49
CA VAL B 436 43.75 -36.47 32.98
C VAL B 436 45.08 -37.05 33.45
N SER B 437 46.06 -36.19 33.70
CA SER B 437 47.38 -36.66 34.10
C SER B 437 47.34 -37.37 35.45
N GLU B 438 46.52 -36.88 36.38
CA GLU B 438 46.43 -37.53 37.68
C GLU B 438 45.91 -38.96 37.54
N ILE B 439 44.85 -39.16 36.75
CA ILE B 439 44.32 -40.49 36.55
C ILE B 439 45.32 -41.37 35.82
N ARG B 440 46.01 -40.82 34.83
CA ARG B 440 46.99 -41.60 34.09
C ARG B 440 48.13 -42.04 35.01
N ASP B 441 48.59 -41.14 35.88
CA ASP B 441 49.64 -41.49 36.83
C ASP B 441 49.16 -42.56 37.80
N LEU B 442 47.91 -42.45 38.28
CA LEU B 442 47.37 -43.44 39.18
C LEU B 442 47.29 -44.81 38.50
N ASP B 443 46.84 -44.84 37.24
CA ASP B 443 46.76 -46.10 36.50
C ASP B 443 48.14 -46.69 36.27
N PHE B 444 49.12 -45.85 35.93
CA PHE B 444 50.49 -46.34 35.79
C PHE B 444 50.99 -46.90 37.10
N ALA B 445 50.70 -46.22 38.21
CA ALA B 445 51.09 -46.72 39.52
C ALA B 445 50.46 -48.08 39.79
N ASN B 446 49.18 -48.24 39.45
CA ASN B 446 48.52 -49.52 39.66
C ASN B 446 49.18 -50.62 38.82
N ASP B 447 49.50 -50.32 37.56
CA ASP B 447 50.11 -51.34 36.70
C ASP B 447 51.52 -51.71 37.19
N ALA B 448 52.32 -50.70 37.53
CA ALA B 448 53.66 -50.97 38.04
C ALA B 448 53.60 -51.73 39.35
N SER B 449 52.65 -51.39 40.22
CA SER B 449 52.48 -52.11 41.47
C SER B 449 51.98 -53.53 41.23
N SER B 450 51.20 -53.74 40.16
CA SER B 450 50.77 -55.09 39.82
C SER B 450 51.95 -55.96 39.42
N MET B 451 52.82 -55.45 38.53
CA MET B 451 53.97 -56.26 38.15
C MET B 451 54.93 -56.40 39.32
N LEU B 452 55.07 -55.36 40.14
CA LEU B 452 55.90 -55.47 41.34
C LEU B 452 55.32 -56.47 42.32
N ALA B 453 53.99 -56.63 42.32
CA ALA B 453 53.36 -57.63 43.17
C ALA B 453 53.62 -59.03 42.64
N SER B 454 53.63 -59.20 41.32
CA SER B 454 54.07 -60.47 40.76
C SER B 454 55.52 -60.76 41.14
N ALA B 455 56.37 -59.72 41.08
CA ALA B 455 57.76 -59.88 41.49
C ALA B 455 57.86 -60.27 42.95
N VAL B 456 57.06 -59.62 43.81
CA VAL B 456 57.08 -59.92 45.24
C VAL B 456 56.57 -61.33 45.49
N GLU B 457 55.60 -61.79 44.70
CA GLU B 457 55.17 -63.17 44.78
C GLU B 457 56.31 -64.11 44.46
N LYS B 458 57.09 -63.79 43.42
CA LYS B 458 58.25 -64.61 43.10
C LYS B 458 59.27 -64.58 44.24
N LEU B 459 59.49 -63.41 44.85
CA LEU B 459 60.41 -63.33 45.97
C LEU B 459 59.95 -64.19 47.14
N ASN B 460 58.64 -64.14 47.44
CA ASN B 460 58.10 -64.98 48.50
C ASN B 460 58.27 -66.46 48.17
N GLU B 461 58.04 -66.83 46.91
CA GLU B 461 58.33 -68.19 46.47
C GLU B 461 59.80 -68.53 46.67
N GLY B 462 60.66 -67.52 46.63
CA GLY B 462 62.09 -67.71 46.79
C GLY B 462 62.84 -67.99 45.52
N PHE B 463 62.16 -68.03 44.37
CA PHE B 463 62.79 -68.30 43.09
C PHE B 463 62.26 -67.32 42.05
N ILE B 464 63.18 -66.64 41.36
CA ILE B 464 62.85 -65.83 40.19
C ILE B 464 63.91 -66.09 39.14
N SER B 465 63.46 -66.43 37.93
CA SER B 465 64.39 -66.70 36.84
C SER B 465 65.26 -65.47 36.57
N GLN B 466 66.38 -65.69 35.89
CA GLN B 466 67.23 -64.56 35.51
C GLN B 466 66.48 -63.62 34.56
N ASN B 467 65.77 -64.19 33.58
CA ASN B 467 64.99 -63.36 32.66
C ASN B 467 63.85 -62.67 33.38
N ASP B 468 63.19 -63.36 34.31
CA ASP B 468 62.11 -62.72 35.07
C ASP B 468 62.65 -61.56 35.90
N ARG B 469 63.80 -61.75 36.54
CA ARG B 469 64.40 -60.67 37.31
C ARG B 469 64.82 -59.52 36.40
N ARG B 470 65.26 -59.83 35.18
CA ARG B 470 65.58 -58.77 34.24
C ARG B 470 64.33 -58.00 33.83
N PHE B 471 63.20 -58.69 33.70
CA PHE B 471 61.94 -57.99 33.43
C PHE B 471 61.56 -57.09 34.60
N VAL B 472 61.75 -57.58 35.83
CA VAL B 472 61.51 -56.75 37.01
C VAL B 472 62.41 -55.52 36.98
N ILE B 473 63.66 -55.71 36.58
CA ILE B 473 64.60 -54.59 36.49
C ILE B 473 64.17 -53.61 35.41
N GLN B 474 63.59 -54.12 34.32
CA GLN B 474 63.08 -53.24 33.26
C GLN B 474 61.91 -52.41 33.76
N LEU B 475 61.00 -53.02 34.53
CA LEU B 475 59.94 -52.23 35.13
C LEU B 475 60.51 -51.21 36.10
N LEU B 476 61.55 -51.59 36.84
CA LEU B 476 62.20 -50.63 37.72
C LEU B 476 62.78 -49.46 36.92
N GLU B 477 63.33 -49.76 35.73
CA GLU B 477 63.81 -48.71 34.85
C GLU B 477 62.70 -47.75 34.46
N ASP B 478 61.57 -48.30 34.01
CA ASP B 478 60.44 -47.45 33.65
C ASP B 478 59.93 -46.66 34.85
N LEU B 479 59.88 -47.30 36.01
CA LEU B 479 59.36 -46.64 37.21
C LEU B 479 60.27 -45.51 37.65
N VAL B 480 61.59 -45.70 37.57
CA VAL B 480 62.51 -44.64 37.95
C VAL B 480 62.45 -43.50 36.95
N PHE B 481 62.30 -43.82 35.65
CA PHE B 481 62.07 -42.77 34.68
C PHE B 481 60.85 -41.95 35.04
N PHE B 482 59.74 -42.62 35.36
CA PHE B 482 58.52 -41.90 35.75
C PHE B 482 58.74 -41.08 37.01
N VAL B 483 59.40 -41.66 38.01
CA VAL B 483 59.60 -40.99 39.29
C VAL B 483 60.42 -39.72 39.10
N SER B 484 61.51 -39.83 38.35
CA SER B 484 62.31 -38.64 38.04
C SER B 484 61.57 -37.71 37.09
N ASP B 485 60.50 -38.19 36.46
CA ASP B 485 59.74 -37.42 35.47
C ASP B 485 60.56 -37.10 34.24
N VAL B 486 61.59 -37.88 33.97
CA VAL B 486 62.50 -37.67 32.86
C VAL B 486 62.30 -38.80 31.86
N PRO B 487 62.09 -38.51 30.56
CA PRO B 487 61.94 -39.58 29.59
C PRO B 487 63.24 -40.35 29.40
N ASN B 488 63.10 -41.58 28.92
CA ASN B 488 64.25 -42.45 28.68
C ASN B 488 65.02 -41.91 27.49
N ASN B 489 66.10 -41.18 27.76
CA ASN B 489 66.95 -40.63 26.73
C ASN B 489 68.31 -41.31 26.67
N GLY B 490 68.42 -42.52 27.20
CA GLY B 490 69.68 -43.23 27.25
C GLY B 490 70.49 -43.02 28.52
N GLN B 491 70.09 -42.08 29.37
CA GLN B 491 70.79 -41.88 30.64
C GLN B 491 70.60 -43.10 31.53
N ASN B 492 71.65 -43.44 32.28
CA ASN B 492 71.58 -44.59 33.16
C ASN B 492 70.51 -44.38 34.22
N VAL B 493 69.61 -45.36 34.33
CA VAL B 493 68.59 -45.30 35.38
C VAL B 493 69.26 -45.27 36.75
N LEU B 494 70.35 -46.01 36.91
CA LEU B 494 71.07 -45.99 38.17
C LEU B 494 71.63 -44.60 38.46
N ASP B 495 72.04 -43.89 37.41
CA ASP B 495 72.54 -42.53 37.53
C ASP B 495 71.46 -41.49 37.19
N ILE B 496 70.19 -41.91 37.17
CA ILE B 496 69.10 -40.97 36.90
C ILE B 496 69.17 -39.80 37.87
N MET B 497 68.72 -38.64 37.41
CA MET B 497 68.73 -37.41 38.19
C MET B 497 67.60 -36.51 37.70
N VAL B 498 66.88 -35.92 38.65
CA VAL B 498 65.81 -34.96 38.35
C VAL B 498 66.11 -33.68 39.10
N THR B 499 66.15 -32.56 38.38
CA THR B 499 66.45 -31.28 39.02
C THR B 499 65.35 -30.89 40.02
N LYS B 500 64.10 -31.08 39.63
CA LYS B 500 62.96 -30.72 40.46
C LYS B 500 61.99 -31.90 40.51
N PRO B 501 61.81 -32.56 41.64
CA PRO B 501 60.88 -33.70 41.69
C PRO B 501 59.44 -33.25 41.50
N ASN B 502 58.63 -34.19 41.00
CA ASN B 502 57.20 -33.97 40.81
C ASN B 502 56.49 -34.33 42.12
N ARG B 503 56.04 -33.30 42.84
CA ARG B 503 55.48 -33.53 44.17
C ARG B 503 54.18 -34.34 44.10
N GLU B 504 53.34 -34.07 43.10
CA GLU B 504 52.11 -34.84 42.95
C GLU B 504 52.42 -36.31 42.70
N ARG B 505 53.42 -36.58 41.87
CA ARG B 505 53.80 -37.96 41.60
C ARG B 505 54.35 -38.62 42.86
N GLN B 506 55.19 -37.90 43.62
CA GLN B 506 55.71 -38.49 44.85
C GLN B 506 54.60 -38.80 45.83
N LYS B 507 53.61 -37.92 45.91
CA LYS B 507 52.43 -38.18 46.75
C LYS B 507 51.69 -39.42 46.25
N LEU B 508 51.58 -39.58 44.93
CA LEU B 508 50.88 -40.75 44.39
C LEU B 508 51.61 -42.04 44.75
N MET B 509 52.92 -42.09 44.55
CA MET B 509 53.68 -43.24 45.05
C MET B 509 53.47 -43.47 46.55
N ARG B 510 53.56 -42.42 47.36
CA ARG B 510 53.44 -42.61 48.81
C ARG B 510 52.09 -43.21 49.16
N GLU B 511 51.01 -42.68 48.59
CA GLU B 511 49.69 -43.19 48.92
C GLU B 511 49.47 -44.59 48.35
N GLN B 512 49.97 -44.84 47.14
CA GLN B 512 49.88 -46.19 46.57
C GLN B 512 50.70 -47.19 47.38
N ASN B 513 51.63 -46.71 48.20
CA ASN B 513 52.56 -47.56 48.93
C ASN B 513 53.59 -48.18 47.99
N ILE B 514 53.81 -47.53 46.85
CA ILE B 514 54.83 -48.01 45.91
C ILE B 514 56.21 -47.99 46.57
N LEU B 515 56.47 -46.99 47.40
CA LEU B 515 57.70 -47.01 48.18
C LEU B 515 57.71 -48.17 49.16
N LYS B 516 56.57 -48.44 49.80
CA LYS B 516 56.47 -49.61 50.68
C LYS B 516 56.60 -50.90 49.88
N GLN B 517 56.05 -50.92 48.67
CA GLN B 517 56.25 -52.09 47.79
C GLN B 517 57.72 -52.28 47.47
N VAL B 518 58.44 -51.18 47.23
CA VAL B 518 59.87 -51.26 46.98
C VAL B 518 60.60 -51.80 48.21
N PHE B 519 60.22 -51.33 49.40
CA PHE B 519 60.84 -51.83 50.62
C PHE B 519 60.59 -53.32 50.79
N GLY B 520 59.37 -53.77 50.50
CA GLY B 520 59.08 -55.20 50.57
C GLY B 520 59.88 -55.99 49.54
N ILE B 521 60.04 -55.44 48.34
CA ILE B 521 60.85 -56.10 47.32
C ILE B 521 62.28 -56.24 47.80
N LEU B 522 62.82 -55.19 48.43
CA LEU B 522 64.18 -55.26 48.96
C LEU B 522 64.28 -56.28 50.08
N LYS B 523 63.27 -56.33 50.96
CA LYS B 523 63.36 -57.17 52.15
C LYS B 523 63.19 -58.65 51.84
N ALA B 524 62.22 -58.99 50.98
CA ALA B 524 61.83 -60.39 50.84
C ALA B 524 62.99 -61.29 50.41
N PRO B 525 63.77 -60.96 49.38
CA PRO B 525 64.87 -61.88 49.01
C PRO B 525 65.87 -62.08 50.12
N PHE B 526 66.14 -61.05 50.92
CA PHE B 526 67.08 -61.20 52.03
C PHE B 526 66.42 -61.89 53.22
N ARG B 527 65.10 -62.02 53.19
CA ARG B 527 64.34 -62.67 54.26
C ARG B 527 64.95 -64.01 54.62
N PRO B 534 66.43 -67.82 51.65
CA PRO B 534 66.18 -66.52 51.02
C PRO B 534 66.61 -66.50 49.56
N LEU B 535 65.87 -65.75 48.73
CA LEU B 535 66.20 -65.68 47.31
C LEU B 535 67.57 -65.06 47.08
N VAL B 536 67.89 -64.00 47.83
CA VAL B 536 69.14 -63.26 47.66
C VAL B 536 69.76 -63.04 49.03
N ARG B 537 71.08 -62.80 49.02
CA ARG B 537 71.83 -62.52 50.22
C ARG B 537 72.63 -61.23 50.04
N LEU B 538 72.62 -60.39 51.09
CA LEU B 538 73.30 -59.12 51.01
C LEU B 538 74.80 -59.31 50.75
N GLU B 539 75.42 -60.26 51.45
CA GLU B 539 76.84 -60.52 51.23
C GLU B 539 77.09 -61.07 49.83
N GLU B 540 76.23 -61.96 49.35
CA GLU B 540 76.38 -62.54 48.02
C GLU B 540 76.09 -61.55 46.91
N LEU B 541 75.48 -60.40 47.22
CA LEU B 541 75.24 -59.39 46.19
C LEU B 541 76.50 -59.08 45.39
N SER B 542 77.64 -58.99 46.08
CA SER B 542 78.89 -58.74 45.37
C SER B 542 79.19 -59.84 44.36
N ASP B 543 78.79 -61.07 44.67
CA ASP B 543 79.03 -62.19 43.76
C ASP B 543 78.21 -62.02 42.49
N GLN B 544 78.74 -62.54 41.37
CA GLN B 544 78.05 -62.43 40.10
C GLN B 544 76.71 -63.14 40.13
N LYS B 545 76.56 -64.16 40.98
CA LYS B 545 75.28 -64.87 41.07
C LYS B 545 74.16 -63.93 41.48
N ASN B 546 74.43 -63.06 42.46
CA ASN B 546 73.44 -62.11 42.95
C ASN B 546 73.76 -60.67 42.54
N ALA B 547 74.69 -60.47 41.59
CA ALA B 547 74.96 -59.11 41.12
C ALA B 547 73.75 -58.49 40.43
N PRO B 548 73.04 -59.17 39.53
CA PRO B 548 71.82 -58.55 38.98
C PRO B 548 70.76 -58.29 40.03
N TYR B 549 70.66 -59.15 41.05
CA TYR B 549 69.76 -58.85 42.17
C TYR B 549 70.19 -57.59 42.89
N GLN B 550 71.50 -57.42 43.07
CA GLN B 550 72.01 -56.19 43.67
C GLN B 550 71.65 -54.98 42.82
N HIS B 551 71.74 -55.11 41.51
CA HIS B 551 71.33 -54.03 40.62
C HIS B 551 69.84 -53.72 40.79
N MET B 552 69.02 -54.75 40.92
CA MET B 552 67.60 -54.54 41.17
C MET B 552 67.35 -53.77 42.46
N PHE B 553 68.02 -54.19 43.54
CA PHE B 553 67.86 -53.50 44.82
C PHE B 553 68.36 -52.06 44.72
N ARG B 554 69.43 -51.84 43.97
CA ARG B 554 69.96 -50.50 43.78
C ARG B 554 68.98 -49.62 43.02
N LEU B 555 68.30 -50.18 42.01
CA LEU B 555 67.24 -49.45 41.33
C LEU B 555 66.12 -49.10 42.30
N CYS B 556 65.75 -50.05 43.16
CA CYS B 556 64.73 -49.78 44.17
C CYS B 556 65.15 -48.62 45.06
N TYR B 557 66.42 -48.59 45.46
CA TYR B 557 66.92 -47.53 46.31
C TYR B 557 66.93 -46.19 45.59
N ARG B 558 67.29 -46.18 44.30
CA ARG B 558 67.23 -44.96 43.52
C ARG B 558 65.80 -44.44 43.47
N VAL B 559 64.84 -45.33 43.25
CA VAL B 559 63.44 -44.92 43.23
C VAL B 559 63.04 -44.32 44.56
N LEU B 560 63.45 -44.97 45.67
CA LEU B 560 63.11 -44.45 46.99
C LEU B 560 63.69 -43.05 47.20
N ARG B 561 64.96 -42.87 46.86
CA ARG B 561 65.60 -41.58 47.07
C ARG B 561 64.92 -40.49 46.24
N HIS B 562 64.63 -40.79 44.97
CA HIS B 562 63.97 -39.80 44.12
C HIS B 562 62.58 -39.47 44.64
N SER B 563 61.84 -40.48 45.10
CA SER B 563 60.50 -40.23 45.62
C SER B 563 60.54 -39.38 46.87
N GLN B 564 61.50 -39.62 47.76
CA GLN B 564 61.58 -38.90 49.02
C GLN B 564 62.31 -37.56 48.91
N GLU B 565 62.92 -37.26 47.76
CA GLU B 565 63.65 -36.00 47.62
C GLU B 565 62.76 -34.81 47.95
N ASP B 566 63.18 -34.02 48.94
CA ASP B 566 62.48 -32.79 49.32
C ASP B 566 61.02 -33.05 49.66
N TYR B 567 60.73 -34.17 50.30
CA TYR B 567 59.37 -34.55 50.65
C TYR B 567 59.34 -34.98 52.12
N ARG B 568 58.81 -34.10 52.98
CA ARG B 568 58.78 -34.38 54.41
C ARG B 568 57.88 -35.57 54.71
N LYS B 569 56.74 -35.67 54.03
CA LYS B 569 55.81 -36.77 54.30
C LYS B 569 56.43 -38.11 53.90
N ASN B 570 57.04 -38.18 52.73
CA ASN B 570 57.70 -39.41 52.30
C ASN B 570 58.88 -39.74 53.22
N GLN B 571 59.59 -38.71 53.69
CA GLN B 571 60.68 -38.95 54.63
C GLN B 571 60.16 -39.54 55.93
N GLU B 572 59.04 -39.03 56.43
CA GLU B 572 58.44 -39.61 57.62
C GLU B 572 58.02 -41.05 57.38
N HIS B 573 57.44 -41.33 56.21
CA HIS B 573 57.05 -42.69 55.89
C HIS B 573 58.27 -43.62 55.89
N ILE B 574 59.37 -43.17 55.28
CA ILE B 574 60.58 -43.98 55.21
C ILE B 574 61.29 -44.05 56.56
N ALA B 575 60.97 -43.15 57.48
CA ALA B 575 61.57 -43.22 58.81
C ALA B 575 61.29 -44.56 59.48
N LYS B 576 60.07 -45.07 59.33
CA LYS B 576 59.75 -46.38 59.86
C LYS B 576 60.64 -47.45 59.25
N GLN B 577 61.02 -47.28 57.98
CA GLN B 577 61.86 -48.24 57.28
C GLN B 577 63.34 -47.97 57.45
N PHE B 578 63.71 -46.91 58.17
CA PHE B 578 65.13 -46.60 58.36
C PHE B 578 65.87 -47.78 58.96
N GLY B 579 65.22 -48.52 59.86
CA GLY B 579 65.84 -49.71 60.41
C GLY B 579 66.21 -50.72 59.33
N MET B 580 65.31 -50.93 58.38
CA MET B 580 65.64 -51.76 57.22
C MET B 580 66.77 -51.14 56.41
N MET B 581 66.74 -49.82 56.25
CA MET B 581 67.80 -49.15 55.51
C MET B 581 69.14 -49.34 56.20
N GLN B 582 69.18 -49.17 57.52
CA GLN B 582 70.41 -49.41 58.27
C GLN B 582 70.84 -50.86 58.15
N SER B 583 69.89 -51.79 58.20
CA SER B 583 70.23 -53.21 58.06
C SER B 583 70.91 -53.48 56.73
N GLN B 584 70.40 -52.88 55.66
CA GLN B 584 70.98 -53.04 54.33
C GLN B 584 72.21 -52.15 54.12
N ILE B 585 72.53 -51.27 55.06
CA ILE B 585 73.76 -50.49 54.94
C ILE B 585 74.96 -51.43 54.90
N GLY B 586 76.09 -50.91 54.41
CA GLY B 586 77.29 -51.71 54.27
C GLY B 586 77.34 -52.56 53.03
N TYR B 587 76.37 -52.43 52.14
CA TYR B 587 76.31 -53.20 50.90
C TYR B 587 76.07 -52.26 49.74
N ASP B 588 76.52 -52.68 48.55
CA ASP B 588 76.49 -51.82 47.37
C ASP B 588 75.05 -51.71 46.83
N ILE B 589 74.20 -51.08 47.62
CA ILE B 589 72.83 -50.77 47.23
C ILE B 589 72.56 -49.27 47.31
N LEU B 590 73.60 -48.45 47.46
CA LEU B 590 73.48 -47.00 47.55
C LEU B 590 72.70 -46.58 48.80
N ALA B 591 72.64 -47.50 49.77
CA ALA B 591 71.97 -47.21 51.03
C ALA B 591 72.60 -46.01 51.72
N GLU B 592 73.93 -45.92 51.69
CA GLU B 592 74.61 -44.80 52.34
C GLU B 592 74.13 -43.46 51.79
N ASP B 593 74.16 -43.31 50.46
CA ASP B 593 73.78 -42.04 49.86
C ASP B 593 72.30 -41.75 50.09
N THR B 594 71.44 -42.77 49.97
CA THR B 594 70.02 -42.53 50.19
C THR B 594 69.75 -42.08 51.62
N ILE B 595 70.37 -42.75 52.59
CA ILE B 595 70.19 -42.37 53.99
C ILE B 595 70.69 -40.95 54.22
N THR B 596 71.86 -40.63 53.67
CA THR B 596 72.44 -39.31 53.88
C THR B 596 71.52 -38.24 53.29
N ALA B 597 70.97 -38.50 52.11
CA ALA B 597 70.06 -37.52 51.50
C ALA B 597 68.82 -37.33 52.35
N LEU B 598 68.23 -38.43 52.84
CA LEU B 598 67.01 -38.31 53.65
C LEU B 598 67.29 -37.53 54.94
N LEU B 599 68.41 -37.87 55.61
CA LEU B 599 68.74 -37.20 56.86
C LEU B 599 69.08 -35.73 56.62
N HIS B 600 69.74 -35.43 55.50
CA HIS B 600 69.99 -34.05 55.12
C HIS B 600 68.68 -33.30 54.90
N ASN B 601 67.72 -33.95 54.23
CA ASN B 601 66.44 -33.31 53.97
C ASN B 601 65.72 -32.98 55.27
N ASN B 602 65.68 -33.92 56.21
CA ASN B 602 64.97 -33.72 57.48
C ASN B 602 65.96 -33.76 58.63
N ARG B 603 66.02 -32.66 59.40
CA ARG B 603 66.91 -32.59 60.55
C ARG B 603 66.36 -33.37 61.73
N LYS B 604 65.08 -33.16 62.05
CA LYS B 604 64.49 -33.83 63.20
C LYS B 604 64.53 -35.35 63.03
N LEU B 605 64.07 -35.84 61.88
CA LEU B 605 64.17 -37.27 61.61
C LEU B 605 65.61 -37.74 61.67
N LEU B 606 66.54 -36.90 61.19
CA LEU B 606 67.96 -37.23 61.29
C LEU B 606 68.38 -37.38 62.75
N GLU B 607 67.93 -36.46 63.61
CA GLU B 607 68.24 -36.57 65.03
C GLU B 607 67.71 -37.88 65.59
N LYS B 608 66.47 -38.24 65.25
CA LYS B 608 65.89 -39.48 65.79
C LYS B 608 66.63 -40.71 65.28
N HIS B 609 67.09 -40.66 64.02
CA HIS B 609 67.71 -41.83 63.41
C HIS B 609 69.12 -42.06 63.93
N ILE B 610 69.88 -40.99 64.13
CA ILE B 610 71.31 -41.15 64.44
C ILE B 610 71.50 -41.92 65.73
N THR B 611 72.58 -42.71 65.79
CA THR B 611 72.96 -43.45 66.98
C THR B 611 74.47 -43.69 66.95
N LYS B 612 75.02 -44.00 68.12
CA LYS B 612 76.46 -44.25 68.22
C LYS B 612 76.89 -45.41 67.32
N THR B 613 76.04 -46.43 67.21
CA THR B 613 76.41 -47.60 66.42
C THR B 613 76.57 -47.24 64.95
N GLU B 614 75.76 -46.31 64.45
CA GLU B 614 75.89 -45.89 63.06
C GLU B 614 77.24 -45.22 62.81
N VAL B 615 77.65 -44.33 63.73
CA VAL B 615 78.93 -43.66 63.56
C VAL B 615 80.08 -44.66 63.64
N GLU B 616 79.98 -45.59 64.60
CA GLU B 616 81.03 -46.61 64.71
C GLU B 616 81.08 -47.49 63.47
N THR B 617 79.92 -47.81 62.90
CA THR B 617 79.88 -48.59 61.67
C THR B 617 80.52 -47.82 60.51
N PHE B 618 80.24 -46.52 60.42
CA PHE B 618 80.87 -45.71 59.39
C PHE B 618 82.39 -45.72 59.56
N VAL B 619 82.86 -45.58 60.80
CA VAL B 619 84.30 -45.62 61.04
C VAL B 619 84.87 -46.97 60.64
N SER B 620 84.18 -48.05 60.99
CA SER B 620 84.67 -49.39 60.66
C SER B 620 84.75 -49.60 59.16
N LEU B 621 83.72 -49.20 58.42
CA LEU B 621 83.72 -49.43 56.98
C LEU B 621 84.72 -48.52 56.27
N VAL B 622 84.89 -47.28 56.73
CA VAL B 622 85.89 -46.41 56.12
C VAL B 622 87.29 -46.92 56.44
N ARG B 623 87.47 -47.56 57.61
CA ARG B 623 88.73 -48.24 57.89
C ARG B 623 88.94 -49.40 56.93
N LYS B 624 87.88 -50.18 56.70
CA LYS B 624 88.00 -51.36 55.84
C LYS B 624 88.36 -50.97 54.41
N ASN B 625 87.74 -49.92 53.88
CA ASN B 625 87.90 -49.58 52.47
C ASN B 625 88.93 -48.51 52.19
N ARG B 626 89.25 -47.66 53.17
CA ARG B 626 90.19 -46.55 52.96
C ARG B 626 89.76 -45.71 51.76
N GLU B 627 88.46 -45.42 51.69
CA GLU B 627 87.86 -44.71 50.55
C GLU B 627 87.31 -43.36 51.01
N PRO B 628 87.58 -42.27 50.29
CA PRO B 628 87.11 -40.96 50.76
C PRO B 628 85.59 -40.79 50.74
N ARG B 629 84.87 -41.63 50.00
CA ARG B 629 83.43 -41.45 49.88
C ARG B 629 82.72 -41.63 51.22
N PHE B 630 83.26 -42.48 52.09
CA PHE B 630 82.66 -42.67 53.41
C PHE B 630 82.90 -41.47 54.31
N LEU B 631 84.09 -40.87 54.23
CA LEU B 631 84.32 -39.60 54.91
C LEU B 631 83.35 -38.54 54.40
N ASP B 632 83.11 -38.54 53.08
CA ASP B 632 82.16 -37.59 52.52
C ASP B 632 80.77 -37.80 53.09
N TYR B 633 80.35 -39.07 53.23
CA TYR B 633 79.06 -39.36 53.84
C TYR B 633 79.00 -38.86 55.28
N LEU B 634 80.07 -39.08 56.05
CA LEU B 634 80.08 -38.60 57.43
C LEU B 634 79.96 -37.07 57.47
N SER B 635 80.70 -36.38 56.59
CA SER B 635 80.63 -34.92 56.55
C SER B 635 79.22 -34.46 56.19
N ASP B 636 78.59 -35.11 55.22
CA ASP B 636 77.22 -34.75 54.87
C ASP B 636 76.28 -34.97 56.05
N LEU B 637 76.44 -36.09 56.76
CA LEU B 637 75.58 -36.37 57.90
C LEU B 637 75.74 -35.31 58.98
N CYS B 638 76.95 -34.79 59.15
CA CYS B 638 77.20 -33.87 60.25
C CYS B 638 76.32 -32.62 60.15
N VAL B 639 76.19 -32.04 58.96
CA VAL B 639 75.50 -30.76 58.77
C VAL B 639 74.27 -30.98 57.90
N SER B 640 73.26 -30.12 58.08
CA SER B 640 72.04 -30.14 57.29
C SER B 640 71.61 -28.72 56.98
N ASN B 641 71.35 -28.44 55.70
CA ASN B 641 70.89 -27.13 55.26
C ASN B 641 71.81 -26.02 55.79
N HIS B 642 73.12 -26.24 55.69
CA HIS B 642 74.14 -25.30 56.13
C HIS B 642 74.13 -25.08 57.64
N ILE B 643 73.37 -25.88 58.39
CA ILE B 643 73.27 -25.75 59.83
C ILE B 643 73.49 -27.13 60.45
N ALA B 644 74.39 -27.21 61.42
CA ALA B 644 74.76 -28.49 62.02
C ALA B 644 73.97 -28.72 63.32
N ILE B 645 73.80 -29.99 63.66
CA ILE B 645 73.09 -30.39 64.86
C ILE B 645 74.11 -30.61 65.97
N PRO B 646 73.99 -29.91 67.11
CA PRO B 646 75.04 -30.07 68.15
C PRO B 646 75.22 -31.50 68.64
N VAL B 647 74.12 -32.25 68.82
CA VAL B 647 74.25 -33.60 69.38
C VAL B 647 74.91 -34.53 68.39
N THR B 648 74.47 -34.50 67.13
CA THR B 648 75.10 -35.35 66.11
C THR B 648 76.55 -34.96 65.92
N GLN B 649 76.85 -33.67 65.96
CA GLN B 649 78.23 -33.22 65.85
C GLN B 649 79.07 -33.75 66.99
N GLU B 650 78.54 -33.71 68.23
CA GLU B 650 79.28 -34.24 69.36
C GLU B 650 79.53 -35.74 69.19
N LEU B 651 78.51 -36.48 68.73
CA LEU B 651 78.67 -37.91 68.52
C LEU B 651 79.78 -38.18 67.50
N ILE B 652 79.71 -37.49 66.36
CA ILE B 652 80.71 -37.69 65.32
C ILE B 652 82.09 -37.31 65.82
N CYS B 653 82.18 -36.23 66.61
CA CYS B 653 83.47 -35.80 67.13
C CYS B 653 84.06 -36.85 68.05
N LYS B 654 83.25 -37.39 68.97
CA LYS B 654 83.74 -38.46 69.83
C LYS B 654 84.25 -39.63 69.01
N CYS B 655 83.45 -40.11 68.06
CA CYS B 655 83.83 -41.29 67.31
C CYS B 655 85.10 -41.04 66.48
N VAL B 656 85.20 -39.85 65.86
CA VAL B 656 86.33 -39.57 64.99
C VAL B 656 87.61 -39.40 65.80
N LEU B 657 87.54 -38.65 66.90
CA LEU B 657 88.72 -38.35 67.71
C LEU B 657 89.05 -39.45 68.70
N ASP B 658 88.24 -40.51 68.76
CA ASP B 658 88.56 -41.61 69.67
C ASP B 658 89.92 -42.19 69.31
N PRO B 659 90.81 -42.41 70.30
CA PRO B 659 92.11 -43.00 69.95
C PRO B 659 92.00 -44.35 69.29
N LYS B 660 91.03 -45.17 69.69
CA LYS B 660 90.84 -46.46 69.03
C LYS B 660 90.57 -46.29 67.55
N ASN B 661 89.94 -45.18 67.16
CA ASN B 661 89.65 -44.87 65.77
C ASN B 661 90.72 -44.00 65.13
N SER B 662 91.88 -43.86 65.77
CA SER B 662 92.93 -43.02 65.22
C SER B 662 93.56 -43.60 63.95
N ASP B 663 93.33 -44.89 63.68
CA ASP B 663 93.97 -45.52 62.53
C ASP B 663 93.52 -44.88 61.23
N ILE B 664 92.22 -44.59 61.09
CA ILE B 664 91.71 -44.03 59.85
C ILE B 664 92.28 -42.63 59.61
N LEU B 665 92.49 -41.87 60.69
CA LEU B 665 92.88 -40.48 60.54
C LEU B 665 94.36 -40.37 60.17
N ILE B 666 94.64 -39.63 59.11
CA ILE B 666 96.02 -39.33 58.72
C ILE B 666 96.64 -38.37 59.73
N ARG B 667 97.96 -38.44 59.87
CA ARG B 667 98.68 -37.61 60.81
C ARG B 667 99.63 -36.68 60.08
N THR B 668 99.68 -35.42 60.50
CA THR B 668 100.49 -34.39 59.85
C THR B 668 101.54 -33.87 60.81
N GLU B 669 102.70 -33.49 60.27
CA GLU B 669 103.79 -32.97 61.08
C GLU B 669 104.61 -32.02 60.22
N LEU B 670 105.43 -31.20 60.88
CA LEU B 670 106.38 -30.33 60.19
C LEU B 670 107.75 -30.50 60.82
N ARG B 671 108.78 -30.54 59.99
CA ARG B 671 110.14 -30.76 60.45
C ARG B 671 111.07 -29.69 59.89
N PRO B 672 112.17 -29.38 60.59
CA PRO B 672 113.07 -28.33 60.08
C PRO B 672 113.59 -28.61 58.69
N VAL B 673 114.12 -29.80 58.45
CA VAL B 673 114.67 -30.18 57.14
C VAL B 673 115.53 -29.06 56.57
N GLU B 689 111.75 -22.81 55.05
CA GLU B 689 112.34 -23.13 56.34
C GLU B 689 112.00 -24.56 56.75
N GLU B 690 110.75 -24.77 57.17
CA GLU B 690 110.27 -26.07 57.60
C GLU B 690 109.47 -26.74 56.49
N GLU B 691 109.55 -28.06 56.43
CA GLU B 691 108.85 -28.87 55.44
C GLU B 691 107.80 -29.71 56.12
N VAL B 692 106.61 -29.78 55.51
CA VAL B 692 105.51 -30.55 56.07
C VAL B 692 105.55 -31.98 55.54
N TRP B 693 105.25 -32.92 56.42
CA TRP B 693 105.24 -34.35 56.08
C TRP B 693 103.96 -34.98 56.61
N LEU B 694 103.57 -36.09 55.99
CA LEU B 694 102.30 -36.74 56.26
C LEU B 694 102.54 -38.23 56.49
N THR B 695 101.76 -38.82 57.40
CA THR B 695 101.83 -40.22 57.75
C THR B 695 100.45 -40.85 57.62
N TRP B 696 100.38 -41.97 56.89
CA TRP B 696 99.14 -42.69 56.70
C TRP B 696 99.37 -44.18 56.94
N THR B 697 98.27 -44.92 56.99
CA THR B 697 98.29 -46.35 57.25
C THR B 697 97.75 -47.10 56.04
N ASP B 698 98.45 -48.15 55.64
CA ASP B 698 98.02 -48.97 54.53
C ASP B 698 96.96 -49.98 54.98
N LYS B 699 96.26 -50.55 53.99
CA LYS B 699 95.29 -51.58 54.30
C LYS B 699 95.95 -52.79 54.94
N ASN B 700 97.25 -52.96 54.73
CA ASN B 700 98.02 -54.00 55.40
C ASN B 700 98.47 -53.59 56.80
N ASN B 701 98.15 -52.38 57.23
CA ASN B 701 98.54 -51.84 58.53
C ASN B 701 100.01 -51.45 58.58
N GLU B 702 100.60 -51.06 57.46
CA GLU B 702 101.97 -50.55 57.41
C GLU B 702 101.92 -49.03 57.42
N HIS B 703 102.77 -48.43 58.26
CA HIS B 703 102.83 -46.97 58.34
C HIS B 703 103.74 -46.44 57.24
N HIS B 704 103.25 -45.45 56.48
CA HIS B 704 104.01 -44.86 55.39
C HIS B 704 104.01 -43.34 55.52
N GLU B 705 105.19 -42.75 55.37
CA GLU B 705 105.38 -41.31 55.43
C GLU B 705 106.07 -40.84 54.17
N LYS B 706 105.71 -39.62 53.74
CA LYS B 706 106.33 -39.00 52.58
C LYS B 706 106.23 -37.49 52.71
N SER B 707 107.13 -36.80 52.03
CA SER B 707 107.05 -35.34 51.94
C SER B 707 105.75 -34.95 51.24
N VAL B 708 105.06 -33.95 51.80
CA VAL B 708 103.83 -33.48 51.17
C VAL B 708 104.12 -32.93 49.78
N ARG B 709 105.25 -32.24 49.63
CA ARG B 709 105.62 -31.70 48.32
C ARG B 709 105.93 -32.82 47.34
N GLN B 710 106.60 -33.88 47.80
CA GLN B 710 106.85 -35.03 46.93
C GLN B 710 105.54 -35.71 46.55
N LEU B 711 104.59 -35.79 47.48
CA LEU B 711 103.27 -36.32 47.15
C LEU B 711 102.58 -35.47 46.09
N ALA B 712 102.73 -34.14 46.19
CA ALA B 712 102.19 -33.26 45.17
C ALA B 712 102.85 -33.51 43.82
N GLN B 713 104.17 -33.73 43.82
CA GLN B 713 104.86 -34.06 42.58
C GLN B 713 104.31 -35.35 41.98
N GLU B 714 104.09 -36.37 42.81
CA GLU B 714 103.53 -37.62 42.32
C GLU B 714 102.11 -37.42 41.81
N ALA B 715 101.34 -36.55 42.47
CA ALA B 715 99.99 -36.25 41.99
C ALA B 715 100.03 -35.61 40.61
N ARG B 716 100.96 -34.68 40.40
CA ARG B 716 101.14 -34.11 39.08
C ARG B 716 101.53 -35.19 38.08
N ALA B 717 102.41 -36.11 38.49
CA ALA B 717 102.78 -37.23 37.63
C ALA B 717 101.57 -38.11 37.31
N GLY B 718 100.57 -38.13 38.18
CA GLY B 718 99.40 -38.96 37.99
C GLY B 718 99.42 -40.28 38.73
N ASN B 719 100.34 -40.46 39.68
CA ASN B 719 100.41 -41.72 40.42
C ASN B 719 99.10 -41.99 41.15
N ALA B 720 98.54 -43.19 40.91
CA ALA B 720 97.22 -43.51 41.44
C ALA B 720 97.23 -43.53 42.96
N HIS B 721 98.22 -44.19 43.57
CA HIS B 721 98.26 -44.32 45.02
C HIS B 721 98.44 -42.96 45.68
N ASP B 722 99.35 -42.15 45.16
CA ASP B 722 99.58 -40.83 45.74
C ASP B 722 98.35 -39.94 45.60
N GLU B 723 97.71 -39.96 44.42
CA GLU B 723 96.50 -39.16 44.23
C GLU B 723 95.39 -39.63 45.18
N ASN B 724 95.24 -40.95 45.34
CA ASN B 724 94.20 -41.47 46.21
C ASN B 724 94.44 -41.07 47.67
N VAL B 725 95.68 -41.17 48.13
CA VAL B 725 95.96 -40.81 49.51
C VAL B 725 95.78 -39.31 49.73
N LEU B 726 96.17 -38.50 48.74
CA LEU B 726 95.95 -37.05 48.86
C LEU B 726 94.46 -36.72 48.91
N SER B 727 93.66 -37.39 48.08
CA SER B 727 92.22 -37.19 48.13
C SER B 727 91.64 -37.63 49.46
N TYR B 728 92.15 -38.74 50.00
CA TYR B 728 91.72 -39.21 51.31
C TYR B 728 92.01 -38.16 52.37
N TYR B 729 93.21 -37.57 52.33
CA TYR B 729 93.57 -36.53 53.29
C TYR B 729 92.70 -35.29 53.10
N ARG B 730 92.38 -34.94 51.85
CA ARG B 730 91.49 -33.81 51.60
C ARG B 730 90.12 -34.04 52.21
N TYR B 731 89.57 -35.24 52.02
CA TYR B 731 88.26 -35.55 52.58
C TYR B 731 88.32 -35.57 54.11
N GLN B 732 89.45 -36.03 54.68
CA GLN B 732 89.59 -35.99 56.13
C GLN B 732 89.65 -34.56 56.64
N LEU B 733 90.33 -33.67 55.91
CA LEU B 733 90.37 -32.26 56.29
C LEU B 733 88.97 -31.67 56.24
N LYS B 734 88.21 -31.98 55.20
CA LYS B 734 86.83 -31.50 55.12
C LYS B 734 86.00 -32.04 56.28
N LEU B 735 86.23 -33.31 56.66
CA LEU B 735 85.53 -33.89 57.79
C LEU B 735 85.87 -33.14 59.08
N PHE B 736 87.14 -32.81 59.28
CA PHE B 736 87.53 -32.07 60.48
C PHE B 736 86.86 -30.70 60.51
N ALA B 737 86.91 -29.98 59.39
CA ALA B 737 86.27 -28.66 59.36
C ALA B 737 84.77 -28.78 59.59
N ARG B 738 84.14 -29.79 59.00
CA ARG B 738 82.71 -30.00 59.17
C ARG B 738 82.37 -30.28 60.63
N MET B 739 83.14 -31.14 61.28
CA MET B 739 82.95 -31.37 62.71
C MET B 739 83.10 -30.07 63.48
N CYS B 740 84.05 -29.23 63.05
CA CYS B 740 84.27 -27.95 63.73
C CYS B 740 83.13 -26.97 63.52
N LEU B 741 82.37 -27.10 62.44
CA LEU B 741 81.26 -26.20 62.19
C LEU B 741 80.36 -26.09 63.41
N ASP B 742 79.71 -24.93 63.55
CA ASP B 742 78.79 -24.60 64.63
C ASP B 742 79.53 -24.29 65.94
N ARG B 743 80.83 -24.00 65.88
CA ARG B 743 81.60 -23.61 67.06
C ARG B 743 81.65 -24.72 68.11
N GLN B 744 81.55 -25.97 67.67
CA GLN B 744 81.71 -27.10 68.58
C GLN B 744 83.13 -27.13 69.12
N TYR B 745 83.27 -27.12 70.45
CA TYR B 745 84.58 -26.95 71.07
C TYR B 745 85.30 -28.27 71.35
N LEU B 746 84.56 -29.36 71.59
CA LEU B 746 85.20 -30.65 71.81
C LEU B 746 86.21 -30.97 70.73
N ALA B 747 85.81 -30.85 69.47
CA ALA B 747 86.76 -31.08 68.38
C ALA B 747 87.70 -29.91 68.20
N ILE B 748 87.30 -28.70 68.61
CA ILE B 748 88.15 -27.54 68.39
C ILE B 748 89.46 -27.69 69.15
N ASP B 749 89.40 -28.04 70.43
CA ASP B 749 90.65 -28.16 71.19
C ASP B 749 91.59 -29.17 70.54
N GLU B 750 91.10 -30.39 70.29
CA GLU B 750 91.96 -31.45 69.78
C GLU B 750 92.50 -31.09 68.39
N ILE B 751 91.64 -30.56 67.51
CA ILE B 751 92.07 -30.22 66.17
C ILE B 751 93.09 -29.10 66.20
N SER B 752 92.90 -28.11 67.07
CA SER B 752 93.85 -27.01 67.18
C SER B 752 95.20 -27.51 67.66
N GLN B 753 95.21 -28.40 68.66
CA GLN B 753 96.49 -28.94 69.12
C GLN B 753 97.15 -29.75 68.00
N GLN B 754 96.37 -30.54 67.27
CA GLN B 754 96.96 -31.39 66.23
C GLN B 754 97.52 -30.56 65.08
N LEU B 755 96.78 -29.56 64.61
CA LEU B 755 97.18 -28.73 63.48
C LEU B 755 97.39 -27.31 63.98
N GLY B 756 98.56 -26.75 63.70
CA GLY B 756 98.88 -25.42 64.17
C GLY B 756 98.46 -24.33 63.20
N VAL B 757 98.38 -23.10 63.72
CA VAL B 757 98.01 -21.95 62.89
C VAL B 757 99.06 -21.72 61.81
N ASP B 758 100.34 -21.71 62.21
CA ASP B 758 101.40 -21.42 61.26
C ASP B 758 101.53 -22.53 60.23
N LEU B 759 101.30 -23.78 60.63
CA LEU B 759 101.33 -24.88 59.67
C LEU B 759 100.25 -24.70 58.61
N ILE B 760 99.04 -24.33 59.03
CA ILE B 760 97.96 -24.11 58.08
C ILE B 760 98.29 -22.95 57.16
N PHE B 761 98.86 -21.87 57.71
CA PHE B 761 99.27 -20.76 56.87
C PHE B 761 100.29 -21.19 55.83
N LEU B 762 101.27 -21.99 56.25
CA LEU B 762 102.28 -22.46 55.31
C LEU B 762 101.65 -23.28 54.19
N CYS B 763 100.78 -24.22 54.56
CA CYS B 763 100.13 -25.06 53.56
C CYS B 763 99.30 -24.21 52.60
N MET B 764 98.56 -23.25 53.14
CA MET B 764 97.68 -22.43 52.29
C MET B 764 98.48 -21.55 51.35
N ALA B 765 99.57 -20.95 51.84
CA ALA B 765 100.36 -20.04 51.01
C ALA B 765 101.20 -20.81 50.00
N ASP B 766 101.54 -22.06 50.30
CA ASP B 766 102.35 -22.85 49.40
C ASP B 766 101.67 -22.99 48.04
N GLU B 767 102.41 -22.68 46.98
CA GLU B 767 101.89 -22.78 45.63
C GLU B 767 102.11 -24.15 44.99
N MET B 768 102.96 -24.99 45.58
CA MET B 768 103.25 -26.29 44.97
C MET B 768 102.13 -27.28 45.25
N LEU B 769 101.34 -27.03 46.30
CA LEU B 769 100.22 -27.91 46.59
C LEU B 769 99.09 -27.68 45.59
N PRO B 770 98.24 -28.68 45.36
CA PRO B 770 97.11 -28.49 44.44
C PRO B 770 96.06 -27.56 45.04
N PHE B 771 95.30 -26.92 44.15
CA PHE B 771 94.36 -25.88 44.56
C PHE B 771 93.27 -26.44 45.46
N ASP B 772 92.77 -27.64 45.16
CA ASP B 772 91.71 -28.22 45.98
C ASP B 772 92.19 -28.51 47.40
N LEU B 773 93.39 -29.08 47.54
CA LEU B 773 93.93 -29.33 48.86
C LEU B 773 94.18 -28.02 49.61
N ARG B 774 94.69 -27.01 48.91
CA ARG B 774 94.87 -25.70 49.54
C ARG B 774 93.54 -25.11 49.97
N ALA B 775 92.47 -25.34 49.18
CA ALA B 775 91.14 -24.88 49.56
C ALA B 775 90.66 -25.58 50.83
N SER B 776 90.93 -26.88 50.93
CA SER B 776 90.58 -27.59 52.16
C SER B 776 91.30 -26.99 53.35
N PHE B 777 92.60 -26.70 53.19
CA PHE B 777 93.35 -26.05 54.27
C PHE B 777 92.76 -24.69 54.61
N CYS B 778 92.37 -23.92 53.58
CA CYS B 778 91.76 -22.63 53.82
C CYS B 778 90.48 -22.75 54.64
N HIS B 779 89.63 -23.70 54.28
CA HIS B 779 88.36 -23.88 55.00
C HIS B 779 88.62 -24.30 56.45
N LEU B 780 89.61 -25.18 56.65
CA LEU B 780 89.96 -25.59 58.00
C LEU B 780 90.46 -24.42 58.82
N MET B 781 91.30 -23.57 58.21
CA MET B 781 91.74 -22.36 58.90
C MET B 781 90.55 -21.56 59.40
N LEU B 782 89.61 -21.28 58.50
CA LEU B 782 88.43 -20.50 58.85
C LEU B 782 87.68 -21.11 60.02
N HIS B 783 87.37 -22.40 59.94
CA HIS B 783 86.48 -22.99 60.93
C HIS B 783 87.17 -23.18 62.27
N VAL B 784 88.46 -23.55 62.27
CA VAL B 784 89.09 -23.94 63.53
C VAL B 784 89.64 -22.71 64.26
N HIS B 785 90.32 -21.81 63.55
CA HIS B 785 91.10 -20.80 64.26
C HIS B 785 90.52 -19.39 64.17
N VAL B 786 89.98 -19.01 63.01
CA VAL B 786 89.48 -17.64 62.88
C VAL B 786 88.30 -17.41 63.82
N ASP B 787 87.36 -18.35 63.87
CA ASP B 787 86.21 -18.25 64.76
C ASP B 787 86.53 -19.01 66.05
N ARG B 788 86.79 -18.26 67.12
CA ARG B 788 87.20 -18.86 68.38
C ARG B 788 86.74 -17.94 69.51
N ASP B 789 87.02 -18.35 70.75
CA ASP B 789 86.56 -17.58 71.90
C ASP B 789 86.97 -16.12 71.86
N PRO B 790 88.22 -15.75 71.55
CA PRO B 790 88.57 -14.32 71.55
C PRO B 790 87.75 -13.51 70.56
N GLN B 791 87.37 -14.10 69.44
CA GLN B 791 86.63 -13.37 68.42
C GLN B 791 85.18 -13.21 68.83
N GLU B 792 84.57 -12.10 68.42
CA GLU B 792 83.19 -11.79 68.71
C GLU B 792 82.63 -10.94 67.59
N LEU B 793 81.47 -11.34 67.07
CA LEU B 793 80.86 -10.61 65.96
C LEU B 793 80.52 -9.20 66.40
N VAL B 794 81.04 -8.22 65.66
CA VAL B 794 80.91 -6.81 66.02
C VAL B 794 79.76 -6.19 65.24
N THR B 795 79.07 -5.25 65.89
CA THR B 795 78.03 -4.44 65.25
C THR B 795 78.67 -3.22 64.62
N PRO B 796 78.32 -2.87 63.38
CA PRO B 796 78.99 -1.72 62.75
C PRO B 796 78.75 -0.40 63.46
N VAL B 797 77.50 -0.10 63.80
CA VAL B 797 77.12 1.20 64.37
C VAL B 797 76.56 0.99 65.76
N LYS B 798 77.10 1.73 66.73
CA LYS B 798 76.58 1.73 68.10
C LYS B 798 75.69 2.96 68.25
N PHE B 799 74.43 2.75 68.64
CA PHE B 799 73.48 3.86 68.68
C PHE B 799 73.71 4.76 69.90
N ALA B 800 74.37 4.24 70.93
CA ALA B 800 74.64 5.00 72.16
C ALA B 800 76.14 5.16 72.35
N ARG B 801 76.57 6.38 72.67
CA ARG B 801 77.98 6.67 72.91
C ARG B 801 78.10 7.61 74.11
N LEU B 802 79.27 7.55 74.74
CA LEU B 802 79.57 8.47 75.83
C LEU B 802 79.95 9.84 75.29
N TRP B 803 79.53 10.89 76.00
CA TRP B 803 79.85 12.24 75.56
C TRP B 803 81.33 12.54 75.70
N THR B 804 81.96 12.02 76.77
CA THR B 804 83.41 12.19 76.93
C THR B 804 84.15 11.48 75.81
N GLU B 805 83.58 10.41 75.26
CA GLU B 805 84.22 9.69 74.17
C GLU B 805 84.29 10.53 72.90
N ILE B 806 83.42 11.54 72.77
CA ILE B 806 83.37 12.33 71.55
C ILE B 806 84.68 13.11 71.40
N PRO B 807 85.39 13.01 70.28
CA PRO B 807 86.59 13.83 70.09
C PRO B 807 86.24 15.26 69.70
N THR B 808 87.18 16.17 69.99
CA THR B 808 87.05 17.54 69.50
C THR B 808 87.11 17.58 67.98
N ALA B 809 88.04 16.82 67.39
CA ALA B 809 88.13 16.67 65.94
C ALA B 809 88.49 15.23 65.62
N ILE B 810 88.03 14.76 64.46
CA ILE B 810 88.16 13.36 64.09
C ILE B 810 88.72 13.27 62.68
N THR B 811 89.59 12.28 62.45
CA THR B 811 90.05 11.92 61.12
C THR B 811 89.83 10.43 60.92
N ILE B 812 89.99 10.00 59.68
CA ILE B 812 89.80 8.59 59.35
C ILE B 812 90.80 7.75 60.12
N LYS B 813 91.99 8.29 60.37
CA LYS B 813 92.97 7.58 61.17
C LYS B 813 92.53 7.46 62.62
N ASP B 814 92.00 8.55 63.19
CA ASP B 814 91.58 8.51 64.58
C ASP B 814 90.42 7.55 64.80
N TYR B 815 89.50 7.47 63.84
CA TYR B 815 88.33 6.62 64.03
C TYR B 815 88.74 5.18 64.31
N ASP B 816 89.68 4.64 63.53
CA ASP B 816 90.13 3.28 63.79
C ASP B 816 91.25 3.24 64.83
N SER B 817 91.88 4.38 65.11
CA SER B 817 92.81 4.43 66.25
C SER B 817 92.07 4.15 67.55
N ASN B 818 90.79 4.52 67.61
CA ASN B 818 90.00 4.23 68.81
C ASN B 818 90.08 2.76 69.19
N LEU B 819 89.95 1.86 68.20
CA LEU B 819 89.95 0.43 68.45
C LEU B 819 91.26 -0.25 68.07
N ASN B 820 92.27 0.52 67.65
CA ASN B 820 93.53 -0.07 67.22
C ASN B 820 94.12 -1.00 68.28
N ALA B 821 93.95 -0.67 69.56
CA ALA B 821 94.63 -1.41 70.61
C ALA B 821 94.35 -2.91 70.54
N SER B 822 93.07 -3.29 70.52
CA SER B 822 92.73 -4.69 70.38
C SER B 822 93.09 -5.21 68.99
N ARG B 823 92.96 -4.35 67.97
CA ARG B 823 93.30 -4.75 66.62
C ARG B 823 94.74 -5.24 66.54
N ASP B 824 95.65 -4.60 67.28
CA ASP B 824 97.04 -5.05 67.30
C ASP B 824 97.17 -6.44 67.90
N ASP B 825 96.45 -6.69 69.00
CA ASP B 825 96.54 -8.00 69.64
C ASP B 825 96.05 -9.10 68.70
N LYS B 826 94.94 -8.85 68.00
CA LYS B 826 94.45 -9.85 67.06
C LYS B 826 95.33 -9.94 65.81
N LYS B 827 95.96 -8.83 65.43
CA LYS B 827 96.88 -8.85 64.29
C LYS B 827 98.09 -9.72 64.59
N ASN B 828 98.60 -9.66 65.81
CA ASN B 828 99.73 -10.53 66.16
C ASN B 828 99.36 -11.99 65.97
N LYS B 829 98.12 -12.36 66.31
CA LYS B 829 97.70 -13.75 66.17
C LYS B 829 97.49 -14.14 64.72
N PHE B 830 96.84 -13.27 63.94
CA PHE B 830 96.42 -13.63 62.58
C PHE B 830 96.97 -12.65 61.54
N ALA B 831 98.26 -12.34 61.63
CA ALA B 831 98.86 -11.40 60.67
C ALA B 831 99.02 -12.04 59.30
N ASN B 832 99.54 -13.26 59.25
CA ASN B 832 99.87 -13.87 57.96
C ASN B 832 98.61 -14.15 57.15
N THR B 833 97.51 -14.50 57.81
CA THR B 833 96.27 -14.78 57.10
C THR B 833 95.78 -13.55 56.34
N MET B 834 95.84 -12.39 56.99
CA MET B 834 95.39 -11.16 56.34
C MET B 834 96.24 -10.84 55.11
N GLU B 835 97.56 -10.97 55.25
CA GLU B 835 98.45 -10.71 54.12
C GLU B 835 98.20 -11.69 52.99
N PHE B 836 97.98 -12.96 53.32
CA PHE B 836 97.69 -13.95 52.29
C PHE B 836 96.41 -13.60 51.55
N VAL B 837 95.36 -13.22 52.29
CA VAL B 837 94.09 -12.87 51.66
C VAL B 837 94.29 -11.67 50.73
N GLU B 838 95.00 -10.65 51.22
CA GLU B 838 95.21 -9.45 50.41
C GLU B 838 95.98 -9.77 49.15
N ASP B 839 97.06 -10.56 49.26
CA ASP B 839 97.86 -10.89 48.07
C ASP B 839 97.05 -11.72 47.08
N TYR B 840 96.30 -12.71 47.57
CA TYR B 840 95.48 -13.52 46.68
C TYR B 840 94.48 -12.66 45.92
N LEU B 841 93.75 -11.81 46.63
CA LEU B 841 92.76 -10.97 45.96
C LEU B 841 93.44 -10.00 44.99
N ASN B 842 94.62 -9.50 45.34
CA ASN B 842 95.35 -8.63 44.42
C ASN B 842 95.69 -9.36 43.13
N ASN B 843 96.15 -10.61 43.24
CA ASN B 843 96.46 -11.38 42.04
C ASN B 843 95.21 -11.62 41.21
N VAL B 844 94.09 -11.94 41.85
CA VAL B 844 92.84 -12.14 41.09
C VAL B 844 92.46 -10.85 40.38
N VAL B 845 92.68 -9.70 41.02
CA VAL B 845 92.37 -8.42 40.38
C VAL B 845 93.20 -8.25 39.11
N SER B 846 94.50 -8.55 39.19
CA SER B 846 95.35 -8.41 38.02
C SER B 846 94.91 -9.35 36.91
N GLU B 847 94.54 -10.58 37.25
CA GLU B 847 94.09 -11.52 36.24
C GLU B 847 92.88 -10.97 35.50
N ALA B 848 92.90 -11.05 34.17
CA ALA B 848 91.82 -10.50 33.36
C ALA B 848 90.51 -11.26 33.58
N VAL B 849 90.56 -12.58 33.49
CA VAL B 849 89.37 -13.40 33.69
C VAL B 849 89.38 -13.91 35.11
N PRO B 850 88.58 -13.34 36.03
CA PRO B 850 88.72 -13.72 37.44
C PRO B 850 88.33 -15.15 37.73
N PHE B 851 87.23 -15.63 37.16
CA PHE B 851 86.70 -16.96 37.46
C PHE B 851 86.89 -17.93 36.30
N ALA B 852 88.02 -17.84 35.60
CA ALA B 852 88.25 -18.70 34.44
C ALA B 852 88.34 -20.17 34.85
N ASN B 853 89.05 -20.46 35.93
CA ASN B 853 89.34 -21.83 36.33
C ASN B 853 88.47 -22.25 37.51
N GLU B 854 87.88 -23.44 37.43
CA GLU B 854 86.96 -23.89 38.46
C GLU B 854 87.71 -24.27 39.74
N GLU B 855 88.83 -24.98 39.59
CA GLU B 855 89.61 -25.35 40.76
C GLU B 855 90.10 -24.11 41.50
N LYS B 856 90.51 -23.08 40.75
CA LYS B 856 90.89 -21.82 41.38
C LYS B 856 89.65 -21.11 41.92
N ASN B 857 88.49 -21.31 41.29
CA ASN B 857 87.26 -20.70 41.79
C ASN B 857 86.92 -21.22 43.18
N LYS B 858 87.15 -22.50 43.43
CA LYS B 858 86.90 -23.05 44.76
C LYS B 858 87.74 -22.32 45.82
N LEU B 859 89.05 -22.17 45.54
CA LEU B 859 89.91 -21.46 46.47
C LEU B 859 89.51 -20.00 46.60
N THR B 860 89.03 -19.40 45.50
CA THR B 860 88.55 -18.03 45.57
C THR B 860 87.37 -17.91 46.52
N PHE B 861 86.44 -18.86 46.45
CA PHE B 861 85.33 -18.88 47.39
C PHE B 861 85.83 -19.02 48.82
N GLU B 862 86.81 -19.91 49.03
CA GLU B 862 87.36 -20.07 50.38
C GLU B 862 87.97 -18.78 50.91
N VAL B 863 88.74 -18.10 50.06
CA VAL B 863 89.42 -16.87 50.48
C VAL B 863 88.40 -15.77 50.76
N VAL B 864 87.36 -15.69 49.92
CA VAL B 864 86.34 -14.67 50.14
C VAL B 864 85.57 -14.94 51.42
N SER B 865 85.31 -16.22 51.72
CA SER B 865 84.67 -16.56 53.00
C SER B 865 85.56 -16.18 54.18
N LEU B 866 86.87 -16.43 54.05
CA LEU B 866 87.80 -16.02 55.08
C LEU B 866 87.76 -14.51 55.30
N ALA B 867 87.76 -13.75 54.20
CA ALA B 867 87.68 -12.29 54.31
C ALA B 867 86.38 -11.87 54.98
N HIS B 868 85.27 -12.51 54.60
CA HIS B 868 83.98 -12.17 55.20
C HIS B 868 84.01 -12.38 56.71
N ASN B 869 84.47 -13.55 57.15
CA ASN B 869 84.50 -13.82 58.58
C ASN B 869 85.43 -12.86 59.31
N LEU B 870 86.61 -12.61 58.72
CA LEU B 870 87.55 -11.70 59.37
C LEU B 870 86.97 -10.30 59.52
N ILE B 871 86.33 -9.80 58.47
CA ILE B 871 85.74 -8.46 58.53
C ILE B 871 84.60 -8.42 59.54
N TYR B 872 83.73 -9.44 59.54
CA TYR B 872 82.61 -9.44 60.46
C TYR B 872 83.09 -9.52 61.90
N PHE B 873 84.22 -10.18 62.14
CA PHE B 873 84.82 -10.16 63.47
C PHE B 873 85.61 -8.88 63.73
N GLY B 874 85.86 -8.08 62.69
CA GLY B 874 86.43 -6.76 62.88
C GLY B 874 87.95 -6.70 62.84
N PHE B 875 88.62 -7.71 62.32
CA PHE B 875 90.09 -7.72 62.34
C PHE B 875 90.64 -6.56 61.52
N TYR B 876 90.07 -6.32 60.35
CA TYR B 876 90.57 -5.29 59.45
C TYR B 876 90.11 -3.91 59.89
N SER B 877 90.93 -2.91 59.58
CA SER B 877 90.60 -1.53 59.92
C SER B 877 89.76 -0.90 58.80
N PHE B 878 89.18 0.26 59.13
CA PHE B 878 88.23 0.89 58.20
C PHE B 878 88.91 1.32 56.91
N SER B 879 90.11 1.91 57.01
CA SER B 879 90.84 2.29 55.80
C SER B 879 91.29 1.05 55.02
N GLU B 880 91.83 0.05 55.74
CA GLU B 880 92.11 -1.23 55.10
C GLU B 880 90.84 -1.82 54.50
N LEU B 881 89.70 -1.57 55.15
CA LEU B 881 88.44 -2.07 54.62
C LEU B 881 88.10 -1.40 53.29
N LEU B 882 88.33 -0.10 53.18
CA LEU B 882 88.12 0.58 51.90
C LEU B 882 89.05 0.03 50.83
N ARG B 883 90.32 -0.15 51.18
CA ARG B 883 91.27 -0.73 50.23
C ARG B 883 90.81 -2.12 49.80
N LEU B 884 90.18 -2.86 50.71
CA LEU B 884 89.67 -4.19 50.36
C LEU B 884 88.42 -4.08 49.48
N THR B 885 87.60 -3.05 49.70
CA THR B 885 86.42 -2.86 48.85
C THR B 885 86.83 -2.62 47.42
N ARG B 886 87.88 -1.83 47.21
CA ARG B 886 88.34 -1.60 45.84
C ARG B 886 88.59 -2.93 45.13
N THR B 887 89.39 -3.81 45.75
CA THR B 887 89.73 -5.08 45.14
C THR B 887 88.51 -5.99 44.99
N LEU B 888 87.65 -6.03 46.00
CA LEU B 888 86.50 -6.93 45.94
C LEU B 888 85.54 -6.52 44.84
N LEU B 889 85.29 -5.22 44.69
CA LEU B 889 84.48 -4.76 43.58
C LEU B 889 85.16 -5.05 42.24
N GLY B 890 86.48 -4.87 42.18
CA GLY B 890 87.19 -5.19 40.95
C GLY B 890 87.03 -6.65 40.55
N ILE B 891 87.02 -7.54 41.54
CA ILE B 891 86.96 -8.97 41.23
C ILE B 891 85.67 -9.30 40.49
N ILE B 892 84.53 -8.78 40.95
CA ILE B 892 83.24 -9.10 40.35
C ILE B 892 82.79 -8.03 39.37
N ASP B 893 83.65 -7.08 39.03
CA ASP B 893 83.30 -6.08 38.03
C ASP B 893 83.12 -6.73 36.66
N CYS B 894 82.08 -6.28 35.95
CA CYS B 894 81.73 -6.74 34.60
C CYS B 894 82.37 -8.07 34.21
N ASP B 961 78.57 -20.78 37.92
CA ASP B 961 78.40 -21.96 38.75
C ASP B 961 77.98 -21.57 40.17
N ILE B 962 77.62 -22.57 40.97
CA ILE B 962 77.11 -22.30 42.31
C ILE B 962 78.20 -21.70 43.19
N VAL B 963 79.44 -22.20 43.04
CA VAL B 963 80.55 -21.67 43.82
C VAL B 963 80.79 -20.20 43.46
N VAL B 964 80.75 -19.88 42.17
CA VAL B 964 80.94 -18.49 41.74
C VAL B 964 79.82 -17.63 42.31
N MET B 965 78.59 -18.14 42.28
CA MET B 965 77.46 -17.38 42.79
C MET B 965 77.65 -17.08 44.27
N GLU B 966 78.07 -18.08 45.04
CA GLU B 966 78.29 -17.90 46.47
C GLU B 966 79.42 -16.92 46.74
N THR B 967 80.48 -16.98 45.94
CA THR B 967 81.58 -16.02 46.10
C THR B 967 81.10 -14.59 45.89
N LYS B 968 80.32 -14.36 44.82
CA LYS B 968 79.79 -13.03 44.57
C LYS B 968 78.87 -12.58 45.71
N LEU B 969 78.03 -13.50 46.20
CA LEU B 969 77.13 -13.16 47.30
C LEU B 969 77.91 -12.76 48.55
N LYS B 970 78.98 -13.49 48.86
CA LYS B 970 79.80 -13.13 50.02
C LYS B 970 80.46 -11.77 49.82
N ILE B 971 80.91 -11.48 48.61
CA ILE B 971 81.45 -10.16 48.33
C ILE B 971 80.40 -9.08 48.62
N LEU B 972 79.15 -9.34 48.23
CA LEU B 972 78.09 -8.38 48.51
C LEU B 972 77.88 -8.18 50.00
N GLU B 973 77.91 -9.27 50.78
CA GLU B 973 77.77 -9.12 52.24
C GLU B 973 78.91 -8.27 52.81
N ILE B 974 80.13 -8.51 52.33
CA ILE B 974 81.27 -7.72 52.80
C ILE B 974 81.05 -6.24 52.50
N LEU B 975 80.58 -5.96 51.28
CA LEU B 975 80.30 -4.59 50.90
C LEU B 975 79.26 -3.97 51.82
N GLN B 976 78.22 -4.73 52.18
CA GLN B 976 77.21 -4.23 53.10
C GLN B 976 77.84 -3.85 54.43
N PHE B 977 78.68 -4.72 54.98
CA PHE B 977 79.32 -4.41 56.26
C PHE B 977 80.11 -3.12 56.18
N ILE B 978 80.93 -2.96 55.13
CA ILE B 978 81.78 -1.78 55.03
C ILE B 978 80.94 -0.53 54.81
N LEU B 979 79.85 -0.64 54.05
CA LEU B 979 78.93 0.48 53.90
C LEU B 979 78.38 0.92 55.26
N ASN B 980 78.02 -0.05 56.11
CA ASN B 980 77.55 0.29 57.45
C ASN B 980 78.64 1.00 58.25
N VAL B 981 79.88 0.55 58.12
CA VAL B 981 80.99 1.23 58.80
C VAL B 981 81.08 2.68 58.34
N ARG B 982 80.82 2.92 57.06
CA ARG B 982 80.83 4.31 56.55
C ARG B 982 79.79 5.16 57.26
N LEU B 983 78.59 4.61 57.46
CA LEU B 983 77.56 5.32 58.21
C LEU B 983 78.03 5.62 59.63
N ASP B 984 78.69 4.65 60.25
CA ASP B 984 79.27 4.90 61.58
C ASP B 984 80.18 6.11 61.55
N TYR B 985 81.09 6.17 60.57
CA TYR B 985 82.02 7.29 60.50
C TYR B 985 81.27 8.61 60.29
N ARG B 986 80.26 8.62 59.42
CA ARG B 986 79.52 9.86 59.17
C ARG B 986 78.83 10.35 60.43
N ILE B 987 78.22 9.43 61.19
CA ILE B 987 77.56 9.80 62.42
C ILE B 987 78.57 10.36 63.41
N SER B 988 79.75 9.72 63.49
CA SER B 988 80.80 10.23 64.38
C SER B 988 81.20 11.64 63.99
N TYR B 989 81.35 11.91 62.69
CA TYR B 989 81.73 13.24 62.26
C TYR B 989 80.68 14.28 62.63
N LEU B 990 79.40 13.96 62.42
CA LEU B 990 78.36 14.93 62.74
C LEU B 990 78.32 15.19 64.25
N LEU B 991 78.45 14.15 65.06
CA LEU B 991 78.48 14.35 66.51
C LEU B 991 79.69 15.17 66.93
N SER B 992 80.84 14.94 66.28
CA SER B 992 82.02 15.73 66.61
C SER B 992 81.80 17.19 66.30
N VAL B 993 81.18 17.49 65.15
CA VAL B 993 80.86 18.87 64.81
C VAL B 993 79.95 19.47 65.89
N PHE B 994 78.91 18.73 66.29
CA PHE B 994 78.01 19.26 67.30
C PHE B 994 78.74 19.55 68.60
N LYS B 995 79.57 18.62 69.05
CA LYS B 995 80.27 18.83 70.32
C LYS B 995 81.24 20.00 70.24
N LYS B 996 81.97 20.14 69.13
CA LYS B 996 82.90 21.25 69.01
C LYS B 996 82.17 22.58 69.05
N GLU B 997 81.06 22.69 68.32
CA GLU B 997 80.31 23.93 68.33
C GLU B 997 79.75 24.20 69.72
N PHE B 998 79.28 23.16 70.41
CA PHE B 998 78.74 23.34 71.75
C PHE B 998 79.82 23.80 72.72
N VAL B 999 81.02 23.24 72.59
CA VAL B 999 82.14 23.66 73.44
C VAL B 999 82.43 25.12 73.21
N GLU B 1000 82.45 25.55 71.95
CA GLU B 1000 82.66 26.97 71.67
C GLU B 1000 81.54 27.82 72.27
N VAL B 1001 80.29 27.37 72.16
CA VAL B 1001 79.16 28.18 72.60
C VAL B 1001 79.14 28.34 74.11
N PHE B 1002 79.30 27.23 74.84
CA PHE B 1002 79.11 27.21 76.28
C PHE B 1002 80.41 26.83 76.99
N PRO B 1003 80.86 27.61 77.98
CA PRO B 1003 82.06 27.20 78.72
C PRO B 1003 81.88 25.88 79.46
N MET B 1004 80.66 25.49 79.76
CA MET B 1004 80.38 24.27 80.51
C MET B 1004 81.09 23.07 79.89
N ASN B 1022 74.37 31.26 71.74
CA ASN B 1022 74.01 31.24 70.33
C ASN B 1022 74.81 30.20 69.58
N MET B 1023 74.14 29.43 68.73
CA MET B 1023 74.75 28.34 67.98
C MET B 1023 74.76 28.69 66.50
N ASN B 1024 75.88 28.39 65.82
CA ASN B 1024 76.00 28.63 64.39
C ASN B 1024 75.44 27.44 63.62
N LEU B 1025 74.10 27.35 63.67
CA LEU B 1025 73.42 26.23 63.02
C LEU B 1025 73.69 26.22 61.52
N ASP B 1026 73.88 27.39 60.91
CA ASP B 1026 74.22 27.43 59.49
C ASP B 1026 75.55 26.75 59.22
N ARG B 1027 76.56 27.04 60.06
CA ARG B 1027 77.86 26.40 59.89
C ARG B 1027 77.75 24.90 60.13
N ILE B 1028 76.98 24.50 61.13
CA ILE B 1028 76.78 23.07 61.37
C ILE B 1028 76.12 22.42 60.15
N GLY B 1029 75.20 23.12 59.52
CA GLY B 1029 74.56 22.59 58.32
C GLY B 1029 75.52 22.45 57.16
N GLU B 1030 76.39 23.44 56.96
CA GLU B 1030 77.40 23.30 55.92
C GLU B 1030 78.30 22.10 56.19
N GLN B 1031 78.71 21.91 57.44
CA GLN B 1031 79.51 20.73 57.77
C GLN B 1031 78.74 19.45 57.47
N ALA B 1032 77.45 19.41 57.85
CA ALA B 1032 76.65 18.21 57.62
C ALA B 1032 76.55 17.87 56.14
N GLU B 1033 76.25 18.88 55.32
CA GLU B 1033 76.18 18.63 53.88
C GLU B 1033 77.53 18.18 53.34
N ALA B 1034 78.61 18.84 53.77
CA ALA B 1034 79.94 18.51 53.26
C ALA B 1034 80.32 17.07 53.61
N MET B 1035 79.86 16.57 54.75
CA MET B 1035 80.22 15.22 55.14
C MET B 1035 79.72 14.20 54.11
N PHE B 1036 78.46 14.35 53.68
CA PHE B 1036 77.96 13.49 52.60
C PHE B 1036 78.65 13.81 51.28
N GLY B 1037 78.77 15.09 50.94
CA GLY B 1037 79.38 15.50 49.69
C GLY B 1037 78.67 14.90 48.48
N SER B 1043 84.89 10.75 47.39
CA SER B 1043 85.92 11.13 48.34
C SER B 1043 86.54 9.90 49.01
N MET B 1044 87.22 10.12 50.13
CA MET B 1044 87.83 8.99 50.84
C MET B 1044 86.77 8.02 51.34
N LEU B 1045 85.66 8.56 51.87
CA LEU B 1045 84.61 7.69 52.38
C LEU B 1045 84.03 6.82 51.29
N GLU B 1046 84.12 7.28 50.04
CA GLU B 1046 83.50 6.55 48.94
C GLU B 1046 84.24 5.23 48.73
N VAL B 1047 83.48 4.16 48.48
CA VAL B 1047 84.05 2.82 48.47
C VAL B 1047 85.10 2.69 47.38
N ASP B 1048 84.83 3.22 46.19
CA ASP B 1048 85.70 3.04 45.04
C ASP B 1048 86.23 4.38 44.56
N ASP B 1049 87.39 4.32 43.89
CA ASP B 1049 88.04 5.54 43.42
C ASP B 1049 87.26 6.21 42.29
N GLU B 1050 86.49 5.43 41.53
CA GLU B 1050 85.84 5.98 40.35
C GLU B 1050 84.68 6.90 40.71
N GLY B 1051 84.13 6.77 41.91
CA GLY B 1051 83.00 7.55 42.33
C GLY B 1051 81.66 6.83 42.35
N GLY B 1052 81.62 5.58 42.78
CA GLY B 1052 80.39 4.81 42.85
C GLY B 1052 79.97 4.21 41.52
N ARG B 1053 80.65 4.58 40.42
CA ARG B 1053 80.27 4.06 39.12
C ARG B 1053 80.47 2.56 39.04
N MET B 1054 81.58 2.06 39.58
CA MET B 1054 81.82 0.61 39.56
C MET B 1054 80.84 -0.12 40.48
N PHE B 1055 80.52 0.48 41.63
CA PHE B 1055 79.50 -0.09 42.49
C PHE B 1055 78.18 -0.24 41.75
N LEU B 1056 77.78 0.82 41.02
CA LEU B 1056 76.54 0.77 40.27
C LEU B 1056 76.58 -0.28 39.17
N ARG B 1057 77.69 -0.35 38.43
CA ARG B 1057 77.78 -1.35 37.36
C ARG B 1057 77.70 -2.76 37.93
N VAL B 1058 78.40 -3.01 39.04
CA VAL B 1058 78.37 -4.34 39.63
C VAL B 1058 76.96 -4.69 40.09
N LEU B 1059 76.29 -3.76 40.76
CA LEU B 1059 74.94 -4.03 41.23
C LEU B 1059 73.99 -4.26 40.06
N ILE B 1060 74.11 -3.46 39.00
CA ILE B 1060 73.22 -3.61 37.86
C ILE B 1060 73.44 -4.95 37.17
N HIS B 1061 74.70 -5.34 36.96
CA HIS B 1061 74.98 -6.62 36.34
C HIS B 1061 74.46 -7.78 37.18
N LEU B 1062 74.65 -7.70 38.49
CA LEU B 1062 74.16 -8.75 39.37
C LEU B 1062 72.64 -8.79 39.38
N THR B 1063 71.99 -7.64 39.16
CA THR B 1063 70.54 -7.64 39.01
C THR B 1063 70.11 -8.48 37.83
N MET B 1064 70.80 -8.32 36.69
CA MET B 1064 70.48 -9.13 35.52
C MET B 1064 70.83 -10.59 35.74
N HIS B 1065 71.86 -10.86 36.54
CA HIS B 1065 72.28 -12.24 36.75
C HIS B 1065 71.16 -13.04 37.39
N ASP B 1066 71.14 -14.35 37.14
CA ASP B 1066 69.96 -15.15 37.43
C ASP B 1066 69.80 -15.43 38.92
N TYR B 1067 70.90 -15.71 39.63
CA TYR B 1067 70.81 -16.21 41.00
C TYR B 1067 69.95 -15.29 41.86
N ALA B 1068 68.85 -15.86 42.38
CA ALA B 1068 67.83 -15.04 43.04
C ALA B 1068 68.35 -14.32 44.27
N PRO B 1069 69.05 -14.97 45.21
CA PRO B 1069 69.58 -14.21 46.36
C PRO B 1069 70.55 -13.12 45.92
N LEU B 1070 71.34 -13.39 44.89
CA LEU B 1070 72.24 -12.37 44.35
C LEU B 1070 71.45 -11.18 43.85
N VAL B 1071 70.37 -11.43 43.10
CA VAL B 1071 69.55 -10.33 42.59
C VAL B 1071 68.95 -9.54 43.75
N SER B 1072 68.44 -10.23 44.76
CA SER B 1072 67.81 -9.53 45.87
C SER B 1072 68.80 -8.65 46.61
N GLY B 1073 70.00 -9.18 46.91
CA GLY B 1073 71.00 -8.38 47.58
C GLY B 1073 71.46 -7.20 46.74
N ALA B 1074 71.63 -7.42 45.43
CA ALA B 1074 72.03 -6.34 44.56
C ALA B 1074 70.98 -5.24 44.53
N LEU B 1075 69.70 -5.61 44.47
CA LEU B 1075 68.64 -4.62 44.47
C LEU B 1075 68.62 -3.83 45.78
N GLN B 1076 68.79 -4.52 46.91
CA GLN B 1076 68.82 -3.83 48.19
C GLN B 1076 69.96 -2.81 48.23
N LEU B 1077 71.15 -3.23 47.81
CA LEU B 1077 72.29 -2.32 47.82
C LEU B 1077 72.06 -1.15 46.88
N LEU B 1078 71.51 -1.41 45.70
CA LEU B 1078 71.24 -0.35 44.73
C LEU B 1078 70.27 0.67 45.31
N PHE B 1079 69.21 0.20 45.97
CA PHE B 1079 68.22 1.11 46.54
C PHE B 1079 68.84 1.94 47.66
N LYS B 1080 69.67 1.34 48.50
CA LYS B 1080 70.30 2.11 49.57
C LYS B 1080 71.30 3.13 49.03
N HIS B 1081 71.96 2.79 47.92
CA HIS B 1081 73.04 3.64 47.41
C HIS B 1081 72.56 5.05 47.10
N PHE B 1082 71.34 5.17 46.58
CA PHE B 1082 70.79 6.47 46.24
C PHE B 1082 69.96 7.09 47.35
N SER B 1083 69.86 6.42 48.50
CA SER B 1083 69.12 6.94 49.65
C SER B 1083 69.99 6.93 50.90
N GLN B 1084 71.32 6.98 50.72
CA GLN B 1084 72.23 7.04 51.86
C GLN B 1084 71.84 8.15 52.84
N ARG B 1085 71.61 9.37 52.33
CA ARG B 1085 71.47 10.52 53.21
C ARG B 1085 70.38 10.31 54.25
N GLN B 1086 69.19 9.91 53.81
CA GLN B 1086 68.08 9.73 54.75
C GLN B 1086 68.43 8.70 55.82
N GLU B 1087 69.21 7.69 55.45
CA GLU B 1087 69.65 6.70 56.42
C GLU B 1087 70.52 7.35 57.50
N ALA B 1088 71.44 8.23 57.09
CA ALA B 1088 72.28 8.92 58.06
C ALA B 1088 71.44 9.79 58.97
N MET B 1089 70.44 10.49 58.43
CA MET B 1089 69.58 11.30 59.26
C MET B 1089 68.79 10.46 60.25
N HIS B 1090 68.28 9.31 59.78
CA HIS B 1090 67.57 8.38 60.66
C HIS B 1090 68.46 7.96 61.82
N THR B 1091 69.69 7.54 61.51
CA THR B 1091 70.60 7.09 62.55
C THR B 1091 70.93 8.21 63.52
N PHE B 1092 71.19 9.42 63.02
CA PHE B 1092 71.49 10.54 63.90
C PHE B 1092 70.31 10.87 64.82
N LYS B 1093 69.08 10.81 64.30
CA LYS B 1093 67.94 11.01 65.20
C LYS B 1093 67.94 9.92 66.28
N GLN B 1094 68.26 8.69 65.89
CA GLN B 1094 68.32 7.60 66.86
C GLN B 1094 69.51 7.71 67.81
N VAL B 1095 70.49 8.57 67.53
CA VAL B 1095 71.71 8.61 68.35
C VAL B 1095 71.36 8.87 69.81
N GLN B 1096 72.13 8.27 70.71
CA GLN B 1096 72.03 8.48 72.14
C GLN B 1096 73.38 8.92 72.68
N LEU B 1097 73.39 9.97 73.51
CA LEU B 1097 74.59 10.46 74.16
C LEU B 1097 74.42 10.31 75.67
N LEU B 1098 75.42 9.72 76.31
CA LEU B 1098 75.44 9.53 77.76
C LEU B 1098 76.39 10.57 78.35
N ILE B 1099 75.84 11.50 79.13
CA ILE B 1099 76.62 12.58 79.74
C ILE B 1099 76.55 12.54 81.26
N SER B 1100 75.77 11.60 81.82
CA SER B 1100 75.62 11.48 83.26
C SER B 1100 76.62 10.47 83.79
N ALA B 1101 77.25 10.78 84.93
CA ALA B 1101 78.21 9.86 85.53
C ALA B 1101 77.54 8.56 85.96
N GLN B 1102 76.33 8.65 86.54
CA GLN B 1102 75.62 7.44 86.96
C GLN B 1102 75.29 6.57 85.75
N ASP B 1103 74.81 7.19 84.67
CA ASP B 1103 74.50 6.43 83.47
C ASP B 1103 75.76 5.84 82.85
N VAL B 1104 76.88 6.56 82.94
CA VAL B 1104 78.14 6.03 82.42
C VAL B 1104 78.55 4.79 83.21
N GLU B 1105 78.42 4.85 84.54
CA GLU B 1105 78.73 3.68 85.36
C GLU B 1105 77.80 2.53 85.03
N ASN B 1106 76.51 2.82 84.84
CA ASN B 1106 75.56 1.77 84.45
C ASN B 1106 75.97 1.13 83.13
N TYR B 1107 76.35 1.94 82.16
CA TYR B 1107 76.77 1.42 80.87
C TYR B 1107 78.03 0.58 80.99
N LYS B 1108 78.99 1.02 81.80
CA LYS B 1108 80.21 0.24 82.01
C LYS B 1108 79.89 -1.11 82.63
N VAL B 1109 79.05 -1.12 83.67
CA VAL B 1109 78.69 -2.37 84.33
C VAL B 1109 77.95 -3.28 83.37
N ILE B 1110 77.05 -2.72 82.57
CA ILE B 1110 76.31 -3.52 81.59
C ILE B 1110 77.27 -4.16 80.61
N LYS B 1111 78.22 -3.37 80.08
CA LYS B 1111 79.16 -3.92 79.12
C LYS B 1111 79.99 -5.03 79.74
N SER B 1112 80.50 -4.81 80.95
CA SER B 1112 81.36 -5.81 81.59
C SER B 1112 80.58 -7.11 81.84
N GLU B 1113 79.40 -7.00 82.46
CA GLU B 1113 78.62 -8.19 82.77
C GLU B 1113 78.15 -8.88 81.50
N LEU B 1114 77.83 -8.12 80.45
CA LEU B 1114 77.40 -8.72 79.20
C LEU B 1114 78.54 -9.47 78.54
N ASP B 1115 79.75 -8.91 78.56
CA ASP B 1115 80.89 -9.63 78.03
C ASP B 1115 81.14 -10.91 78.81
N ARG B 1116 81.08 -10.83 80.15
CA ARG B 1116 81.29 -12.02 80.96
C ARG B 1116 80.25 -13.09 80.64
N LEU B 1117 78.98 -12.70 80.56
CA LEU B 1117 77.92 -13.68 80.32
C LEU B 1117 77.95 -14.21 78.89
N ARG B 1118 78.40 -13.39 77.94
CA ARG B 1118 78.50 -13.85 76.56
C ARG B 1118 79.62 -14.87 76.42
N THR B 1119 80.78 -14.60 77.02
CA THR B 1119 81.84 -15.60 77.05
C THR B 1119 81.36 -16.85 77.78
N MET B 1120 80.59 -16.67 78.85
CA MET B 1120 80.11 -17.81 79.63
C MET B 1120 79.18 -18.67 78.78
N VAL B 1121 78.29 -18.03 78.03
CA VAL B 1121 77.40 -18.77 77.13
C VAL B 1121 78.21 -19.49 76.05
N GLU B 1122 79.21 -18.80 75.49
CA GLU B 1122 80.02 -19.41 74.44
C GLU B 1122 80.73 -20.66 74.94
N LYS B 1123 81.24 -20.61 76.17
CA LYS B 1123 81.91 -21.76 76.78
C LYS B 1123 80.94 -22.67 77.52
N SER B 1124 79.64 -22.37 77.42
CA SER B 1124 78.61 -23.23 77.98
C SER B 1124 78.93 -24.70 77.83
N GLU B 1125 79.30 -25.14 76.63
CA GLU B 1125 79.54 -26.58 76.46
C GLU B 1125 80.65 -27.03 77.40
N LEU B 1126 81.71 -26.22 77.53
CA LEU B 1126 82.85 -26.62 78.35
C LEU B 1126 82.46 -26.71 79.82
N TRP B 1127 81.79 -25.68 80.34
CA TRP B 1127 81.58 -25.58 81.79
C TRP B 1127 80.24 -26.11 82.26
N VAL B 1128 79.39 -26.62 81.37
CA VAL B 1128 78.06 -27.06 81.78
C VAL B 1128 78.09 -28.53 82.14
N ASP B 1129 77.12 -28.95 82.95
CA ASP B 1129 77.00 -30.34 83.36
C ASP B 1129 75.79 -30.96 82.68
N SER B 1166 78.46 -25.13 89.34
CA SER B 1166 79.86 -24.84 89.65
C SER B 1166 80.03 -23.35 89.94
N GLU B 1167 81.29 -22.93 90.11
CA GLU B 1167 81.57 -21.51 90.30
C GLU B 1167 81.09 -20.71 89.09
N ASN B 1168 81.17 -21.30 87.90
CA ASN B 1168 80.62 -20.64 86.72
C ASN B 1168 79.11 -20.51 86.82
N TYR B 1169 78.44 -21.53 87.33
CA TYR B 1169 76.99 -21.45 87.52
C TYR B 1169 76.64 -20.32 88.47
N GLN B 1170 77.35 -20.23 89.60
CA GLN B 1170 77.04 -19.19 90.57
C GLN B 1170 77.38 -17.81 90.03
N ILE B 1171 78.45 -17.71 89.22
CA ILE B 1171 78.79 -16.44 88.60
C ILE B 1171 77.71 -16.02 87.62
N VAL B 1172 77.16 -16.97 86.87
CA VAL B 1172 76.06 -16.68 85.96
C VAL B 1172 74.85 -16.21 86.75
N LYS B 1173 74.57 -16.86 87.88
CA LYS B 1173 73.46 -16.43 88.73
C LYS B 1173 73.67 -15.01 89.23
N GLY B 1174 74.89 -14.68 89.64
CA GLY B 1174 75.18 -13.33 90.09
C GLY B 1174 75.03 -12.31 88.98
N ILE B 1175 75.49 -12.67 87.78
CA ILE B 1175 75.33 -11.78 86.63
C ILE B 1175 73.86 -11.54 86.34
N LEU B 1176 73.05 -12.60 86.42
CA LEU B 1176 71.62 -12.47 86.19
C LEU B 1176 70.98 -11.57 87.25
N GLU B 1177 71.38 -11.72 88.51
CA GLU B 1177 70.85 -10.85 89.55
C GLU B 1177 71.24 -9.40 89.32
N ARG B 1178 72.49 -9.16 88.94
CA ARG B 1178 72.94 -7.80 88.65
C ARG B 1178 72.17 -7.22 87.48
N LEU B 1179 71.87 -8.04 86.47
CA LEU B 1179 71.09 -7.56 85.33
C LEU B 1179 69.65 -7.25 85.74
N ASN B 1180 69.07 -8.09 86.61
CA ASN B 1180 67.73 -7.80 87.11
C ASN B 1180 67.71 -6.48 87.86
N LYS B 1181 68.74 -6.22 88.67
CA LYS B 1181 68.85 -4.90 89.30
C LYS B 1181 69.01 -3.81 88.25
N MET B 1182 69.80 -4.07 87.21
CA MET B 1182 69.99 -3.11 86.13
C MET B 1182 68.67 -2.73 85.50
N CYS B 1183 67.72 -3.66 85.46
CA CYS B 1183 66.43 -3.38 84.82
C CYS B 1183 65.83 -2.08 85.35
N GLY B 1184 65.96 -1.83 86.65
CA GLY B 1184 65.52 -0.57 87.22
C GLY B 1184 64.06 -0.58 87.62
N VAL B 1185 63.65 0.54 88.24
CA VAL B 1185 62.28 0.70 88.73
C VAL B 1185 61.79 2.09 88.32
N GLY B 1186 60.47 2.24 88.29
CA GLY B 1186 59.86 3.48 87.84
C GLY B 1186 59.65 3.47 86.34
N GLU B 1187 58.59 4.11 85.85
CA GLU B 1187 58.30 4.04 84.42
C GLU B 1187 59.34 4.81 83.60
N GLN B 1188 59.63 6.05 84.00
CA GLN B 1188 60.60 6.86 83.25
C GLN B 1188 62.00 6.25 83.33
N MET B 1189 62.44 5.90 84.54
CA MET B 1189 63.75 5.29 84.69
C MET B 1189 63.82 3.98 83.92
N ARG B 1190 62.76 3.19 83.97
CA ARG B 1190 62.70 1.97 83.17
C ARG B 1190 62.88 2.27 81.70
N LYS B 1191 62.18 3.28 81.18
CA LYS B 1191 62.26 3.59 79.75
C LYS B 1191 63.67 3.99 79.36
N LYS B 1192 64.32 4.82 80.18
CA LYS B 1192 65.70 5.20 79.87
C LYS B 1192 66.61 3.97 79.90
N GLN B 1193 66.42 3.11 80.89
CA GLN B 1193 67.23 1.90 80.96
C GLN B 1193 66.98 0.99 79.76
N GLN B 1194 65.75 0.95 79.26
CA GLN B 1194 65.47 0.10 78.10
C GLN B 1194 66.05 0.69 76.84
N ARG B 1195 66.09 2.02 76.73
CA ARG B 1195 66.81 2.64 75.63
C ARG B 1195 68.29 2.23 75.65
N LEU B 1196 68.92 2.37 76.82
CA LEU B 1196 70.31 1.95 76.94
C LEU B 1196 70.47 0.46 76.64
N LEU B 1197 69.50 -0.35 77.07
CA LEU B 1197 69.61 -1.79 76.90
C LEU B 1197 69.46 -2.19 75.44
N LYS B 1198 68.52 -1.56 74.73
CA LYS B 1198 68.37 -1.82 73.30
C LYS B 1198 69.62 -1.38 72.55
N ASN B 1199 70.21 -0.26 72.94
CA ASN B 1199 71.47 0.14 72.33
C ASN B 1199 72.56 -0.88 72.60
N MET B 1200 72.60 -1.42 73.83
CA MET B 1200 73.59 -2.43 74.18
C MET B 1200 73.35 -3.75 73.47
N ASP B 1201 72.12 -4.03 73.03
CA ASP B 1201 71.77 -5.29 72.39
C ASP B 1201 71.81 -6.47 73.36
N ALA B 1202 71.60 -6.19 74.65
CA ALA B 1202 71.61 -7.27 75.64
C ALA B 1202 70.47 -8.25 75.41
N HIS B 1203 69.41 -7.81 74.73
CA HIS B 1203 68.32 -8.73 74.41
C HIS B 1203 68.84 -9.94 73.64
N LYS B 1204 69.79 -9.72 72.73
CA LYS B 1204 70.37 -10.85 72.00
C LYS B 1204 71.21 -11.72 72.93
N VAL B 1205 71.87 -11.11 73.90
CA VAL B 1205 72.66 -11.89 74.86
C VAL B 1205 71.75 -12.82 75.65
N MET B 1206 70.64 -12.28 76.15
CA MET B 1206 69.71 -13.12 76.91
C MET B 1206 69.02 -14.14 76.01
N LEU B 1207 68.78 -13.78 74.75
CA LEU B 1207 68.23 -14.74 73.80
C LEU B 1207 69.20 -15.90 73.59
N ASP B 1208 70.49 -15.60 73.50
CA ASP B 1208 71.50 -16.66 73.41
C ASP B 1208 71.49 -17.52 74.68
N LEU B 1209 71.41 -16.87 75.84
CA LEU B 1209 71.35 -17.62 77.08
C LEU B 1209 70.17 -18.58 77.09
N LEU B 1210 69.03 -18.15 76.56
CA LEU B 1210 67.89 -19.05 76.41
C LEU B 1210 68.20 -20.14 75.38
N GLN B 1211 68.85 -19.78 74.28
CA GLN B 1211 69.22 -20.73 73.24
C GLN B 1211 70.07 -21.85 73.80
N ILE B 1212 70.84 -21.60 74.84
CA ILE B 1212 71.72 -22.59 75.44
C ILE B 1212 70.96 -23.92 75.60
N PRO B 1213 71.55 -25.06 75.24
CA PRO B 1213 70.87 -26.34 75.47
C PRO B 1213 71.22 -26.92 76.84
N TYR B 1214 70.24 -27.56 77.48
CA TYR B 1214 70.44 -28.10 78.82
C TYR B 1214 69.56 -29.32 79.03
N ASP B 1215 69.95 -30.14 80.00
CA ASP B 1215 69.13 -31.28 80.40
C ASP B 1215 68.08 -30.84 81.42
N LYS B 1216 66.94 -31.52 81.39
CA LYS B 1216 65.80 -31.10 82.21
C LYS B 1216 66.12 -31.17 83.70
N GLY B 1217 67.09 -31.99 84.10
CA GLY B 1217 67.33 -32.23 85.51
C GLY B 1217 68.18 -31.19 86.21
N ASP B 1218 68.65 -30.17 85.51
CA ASP B 1218 69.55 -29.17 86.09
C ASP B 1218 68.71 -28.07 86.72
N ALA B 1219 68.47 -28.21 88.03
CA ALA B 1219 67.65 -27.23 88.74
C ALA B 1219 68.31 -25.87 88.78
N LYS B 1220 69.64 -25.82 88.96
CA LYS B 1220 70.34 -24.55 88.93
C LYS B 1220 70.15 -23.85 87.59
N MET B 1221 70.22 -24.60 86.50
CA MET B 1221 70.06 -24.01 85.17
C MET B 1221 68.60 -23.56 84.98
N MET B 1222 67.65 -24.31 85.53
CA MET B 1222 66.26 -23.86 85.47
C MET B 1222 66.08 -22.54 86.19
N GLU B 1223 66.71 -22.39 87.37
CA GLU B 1223 66.62 -21.12 88.09
C GLU B 1223 67.29 -19.99 87.30
N ILE B 1224 68.41 -20.29 86.65
CA ILE B 1224 69.07 -19.29 85.81
C ILE B 1224 68.15 -18.89 84.66
N LEU B 1225 67.45 -19.86 84.06
CA LEU B 1225 66.49 -19.55 83.02
C LEU B 1225 65.36 -18.68 83.54
N ARG B 1226 64.93 -18.93 84.78
CA ARG B 1226 63.90 -18.07 85.37
C ARG B 1226 64.40 -16.65 85.52
N TYR B 1227 65.65 -16.48 85.97
CA TYR B 1227 66.25 -15.14 86.03
C TYR B 1227 66.26 -14.49 84.66
N THR B 1228 66.69 -15.23 83.64
CA THR B 1228 66.73 -14.69 82.29
C THR B 1228 65.33 -14.28 81.84
N HIS B 1229 64.32 -15.10 82.16
CA HIS B 1229 62.96 -14.81 81.73
C HIS B 1229 62.43 -13.56 82.41
N GLN B 1230 62.71 -13.39 83.71
CA GLN B 1230 62.32 -12.14 84.36
C GLN B 1230 63.00 -10.95 83.71
N PHE B 1231 64.28 -11.09 83.36
CA PHE B 1231 64.97 -9.97 82.70
C PHE B 1231 64.33 -9.63 81.37
N LEU B 1232 64.05 -10.64 80.54
CA LEU B 1232 63.42 -10.39 79.25
C LEU B 1232 62.03 -9.79 79.42
N GLN B 1233 61.28 -10.26 80.43
CA GLN B 1233 59.95 -9.72 80.66
C GLN B 1233 60.01 -8.25 81.06
N LYS B 1234 60.96 -7.89 81.92
CA LYS B 1234 61.15 -6.48 82.26
C LYS B 1234 61.55 -5.67 81.02
N PHE B 1235 62.43 -6.25 80.19
CA PHE B 1235 62.90 -5.54 79.01
C PHE B 1235 61.77 -5.30 78.02
N CYS B 1236 60.88 -6.27 77.85
CA CYS B 1236 59.78 -6.12 76.90
C CYS B 1236 58.68 -5.23 77.46
N ALA B 1237 58.46 -5.27 78.78
CA ALA B 1237 57.34 -4.56 79.37
C ALA B 1237 57.39 -3.08 79.04
N GLY B 1238 56.31 -2.57 78.44
CA GLY B 1238 56.16 -1.16 78.18
C GLY B 1238 56.89 -0.62 76.98
N ASN B 1239 57.38 -1.49 76.09
CA ASN B 1239 58.14 -1.05 74.91
C ASN B 1239 57.66 -1.80 73.67
N PRO B 1240 56.84 -1.18 72.81
CA PRO B 1240 56.42 -1.87 71.58
C PRO B 1240 57.58 -2.28 70.71
N GLY B 1241 58.63 -1.46 70.66
CA GLY B 1241 59.80 -1.82 69.86
C GLY B 1241 60.49 -3.07 70.39
N ASN B 1242 60.69 -3.13 71.70
CA ASN B 1242 61.29 -4.33 72.29
C ASN B 1242 60.42 -5.55 72.04
N GLN B 1243 59.10 -5.39 72.16
CA GLN B 1243 58.20 -6.52 71.92
C GLN B 1243 58.25 -6.97 70.46
N ALA B 1244 58.41 -6.02 69.53
CA ALA B 1244 58.58 -6.39 68.13
C ALA B 1244 59.89 -7.14 67.91
N LEU B 1245 60.97 -6.68 68.55
CA LEU B 1245 62.23 -7.39 68.45
C LEU B 1245 62.08 -8.83 68.97
N LEU B 1246 61.36 -9.00 70.07
CA LEU B 1246 61.11 -10.35 70.58
C LEU B 1246 60.27 -11.16 69.60
N HIS B 1247 59.24 -10.54 69.01
CA HIS B 1247 58.46 -11.22 67.97
C HIS B 1247 59.37 -11.72 66.87
N LYS B 1248 60.41 -10.95 66.53
CA LYS B 1248 61.36 -11.42 65.53
C LYS B 1248 61.94 -12.77 65.92
N HIS B 1249 62.11 -13.02 67.21
CA HIS B 1249 62.67 -14.27 67.71
C HIS B 1249 61.61 -15.20 68.30
N LEU B 1250 60.32 -14.92 68.05
CA LEU B 1250 59.26 -15.71 68.68
C LEU B 1250 59.42 -17.20 68.40
N HIS B 1251 59.96 -17.57 67.24
CA HIS B 1251 60.07 -18.99 66.92
C HIS B 1251 60.81 -19.76 68.01
N LEU B 1252 61.82 -19.14 68.61
CA LEU B 1252 62.52 -19.79 69.72
C LEU B 1252 61.61 -19.92 70.93
N PHE B 1253 60.82 -18.90 71.22
CA PHE B 1253 59.94 -18.94 72.38
C PHE B 1253 58.91 -20.05 72.26
N LEU B 1254 58.40 -20.31 71.06
CA LEU B 1254 57.29 -21.23 70.87
C LEU B 1254 57.78 -22.65 71.14
N THR B 1255 57.63 -23.09 72.38
CA THR B 1255 58.10 -24.40 72.81
C THR B 1255 57.22 -24.85 73.96
N PRO B 1256 57.27 -26.15 74.31
CA PRO B 1256 56.49 -26.66 75.46
C PRO B 1256 57.14 -26.32 76.79
N GLY B 1257 57.13 -25.05 77.15
CA GLY B 1257 57.63 -24.60 78.44
C GLY B 1257 56.68 -23.65 79.11
N LEU B 1258 56.43 -23.83 80.42
CA LEU B 1258 55.49 -22.97 81.12
C LEU B 1258 56.08 -21.59 81.39
N LEU B 1259 57.35 -21.56 81.81
CA LEU B 1259 58.03 -20.27 81.97
C LEU B 1259 58.10 -19.54 80.64
N GLU B 1260 58.41 -20.27 79.56
CA GLU B 1260 58.36 -19.68 78.23
C GLU B 1260 56.95 -19.20 77.90
N ALA B 1261 55.93 -19.88 78.40
CA ALA B 1261 54.56 -19.45 78.16
C ALA B 1261 54.28 -18.10 78.82
N GLU B 1262 54.73 -17.93 80.06
CA GLU B 1262 54.60 -16.62 80.70
C GLU B 1262 55.39 -15.58 79.91
N THR B 1263 56.55 -15.96 79.38
CA THR B 1263 57.34 -15.03 78.59
C THR B 1263 56.59 -14.60 77.33
N MET B 1264 55.92 -15.54 76.66
CA MET B 1264 55.12 -15.17 75.49
C MET B 1264 53.95 -14.28 75.89
N GLN B 1265 53.33 -14.56 77.04
CA GLN B 1265 52.25 -13.69 77.51
C GLN B 1265 52.75 -12.26 77.65
N HIS B 1266 53.91 -12.09 78.28
CA HIS B 1266 54.48 -10.76 78.42
C HIS B 1266 54.85 -10.17 77.06
N ILE B 1267 55.33 -11.01 76.14
CA ILE B 1267 55.73 -10.54 74.82
C ILE B 1267 54.52 -9.95 74.08
N PHE B 1268 53.40 -10.66 74.11
CA PHE B 1268 52.19 -10.24 73.41
C PHE B 1268 51.30 -9.33 74.25
N LEU B 1269 51.72 -9.00 75.47
CA LEU B 1269 50.88 -8.21 76.36
C LEU B 1269 50.76 -6.78 75.87
N ASN B 1270 49.51 -6.34 75.67
CA ASN B 1270 49.21 -4.98 75.24
C ASN B 1270 49.93 -4.64 73.93
N ASN B 1271 49.74 -5.47 72.91
CA ASN B 1271 50.28 -5.24 71.57
C ASN B 1271 49.12 -5.34 70.58
N TYR B 1272 48.47 -4.21 70.31
CA TYR B 1272 47.35 -4.21 69.37
C TYR B 1272 47.82 -4.57 67.96
N GLN B 1273 48.97 -4.03 67.54
CA GLN B 1273 49.46 -4.31 66.19
C GLN B 1273 49.80 -5.78 66.03
N LEU B 1274 50.54 -6.34 66.99
CA LEU B 1274 50.94 -7.74 66.91
C LEU B 1274 49.73 -8.66 67.04
N CYS B 1275 48.74 -8.26 67.84
CA CYS B 1275 47.51 -9.04 67.91
C CYS B 1275 46.78 -9.02 66.57
N SER B 1276 46.75 -7.85 65.91
CA SER B 1276 46.10 -7.77 64.61
C SER B 1276 46.78 -8.67 63.58
N GLU B 1277 48.11 -8.67 63.57
CA GLU B 1277 48.86 -9.55 62.68
C GLU B 1277 49.22 -10.88 63.33
N ILE B 1278 48.49 -11.29 64.37
CA ILE B 1278 48.78 -12.56 65.02
C ILE B 1278 48.48 -13.71 64.07
N SER B 1279 49.26 -14.78 64.18
CA SER B 1279 49.17 -15.90 63.26
C SER B 1279 48.30 -17.01 63.83
N GLU B 1280 47.40 -17.51 62.99
CA GLU B 1280 46.58 -18.67 63.39
C GLU B 1280 47.44 -19.86 63.81
N PRO B 1281 48.59 -20.13 63.18
CA PRO B 1281 49.42 -21.25 63.67
C PRO B 1281 49.83 -21.11 65.12
N VAL B 1282 49.99 -19.89 65.63
CA VAL B 1282 50.33 -19.72 67.04
C VAL B 1282 49.19 -20.20 67.92
N LEU B 1283 47.96 -19.83 67.58
CA LEU B 1283 46.80 -20.32 68.34
C LEU B 1283 46.68 -21.83 68.24
N GLN B 1284 46.92 -22.37 67.05
CA GLN B 1284 46.89 -23.83 66.88
C GLN B 1284 47.94 -24.49 67.76
N HIS B 1285 49.13 -23.90 67.82
CA HIS B 1285 50.19 -24.42 68.67
C HIS B 1285 49.78 -24.40 70.13
N PHE B 1286 49.18 -23.30 70.59
CA PHE B 1286 48.79 -23.21 72.00
C PHE B 1286 47.70 -24.23 72.34
N VAL B 1287 46.72 -24.40 71.46
CA VAL B 1287 45.67 -25.37 71.74
C VAL B 1287 46.23 -26.79 71.70
N HIS B 1288 47.16 -27.06 70.79
CA HIS B 1288 47.80 -28.36 70.75
C HIS B 1288 48.60 -28.62 72.03
N LEU B 1289 49.27 -27.58 72.53
CA LEU B 1289 50.00 -27.72 73.79
C LEU B 1289 49.05 -28.02 74.94
N LEU B 1290 47.91 -27.33 74.98
CA LEU B 1290 46.92 -27.63 76.02
C LEU B 1290 46.43 -29.07 75.90
N ALA B 1291 46.16 -29.53 74.68
CA ALA B 1291 45.69 -30.90 74.49
C ALA B 1291 46.75 -31.90 74.96
N THR B 1292 48.01 -31.65 74.60
CA THR B 1292 49.08 -32.56 75.00
C THR B 1292 49.23 -32.61 76.51
N HIS B 1293 49.36 -31.45 77.15
CA HIS B 1293 49.59 -31.39 78.59
C HIS B 1293 48.46 -30.68 79.32
N GLY B 1294 48.16 -29.44 78.92
CA GLY B 1294 47.19 -28.65 79.66
C GLY B 1294 47.57 -28.51 81.13
N ARG B 1295 48.85 -28.23 81.39
CA ARG B 1295 49.36 -28.32 82.76
C ARG B 1295 48.79 -27.23 83.65
N HIS B 1296 48.83 -25.98 83.21
CA HIS B 1296 48.52 -24.85 84.06
C HIS B 1296 47.65 -23.85 83.31
N VAL B 1297 47.13 -22.88 84.07
CA VAL B 1297 46.30 -21.83 83.49
C VAL B 1297 47.09 -20.92 82.56
N GLN B 1298 48.42 -20.95 82.64
CA GLN B 1298 49.22 -19.95 81.92
C GLN B 1298 48.90 -19.94 80.43
N TYR B 1299 48.58 -21.09 79.85
CA TYR B 1299 48.18 -21.13 78.44
C TYR B 1299 46.90 -20.32 78.23
N LEU B 1300 45.88 -20.58 79.04
CA LEU B 1300 44.63 -19.84 78.91
C LEU B 1300 44.83 -18.36 79.21
N ASP B 1301 45.80 -18.04 80.08
CA ASP B 1301 46.11 -16.64 80.36
C ASP B 1301 46.72 -15.97 79.13
N PHE B 1302 47.61 -16.68 78.43
CA PHE B 1302 48.10 -16.18 77.16
C PHE B 1302 46.95 -15.93 76.19
N LEU B 1303 46.03 -16.89 76.10
CA LEU B 1303 44.88 -16.71 75.20
C LEU B 1303 44.04 -15.51 75.61
N HIS B 1304 43.84 -15.33 76.92
CA HIS B 1304 43.04 -14.21 77.41
C HIS B 1304 43.71 -12.87 77.09
N THR B 1305 45.03 -12.81 77.26
CA THR B 1305 45.74 -11.59 76.90
C THR B 1305 45.65 -11.33 75.40
N VAL B 1306 45.69 -12.38 74.60
CA VAL B 1306 45.52 -12.23 73.15
C VAL B 1306 44.14 -11.68 72.84
N ILE B 1307 43.13 -12.11 73.60
CA ILE B 1307 41.75 -11.73 73.29
C ILE B 1307 41.63 -10.20 73.24
N LYS B 1308 42.18 -9.51 74.25
CA LYS B 1308 42.01 -8.08 74.39
C LYS B 1308 43.38 -7.40 74.42
N ALA B 1309 43.49 -6.26 73.73
CA ALA B 1309 44.69 -5.44 73.74
C ALA B 1309 44.29 -3.99 73.59
N GLU B 1310 44.84 -3.14 74.45
CA GLU B 1310 44.52 -1.71 74.46
C GLU B 1310 43.02 -1.49 74.63
N GLY B 1311 42.37 -2.39 75.37
CA GLY B 1311 40.93 -2.30 75.55
C GLY B 1311 40.17 -2.51 74.26
N LYS B 1312 40.69 -3.34 73.35
CA LYS B 1312 40.04 -3.64 72.09
C LYS B 1312 40.08 -5.14 71.86
N TYR B 1313 39.05 -5.65 71.18
CA TYR B 1313 38.96 -7.05 70.82
C TYR B 1313 39.15 -7.21 69.31
N VAL B 1314 40.00 -8.15 68.93
CA VAL B 1314 40.18 -8.52 67.53
C VAL B 1314 39.12 -9.57 67.21
N LYS B 1315 38.15 -9.20 66.39
CA LYS B 1315 37.04 -10.10 66.10
C LYS B 1315 37.52 -11.36 65.40
N LYS B 1316 38.48 -11.22 64.48
CA LYS B 1316 39.02 -12.40 63.81
C LYS B 1316 39.68 -13.34 64.82
N CYS B 1317 40.48 -12.78 65.73
CA CYS B 1317 41.13 -13.61 66.74
C CYS B 1317 40.11 -14.31 67.62
N GLN B 1318 39.05 -13.59 68.01
CA GLN B 1318 38.01 -14.22 68.81
C GLN B 1318 37.34 -15.36 68.06
N ASP B 1319 37.07 -15.15 66.76
CA ASP B 1319 36.46 -16.19 65.96
C ASP B 1319 37.34 -17.43 65.90
N MET B 1320 38.64 -17.23 65.65
CA MET B 1320 39.55 -18.37 65.63
C MET B 1320 39.63 -19.05 66.99
N ILE B 1321 39.64 -18.27 68.06
CA ILE B 1321 39.70 -18.85 69.40
C ILE B 1321 38.50 -19.75 69.65
N MET B 1322 37.30 -19.25 69.35
CA MET B 1322 36.10 -20.03 69.60
C MET B 1322 36.02 -21.24 68.69
N THR B 1323 36.45 -21.09 67.43
CA THR B 1323 36.46 -22.24 66.53
C THR B 1323 37.39 -23.32 67.04
N GLU B 1324 38.59 -22.95 67.49
CA GLU B 1324 39.51 -23.93 68.04
C GLU B 1324 38.94 -24.58 69.30
N LEU B 1325 38.30 -23.79 70.16
CA LEU B 1325 37.68 -24.35 71.35
C LEU B 1325 36.63 -25.39 70.98
N THR B 1326 35.80 -25.08 69.99
CA THR B 1326 34.76 -26.02 69.56
C THR B 1326 35.37 -27.28 68.96
N ASN B 1327 36.40 -27.13 68.12
CA ASN B 1327 37.04 -28.31 67.54
C ASN B 1327 37.64 -29.19 68.63
N ALA B 1328 38.29 -28.59 69.62
CA ALA B 1328 38.80 -29.37 70.74
C ALA B 1328 37.68 -30.07 71.48
N GLY B 1329 36.58 -29.37 71.73
CA GLY B 1329 35.41 -30.00 72.32
C GLY B 1329 35.37 -29.87 73.83
N ASP B 1330 34.72 -30.85 74.45
CA ASP B 1330 34.49 -30.80 75.89
C ASP B 1330 35.80 -30.79 76.68
N ASP B 1331 36.86 -31.38 76.13
CA ASP B 1331 38.09 -31.51 76.89
C ASP B 1331 38.67 -30.15 77.27
N VAL B 1332 38.70 -29.20 76.32
CA VAL B 1332 39.14 -27.85 76.66
C VAL B 1332 38.10 -27.15 77.52
N VAL B 1333 36.83 -27.23 77.13
CA VAL B 1333 35.76 -26.58 77.87
C VAL B 1333 35.15 -27.59 78.84
N VAL B 1334 35.73 -27.67 80.04
CA VAL B 1334 35.23 -28.62 81.03
C VAL B 1334 34.15 -27.97 81.88
N PHE B 1335 33.03 -28.67 82.03
CA PHE B 1335 31.93 -28.20 82.87
C PHE B 1335 31.48 -29.34 83.77
N TYR B 1336 31.08 -28.99 84.98
CA TYR B 1336 30.61 -29.96 85.97
C TYR B 1336 29.12 -30.24 85.80
N ASN B 1337 28.73 -30.63 84.59
CA ASN B 1337 27.31 -30.85 84.30
C ASN B 1337 26.80 -32.11 84.99
N ASP B 1338 27.57 -33.19 84.96
CA ASP B 1338 27.14 -34.43 85.58
C ASP B 1338 26.93 -34.21 87.08
N LYS B 1339 26.03 -35.01 87.67
CA LYS B 1339 25.83 -34.91 89.11
C LYS B 1339 27.09 -35.31 89.86
N ALA B 1340 27.77 -36.36 89.40
CA ALA B 1340 29.01 -36.77 90.05
C ALA B 1340 30.08 -35.68 89.92
N SER B 1341 30.19 -35.08 88.73
CA SER B 1341 31.16 -34.01 88.54
C SER B 1341 30.84 -32.81 89.41
N LEU B 1342 29.56 -32.45 89.52
CA LEU B 1342 29.19 -31.32 90.35
C LEU B 1342 29.38 -31.63 91.83
N ALA B 1343 29.21 -32.89 92.22
CA ALA B 1343 29.50 -33.28 93.61
C ALA B 1343 31.00 -33.20 93.90
N HIS B 1344 31.83 -33.60 92.94
CA HIS B 1344 33.26 -33.41 93.09
C HIS B 1344 33.61 -31.94 93.20
N LEU B 1345 32.98 -31.10 92.38
CA LEU B 1345 33.18 -29.66 92.46
C LEU B 1345 32.77 -29.15 93.84
N LEU B 1346 31.66 -29.65 94.37
CA LEU B 1346 31.22 -29.26 95.70
C LEU B 1346 32.23 -29.66 96.76
N ASP B 1347 32.78 -30.87 96.65
CA ASP B 1347 33.75 -31.34 97.62
C ASP B 1347 35.00 -30.47 97.60
N MET B 1348 35.53 -30.18 96.40
CA MET B 1348 36.72 -29.33 96.35
C MET B 1348 36.40 -27.90 96.73
N MET B 1349 35.17 -27.44 96.51
CA MET B 1349 34.76 -26.12 96.97
C MET B 1349 34.77 -26.05 98.49
N LYS B 1350 34.25 -27.09 99.14
CA LYS B 1350 34.31 -27.14 100.60
C LYS B 1350 35.76 -27.20 101.08
N ALA B 1351 36.61 -27.96 100.39
CA ALA B 1351 38.02 -28.03 100.76
C ALA B 1351 38.70 -26.67 100.62
N ALA B 1352 38.41 -25.96 99.54
CA ALA B 1352 39.02 -24.67 99.26
C ALA B 1352 38.39 -23.54 100.06
N ARG B 1353 37.25 -23.79 100.72
CA ARG B 1353 36.69 -22.80 101.63
C ARG B 1353 37.78 -22.20 102.53
N ASP B 1354 38.79 -23.00 102.88
CA ASP B 1354 39.93 -22.47 103.62
C ASP B 1354 40.81 -21.59 102.71
N GLY B 1355 41.07 -22.05 101.49
CA GLY B 1355 41.89 -21.30 100.57
C GLY B 1355 41.86 -21.90 99.18
N VAL B 1356 42.35 -21.13 98.21
CA VAL B 1356 42.33 -21.52 96.81
C VAL B 1356 43.76 -21.74 96.34
N GLU B 1357 43.99 -22.88 95.69
CA GLU B 1357 45.32 -23.23 95.22
C GLU B 1357 45.63 -22.54 93.89
N ASP B 1358 46.91 -22.27 93.67
CA ASP B 1358 47.34 -21.64 92.42
C ASP B 1358 47.10 -22.57 91.24
N HIS B 1359 47.39 -23.86 91.40
CA HIS B 1359 47.35 -24.83 90.32
C HIS B 1359 46.17 -25.79 90.44
N SER B 1360 45.12 -25.41 91.13
CA SER B 1360 43.99 -26.30 91.32
C SER B 1360 43.25 -26.51 90.01
N PRO B 1361 42.73 -27.71 89.75
CA PRO B 1361 41.87 -27.88 88.56
C PRO B 1361 40.63 -27.01 88.60
N LEU B 1362 40.12 -26.71 89.80
CA LEU B 1362 39.02 -25.76 89.91
C LEU B 1362 39.45 -24.38 89.46
N MET B 1363 40.67 -23.97 89.82
CA MET B 1363 41.19 -22.70 89.33
C MET B 1363 41.35 -22.74 87.82
N TYR B 1364 41.76 -23.89 87.27
CA TYR B 1364 41.85 -24.03 85.82
C TYR B 1364 40.48 -23.85 85.17
N HIS B 1365 39.45 -24.44 85.76
CA HIS B 1365 38.10 -24.28 85.23
C HIS B 1365 37.66 -22.81 85.30
N ILE B 1366 38.00 -22.13 86.41
CA ILE B 1366 37.66 -20.72 86.53
C ILE B 1366 38.35 -19.92 85.44
N SER B 1367 39.63 -20.19 85.20
CA SER B 1367 40.35 -19.48 84.15
C SER B 1367 39.75 -19.75 82.78
N LEU B 1368 39.35 -21.00 82.53
CA LEU B 1368 38.70 -21.32 81.26
C LEU B 1368 37.39 -20.56 81.10
N VAL B 1369 36.60 -20.48 82.18
CA VAL B 1369 35.34 -19.73 82.12
C VAL B 1369 35.62 -18.26 81.82
N ASP B 1370 36.63 -17.70 82.49
CA ASP B 1370 36.98 -16.30 82.22
C ASP B 1370 37.42 -16.11 80.78
N LEU B 1371 38.18 -17.05 80.24
CA LEU B 1371 38.61 -16.96 78.84
C LEU B 1371 37.42 -16.98 77.90
N LEU B 1372 36.47 -17.89 78.15
CA LEU B 1372 35.27 -17.95 77.31
C LEU B 1372 34.46 -16.67 77.43
N ALA B 1373 34.35 -16.12 78.63
CA ALA B 1373 33.62 -14.87 78.81
C ALA B 1373 34.30 -13.73 78.07
N ALA B 1374 35.64 -13.68 78.12
CA ALA B 1374 36.36 -12.66 77.38
C ALA B 1374 36.13 -12.79 75.88
N CYS B 1375 36.14 -14.02 75.38
CA CYS B 1375 35.86 -14.25 73.97
C CYS B 1375 34.45 -13.77 73.61
N ALA B 1376 33.48 -14.05 74.48
CA ALA B 1376 32.11 -13.62 74.23
C ALA B 1376 31.98 -12.11 74.27
N GLU B 1377 32.77 -11.46 75.12
CA GLU B 1377 32.68 -10.00 75.26
C GLU B 1377 32.99 -9.31 73.94
N GLY B 1378 32.34 -8.17 73.74
CA GLY B 1378 32.42 -7.45 72.48
C GLY B 1378 31.19 -7.55 71.62
N LYS B 1379 30.07 -8.03 72.18
CA LYS B 1379 28.81 -8.17 71.44
C LYS B 1379 29.03 -8.87 70.10
N ASN B 1380 29.81 -9.95 70.12
CA ASN B 1380 29.99 -10.77 68.94
C ASN B 1380 28.74 -11.60 68.68
N VAL B 1381 28.69 -12.23 67.50
CA VAL B 1381 27.51 -12.97 67.09
C VAL B 1381 27.88 -14.44 66.82
N TYR B 1382 28.81 -14.67 65.89
CA TYR B 1382 29.12 -16.04 65.50
C TYR B 1382 29.69 -16.83 66.68
N THR B 1383 30.67 -16.25 67.38
CA THR B 1383 31.24 -16.92 68.53
C THR B 1383 30.25 -16.96 69.69
N GLU B 1384 29.42 -15.93 69.83
CA GLU B 1384 28.49 -15.87 70.95
C GLU B 1384 27.43 -16.96 70.83
N ILE B 1385 27.02 -17.29 69.61
CA ILE B 1385 26.04 -18.36 69.42
C ILE B 1385 26.60 -19.67 69.98
N LYS B 1386 27.85 -19.99 69.62
CA LYS B 1386 28.46 -21.22 70.12
C LYS B 1386 28.67 -21.15 71.62
N CYS B 1387 29.03 -19.97 72.14
CA CYS B 1387 29.22 -19.83 73.59
C CYS B 1387 27.92 -20.12 74.33
N THR B 1388 26.81 -19.58 73.84
CA THR B 1388 25.51 -19.86 74.46
C THR B 1388 25.16 -21.34 74.34
N SER B 1389 25.45 -21.94 73.19
CA SER B 1389 25.18 -23.36 73.01
C SER B 1389 25.98 -24.21 74.00
N LEU B 1390 27.19 -23.77 74.33
CA LEU B 1390 28.07 -24.60 75.15
C LEU B 1390 27.48 -24.86 76.53
N LEU B 1391 27.03 -23.82 77.22
CA LEU B 1391 26.59 -23.94 78.60
C LEU B 1391 25.23 -23.28 78.77
N PRO B 1392 24.35 -23.86 79.62
CA PRO B 1392 23.06 -23.23 79.86
C PRO B 1392 23.08 -22.30 81.08
N LEU B 1393 22.09 -21.41 81.17
CA LEU B 1393 21.97 -20.57 82.36
C LEU B 1393 21.46 -21.36 83.55
N GLU B 1394 20.76 -22.47 83.31
CA GLU B 1394 20.11 -23.19 84.39
C GLU B 1394 21.14 -23.85 85.31
N ASP B 1395 22.12 -24.54 84.72
CA ASP B 1395 23.15 -25.17 85.54
C ASP B 1395 23.98 -24.13 86.28
N VAL B 1396 24.28 -23.01 85.62
CA VAL B 1396 25.02 -21.93 86.27
C VAL B 1396 24.24 -21.40 87.47
N VAL B 1397 22.92 -21.23 87.31
CA VAL B 1397 22.10 -20.77 88.41
C VAL B 1397 22.07 -21.81 89.52
N SER B 1398 22.03 -23.09 89.16
CA SER B 1398 22.05 -24.14 90.17
C SER B 1398 23.30 -24.06 91.01
N VAL B 1399 24.46 -23.96 90.37
CA VAL B 1399 25.72 -23.87 91.14
C VAL B 1399 25.77 -22.56 91.92
N VAL B 1400 25.23 -21.47 91.35
CA VAL B 1400 25.25 -20.18 92.02
C VAL B 1400 24.44 -20.25 93.32
N THR B 1401 23.25 -20.84 93.25
CA THR B 1401 22.39 -20.98 94.42
C THR B 1401 22.82 -22.11 95.34
N HIS B 1402 23.73 -22.97 94.90
CA HIS B 1402 24.24 -24.03 95.76
C HIS B 1402 24.89 -23.43 97.00
N GLU B 1403 24.69 -24.09 98.15
CA GLU B 1403 25.29 -23.61 99.38
C GLU B 1403 26.80 -23.59 99.28
N ASP B 1404 27.40 -24.61 98.66
CA ASP B 1404 28.84 -24.70 98.50
C ASP B 1404 29.22 -24.03 97.19
N CYS B 1405 29.74 -22.80 97.30
CA CYS B 1405 30.19 -22.06 96.12
C CYS B 1405 31.21 -21.03 96.56
N ILE B 1406 32.05 -20.62 95.60
CA ILE B 1406 33.08 -19.63 95.82
C ILE B 1406 32.60 -18.29 95.27
N THR B 1407 32.99 -17.20 95.91
CA THR B 1407 32.62 -15.89 95.39
C THR B 1407 33.34 -15.60 94.09
N GLU B 1408 34.57 -16.09 93.93
CA GLU B 1408 35.25 -15.97 92.65
C GLU B 1408 34.55 -16.79 91.57
N VAL B 1409 34.06 -17.97 91.92
CA VAL B 1409 33.30 -18.78 90.96
C VAL B 1409 32.02 -18.04 90.57
N LYS B 1410 31.36 -17.42 91.55
CA LYS B 1410 30.17 -16.63 91.23
C LYS B 1410 30.53 -15.44 90.34
N MET B 1411 31.70 -14.84 90.56
CA MET B 1411 32.16 -13.77 89.68
C MET B 1411 32.31 -14.29 88.26
N ALA B 1412 32.95 -15.44 88.10
CA ALA B 1412 33.13 -16.02 86.77
C ALA B 1412 31.79 -16.28 86.11
N TYR B 1413 30.83 -16.82 86.88
CA TYR B 1413 29.52 -17.15 86.31
C TYR B 1413 28.73 -15.90 85.95
N VAL B 1414 28.79 -14.87 86.79
CA VAL B 1414 28.09 -13.63 86.49
C VAL B 1414 28.67 -12.97 85.24
N ASN B 1415 30.00 -12.98 85.12
CA ASN B 1415 30.63 -12.46 83.91
C ASN B 1415 30.26 -13.30 82.70
N PHE B 1416 30.14 -14.61 82.88
CA PHE B 1416 29.73 -15.50 81.80
C PHE B 1416 28.33 -15.16 81.32
N VAL B 1417 27.41 -14.89 82.26
CA VAL B 1417 26.07 -14.45 81.87
C VAL B 1417 26.13 -13.08 81.20
N ASN B 1418 26.99 -12.20 81.71
CA ASN B 1418 27.09 -10.85 81.16
C ASN B 1418 27.51 -10.87 79.70
N HIS B 1419 28.47 -11.72 79.35
CA HIS B 1419 29.01 -11.76 78.01
C HIS B 1419 28.26 -12.71 77.08
N CYS B 1420 27.99 -13.94 77.54
CA CYS B 1420 27.37 -14.93 76.67
C CYS B 1420 25.91 -14.62 76.40
N TYR B 1421 25.22 -14.00 77.36
CA TYR B 1421 23.79 -13.76 77.26
C TYR B 1421 23.43 -12.28 77.25
N VAL B 1422 23.89 -11.51 78.25
CA VAL B 1422 23.52 -10.10 78.32
C VAL B 1422 24.12 -9.33 77.14
N ASP B 1423 25.32 -9.72 76.72
CA ASP B 1423 26.03 -9.03 75.64
C ASP B 1423 25.71 -9.59 74.26
N THR B 1424 24.74 -10.50 74.15
CA THR B 1424 24.46 -11.14 72.88
C THR B 1424 24.13 -10.09 71.82
N GLU B 1425 24.77 -10.23 70.65
CA GLU B 1425 24.37 -9.44 69.49
C GLU B 1425 22.97 -9.82 69.04
N VAL B 1426 22.65 -11.11 69.07
CA VAL B 1426 21.32 -11.58 68.69
C VAL B 1426 20.37 -11.45 69.88
N GLU B 1427 19.08 -11.39 69.57
CA GLU B 1427 18.04 -11.38 70.59
C GLU B 1427 17.68 -12.81 70.96
N MET B 1428 17.93 -13.17 72.22
CA MET B 1428 17.67 -14.52 72.71
C MET B 1428 16.54 -14.44 73.73
N LYS B 1429 15.41 -15.05 73.40
CA LYS B 1429 14.22 -14.93 74.24
C LYS B 1429 14.26 -15.85 75.45
N GLU B 1430 15.17 -16.83 75.48
CA GLU B 1430 15.26 -17.71 76.65
C GLU B 1430 15.65 -16.92 77.89
N ILE B 1431 16.58 -15.97 77.75
CA ILE B 1431 17.00 -15.18 78.91
C ILE B 1431 15.80 -14.45 79.51
N TYR B 1432 14.92 -13.93 78.65
CA TYR B 1432 13.85 -13.06 79.13
C TYR B 1432 12.61 -13.84 79.53
N THR B 1433 12.46 -15.07 79.04
CA THR B 1433 11.44 -15.98 79.54
C THR B 1433 11.93 -16.79 80.72
N SER B 1434 13.20 -16.70 81.06
CA SER B 1434 13.81 -17.44 82.15
C SER B 1434 13.59 -16.71 83.47
N ASN B 1435 13.09 -17.43 84.47
CA ASN B 1435 13.09 -16.92 85.84
C ASN B 1435 14.46 -17.02 86.48
N HIS B 1436 15.43 -17.64 85.78
CA HIS B 1436 16.78 -17.73 86.31
C HIS B 1436 17.38 -16.35 86.54
N ILE B 1437 16.98 -15.35 85.76
CA ILE B 1437 17.50 -14.01 85.95
C ILE B 1437 17.08 -13.46 87.30
N TRP B 1438 15.82 -13.69 87.68
CA TRP B 1438 15.35 -13.20 88.97
C TRP B 1438 15.87 -14.06 90.12
N THR B 1439 16.13 -15.34 89.86
CA THR B 1439 16.85 -16.13 90.86
C THR B 1439 18.24 -15.56 91.11
N LEU B 1440 18.94 -15.20 90.03
CA LEU B 1440 20.25 -14.57 90.19
C LEU B 1440 20.13 -13.21 90.85
N PHE B 1441 19.01 -12.51 90.64
CA PHE B 1441 18.78 -11.24 91.33
C PHE B 1441 18.56 -11.47 92.82
N GLU B 1442 17.88 -12.57 93.18
CA GLU B 1442 17.77 -12.94 94.58
C GLU B 1442 19.15 -13.20 95.18
N ASN B 1443 19.99 -13.92 94.44
CA ASN B 1443 21.36 -14.13 94.89
C ASN B 1443 22.11 -12.81 95.02
N PHE B 1444 21.87 -11.89 94.10
CA PHE B 1444 22.50 -10.57 94.17
C PHE B 1444 22.05 -9.82 95.42
N THR B 1445 20.76 -9.89 95.74
CA THR B 1445 20.28 -9.27 96.97
C THR B 1445 20.95 -9.90 98.19
N LEU B 1446 21.07 -11.23 98.20
CA LEU B 1446 21.73 -11.90 99.32
C LEU B 1446 23.18 -11.45 99.45
N ASP B 1447 23.89 -11.33 98.32
CA ASP B 1447 25.29 -10.93 98.36
C ASP B 1447 25.44 -9.48 98.83
N MET B 1448 24.57 -8.59 98.34
CA MET B 1448 24.61 -7.20 98.79
C MET B 1448 24.32 -7.11 100.28
N ALA B 1449 23.34 -7.88 100.76
CA ALA B 1449 23.06 -7.91 102.19
C ALA B 1449 24.25 -8.44 102.96
N ARG B 1450 24.93 -9.45 102.43
CA ARG B 1450 26.12 -9.98 103.08
C ARG B 1450 27.20 -8.90 103.19
N VAL B 1451 27.44 -8.17 102.11
CA VAL B 1451 28.47 -7.13 102.12
C VAL B 1451 28.10 -6.05 103.13
N CYS B 1452 26.85 -5.59 103.11
CA CYS B 1452 26.44 -4.51 103.99
C CYS B 1452 26.46 -4.94 105.45
N SER B 1453 26.05 -6.19 105.73
CA SER B 1453 26.12 -6.70 107.09
C SER B 1453 27.58 -6.86 107.53
N LYS B 1454 28.46 -7.17 106.58
CA LYS B 1454 29.89 -7.20 106.89
C LYS B 1454 30.38 -5.82 107.31
N ARG B 1455 29.97 -4.78 106.59
CA ARG B 1455 30.32 -3.42 106.98
C ARG B 1455 29.75 -3.10 108.36
N GLU B 1456 28.51 -3.52 108.62
CA GLU B 1456 27.91 -3.32 109.94
C GLU B 1456 28.73 -4.02 111.02
N LYS B 1457 29.25 -5.20 110.71
CA LYS B 1457 30.07 -5.97 111.64
C LYS B 1457 31.51 -5.47 111.73
N ARG B 1458 31.90 -4.54 110.85
CA ARG B 1458 33.22 -3.93 110.76
C ARG B 1458 34.24 -4.86 110.11
N VAL B 1459 33.83 -6.05 109.67
CA VAL B 1459 34.72 -6.98 108.98
C VAL B 1459 34.05 -7.39 107.67
N ALA B 1460 34.80 -7.29 106.57
CA ALA B 1460 34.26 -7.55 105.25
C ALA B 1460 35.30 -8.25 104.39
N ASP B 1461 34.82 -8.91 103.33
CA ASP B 1461 35.68 -9.66 102.42
C ASP B 1461 35.87 -8.88 101.12
N PRO B 1462 37.10 -8.50 100.79
CA PRO B 1462 37.31 -7.75 99.53
C PRO B 1462 36.84 -8.51 98.30
N THR B 1463 36.95 -9.84 98.31
CA THR B 1463 36.50 -10.61 97.16
C THR B 1463 34.99 -10.44 96.95
N LEU B 1464 34.21 -10.56 98.03
CA LEU B 1464 32.77 -10.36 97.91
C LEU B 1464 32.43 -8.94 97.51
N GLU B 1465 33.12 -7.97 98.12
CA GLU B 1465 32.86 -6.56 97.78
C GLU B 1465 33.11 -6.32 96.31
N LYS B 1466 34.24 -6.81 95.78
CA LYS B 1466 34.56 -6.59 94.38
C LYS B 1466 33.64 -7.39 93.47
N TYR B 1467 33.20 -8.56 93.92
CA TYR B 1467 32.21 -9.31 93.16
C TYR B 1467 30.96 -8.47 92.93
N VAL B 1468 30.38 -7.96 94.02
CA VAL B 1468 29.18 -7.14 93.90
C VAL B 1468 29.48 -5.87 93.09
N LEU B 1469 30.67 -5.30 93.27
CA LEU B 1469 30.98 -4.03 92.63
C LEU B 1469 31.17 -4.15 91.13
N SER B 1470 31.79 -5.23 90.66
CA SER B 1470 32.13 -5.35 89.25
C SER B 1470 31.11 -6.23 88.57
N VAL B 1471 30.98 -7.51 88.93
CA VAL B 1471 30.25 -8.42 88.07
C VAL B 1471 28.75 -8.23 88.25
N VAL B 1472 28.30 -8.20 89.51
CA VAL B 1472 26.88 -8.02 89.77
C VAL B 1472 26.40 -6.67 89.25
N LEU B 1473 27.18 -5.62 89.52
CA LEU B 1473 26.77 -4.29 89.12
C LEU B 1473 26.71 -4.16 87.60
N ASP B 1474 27.75 -4.62 86.90
CA ASP B 1474 27.75 -4.55 85.45
C ASP B 1474 26.63 -5.39 84.85
N THR B 1475 26.41 -6.59 85.38
CA THR B 1475 25.35 -7.44 84.84
C THR B 1475 23.99 -6.80 85.02
N ILE B 1476 23.71 -6.26 86.21
CA ILE B 1476 22.41 -5.64 86.47
C ILE B 1476 22.23 -4.41 85.58
N ASN B 1477 23.26 -3.57 85.48
CA ASN B 1477 23.14 -2.37 84.68
C ASN B 1477 22.91 -2.70 83.21
N ALA B 1478 23.68 -3.67 82.68
CA ALA B 1478 23.51 -4.06 81.29
C ALA B 1478 22.14 -4.68 81.06
N PHE B 1479 21.67 -5.51 82.00
CA PHE B 1479 20.35 -6.12 81.85
C PHE B 1479 19.26 -5.07 81.79
N PHE B 1480 19.32 -4.07 82.68
CA PHE B 1480 18.30 -3.03 82.66
C PHE B 1480 18.43 -2.14 81.44
N SER B 1481 19.66 -1.92 80.95
CA SER B 1481 19.85 -1.06 79.79
C SER B 1481 19.42 -1.75 78.50
N SER B 1482 19.52 -3.07 78.46
CA SER B 1482 19.25 -3.79 77.23
C SER B 1482 17.79 -3.62 76.83
N PRO B 1483 17.51 -3.12 75.62
CA PRO B 1483 16.10 -3.11 75.16
C PRO B 1483 15.51 -4.50 75.08
N PHE B 1484 16.34 -5.51 74.81
CA PHE B 1484 15.84 -6.88 74.73
C PHE B 1484 15.29 -7.33 76.08
N SER B 1485 15.96 -6.94 77.17
CA SER B 1485 15.45 -7.27 78.50
C SER B 1485 14.09 -6.65 78.76
N GLU B 1486 13.84 -5.47 78.18
CA GLU B 1486 12.57 -4.80 78.40
C GLU B 1486 11.39 -5.62 77.87
N ASN B 1487 11.66 -6.59 76.98
CA ASN B 1487 10.59 -7.43 76.47
C ASN B 1487 9.92 -8.20 77.59
N SER B 1488 10.70 -8.73 78.53
CA SER B 1488 10.14 -9.47 79.65
C SER B 1488 9.32 -8.54 80.54
N THR B 1489 8.09 -8.96 80.83
CA THR B 1489 7.21 -8.21 81.73
C THR B 1489 7.08 -8.87 83.10
N SER B 1490 7.94 -9.85 83.40
CA SER B 1490 7.88 -10.52 84.69
C SER B 1490 8.40 -9.66 85.83
N LEU B 1491 8.96 -8.48 85.54
CA LEU B 1491 9.35 -7.58 86.61
C LEU B 1491 8.15 -7.20 87.47
N GLN B 1492 7.00 -6.94 86.85
CA GLN B 1492 5.79 -6.62 87.60
C GLN B 1492 5.34 -7.81 88.46
N THR B 1493 5.45 -9.03 87.92
CA THR B 1493 5.07 -10.21 88.69
C THR B 1493 5.99 -10.37 89.90
N HIS B 1494 7.27 -10.10 89.72
CA HIS B 1494 8.27 -10.15 90.79
C HIS B 1494 8.52 -8.74 91.33
N GLN B 1495 7.46 -7.93 91.35
CA GLN B 1495 7.54 -6.56 91.85
C GLN B 1495 8.30 -6.47 93.17
N THR B 1496 8.05 -7.41 94.09
CA THR B 1496 8.78 -7.40 95.36
C THR B 1496 10.26 -7.66 95.14
N ILE B 1497 10.61 -8.52 94.19
CA ILE B 1497 12.00 -8.88 93.97
C ILE B 1497 12.80 -7.68 93.46
N VAL B 1498 12.23 -6.95 92.51
CA VAL B 1498 12.95 -5.80 91.96
C VAL B 1498 13.10 -4.71 93.01
N VAL B 1499 12.06 -4.52 93.84
CA VAL B 1499 12.13 -3.51 94.90
C VAL B 1499 13.17 -3.93 95.94
N GLN B 1500 13.29 -5.23 96.20
CA GLN B 1500 14.29 -5.70 97.16
C GLN B 1500 15.70 -5.57 96.58
N LEU B 1501 15.84 -5.78 95.27
CA LEU B 1501 17.12 -5.51 94.62
C LEU B 1501 17.48 -4.04 94.75
N LEU B 1502 16.50 -3.16 94.55
CA LEU B 1502 16.72 -1.74 94.78
C LEU B 1502 17.12 -1.47 96.22
N GLN B 1503 16.49 -2.17 97.17
CA GLN B 1503 16.82 -1.97 98.58
C GLN B 1503 18.25 -2.38 98.87
N SER B 1504 18.70 -3.50 98.30
CA SER B 1504 20.07 -3.95 98.52
C SER B 1504 21.06 -2.98 97.90
N THR B 1505 20.80 -2.53 96.67
CA THR B 1505 21.67 -1.53 96.05
C THR B 1505 21.66 -0.23 96.86
N THR B 1506 20.50 0.11 97.42
CA THR B 1506 20.39 1.27 98.30
C THR B 1506 21.27 1.12 99.53
N ARG B 1507 21.25 -0.06 100.14
CA ARG B 1507 22.09 -0.31 101.31
C ARG B 1507 23.56 -0.16 100.96
N LEU B 1508 23.98 -0.75 99.84
CA LEU B 1508 25.37 -0.64 99.42
C LEU B 1508 25.75 0.81 99.13
N LEU B 1509 24.88 1.56 98.45
CA LEU B 1509 25.16 2.96 98.18
C LEU B 1509 25.25 3.77 99.48
N GLU B 1510 24.36 3.47 100.43
CA GLU B 1510 24.35 4.18 101.70
C GLU B 1510 25.64 3.95 102.46
N CYS B 1511 26.17 2.72 102.41
CA CYS B 1511 27.41 2.44 103.12
C CYS B 1511 28.50 3.39 102.66
N PRO B 1512 29.20 4.09 103.56
CA PRO B 1512 30.15 5.12 103.11
C PRO B 1512 31.44 4.58 102.54
N TRP B 1513 31.82 3.34 102.89
CA TRP B 1513 33.07 2.79 102.39
C TRP B 1513 33.13 2.80 100.87
N LEU B 1514 31.98 2.71 100.22
CA LEU B 1514 31.92 2.64 98.76
C LEU B 1514 32.73 3.75 98.13
N GLN B 1515 33.69 3.38 97.28
CA GLN B 1515 34.55 4.34 96.61
C GLN B 1515 33.70 5.31 95.79
N GLN B 1516 34.34 6.37 95.29
CA GLN B 1516 33.63 7.33 94.46
C GLN B 1516 33.34 6.77 93.07
N GLN B 1517 34.31 6.08 92.48
CA GLN B 1517 34.07 5.44 91.19
C GLN B 1517 33.03 4.33 91.32
N HIS B 1518 33.13 3.53 92.38
CA HIS B 1518 32.13 2.50 92.63
C HIS B 1518 30.76 3.13 92.86
N LYS B 1519 30.72 4.27 93.55
CA LYS B 1519 29.46 4.97 93.77
C LYS B 1519 28.88 5.47 92.46
N GLY B 1520 29.73 5.96 91.55
CA GLY B 1520 29.25 6.36 90.24
C GLY B 1520 28.66 5.20 89.46
N SER B 1521 29.35 4.06 89.47
CA SER B 1521 28.80 2.88 88.80
C SER B 1521 27.49 2.44 89.44
N VAL B 1522 27.41 2.46 90.77
CA VAL B 1522 26.19 2.10 91.47
C VAL B 1522 25.08 3.07 91.12
N GLU B 1523 25.41 4.36 90.96
CA GLU B 1523 24.41 5.34 90.60
C GLU B 1523 23.88 5.12 89.19
N ALA B 1524 24.76 4.75 88.26
CA ALA B 1524 24.29 4.42 86.91
C ALA B 1524 23.37 3.20 86.95
N CYS B 1525 23.77 2.17 87.70
CA CYS B 1525 22.92 0.99 87.81
C CYS B 1525 21.59 1.33 88.45
N ILE B 1526 21.60 2.19 89.46
CA ILE B 1526 20.37 2.60 90.13
C ILE B 1526 19.50 3.41 89.18
N ARG B 1527 20.11 4.22 88.32
CA ARG B 1527 19.34 4.97 87.33
C ARG B 1527 18.62 4.02 86.38
N THR B 1528 19.33 3.01 85.88
CA THR B 1528 18.68 2.04 85.01
C THR B 1528 17.57 1.29 85.76
N LEU B 1529 17.86 0.89 87.00
CA LEU B 1529 16.85 0.24 87.83
C LEU B 1529 15.63 1.15 88.00
N ALA B 1530 15.85 2.46 88.07
CA ALA B 1530 14.74 3.39 88.26
C ALA B 1530 13.91 3.51 86.99
N MET B 1531 14.55 3.63 85.83
CA MET B 1531 13.78 3.63 84.59
C MET B 1531 12.93 2.36 84.48
N VAL B 1532 13.48 1.22 84.92
CA VAL B 1532 12.66 0.02 84.98
C VAL B 1532 11.56 0.16 86.03
N ALA B 1533 11.87 0.85 87.13
CA ALA B 1533 10.98 0.86 88.29
C ALA B 1533 9.78 1.77 88.09
N LYS B 1534 9.84 2.67 87.11
CA LYS B 1534 8.74 3.63 86.93
C LYS B 1534 7.40 2.91 86.76
N GLY B 1535 7.37 1.85 85.96
CA GLY B 1535 6.10 1.26 85.57
C GLY B 1535 5.98 -0.26 85.73
N ARG B 1536 6.57 -0.83 86.77
CA ARG B 1536 6.56 -2.28 86.95
C ARG B 1536 5.84 -2.67 88.24
N ALA B 1537 4.65 -2.08 88.46
CA ALA B 1537 3.76 -2.51 89.54
C ALA B 1537 4.48 -2.58 90.87
N ILE B 1538 5.26 -1.55 91.18
CA ILE B 1538 5.99 -1.44 92.44
C ILE B 1538 5.72 -0.07 93.04
N LEU B 1539 5.42 -0.04 94.33
CA LEU B 1539 5.28 1.19 95.09
C LEU B 1539 6.44 1.28 96.08
N LEU B 1540 7.26 2.31 95.93
CA LEU B 1540 8.41 2.46 96.80
C LEU B 1540 7.95 2.65 98.24
N PRO B 1541 8.62 2.04 99.22
CA PRO B 1541 8.37 2.42 100.62
C PRO B 1541 8.67 3.89 100.81
N MET B 1542 8.08 4.49 101.84
CA MET B 1542 8.25 5.93 102.00
C MET B 1542 9.68 6.30 102.38
N ASP B 1543 10.31 5.53 103.28
CA ASP B 1543 11.69 5.80 103.65
C ASP B 1543 12.64 5.55 102.48
N LEU B 1544 12.45 4.43 101.77
CA LEU B 1544 13.28 4.14 100.61
C LEU B 1544 13.08 5.20 99.53
N ASP B 1545 11.88 5.75 99.43
CA ASP B 1545 11.61 6.79 98.44
C ASP B 1545 12.24 8.10 98.85
N ALA B 1546 12.31 8.38 100.15
CA ALA B 1546 13.05 9.54 100.62
C ALA B 1546 14.53 9.41 100.27
N HIS B 1547 15.10 8.22 100.49
CA HIS B 1547 16.49 8.02 100.10
C HIS B 1547 16.66 8.11 98.59
N ILE B 1548 15.66 7.65 97.83
CA ILE B 1548 15.72 7.73 96.38
C ILE B 1548 15.68 9.19 95.93
N SER B 1549 14.92 10.03 96.65
CA SER B 1549 14.94 11.46 96.38
C SER B 1549 16.33 12.03 96.66
N SER B 1550 16.95 11.60 97.75
CA SER B 1550 18.33 12.02 98.01
C SER B 1550 19.26 11.57 96.90
N MET B 1551 19.08 10.34 96.41
CA MET B 1551 19.90 9.82 95.32
C MET B 1551 19.71 10.64 94.06
N LEU B 1552 18.46 11.00 93.75
CA LEU B 1552 18.19 11.81 92.57
C LEU B 1552 18.81 13.19 92.71
N SER B 1553 18.76 13.77 93.91
CA SER B 1553 19.43 15.05 94.15
C SER B 1553 20.92 14.92 93.94
N SER B 1554 21.52 13.84 94.42
CA SER B 1554 22.96 13.62 94.22
C SER B 1554 23.28 13.50 92.74
N GLY B 1555 22.46 12.75 91.99
CA GLY B 1555 22.69 12.64 90.56
C GLY B 1555 22.57 13.97 89.85
N ALA B 1556 21.59 14.78 90.25
CA ALA B 1556 21.47 16.12 89.69
C ALA B 1556 22.70 16.96 89.99
N SER B 1557 23.21 16.86 91.22
CA SER B 1557 24.41 17.59 91.61
C SER B 1557 25.66 16.98 90.99
N TRP B 1586 78.96 21.45 82.56
CA TRP B 1586 78.22 20.65 81.60
C TRP B 1586 76.76 20.48 82.01
N ASP B 1587 75.88 21.22 81.35
CA ASP B 1587 74.45 21.17 81.64
C ASP B 1587 73.81 20.04 80.83
N TYR B 1588 73.34 19.01 81.52
CA TYR B 1588 72.78 17.84 80.85
C TYR B 1588 71.60 18.21 79.96
N LYS B 1589 70.62 18.92 80.55
CA LYS B 1589 69.42 19.26 79.80
C LYS B 1589 69.73 20.25 78.68
N ASN B 1590 70.66 21.17 78.92
CA ASN B 1590 71.06 22.10 77.87
C ASN B 1590 71.67 21.36 76.69
N ILE B 1591 72.56 20.40 76.95
CA ILE B 1591 73.16 19.63 75.87
C ILE B 1591 72.08 18.85 75.12
N ILE B 1592 71.15 18.23 75.85
CA ILE B 1592 70.09 17.48 75.19
C ILE B 1592 69.27 18.40 74.28
N GLU B 1593 68.92 19.59 74.79
CA GLU B 1593 68.11 20.52 74.01
C GLU B 1593 68.86 20.97 72.77
N LYS B 1594 70.15 21.27 72.90
CA LYS B 1594 70.91 21.71 71.74
C LYS B 1594 71.01 20.59 70.70
N LEU B 1595 71.21 19.35 71.15
CA LEU B 1595 71.25 18.23 70.21
C LEU B 1595 69.93 18.11 69.46
N GLN B 1596 68.81 18.19 70.18
CA GLN B 1596 67.52 18.07 69.52
C GLN B 1596 67.31 19.22 68.53
N ASP B 1597 67.67 20.44 68.92
CA ASP B 1597 67.48 21.60 68.06
C ASP B 1597 68.30 21.47 66.78
N ILE B 1598 69.57 21.05 66.90
CA ILE B 1598 70.40 20.90 65.72
C ILE B 1598 69.86 19.77 64.85
N ILE B 1599 69.34 18.71 65.47
CA ILE B 1599 68.76 17.62 64.68
C ILE B 1599 67.61 18.14 63.83
N THR B 1600 66.68 18.87 64.44
CA THR B 1600 65.52 19.34 63.69
C THR B 1600 65.94 20.33 62.61
N ALA B 1601 66.86 21.24 62.93
CA ALA B 1601 67.29 22.22 61.94
C ALA B 1601 67.99 21.56 60.76
N LEU B 1602 68.85 20.59 61.03
CA LEU B 1602 69.54 19.89 59.95
C LEU B 1602 68.57 19.07 59.12
N GLU B 1603 67.55 18.49 59.75
CA GLU B 1603 66.52 17.79 58.99
C GLU B 1603 65.82 18.75 58.04
N GLU B 1604 65.44 19.92 58.54
CA GLU B 1604 64.80 20.91 57.67
C GLU B 1604 65.72 21.29 56.51
N ARG B 1605 67.01 21.48 56.80
CA ARG B 1605 67.93 21.89 55.75
C ARG B 1605 68.10 20.80 54.70
N LEU B 1606 68.25 19.54 55.12
CA LEU B 1606 68.55 18.44 54.22
C LEU B 1606 67.31 17.81 53.59
N LYS B 1607 66.11 18.26 53.94
CA LYS B 1607 64.91 17.68 53.32
C LYS B 1607 65.00 17.62 51.80
N PRO B 1608 65.27 18.72 51.08
CA PRO B 1608 65.24 18.63 49.60
C PRO B 1608 66.28 17.68 49.02
N LEU B 1609 67.46 17.60 49.63
CA LEU B 1609 68.53 16.79 49.06
C LEU B 1609 68.17 15.32 49.07
N VAL B 1610 67.32 14.90 50.02
CA VAL B 1610 66.91 13.50 50.07
C VAL B 1610 66.13 13.13 48.82
N GLN B 1611 65.19 13.99 48.41
CA GLN B 1611 64.44 13.74 47.18
C GLN B 1611 65.33 13.88 45.96
N ALA B 1612 66.25 14.85 45.98
CA ALA B 1612 67.15 15.04 44.85
C ALA B 1612 67.99 13.79 44.61
N GLU B 1613 68.48 13.16 45.68
CA GLU B 1613 69.26 11.94 45.54
C GLU B 1613 68.41 10.81 44.97
N LEU B 1614 67.16 10.68 45.46
CA LEU B 1614 66.30 9.61 44.98
C LEU B 1614 66.01 9.76 43.49
N SER B 1615 65.91 10.99 43.00
CA SER B 1615 65.65 11.19 41.57
C SER B 1615 66.71 10.48 40.71
N VAL B 1616 67.93 10.39 41.22
CA VAL B 1616 69.01 9.79 40.43
C VAL B 1616 68.76 8.30 40.23
N LEU B 1617 68.16 7.63 41.22
CA LEU B 1617 67.80 6.23 41.04
C LEU B 1617 66.82 6.06 39.90
N VAL B 1618 65.81 6.93 39.83
CA VAL B 1618 64.85 6.86 38.74
C VAL B 1618 65.55 7.08 37.40
N ASP B 1619 66.47 8.04 37.35
CA ASP B 1619 67.19 8.30 36.09
C ASP B 1619 68.02 7.09 35.69
N VAL B 1620 68.70 6.47 36.65
CA VAL B 1620 69.52 5.29 36.34
C VAL B 1620 68.65 4.15 35.84
N LEU B 1621 67.51 3.92 36.51
CA LEU B 1621 66.59 2.87 36.06
C LEU B 1621 66.07 3.17 34.66
N HIS B 1622 65.84 4.45 34.35
CA HIS B 1622 65.41 4.82 33.01
C HIS B 1622 66.48 4.50 31.96
N TRP B 1623 67.73 4.86 32.25
CA TRP B 1623 68.83 4.69 31.29
C TRP B 1623 69.95 3.88 31.94
N PRO B 1624 69.80 2.56 31.99
CA PRO B 1624 70.86 1.72 32.56
C PRO B 1624 72.07 1.54 31.65
N GLU B 1625 71.91 1.70 30.33
CA GLU B 1625 73.02 1.46 29.42
C GLU B 1625 74.12 2.51 29.59
N LEU B 1626 73.78 3.68 30.16
CA LEU B 1626 74.77 4.75 30.26
C LEU B 1626 75.93 4.34 31.17
N LEU B 1627 75.65 3.53 32.20
CA LEU B 1627 76.69 3.12 33.13
C LEU B 1627 77.76 2.28 32.44
N PHE B 1628 77.33 1.34 31.61
CA PHE B 1628 78.26 0.35 31.05
C PHE B 1628 78.90 0.87 29.77
N LEU B 1629 80.03 0.25 29.42
CA LEU B 1629 80.79 0.64 28.24
C LEU B 1629 80.07 0.19 26.97
N GLU B 1630 80.32 0.93 25.89
CA GLU B 1630 79.63 0.64 24.63
C GLU B 1630 80.18 -0.61 23.96
N GLY B 1631 79.30 -1.34 23.28
CA GLY B 1631 79.68 -2.52 22.54
C GLY B 1631 79.73 -3.80 23.35
N SER B 1632 79.47 -3.73 24.66
CA SER B 1632 79.56 -4.91 25.51
C SER B 1632 78.22 -5.63 25.57
N GLU B 1633 78.27 -6.87 26.07
CA GLU B 1633 77.05 -7.62 26.29
C GLU B 1633 76.12 -6.87 27.24
N ALA B 1634 76.68 -6.27 28.28
CA ALA B 1634 75.87 -5.51 29.23
C ALA B 1634 75.19 -4.33 28.54
N TYR B 1635 75.94 -3.61 27.69
CA TYR B 1635 75.33 -2.48 26.99
C TYR B 1635 74.22 -2.95 26.06
N GLN B 1636 74.46 -4.04 25.32
CA GLN B 1636 73.41 -4.54 24.44
C GLN B 1636 72.16 -4.90 25.23
N ARG B 1637 72.32 -5.65 26.31
CA ARG B 1637 71.18 -6.11 27.10
C ARG B 1637 70.44 -4.93 27.72
N CYS B 1638 71.18 -3.94 28.23
CA CYS B 1638 70.55 -2.80 28.88
C CYS B 1638 69.81 -1.92 27.88
N GLU B 1639 70.45 -1.63 26.74
CA GLU B 1639 69.82 -0.77 25.74
C GLU B 1639 68.58 -1.45 25.15
N SER B 1640 68.64 -2.77 24.92
CA SER B 1640 67.48 -3.47 24.40
C SER B 1640 66.29 -3.38 25.36
N GLY B 1641 66.55 -3.17 26.64
CA GLY B 1641 65.49 -3.13 27.64
C GLY B 1641 65.57 -4.32 28.56
N GLY B 1642 66.72 -5.00 28.58
CA GLY B 1642 66.85 -6.20 29.39
C GLY B 1642 66.78 -5.92 30.88
N PHE B 1643 67.32 -4.77 31.30
CA PHE B 1643 67.40 -4.50 32.74
C PHE B 1643 66.03 -4.23 33.34
N LEU B 1644 65.23 -3.38 32.70
CA LEU B 1644 63.89 -3.12 33.21
C LEU B 1644 63.03 -4.38 33.16
N SER B 1645 63.15 -5.16 32.09
CA SER B 1645 62.42 -6.42 32.00
C SER B 1645 62.82 -7.36 33.13
N LYS B 1646 64.12 -7.43 33.42
CA LYS B 1646 64.59 -8.28 34.52
C LYS B 1646 64.03 -7.82 35.85
N LEU B 1647 64.04 -6.50 36.10
CA LEU B 1647 63.48 -5.99 37.36
C LEU B 1647 62.00 -6.33 37.47
N ILE B 1648 61.23 -6.11 36.41
CA ILE B 1648 59.80 -6.36 36.46
C ILE B 1648 59.52 -7.85 36.65
N GLN B 1649 60.28 -8.70 35.97
CA GLN B 1649 60.11 -10.14 36.12
C GLN B 1649 60.44 -10.58 37.54
N HIS B 1650 61.53 -10.04 38.10
CA HIS B 1650 61.98 -10.49 39.42
C HIS B 1650 61.05 -9.99 40.51
N THR B 1651 60.37 -8.86 40.29
CA THR B 1651 59.44 -8.37 41.30
C THR B 1651 58.35 -9.40 41.58
N LYS B 1652 57.82 -10.03 40.52
CA LYS B 1652 56.80 -11.05 40.70
C LYS B 1652 57.31 -12.21 41.54
N ASP B 1653 58.53 -12.68 41.25
CA ASP B 1653 59.04 -13.85 41.96
C ASP B 1653 59.40 -13.52 43.40
N LEU B 1654 59.83 -12.28 43.66
CA LEU B 1654 60.23 -11.88 45.00
C LEU B 1654 59.08 -11.32 45.81
N MET B 1655 57.89 -11.17 45.22
CA MET B 1655 56.74 -10.70 45.98
C MET B 1655 56.50 -11.57 47.21
N GLU B 1656 56.42 -12.89 47.01
CA GLU B 1656 56.13 -13.79 48.12
C GLU B 1656 57.35 -13.95 49.02
N SER B 1657 58.54 -14.00 48.45
CA SER B 1657 59.74 -14.24 49.24
C SER B 1657 60.02 -13.08 50.20
N GLU B 1658 60.00 -11.85 49.69
CA GLU B 1658 60.18 -10.65 50.52
C GLU B 1658 59.20 -9.59 50.05
N GLU B 1659 58.33 -9.14 50.96
CA GLU B 1659 57.30 -8.17 50.59
C GLU B 1659 57.87 -6.77 50.48
N LYS B 1660 58.82 -6.42 51.35
CA LYS B 1660 59.32 -5.04 51.39
C LYS B 1660 60.03 -4.69 50.10
N LEU B 1661 60.86 -5.58 49.59
CA LEU B 1661 61.58 -5.30 48.34
C LEU B 1661 60.62 -5.16 47.17
N CYS B 1662 59.59 -6.02 47.12
CA CYS B 1662 58.60 -5.90 46.04
C CYS B 1662 57.88 -4.56 46.12
N ILE B 1663 57.50 -4.13 47.33
CA ILE B 1663 56.83 -2.84 47.48
C ILE B 1663 57.76 -1.72 47.03
N LYS B 1664 59.04 -1.80 47.41
CA LYS B 1664 59.99 -0.77 47.02
C LYS B 1664 60.14 -0.70 45.50
N VAL B 1665 60.23 -1.86 44.84
CA VAL B 1665 60.39 -1.88 43.39
C VAL B 1665 59.16 -1.32 42.71
N LEU B 1666 57.96 -1.68 43.20
CA LEU B 1666 56.74 -1.12 42.62
C LEU B 1666 56.69 0.39 42.79
N ARG B 1667 57.10 0.88 43.95
CA ARG B 1667 57.14 2.32 44.16
C ARG B 1667 58.10 2.99 43.18
N THR B 1668 59.27 2.39 42.97
CA THR B 1668 60.23 2.97 42.04
C THR B 1668 59.67 2.98 40.62
N LEU B 1669 58.99 1.90 40.21
CA LEU B 1669 58.38 1.88 38.89
C LEU B 1669 57.33 2.98 38.76
N GLN B 1670 56.54 3.19 39.81
CA GLN B 1670 55.57 4.29 39.79
C GLN B 1670 56.28 5.64 39.64
N GLN B 1671 57.39 5.82 40.38
CA GLN B 1671 58.14 7.07 40.28
C GLN B 1671 58.62 7.30 38.85
N MET B 1672 59.09 6.24 38.19
CA MET B 1672 59.55 6.39 36.81
C MET B 1672 58.44 6.96 35.94
N LEU B 1673 57.22 6.41 36.04
CA LEU B 1673 56.13 6.88 35.22
C LEU B 1673 55.70 8.30 35.59
N LEU B 1674 55.81 8.65 36.87
CA LEU B 1674 55.32 9.95 37.31
C LEU B 1674 56.11 11.08 36.65
N LYS B 1675 55.48 12.26 36.63
CA LYS B 1675 56.05 13.41 35.95
C LYS B 1675 57.20 14.02 36.76
N LYS B 1676 58.10 14.69 36.06
CA LYS B 1676 59.22 15.35 36.70
C LYS B 1676 58.74 16.59 37.46
N THR B 1677 59.41 16.88 38.58
CA THR B 1677 59.13 18.06 39.38
C THR B 1677 60.44 18.70 39.81
N LYS B 1678 60.50 20.04 39.73
CA LYS B 1678 61.70 20.75 40.13
C LYS B 1678 61.95 20.60 41.62
N TYR B 1679 63.22 20.57 42.01
CA TYR B 1679 63.63 20.33 43.39
C TYR B 1679 64.26 21.56 44.04
N GLY B 1680 64.02 22.74 43.51
CA GLY B 1680 64.65 23.95 44.01
C GLY B 1680 66.03 24.16 43.42
N ASP B 1681 66.63 25.31 43.75
CA ASP B 1681 67.94 25.65 43.19
C ASP B 1681 69.03 24.75 43.76
N ARG B 1682 69.04 24.59 45.09
CA ARG B 1682 70.07 23.76 45.72
C ARG B 1682 69.94 22.31 45.28
N GLY B 1683 68.72 21.77 45.32
CA GLY B 1683 68.51 20.41 44.86
C GLY B 1683 68.82 20.25 43.38
N ASN B 1684 68.56 21.29 42.58
CA ASN B 1684 68.88 21.22 41.16
C ASN B 1684 70.39 21.17 40.94
N GLN B 1685 71.15 21.96 41.70
CA GLN B 1685 72.60 21.88 41.61
C GLN B 1685 73.09 20.49 41.99
N LEU B 1686 72.57 19.94 43.09
CA LEU B 1686 72.98 18.61 43.51
C LEU B 1686 72.63 17.58 42.44
N ARG B 1687 71.43 17.67 41.87
CA ARG B 1687 71.00 16.72 40.85
C ARG B 1687 71.85 16.85 39.60
N LYS B 1688 72.18 18.08 39.19
CA LYS B 1688 73.03 18.28 38.02
C LYS B 1688 74.38 17.60 38.22
N MET B 1689 75.05 17.90 39.33
CA MET B 1689 76.36 17.32 39.58
C MET B 1689 76.28 15.80 39.68
N LEU B 1690 75.28 15.29 40.40
CA LEU B 1690 75.17 13.84 40.59
C LEU B 1690 74.89 13.15 39.26
N LEU B 1691 73.99 13.71 38.45
CA LEU B 1691 73.69 13.09 37.17
C LEU B 1691 74.91 13.09 36.26
N GLN B 1692 75.64 14.21 36.22
CA GLN B 1692 76.82 14.26 35.38
C GLN B 1692 77.87 13.23 35.82
N ASN B 1693 78.08 13.11 37.14
CA ASN B 1693 79.08 12.17 37.63
C ASN B 1693 78.65 10.73 37.38
N TYR B 1694 77.41 10.38 37.78
CA TYR B 1694 76.96 9.01 37.70
C TYR B 1694 76.81 8.54 36.25
N LEU B 1695 76.23 9.38 35.40
CA LEU B 1695 76.04 9.07 33.99
C LEU B 1695 76.72 10.16 33.16
N GLN B 1696 77.36 9.76 32.06
CA GLN B 1696 78.09 10.69 31.22
C GLN B 1696 77.26 11.94 30.91
N TRP B 1718 53.88 15.37 28.50
CA TRP B 1718 52.93 14.26 28.53
C TRP B 1718 53.32 13.19 27.52
N SER B 1719 53.95 13.62 26.42
CA SER B 1719 54.43 12.67 25.43
C SER B 1719 55.51 11.77 26.02
N ALA B 1720 56.40 12.34 26.84
CA ALA B 1720 57.41 11.52 27.50
C ALA B 1720 56.77 10.52 28.45
N ILE B 1721 55.72 10.94 29.17
CA ILE B 1721 55.01 10.03 30.05
C ILE B 1721 54.39 8.89 29.26
N ALA B 1722 53.78 9.20 28.13
CA ALA B 1722 53.19 8.16 27.28
C ALA B 1722 54.26 7.20 26.79
N ALA B 1723 55.41 7.73 26.37
CA ALA B 1723 56.50 6.87 25.90
C ALA B 1723 56.98 5.95 27.00
N THR B 1724 57.14 6.48 28.22
CA THR B 1724 57.58 5.65 29.34
C THR B 1724 56.53 4.58 29.64
N GLN B 1725 55.25 4.95 29.61
CA GLN B 1725 54.20 3.97 29.87
C GLN B 1725 54.23 2.84 28.84
N CYS B 1726 54.39 3.20 27.56
CA CYS B 1726 54.46 2.18 26.52
C CYS B 1726 55.68 1.30 26.70
N ARG B 1727 56.83 1.89 27.05
CA ARG B 1727 58.04 1.10 27.26
C ARG B 1727 57.86 0.11 28.40
N LEU B 1728 57.28 0.57 29.51
CA LEU B 1728 57.07 -0.33 30.65
C LEU B 1728 56.07 -1.42 30.30
N ASP B 1729 55.02 -1.08 29.54
CA ASP B 1729 54.08 -2.10 29.09
C ASP B 1729 54.79 -3.15 28.24
N LYS B 1730 55.69 -2.71 27.35
CA LYS B 1730 56.45 -3.65 26.54
C LYS B 1730 57.30 -4.55 27.43
N GLU B 1731 58.00 -3.97 28.41
CA GLU B 1731 58.80 -4.78 29.31
C GLU B 1731 57.94 -5.74 30.12
N GLY B 1732 56.68 -5.43 30.34
CA GLY B 1732 55.77 -6.30 31.04
C GLY B 1732 55.17 -5.75 32.32
N ALA B 1733 55.06 -4.42 32.47
CA ALA B 1733 54.50 -3.86 33.69
C ALA B 1733 53.04 -4.23 33.84
N THR B 1734 52.31 -4.33 32.73
CA THR B 1734 50.89 -4.70 32.81
C THR B 1734 50.71 -6.13 33.31
N LYS B 1735 51.54 -7.05 32.83
CA LYS B 1735 51.48 -8.42 33.32
C LYS B 1735 51.75 -8.47 34.81
N LEU B 1736 52.78 -7.75 35.27
CA LEU B 1736 53.08 -7.72 36.70
C LEU B 1736 51.91 -7.15 37.49
N VAL B 1737 51.32 -6.05 37.00
CA VAL B 1737 50.20 -5.44 37.71
C VAL B 1737 49.07 -6.44 37.85
N CYS B 1738 48.67 -7.06 36.73
CA CYS B 1738 47.55 -7.99 36.77
C CYS B 1738 47.83 -9.16 37.70
N ASP B 1739 49.02 -9.75 37.59
CA ASP B 1739 49.31 -10.95 38.38
C ASP B 1739 49.42 -10.62 39.86
N LEU B 1740 50.05 -9.50 40.20
CA LEU B 1740 50.13 -9.09 41.60
C LEU B 1740 48.73 -8.83 42.16
N ILE B 1741 47.90 -8.09 41.44
CA ILE B 1741 46.55 -7.82 41.95
C ILE B 1741 45.79 -9.12 42.11
N THR B 1742 46.00 -10.08 41.21
CA THR B 1742 45.23 -11.31 41.25
C THR B 1742 45.65 -12.21 42.41
N SER B 1743 46.96 -12.36 42.64
CA SER B 1743 47.47 -13.38 43.53
C SER B 1743 47.96 -12.88 44.88
N THR B 1744 48.35 -11.61 44.98
CA THR B 1744 48.96 -11.12 46.22
C THR B 1744 47.94 -11.13 47.36
N LYS B 1745 48.42 -11.52 48.55
CA LYS B 1745 47.62 -11.47 49.76
C LYS B 1745 47.99 -10.29 50.66
N ASN B 1746 48.82 -9.37 50.18
CA ASN B 1746 49.31 -8.26 50.99
C ASN B 1746 48.59 -6.98 50.57
N GLU B 1747 48.00 -6.29 51.56
CA GLU B 1747 47.26 -5.07 51.27
C GLU B 1747 48.17 -4.00 50.70
N LYS B 1748 49.38 -3.86 51.23
CA LYS B 1748 50.31 -2.87 50.70
C LYS B 1748 50.65 -3.17 49.25
N ILE B 1749 50.90 -4.44 48.93
CA ILE B 1749 51.24 -4.81 47.56
C ILE B 1749 50.07 -4.54 46.63
N PHE B 1750 48.84 -4.86 47.07
CA PHE B 1750 47.68 -4.58 46.23
C PHE B 1750 47.53 -3.09 45.98
N GLN B 1751 47.70 -2.27 47.03
CA GLN B 1751 47.59 -0.83 46.88
C GLN B 1751 48.63 -0.31 45.89
N GLU B 1752 49.88 -0.76 46.02
CA GLU B 1752 50.92 -0.28 45.12
C GLU B 1752 50.69 -0.76 43.70
N SER B 1753 50.19 -1.98 43.53
CA SER B 1753 49.89 -2.47 42.18
C SER B 1753 48.80 -1.66 41.53
N ILE B 1754 47.75 -1.34 42.28
CA ILE B 1754 46.67 -0.52 41.71
C ILE B 1754 47.18 0.88 41.41
N GLY B 1755 48.05 1.42 42.26
CA GLY B 1755 48.65 2.72 41.95
C GLY B 1755 49.48 2.68 40.68
N LEU B 1756 50.24 1.61 40.49
CA LEU B 1756 51.02 1.46 39.27
C LEU B 1756 50.11 1.37 38.05
N ALA B 1757 49.01 0.62 38.17
CA ALA B 1757 48.05 0.54 37.07
C ALA B 1757 47.47 1.90 36.74
N ILE B 1758 47.10 2.67 37.77
CA ILE B 1758 46.56 4.00 37.57
C ILE B 1758 47.56 4.89 36.86
N HIS B 1759 48.82 4.84 37.30
CA HIS B 1759 49.86 5.66 36.67
C HIS B 1759 50.09 5.25 35.22
N LEU B 1760 50.10 3.94 34.96
CA LEU B 1760 50.32 3.46 33.60
C LEU B 1760 49.19 3.91 32.68
N LEU B 1761 47.95 3.81 33.13
CA LEU B 1761 46.80 4.17 32.30
C LEU B 1761 46.46 5.65 32.37
N ASP B 1762 47.19 6.44 33.15
CA ASP B 1762 46.91 7.86 33.26
C ASP B 1762 46.99 8.52 31.88
N GLY B 1763 46.03 9.39 31.60
CA GLY B 1763 45.92 10.00 30.28
C GLY B 1763 45.19 9.15 29.27
N GLY B 1764 44.64 8.01 29.67
CA GLY B 1764 43.90 7.16 28.76
C GLY B 1764 44.75 6.61 27.64
N ASN B 1765 45.93 6.09 27.96
CA ASN B 1765 46.81 5.56 26.94
C ASN B 1765 46.17 4.37 26.24
N THR B 1766 45.89 4.53 24.95
CA THR B 1766 45.18 3.49 24.21
C THR B 1766 45.98 2.19 24.17
N GLU B 1767 47.30 2.29 24.00
CA GLU B 1767 48.13 1.09 23.96
C GLU B 1767 48.04 0.32 25.26
N ILE B 1768 48.12 1.02 26.40
CA ILE B 1768 48.06 0.35 27.69
C ILE B 1768 46.69 -0.26 27.92
N GLN B 1769 45.62 0.48 27.55
CA GLN B 1769 44.28 -0.07 27.70
C GLN B 1769 44.11 -1.32 26.86
N LYS B 1770 44.59 -1.30 25.61
CA LYS B 1770 44.50 -2.47 24.75
C LYS B 1770 45.30 -3.63 25.33
N SER B 1771 46.48 -3.34 25.89
CA SER B 1771 47.28 -4.40 26.51
C SER B 1771 46.53 -5.05 27.66
N PHE B 1772 45.90 -4.23 28.51
CA PHE B 1772 45.11 -4.78 29.61
C PHE B 1772 43.97 -5.64 29.09
N HIS B 1773 43.28 -5.16 28.05
CA HIS B 1773 42.16 -5.92 27.50
C HIS B 1773 42.64 -7.25 26.93
N ASN B 1774 43.76 -7.25 26.21
CA ASN B 1774 44.30 -8.48 25.66
C ASN B 1774 44.70 -9.45 26.77
N LEU B 1775 45.34 -8.93 27.82
CA LEU B 1775 45.70 -9.79 28.94
C LEU B 1775 44.46 -10.46 29.53
N MET B 1776 43.42 -9.67 29.79
CA MET B 1776 42.21 -10.25 30.38
C MET B 1776 41.57 -11.27 29.44
N MET B 1777 41.51 -10.96 28.15
CA MET B 1777 40.86 -11.86 27.21
C MET B 1777 41.61 -13.18 27.07
N SER B 1778 42.93 -13.11 26.83
CA SER B 1778 43.68 -14.32 26.57
C SER B 1778 43.90 -15.12 27.85
N ASP B 1779 44.28 -14.46 28.93
CA ASP B 1779 44.62 -15.16 30.16
C ASP B 1779 43.38 -15.79 30.78
N LYS B 1780 43.58 -16.96 31.40
CA LYS B 1780 42.50 -17.69 32.05
C LYS B 1780 42.25 -17.22 33.48
N LYS B 1781 43.06 -16.30 34.00
CA LYS B 1781 42.91 -15.77 35.35
C LYS B 1781 42.17 -14.44 35.36
N SER B 1782 41.63 -14.01 34.21
CA SER B 1782 40.78 -12.82 34.20
C SER B 1782 39.62 -12.97 35.17
N GLU B 1783 39.10 -14.18 35.30
CA GLU B 1783 38.07 -14.43 36.30
C GLU B 1783 38.59 -14.10 37.69
N ARG B 1784 39.83 -14.51 37.99
CA ARG B 1784 40.41 -14.21 39.30
C ARG B 1784 40.54 -12.70 39.51
N PHE B 1785 41.04 -11.99 38.49
CA PHE B 1785 41.19 -10.54 38.60
C PHE B 1785 39.86 -9.86 38.89
N PHE B 1786 38.86 -10.15 38.05
CA PHE B 1786 37.56 -9.50 38.20
C PHE B 1786 36.90 -9.92 39.51
N LYS B 1787 37.06 -11.17 39.91
CA LYS B 1787 36.50 -11.63 41.18
C LYS B 1787 37.12 -10.89 42.35
N VAL B 1788 38.45 -10.70 42.33
CA VAL B 1788 39.09 -9.97 43.41
C VAL B 1788 38.55 -8.55 43.50
N LEU B 1789 38.48 -7.87 42.35
CA LEU B 1789 37.97 -6.50 42.36
C LEU B 1789 36.53 -6.45 42.87
N HIS B 1790 35.68 -7.37 42.37
CA HIS B 1790 34.28 -7.38 42.76
C HIS B 1790 34.11 -7.67 44.24
N ASP B 1791 34.90 -8.61 44.78
CA ASP B 1791 34.82 -8.94 46.19
C ASP B 1791 35.24 -7.75 47.05
N ARG B 1792 36.30 -7.06 46.65
CA ARG B 1792 36.72 -5.88 47.41
C ARG B 1792 35.62 -4.82 47.38
N MET B 1793 34.99 -4.61 46.23
CA MET B 1793 33.91 -3.63 46.14
C MET B 1793 32.74 -4.03 47.04
N LYS B 1794 32.39 -5.32 47.06
CA LYS B 1794 31.32 -5.79 47.93
C LYS B 1794 31.66 -5.58 49.40
N ARG B 1795 32.91 -5.86 49.78
CA ARG B 1795 33.32 -5.64 51.16
C ARG B 1795 33.23 -4.16 51.54
N ALA B 1796 33.65 -3.28 50.62
CA ALA B 1796 33.51 -1.85 50.89
C ALA B 1796 32.05 -1.47 51.08
N GLN B 1797 31.17 -2.00 50.24
CA GLN B 1797 29.74 -1.73 50.40
C GLN B 1797 29.26 -2.16 51.78
N GLN B 1798 29.62 -3.37 52.19
CA GLN B 1798 29.16 -3.90 53.48
C GLN B 1798 29.67 -3.05 54.63
N GLU B 1799 30.95 -2.69 54.60
CA GLU B 1799 31.51 -1.92 55.71
C GLU B 1799 30.92 -0.51 55.74
N THR B 1800 30.65 0.07 54.56
CA THR B 1800 29.98 1.36 54.52
C THR B 1800 28.60 1.29 55.14
N LYS B 1801 27.84 0.23 54.83
CA LYS B 1801 26.53 0.06 55.44
C LYS B 1801 26.65 -0.07 56.95
N SER B 1802 27.61 -0.86 57.43
CA SER B 1802 27.76 -1.04 58.87
C SER B 1802 28.11 0.28 59.55
N THR B 1803 29.04 1.05 58.95
CA THR B 1803 29.41 2.32 59.54
C THR B 1803 28.25 3.31 59.54
N VAL B 1804 27.46 3.32 58.46
CA VAL B 1804 26.30 4.21 58.41
C VAL B 1804 25.30 3.82 59.50
N ALA B 1805 25.08 2.52 59.68
CA ALA B 1805 24.19 2.07 60.74
C ALA B 1805 24.71 2.50 62.11
N VAL B 1806 26.03 2.40 62.32
CA VAL B 1806 26.61 2.86 63.57
C VAL B 1806 26.35 4.35 63.77
N ASN B 1807 26.56 5.14 62.72
CA ASN B 1807 26.34 6.58 62.79
C ASN B 1807 24.94 6.94 62.30
N MET B 1863 38.18 6.63 57.29
CA MET B 1863 36.82 6.13 57.46
C MET B 1863 36.75 4.64 57.12
N GLY B 1864 37.84 3.93 57.39
CA GLY B 1864 37.92 2.51 57.11
C GLY B 1864 38.80 2.19 55.92
N THR B 1865 39.71 1.23 56.09
CA THR B 1865 40.63 0.87 55.01
C THR B 1865 39.88 0.32 53.81
N SER B 1866 38.82 -0.47 54.05
CA SER B 1866 38.07 -1.04 52.95
C SER B 1866 37.38 0.04 52.12
N VAL B 1867 36.87 1.09 52.77
CA VAL B 1867 36.27 2.20 52.02
C VAL B 1867 37.36 3.00 51.31
N LEU B 1868 38.48 3.22 51.98
CA LEU B 1868 39.55 4.02 51.37
C LEU B 1868 40.11 3.36 50.12
N ILE B 1869 40.22 2.03 50.13
CA ILE B 1869 40.81 1.33 48.99
C ILE B 1869 39.96 1.50 47.74
N MET B 1870 38.69 1.89 47.90
CA MET B 1870 37.80 1.95 46.75
C MET B 1870 38.23 3.02 45.74
N GLN B 1871 38.67 4.17 46.24
CA GLN B 1871 39.03 5.26 45.32
C GLN B 1871 40.06 4.82 44.30
N PRO B 1872 41.16 4.15 44.67
CA PRO B 1872 42.08 3.64 43.63
C PRO B 1872 41.40 2.73 42.62
N ILE B 1873 40.51 1.84 43.06
CA ILE B 1873 39.87 0.90 42.13
C ILE B 1873 38.98 1.64 41.16
N LEU B 1874 38.20 2.60 41.66
CA LEU B 1874 37.31 3.37 40.78
C LEU B 1874 38.12 4.21 39.80
N ARG B 1875 39.23 4.80 40.26
CA ARG B 1875 40.08 5.54 39.34
C ARG B 1875 40.67 4.62 38.27
N PHE B 1876 41.07 3.41 38.67
CA PHE B 1876 41.62 2.45 37.71
C PHE B 1876 40.58 2.10 36.65
N LEU B 1877 39.34 1.84 37.09
CA LEU B 1877 38.29 1.50 36.13
C LEU B 1877 37.97 2.68 35.21
N GLN B 1878 37.93 3.89 35.76
CA GLN B 1878 37.68 5.07 34.94
C GLN B 1878 38.77 5.23 33.89
N LEU B 1879 40.03 5.03 34.28
CA LEU B 1879 41.11 5.14 33.31
C LEU B 1879 41.04 4.03 32.27
N LEU B 1880 40.62 2.83 32.68
CA LEU B 1880 40.44 1.75 31.72
C LEU B 1880 39.41 2.14 30.66
N CYS B 1881 38.29 2.72 31.08
CA CYS B 1881 37.22 3.10 30.17
C CYS B 1881 37.41 4.49 29.58
N GLU B 1882 38.52 5.17 29.89
CA GLU B 1882 38.74 6.53 29.42
C GLU B 1882 38.88 6.55 27.90
N ASN B 1883 38.54 7.70 27.32
CA ASN B 1883 38.62 7.92 25.87
C ASN B 1883 37.67 7.00 25.11
N HIS B 1884 36.59 6.57 25.75
CA HIS B 1884 35.51 5.85 25.07
C HIS B 1884 36.03 4.58 24.39
N ASN B 1885 36.52 3.65 25.21
CA ASN B 1885 36.97 2.34 24.73
C ASN B 1885 35.81 1.38 24.88
N ARG B 1886 35.09 1.15 23.77
CA ARG B 1886 33.89 0.31 23.82
C ARG B 1886 34.23 -1.12 24.22
N ASP B 1887 35.38 -1.63 23.77
CA ASP B 1887 35.76 -2.98 24.13
C ASP B 1887 35.83 -3.15 25.65
N LEU B 1888 36.56 -2.27 26.32
CA LEU B 1888 36.68 -2.35 27.77
C LEU B 1888 35.34 -2.08 28.45
N GLN B 1889 34.59 -1.10 27.94
CA GLN B 1889 33.31 -0.77 28.56
C GLN B 1889 32.36 -1.96 28.54
N ASN B 1890 32.33 -2.70 27.43
CA ASN B 1890 31.47 -3.87 27.34
C ASN B 1890 32.06 -5.04 28.13
N PHE B 1891 33.39 -5.15 28.17
CA PHE B 1891 34.01 -6.24 28.92
C PHE B 1891 33.70 -6.15 30.40
N LEU B 1892 33.78 -4.95 30.97
CA LEU B 1892 33.48 -4.79 32.39
C LEU B 1892 32.03 -5.19 32.69
N ARG B 1893 31.10 -4.79 31.84
CA ARG B 1893 29.71 -5.20 32.03
C ARG B 1893 29.57 -6.72 31.92
N CYS B 1894 30.24 -7.32 30.94
CA CYS B 1894 30.22 -8.77 30.77
C CYS B 1894 31.59 -9.24 30.33
N GLN B 1895 32.30 -9.89 31.23
CA GLN B 1895 33.59 -10.52 30.95
C GLN B 1895 33.47 -11.68 29.97
N ASN B 1896 32.26 -12.17 29.69
CA ASN B 1896 32.03 -13.25 28.73
C ASN B 1896 32.73 -14.54 29.17
N ASN B 1897 32.92 -14.69 30.48
CA ASN B 1897 33.56 -15.86 31.05
C ASN B 1897 32.50 -16.80 31.60
N LYS B 1898 32.96 -17.91 32.20
CA LYS B 1898 32.03 -18.87 32.79
C LYS B 1898 31.16 -18.20 33.85
N THR B 1899 31.76 -17.38 34.70
CA THR B 1899 31.03 -16.59 35.68
C THR B 1899 31.34 -15.11 35.43
N ASN B 1900 30.30 -14.29 35.49
CA ASN B 1900 30.38 -12.88 35.14
C ASN B 1900 30.14 -12.03 36.37
N TYR B 1901 31.03 -11.07 36.61
CA TYR B 1901 30.89 -10.09 37.68
C TYR B 1901 30.67 -8.72 37.05
N ASN B 1902 29.60 -8.05 37.45
CA ASN B 1902 29.16 -6.81 36.82
C ASN B 1902 29.68 -5.63 37.62
N LEU B 1903 30.88 -5.16 37.29
CA LEU B 1903 31.43 -4.00 37.97
C LEU B 1903 30.54 -2.77 37.79
N VAL B 1904 29.87 -2.68 36.64
CA VAL B 1904 28.98 -1.54 36.39
C VAL B 1904 27.83 -1.53 37.40
N CYS B 1905 27.19 -2.68 37.62
CA CYS B 1905 26.15 -2.75 38.63
C CYS B 1905 26.70 -2.53 40.02
N GLU B 1906 27.89 -3.07 40.30
CA GLU B 1906 28.47 -2.93 41.63
C GLU B 1906 28.77 -1.47 41.95
N THR B 1907 29.21 -0.69 40.96
CA THR B 1907 29.49 0.72 41.21
C THR B 1907 28.22 1.48 41.58
N LEU B 1908 27.13 1.22 40.86
CA LEU B 1908 25.87 1.88 41.19
C LEU B 1908 25.37 1.44 42.57
N GLN B 1909 25.52 0.16 42.89
CA GLN B 1909 25.14 -0.30 44.22
C GLN B 1909 25.97 0.38 45.30
N PHE B 1910 27.27 0.55 45.04
CA PHE B 1910 28.14 1.24 45.99
C PHE B 1910 27.70 2.68 46.19
N LEU B 1911 27.37 3.37 45.10
CA LEU B 1911 26.87 4.73 45.21
C LEU B 1911 25.60 4.77 46.03
N ASP B 1912 24.65 3.88 45.75
CA ASP B 1912 23.38 3.87 46.47
C ASP B 1912 23.60 3.62 47.95
N ILE B 1913 24.44 2.65 48.28
CA ILE B 1913 24.67 2.30 49.68
C ILE B 1913 25.37 3.45 50.41
N MET B 1914 26.36 4.07 49.77
CA MET B 1914 27.04 5.20 50.41
C MET B 1914 26.09 6.36 50.62
N CYS B 1915 25.19 6.60 49.66
CA CYS B 1915 24.30 7.75 49.71
C CYS B 1915 23.04 7.50 50.52
N GLY B 1916 22.77 6.26 50.93
CA GLY B 1916 21.68 5.96 51.83
C GLY B 1916 20.54 5.18 51.23
N SER B 1917 20.55 4.92 49.93
CA SER B 1917 19.52 4.12 49.27
C SER B 1917 18.19 4.87 49.39
N THR B 1918 17.15 4.29 49.98
CA THR B 1918 15.83 4.91 49.93
C THR B 1918 15.78 6.20 50.74
N THR B 1919 16.54 6.28 51.83
CA THR B 1919 16.49 7.46 52.68
C THR B 1919 16.98 8.70 51.92
N GLY B 1920 18.07 8.56 51.17
CA GLY B 1920 18.56 9.67 50.36
C GLY B 1920 17.52 10.13 49.36
N GLY B 1921 16.83 9.18 48.72
CA GLY B 1921 15.75 9.56 47.82
C GLY B 1921 14.65 10.31 48.54
N LEU B 1922 14.29 9.86 49.74
CA LEU B 1922 13.34 10.60 50.57
C LEU B 1922 13.82 12.01 50.88
N GLY B 1923 15.13 12.23 50.92
CA GLY B 1923 15.68 13.56 51.08
C GLY B 1923 16.64 13.75 52.23
N LEU B 1924 17.08 12.66 52.87
CA LEU B 1924 18.02 12.72 53.98
C LEU B 1924 19.46 12.51 53.52
N LEU B 1925 19.78 12.91 52.29
CA LEU B 1925 21.11 12.64 51.73
C LEU B 1925 22.18 13.51 52.38
N GLY B 1926 21.81 14.72 52.82
CA GLY B 1926 22.77 15.61 53.43
C GLY B 1926 23.35 15.03 54.71
N LEU B 1927 22.53 14.31 55.47
CA LEU B 1927 23.02 13.69 56.70
C LEU B 1927 24.13 12.70 56.40
N TYR B 1928 23.95 11.88 55.37
CA TYR B 1928 24.93 10.83 55.07
C TYR B 1928 26.16 11.42 54.40
N ILE B 1929 25.99 12.45 53.58
CA ILE B 1929 27.15 13.09 52.95
C ILE B 1929 27.96 13.83 54.01
N ASN B 1930 29.27 13.61 54.01
CA ASN B 1930 30.18 14.30 54.91
C ASN B 1930 31.41 14.73 54.13
N GLU B 1931 32.22 15.58 54.75
CA GLU B 1931 33.37 16.17 54.05
C GLU B 1931 34.35 15.09 53.61
N ASP B 1932 34.46 14.01 54.37
CA ASP B 1932 35.48 13.00 54.07
C ASP B 1932 35.14 12.21 52.80
N ASN B 1933 33.88 11.82 52.63
CA ASN B 1933 33.47 10.95 51.53
C ASN B 1933 32.98 11.71 50.30
N VAL B 1934 33.05 13.05 50.32
CA VAL B 1934 32.61 13.82 49.16
C VAL B 1934 33.46 13.48 47.93
N GLY B 1935 34.78 13.39 48.12
CA GLY B 1935 35.64 13.03 47.01
C GLY B 1935 35.38 11.63 46.49
N LEU B 1936 35.10 10.70 47.40
CA LEU B 1936 34.79 9.34 46.97
C LEU B 1936 33.50 9.29 46.17
N VAL B 1937 32.48 10.04 46.61
CA VAL B 1937 31.23 10.10 45.84
C VAL B 1937 31.48 10.72 44.47
N ILE B 1938 32.31 11.77 44.42
CA ILE B 1938 32.63 12.40 43.15
C ILE B 1938 33.32 11.40 42.23
N GLN B 1939 34.25 10.62 42.77
CA GLN B 1939 34.94 9.61 41.97
C GLN B 1939 33.98 8.56 41.44
N THR B 1940 33.03 8.13 42.29
CA THR B 1940 32.04 7.15 41.84
C THR B 1940 31.21 7.72 40.69
N LEU B 1941 30.77 8.97 40.83
CA LEU B 1941 29.99 9.59 39.75
C LEU B 1941 30.82 9.71 38.47
N GLU B 1942 32.09 10.08 38.58
CA GLU B 1942 32.93 10.20 37.40
C GLU B 1942 33.15 8.85 36.74
N THR B 1943 33.33 7.80 37.54
CA THR B 1943 33.48 6.45 36.98
C THR B 1943 32.22 6.03 36.23
N LEU B 1944 31.05 6.31 36.82
CA LEU B 1944 29.81 5.97 36.13
C LEU B 1944 29.65 6.78 34.84
N THR B 1945 30.03 8.05 34.86
CA THR B 1945 29.97 8.86 33.65
C THR B 1945 30.87 8.30 32.57
N GLU B 1946 32.08 7.88 32.94
CA GLU B 1946 32.98 7.26 31.96
C GLU B 1946 32.39 5.96 31.44
N TYR B 1947 31.71 5.21 32.30
CA TYR B 1947 31.05 3.98 31.86
C TYR B 1947 30.00 4.29 30.80
N CYS B 1948 29.19 5.33 31.03
CA CYS B 1948 28.06 5.63 30.16
C CYS B 1948 28.47 6.29 28.84
N GLN B 1949 29.36 7.27 28.88
CA GLN B 1949 29.64 8.07 27.69
C GLN B 1949 30.26 7.21 26.59
N GLY B 1950 30.09 7.66 25.35
CA GLY B 1950 30.68 7.01 24.20
C GLY B 1950 29.77 6.88 22.99
N PRO B 1951 28.47 6.62 23.18
CA PRO B 1951 27.74 6.15 24.37
C PRO B 1951 27.53 4.64 24.35
N CYS B 1952 27.64 3.97 25.50
CA CYS B 1952 27.40 2.54 25.60
C CYS B 1952 25.93 2.33 25.99
N HIS B 1953 25.12 1.90 25.02
CA HIS B 1953 23.69 1.78 25.27
C HIS B 1953 23.40 0.75 26.35
N GLU B 1954 24.14 -0.36 26.35
CA GLU B 1954 23.90 -1.39 27.36
C GLU B 1954 24.19 -0.86 28.77
N ASN B 1955 25.31 -0.15 28.93
CA ASN B 1955 25.62 0.41 30.24
C ASN B 1955 24.61 1.46 30.66
N GLN B 1956 24.19 2.31 29.71
CA GLN B 1956 23.17 3.31 30.02
C GLN B 1956 21.89 2.65 30.50
N THR B 1957 21.44 1.63 29.77
CA THR B 1957 20.23 0.91 30.16
C THR B 1957 20.39 0.26 31.52
N CYS B 1958 21.56 -0.33 31.77
CA CYS B 1958 21.81 -0.97 33.07
C CYS B 1958 21.66 0.04 34.20
N ILE B 1959 22.31 1.20 34.07
CA ILE B 1959 22.25 2.20 35.14
C ILE B 1959 20.82 2.70 35.31
N VAL B 1960 20.13 2.98 34.20
CA VAL B 1960 18.79 3.53 34.31
C VAL B 1960 17.83 2.54 34.94
N THR B 1961 17.89 1.26 34.53
CA THR B 1961 16.88 0.28 34.85
C THR B 1961 17.28 -0.63 36.01
N HIS B 1962 18.43 -0.41 36.64
CA HIS B 1962 18.87 -1.28 37.72
C HIS B 1962 17.83 -1.31 38.84
N GLU B 1963 17.65 -2.50 39.42
CA GLU B 1963 16.68 -2.66 40.49
C GLU B 1963 17.02 -1.81 41.70
N SER B 1964 18.30 -1.48 41.89
CA SER B 1964 18.70 -0.67 43.03
C SER B 1964 18.06 0.70 42.99
N ASN B 1965 17.65 1.17 41.81
CA ASN B 1965 17.05 2.49 41.65
C ASN B 1965 17.97 3.59 42.14
N GLY B 1966 19.27 3.46 41.86
CA GLY B 1966 20.22 4.52 42.17
C GLY B 1966 20.10 5.73 41.27
N ILE B 1967 19.37 5.62 40.17
CA ILE B 1967 19.07 6.80 39.36
C ILE B 1967 18.32 7.83 40.20
N ASP B 1968 17.51 7.36 41.16
CA ASP B 1968 16.84 8.30 42.06
C ASP B 1968 17.86 9.10 42.85
N ILE B 1969 18.89 8.45 43.38
CA ILE B 1969 19.93 9.16 44.11
C ILE B 1969 20.68 10.12 43.18
N ILE B 1970 21.01 9.66 41.98
CA ILE B 1970 21.74 10.50 41.05
C ILE B 1970 20.95 11.78 40.76
N THR B 1971 19.65 11.64 40.51
CA THR B 1971 18.81 12.80 40.27
C THR B 1971 18.68 13.68 41.51
N ALA B 1972 18.50 13.05 42.68
CA ALA B 1972 18.29 13.82 43.90
C ALA B 1972 19.53 14.60 44.31
N LEU B 1973 20.71 14.17 43.85
CA LEU B 1973 21.91 14.94 44.13
C LEU B 1973 21.77 16.39 43.65
N ILE B 1974 21.18 16.58 42.47
CA ILE B 1974 21.01 17.92 41.93
C ILE B 1974 20.00 18.70 42.76
N LEU B 1975 18.85 18.10 43.04
CA LEU B 1975 17.76 18.85 43.68
C LEU B 1975 18.10 19.18 45.13
N ASN B 1976 18.55 18.19 45.89
CA ASN B 1976 18.78 18.39 47.32
C ASN B 1976 19.89 19.40 47.55
N ASP B 1977 19.73 20.20 48.60
CA ASP B 1977 20.72 21.24 48.89
C ASP B 1977 22.01 20.66 49.47
N ILE B 1978 21.92 19.54 50.17
CA ILE B 1978 23.07 19.02 50.91
C ILE B 1978 23.51 20.12 51.87
N SER B 1979 22.54 20.71 52.58
CA SER B 1979 22.81 21.91 53.36
C SER B 1979 23.89 21.71 54.41
N PRO B 1980 23.93 20.61 55.17
CA PRO B 1980 24.96 20.49 56.22
C PRO B 1980 26.37 20.66 55.68
N LEU B 1981 26.65 20.11 54.51
CA LEU B 1981 27.96 20.32 53.90
C LEU B 1981 28.04 21.71 53.27
N CYS B 1982 26.98 22.15 52.59
CA CYS B 1982 27.03 23.41 51.87
C CYS B 1982 27.41 24.56 52.79
N LYS B 1983 26.93 24.51 54.04
CA LYS B 1983 27.26 25.58 54.98
C LYS B 1983 28.77 25.77 55.10
N TYR B 1984 29.54 24.69 55.11
CA TYR B 1984 30.98 24.77 55.33
C TYR B 1984 31.77 24.84 54.02
N ARG B 1985 31.44 23.98 53.04
CA ARG B 1985 32.19 23.88 51.78
C ARG B 1985 31.19 23.91 50.63
N MET B 1986 31.04 25.09 50.03
CA MET B 1986 30.12 25.24 48.91
C MET B 1986 30.71 24.68 47.61
N ASP B 1987 32.02 24.83 47.43
CA ASP B 1987 32.64 24.43 46.17
C ASP B 1987 32.50 22.92 45.94
N LEU B 1988 32.67 22.13 46.99
CA LEU B 1988 32.52 20.68 46.86
C LEU B 1988 31.08 20.32 46.47
N VAL B 1989 30.09 21.01 47.06
CA VAL B 1989 28.71 20.77 46.70
C VAL B 1989 28.47 21.09 45.24
N LEU B 1990 29.01 22.22 44.77
CA LEU B 1990 28.85 22.59 43.37
C LEU B 1990 29.48 21.55 42.45
N GLN B 1991 30.67 21.07 42.81
CA GLN B 1991 31.35 20.06 42.00
C GLN B 1991 30.52 18.77 41.95
N LEU B 1992 29.97 18.36 43.09
CA LEU B 1992 29.14 17.16 43.12
C LEU B 1992 27.91 17.33 42.25
N LYS B 1993 27.26 18.50 42.32
CA LYS B 1993 26.10 18.74 41.49
C LYS B 1993 26.45 18.68 40.01
N ASP B 1994 27.57 19.30 39.63
CA ASP B 1994 27.98 19.30 38.23
C ASP B 1994 28.27 17.89 37.74
N ASN B 1995 28.96 17.09 38.55
CA ASN B 1995 29.25 15.72 38.15
C ASN B 1995 27.97 14.89 38.02
N ALA B 1996 27.02 15.08 38.94
CA ALA B 1996 25.75 14.38 38.82
C ALA B 1996 25.02 14.78 37.54
N SER B 1997 25.04 16.07 37.20
CA SER B 1997 24.42 16.51 35.96
C SER B 1997 25.09 15.88 34.75
N LYS B 1998 26.42 15.79 34.77
CA LYS B 1998 27.13 15.15 33.67
C LYS B 1998 26.72 13.69 33.53
N LEU B 1999 26.61 12.98 34.66
CA LEU B 1999 26.17 11.59 34.61
C LEU B 1999 24.77 11.47 34.04
N LEU B 2000 23.86 12.35 34.47
CA LEU B 2000 22.49 12.30 33.96
C LEU B 2000 22.46 12.55 32.45
N LEU B 2001 23.24 13.53 31.97
CA LEU B 2001 23.31 13.76 30.53
C LEU B 2001 23.86 12.55 29.79
N ALA B 2002 24.92 11.96 30.33
CA ALA B 2002 25.48 10.76 29.69
C ALA B 2002 24.45 9.66 29.60
N LEU B 2003 23.56 9.56 30.60
CA LEU B 2003 22.56 8.52 30.57
C LEU B 2003 21.54 8.71 29.44
N MET B 2004 21.46 9.91 28.86
CA MET B 2004 20.57 10.18 27.74
C MET B 2004 21.35 10.68 26.52
N GLU B 2005 22.65 10.40 26.49
CA GLU B 2005 23.51 10.92 25.42
C GLU B 2005 22.85 10.77 24.04
N SER B 2006 22.61 9.53 23.60
CA SER B 2006 22.19 9.28 22.23
C SER B 2006 21.04 8.27 22.18
N ARG B 2007 20.02 8.47 23.01
CA ARG B 2007 18.87 7.59 23.03
C ARG B 2007 17.69 8.29 22.36
N HIS B 2008 17.36 7.85 21.14
CA HIS B 2008 16.21 8.42 20.44
C HIS B 2008 14.93 8.13 21.19
N ASP B 2009 14.76 6.91 21.69
CA ASP B 2009 13.60 6.58 22.51
C ASP B 2009 13.67 7.35 23.82
N SER B 2010 12.49 7.70 24.35
CA SER B 2010 12.38 8.54 25.52
C SER B 2010 12.23 7.75 26.82
N GLU B 2011 12.46 6.43 26.77
CA GLU B 2011 12.26 5.61 27.96
C GLU B 2011 13.13 6.09 29.11
N ASN B 2012 14.40 6.35 28.85
CA ASN B 2012 15.28 6.86 29.90
C ASN B 2012 14.80 8.22 30.37
N ALA B 2013 14.29 9.04 29.45
CA ALA B 2013 13.82 10.37 29.82
C ALA B 2013 12.65 10.30 30.81
N GLU B 2014 11.70 9.39 30.58
CA GLU B 2014 10.58 9.28 31.51
C GLU B 2014 11.07 8.86 32.88
N ARG B 2015 11.99 7.89 32.95
CA ARG B 2015 12.48 7.43 34.23
C ARG B 2015 13.19 8.55 34.98
N ILE B 2016 14.02 9.32 34.27
CA ILE B 2016 14.71 10.43 34.93
C ILE B 2016 13.72 11.49 35.39
N LEU B 2017 12.75 11.83 34.54
CA LEU B 2017 11.78 12.87 34.88
C LEU B 2017 10.94 12.46 36.09
N ILE B 2018 10.62 11.17 36.21
CA ILE B 2018 9.78 10.72 37.31
C ILE B 2018 10.38 11.15 38.65
N SER B 2019 11.67 10.91 38.84
CA SER B 2019 12.33 11.31 40.07
C SER B 2019 12.62 12.82 40.07
N LEU B 2020 12.96 13.38 38.92
CA LEU B 2020 13.31 14.79 38.81
C LEU B 2020 12.06 15.55 38.37
N ARG B 2021 11.30 16.04 39.34
CA ARG B 2021 10.11 16.81 39.01
C ARG B 2021 10.50 18.10 38.30
N PRO B 2022 9.73 18.54 37.31
CA PRO B 2022 10.17 19.72 36.53
C PRO B 2022 10.32 20.97 37.35
N GLN B 2023 9.34 21.29 38.20
CA GLN B 2023 9.36 22.57 38.91
C GLN B 2023 10.62 22.71 39.76
N GLU B 2024 11.01 21.64 40.46
CA GLU B 2024 12.21 21.71 41.28
C GLU B 2024 13.45 21.93 40.42
N LEU B 2025 13.49 21.31 39.24
CA LEU B 2025 14.63 21.51 38.35
C LEU B 2025 14.72 22.96 37.89
N VAL B 2026 13.58 23.56 37.53
CA VAL B 2026 13.59 24.97 37.15
C VAL B 2026 14.02 25.83 38.32
N ASP B 2027 13.57 25.48 39.52
CA ASP B 2027 13.97 26.24 40.71
C ASP B 2027 15.47 26.18 40.92
N VAL B 2028 16.07 24.99 40.75
CA VAL B 2028 17.52 24.86 40.91
C VAL B 2028 18.24 25.67 39.83
N ILE B 2029 17.75 25.61 38.59
CA ILE B 2029 18.39 26.37 37.52
C ILE B 2029 18.37 27.85 37.84
N LYS B 2030 17.23 28.36 38.31
CA LYS B 2030 17.12 29.77 38.65
C LYS B 2030 17.99 30.12 39.85
N LYS B 2031 18.09 29.20 40.81
CA LYS B 2031 18.84 29.49 42.04
C LYS B 2031 20.33 29.53 41.77
N ALA B 2032 20.81 28.76 40.80
CA ALA B 2032 22.25 28.76 40.50
C ALA B 2032 22.74 30.16 40.10
N TYR B 2033 21.98 30.82 39.22
CA TYR B 2033 22.37 32.16 38.78
C TYR B 2033 22.46 33.13 39.94
N LEU B 2034 21.47 33.08 40.85
CA LEU B 2034 21.53 33.92 42.04
C LEU B 2034 22.73 33.57 42.91
N GLN B 2035 23.00 32.27 43.05
CA GLN B 2035 24.17 31.85 43.83
C GLN B 2035 25.47 32.34 43.21
N GLU B 2036 25.47 32.66 41.92
CA GLU B 2036 26.67 33.21 41.30
C GLU B 2036 27.21 34.39 42.10
N GLU B 2037 26.33 35.25 42.59
CA GLU B 2037 26.77 36.38 43.41
C GLU B 2037 27.42 35.89 44.70
N GLU B 2038 26.88 34.82 45.30
CA GLU B 2038 27.44 34.27 46.52
C GLU B 2038 28.75 33.56 46.29
N ARG B 2039 29.15 33.36 45.04
CA ARG B 2039 30.38 32.63 44.75
C ARG B 2039 31.59 33.36 45.32
N GLU B 2040 32.54 32.58 45.83
CA GLU B 2040 33.85 33.07 46.23
C GLU B 2040 34.89 32.53 45.26
N ASN B 2041 36.06 33.16 45.24
CA ASN B 2041 37.12 32.78 44.32
C ASN B 2041 37.35 31.27 44.36
N SER B 2042 37.07 30.60 43.25
CA SER B 2042 37.20 29.16 43.16
C SER B 2042 37.13 28.75 41.70
N GLU B 2043 37.60 27.52 41.44
CA GLU B 2043 37.58 27.00 40.07
C GLU B 2043 36.15 26.80 39.57
N VAL B 2044 35.28 26.25 40.41
CA VAL B 2044 33.91 25.97 40.00
C VAL B 2044 33.11 27.26 39.96
N SER B 2045 32.07 27.29 39.14
CA SER B 2045 31.22 28.46 38.98
C SER B 2045 29.75 28.05 39.08
N PRO B 2046 28.98 28.67 39.99
CA PRO B 2046 27.54 28.37 40.03
C PRO B 2046 26.86 28.62 38.70
N ARG B 2047 27.31 29.63 37.95
CA ARG B 2047 26.74 29.86 36.62
C ARG B 2047 27.01 28.67 35.71
N GLU B 2048 28.21 28.10 35.77
CA GLU B 2048 28.51 26.94 34.94
C GLU B 2048 27.65 25.75 35.33
N VAL B 2049 27.49 25.51 36.64
CA VAL B 2049 26.65 24.40 37.08
C VAL B 2049 25.21 24.62 36.62
N GLY B 2050 24.71 25.85 36.76
CA GLY B 2050 23.36 26.14 36.31
C GLY B 2050 23.20 25.97 34.81
N HIS B 2051 24.24 26.32 34.04
CA HIS B 2051 24.17 26.13 32.59
C HIS B 2051 24.12 24.65 32.22
N ASN B 2052 24.92 23.83 32.90
CA ASN B 2052 24.86 22.39 32.65
C ASN B 2052 23.48 21.84 33.00
N ILE B 2053 22.92 22.27 34.14
CA ILE B 2053 21.59 21.83 34.53
C ILE B 2053 20.56 22.31 33.51
N TYR B 2054 20.76 23.50 32.95
CA TYR B 2054 19.84 24.01 31.94
C TYR B 2054 19.88 23.17 30.68
N ILE B 2055 21.08 22.75 30.27
CA ILE B 2055 21.18 21.88 29.09
C ILE B 2055 20.47 20.55 29.37
N LEU B 2056 20.67 20.00 30.57
CA LEU B 2056 19.97 18.77 30.92
C LEU B 2056 18.46 18.98 30.88
N ALA B 2057 17.98 20.11 31.40
CA ALA B 2057 16.55 20.40 31.37
C ALA B 2057 16.04 20.54 29.94
N LEU B 2058 16.82 21.18 29.08
CA LEU B 2058 16.41 21.31 27.68
C LEU B 2058 16.26 19.94 27.04
N GLN B 2059 17.23 19.04 27.27
CA GLN B 2059 17.12 17.71 26.69
C GLN B 2059 15.92 16.96 27.27
N LEU B 2060 15.65 17.12 28.57
CA LEU B 2060 14.54 16.43 29.19
C LEU B 2060 13.19 16.96 28.70
N SER B 2061 13.13 18.26 28.38
CA SER B 2061 11.84 18.89 28.10
C SER B 2061 11.20 18.37 26.83
N ARG B 2062 12.00 17.82 25.90
CA ARG B 2062 11.44 17.38 24.63
C ARG B 2062 10.31 16.38 24.83
N HIS B 2063 10.36 15.60 25.91
CA HIS B 2063 9.38 14.57 26.19
C HIS B 2063 8.45 14.91 27.33
N ASN B 2064 8.42 16.17 27.77
CA ASN B 2064 7.52 16.61 28.84
C ASN B 2064 7.15 18.06 28.59
N LYS B 2065 5.83 18.32 28.48
CA LYS B 2065 5.36 19.64 28.07
C LYS B 2065 5.49 20.65 29.20
N GLN B 2066 5.27 20.22 30.45
CA GLN B 2066 5.33 21.13 31.58
C GLN B 2066 6.72 21.74 31.71
N LEU B 2067 7.76 20.93 31.52
CA LEU B 2067 9.12 21.45 31.64
C LEU B 2067 9.41 22.48 30.56
N GLN B 2068 8.95 22.25 29.33
CA GLN B 2068 9.17 23.24 28.28
C GLN B 2068 8.45 24.54 28.61
N HIS B 2069 7.19 24.44 29.07
CA HIS B 2069 6.45 25.64 29.42
C HIS B 2069 7.15 26.42 30.53
N LEU B 2070 7.63 25.71 31.55
CA LEU B 2070 8.32 26.39 32.64
C LEU B 2070 9.64 26.99 32.17
N LEU B 2071 10.36 26.29 31.28
CA LEU B 2071 11.65 26.78 30.82
C LEU B 2071 11.49 28.03 29.95
N LYS B 2072 10.40 28.13 29.22
CA LYS B 2072 10.20 29.29 28.37
C LYS B 2072 10.29 30.56 29.21
N PRO B 2073 11.17 31.50 28.87
CA PRO B 2073 11.33 32.70 29.70
C PRO B 2073 10.16 33.66 29.56
N VAL B 2074 10.19 34.69 30.40
CA VAL B 2074 9.17 35.73 30.38
C VAL B 2074 9.33 36.59 29.12
N GLU B 2111 18.08 40.15 34.09
CA GLU B 2111 18.11 39.58 35.42
C GLU B 2111 17.34 38.25 35.48
N ASP B 2112 17.07 37.68 34.30
CA ASP B 2112 16.34 36.43 34.23
C ASP B 2112 17.32 35.28 33.96
N PRO B 2113 17.52 34.37 34.92
CA PRO B 2113 18.47 33.26 34.66
C PRO B 2113 18.10 32.44 33.43
N LEU B 2114 16.82 32.15 33.23
CA LEU B 2114 16.42 31.35 32.08
C LEU B 2114 16.70 32.11 30.78
N ALA B 2115 16.42 33.41 30.75
CA ALA B 2115 16.70 34.19 29.56
C ALA B 2115 18.20 34.22 29.26
N TYR B 2116 19.02 34.43 30.29
CA TYR B 2116 20.47 34.44 30.07
C TYR B 2116 20.96 33.10 29.54
N TYR B 2117 20.50 32.00 30.15
CA TYR B 2117 20.95 30.68 29.72
C TYR B 2117 20.49 30.40 28.29
N GLU B 2118 19.26 30.76 27.95
CA GLU B 2118 18.78 30.56 26.58
C GLU B 2118 19.61 31.36 25.59
N ASN B 2119 19.92 32.62 25.94
CA ASN B 2119 20.75 33.43 25.05
C ASN B 2119 22.16 32.89 24.93
N HIS B 2120 22.67 32.19 25.94
CA HIS B 2120 24.02 31.66 25.91
C HIS B 2120 24.08 30.16 25.65
N THR B 2121 22.99 29.56 25.17
CA THR B 2121 23.00 28.17 24.72
C THR B 2121 22.83 28.11 23.20
N SER B 2122 23.40 27.08 22.60
CA SER B 2122 23.35 26.90 21.15
C SER B 2122 23.10 25.43 20.84
N GLN B 2123 22.65 25.18 19.61
CA GLN B 2123 22.35 23.84 19.14
C GLN B 2123 22.86 23.65 17.72
N ILE B 2124 23.26 22.42 17.40
CA ILE B 2124 23.67 22.05 16.05
C ILE B 2124 23.09 20.67 15.73
N GLU B 2125 23.16 20.32 14.45
CA GLU B 2125 22.72 19.02 13.96
C GLU B 2125 23.90 18.35 13.26
N ILE B 2126 24.29 17.18 13.77
CA ILE B 2126 25.43 16.45 13.22
C ILE B 2126 24.93 15.12 12.66
N VAL B 2127 25.78 14.50 11.84
CA VAL B 2127 25.51 13.18 11.28
C VAL B 2127 26.59 12.24 11.79
N ARG B 2128 26.17 11.11 12.38
CA ARG B 2128 27.11 10.17 12.96
C ARG B 2128 27.60 9.20 11.89
N GLN B 2129 28.48 8.28 12.32
CA GLN B 2129 29.05 7.32 11.39
C GLN B 2129 27.98 6.41 10.79
N ASP B 2130 27.00 6.02 11.59
CA ASP B 2130 25.91 5.17 11.10
C ASP B 2130 24.92 5.93 10.23
N ARG B 2131 25.24 7.15 9.83
CA ARG B 2131 24.39 7.94 8.93
C ARG B 2131 23.08 8.32 9.60
N SER B 2132 23.09 8.43 10.93
CA SER B 2132 21.94 8.88 11.70
C SER B 2132 22.20 10.31 12.17
N MET B 2133 21.17 11.15 12.09
CA MET B 2133 21.32 12.54 12.51
C MET B 2133 21.02 12.68 14.00
N GLU B 2134 21.81 13.53 14.65
CA GLU B 2134 21.67 13.80 16.08
C GLU B 2134 21.70 15.30 16.31
N GLN B 2135 21.09 15.72 17.41
CA GLN B 2135 21.04 17.12 17.80
C GLN B 2135 21.90 17.32 19.04
N ILE B 2136 22.86 18.24 18.95
CA ILE B 2136 23.79 18.54 20.03
C ILE B 2136 23.45 19.90 20.59
N VAL B 2137 23.20 19.96 21.90
CA VAL B 2137 22.96 21.21 22.62
C VAL B 2137 24.18 21.49 23.48
N PHE B 2138 24.82 22.62 23.25
CA PHE B 2138 26.07 22.96 23.90
C PHE B 2138 26.04 24.40 24.37
N PRO B 2139 26.85 24.76 25.36
CA PRO B 2139 26.95 26.17 25.78
C PRO B 2139 27.92 26.92 24.89
N VAL B 2140 27.55 28.14 24.50
CA VAL B 2140 28.41 28.91 23.60
C VAL B 2140 29.71 29.25 24.32
N PRO B 2141 30.88 29.06 23.70
CA PRO B 2141 32.12 29.52 24.33
C PRO B 2141 32.10 31.02 24.57
N GLY B 2142 32.73 31.43 25.68
CA GLY B 2142 32.71 32.85 26.04
C GLY B 2142 33.35 33.73 24.99
N ILE B 2143 34.46 33.27 24.41
CA ILE B 2143 35.19 34.09 23.44
C ILE B 2143 34.35 34.37 22.21
N CYS B 2144 33.33 33.56 21.94
CA CYS B 2144 32.54 33.73 20.71
C CYS B 2144 31.85 35.09 20.67
N GLN B 2145 31.61 35.71 21.83
CA GLN B 2145 30.90 36.98 21.87
C GLN B 2145 31.71 38.08 21.19
N PHE B 2146 33.03 37.91 21.09
CA PHE B 2146 33.88 38.98 20.61
C PHE B 2146 33.94 39.06 19.09
N LEU B 2147 33.32 38.11 18.38
CA LEU B 2147 33.37 38.13 16.92
C LEU B 2147 32.65 39.36 16.38
N THR B 2148 33.15 39.89 15.26
CA THR B 2148 32.66 41.16 14.74
C THR B 2148 31.59 40.95 13.67
N GLU B 2149 30.55 41.80 13.74
CA GLU B 2149 29.47 41.72 12.77
C GLU B 2149 29.98 41.98 11.35
N GLU B 2150 30.98 42.86 11.21
CA GLU B 2150 31.55 43.10 9.90
C GLU B 2150 32.18 41.84 9.33
N THR B 2151 32.94 41.11 10.15
CA THR B 2151 33.53 39.86 9.69
C THR B 2151 32.44 38.85 9.36
N LYS B 2152 31.39 38.79 10.18
CA LYS B 2152 30.30 37.87 9.92
C LYS B 2152 29.67 38.14 8.56
N HIS B 2153 29.35 39.42 8.29
CA HIS B 2153 28.75 39.78 7.01
C HIS B 2153 29.69 39.49 5.86
N ARG B 2154 30.98 39.81 6.02
CA ARG B 2154 31.94 39.54 4.96
C ARG B 2154 31.98 38.07 4.62
N LEU B 2155 32.09 37.21 5.63
CA LEU B 2155 32.14 35.77 5.36
C LEU B 2155 30.86 35.29 4.71
N PHE B 2156 29.70 35.72 5.22
CA PHE B 2156 28.44 35.23 4.68
C PHE B 2156 28.29 35.63 3.21
N THR B 2157 28.68 36.86 2.86
CA THR B 2157 28.49 37.35 1.51
C THR B 2157 29.65 36.98 0.57
N THR B 2158 30.76 36.46 1.09
CA THR B 2158 31.92 36.18 0.26
C THR B 2158 32.24 34.70 0.10
N THR B 2159 31.78 33.84 1.01
CA THR B 2159 32.09 32.43 0.90
C THR B 2159 31.59 31.87 -0.44
N GLU B 2160 32.39 31.01 -1.06
CA GLU B 2160 32.15 30.52 -2.40
C GLU B 2160 31.86 29.03 -2.38
N GLN B 2161 30.93 28.61 -3.24
CA GLN B 2161 30.64 27.19 -3.38
C GLN B 2161 31.78 26.46 -4.08
N ASP B 2162 31.94 25.19 -3.73
CA ASP B 2162 32.93 24.33 -4.37
C ASP B 2162 32.30 23.65 -5.60
N GLU B 2163 33.02 22.70 -6.16
CA GLU B 2163 32.50 21.97 -7.32
C GLU B 2163 31.24 21.19 -6.94
N GLN B 2164 31.24 20.58 -5.75
CA GLN B 2164 30.05 19.88 -5.29
C GLN B 2164 28.91 20.83 -4.97
N GLY B 2165 29.19 22.11 -4.74
CA GLY B 2165 28.17 23.08 -4.46
C GLY B 2165 27.97 23.39 -2.99
N SER B 2166 28.94 23.11 -2.13
CA SER B 2166 28.82 23.31 -0.70
C SER B 2166 29.82 24.37 -0.23
N LYS B 2167 29.37 25.26 0.65
CA LYS B 2167 30.19 26.30 1.25
C LYS B 2167 30.84 25.87 2.55
N VAL B 2168 30.53 24.65 3.02
CA VAL B 2168 31.02 24.19 4.31
C VAL B 2168 32.54 24.12 4.31
N SER B 2169 33.14 23.73 3.17
CA SER B 2169 34.59 23.61 3.11
C SER B 2169 35.25 24.96 3.39
N ASP B 2170 34.80 26.02 2.70
CA ASP B 2170 35.40 27.33 2.91
C ASP B 2170 35.12 27.84 4.32
N PHE B 2171 33.90 27.62 4.84
CA PHE B 2171 33.61 28.04 6.20
C PHE B 2171 34.56 27.38 7.20
N PHE B 2172 34.74 26.06 7.06
CA PHE B 2172 35.66 25.34 7.95
C PHE B 2172 37.08 25.86 7.80
N ASP B 2173 37.49 26.18 6.57
CA ASP B 2173 38.82 26.72 6.35
C ASP B 2173 39.01 28.04 7.09
N GLN B 2174 37.99 28.89 7.07
CA GLN B 2174 38.07 30.21 7.71
C GLN B 2174 37.86 30.15 9.22
N SER B 2175 37.41 29.01 9.75
CA SER B 2175 37.16 28.89 11.19
C SER B 2175 38.36 29.35 12.02
N SER B 2176 39.57 28.91 11.67
CA SER B 2176 40.74 29.23 12.50
C SER B 2176 41.01 30.72 12.53
N PHE B 2177 40.96 31.37 11.37
CA PHE B 2177 41.13 32.83 11.33
C PHE B 2177 40.05 33.51 12.15
N LEU B 2178 38.82 32.99 12.11
CA LEU B 2178 37.76 33.56 12.92
C LEU B 2178 38.08 33.46 14.40
N HIS B 2179 38.61 32.32 14.85
CA HIS B 2179 38.95 32.15 16.26
C HIS B 2179 40.07 33.12 16.67
N ASN B 2180 41.10 33.24 15.83
CA ASN B 2180 42.18 34.15 16.16
C ASN B 2180 41.69 35.60 16.23
N GLU B 2181 40.82 35.99 15.30
CA GLU B 2181 40.24 37.33 15.36
C GLU B 2181 39.39 37.50 16.62
N MET B 2182 38.70 36.44 17.03
CA MET B 2182 37.92 36.51 18.26
C MET B 2182 38.81 36.85 19.45
N GLU B 2183 39.95 36.17 19.56
CA GLU B 2183 40.88 36.49 20.65
C GLU B 2183 41.43 37.91 20.53
N TRP B 2184 41.78 38.31 19.31
CA TRP B 2184 42.36 39.64 19.12
C TRP B 2184 41.36 40.73 19.49
N GLN B 2185 40.07 40.49 19.25
CA GLN B 2185 39.06 41.46 19.62
C GLN B 2185 38.98 41.62 21.13
N ARG B 2186 39.09 40.53 21.87
CA ARG B 2186 39.10 40.64 23.33
C ARG B 2186 40.30 41.46 23.80
N LYS B 2187 41.47 41.22 23.21
CA LYS B 2187 42.63 42.01 23.61
C LYS B 2187 42.45 43.49 23.27
N LEU B 2188 41.89 43.78 22.10
CA LEU B 2188 41.65 45.17 21.73
C LEU B 2188 40.68 45.84 22.69
N ARG B 2189 39.63 45.13 23.09
CA ARG B 2189 38.73 45.67 24.10
C ARG B 2189 39.45 45.90 25.42
N SER B 2190 40.37 45.00 25.78
CA SER B 2190 41.18 45.23 26.97
C SER B 2190 41.91 46.56 26.89
N MET B 2191 42.44 46.89 25.70
CA MET B 2191 43.09 48.19 25.51
C MET B 2191 42.05 49.26 25.18
N PRO B 2192 41.80 50.24 26.06
CA PRO B 2192 40.72 51.19 25.80
C PRO B 2192 40.99 52.17 24.65
N LEU B 2193 42.11 52.90 24.70
CA LEU B 2193 42.34 53.97 23.72
C LEU B 2193 42.41 53.40 22.31
N ILE B 2194 43.16 52.32 22.13
CA ILE B 2194 43.23 51.66 20.84
C ILE B 2194 41.84 51.27 20.38
N TYR B 2195 40.97 50.88 21.33
CA TYR B 2195 39.60 50.54 20.97
C TYR B 2195 38.85 51.74 20.40
N TRP B 2196 39.02 52.91 21.02
CA TRP B 2196 38.38 54.11 20.50
C TRP B 2196 38.85 54.43 19.09
N PHE B 2197 40.17 54.42 18.88
CA PHE B 2197 40.71 54.75 17.58
C PHE B 2197 40.27 53.73 16.52
N SER B 2198 40.26 52.44 16.89
CA SER B 2198 39.82 51.42 15.95
C SER B 2198 38.34 51.53 15.64
N ARG B 2199 37.52 51.82 16.64
CA ARG B 2199 36.08 51.96 16.42
C ARG B 2199 35.79 53.09 15.45
N ARG B 2200 36.47 54.23 15.61
CA ARG B 2200 36.27 55.34 14.69
C ARG B 2200 37.16 55.21 13.46
N MET B 2201 36.96 54.13 12.69
CA MET B 2201 37.76 53.91 11.50
C MET B 2201 37.17 54.65 10.29
N THR B 2202 35.87 54.54 10.08
CA THR B 2202 35.24 55.18 8.92
C THR B 2202 35.43 56.70 8.96
N LEU B 2203 35.45 57.27 10.17
CA LEU B 2203 35.60 58.71 10.29
C LEU B 2203 36.93 59.17 9.71
N TRP B 2204 38.01 58.45 10.02
CA TRP B 2204 39.32 58.83 9.49
C TRP B 2204 39.33 58.77 7.97
N GLY B 2205 38.75 57.72 7.39
CA GLY B 2205 38.71 57.60 5.95
C GLY B 2205 37.91 58.72 5.30
N SER B 2206 36.75 59.05 5.87
CA SER B 2206 35.95 60.13 5.31
C SER B 2206 36.70 61.46 5.38
N ILE B 2207 37.32 61.76 6.52
CA ILE B 2207 38.08 63.00 6.64
C ILE B 2207 39.23 63.02 5.64
N SER B 2208 39.93 61.89 5.48
CA SER B 2208 41.05 61.84 4.55
C SER B 2208 40.60 62.08 3.12
N PHE B 2209 39.50 61.45 2.71
CA PHE B 2209 39.01 61.64 1.36
C PHE B 2209 38.57 63.08 1.13
N ASN B 2210 37.87 63.67 2.10
CA ASN B 2210 37.45 65.06 1.96
C ASN B 2210 38.66 65.98 1.86
N LEU B 2211 39.68 65.75 2.69
CA LEU B 2211 40.89 66.56 2.63
C LEU B 2211 41.57 66.44 1.28
N ALA B 2212 41.68 65.22 0.76
CA ALA B 2212 42.30 65.03 -0.54
C ALA B 2212 41.55 65.78 -1.62
N VAL B 2213 40.20 65.68 -1.60
CA VAL B 2213 39.40 66.37 -2.61
C VAL B 2213 39.62 67.87 -2.51
N PHE B 2214 39.58 68.43 -1.30
CA PHE B 2214 39.71 69.87 -1.17
C PHE B 2214 41.09 70.36 -1.59
N ILE B 2215 42.15 69.64 -1.20
CA ILE B 2215 43.49 70.02 -1.60
C ILE B 2215 43.64 69.96 -3.11
N ASN B 2216 43.08 68.93 -3.74
CA ASN B 2216 43.17 68.82 -5.20
C ASN B 2216 42.42 69.97 -5.87
N ILE B 2217 41.25 70.33 -5.35
CA ILE B 2217 40.50 71.45 -5.93
C ILE B 2217 41.31 72.73 -5.81
N ILE B 2218 41.91 72.97 -4.64
CA ILE B 2218 42.71 74.18 -4.46
C ILE B 2218 43.88 74.20 -5.43
N ILE B 2219 44.58 73.07 -5.58
CA ILE B 2219 45.71 73.01 -6.50
C ILE B 2219 45.25 73.29 -7.92
N ALA B 2220 44.12 72.69 -8.32
CA ALA B 2220 43.63 72.89 -9.68
C ALA B 2220 43.27 74.35 -9.92
N PHE B 2221 42.63 75.00 -8.95
CA PHE B 2221 42.12 76.35 -9.15
C PHE B 2221 43.16 77.44 -8.90
N PHE B 2222 44.32 77.11 -8.32
CA PHE B 2222 45.31 78.14 -8.01
C PHE B 2222 46.71 77.85 -8.55
N TYR B 2223 47.08 76.60 -8.75
CA TYR B 2223 48.44 76.31 -9.20
C TYR B 2223 48.65 76.80 -10.63
N PRO B 2224 49.77 77.49 -10.91
CA PRO B 2224 50.82 77.95 -9.98
C PRO B 2224 50.39 79.19 -9.21
N TYR B 2225 50.91 79.42 -8.02
CA TYR B 2225 50.56 80.58 -7.21
C TYR B 2225 51.82 81.32 -6.79
N MET B 2226 51.70 82.64 -6.67
CA MET B 2226 52.82 83.49 -6.27
C MET B 2226 54.04 83.24 -7.15
N SER B 2260 25.27 68.34 7.03
CA SER B 2260 26.66 68.02 6.77
C SER B 2260 27.58 69.14 7.24
N ILE B 2261 28.79 68.77 7.69
CA ILE B 2261 29.79 69.74 8.12
C ILE B 2261 30.70 70.14 6.97
N ARG B 2262 30.55 69.53 5.80
CA ARG B 2262 31.38 69.91 4.65
C ARG B 2262 31.25 71.39 4.31
N PRO B 2263 30.06 72.01 4.31
CA PRO B 2263 30.02 73.45 4.08
C PRO B 2263 30.82 74.26 5.10
N LEU B 2264 30.79 73.84 6.37
CA LEU B 2264 31.56 74.55 7.39
C LEU B 2264 33.06 74.41 7.13
N ILE B 2265 33.51 73.19 6.77
CA ILE B 2265 34.91 72.99 6.46
C ILE B 2265 35.29 73.81 5.23
N VAL B 2266 34.38 73.91 4.26
CA VAL B 2266 34.64 74.73 3.08
C VAL B 2266 34.83 76.19 3.48
N ALA B 2267 33.94 76.70 4.33
CA ALA B 2267 34.06 78.08 4.77
C ALA B 2267 35.38 78.31 5.49
N LEU B 2268 35.78 77.35 6.34
CA LEU B 2268 37.05 77.47 7.03
C LEU B 2268 38.21 77.52 6.03
N ILE B 2269 38.17 76.67 5.00
CA ILE B 2269 39.25 76.64 4.02
C ILE B 2269 39.31 77.96 3.25
N LEU B 2270 38.16 78.49 2.84
CA LEU B 2270 38.16 79.77 2.13
C LEU B 2270 38.70 80.89 3.01
N ARG B 2271 38.30 80.92 4.28
CA ARG B 2271 38.82 81.96 5.17
C ARG B 2271 40.32 81.79 5.37
N SER B 2272 40.81 80.55 5.47
CA SER B 2272 42.24 80.32 5.60
C SER B 2272 42.99 80.83 4.38
N ILE B 2273 42.46 80.58 3.18
CA ILE B 2273 43.09 81.10 1.97
C ILE B 2273 43.06 82.62 1.98
N TYR B 2274 41.95 83.21 2.42
CA TYR B 2274 41.81 84.67 2.42
C TYR B 2274 42.80 85.31 3.38
N TYR B 2275 43.03 84.69 4.55
CA TYR B 2275 43.87 85.30 5.57
C TYR B 2275 45.34 84.92 5.42
N LEU B 2276 45.64 83.62 5.53
CA LEU B 2276 47.04 83.19 5.51
C LEU B 2276 47.58 83.16 4.08
N GLY B 2277 46.82 82.60 3.15
CA GLY B 2277 47.25 82.47 1.78
C GLY B 2277 47.07 81.06 1.25
N ILE B 2278 47.13 80.95 -0.08
CA ILE B 2278 46.94 79.67 -0.75
C ILE B 2278 47.98 78.66 -0.26
N GLY B 2279 49.25 79.08 -0.24
CA GLY B 2279 50.32 78.19 0.14
C GLY B 2279 50.17 77.71 1.57
N PRO B 2280 50.04 78.64 2.51
CA PRO B 2280 49.86 78.23 3.92
C PRO B 2280 48.65 77.33 4.13
N THR B 2281 47.52 77.63 3.48
CA THR B 2281 46.36 76.77 3.61
C THR B 2281 46.65 75.38 3.10
N LEU B 2282 47.36 75.29 1.97
CA LEU B 2282 47.72 73.99 1.42
C LEU B 2282 48.62 73.22 2.38
N ASN B 2283 49.61 73.88 2.98
CA ASN B 2283 50.49 73.17 3.90
C ASN B 2283 49.72 72.66 5.11
N ILE B 2284 48.85 73.50 5.68
CA ILE B 2284 48.08 73.07 6.84
C ILE B 2284 47.20 71.86 6.47
N LEU B 2285 46.54 71.92 5.32
CA LEU B 2285 45.68 70.83 4.92
C LEU B 2285 46.48 69.54 4.70
N GLY B 2286 47.67 69.67 4.09
CA GLY B 2286 48.49 68.49 3.87
C GLY B 2286 48.97 67.86 5.17
N ALA B 2287 49.37 68.70 6.12
CA ALA B 2287 49.80 68.18 7.42
C ALA B 2287 48.65 67.46 8.12
N LEU B 2288 47.46 68.06 8.10
CA LEU B 2288 46.29 67.40 8.69
C LEU B 2288 46.02 66.07 7.99
N ASN B 2289 46.15 66.05 6.66
CA ASN B 2289 45.92 64.81 5.92
C ASN B 2289 46.91 63.73 6.33
N LEU B 2290 48.18 64.10 6.50
CA LEU B 2290 49.18 63.10 6.87
C LEU B 2290 48.91 62.54 8.27
N THR B 2291 48.60 63.43 9.24
CA THR B 2291 48.29 62.93 10.58
C THR B 2291 47.06 62.03 10.55
N ASN B 2292 46.03 62.45 9.82
CA ASN B 2292 44.82 61.64 9.69
C ASN B 2292 45.14 60.28 9.10
N LYS B 2293 46.00 60.22 8.08
CA LYS B 2293 46.28 58.95 7.43
C LYS B 2293 47.11 58.04 8.33
N ILE B 2294 47.99 58.62 9.13
CA ILE B 2294 48.71 57.81 10.12
C ILE B 2294 47.72 57.19 11.10
N VAL B 2295 46.80 58.01 11.62
CA VAL B 2295 45.77 57.47 12.53
C VAL B 2295 44.96 56.40 11.82
N PHE B 2296 44.63 56.61 10.54
CA PHE B 2296 43.82 55.67 9.79
C PHE B 2296 44.53 54.33 9.64
N VAL B 2297 45.83 54.35 9.32
CA VAL B 2297 46.55 53.10 9.15
C VAL B 2297 46.64 52.35 10.48
N VAL B 2298 46.89 53.08 11.57
CA VAL B 2298 46.93 52.43 12.88
C VAL B 2298 45.57 51.77 13.18
N SER B 2299 44.49 52.52 12.97
CA SER B 2299 43.16 51.97 13.24
C SER B 2299 42.84 50.80 12.34
N PHE B 2300 43.24 50.88 11.07
CA PHE B 2300 42.98 49.80 10.13
C PHE B 2300 43.68 48.52 10.54
N VAL B 2301 44.97 48.60 10.87
CA VAL B 2301 45.67 47.40 11.31
C VAL B 2301 45.04 46.87 12.59
N GLY B 2302 44.74 47.75 13.55
CA GLY B 2302 44.15 47.30 14.79
C GLY B 2302 42.83 46.57 14.59
N ASN B 2303 41.97 47.11 13.74
CA ASN B 2303 40.66 46.53 13.53
C ASN B 2303 40.75 45.23 12.74
N ARG B 2304 41.55 45.22 11.67
CA ARG B 2304 41.58 44.05 10.80
C ARG B 2304 42.34 42.89 11.41
N GLY B 2305 43.29 43.17 12.30
CA GLY B 2305 44.08 42.09 12.88
C GLY B 2305 44.88 41.35 11.83
N THR B 2306 45.34 42.06 10.79
CA THR B 2306 46.12 41.41 9.74
C THR B 2306 47.45 40.90 10.30
N PHE B 2307 48.01 41.60 11.29
CA PHE B 2307 49.26 41.15 11.90
C PHE B 2307 49.10 39.78 12.56
N ILE B 2308 47.86 39.39 12.87
CA ILE B 2308 47.63 38.10 13.51
C ILE B 2308 48.12 36.96 12.62
N ARG B 2309 47.81 37.04 11.32
CA ARG B 2309 48.25 35.99 10.39
C ARG B 2309 49.77 35.95 10.31
N GLY B 2310 50.42 37.10 10.28
CA GLY B 2310 51.87 37.19 10.25
C GLY B 2310 52.33 38.39 9.46
N TYR B 2311 53.60 38.76 9.68
CA TYR B 2311 54.18 39.88 8.95
C TYR B 2311 54.24 39.58 7.45
N LYS B 2312 54.61 38.35 7.09
CA LYS B 2312 54.62 37.98 5.68
C LYS B 2312 53.23 38.08 5.08
N ALA B 2313 52.21 37.62 5.81
CA ALA B 2313 50.84 37.73 5.32
C ALA B 2313 50.41 39.19 5.22
N MET B 2314 50.82 40.02 6.19
CA MET B 2314 50.44 41.43 6.14
C MET B 2314 51.06 42.11 4.91
N VAL B 2315 52.31 41.77 4.59
CA VAL B 2315 52.95 42.33 3.40
C VAL B 2315 52.27 41.79 2.14
N MET B 2316 51.87 40.52 2.16
CA MET B 2316 51.20 39.93 1.01
C MET B 2316 49.88 40.63 0.74
N ASP B 2317 49.14 40.97 1.79
CA ASP B 2317 47.84 41.61 1.63
C ASP B 2317 47.97 42.89 0.81
N MET B 2318 47.09 43.04 -0.19
CA MET B 2318 47.17 44.18 -1.09
C MET B 2318 46.65 45.45 -0.46
N GLU B 2319 45.58 45.36 0.33
CA GLU B 2319 44.94 46.56 0.87
C GLU B 2319 45.90 47.35 1.76
N PHE B 2320 46.64 46.65 2.62
CA PHE B 2320 47.61 47.32 3.48
C PHE B 2320 48.67 48.03 2.65
N LEU B 2321 49.14 47.38 1.58
CA LEU B 2321 50.11 48.02 0.70
C LEU B 2321 49.50 49.23 -0.01
N TYR B 2322 48.21 49.16 -0.33
CA TYR B 2322 47.54 50.32 -0.93
C TYR B 2322 47.54 51.50 0.04
N HIS B 2323 47.22 51.24 1.32
CA HIS B 2323 47.24 52.32 2.29
C HIS B 2323 48.66 52.86 2.50
N VAL B 2324 49.66 51.98 2.49
CA VAL B 2324 51.04 52.42 2.63
C VAL B 2324 51.44 53.30 1.45
N GLY B 2325 51.01 52.92 0.24
CA GLY B 2325 51.27 53.75 -0.92
C GLY B 2325 50.58 55.11 -0.82
N TYR B 2326 49.37 55.13 -0.27
CA TYR B 2326 48.70 56.41 -0.05
C TYR B 2326 49.52 57.28 0.90
N ILE B 2327 50.03 56.68 1.98
CA ILE B 2327 50.85 57.44 2.92
C ILE B 2327 52.10 57.98 2.24
N LEU B 2328 52.76 57.14 1.43
CA LEU B 2328 53.97 57.58 0.74
C LEU B 2328 53.67 58.74 -0.21
N THR B 2329 52.57 58.64 -0.96
CA THR B 2329 52.20 59.72 -1.86
C THR B 2329 51.86 60.98 -1.08
N SER B 2330 51.25 60.83 0.10
CA SER B 2330 50.97 62.00 0.93
C SER B 2330 52.25 62.69 1.37
N VAL B 2331 53.25 61.91 1.79
CA VAL B 2331 54.53 62.51 2.17
C VAL B 2331 55.17 63.22 0.98
N LEU B 2332 55.14 62.56 -0.19
CA LEU B 2332 55.72 63.17 -1.37
C LEU B 2332 55.01 64.48 -1.73
N GLY B 2333 53.68 64.49 -1.63
CA GLY B 2333 52.95 65.73 -1.89
C GLY B 2333 53.27 66.80 -0.88
N LEU B 2334 53.41 66.42 0.39
CA LEU B 2334 53.70 67.40 1.43
C LEU B 2334 55.06 68.05 1.22
N PHE B 2335 56.08 67.26 0.86
CA PHE B 2335 57.44 67.79 0.81
C PHE B 2335 57.95 68.05 -0.61
N ALA B 2336 57.96 67.03 -1.48
CA ALA B 2336 58.62 67.17 -2.76
C ALA B 2336 57.92 68.21 -3.65
N HIS B 2337 56.61 68.06 -3.84
CA HIS B 2337 55.88 68.91 -4.77
C HIS B 2337 54.40 68.83 -4.47
N GLU B 2338 53.69 69.93 -4.73
CA GLU B 2338 52.25 69.97 -4.45
C GLU B 2338 51.48 69.07 -5.40
N LEU B 2339 51.89 69.00 -6.66
CA LEU B 2339 51.13 68.28 -7.67
C LEU B 2339 51.09 66.77 -7.45
N PHE B 2340 51.95 66.24 -6.56
CA PHE B 2340 51.92 64.80 -6.29
C PHE B 2340 50.62 64.35 -5.66
N TYR B 2341 49.84 65.28 -5.10
CA TYR B 2341 48.59 64.93 -4.45
C TYR B 2341 47.53 64.47 -5.43
N SER B 2342 47.73 64.70 -6.73
CA SER B 2342 46.73 64.31 -7.71
C SER B 2342 46.53 62.80 -7.73
N ILE B 2343 47.57 62.05 -7.37
CA ILE B 2343 47.47 60.60 -7.38
C ILE B 2343 46.47 60.12 -6.34
N LEU B 2344 46.29 60.87 -5.26
CA LEU B 2344 45.40 60.45 -4.19
C LEU B 2344 43.94 60.39 -4.62
N LEU B 2345 43.58 61.02 -5.74
CA LEU B 2345 42.19 61.05 -6.17
C LEU B 2345 41.68 59.68 -6.60
N PHE B 2346 42.56 58.69 -6.76
CA PHE B 2346 42.13 57.34 -7.10
C PHE B 2346 41.38 56.67 -5.95
N ASP B 2347 41.39 57.26 -4.76
CA ASP B 2347 40.70 56.66 -3.62
C ASP B 2347 39.19 56.58 -3.84
N LEU B 2348 38.66 57.30 -4.83
CA LEU B 2348 37.24 57.22 -5.13
C LEU B 2348 36.87 55.80 -5.56
N ILE B 2349 37.72 55.15 -6.36
CA ILE B 2349 37.45 53.78 -6.78
C ILE B 2349 37.37 52.86 -5.57
N TYR B 2350 38.32 53.00 -4.63
CA TYR B 2350 38.29 52.19 -3.43
C TYR B 2350 37.04 52.46 -2.60
N ARG B 2351 36.65 53.73 -2.47
CA ARG B 2351 35.53 54.08 -1.61
C ARG B 2351 34.21 53.58 -2.19
N GLU B 2352 33.98 53.80 -3.48
CA GLU B 2352 32.70 53.49 -4.11
C GLU B 2352 32.76 52.11 -4.74
N GLU B 2353 31.86 51.22 -4.30
CA GLU B 2353 31.80 49.89 -4.88
C GLU B 2353 31.24 49.94 -6.31
N THR B 2354 30.33 50.88 -6.58
CA THR B 2354 29.72 50.96 -7.91
C THR B 2354 30.77 51.26 -8.97
N LEU B 2355 31.65 52.22 -8.71
CA LEU B 2355 32.70 52.53 -9.69
C LEU B 2355 33.65 51.36 -9.87
N PHE B 2356 33.98 50.67 -8.77
CA PHE B 2356 34.82 49.49 -8.88
C PHE B 2356 34.13 48.41 -9.70
N ASN B 2357 32.83 48.23 -9.53
CA ASN B 2357 32.10 47.26 -10.34
C ASN B 2357 32.11 47.65 -11.80
N VAL B 2358 31.96 48.95 -12.10
CA VAL B 2358 32.00 49.41 -13.49
C VAL B 2358 33.36 49.12 -14.10
N ILE B 2359 34.43 49.42 -13.37
CA ILE B 2359 35.78 49.16 -13.89
C ILE B 2359 36.05 47.67 -14.02
N LYS B 2360 35.41 46.85 -13.19
CA LYS B 2360 35.59 45.41 -13.30
C LYS B 2360 35.20 44.90 -14.68
N SER B 2361 34.29 45.60 -15.36
CA SER B 2361 33.95 45.20 -16.73
C SER B 2361 35.18 45.28 -17.62
N VAL B 2362 35.99 46.32 -17.46
CA VAL B 2362 37.23 46.44 -18.23
C VAL B 2362 38.25 45.41 -17.76
N THR B 2363 38.40 45.26 -16.44
CA THR B 2363 39.51 44.47 -15.91
C THR B 2363 39.31 42.96 -16.02
N ARG B 2364 38.09 42.46 -15.93
CA ARG B 2364 37.88 41.01 -15.86
C ARG B 2364 38.42 40.31 -17.09
N ASN B 2365 38.04 40.78 -18.28
CA ASN B 2365 38.50 40.20 -19.53
C ASN B 2365 39.50 41.11 -20.23
N GLY B 2366 40.37 41.76 -19.45
CA GLY B 2366 41.34 42.67 -20.01
C GLY B 2366 42.31 42.02 -20.98
N ARG B 2367 42.54 40.71 -20.84
CA ARG B 2367 43.42 40.02 -21.78
C ARG B 2367 42.85 40.07 -23.19
N SER B 2368 41.54 39.88 -23.34
CA SER B 2368 40.91 39.93 -24.65
C SER B 2368 41.06 41.31 -25.26
N ILE B 2369 40.91 42.37 -24.46
CA ILE B 2369 41.03 43.72 -24.97
C ILE B 2369 42.45 43.98 -25.47
N LEU B 2370 43.45 43.54 -24.71
CA LEU B 2370 44.83 43.74 -25.12
C LEU B 2370 45.15 42.93 -26.38
N LEU B 2371 44.61 41.72 -26.49
CA LEU B 2371 44.83 40.94 -27.69
C LEU B 2371 44.16 41.58 -28.91
N THR B 2372 42.99 42.16 -28.71
CA THR B 2372 42.34 42.89 -29.80
C THR B 2372 43.18 44.09 -30.22
N ALA B 2373 43.76 44.80 -29.25
CA ALA B 2373 44.64 45.90 -29.58
C ALA B 2373 45.86 45.42 -30.35
N LEU B 2374 46.40 44.26 -29.98
CA LEU B 2374 47.52 43.69 -30.72
C LEU B 2374 47.12 43.35 -32.15
N LEU B 2375 45.92 42.81 -32.34
CA LEU B 2375 45.43 42.53 -33.70
C LEU B 2375 45.30 43.83 -34.48
N ALA B 2376 44.81 44.89 -33.85
CA ALA B 2376 44.72 46.19 -34.51
C ALA B 2376 46.11 46.67 -34.92
N LEU B 2377 47.10 46.50 -34.05
CA LEU B 2377 48.46 46.89 -34.40
C LEU B 2377 48.98 46.09 -35.57
N ILE B 2378 48.69 44.79 -35.61
CA ILE B 2378 49.14 43.96 -36.73
C ILE B 2378 48.52 44.45 -38.05
N LEU B 2379 47.21 44.74 -38.02
CA LEU B 2379 46.55 45.23 -39.22
C LEU B 2379 47.11 46.58 -39.65
N VAL B 2380 47.40 47.45 -38.68
CA VAL B 2380 48.02 48.73 -39.00
C VAL B 2380 49.39 48.52 -39.63
N TYR B 2381 50.14 47.54 -39.12
CA TYR B 2381 51.45 47.24 -39.67
C TYR B 2381 51.35 46.81 -41.13
N LEU B 2382 50.39 45.92 -41.43
CA LEU B 2382 50.23 45.47 -42.82
C LEU B 2382 49.78 46.63 -43.71
N PHE B 2383 48.85 47.45 -43.24
CA PHE B 2383 48.39 48.59 -44.03
C PHE B 2383 49.53 49.57 -44.29
N SER B 2384 50.39 49.78 -43.28
CA SER B 2384 51.55 50.64 -43.46
C SER B 2384 52.54 50.06 -44.46
N ILE B 2385 52.70 48.73 -44.44
CA ILE B 2385 53.55 48.09 -45.45
C ILE B 2385 53.01 48.38 -46.84
N VAL B 2386 51.71 48.21 -47.03
CA VAL B 2386 51.12 48.47 -48.34
C VAL B 2386 51.31 49.93 -48.74
N GLY B 2387 51.05 50.85 -47.81
CA GLY B 2387 51.19 52.26 -48.12
C GLY B 2387 52.62 52.63 -48.50
N PHE B 2388 53.60 52.10 -47.77
CA PHE B 2388 54.99 52.34 -48.11
C PHE B 2388 55.32 51.78 -49.49
N LEU B 2389 54.83 50.58 -49.79
CA LEU B 2389 55.17 49.96 -51.07
C LEU B 2389 54.58 50.73 -52.23
N PHE B 2390 53.34 51.19 -52.12
CA PHE B 2390 52.63 51.73 -53.28
C PHE B 2390 52.15 53.18 -53.14
N LEU B 2391 51.77 53.61 -51.93
CA LEU B 2391 51.14 54.91 -51.75
C LEU B 2391 52.00 55.84 -50.88
N LYS B 2392 53.30 55.86 -51.12
CA LYS B 2392 54.19 56.67 -50.28
C LYS B 2392 53.91 58.16 -50.45
N ASP B 2393 53.74 58.61 -51.69
CA ASP B 2393 53.62 60.05 -51.93
C ASP B 2393 52.39 60.64 -51.26
N ASP B 2394 51.36 59.83 -51.03
CA ASP B 2394 50.12 60.36 -50.45
C ASP B 2394 50.30 60.70 -48.97
N PHE B 2395 51.31 60.13 -48.32
CA PHE B 2395 51.53 60.34 -46.89
C PHE B 2395 52.27 61.67 -46.67
N ILE B 2396 51.52 62.76 -46.86
CA ILE B 2396 52.01 64.11 -46.59
C ILE B 2396 51.21 64.65 -45.41
N LEU B 2397 51.90 65.00 -44.33
CA LEU B 2397 51.27 65.46 -43.10
C LEU B 2397 51.63 66.92 -42.86
N GLU B 2398 50.61 67.76 -42.71
CA GLU B 2398 50.84 69.16 -42.37
C GLU B 2398 51.38 69.26 -40.95
N VAL B 2399 52.41 70.09 -40.77
CA VAL B 2399 53.10 70.22 -39.49
C VAL B 2399 53.27 71.70 -39.17
N ASP B 2400 53.00 72.07 -37.92
CA ASP B 2400 53.29 73.41 -37.42
C ASP B 2400 54.67 73.41 -36.80
N ARG B 2401 55.51 74.35 -37.24
CA ARG B 2401 56.91 74.38 -36.85
C ARG B 2401 57.15 75.47 -35.82
N LEU B 2402 57.76 75.10 -34.70
CA LEU B 2402 58.08 76.09 -33.67
C LEU B 2402 59.20 77.00 -34.17
N PRO B 2403 59.21 78.28 -33.75
CA PRO B 2403 60.26 79.21 -34.20
C PRO B 2403 61.62 78.91 -33.58
N ASP B 2449 59.05 74.84 -44.92
CA ASP B 2449 57.93 74.08 -45.47
C ASP B 2449 56.92 73.76 -44.38
N SER B 2450 55.64 73.78 -44.76
CA SER B 2450 54.55 73.49 -43.83
C SER B 2450 54.08 72.03 -43.90
N THR B 2451 54.75 71.20 -44.68
CA THR B 2451 54.36 69.80 -44.83
C THR B 2451 55.61 68.92 -44.79
N GLU B 2452 55.41 67.66 -44.40
CA GLU B 2452 56.50 66.70 -44.32
C GLU B 2452 56.02 65.36 -44.87
N ARG B 2453 56.99 64.53 -45.27
CA ARG B 2453 56.71 63.19 -45.78
C ARG B 2453 56.75 62.22 -44.61
N ALA B 2454 55.67 61.48 -44.41
CA ALA B 2454 55.49 60.66 -43.21
C ALA B 2454 55.64 59.17 -43.46
N CYS B 2455 55.95 58.76 -44.70
CA CYS B 2455 56.09 57.34 -45.02
C CYS B 2455 57.42 57.08 -45.71
N ASP B 2456 58.43 57.92 -45.44
CA ASP B 2456 59.75 57.69 -46.01
C ASP B 2456 60.38 56.41 -45.47
N THR B 2457 60.11 56.09 -44.21
CA THR B 2457 60.59 54.86 -43.58
C THR B 2457 59.40 54.10 -43.02
N LEU B 2458 59.53 52.77 -42.96
CA LEU B 2458 58.40 51.95 -42.56
C LEU B 2458 57.99 52.22 -41.11
N LEU B 2459 58.97 52.46 -40.23
CA LEU B 2459 58.64 52.81 -38.85
C LEU B 2459 57.81 54.09 -38.82
N MET B 2460 58.21 55.10 -39.59
CA MET B 2460 57.45 56.35 -39.62
C MET B 2460 56.05 56.13 -40.19
N CYS B 2461 55.93 55.31 -41.23
CA CYS B 2461 54.62 55.05 -41.80
C CYS B 2461 53.72 54.34 -40.81
N ILE B 2462 54.28 53.39 -40.05
CA ILE B 2462 53.51 52.71 -39.01
C ILE B 2462 53.08 53.70 -37.94
N VAL B 2463 53.99 54.58 -37.52
CA VAL B 2463 53.65 55.57 -36.50
C VAL B 2463 52.51 56.44 -36.99
N THR B 2464 52.61 56.92 -38.23
CA THR B 2464 51.57 57.79 -38.79
C THR B 2464 50.23 57.06 -38.82
N VAL B 2465 50.20 55.85 -39.36
CA VAL B 2465 48.94 55.12 -39.46
C VAL B 2465 48.36 54.90 -38.07
N MET B 2466 49.14 54.35 -37.14
CA MET B 2466 48.62 54.02 -35.83
C MET B 2466 48.11 55.27 -35.11
N ASN B 2467 48.84 56.38 -35.20
CA ASN B 2467 48.47 57.57 -34.44
C ASN B 2467 47.26 58.25 -35.05
N HIS B 2468 47.20 58.35 -36.39
CA HIS B 2468 46.19 59.18 -37.03
C HIS B 2468 44.98 58.39 -37.51
N GLY B 2469 45.18 57.29 -38.24
CA GLY B 2469 44.04 56.56 -38.76
C GLY B 2469 43.15 56.00 -37.67
N LEU B 2470 43.76 55.45 -36.62
CA LEU B 2470 42.98 54.90 -35.51
C LEU B 2470 42.26 55.97 -34.72
N ARG B 2471 42.84 57.17 -34.62
CA ARG B 2471 42.22 58.28 -33.89
C ARG B 2471 41.32 59.14 -34.76
N ASN B 2472 41.21 58.82 -36.06
CA ASN B 2472 40.35 59.56 -36.98
C ASN B 2472 39.13 58.70 -37.30
N GLY B 2473 37.95 59.33 -37.28
CA GLY B 2473 36.73 58.58 -37.56
C GLY B 2473 36.74 57.95 -38.93
N GLY B 2474 37.12 58.72 -39.95
CA GLY B 2474 37.17 58.16 -41.30
C GLY B 2474 38.24 57.10 -41.46
N GLY B 2475 39.43 57.36 -40.92
CA GLY B 2475 40.56 56.46 -41.01
C GLY B 2475 41.78 57.18 -41.51
N VAL B 2476 42.71 56.41 -42.09
CA VAL B 2476 43.94 56.99 -42.61
C VAL B 2476 43.67 57.88 -43.83
N GLY B 2477 42.60 57.61 -44.57
CA GLY B 2477 42.30 58.43 -45.74
C GLY B 2477 42.15 59.90 -45.40
N ASP B 2478 41.72 60.19 -44.16
CA ASP B 2478 41.57 61.58 -43.76
C ASP B 2478 42.90 62.32 -43.81
N ILE B 2479 43.94 61.75 -43.22
CA ILE B 2479 45.25 62.42 -43.22
C ILE B 2479 45.87 62.32 -44.61
N LEU B 2480 45.64 61.23 -45.32
CA LEU B 2480 46.28 61.06 -46.62
C LEU B 2480 45.80 62.13 -47.61
N ARG B 2481 46.65 62.41 -48.59
CA ARG B 2481 46.38 63.46 -49.56
C ARG B 2481 45.12 63.13 -50.38
N LYS B 2482 44.39 64.17 -50.74
CA LYS B 2482 43.16 64.00 -51.49
C LYS B 2482 43.46 63.75 -52.96
N PRO B 2483 43.05 62.63 -53.54
CA PRO B 2483 43.38 62.35 -54.94
C PRO B 2483 42.34 62.86 -55.92
N SER B 2484 42.82 63.25 -57.10
CA SER B 2484 41.95 63.65 -58.19
C SER B 2484 41.34 62.42 -58.86
N LYS B 2485 40.15 62.61 -59.44
CA LYS B 2485 39.52 61.53 -60.19
C LYS B 2485 40.35 61.16 -61.42
N ASP B 2486 40.95 62.16 -62.06
CA ASP B 2486 41.73 61.89 -63.27
C ASP B 2486 42.96 61.04 -62.97
N GLU B 2487 43.48 61.13 -61.75
CA GLU B 2487 44.69 60.38 -61.40
C GLU B 2487 44.44 58.88 -61.49
N SER B 2488 45.49 58.16 -61.89
CA SER B 2488 45.34 56.72 -62.14
C SER B 2488 45.10 55.93 -60.87
N LEU B 2489 45.63 56.38 -59.74
CA LEU B 2489 45.57 55.63 -58.50
C LEU B 2489 44.32 55.92 -57.69
N PHE B 2490 43.35 56.64 -58.26
CA PHE B 2490 42.13 56.95 -57.52
C PHE B 2490 41.37 55.70 -57.08
N PRO B 2491 41.14 54.69 -57.94
CA PRO B 2491 40.43 53.49 -57.46
C PRO B 2491 41.18 52.76 -56.36
N ALA B 2492 42.51 52.67 -56.50
CA ALA B 2492 43.30 52.00 -55.46
C ALA B 2492 43.20 52.74 -54.14
N ARG B 2493 43.26 54.08 -54.18
CA ARG B 2493 43.12 54.84 -52.95
C ARG B 2493 41.74 54.67 -52.34
N VAL B 2494 40.70 54.64 -53.17
CA VAL B 2494 39.34 54.44 -52.66
C VAL B 2494 39.25 53.09 -51.95
N VAL B 2495 39.76 52.04 -52.59
CA VAL B 2495 39.73 50.71 -51.97
C VAL B 2495 40.53 50.71 -50.67
N TYR B 2496 41.70 51.34 -50.67
CA TYR B 2496 42.52 51.40 -49.48
C TYR B 2496 41.76 52.04 -48.32
N ASP B 2497 41.18 53.22 -48.57
CA ASP B 2497 40.48 53.94 -47.51
C ASP B 2497 39.29 53.16 -47.00
N LEU B 2498 38.46 52.63 -47.92
CA LEU B 2498 37.26 51.92 -47.49
C LEU B 2498 37.62 50.65 -46.73
N LEU B 2499 38.63 49.92 -47.19
CA LEU B 2499 39.02 48.70 -46.50
C LEU B 2499 39.56 49.02 -45.11
N PHE B 2500 40.39 50.05 -44.97
CA PHE B 2500 40.86 50.42 -43.65
C PHE B 2500 39.69 50.78 -42.75
N PHE B 2501 38.77 51.61 -43.25
CA PHE B 2501 37.64 52.04 -42.43
C PHE B 2501 36.81 50.86 -41.96
N PHE B 2502 36.52 49.92 -42.86
CA PHE B 2502 35.65 48.81 -42.50
C PHE B 2502 36.35 47.82 -41.59
N ILE B 2503 37.58 47.43 -41.92
CA ILE B 2503 38.25 46.38 -41.16
C ILE B 2503 38.67 46.87 -39.79
N VAL B 2504 39.27 48.07 -39.72
CA VAL B 2504 39.87 48.52 -38.47
C VAL B 2504 38.90 49.38 -37.67
N ILE B 2505 38.45 50.48 -38.27
CA ILE B 2505 37.68 51.46 -37.51
C ILE B 2505 36.31 50.93 -37.13
N ILE B 2506 35.71 50.09 -37.96
CA ILE B 2506 34.31 49.70 -37.77
C ILE B 2506 34.21 48.37 -37.02
N ILE B 2507 35.14 47.46 -37.26
CA ILE B 2507 35.09 46.11 -36.72
C ILE B 2507 36.06 45.92 -35.56
N VAL B 2508 37.35 46.12 -35.81
CA VAL B 2508 38.35 45.82 -34.78
C VAL B 2508 38.17 46.71 -33.57
N LEU B 2509 37.99 48.02 -33.79
CA LEU B 2509 37.85 48.94 -32.68
C LEU B 2509 36.55 48.69 -31.92
N ASN B 2510 35.50 48.25 -32.62
CA ASN B 2510 34.23 48.00 -31.96
C ASN B 2510 34.26 46.69 -31.16
N LEU B 2511 35.21 45.81 -31.46
CA LEU B 2511 35.28 44.55 -30.72
C LEU B 2511 35.66 44.76 -29.26
N ILE B 2512 36.46 45.78 -28.97
CA ILE B 2512 36.81 46.09 -27.58
C ILE B 2512 35.55 46.48 -26.81
N PHE B 2513 34.72 47.34 -27.40
CA PHE B 2513 33.48 47.73 -26.74
C PHE B 2513 32.54 46.54 -26.60
N GLY B 2514 32.50 45.67 -27.61
CA GLY B 2514 31.70 44.46 -27.48
C GLY B 2514 32.18 43.58 -26.33
N VAL B 2515 33.49 43.47 -26.16
CA VAL B 2515 34.05 42.71 -25.05
C VAL B 2515 33.62 43.33 -23.72
N ILE B 2516 33.69 44.65 -23.62
CA ILE B 2516 33.30 45.31 -22.38
C ILE B 2516 31.83 45.07 -22.07
N ILE B 2517 30.97 45.16 -23.09
CA ILE B 2517 29.54 44.93 -22.88
C ILE B 2517 29.29 43.49 -22.44
N ASP B 2518 29.98 42.53 -23.08
CA ASP B 2518 29.82 41.13 -22.69
C ASP B 2518 30.27 40.91 -21.25
N THR B 2519 31.35 41.57 -20.85
CA THR B 2519 31.80 41.46 -19.46
C THR B 2519 30.75 42.02 -18.51
N PHE B 2520 30.15 43.15 -18.86
CA PHE B 2520 29.04 43.68 -18.07
C PHE B 2520 27.95 42.64 -17.89
N ALA B 2521 27.53 42.01 -18.98
CA ALA B 2521 26.45 41.04 -18.91
C ALA B 2521 26.84 39.84 -18.04
N ASP B 2522 28.07 39.35 -18.20
CA ASP B 2522 28.52 38.20 -17.42
C ASP B 2522 28.55 38.54 -15.93
N LEU B 2523 29.03 39.74 -15.59
CA LEU B 2523 29.06 40.15 -14.19
C LEU B 2523 27.65 40.21 -13.61
N ARG B 2524 26.70 40.77 -14.39
CA ARG B 2524 25.33 40.84 -13.91
C ARG B 2524 24.76 39.44 -13.67
N SER B 2525 24.99 38.52 -14.60
CA SER B 2525 24.48 37.16 -14.44
C SER B 2525 25.06 36.50 -13.20
N GLU B 2526 26.38 36.62 -13.01
CA GLU B 2526 27.02 36.02 -11.84
C GLU B 2526 26.46 36.59 -10.55
N LYS B 2527 26.31 37.92 -10.49
CA LYS B 2527 25.79 38.54 -9.29
C LYS B 2527 24.38 38.07 -8.98
N GLN B 2528 23.52 38.02 -10.00
CA GLN B 2528 22.15 37.57 -9.78
C GLN B 2528 22.11 36.13 -9.28
N LYS B 2529 22.91 35.25 -9.90
CA LYS B 2529 22.93 33.85 -9.46
C LYS B 2529 23.40 33.73 -8.01
N LYS B 2530 24.46 34.45 -7.66
CA LYS B 2530 24.98 34.38 -6.29
C LYS B 2530 23.95 34.90 -5.29
N GLU B 2531 23.28 36.00 -5.62
CA GLU B 2531 22.27 36.55 -4.71
C GLU B 2531 21.13 35.56 -4.52
N GLU B 2532 20.66 34.95 -5.61
CA GLU B 2532 19.59 33.96 -5.48
C GLU B 2532 20.02 32.80 -4.60
N ILE B 2533 21.24 32.28 -4.82
CA ILE B 2533 21.71 31.15 -4.03
C ILE B 2533 21.77 31.53 -2.56
N LEU B 2534 22.31 32.71 -2.26
CA LEU B 2534 22.44 33.13 -0.87
C LEU B 2534 21.08 33.28 -0.21
N LYS B 2535 20.13 33.90 -0.90
CA LYS B 2535 18.84 34.19 -0.28
C LYS B 2535 17.99 32.94 -0.11
N THR B 2536 17.92 32.09 -1.13
CA THR B 2536 16.92 31.02 -1.18
C THR B 2536 17.49 29.64 -0.90
N THR B 2537 18.54 29.53 -0.08
CA THR B 2537 19.11 28.23 0.26
C THR B 2537 19.78 28.31 1.63
N CYS B 2538 19.91 27.14 2.25
CA CYS B 2538 20.58 27.04 3.53
C CYS B 2538 22.09 26.96 3.33
N PHE B 2539 22.83 27.78 4.07
CA PHE B 2539 24.28 27.84 3.91
C PHE B 2539 24.93 26.50 4.25
N ILE B 2540 24.44 25.84 5.31
CA ILE B 2540 25.11 24.66 5.81
C ILE B 2540 24.66 23.41 5.05
N CYS B 2541 23.34 23.17 4.97
CA CYS B 2541 22.83 21.95 4.38
C CYS B 2541 22.41 22.09 2.92
N GLY B 2542 22.15 23.31 2.46
CA GLY B 2542 21.89 23.54 1.05
C GLY B 2542 20.48 23.28 0.58
N LEU B 2543 19.55 22.98 1.49
CA LEU B 2543 18.17 22.75 1.08
C LEU B 2543 17.50 24.05 0.68
N GLU B 2544 16.62 23.98 -0.31
CA GLU B 2544 15.94 25.15 -0.83
C GLU B 2544 14.71 25.49 0.00
N ARG B 2545 14.16 26.68 -0.25
CA ARG B 2545 13.01 27.14 0.51
C ARG B 2545 11.79 26.25 0.28
N ASP B 2546 11.58 25.81 -0.96
CA ASP B 2546 10.36 25.09 -1.30
C ASP B 2546 10.19 23.82 -0.47
N LYS B 2547 11.30 23.22 -0.05
CA LYS B 2547 11.23 21.98 0.72
C LYS B 2547 10.52 22.19 2.05
N PHE B 2548 10.57 23.40 2.60
CA PHE B 2548 10.03 23.69 3.92
C PHE B 2548 8.60 24.23 3.86
N ASP B 2549 7.98 24.28 2.69
CA ASP B 2549 6.64 24.81 2.57
C ASP B 2549 5.64 23.90 3.28
N ASN B 2550 4.61 24.53 3.87
CA ASN B 2550 3.52 23.83 4.56
C ASN B 2550 4.04 22.81 5.56
N LYS B 2551 5.09 23.19 6.29
CA LYS B 2551 5.66 22.36 7.34
C LYS B 2551 5.63 23.12 8.65
N THR B 2552 5.71 22.37 9.75
CA THR B 2552 5.67 22.97 11.07
C THR B 2552 6.79 23.98 11.26
N VAL B 2553 7.96 23.70 10.67
CA VAL B 2553 9.12 24.57 10.78
C VAL B 2553 9.22 25.40 9.50
N SER B 2554 9.43 26.69 9.65
CA SER B 2554 9.65 27.56 8.51
C SER B 2554 11.13 27.55 8.10
N PHE B 2555 11.39 27.98 6.87
CA PHE B 2555 12.77 28.10 6.41
C PHE B 2555 13.53 29.12 7.24
N GLU B 2556 12.86 30.21 7.63
CA GLU B 2556 13.49 31.17 8.53
C GLU B 2556 13.88 30.52 9.85
N GLU B 2557 13.00 29.69 10.40
CA GLU B 2557 13.33 28.97 11.62
C GLU B 2557 14.50 28.03 11.41
N HIS B 2558 14.52 27.33 10.26
CA HIS B 2558 15.63 26.43 9.97
C HIS B 2558 16.96 27.17 9.97
N ILE B 2559 17.01 28.31 9.27
CA ILE B 2559 18.28 29.04 9.17
C ILE B 2559 18.64 29.65 10.53
N LYS B 2560 17.65 30.12 11.29
CA LYS B 2560 17.94 30.84 12.52
C LYS B 2560 18.38 29.88 13.63
N LEU B 2561 17.73 28.73 13.76
CA LEU B 2561 17.92 27.86 14.91
C LEU B 2561 18.58 26.53 14.54
N GLU B 2562 18.03 25.80 13.57
CA GLU B 2562 18.44 24.41 13.37
C GLU B 2562 19.83 24.32 12.76
N HIS B 2563 20.13 25.15 11.76
CA HIS B 2563 21.32 24.99 10.93
C HIS B 2563 22.09 26.32 10.88
N ASN B 2564 22.33 26.89 12.05
CA ASN B 2564 23.04 28.16 12.14
C ASN B 2564 24.54 27.95 11.98
N MET B 2565 25.09 28.52 10.91
CA MET B 2565 26.51 28.39 10.63
C MET B 2565 27.37 28.97 11.76
N TRP B 2566 26.90 30.05 12.39
CA TRP B 2566 27.62 30.54 13.57
C TRP B 2566 27.53 29.57 14.73
N ASN B 2567 26.43 28.83 14.85
CA ASN B 2567 26.38 27.78 15.87
C ASN B 2567 27.40 26.69 15.57
N TYR B 2568 27.55 26.32 14.30
CA TYR B 2568 28.57 25.34 13.94
C TYR B 2568 29.97 25.86 14.26
N LEU B 2569 30.22 27.13 13.95
CA LEU B 2569 31.51 27.74 14.28
C LEU B 2569 31.74 27.71 15.79
N TYR B 2570 30.71 28.02 16.57
CA TYR B 2570 30.83 28.01 18.02
C TYR B 2570 31.14 26.60 18.53
N PHE B 2571 30.52 25.58 17.93
CA PHE B 2571 30.85 24.21 18.32
C PHE B 2571 32.29 23.88 17.99
N ILE B 2572 32.78 24.30 16.82
CA ILE B 2572 34.19 24.07 16.48
C ILE B 2572 35.10 24.73 17.51
N VAL B 2573 34.78 25.97 17.88
CA VAL B 2573 35.59 26.68 18.87
C VAL B 2573 35.53 25.95 20.21
N LEU B 2574 34.36 25.43 20.57
CA LEU B 2574 34.21 24.70 21.83
C LEU B 2574 35.09 23.46 21.84
N VAL B 2575 35.09 22.70 20.74
CA VAL B 2575 35.94 21.52 20.67
C VAL B 2575 37.40 21.90 20.78
N ARG B 2576 37.81 22.97 20.07
CA ARG B 2576 39.20 23.38 20.12
C ARG B 2576 39.62 23.80 21.53
N VAL B 2577 38.78 24.58 22.21
CA VAL B 2577 39.15 25.10 23.52
C VAL B 2577 39.12 24.00 24.57
N LYS B 2578 38.11 23.15 24.54
CA LYS B 2578 37.88 22.20 25.63
C LYS B 2578 39.00 21.18 25.69
N ASN B 2579 39.23 20.65 26.90
CA ASN B 2579 40.24 19.62 27.10
C ASN B 2579 39.79 18.30 26.47
N LYS B 2580 40.78 17.50 26.05
CA LYS B 2580 40.46 16.25 25.37
C LYS B 2580 39.70 15.29 26.28
N THR B 2581 40.10 15.21 27.55
CA THR B 2581 39.48 14.26 28.46
C THR B 2581 38.01 14.58 28.69
N ASP B 2582 37.67 15.87 28.76
CA ASP B 2582 36.30 16.27 29.06
C ASP B 2582 35.35 16.10 27.88
N TYR B 2583 35.84 15.70 26.72
CA TYR B 2583 34.98 15.52 25.56
C TYR B 2583 33.86 14.53 25.84
N THR B 2584 32.66 14.87 25.39
CA THR B 2584 31.56 13.91 25.38
C THR B 2584 31.67 13.02 24.15
N GLY B 2585 30.62 12.23 23.91
CA GLY B 2585 30.61 11.32 22.78
C GLY B 2585 30.55 12.05 21.45
N PRO B 2586 29.52 12.87 21.25
CA PRO B 2586 29.46 13.67 20.02
C PRO B 2586 30.66 14.58 19.85
N GLU B 2587 31.15 15.18 20.94
CA GLU B 2587 32.32 16.04 20.84
C GLU B 2587 33.54 15.23 20.41
N SER B 2588 33.71 14.02 20.93
CA SER B 2588 34.81 13.17 20.51
C SER B 2588 34.70 12.82 19.04
N TYR B 2589 33.50 12.47 18.58
CA TYR B 2589 33.31 12.17 17.17
C TYR B 2589 33.69 13.35 16.30
N VAL B 2590 33.20 14.55 16.65
CA VAL B 2590 33.48 15.73 15.85
C VAL B 2590 34.97 16.06 15.88
N ALA B 2591 35.61 15.91 17.04
CA ALA B 2591 37.03 16.18 17.14
C ALA B 2591 37.84 15.22 16.28
N GLN B 2592 37.48 13.94 16.29
CA GLN B 2592 38.17 12.98 15.44
C GLN B 2592 37.99 13.32 13.97
N MET B 2593 36.78 13.70 13.58
CA MET B 2593 36.54 14.07 12.19
C MET B 2593 37.36 15.31 11.80
N ILE B 2594 37.42 16.30 12.69
CA ILE B 2594 38.21 17.49 12.43
C ILE B 2594 39.68 17.14 12.29
N LYS B 2595 40.19 16.28 13.17
CA LYS B 2595 41.59 15.88 13.08
C LYS B 2595 41.87 15.14 11.77
N ASN B 2596 40.95 14.29 11.34
CA ASN B 2596 41.11 13.54 10.10
C ASN B 2596 40.77 14.35 8.86
N LYS B 2597 40.30 15.59 9.02
CA LYS B 2597 40.01 16.48 7.89
C LYS B 2597 38.81 15.96 7.09
N ASN B 2598 37.81 15.45 7.79
CA ASN B 2598 36.58 14.96 7.19
C ASN B 2598 35.44 15.91 7.52
N LEU B 2599 34.73 16.38 6.50
CA LEU B 2599 33.65 17.34 6.66
C LEU B 2599 32.28 16.69 6.58
N ASP B 2600 32.22 15.36 6.64
CA ASP B 2600 30.93 14.68 6.54
C ASP B 2600 30.03 14.98 7.73
N TRP B 2601 30.60 15.38 8.87
CA TRP B 2601 29.78 15.60 10.05
C TRP B 2601 28.82 16.77 9.85
N PHE B 2602 29.17 17.69 8.95
CA PHE B 2602 28.22 18.73 8.56
C PHE B 2602 27.05 18.10 7.82
N PRO B 2603 25.81 18.47 8.12
CA PRO B 2603 24.68 17.90 7.37
C PRO B 2603 24.69 18.36 5.92
N ARG B 2604 24.29 17.47 5.03
CA ARG B 2604 24.23 17.75 3.59
C ARG B 2604 22.92 17.21 3.05
N MET B 2605 22.05 18.13 2.63
CA MET B 2605 20.78 17.79 1.99
C MET B 2605 19.88 16.94 2.90
N ARG B 2606 20.05 17.07 4.22
CA ARG B 2606 19.25 16.34 5.19
C ARG B 2606 18.82 17.30 6.29
N ALA B 2607 17.55 17.24 6.67
CA ALA B 2607 16.99 18.06 7.73
C ALA B 2607 16.13 17.20 8.65
N MET B 2608 16.44 17.23 9.94
CA MET B 2608 15.69 16.42 10.89
C MET B 2608 14.23 16.81 10.94
N SER B 2609 13.93 18.11 10.90
CA SER B 2609 12.55 18.55 10.93
C SER B 2609 11.78 18.04 9.71
N LEU B 2610 12.38 18.13 8.53
CA LEU B 2610 11.74 17.60 7.34
C LEU B 2610 11.53 16.10 7.43
N VAL B 2611 12.53 15.39 7.98
CA VAL B 2611 12.39 13.95 8.15
C VAL B 2611 11.20 13.63 9.06
N SER B 2612 11.07 14.37 10.16
CA SER B 2612 9.97 14.17 11.10
C SER B 2612 9.16 15.44 11.25
N VAL C 234 -2.29 -46.72 -23.17
CA VAL C 234 -2.29 -47.62 -22.02
C VAL C 234 -2.72 -49.01 -22.44
N LEU C 235 -2.74 -49.94 -21.48
CA LEU C 235 -3.15 -51.31 -21.74
C LEU C 235 -4.64 -51.44 -21.52
N LYS C 236 -5.36 -51.87 -22.55
CA LYS C 236 -6.81 -51.96 -22.50
C LYS C 236 -7.26 -53.23 -23.22
N GLY C 237 -8.48 -53.66 -22.89
CA GLY C 237 -9.03 -54.84 -23.52
C GLY C 237 -9.29 -54.61 -25.00
N GLY C 238 -9.27 -55.72 -25.75
CA GLY C 238 -9.47 -55.66 -27.19
C GLY C 238 -8.23 -55.32 -27.99
N ASP C 239 -7.08 -55.15 -27.35
CA ASP C 239 -5.83 -54.85 -28.03
C ASP C 239 -4.91 -56.06 -27.93
N VAL C 240 -3.90 -56.10 -28.80
CA VAL C 240 -2.95 -57.20 -28.84
C VAL C 240 -1.56 -56.64 -28.61
N VAL C 241 -0.84 -57.25 -27.65
CA VAL C 241 0.54 -56.90 -27.35
C VAL C 241 1.31 -58.18 -27.09
N ARG C 242 2.52 -58.26 -27.64
CA ARG C 242 3.36 -59.42 -27.40
C ARG C 242 3.87 -59.44 -25.96
N LEU C 243 3.90 -60.65 -25.40
CA LEU C 243 4.45 -60.90 -24.07
C LEU C 243 5.92 -61.27 -24.24
N PHE C 244 6.79 -60.64 -23.45
CA PHE C 244 8.22 -60.83 -23.58
C PHE C 244 8.86 -60.92 -22.19
N HIS C 245 9.47 -62.06 -21.90
CA HIS C 245 10.16 -62.26 -20.63
C HIS C 245 11.57 -61.69 -20.76
N ALA C 246 11.89 -60.73 -19.89
CA ALA C 246 13.16 -60.02 -19.99
C ALA C 246 14.33 -60.89 -19.56
N GLU C 247 14.19 -61.60 -18.44
CA GLU C 247 15.28 -62.44 -17.96
C GLU C 247 15.64 -63.51 -18.99
N GLN C 248 14.64 -64.21 -19.51
CA GLN C 248 14.87 -65.12 -20.62
C GLN C 248 15.21 -64.38 -21.90
N GLU C 249 14.87 -63.09 -21.97
CA GLU C 249 15.05 -62.30 -23.19
C GLU C 249 14.36 -62.98 -24.36
N LYS C 250 13.15 -63.47 -24.13
CA LYS C 250 12.46 -64.31 -25.10
C LYS C 250 10.99 -63.92 -25.20
N PHE C 251 10.41 -64.20 -26.38
CA PHE C 251 9.02 -63.88 -26.67
C PHE C 251 8.14 -65.07 -26.37
N LEU C 252 7.07 -64.83 -25.60
CA LEU C 252 6.10 -65.88 -25.34
C LEU C 252 5.27 -66.16 -26.59
N THR C 253 5.16 -67.44 -26.93
CA THR C 253 4.46 -67.87 -28.14
C THR C 253 3.56 -69.05 -27.82
N CYS C 254 2.42 -69.12 -28.51
CA CYS C 254 1.47 -70.22 -28.39
C CYS C 254 1.33 -70.88 -29.75
N ASP C 255 1.40 -72.21 -29.77
CA ASP C 255 1.35 -72.94 -31.04
C ASP C 255 0.89 -74.37 -30.80
N GLU C 256 0.51 -75.03 -31.89
CA GLU C 256 0.07 -76.42 -31.86
C GLU C 256 1.26 -77.34 -32.10
N TYR C 257 2.00 -77.59 -31.02
CA TYR C 257 3.26 -78.32 -31.14
C TYR C 257 3.03 -79.80 -31.44
N LYS C 258 2.11 -80.45 -30.71
CA LYS C 258 1.83 -81.87 -30.88
C LYS C 258 0.39 -82.12 -31.29
N GLY C 259 -0.17 -81.25 -32.11
CA GLY C 259 -1.58 -81.29 -32.42
C GLY C 259 -2.47 -80.71 -31.35
N LYS C 260 -1.89 -80.19 -30.28
CA LYS C 260 -2.62 -79.54 -29.19
C LYS C 260 -1.99 -78.20 -28.92
N LEU C 261 -2.82 -77.16 -28.79
CA LEU C 261 -2.31 -75.82 -28.56
C LEU C 261 -1.66 -75.73 -27.18
N GLN C 262 -0.47 -75.12 -27.14
CA GLN C 262 0.28 -74.95 -25.91
C GLN C 262 0.90 -73.56 -25.89
N VAL C 263 1.18 -73.07 -24.69
CA VAL C 263 1.80 -71.77 -24.46
C VAL C 263 3.20 -72.00 -23.90
N PHE C 264 4.17 -71.24 -24.40
CA PHE C 264 5.56 -71.46 -24.06
C PHE C 264 6.32 -70.16 -24.27
N LEU C 265 7.61 -70.17 -23.95
CA LEU C 265 8.50 -69.05 -24.21
C LEU C 265 9.54 -69.51 -25.23
N ARG C 266 9.26 -69.25 -26.51
CA ARG C 266 10.10 -69.77 -27.58
C ARG C 266 11.48 -69.15 -27.54
N THR C 267 12.49 -69.96 -27.86
CA THR C 267 13.86 -69.49 -28.05
C THR C 267 14.15 -69.44 -29.54
N THR C 268 14.69 -68.31 -29.99
CA THR C 268 14.90 -68.06 -31.42
C THR C 268 16.37 -68.20 -31.75
N LEU C 269 16.67 -68.94 -32.83
CA LEU C 269 18.05 -69.02 -33.31
C LEU C 269 18.53 -67.68 -33.85
N ARG C 270 17.60 -66.82 -34.26
CA ARG C 270 17.98 -65.48 -34.72
C ARG C 270 18.71 -64.73 -33.62
N GLN C 271 19.75 -63.99 -34.00
CA GLN C 271 20.58 -63.30 -33.01
C GLN C 271 19.75 -62.30 -32.21
N SER C 272 18.77 -61.66 -32.85
CA SER C 272 17.94 -60.65 -32.22
C SER C 272 16.59 -61.26 -31.87
N ALA C 273 16.21 -61.21 -30.59
CA ALA C 273 14.92 -61.73 -30.18
C ALA C 273 13.77 -60.94 -30.79
N THR C 274 13.89 -59.61 -30.80
CA THR C 274 12.81 -58.78 -31.34
C THR C 274 12.65 -59.00 -32.84
N SER C 275 13.73 -59.37 -33.53
CA SER C 275 13.65 -59.56 -34.97
C SER C 275 12.69 -60.70 -35.33
N ALA C 276 12.64 -61.74 -34.51
CA ALA C 276 11.79 -62.89 -34.74
C ALA C 276 10.49 -62.74 -33.97
N THR C 277 9.37 -62.79 -34.67
CA THR C 277 8.05 -62.65 -34.06
C THR C 277 7.06 -63.51 -34.84
N SER C 278 5.96 -63.88 -34.18
CA SER C 278 4.97 -64.77 -34.75
C SER C 278 3.56 -64.26 -34.51
N SER C 279 2.75 -64.31 -35.57
CA SER C 279 1.33 -63.96 -35.43
C SER C 279 0.65 -64.88 -34.42
N ASN C 280 1.01 -66.16 -34.42
CA ASN C 280 0.52 -67.06 -33.39
C ASN C 280 1.02 -66.62 -32.01
N ALA C 281 2.26 -66.13 -31.95
CA ALA C 281 2.80 -65.66 -30.68
C ALA C 281 2.08 -64.43 -30.18
N LEU C 282 1.41 -63.70 -31.06
CA LEU C 282 0.68 -62.51 -30.65
C LEU C 282 -0.30 -62.84 -29.53
N TRP C 283 -0.33 -61.99 -28.50
CA TRP C 283 -1.20 -62.15 -27.35
C TRP C 283 -2.14 -60.96 -27.26
N GLU C 284 -3.44 -61.24 -27.19
CA GLU C 284 -4.48 -60.21 -27.12
C GLU C 284 -4.82 -59.97 -25.66
N VAL C 285 -4.83 -58.70 -25.25
CA VAL C 285 -5.15 -58.35 -23.87
C VAL C 285 -6.63 -58.05 -23.76
N GLU C 286 -7.27 -58.67 -22.77
CA GLU C 286 -8.68 -58.43 -22.45
C GLU C 286 -8.78 -57.96 -21.01
N VAL C 287 -9.61 -56.94 -20.78
CA VAL C 287 -9.74 -56.32 -19.47
C VAL C 287 -11.10 -56.69 -18.89
N VAL C 288 -11.12 -57.10 -17.63
CA VAL C 288 -12.39 -57.34 -16.96
C VAL C 288 -13.14 -56.03 -16.80
N HIS C 289 -14.44 -56.05 -17.13
CA HIS C 289 -15.29 -54.87 -17.03
C HIS C 289 -16.68 -55.28 -16.58
N HIS C 290 -17.47 -54.29 -16.20
CA HIS C 290 -18.84 -54.56 -15.75
C HIS C 290 -19.66 -55.19 -16.86
N ASP C 291 -19.55 -54.68 -18.08
CA ASP C 291 -20.26 -55.21 -19.23
C ASP C 291 -19.30 -55.97 -20.14
N PRO C 292 -19.53 -57.25 -20.42
CA PRO C 292 -18.55 -58.00 -21.23
C PRO C 292 -18.31 -57.39 -22.60
N CYS C 293 -19.35 -56.88 -23.25
CA CYS C 293 -19.16 -56.23 -24.55
C CYS C 293 -18.33 -54.97 -24.41
N ARG C 294 -18.55 -54.20 -23.35
CA ARG C 294 -17.80 -52.96 -23.13
C ARG C 294 -16.32 -53.26 -23.03
N GLY C 295 -15.52 -52.45 -23.72
CA GLY C 295 -14.08 -52.59 -23.67
C GLY C 295 -13.43 -51.70 -22.62
N GLY C 296 -13.78 -50.41 -22.65
CA GLY C 296 -13.26 -49.50 -21.66
C GLY C 296 -11.75 -49.43 -21.70
N ALA C 297 -11.14 -49.38 -20.52
CA ALA C 297 -9.69 -49.31 -20.39
C ALA C 297 -9.24 -50.18 -19.24
N GLY C 298 -7.98 -50.62 -19.31
CA GLY C 298 -7.43 -51.56 -18.35
C GLY C 298 -6.69 -50.86 -17.23
N HIS C 299 -7.23 -50.94 -16.03
CA HIS C 299 -6.56 -50.45 -14.84
C HIS C 299 -5.50 -51.45 -14.38
N TRP C 300 -4.59 -50.97 -13.54
CA TRP C 300 -3.62 -51.87 -12.91
C TRP C 300 -4.34 -52.91 -12.06
N ASN C 301 -5.39 -52.49 -11.35
CA ASN C 301 -6.17 -53.44 -10.56
C ASN C 301 -7.01 -54.35 -11.45
N GLY C 302 -7.43 -53.85 -12.60
CA GLY C 302 -8.29 -54.64 -13.47
C GLY C 302 -7.61 -55.92 -13.91
N LEU C 303 -8.40 -56.99 -14.00
CA LEU C 303 -7.87 -58.29 -14.38
C LEU C 303 -7.61 -58.35 -15.88
N TYR C 304 -6.47 -58.93 -16.24
CA TYR C 304 -6.00 -59.00 -17.62
C TYR C 304 -5.96 -60.44 -18.08
N ARG C 305 -6.45 -60.68 -19.30
CA ARG C 305 -6.40 -61.99 -19.95
C ARG C 305 -5.52 -61.88 -21.18
N PHE C 306 -4.69 -62.91 -21.41
CA PHE C 306 -3.88 -63.00 -22.62
C PHE C 306 -4.45 -64.13 -23.48
N LYS C 307 -4.77 -63.80 -24.74
CA LYS C 307 -5.44 -64.72 -25.64
C LYS C 307 -4.64 -64.88 -26.93
N HIS C 308 -4.25 -66.12 -27.22
CA HIS C 308 -3.62 -66.41 -28.50
C HIS C 308 -4.46 -65.83 -29.63
N LEU C 309 -3.86 -64.92 -30.40
CA LEU C 309 -4.63 -64.13 -31.36
C LEU C 309 -5.29 -65.00 -32.42
N ALA C 310 -4.50 -65.86 -33.08
CA ALA C 310 -5.04 -66.64 -34.19
C ALA C 310 -6.05 -67.68 -33.72
N THR C 311 -5.70 -68.44 -32.69
CA THR C 311 -6.59 -69.51 -32.23
C THR C 311 -7.78 -68.95 -31.47
N GLY C 312 -7.60 -67.85 -30.76
CA GLY C 312 -8.60 -67.34 -29.86
C GLY C 312 -8.56 -67.94 -28.47
N ASN C 313 -7.69 -68.91 -28.24
CA ASN C 313 -7.55 -69.52 -26.92
C ASN C 313 -6.88 -68.56 -25.96
N TYR C 314 -7.10 -68.78 -24.67
CA TYR C 314 -6.56 -67.93 -23.61
C TYR C 314 -5.48 -68.67 -22.86
N LEU C 315 -4.46 -67.94 -22.41
CA LEU C 315 -3.41 -68.53 -21.60
C LEU C 315 -3.89 -68.66 -20.15
N ALA C 316 -3.61 -69.81 -19.54
CA ALA C 316 -4.06 -70.06 -18.18
C ALA C 316 -3.18 -71.13 -17.55
N ALA C 317 -3.03 -71.06 -16.23
CA ALA C 317 -2.23 -72.03 -15.49
C ALA C 317 -3.13 -73.16 -15.00
N GLU C 318 -2.70 -74.40 -15.23
CA GLU C 318 -3.44 -75.57 -14.83
C GLU C 318 -2.49 -76.55 -14.15
N GLU C 319 -3.06 -77.37 -13.26
CA GLU C 319 -2.25 -78.28 -12.47
C GLU C 319 -1.35 -79.12 -13.37
N ASN C 320 -0.08 -79.21 -13.00
CA ASN C 320 0.93 -79.90 -13.79
C ASN C 320 1.39 -81.16 -13.08
N PRO C 321 1.39 -82.33 -13.73
CA PRO C 321 1.88 -83.54 -13.08
C PRO C 321 3.32 -83.41 -12.56
N ILE C 350 7.01 -78.09 -10.32
CA ILE C 350 6.13 -77.11 -10.92
C ILE C 350 4.68 -77.46 -10.62
N LYS C 351 4.08 -76.73 -9.69
CA LYS C 351 2.71 -77.01 -9.27
C LYS C 351 1.73 -76.86 -10.45
N TYR C 352 1.85 -75.77 -11.20
CA TYR C 352 0.99 -75.52 -12.34
C TYR C 352 1.83 -75.13 -13.55
N CYS C 353 1.37 -75.54 -14.73
CA CYS C 353 2.00 -75.21 -15.99
C CYS C 353 1.05 -74.34 -16.80
N LEU C 354 1.62 -73.46 -17.62
CA LEU C 354 0.80 -72.59 -18.45
C LEU C 354 0.43 -73.29 -19.76
N VAL C 355 -0.85 -73.16 -20.15
CA VAL C 355 -1.38 -73.85 -21.31
C VAL C 355 -2.52 -73.02 -21.89
N ALA C 356 -2.91 -73.34 -23.12
CA ALA C 356 -4.01 -72.64 -23.76
C ALA C 356 -5.35 -73.24 -23.32
N VAL C 357 -6.36 -72.38 -23.23
CA VAL C 357 -7.71 -72.81 -22.88
C VAL C 357 -8.68 -72.21 -23.90
N PRO C 358 -9.86 -72.80 -24.10
CA PRO C 358 -10.72 -72.32 -25.20
C PRO C 358 -11.22 -70.91 -25.03
N HIS C 359 -11.69 -70.54 -23.83
CA HIS C 359 -12.33 -69.25 -23.60
C HIS C 359 -11.70 -68.57 -22.40
N GLY C 360 -11.83 -67.24 -22.37
CA GLY C 360 -11.39 -66.43 -21.26
C GLY C 360 -12.38 -66.30 -20.13
N ASN C 361 -13.56 -66.93 -20.26
CA ASN C 361 -14.56 -66.86 -19.19
C ASN C 361 -14.03 -67.51 -17.92
N ASP C 362 -13.24 -68.57 -18.06
CA ASP C 362 -12.68 -69.25 -16.89
C ASP C 362 -11.77 -68.32 -16.12
N ILE C 363 -11.82 -68.45 -14.79
CA ILE C 363 -10.98 -67.61 -13.93
C ILE C 363 -9.51 -67.88 -14.18
N ALA C 364 -9.18 -69.10 -14.63
CA ALA C 364 -7.78 -69.44 -14.86
C ALA C 364 -7.16 -68.54 -15.92
N SER C 365 -7.94 -68.15 -16.92
CA SER C 365 -7.42 -67.27 -17.96
C SER C 365 -7.01 -65.91 -17.38
N LEU C 366 -7.78 -65.40 -16.42
CA LEU C 366 -7.48 -64.12 -15.83
C LEU C 366 -6.10 -64.14 -15.17
N PHE C 367 -5.35 -63.06 -15.36
CA PHE C 367 -4.07 -62.86 -14.70
C PHE C 367 -4.03 -61.47 -14.08
N GLU C 368 -3.33 -61.36 -12.96
CA GLU C 368 -3.16 -60.08 -12.28
C GLU C 368 -1.77 -59.54 -12.57
N LEU C 369 -1.69 -58.24 -12.84
CA LEU C 369 -0.45 -57.58 -13.22
C LEU C 369 0.01 -56.68 -12.09
N ASP C 370 1.28 -56.83 -11.70
CA ASP C 370 1.89 -55.99 -10.68
C ASP C 370 2.96 -55.11 -11.33
N PRO C 371 2.93 -53.78 -11.16
CA PRO C 371 3.94 -52.94 -11.81
C PRO C 371 5.32 -53.19 -11.23
N THR C 372 6.31 -53.32 -12.12
CA THR C 372 7.71 -53.35 -11.68
C THR C 372 8.18 -51.98 -11.25
N THR C 373 7.87 -50.96 -12.04
CA THR C 373 8.22 -49.58 -11.72
C THR C 373 7.13 -48.94 -10.86
N LEU C 374 7.46 -47.79 -10.29
CA LEU C 374 6.48 -47.07 -9.49
C LEU C 374 5.33 -46.57 -10.35
N GLN C 375 4.11 -46.72 -9.85
CA GLN C 375 2.92 -46.31 -10.56
C GLN C 375 1.96 -45.61 -9.60
N LYS C 376 1.08 -44.79 -10.16
CA LYS C 376 0.14 -43.98 -9.38
C LYS C 376 -1.09 -44.81 -9.08
N THR C 377 -1.26 -45.21 -7.81
CA THR C 377 -2.42 -45.98 -7.35
C THR C 377 -2.61 -47.16 -8.29
N ASP C 378 -3.81 -47.40 -8.82
CA ASP C 378 -4.08 -48.48 -9.75
C ASP C 378 -4.56 -47.93 -11.09
N SER C 379 -3.91 -46.87 -11.56
CA SER C 379 -4.30 -46.25 -12.81
C SER C 379 -4.07 -47.20 -13.98
N PHE C 380 -4.44 -46.74 -15.17
CA PHE C 380 -4.28 -47.56 -16.36
C PHE C 380 -2.80 -47.88 -16.60
N VAL C 381 -2.54 -49.12 -16.99
CA VAL C 381 -1.15 -49.55 -17.22
C VAL C 381 -0.54 -48.70 -18.32
N PRO C 382 0.63 -48.10 -18.12
CA PRO C 382 1.26 -47.38 -19.24
C PRO C 382 1.61 -48.35 -20.37
N ARG C 383 1.43 -47.88 -21.60
CA ARG C 383 1.69 -48.73 -22.75
C ARG C 383 3.18 -49.05 -22.86
N ASN C 384 3.49 -50.28 -23.26
CA ASN C 384 4.87 -50.74 -23.38
C ASN C 384 5.61 -50.57 -22.06
N SER C 385 4.95 -50.95 -20.96
CA SER C 385 5.51 -50.84 -19.61
C SER C 385 5.63 -52.23 -19.02
N TYR C 386 6.66 -52.42 -18.18
CA TYR C 386 6.90 -53.72 -17.57
C TYR C 386 5.76 -54.10 -16.64
N VAL C 387 5.36 -55.37 -16.69
CA VAL C 387 4.32 -55.91 -15.82
C VAL C 387 4.81 -57.24 -15.26
N ARG C 388 4.24 -57.61 -14.11
CA ARG C 388 4.51 -58.89 -13.46
C ARG C 388 3.24 -59.72 -13.53
N LEU C 389 3.32 -60.85 -14.23
CA LEU C 389 2.17 -61.73 -14.43
C LEU C 389 1.96 -62.60 -13.19
N ARG C 390 0.71 -62.80 -12.80
CA ARG C 390 0.39 -63.75 -11.75
C ARG C 390 -0.93 -64.44 -12.06
N HIS C 391 -1.04 -65.69 -11.63
CA HIS C 391 -2.25 -66.50 -11.81
C HIS C 391 -3.15 -66.29 -10.59
N LEU C 392 -4.09 -65.34 -10.71
CA LEU C 392 -4.98 -65.06 -9.59
C LEU C 392 -5.89 -66.23 -9.26
N CYS C 393 -6.24 -67.04 -10.26
CA CYS C 393 -7.15 -68.15 -10.03
C CYS C 393 -6.61 -69.10 -8.97
N THR C 394 -5.35 -69.52 -9.10
CA THR C 394 -4.70 -70.37 -8.13
C THR C 394 -3.78 -69.61 -7.17
N ASN C 395 -3.76 -68.28 -7.27
CA ASN C 395 -2.97 -67.44 -6.36
C ASN C 395 -1.49 -67.83 -6.38
N THR C 396 -0.99 -68.13 -7.58
CA THR C 396 0.41 -68.46 -7.79
C THR C 396 0.97 -67.59 -8.91
N TRP C 397 2.11 -66.96 -8.67
CA TRP C 397 2.73 -66.11 -9.67
C TRP C 397 3.41 -66.97 -10.75
N ILE C 398 3.44 -66.44 -11.97
CA ILE C 398 4.00 -67.17 -13.10
C ILE C 398 5.51 -67.00 -13.13
N GLN C 399 6.19 -67.98 -13.73
CA GLN C 399 7.63 -67.93 -13.88
C GLN C 399 8.01 -68.83 -15.05
N SER C 400 9.26 -68.70 -15.50
CA SER C 400 9.76 -69.48 -16.63
C SER C 400 10.78 -70.50 -16.13
N THR C 401 10.92 -71.61 -16.88
CA THR C 401 11.86 -72.66 -16.55
C THR C 401 12.77 -72.93 -17.74
N ASN C 402 14.05 -73.19 -17.45
CA ASN C 402 15.01 -73.41 -18.52
C ASN C 402 14.65 -74.64 -19.34
N VAL C 403 14.18 -75.70 -18.67
CA VAL C 403 13.82 -76.92 -19.40
C VAL C 403 12.74 -76.59 -20.43
N PRO C 404 12.86 -77.05 -21.67
CA PRO C 404 11.86 -76.70 -22.69
C PRO C 404 10.55 -77.47 -22.51
N ILE C 405 9.47 -76.84 -22.96
CA ILE C 405 8.18 -77.53 -22.99
C ILE C 405 8.21 -78.66 -23.99
N ASP C 406 9.08 -78.59 -25.00
CA ASP C 406 9.23 -79.63 -26.02
C ASP C 406 10.61 -80.28 -25.83
N ILE C 407 10.66 -81.28 -24.94
CA ILE C 407 11.94 -81.96 -24.70
C ILE C 407 12.18 -83.02 -25.76
N GLU C 408 11.10 -83.55 -26.35
CA GLU C 408 11.25 -84.63 -27.32
C GLU C 408 11.99 -84.16 -28.57
N GLU C 409 11.66 -82.99 -29.07
CA GLU C 409 12.25 -82.51 -30.31
C GLU C 409 13.69 -82.07 -30.09
N GLU C 410 14.53 -82.33 -31.09
CA GLU C 410 15.91 -81.87 -31.07
C GLU C 410 15.96 -80.35 -31.20
N ARG C 411 16.94 -79.75 -30.54
CA ARG C 411 17.12 -78.30 -30.52
C ARG C 411 15.83 -77.61 -30.08
N PRO C 412 15.38 -77.85 -28.84
CA PRO C 412 14.11 -77.27 -28.40
C PRO C 412 14.13 -75.75 -28.46
N ILE C 413 12.99 -75.18 -28.83
CA ILE C 413 12.80 -73.73 -28.83
C ILE C 413 11.76 -73.31 -27.78
N ARG C 414 10.70 -74.09 -27.65
CA ARG C 414 9.65 -73.78 -26.69
C ARG C 414 10.17 -73.98 -25.27
N LEU C 415 9.75 -73.11 -24.35
CA LEU C 415 10.17 -73.17 -22.95
C LEU C 415 8.96 -73.34 -22.06
N MET C 416 9.09 -74.23 -21.07
CA MET C 416 8.01 -74.47 -20.12
C MET C 416 7.95 -73.33 -19.10
N LEU C 417 6.73 -73.05 -18.65
CA LEU C 417 6.48 -72.01 -17.65
C LEU C 417 5.94 -72.67 -16.39
N GLY C 418 6.60 -72.40 -15.26
CA GLY C 418 6.15 -72.92 -13.98
C GLY C 418 5.45 -71.86 -13.15
N THR C 419 5.10 -72.26 -11.93
CA THR C 419 4.36 -71.40 -11.00
C THR C 419 5.02 -71.43 -9.64
N CYS C 420 5.14 -70.25 -9.02
CA CYS C 420 5.73 -70.13 -7.70
C CYS C 420 4.76 -69.38 -6.78
N PRO C 421 4.58 -69.82 -5.54
CA PRO C 421 3.60 -69.15 -4.66
C PRO C 421 3.91 -67.68 -4.42
N THR C 422 5.19 -67.32 -4.30
CA THR C 422 5.55 -65.94 -4.01
C THR C 422 5.92 -65.19 -5.28
N LYS C 423 5.78 -63.87 -5.23
CA LYS C 423 6.11 -63.03 -6.38
C LYS C 423 7.61 -63.06 -6.64
N GLU C 424 7.96 -62.99 -7.92
CA GLU C 424 9.35 -62.93 -8.36
C GLU C 424 9.56 -61.62 -9.12
N ASP C 425 10.49 -60.80 -8.63
CA ASP C 425 10.81 -59.57 -9.33
C ASP C 425 11.37 -59.86 -10.72
N LYS C 426 12.17 -60.93 -10.83
CA LYS C 426 12.73 -61.30 -12.12
C LYS C 426 11.64 -61.67 -13.12
N GLU C 427 10.58 -62.35 -12.65
CA GLU C 427 9.51 -62.82 -13.52
C GLU C 427 8.53 -61.69 -13.79
N ALA C 428 8.96 -60.76 -14.65
CA ALA C 428 8.13 -59.66 -15.11
C ALA C 428 8.18 -59.62 -16.62
N PHE C 429 7.01 -59.54 -17.24
CA PHE C 429 6.89 -59.51 -18.70
C PHE C 429 6.74 -58.07 -19.16
N ALA C 430 7.45 -57.71 -20.22
CA ALA C 430 7.37 -56.37 -20.78
C ALA C 430 6.37 -56.34 -21.93
N ILE C 431 5.38 -55.45 -21.83
CA ILE C 431 4.43 -55.26 -22.91
C ILE C 431 5.18 -54.87 -24.17
N VAL C 432 4.82 -55.48 -25.30
CA VAL C 432 5.41 -55.12 -26.59
C VAL C 432 4.28 -54.72 -27.53
N SER C 433 4.34 -53.49 -28.04
CA SER C 433 3.32 -53.01 -28.95
C SER C 433 3.34 -53.82 -30.24
N VAL C 434 2.15 -54.05 -30.79
CA VAL C 434 1.97 -54.84 -32.01
C VAL C 434 1.39 -53.92 -33.09
N PRO C 435 1.92 -53.94 -34.31
CA PRO C 435 1.28 -53.16 -35.38
C PRO C 435 -0.08 -53.73 -35.74
N VAL C 436 -1.03 -52.82 -35.99
CA VAL C 436 -2.38 -53.25 -36.39
C VAL C 436 -2.33 -53.97 -37.72
N SER C 437 -1.32 -53.69 -38.55
CA SER C 437 -1.21 -54.33 -39.85
C SER C 437 -1.01 -55.84 -39.70
N GLU C 438 -0.28 -56.26 -38.67
CA GLU C 438 -0.08 -57.70 -38.46
C GLU C 438 -1.41 -58.40 -38.21
N ILE C 439 -2.25 -57.81 -37.35
CA ILE C 439 -3.54 -58.42 -37.05
C ILE C 439 -4.44 -58.40 -38.28
N ARG C 440 -4.41 -57.29 -39.04
CA ARG C 440 -5.23 -57.22 -40.24
C ARG C 440 -4.80 -58.27 -41.26
N ASP C 441 -3.49 -58.47 -41.42
CA ASP C 441 -2.99 -59.49 -42.32
C ASP C 441 -3.40 -60.88 -41.84
N LEU C 442 -3.32 -61.11 -40.53
CA LEU C 442 -3.75 -62.40 -39.99
C LEU C 442 -5.23 -62.64 -40.29
N ASP C 443 -6.07 -61.63 -40.10
CA ASP C 443 -7.49 -61.78 -40.35
C ASP C 443 -7.77 -62.05 -41.83
N PHE C 444 -7.11 -61.30 -42.72
CA PHE C 444 -7.31 -61.53 -44.15
C PHE C 444 -6.84 -62.91 -44.56
N ALA C 445 -5.69 -63.34 -44.05
CA ALA C 445 -5.20 -64.68 -44.34
C ALA C 445 -6.14 -65.74 -43.81
N ASN C 446 -6.75 -65.47 -42.65
CA ASN C 446 -7.74 -66.40 -42.11
C ASN C 446 -8.96 -66.49 -43.02
N ASP C 447 -9.40 -65.35 -43.57
CA ASP C 447 -10.53 -65.37 -44.50
C ASP C 447 -10.19 -66.18 -45.75
N ALA C 448 -9.02 -65.92 -46.33
CA ALA C 448 -8.60 -66.66 -47.52
C ALA C 448 -8.47 -68.15 -47.22
N SER C 449 -7.90 -68.49 -46.07
CA SER C 449 -7.74 -69.89 -45.68
C SER C 449 -9.09 -70.52 -45.38
N SER C 450 -10.07 -69.72 -44.94
CA SER C 450 -11.40 -70.26 -44.71
C SER C 450 -12.08 -70.60 -46.02
N MET C 451 -11.94 -69.74 -47.03
CA MET C 451 -12.46 -70.09 -48.34
C MET C 451 -11.74 -71.32 -48.91
N LEU C 452 -10.41 -71.36 -48.75
CA LEU C 452 -9.65 -72.54 -49.17
C LEU C 452 -10.10 -73.78 -48.42
N ALA C 453 -10.51 -73.61 -47.15
CA ALA C 453 -10.95 -74.74 -46.35
C ALA C 453 -12.33 -75.22 -46.81
N SER C 454 -13.19 -74.29 -47.23
CA SER C 454 -14.45 -74.71 -47.85
C SER C 454 -14.19 -75.50 -49.12
N ALA C 455 -13.25 -75.04 -49.94
CA ALA C 455 -12.88 -75.79 -51.13
C ALA C 455 -12.33 -77.17 -50.77
N VAL C 456 -11.48 -77.22 -49.73
CA VAL C 456 -10.90 -78.49 -49.31
C VAL C 456 -11.97 -79.42 -48.76
N GLU C 457 -12.98 -78.86 -48.08
CA GLU C 457 -14.09 -79.67 -47.60
C GLU C 457 -14.88 -80.26 -48.75
N LYS C 458 -15.14 -79.46 -49.79
CA LYS C 458 -15.83 -79.99 -50.97
C LYS C 458 -14.99 -81.08 -51.62
N LEU C 459 -13.67 -80.89 -51.70
CA LEU C 459 -12.80 -81.93 -52.24
C LEU C 459 -12.85 -83.19 -51.38
N ASN C 460 -12.85 -83.04 -50.06
CA ASN C 460 -12.92 -84.18 -49.16
C ASN C 460 -14.22 -84.95 -49.37
N GLU C 461 -15.32 -84.23 -49.60
CA GLU C 461 -16.56 -84.91 -49.94
C GLU C 461 -16.42 -85.72 -51.23
N GLY C 462 -15.42 -85.40 -52.05
CA GLY C 462 -15.17 -86.10 -53.30
C GLY C 462 -15.71 -85.39 -54.51
N PHE C 463 -16.56 -84.37 -54.34
CA PHE C 463 -17.13 -83.61 -55.43
C PHE C 463 -17.08 -82.12 -55.10
N ILE C 464 -16.60 -81.33 -56.06
CA ILE C 464 -16.60 -79.88 -55.95
C ILE C 464 -17.36 -79.33 -57.15
N SER C 465 -18.37 -78.50 -56.88
CA SER C 465 -19.19 -77.95 -57.95
C SER C 465 -18.35 -77.05 -58.84
N GLN C 466 -18.67 -77.05 -60.13
CA GLN C 466 -17.93 -76.22 -61.08
C GLN C 466 -18.08 -74.74 -60.74
N ASN C 467 -19.31 -74.32 -60.39
CA ASN C 467 -19.53 -72.92 -60.04
C ASN C 467 -18.80 -72.54 -58.75
N ASP C 468 -18.82 -73.44 -57.76
CA ASP C 468 -18.08 -73.17 -56.53
C ASP C 468 -16.59 -73.07 -56.81
N ARG C 469 -16.07 -73.94 -57.67
CA ARG C 469 -14.66 -73.87 -58.03
C ARG C 469 -14.36 -72.59 -58.81
N ARG C 470 -15.30 -72.11 -59.61
CA ARG C 470 -15.10 -70.84 -60.30
C ARG C 470 -15.03 -69.68 -59.32
N PHE C 471 -15.91 -69.67 -58.31
CA PHE C 471 -15.80 -68.67 -57.25
C PHE C 471 -14.46 -68.78 -56.53
N VAL C 472 -14.02 -70.01 -56.28
CA VAL C 472 -12.72 -70.21 -55.63
C VAL C 472 -11.59 -69.70 -56.53
N ILE C 473 -11.76 -69.81 -57.85
CA ILE C 473 -10.73 -69.34 -58.77
C ILE C 473 -10.67 -67.83 -58.78
N GLN C 474 -11.83 -67.16 -58.72
CA GLN C 474 -11.84 -65.71 -58.57
C GLN C 474 -11.16 -65.30 -57.27
N LEU C 475 -11.46 -66.04 -56.18
CA LEU C 475 -10.76 -65.81 -54.93
C LEU C 475 -9.26 -66.00 -55.10
N LEU C 476 -8.85 -67.00 -55.88
CA LEU C 476 -7.43 -67.25 -56.10
C LEU C 476 -6.79 -66.09 -56.86
N GLU C 477 -7.51 -65.51 -57.80
CA GLU C 477 -7.03 -64.32 -58.49
C GLU C 477 -6.80 -63.17 -57.50
N ASP C 478 -7.77 -62.94 -56.63
CA ASP C 478 -7.61 -61.89 -55.62
C ASP C 478 -6.45 -62.20 -54.68
N LEU C 479 -6.31 -63.48 -54.29
CA LEU C 479 -5.24 -63.87 -53.40
C LEU C 479 -3.88 -63.72 -54.07
N VAL C 480 -3.81 -63.96 -55.39
CA VAL C 480 -2.59 -63.72 -56.13
C VAL C 480 -2.23 -62.25 -56.12
N PHE C 481 -3.22 -61.39 -56.35
CA PHE C 481 -2.98 -59.95 -56.24
C PHE C 481 -2.44 -59.60 -54.86
N PHE C 482 -2.99 -60.24 -53.82
CA PHE C 482 -2.46 -60.02 -52.47
C PHE C 482 -1.02 -60.48 -52.35
N VAL C 483 -0.73 -61.68 -52.85
CA VAL C 483 0.62 -62.26 -52.70
C VAL C 483 1.64 -61.34 -53.36
N SER C 484 1.32 -60.81 -54.53
CA SER C 484 2.23 -59.87 -55.18
C SER C 484 2.34 -58.56 -54.40
N ASP C 485 1.47 -58.33 -53.43
CA ASP C 485 1.43 -57.09 -52.68
C ASP C 485 1.05 -55.91 -53.57
N VAL C 486 0.22 -56.18 -54.58
CA VAL C 486 -0.21 -55.18 -55.55
C VAL C 486 -1.74 -55.16 -55.58
N PRO C 487 -2.38 -54.01 -55.80
CA PRO C 487 -3.84 -54.00 -55.89
C PRO C 487 -4.33 -54.70 -57.14
N ASN C 488 -5.60 -55.11 -57.10
CA ASN C 488 -6.24 -55.81 -58.21
C ASN C 488 -6.48 -54.80 -59.32
N ASN C 489 -5.54 -54.71 -60.26
CA ASN C 489 -5.65 -53.82 -61.41
C ASN C 489 -5.93 -54.57 -62.70
N GLY C 490 -6.31 -55.85 -62.62
CA GLY C 490 -6.60 -56.64 -63.79
C GLY C 490 -5.41 -57.34 -64.41
N GLN C 491 -4.22 -57.17 -63.86
CA GLN C 491 -3.05 -57.85 -64.40
C GLN C 491 -3.20 -59.36 -64.26
N ASN C 492 -2.66 -60.08 -65.23
CA ASN C 492 -2.80 -61.54 -65.24
C ASN C 492 -2.23 -62.14 -63.97
N VAL C 493 -3.00 -63.02 -63.34
CA VAL C 493 -2.54 -63.69 -62.13
C VAL C 493 -1.40 -64.64 -62.44
N LEU C 494 -1.48 -65.34 -63.58
CA LEU C 494 -0.39 -66.22 -63.98
C LEU C 494 0.90 -65.46 -64.23
N ASP C 495 0.78 -64.25 -64.77
CA ASP C 495 1.93 -63.39 -65.04
C ASP C 495 2.19 -62.39 -63.93
N ILE C 496 1.52 -62.54 -62.78
CA ILE C 496 1.72 -61.63 -61.66
C ILE C 496 3.20 -61.60 -61.29
N MET C 497 3.68 -60.43 -60.87
CA MET C 497 5.09 -60.21 -60.62
C MET C 497 5.26 -59.25 -59.44
N VAL C 498 6.13 -59.63 -58.51
CA VAL C 498 6.44 -58.83 -57.32
C VAL C 498 7.94 -58.63 -57.27
N THR C 499 8.37 -57.37 -57.19
CA THR C 499 9.80 -57.07 -57.20
C THR C 499 10.51 -57.67 -56.00
N LYS C 500 9.95 -57.47 -54.80
CA LYS C 500 10.52 -58.00 -53.56
C LYS C 500 9.41 -58.64 -52.76
N PRO C 501 9.41 -59.95 -52.56
CA PRO C 501 8.34 -60.58 -51.78
C PRO C 501 8.32 -60.08 -50.35
N ASN C 502 7.11 -60.03 -49.78
CA ASN C 502 6.94 -59.59 -48.40
C ASN C 502 7.28 -60.77 -47.48
N ARG C 503 8.43 -60.67 -46.81
CA ARG C 503 8.90 -61.76 -45.97
C ARG C 503 7.94 -62.03 -44.83
N GLU C 504 7.40 -60.97 -44.21
CA GLU C 504 6.43 -61.15 -43.14
C GLU C 504 5.20 -61.88 -43.65
N ARG C 505 4.72 -61.53 -44.85
CA ARG C 505 3.55 -62.20 -45.40
C ARG C 505 3.83 -63.67 -45.69
N GLN C 506 5.01 -63.97 -46.23
CA GLN C 506 5.36 -65.37 -46.49
C GLN C 506 5.41 -66.17 -45.19
N LYS C 507 6.03 -65.60 -44.15
CA LYS C 507 6.08 -66.26 -42.85
C LYS C 507 4.68 -66.46 -42.29
N LEU C 508 3.82 -65.44 -42.43
CA LEU C 508 2.46 -65.54 -41.94
C LEU C 508 1.71 -66.65 -42.68
N MET C 509 1.90 -66.75 -44.00
CA MET C 509 1.25 -67.81 -44.76
C MET C 509 1.73 -69.18 -44.28
N ARG C 510 3.04 -69.34 -44.09
CA ARG C 510 3.56 -70.64 -43.67
C ARG C 510 2.98 -71.05 -42.32
N GLU C 511 2.93 -70.11 -41.37
CA GLU C 511 2.36 -70.44 -40.06
C GLU C 511 0.85 -70.62 -40.16
N GLN C 512 0.21 -69.95 -41.11
CA GLN C 512 -1.23 -70.10 -41.32
C GLN C 512 -1.56 -71.47 -41.88
N ASN C 513 -0.60 -72.11 -42.55
CA ASN C 513 -0.79 -73.38 -43.25
C ASN C 513 -1.52 -73.19 -44.57
N ILE C 514 -1.59 -71.96 -45.07
CA ILE C 514 -2.18 -71.72 -46.39
C ILE C 514 -1.39 -72.49 -47.45
N LEU C 515 -0.08 -72.63 -47.25
CA LEU C 515 0.71 -73.51 -48.11
C LEU C 515 0.27 -74.96 -47.96
N LYS C 516 0.03 -75.40 -46.73
CA LYS C 516 -0.49 -76.75 -46.51
C LYS C 516 -1.88 -76.89 -47.13
N GLN C 517 -2.70 -75.85 -47.04
CA GLN C 517 -4.02 -75.89 -47.67
C GLN C 517 -3.90 -76.00 -49.18
N VAL C 518 -2.94 -75.30 -49.77
CA VAL C 518 -2.71 -75.39 -51.22
C VAL C 518 -2.26 -76.79 -51.58
N PHE C 519 -1.36 -77.37 -50.80
CA PHE C 519 -0.93 -78.75 -51.05
C PHE C 519 -2.10 -79.71 -50.99
N GLY C 520 -2.97 -79.54 -49.98
CA GLY C 520 -4.14 -80.40 -49.89
C GLY C 520 -5.10 -80.20 -51.05
N ILE C 521 -5.28 -78.95 -51.50
CA ILE C 521 -6.15 -78.68 -52.62
C ILE C 521 -5.63 -79.37 -53.88
N LEU C 522 -4.31 -79.30 -54.10
CA LEU C 522 -3.72 -79.98 -55.25
C LEU C 522 -3.85 -81.49 -55.13
N LYS C 523 -3.66 -82.02 -53.92
CA LYS C 523 -3.60 -83.48 -53.75
C LYS C 523 -4.97 -84.12 -53.82
N ALA C 524 -5.98 -83.49 -53.23
CA ALA C 524 -7.27 -84.16 -53.04
C ALA C 524 -7.89 -84.62 -54.34
N PRO C 525 -7.99 -83.80 -55.39
CA PRO C 525 -8.66 -84.29 -56.61
C PRO C 525 -8.01 -85.53 -57.20
N PHE C 526 -6.68 -85.63 -57.14
CA PHE C 526 -6.00 -86.81 -57.67
C PHE C 526 -5.93 -87.91 -56.61
N ARG C 527 -6.31 -87.60 -55.38
CA ARG C 527 -6.28 -88.58 -54.30
C ARG C 527 -7.09 -89.82 -54.65
N PRO C 534 -10.67 -90.81 -59.53
CA PRO C 534 -10.66 -89.63 -58.66
C PRO C 534 -11.47 -88.48 -59.24
N LEU C 535 -11.50 -87.35 -58.54
CA LEU C 535 -12.20 -86.17 -59.04
C LEU C 535 -11.58 -85.70 -60.35
N VAL C 536 -10.24 -85.66 -60.42
CA VAL C 536 -9.53 -85.25 -61.62
C VAL C 536 -8.37 -86.22 -61.85
N ARG C 537 -7.95 -86.30 -63.11
CA ARG C 537 -6.82 -87.13 -63.50
C ARG C 537 -5.84 -86.28 -64.29
N LEU C 538 -4.54 -86.46 -64.01
CA LEU C 538 -3.52 -85.68 -64.70
C LEU C 538 -3.56 -85.94 -66.21
N GLU C 539 -3.73 -87.20 -66.61
CA GLU C 539 -3.85 -87.52 -68.03
C GLU C 539 -5.09 -86.87 -68.62
N GLU C 540 -6.21 -86.90 -67.89
CA GLU C 540 -7.46 -86.32 -68.39
C GLU C 540 -7.44 -84.80 -68.36
N LEU C 541 -6.45 -84.17 -67.74
CA LEU C 541 -6.37 -82.71 -67.76
C LEU C 541 -6.36 -82.18 -69.19
N SER C 542 -5.82 -82.94 -70.13
CA SER C 542 -5.85 -82.54 -71.53
C SER C 542 -7.30 -82.37 -72.01
N ASP C 543 -8.22 -83.15 -71.44
CA ASP C 543 -9.62 -83.03 -71.83
C ASP C 543 -10.16 -81.66 -71.47
N GLN C 544 -11.01 -81.12 -72.34
CA GLN C 544 -11.58 -79.80 -72.09
C GLN C 544 -12.40 -79.77 -70.81
N LYS C 545 -12.97 -80.92 -70.42
CA LYS C 545 -13.73 -80.97 -69.17
C LYS C 545 -12.83 -80.65 -67.98
N ASN C 546 -11.60 -81.17 -67.98
CA ASN C 546 -10.67 -80.96 -66.89
C ASN C 546 -9.69 -79.82 -67.16
N ALA C 547 -9.89 -79.06 -68.24
CA ALA C 547 -9.06 -77.87 -68.45
C ALA C 547 -9.25 -76.83 -67.34
N PRO C 548 -10.47 -76.52 -66.88
CA PRO C 548 -10.59 -75.64 -65.72
C PRO C 548 -9.92 -76.19 -64.48
N TYR C 549 -9.96 -77.52 -64.28
CA TYR C 549 -9.26 -78.12 -63.16
C TYR C 549 -7.75 -77.89 -63.29
N GLN C 550 -7.22 -78.07 -64.51
CA GLN C 550 -5.81 -77.81 -64.75
C GLN C 550 -5.47 -76.36 -64.45
N HIS C 551 -6.35 -75.43 -64.83
CA HIS C 551 -6.10 -74.02 -64.54
C HIS C 551 -6.12 -73.76 -63.04
N MET C 552 -7.01 -74.45 -62.31
CA MET C 552 -7.04 -74.31 -60.86
C MET C 552 -5.75 -74.81 -60.22
N PHE C 553 -5.27 -75.97 -60.65
CA PHE C 553 -3.98 -76.47 -60.15
C PHE C 553 -2.86 -75.50 -60.53
N ARG C 554 -2.96 -74.89 -61.71
CA ARG C 554 -1.98 -73.89 -62.11
C ARG C 554 -1.99 -72.69 -61.17
N LEU C 555 -3.19 -72.25 -60.77
CA LEU C 555 -3.29 -71.14 -59.82
C LEU C 555 -2.67 -71.53 -58.49
N CYS C 556 -2.91 -72.75 -58.02
CA CYS C 556 -2.28 -73.22 -56.80
C CYS C 556 -0.77 -73.18 -56.92
N TYR C 557 -0.25 -73.58 -58.08
CA TYR C 557 1.20 -73.57 -58.29
C TYR C 557 1.74 -72.14 -58.36
N ARG C 558 0.96 -71.22 -58.92
CA ARG C 558 1.33 -69.81 -58.85
C ARG C 558 1.45 -69.36 -57.40
N VAL C 559 0.49 -69.75 -56.57
CA VAL C 559 0.54 -69.40 -55.15
C VAL C 559 1.82 -69.95 -54.53
N LEU C 560 2.14 -71.21 -54.81
CA LEU C 560 3.34 -71.82 -54.25
C LEU C 560 4.60 -71.10 -54.72
N ARG C 561 4.68 -70.79 -56.02
CA ARG C 561 5.87 -70.14 -56.57
C ARG C 561 6.08 -68.78 -55.94
N HIS C 562 5.01 -68.00 -55.78
CA HIS C 562 5.16 -66.66 -55.23
C HIS C 562 5.31 -66.70 -53.71
N SER C 563 4.93 -67.81 -53.09
CA SER C 563 5.16 -67.96 -51.65
C SER C 563 6.62 -68.31 -51.36
N GLN C 564 7.23 -69.12 -52.21
CA GLN C 564 8.57 -69.63 -51.95
C GLN C 564 9.68 -68.68 -52.39
N GLU C 565 9.33 -67.52 -52.94
CA GLU C 565 10.35 -66.63 -53.50
C GLU C 565 11.31 -66.15 -52.41
N ASP C 566 12.59 -66.45 -52.60
CA ASP C 566 13.67 -65.91 -51.75
C ASP C 566 13.39 -66.14 -50.27
N TYR C 567 12.95 -67.36 -49.93
CA TYR C 567 12.65 -67.72 -48.55
C TYR C 567 13.08 -69.17 -48.32
N ARG C 568 14.16 -69.35 -47.55
CA ARG C 568 14.67 -70.70 -47.31
C ARG C 568 13.66 -71.51 -46.51
N LYS C 569 12.99 -70.89 -45.53
CA LYS C 569 12.06 -71.63 -44.69
C LYS C 569 10.86 -72.13 -45.49
N ASN C 570 10.24 -71.25 -46.28
CA ASN C 570 9.12 -71.67 -47.11
C ASN C 570 9.58 -72.66 -48.18
N GLN C 571 10.79 -72.47 -48.71
CA GLN C 571 11.32 -73.40 -49.69
C GLN C 571 11.51 -74.78 -49.08
N GLU C 572 11.92 -74.85 -47.82
CA GLU C 572 12.03 -76.15 -47.14
C GLU C 572 10.67 -76.76 -46.89
N HIS C 573 9.68 -75.93 -46.51
CA HIS C 573 8.33 -76.44 -46.31
C HIS C 573 7.80 -77.07 -47.59
N ILE C 574 8.07 -76.43 -48.73
CA ILE C 574 7.64 -76.98 -50.01
C ILE C 574 8.56 -78.12 -50.44
N ALA C 575 9.80 -78.13 -49.96
CA ALA C 575 10.71 -79.23 -50.25
C ALA C 575 10.21 -80.53 -49.63
N LYS C 576 9.62 -80.44 -48.44
CA LYS C 576 9.03 -81.64 -47.85
C LYS C 576 8.02 -82.27 -48.80
N GLN C 577 7.37 -81.45 -49.63
CA GLN C 577 6.39 -81.92 -50.60
C GLN C 577 6.96 -81.99 -52.02
N PHE C 578 8.26 -81.72 -52.18
CA PHE C 578 8.83 -81.69 -53.52
C PHE C 578 8.45 -82.93 -54.33
N GLY C 579 8.22 -84.05 -53.64
CA GLY C 579 7.74 -85.23 -54.32
C GLY C 579 6.40 -85.00 -54.99
N MET C 580 5.54 -84.19 -54.37
CA MET C 580 4.25 -83.87 -54.99
C MET C 580 4.45 -83.08 -56.28
N MET C 581 5.35 -82.10 -56.27
CA MET C 581 5.66 -81.37 -57.49
C MET C 581 6.25 -82.29 -58.55
N GLN C 582 7.13 -83.22 -58.14
CA GLN C 582 7.67 -84.17 -59.09
C GLN C 582 6.57 -85.03 -59.70
N SER C 583 5.60 -85.45 -58.87
CA SER C 583 4.47 -86.22 -59.40
C SER C 583 3.66 -85.41 -60.39
N GLN C 584 3.40 -84.14 -60.07
CA GLN C 584 2.65 -83.26 -60.97
C GLN C 584 3.45 -82.89 -62.21
N ILE C 585 4.76 -83.13 -62.22
CA ILE C 585 5.56 -82.85 -63.40
C ILE C 585 4.99 -83.59 -64.61
N GLY C 586 5.29 -83.08 -65.80
CA GLY C 586 4.83 -83.69 -67.04
C GLY C 586 3.46 -83.28 -67.48
N TYR C 587 2.84 -82.29 -66.83
CA TYR C 587 1.51 -81.84 -67.18
C TYR C 587 1.48 -80.32 -67.15
N ASP C 588 0.56 -79.75 -67.92
CA ASP C 588 0.48 -78.30 -68.11
C ASP C 588 -0.11 -77.62 -66.87
N ILE C 589 0.66 -77.68 -65.79
CA ILE C 589 0.32 -77.03 -64.54
C ILE C 589 1.39 -76.02 -64.13
N LEU C 590 2.31 -75.68 -65.03
CA LEU C 590 3.42 -74.78 -64.72
C LEU C 590 4.30 -75.34 -63.59
N ALA C 591 4.16 -76.64 -63.33
CA ALA C 591 4.98 -77.28 -62.31
C ALA C 591 6.46 -77.16 -62.65
N GLU C 592 6.79 -77.29 -63.93
CA GLU C 592 8.20 -77.16 -64.33
C GLU C 592 8.75 -75.81 -63.92
N ASP C 593 8.04 -74.72 -64.24
CA ASP C 593 8.56 -73.39 -63.94
C ASP C 593 8.62 -73.15 -62.43
N THR C 594 7.58 -73.55 -61.71
CA THR C 594 7.58 -73.36 -60.26
C THR C 594 8.73 -74.12 -59.61
N ILE C 595 8.92 -75.39 -60.01
CA ILE C 595 9.99 -76.20 -59.47
C ILE C 595 11.35 -75.58 -59.79
N THR C 596 11.51 -75.12 -61.03
CA THR C 596 12.79 -74.53 -61.42
C THR C 596 13.08 -73.28 -60.60
N ALA C 597 12.07 -72.44 -60.37
CA ALA C 597 12.29 -71.24 -59.56
C ALA C 597 12.69 -71.62 -58.14
N LEU C 598 11.94 -72.53 -57.52
CA LEU C 598 12.25 -72.90 -56.14
C LEU C 598 13.64 -73.52 -56.04
N LEU C 599 14.01 -74.36 -57.01
CA LEU C 599 15.31 -75.01 -56.98
C LEU C 599 16.44 -74.03 -57.26
N HIS C 600 16.20 -73.06 -58.15
CA HIS C 600 17.20 -72.04 -58.43
C HIS C 600 17.45 -71.18 -57.19
N ASN C 601 16.41 -70.95 -56.39
CA ASN C 601 16.58 -70.11 -55.21
C ASN C 601 17.70 -70.62 -54.31
N ASN C 602 17.79 -71.93 -54.11
CA ASN C 602 18.75 -72.52 -53.19
C ASN C 602 19.53 -73.64 -53.89
N ARG C 603 20.82 -73.74 -53.60
CA ARG C 603 21.64 -74.79 -54.19
C ARG C 603 21.51 -76.10 -53.42
N LYS C 604 21.57 -76.03 -52.08
CA LYS C 604 21.51 -77.24 -51.28
C LYS C 604 20.20 -77.98 -51.51
N LEU C 605 19.08 -77.24 -51.53
CA LEU C 605 17.80 -77.87 -51.79
C LEU C 605 17.78 -78.55 -53.15
N LEU C 606 18.33 -77.89 -54.17
CA LEU C 606 18.41 -78.52 -55.48
C LEU C 606 19.29 -79.77 -55.44
N GLU C 607 20.41 -79.71 -54.72
CA GLU C 607 21.29 -80.87 -54.64
C GLU C 607 20.55 -82.06 -54.03
N LYS C 608 19.78 -81.81 -52.96
CA LYS C 608 19.01 -82.89 -52.36
C LYS C 608 17.91 -83.38 -53.28
N HIS C 609 17.21 -82.45 -53.95
CA HIS C 609 16.02 -82.82 -54.71
C HIS C 609 16.36 -83.57 -55.99
N ILE C 610 17.33 -83.08 -56.76
CA ILE C 610 17.56 -83.59 -58.10
C ILE C 610 17.98 -85.05 -58.03
N THR C 611 17.56 -85.83 -59.03
CA THR C 611 17.88 -87.24 -59.12
C THR C 611 18.14 -87.60 -60.58
N LYS C 612 18.88 -88.69 -60.77
CA LYS C 612 19.10 -89.20 -62.12
C LYS C 612 17.76 -89.47 -62.80
N THR C 613 16.78 -89.95 -62.03
CA THR C 613 15.46 -90.21 -62.61
C THR C 613 14.79 -88.93 -63.07
N GLU C 614 14.92 -87.86 -62.28
CA GLU C 614 14.36 -86.57 -62.68
C GLU C 614 15.03 -86.06 -63.94
N VAL C 615 16.36 -86.19 -64.04
CA VAL C 615 17.07 -85.74 -65.24
C VAL C 615 16.61 -86.54 -66.44
N GLU C 616 16.48 -87.86 -66.30
CA GLU C 616 16.01 -88.68 -67.40
C GLU C 616 14.59 -88.32 -67.80
N THR C 617 13.73 -88.01 -66.81
CA THR C 617 12.36 -87.60 -67.13
C THR C 617 12.36 -86.29 -67.92
N PHE C 618 13.21 -85.34 -67.51
CA PHE C 618 13.29 -84.09 -68.25
C PHE C 618 13.77 -84.32 -69.68
N VAL C 619 14.77 -85.19 -69.85
CA VAL C 619 15.25 -85.52 -71.20
C VAL C 619 14.13 -86.17 -72.01
N SER C 620 13.39 -87.08 -71.39
CA SER C 620 12.32 -87.77 -72.09
C SER C 620 11.25 -86.81 -72.55
N LEU C 621 10.85 -85.86 -71.69
CA LEU C 621 9.80 -84.92 -72.06
C LEU C 621 10.28 -83.94 -73.13
N VAL C 622 11.54 -83.49 -73.05
CA VAL C 622 12.05 -82.61 -74.11
C VAL C 622 12.07 -83.35 -75.44
N ARG C 623 12.43 -84.64 -75.41
CA ARG C 623 12.33 -85.45 -76.62
C ARG C 623 10.89 -85.55 -77.09
N LYS C 624 9.95 -85.74 -76.14
CA LYS C 624 8.56 -85.95 -76.49
C LYS C 624 7.99 -84.76 -77.24
N ASN C 625 8.27 -83.55 -76.76
CA ASN C 625 7.63 -82.37 -77.32
C ASN C 625 8.48 -81.66 -78.37
N ARG C 626 9.81 -81.82 -78.34
CA ARG C 626 10.68 -81.13 -79.29
C ARG C 626 10.48 -79.61 -79.22
N GLU C 627 10.36 -79.08 -78.00
CA GLU C 627 10.08 -77.68 -77.79
C GLU C 627 11.26 -76.99 -77.10
N PRO C 628 11.48 -75.70 -77.37
CA PRO C 628 12.67 -75.02 -76.79
C PRO C 628 12.67 -74.97 -75.28
N ARG C 629 11.49 -74.86 -74.64
CA ARG C 629 11.45 -74.48 -73.23
C ARG C 629 12.02 -75.59 -72.34
N PHE C 630 11.93 -76.84 -72.79
CA PHE C 630 12.41 -77.94 -71.96
C PHE C 630 13.93 -77.93 -71.84
N LEU C 631 14.63 -77.60 -72.93
CA LEU C 631 16.09 -77.47 -72.85
C LEU C 631 16.48 -76.33 -71.91
N ASP C 632 15.75 -75.21 -71.98
CA ASP C 632 16.00 -74.11 -71.06
C ASP C 632 15.78 -74.53 -69.62
N TYR C 633 14.83 -75.44 -69.39
CA TYR C 633 14.63 -75.94 -68.02
C TYR C 633 15.88 -76.63 -67.49
N LEU C 634 16.48 -77.52 -68.29
CA LEU C 634 17.72 -78.16 -67.86
C LEU C 634 18.84 -77.13 -67.70
N SER C 635 18.90 -76.16 -68.61
CA SER C 635 19.93 -75.12 -68.49
C SER C 635 19.80 -74.38 -67.17
N ASP C 636 18.57 -74.04 -66.78
CA ASP C 636 18.34 -73.40 -65.49
C ASP C 636 18.75 -74.32 -64.34
N LEU C 637 18.41 -75.61 -64.45
CA LEU C 637 18.82 -76.56 -63.42
C LEU C 637 20.34 -76.56 -63.24
N CYS C 638 21.07 -76.41 -64.34
CA CYS C 638 22.52 -76.57 -64.28
C CYS C 638 23.18 -75.61 -63.30
N VAL C 639 22.81 -74.32 -63.34
CA VAL C 639 23.54 -73.28 -62.63
C VAL C 639 22.61 -72.61 -61.62
N SER C 640 23.21 -71.97 -60.61
CA SER C 640 22.49 -71.19 -59.63
C SER C 640 23.34 -69.98 -59.24
N ASN C 641 22.77 -68.79 -59.36
CA ASN C 641 23.47 -67.55 -59.00
C ASN C 641 24.81 -67.44 -59.71
N HIS C 642 24.83 -67.83 -60.99
CA HIS C 642 26.03 -67.75 -61.81
C HIS C 642 27.18 -68.58 -61.22
N ILE C 643 26.85 -69.67 -60.53
CA ILE C 643 27.82 -70.56 -59.94
C ILE C 643 27.45 -71.99 -60.30
N ALA C 644 28.43 -72.78 -60.72
CA ALA C 644 28.16 -74.12 -61.21
C ALA C 644 27.85 -75.08 -60.06
N ILE C 645 27.09 -76.12 -60.37
CA ILE C 645 26.72 -77.17 -59.43
C ILE C 645 27.22 -78.49 -59.99
N PRO C 646 28.35 -79.02 -59.51
CA PRO C 646 28.98 -80.17 -60.18
C PRO C 646 28.08 -81.40 -60.29
N VAL C 647 27.31 -81.72 -59.25
CA VAL C 647 26.52 -82.96 -59.28
C VAL C 647 25.43 -82.86 -60.34
N THR C 648 24.68 -81.77 -60.34
CA THR C 648 23.62 -81.59 -61.33
C THR C 648 24.20 -81.54 -62.73
N GLN C 649 25.32 -80.83 -62.91
CA GLN C 649 25.94 -80.78 -64.23
C GLN C 649 26.39 -82.15 -64.69
N GLU C 650 26.97 -82.95 -63.80
CA GLU C 650 27.42 -84.28 -64.16
C GLU C 650 26.23 -85.15 -64.59
N LEU C 651 25.17 -85.15 -63.81
CA LEU C 651 24.01 -85.98 -64.16
C LEU C 651 23.41 -85.53 -65.48
N ILE C 652 23.24 -84.22 -65.67
CA ILE C 652 22.62 -83.72 -66.89
C ILE C 652 23.50 -84.05 -68.10
N CYS C 653 24.82 -83.92 -67.96
CA CYS C 653 25.72 -84.26 -69.05
C CYS C 653 25.61 -85.75 -69.39
N LYS C 654 25.63 -86.60 -68.37
CA LYS C 654 25.51 -88.04 -68.61
C LYS C 654 24.23 -88.34 -69.39
N CYS C 655 23.12 -87.73 -68.98
CA CYS C 655 21.85 -88.04 -69.63
C CYS C 655 21.79 -87.49 -71.05
N VAL C 656 22.24 -86.25 -71.25
CA VAL C 656 22.06 -85.61 -72.55
C VAL C 656 23.02 -86.20 -73.58
N LEU C 657 24.30 -86.35 -73.22
CA LEU C 657 25.31 -86.77 -74.17
C LEU C 657 25.26 -88.27 -74.47
N ASP C 658 24.20 -88.96 -74.06
CA ASP C 658 24.12 -90.39 -74.29
C ASP C 658 23.69 -90.69 -75.72
N PRO C 659 24.22 -91.75 -76.35
CA PRO C 659 23.74 -92.10 -77.70
C PRO C 659 22.27 -92.40 -77.75
N LYS C 660 21.70 -92.96 -76.68
CA LYS C 660 20.27 -93.26 -76.66
C LYS C 660 19.45 -91.98 -76.78
N ASN C 661 19.89 -90.90 -76.12
CA ASN C 661 19.22 -89.61 -76.18
C ASN C 661 19.79 -88.70 -77.25
N SER C 662 20.68 -89.21 -78.09
CA SER C 662 21.25 -88.40 -79.16
C SER C 662 20.21 -87.85 -80.11
N ASP C 663 19.01 -88.44 -80.16
CA ASP C 663 18.01 -88.03 -81.15
C ASP C 663 17.66 -86.56 -81.01
N ILE C 664 17.46 -86.09 -79.77
CA ILE C 664 17.03 -84.71 -79.58
C ILE C 664 18.09 -83.73 -80.07
N LEU C 665 19.35 -84.08 -79.91
CA LEU C 665 20.43 -83.14 -80.20
C LEU C 665 20.65 -83.01 -81.70
N ILE C 666 20.69 -81.76 -82.18
CA ILE C 666 21.01 -81.49 -83.57
C ILE C 666 22.50 -81.75 -83.81
N ARG C 667 22.85 -82.06 -85.05
CA ARG C 667 24.23 -82.32 -85.43
C ARG C 667 24.72 -81.21 -86.36
N THR C 668 25.96 -80.78 -86.16
CA THR C 668 26.57 -79.70 -86.93
C THR C 668 27.78 -80.24 -87.66
N GLU C 669 27.97 -79.79 -88.91
CA GLU C 669 29.11 -80.21 -89.72
C GLU C 669 29.51 -79.07 -90.64
N LEU C 670 30.67 -79.22 -91.27
CA LEU C 670 31.17 -78.25 -92.24
C LEU C 670 31.62 -78.99 -93.50
N ARG C 671 31.23 -78.47 -94.65
CA ARG C 671 31.49 -79.11 -95.93
C ARG C 671 31.98 -78.07 -96.94
N PRO C 672 32.76 -78.50 -97.93
CA PRO C 672 33.33 -77.54 -98.88
C PRO C 672 32.25 -76.89 -99.74
N VAL C 673 32.56 -75.68 -100.22
CA VAL C 673 31.63 -74.95 -101.07
C VAL C 673 31.40 -75.71 -102.37
N LYS C 674 30.34 -75.35 -103.07
CA LYS C 674 30.02 -75.97 -104.35
C LYS C 674 30.21 -74.99 -105.49
N HIS C 680 28.84 -69.84 -113.91
CA HIS C 680 28.65 -71.21 -113.47
C HIS C 680 29.10 -71.38 -112.02
N GLU C 681 30.05 -70.55 -111.59
CA GLU C 681 30.56 -70.58 -110.23
C GLU C 681 30.63 -69.15 -109.70
N TYR C 682 30.57 -69.02 -108.38
CA TYR C 682 30.55 -67.72 -107.72
C TYR C 682 31.84 -67.51 -106.93
N LEU C 683 32.52 -66.40 -107.22
CA LEU C 683 33.79 -66.12 -106.59
C LEU C 683 33.64 -65.97 -105.08
N SER C 684 32.50 -65.47 -104.62
CA SER C 684 32.28 -65.38 -103.17
C SER C 684 32.24 -66.76 -102.53
N ILE C 685 31.56 -67.71 -103.18
CA ILE C 685 31.53 -69.08 -102.66
C ILE C 685 32.94 -69.66 -102.66
N GLU C 686 33.70 -69.43 -103.75
CA GLU C 686 35.07 -69.93 -103.79
C GLU C 686 35.92 -69.30 -102.68
N TYR C 687 35.72 -68.01 -102.41
CA TYR C 687 36.44 -67.35 -101.33
C TYR C 687 36.12 -68.02 -99.99
N SER C 688 34.84 -68.28 -99.74
CA SER C 688 34.45 -68.91 -98.49
C SER C 688 35.09 -70.29 -98.34
N GLU C 689 34.98 -71.12 -99.38
CA GLU C 689 35.57 -72.44 -99.49
C GLU C 689 34.88 -73.46 -98.58
N GLU C 690 33.97 -73.05 -97.70
CA GLU C 690 33.33 -73.96 -96.76
C GLU C 690 32.01 -73.36 -96.32
N GLU C 691 31.09 -74.23 -95.90
CA GLU C 691 29.83 -73.80 -95.32
C GLU C 691 29.44 -74.78 -94.22
N VAL C 692 28.64 -74.27 -93.28
CA VAL C 692 28.14 -75.06 -92.16
C VAL C 692 26.79 -75.65 -92.52
N TRP C 693 26.53 -76.86 -92.05
CA TRP C 693 25.28 -77.57 -92.28
C TRP C 693 24.79 -78.16 -90.97
N LEU C 694 23.47 -78.20 -90.80
CA LEU C 694 22.82 -78.74 -89.63
C LEU C 694 21.91 -79.89 -90.03
N THR C 695 22.03 -81.01 -89.33
CA THR C 695 21.21 -82.18 -89.56
C THR C 695 20.36 -82.41 -88.32
N TRP C 696 19.05 -82.55 -88.52
CA TRP C 696 18.14 -82.83 -87.41
C TRP C 696 17.12 -83.89 -87.83
N THR C 697 16.45 -84.46 -86.84
CA THR C 697 15.50 -85.54 -87.04
C THR C 697 14.17 -85.17 -86.41
N ASP C 698 13.09 -85.45 -87.13
CA ASP C 698 11.75 -85.18 -86.62
C ASP C 698 11.32 -86.28 -85.65
N LYS C 699 10.26 -86.00 -84.90
CA LYS C 699 9.64 -87.04 -84.07
C LYS C 699 9.15 -88.19 -84.94
N ASN C 700 8.88 -87.93 -86.22
CA ASN C 700 8.53 -89.00 -87.15
C ASN C 700 9.75 -89.80 -87.57
N ASN C 701 10.94 -89.47 -87.07
CA ASN C 701 12.16 -90.21 -87.36
C ASN C 701 12.62 -89.99 -88.80
N GLU C 702 12.28 -88.84 -89.37
CA GLU C 702 12.74 -88.45 -90.69
C GLU C 702 13.84 -87.41 -90.56
N HIS C 703 14.92 -87.60 -91.31
CA HIS C 703 16.09 -86.74 -91.24
C HIS C 703 15.95 -85.59 -92.24
N HIS C 704 16.33 -84.39 -91.82
CA HIS C 704 16.41 -83.23 -92.70
C HIS C 704 17.73 -82.51 -92.48
N GLU C 705 18.30 -82.00 -93.58
CA GLU C 705 19.55 -81.27 -93.56
C GLU C 705 19.41 -80.01 -94.41
N LYS C 706 20.01 -78.92 -93.94
CA LYS C 706 20.02 -77.68 -94.69
C LYS C 706 21.23 -76.85 -94.26
N SER C 707 21.62 -75.92 -95.13
CA SER C 707 22.72 -75.02 -94.81
C SER C 707 22.28 -73.93 -93.84
N VAL C 708 23.19 -73.53 -92.96
CA VAL C 708 22.84 -72.55 -91.93
C VAL C 708 22.53 -71.19 -92.56
N ARG C 709 23.27 -70.82 -93.60
CA ARG C 709 22.99 -69.55 -94.28
C ARG C 709 21.60 -69.58 -94.91
N GLN C 710 21.22 -70.70 -95.53
CA GLN C 710 19.88 -70.82 -96.09
C GLN C 710 18.83 -70.75 -94.99
N LEU C 711 19.09 -71.39 -93.86
CA LEU C 711 18.16 -71.31 -92.74
C LEU C 711 17.98 -69.87 -92.28
N ALA C 712 19.08 -69.12 -92.17
CA ALA C 712 18.99 -67.74 -91.74
C ALA C 712 18.22 -66.88 -92.75
N GLN C 713 18.47 -67.11 -94.05
CA GLN C 713 17.74 -66.34 -95.06
C GLN C 713 16.26 -66.67 -95.03
N GLU C 714 15.91 -67.94 -94.86
CA GLU C 714 14.51 -68.33 -94.80
C GLU C 714 13.85 -67.76 -93.54
N ALA C 715 14.59 -67.70 -92.43
CA ALA C 715 14.06 -67.07 -91.23
C ALA C 715 13.81 -65.59 -91.45
N ARG C 716 14.74 -64.90 -92.12
CA ARG C 716 14.49 -63.52 -92.50
C ARG C 716 13.23 -63.40 -93.34
N ALA C 717 13.03 -64.34 -94.26
CA ALA C 717 11.80 -64.36 -95.04
C ALA C 717 10.58 -64.50 -94.13
N GLY C 718 10.67 -65.35 -93.11
CA GLY C 718 9.62 -65.50 -92.13
C GLY C 718 9.02 -66.89 -92.01
N ASN C 719 9.77 -67.95 -92.30
CA ASN C 719 9.21 -69.30 -92.21
C ASN C 719 9.16 -69.75 -90.76
N ALA C 720 7.97 -70.17 -90.33
CA ALA C 720 7.78 -70.61 -88.95
C ALA C 720 8.62 -71.83 -88.63
N HIS C 721 8.71 -72.78 -89.57
CA HIS C 721 9.51 -73.98 -89.32
C HIS C 721 10.98 -73.62 -89.12
N ASP C 722 11.52 -72.74 -89.97
CA ASP C 722 12.90 -72.32 -89.82
C ASP C 722 13.09 -71.59 -88.49
N GLU C 723 12.14 -70.74 -88.11
CA GLU C 723 12.23 -70.06 -86.83
C GLU C 723 12.29 -71.07 -85.69
N ASN C 724 11.43 -72.10 -85.74
CA ASN C 724 11.40 -73.09 -84.68
C ASN C 724 12.73 -73.84 -84.58
N VAL C 725 13.25 -74.30 -85.71
CA VAL C 725 14.50 -75.06 -85.66
C VAL C 725 15.65 -74.17 -85.20
N LEU C 726 15.69 -72.92 -85.63
CA LEU C 726 16.76 -72.03 -85.20
C LEU C 726 16.68 -71.76 -83.70
N SER C 727 15.47 -71.55 -83.18
CA SER C 727 15.32 -71.34 -81.74
C SER C 727 15.76 -72.58 -80.96
N TYR C 728 15.39 -73.77 -81.45
CA TYR C 728 15.82 -74.99 -80.78
C TYR C 728 17.35 -75.09 -80.79
N TYR C 729 17.97 -74.76 -81.91
CA TYR C 729 19.44 -74.80 -81.99
C TYR C 729 20.06 -73.82 -80.99
N ARG C 730 19.50 -72.61 -80.89
CA ARG C 730 20.03 -71.63 -79.95
C ARG C 730 19.93 -72.12 -78.51
N TYR C 731 18.77 -72.67 -78.14
CA TYR C 731 18.62 -73.19 -76.78
C TYR C 731 19.56 -74.36 -76.54
N GLN C 732 19.78 -75.18 -77.56
CA GLN C 732 20.75 -76.28 -77.45
C GLN C 732 22.15 -75.75 -77.17
N LEU C 733 22.56 -74.71 -77.89
CA LEU C 733 23.88 -74.12 -77.66
C LEU C 733 23.98 -73.57 -76.24
N LYS C 734 22.91 -72.91 -75.77
CA LYS C 734 22.91 -72.42 -74.39
C LYS C 734 23.09 -73.56 -73.40
N LEU C 735 22.36 -74.67 -73.61
CA LEU C 735 22.47 -75.80 -72.72
C LEU C 735 23.88 -76.38 -72.73
N PHE C 736 24.49 -76.50 -73.90
CA PHE C 736 25.85 -77.03 -73.98
C PHE C 736 26.82 -76.14 -73.24
N ALA C 737 26.71 -74.82 -73.42
CA ALA C 737 27.61 -73.90 -72.72
C ALA C 737 27.44 -74.03 -71.22
N ARG C 738 26.19 -74.08 -70.75
CA ARG C 738 25.95 -74.22 -69.31
C ARG C 738 26.52 -75.54 -68.78
N MET C 739 26.40 -76.61 -69.56
CA MET C 739 26.98 -77.88 -69.15
C MET C 739 28.49 -77.78 -69.02
N CYS C 740 29.16 -77.12 -69.96
CA CYS C 740 30.61 -76.97 -69.91
C CYS C 740 31.03 -75.80 -69.01
N LEU C 741 30.10 -75.17 -68.32
CA LEU C 741 30.45 -74.13 -67.37
C LEU C 741 31.41 -74.67 -66.30
N ASP C 742 32.37 -73.82 -65.92
CA ASP C 742 33.26 -74.10 -64.78
C ASP C 742 34.10 -75.36 -65.01
N ARG C 743 34.64 -75.48 -66.23
CA ARG C 743 35.64 -76.51 -66.53
C ARG C 743 35.12 -77.91 -66.19
N GLN C 744 33.96 -78.26 -66.76
CA GLN C 744 33.44 -79.62 -66.65
C GLN C 744 33.97 -80.42 -67.83
N TYR C 745 35.03 -81.18 -67.59
CA TYR C 745 35.76 -81.78 -68.70
C TYR C 745 35.02 -82.97 -69.29
N LEU C 746 34.35 -83.75 -68.44
CA LEU C 746 33.53 -84.86 -68.94
C LEU C 746 32.66 -84.39 -70.09
N ALA C 747 32.27 -83.11 -70.08
CA ALA C 747 31.50 -82.56 -71.18
C ALA C 747 32.38 -81.85 -72.20
N ILE C 748 33.47 -81.22 -71.74
CA ILE C 748 34.26 -80.38 -72.64
C ILE C 748 34.94 -81.23 -73.71
N ASP C 749 35.55 -82.34 -73.32
CA ASP C 749 36.23 -83.18 -74.31
C ASP C 749 35.24 -83.70 -75.36
N GLU C 750 34.05 -84.11 -74.92
CA GLU C 750 33.06 -84.60 -75.88
C GLU C 750 32.61 -83.49 -76.82
N ILE C 751 32.30 -82.32 -76.27
CA ILE C 751 31.74 -81.24 -77.09
C ILE C 751 32.79 -80.69 -78.05
N SER C 752 34.07 -80.72 -77.65
CA SER C 752 35.13 -80.20 -78.51
C SER C 752 35.18 -80.95 -79.83
N GLN C 753 35.04 -82.27 -79.79
CA GLN C 753 35.08 -83.06 -81.01
C GLN C 753 33.94 -82.66 -81.94
N GLN C 754 32.73 -82.50 -81.41
CA GLN C 754 31.58 -82.18 -82.25
C GLN C 754 31.71 -80.77 -82.83
N LEU C 755 32.13 -79.79 -82.02
CA LEU C 755 32.25 -78.41 -82.47
C LEU C 755 33.65 -77.91 -82.18
N GLY C 756 34.28 -77.31 -83.21
CA GLY C 756 35.65 -76.89 -83.13
C GLY C 756 35.83 -75.38 -83.16
N VAL C 757 37.07 -74.97 -82.91
CA VAL C 757 37.39 -73.54 -82.87
C VAL C 757 37.12 -72.90 -84.22
N ASP C 758 37.56 -73.54 -85.30
CA ASP C 758 37.37 -72.97 -86.63
C ASP C 758 35.89 -72.85 -86.97
N LEU C 759 35.11 -73.89 -86.67
CA LEU C 759 33.68 -73.87 -86.96
C LEU C 759 33.00 -72.74 -86.18
N ILE C 760 33.32 -72.62 -84.89
CA ILE C 760 32.69 -71.59 -84.07
C ILE C 760 33.09 -70.21 -84.58
N PHE C 761 34.36 -70.04 -84.94
CA PHE C 761 34.80 -68.75 -85.47
C PHE C 761 34.05 -68.39 -86.74
N LEU C 762 33.91 -69.35 -87.66
CA LEU C 762 33.17 -69.09 -88.89
C LEU C 762 31.74 -68.68 -88.58
N CYS C 763 31.08 -69.44 -87.70
CA CYS C 763 29.68 -69.16 -87.38
C CYS C 763 29.52 -67.79 -86.75
N MET C 764 30.42 -67.43 -85.83
CA MET C 764 30.28 -66.17 -85.10
C MET C 764 30.70 -64.97 -85.95
N ALA C 765 31.60 -65.17 -86.90
CA ALA C 765 32.06 -64.08 -87.77
C ALA C 765 31.24 -63.94 -89.03
N ASP C 766 30.36 -64.90 -89.34
CA ASP C 766 29.50 -64.79 -90.52
C ASP C 766 28.46 -63.70 -90.26
N GLU C 767 28.45 -62.69 -91.14
CA GLU C 767 27.52 -61.58 -90.95
C GLU C 767 26.08 -61.97 -91.21
N MET C 768 25.86 -62.95 -92.09
CA MET C 768 24.49 -63.29 -92.48
C MET C 768 23.69 -63.81 -91.30
N LEU C 769 24.31 -64.61 -90.43
CA LEU C 769 23.58 -65.23 -89.35
C LEU C 769 23.13 -64.17 -88.34
N PRO C 770 22.06 -64.45 -87.59
CA PRO C 770 21.49 -63.42 -86.70
C PRO C 770 22.34 -63.17 -85.47
N PHE C 771 22.09 -62.01 -84.86
CA PHE C 771 22.89 -61.57 -83.72
C PHE C 771 22.76 -62.52 -82.54
N ASP C 772 21.54 -63.01 -82.27
CA ASP C 772 21.35 -63.90 -81.13
C ASP C 772 22.13 -65.20 -81.32
N LEU C 773 22.07 -65.78 -82.52
CA LEU C 773 22.82 -67.00 -82.78
C LEU C 773 24.32 -66.76 -82.71
N ARG C 774 24.78 -65.62 -83.23
CA ARG C 774 26.19 -65.28 -83.10
C ARG C 774 26.59 -65.15 -81.63
N ALA C 775 25.70 -64.58 -80.81
CA ALA C 775 25.97 -64.46 -79.38
C ALA C 775 26.08 -65.83 -78.73
N SER C 776 25.19 -66.76 -79.10
CA SER C 776 25.28 -68.11 -78.58
C SER C 776 26.60 -68.77 -78.97
N PHE C 777 27.01 -68.59 -80.22
CA PHE C 777 28.29 -69.15 -80.67
C PHE C 777 29.46 -68.53 -79.93
N CYS C 778 29.40 -67.23 -79.68
CA CYS C 778 30.46 -66.58 -78.91
C CYS C 778 30.54 -67.11 -77.50
N HIS C 779 29.39 -67.33 -76.86
CA HIS C 779 29.37 -67.91 -75.53
C HIS C 779 29.97 -69.32 -75.53
N LEU C 780 29.62 -70.11 -76.55
CA LEU C 780 30.20 -71.45 -76.67
C LEU C 780 31.70 -71.38 -76.85
N MET C 781 32.19 -70.43 -77.66
CA MET C 781 33.63 -70.26 -77.81
C MET C 781 34.26 -69.91 -76.48
N LEU C 782 33.63 -69.02 -75.72
CA LEU C 782 34.18 -68.62 -74.43
C LEU C 782 34.33 -69.81 -73.49
N HIS C 783 33.27 -70.62 -73.37
CA HIS C 783 33.27 -71.63 -72.31
C HIS C 783 33.90 -72.95 -72.76
N VAL C 784 33.54 -73.44 -73.95
CA VAL C 784 33.97 -74.77 -74.37
C VAL C 784 35.48 -74.80 -74.62
N HIS C 785 36.02 -73.78 -75.28
CA HIS C 785 37.37 -73.82 -75.81
C HIS C 785 38.32 -72.84 -75.14
N VAL C 786 37.91 -71.59 -74.95
CA VAL C 786 38.82 -70.57 -74.44
C VAL C 786 39.34 -70.95 -73.06
N ASP C 787 38.46 -71.47 -72.20
CA ASP C 787 38.83 -71.86 -70.83
C ASP C 787 39.08 -73.35 -70.81
N ARG C 788 40.36 -73.74 -70.64
CA ARG C 788 40.75 -75.15 -70.69
C ARG C 788 42.07 -75.30 -69.95
N ASP C 789 42.66 -76.51 -70.01
CA ASP C 789 43.91 -76.75 -69.32
C ASP C 789 45.02 -75.79 -69.72
N PRO C 790 45.30 -75.58 -71.01
CA PRO C 790 46.49 -74.79 -71.36
C PRO C 790 46.46 -73.37 -70.83
N GLN C 791 45.27 -72.85 -70.53
CA GLN C 791 45.17 -71.48 -70.04
C GLN C 791 45.12 -71.45 -68.52
N GLU C 792 45.60 -70.34 -67.95
CA GLU C 792 45.58 -70.12 -66.51
C GLU C 792 45.59 -68.62 -66.26
N LEU C 793 45.02 -68.23 -65.12
CA LEU C 793 44.97 -66.82 -64.76
C LEU C 793 46.37 -66.28 -64.51
N VAL C 794 46.55 -64.99 -64.79
CA VAL C 794 47.85 -64.33 -64.71
C VAL C 794 47.74 -63.14 -63.75
N THR C 795 48.71 -63.02 -62.86
CA THR C 795 48.78 -61.89 -61.94
C THR C 795 49.73 -60.84 -62.52
N PRO C 796 49.25 -59.66 -62.89
CA PRO C 796 50.13 -58.71 -63.59
C PRO C 796 51.36 -58.32 -62.80
N VAL C 797 51.24 -58.17 -61.49
CA VAL C 797 52.33 -57.69 -60.66
C VAL C 797 53.03 -58.91 -60.03
N LYS C 798 54.31 -59.08 -60.36
CA LYS C 798 55.13 -60.15 -59.80
C LYS C 798 56.17 -59.51 -58.89
N PHE C 799 56.07 -59.76 -57.59
CA PHE C 799 56.97 -59.13 -56.64
C PHE C 799 58.36 -59.76 -56.69
N ALA C 800 58.42 -61.09 -56.83
CA ALA C 800 59.71 -61.78 -56.86
C ALA C 800 60.35 -61.60 -58.23
N ARG C 801 61.59 -61.10 -58.23
CA ARG C 801 62.33 -60.86 -59.46
C ARG C 801 63.78 -61.30 -59.28
N LEU C 802 64.42 -61.66 -60.39
CA LEU C 802 65.80 -62.09 -60.40
C LEU C 802 66.69 -60.94 -60.85
N TRP C 803 67.87 -60.83 -60.24
CA TRP C 803 68.81 -59.80 -60.65
C TRP C 803 69.27 -60.00 -62.08
N THR C 804 69.48 -61.26 -62.49
CA THR C 804 69.97 -61.53 -63.83
C THR C 804 68.95 -61.14 -64.90
N GLU C 805 67.66 -61.40 -64.64
CA GLU C 805 66.66 -61.21 -65.68
C GLU C 805 66.53 -59.75 -66.09
N ILE C 806 66.83 -58.83 -65.18
CA ILE C 806 66.56 -57.40 -65.42
C ILE C 806 67.37 -56.95 -66.63
N PRO C 807 66.76 -56.26 -67.59
CA PRO C 807 67.55 -55.68 -68.68
C PRO C 807 68.14 -54.35 -68.30
N THR C 808 69.27 -54.01 -68.92
CA THR C 808 69.90 -52.72 -68.67
C THR C 808 68.98 -51.57 -69.06
N ALA C 809 68.32 -51.69 -70.22
CA ALA C 809 67.34 -50.73 -70.67
C ALA C 809 66.09 -51.49 -71.10
N ILE C 810 64.93 -51.03 -70.63
CA ILE C 810 63.66 -51.70 -70.88
C ILE C 810 62.83 -50.82 -71.80
N THR C 811 62.28 -51.42 -72.86
CA THR C 811 61.29 -50.79 -73.71
C THR C 811 60.01 -51.60 -73.63
N ILE C 812 58.90 -51.00 -74.08
CA ILE C 812 57.63 -51.71 -74.05
C ILE C 812 57.71 -52.96 -74.91
N LYS C 813 58.46 -52.90 -76.01
CA LYS C 813 58.68 -54.09 -76.82
C LYS C 813 59.40 -55.17 -76.02
N ASP C 814 60.41 -54.79 -75.23
CA ASP C 814 61.07 -55.77 -74.39
C ASP C 814 60.12 -56.36 -73.36
N TYR C 815 59.25 -55.51 -72.77
CA TYR C 815 58.34 -56.00 -71.75
C TYR C 815 57.36 -57.02 -72.32
N ASP C 816 56.68 -56.68 -73.43
CA ASP C 816 55.71 -57.61 -73.97
C ASP C 816 56.40 -58.84 -74.57
N SER C 817 57.64 -58.69 -75.06
CA SER C 817 58.40 -59.86 -75.48
C SER C 817 58.67 -60.78 -74.30
N ASN C 818 59.04 -60.21 -73.14
CA ASN C 818 59.28 -61.01 -71.95
C ASN C 818 58.01 -61.76 -71.55
N LEU C 819 56.87 -61.08 -71.56
CA LEU C 819 55.61 -61.72 -71.21
C LEU C 819 55.10 -62.65 -72.31
N ASN C 820 55.68 -62.59 -73.51
CA ASN C 820 55.26 -63.40 -74.63
C ASN C 820 55.63 -64.88 -74.50
N ALA C 821 56.42 -65.25 -73.49
CA ALA C 821 56.91 -66.62 -73.40
C ALA C 821 55.76 -67.62 -73.43
N SER C 822 54.74 -67.41 -72.59
CA SER C 822 53.59 -68.30 -72.59
C SER C 822 52.62 -67.97 -73.72
N ARG C 823 52.66 -66.73 -74.20
CA ARG C 823 51.66 -66.27 -75.17
C ARG C 823 51.84 -66.93 -76.53
N ASP C 824 53.09 -67.22 -76.91
CA ASP C 824 53.35 -67.62 -78.29
C ASP C 824 52.61 -68.90 -78.66
N ASP C 825 52.61 -69.89 -77.76
CA ASP C 825 51.95 -71.16 -78.07
C ASP C 825 50.43 -71.01 -78.08
N LYS C 826 49.87 -70.33 -77.07
CA LYS C 826 48.42 -70.30 -76.93
C LYS C 826 47.78 -69.35 -77.94
N LYS C 827 48.50 -68.32 -78.38
CA LYS C 827 47.91 -67.32 -79.25
C LYS C 827 47.68 -67.87 -80.65
N ASN C 828 48.45 -68.89 -81.05
CA ASN C 828 48.30 -69.44 -82.39
C ASN C 828 46.90 -70.02 -82.59
N LYS C 829 46.39 -70.71 -81.57
CA LYS C 829 45.08 -71.35 -81.70
C LYS C 829 43.95 -70.32 -81.75
N PHE C 830 44.04 -69.25 -80.94
CA PHE C 830 42.97 -68.27 -80.80
C PHE C 830 43.31 -66.93 -81.43
N ALA C 831 44.18 -66.91 -82.45
CA ALA C 831 44.59 -65.64 -83.03
C ALA C 831 43.43 -64.94 -83.73
N ASN C 832 42.69 -65.66 -84.57
CA ASN C 832 41.64 -65.03 -85.37
C ASN C 832 40.53 -64.48 -84.49
N THR C 833 40.19 -65.18 -83.40
CA THR C 833 39.14 -64.72 -82.51
C THR C 833 39.48 -63.34 -81.95
N MET C 834 40.75 -63.10 -81.63
CA MET C 834 41.16 -61.78 -81.16
C MET C 834 40.92 -60.72 -82.22
N GLU C 835 41.23 -61.05 -83.48
CA GLU C 835 40.96 -60.10 -84.57
C GLU C 835 39.48 -59.80 -84.68
N PHE C 836 38.63 -60.82 -84.57
CA PHE C 836 37.19 -60.58 -84.63
C PHE C 836 36.74 -59.69 -83.49
N VAL C 837 37.24 -59.95 -82.28
CA VAL C 837 36.87 -59.13 -81.13
C VAL C 837 37.27 -57.67 -81.36
N GLU C 838 38.50 -57.46 -81.84
CA GLU C 838 38.97 -56.10 -82.09
C GLU C 838 38.10 -55.41 -83.12
N ASP C 839 37.79 -56.11 -84.22
CA ASP C 839 36.98 -55.50 -85.27
C ASP C 839 35.58 -55.17 -84.77
N TYR C 840 34.97 -56.07 -83.99
CA TYR C 840 33.63 -55.82 -83.49
C TYR C 840 33.60 -54.62 -82.56
N LEU C 841 34.56 -54.54 -81.64
CA LEU C 841 34.60 -53.39 -80.74
C LEU C 841 34.88 -52.11 -81.51
N ASN C 842 35.70 -52.18 -82.56
CA ASN C 842 35.96 -51.01 -83.38
C ASN C 842 34.68 -50.53 -84.08
N ASN C 843 33.87 -51.47 -84.57
CA ASN C 843 32.60 -51.09 -85.16
C ASN C 843 31.66 -50.48 -84.12
N VAL C 844 31.62 -51.07 -82.92
CA VAL C 844 30.72 -50.57 -81.89
C VAL C 844 31.09 -49.15 -81.49
N VAL C 845 32.39 -48.89 -81.29
CA VAL C 845 32.80 -47.54 -80.90
C VAL C 845 32.49 -46.54 -82.00
N SER C 846 32.63 -46.96 -83.26
CA SER C 846 32.33 -46.06 -84.37
C SER C 846 30.85 -45.72 -84.40
N GLU C 847 29.98 -46.70 -84.15
CA GLU C 847 28.54 -46.44 -84.17
C GLU C 847 28.19 -45.33 -83.19
N ALA C 848 27.31 -44.42 -83.63
CA ALA C 848 26.99 -43.24 -82.82
C ALA C 848 26.33 -43.64 -81.50
N VAL C 849 25.27 -44.44 -81.57
CA VAL C 849 24.60 -44.94 -80.36
C VAL C 849 25.11 -46.35 -80.11
N PRO C 850 26.10 -46.54 -79.25
CA PRO C 850 26.71 -47.88 -79.13
C PRO C 850 25.74 -48.96 -78.71
N PHE C 851 24.76 -48.64 -77.86
CA PHE C 851 23.85 -49.63 -77.29
C PHE C 851 22.41 -49.40 -77.75
N ALA C 852 22.21 -49.11 -79.03
CA ALA C 852 20.87 -48.81 -79.53
C ALA C 852 20.01 -50.07 -79.60
N ASN C 853 20.57 -51.16 -80.12
CA ASN C 853 19.80 -52.36 -80.43
C ASN C 853 20.02 -53.41 -79.35
N GLU C 854 18.93 -54.03 -78.90
CA GLU C 854 19.01 -55.08 -77.89
C GLU C 854 19.65 -56.35 -78.46
N GLU C 855 19.21 -56.77 -79.64
CA GLU C 855 19.76 -57.97 -80.25
C GLU C 855 21.27 -57.83 -80.46
N LYS C 856 21.71 -56.67 -80.93
CA LYS C 856 23.14 -56.43 -81.06
C LYS C 856 23.80 -56.28 -79.69
N ASN C 857 23.05 -55.80 -78.70
CA ASN C 857 23.61 -55.69 -77.36
C ASN C 857 23.96 -57.06 -76.79
N LYS C 858 23.19 -58.09 -77.16
CA LYS C 858 23.56 -59.45 -76.75
C LYS C 858 24.96 -59.80 -77.22
N LEU C 859 25.23 -59.62 -78.52
CA LEU C 859 26.54 -59.96 -79.04
C LEU C 859 27.61 -59.04 -78.49
N THR C 860 27.26 -57.77 -78.20
CA THR C 860 28.23 -56.87 -77.57
C THR C 860 28.65 -57.40 -76.21
N PHE C 861 27.69 -57.85 -75.41
CA PHE C 861 28.03 -58.43 -74.12
C PHE C 861 28.88 -59.68 -74.27
N GLU C 862 28.52 -60.54 -75.23
CA GLU C 862 29.31 -61.75 -75.43
C GLU C 862 30.75 -61.43 -75.81
N VAL C 863 30.94 -60.48 -76.73
CA VAL C 863 32.28 -60.13 -77.17
C VAL C 863 33.06 -59.48 -76.04
N VAL C 864 32.40 -58.65 -75.23
CA VAL C 864 33.10 -58.03 -74.10
C VAL C 864 33.53 -59.09 -73.09
N SER C 865 32.67 -60.06 -72.82
CA SER C 865 33.06 -61.14 -71.92
C SER C 865 34.23 -61.95 -72.48
N LEU C 866 34.20 -62.23 -73.79
CA LEU C 866 35.31 -62.95 -74.40
C LEU C 866 36.61 -62.16 -74.27
N ALA C 867 36.55 -60.85 -74.52
CA ALA C 867 37.74 -60.02 -74.37
C ALA C 867 38.23 -60.02 -72.93
N HIS C 868 37.31 -59.94 -71.97
CA HIS C 868 37.70 -59.99 -70.56
C HIS C 868 38.43 -61.28 -70.25
N ASN C 869 37.88 -62.41 -70.66
CA ASN C 869 38.52 -63.69 -70.36
C ASN C 869 39.88 -63.81 -71.04
N LEU C 870 39.98 -63.41 -72.31
CA LEU C 870 41.24 -63.49 -73.01
C LEU C 870 42.30 -62.59 -72.37
N ILE C 871 41.91 -61.40 -71.95
CA ILE C 871 42.84 -60.49 -71.29
C ILE C 871 43.31 -61.09 -69.97
N TYR C 872 42.37 -61.60 -69.17
CA TYR C 872 42.75 -62.11 -67.85
C TYR C 872 43.62 -63.35 -67.95
N PHE C 873 43.42 -64.16 -69.00
CA PHE C 873 44.27 -65.33 -69.18
C PHE C 873 45.64 -64.99 -69.73
N GLY C 874 45.87 -63.74 -70.12
CA GLY C 874 47.19 -63.30 -70.51
C GLY C 874 47.50 -63.36 -71.99
N PHE C 875 46.49 -63.55 -72.84
CA PHE C 875 46.75 -63.64 -74.28
C PHE C 875 47.26 -62.31 -74.83
N TYR C 876 46.74 -61.20 -74.33
CA TYR C 876 47.07 -59.88 -74.87
C TYR C 876 48.37 -59.37 -74.27
N SER C 877 49.12 -58.61 -75.08
CA SER C 877 50.33 -57.96 -74.62
C SER C 877 50.01 -56.57 -74.05
N PHE C 878 51.03 -55.91 -73.52
CA PHE C 878 50.81 -54.61 -72.88
C PHE C 878 50.39 -53.55 -73.89
N SER C 879 51.08 -53.48 -75.03
CA SER C 879 50.73 -52.49 -76.05
C SER C 879 49.34 -52.76 -76.60
N GLU C 880 49.01 -54.03 -76.85
CA GLU C 880 47.68 -54.37 -77.33
C GLU C 880 46.61 -54.00 -76.31
N LEU C 881 46.90 -54.23 -75.02
CA LEU C 881 45.95 -53.85 -73.98
C LEU C 881 45.74 -52.34 -73.95
N LEU C 882 46.84 -51.58 -74.09
CA LEU C 882 46.71 -50.13 -74.10
C LEU C 882 45.89 -49.66 -75.30
N ARG C 883 46.09 -50.29 -76.46
CA ARG C 883 45.28 -49.98 -77.62
C ARG C 883 43.81 -50.30 -77.37
N LEU C 884 43.54 -51.43 -76.73
CA LEU C 884 42.15 -51.87 -76.51
C LEU C 884 41.44 -50.99 -75.50
N THR C 885 42.19 -50.44 -74.54
CA THR C 885 41.55 -49.60 -73.52
C THR C 885 40.92 -48.35 -74.13
N ARG C 886 41.58 -47.75 -75.12
CA ARG C 886 40.99 -46.59 -75.78
C ARG C 886 39.65 -46.94 -76.40
N THR C 887 39.58 -48.07 -77.12
CA THR C 887 38.33 -48.47 -77.74
C THR C 887 37.26 -48.75 -76.70
N LEU C 888 37.62 -49.45 -75.61
CA LEU C 888 36.63 -49.77 -74.59
C LEU C 888 36.09 -48.51 -73.92
N LEU C 889 36.99 -47.56 -73.59
CA LEU C 889 36.53 -46.32 -72.99
C LEU C 889 35.67 -45.52 -73.95
N GLY C 890 36.03 -45.51 -75.24
CA GLY C 890 35.17 -44.87 -76.22
C GLY C 890 33.79 -45.50 -76.28
N ILE C 891 33.73 -46.83 -76.17
CA ILE C 891 32.44 -47.52 -76.16
C ILE C 891 31.61 -47.10 -74.96
N ILE C 892 32.24 -47.00 -73.78
CA ILE C 892 31.50 -46.70 -72.55
C ILE C 892 31.58 -45.22 -72.19
N ASP C 893 31.88 -44.36 -73.16
CA ASP C 893 31.94 -42.92 -72.95
C ASP C 893 30.61 -42.29 -73.37
N CYS C 894 30.28 -41.15 -72.77
CA CYS C 894 29.05 -40.45 -73.07
C CYS C 894 28.91 -40.20 -74.58
N ASP C 961 19.69 -50.94 -69.12
CA ASP C 961 19.30 -52.34 -69.19
C ASP C 961 20.32 -53.22 -68.48
N ILE C 962 19.88 -54.42 -68.07
CA ILE C 962 20.77 -55.31 -67.32
C ILE C 962 21.96 -55.72 -68.17
N VAL C 963 21.73 -56.01 -69.46
CA VAL C 963 22.81 -56.42 -70.34
C VAL C 963 23.84 -55.31 -70.48
N VAL C 964 23.37 -54.07 -70.68
CA VAL C 964 24.27 -52.95 -70.83
C VAL C 964 25.07 -52.72 -69.55
N MET C 965 24.39 -52.82 -68.40
CA MET C 965 25.09 -52.63 -67.12
C MET C 965 26.16 -53.70 -66.93
N GLU C 966 25.85 -54.96 -67.25
CA GLU C 966 26.83 -56.02 -67.12
C GLU C 966 28.01 -55.80 -68.06
N THR C 967 27.74 -55.35 -69.30
CA THR C 967 28.81 -55.08 -70.24
C THR C 967 29.75 -53.99 -69.71
N LYS C 968 29.17 -52.92 -69.17
CA LYS C 968 30.00 -51.85 -68.62
C LYS C 968 30.79 -52.34 -67.41
N LEU C 969 30.20 -53.20 -66.59
CA LEU C 969 30.92 -53.79 -65.48
C LEU C 969 32.14 -54.57 -65.97
N LYS C 970 31.94 -55.39 -67.00
CA LYS C 970 33.05 -56.18 -67.54
C LYS C 970 34.14 -55.27 -68.10
N ILE C 971 33.75 -54.18 -68.76
CA ILE C 971 34.73 -53.26 -69.30
C ILE C 971 35.55 -52.62 -68.18
N LEU C 972 34.89 -52.21 -67.09
CA LEU C 972 35.63 -51.68 -65.96
C LEU C 972 36.59 -52.70 -65.37
N GLU C 973 36.15 -53.95 -65.27
CA GLU C 973 37.02 -55.01 -64.76
C GLU C 973 38.24 -55.17 -65.65
N ILE C 974 38.07 -55.08 -66.97
CA ILE C 974 39.21 -55.15 -67.88
C ILE C 974 40.17 -53.98 -67.63
N LEU C 975 39.61 -52.77 -67.50
CA LEU C 975 40.44 -51.60 -67.27
C LEU C 975 41.29 -51.76 -66.02
N GLN C 976 40.75 -52.40 -64.98
CA GLN C 976 41.54 -52.63 -63.78
C GLN C 976 42.79 -53.46 -64.08
N PHE C 977 42.63 -54.53 -64.86
CA PHE C 977 43.78 -55.37 -65.21
C PHE C 977 44.80 -54.59 -66.02
N ILE C 978 44.34 -53.76 -66.97
CA ILE C 978 45.29 -52.97 -67.74
C ILE C 978 46.07 -52.03 -66.82
N LEU C 979 45.39 -51.42 -65.86
CA LEU C 979 46.09 -50.53 -64.93
C LEU C 979 47.13 -51.29 -64.11
N ASN C 980 46.80 -52.50 -63.68
CA ASN C 980 47.78 -53.29 -62.93
C ASN C 980 49.00 -53.63 -63.80
N VAL C 981 48.77 -53.95 -65.07
CA VAL C 981 49.90 -54.21 -65.97
C VAL C 981 50.75 -52.96 -66.12
N ARG C 982 50.11 -51.79 -66.17
CA ARG C 982 50.87 -50.54 -66.22
C ARG C 982 51.76 -50.40 -64.99
N LEU C 983 51.22 -50.71 -63.81
CA LEU C 983 52.04 -50.66 -62.59
C LEU C 983 53.22 -51.61 -62.70
N ASP C 984 52.99 -52.83 -63.20
CA ASP C 984 54.08 -53.78 -63.37
C ASP C 984 55.19 -53.21 -64.25
N TYR C 985 54.81 -52.63 -65.39
CA TYR C 985 55.83 -52.07 -66.28
C TYR C 985 56.57 -50.92 -65.60
N ARG C 986 55.87 -50.08 -64.85
CA ARG C 986 56.54 -48.99 -64.17
C ARG C 986 57.59 -49.52 -63.19
N ILE C 987 57.23 -50.54 -62.41
CA ILE C 987 58.20 -51.12 -61.48
C ILE C 987 59.38 -51.70 -62.24
N SER C 988 59.13 -52.35 -63.36
CA SER C 988 60.22 -52.91 -64.16
C SER C 988 61.17 -51.83 -64.62
N TYR C 989 60.62 -50.69 -65.07
CA TYR C 989 61.48 -49.60 -65.52
C TYR C 989 62.33 -49.04 -64.38
N LEU C 990 61.73 -48.85 -63.21
CA LEU C 990 62.51 -48.36 -62.08
C LEU C 990 63.65 -49.32 -61.75
N LEU C 991 63.36 -50.62 -61.71
CA LEU C 991 64.39 -51.60 -61.37
C LEU C 991 65.49 -51.61 -62.43
N SER C 992 65.12 -51.49 -63.72
CA SER C 992 66.12 -51.47 -64.77
C SER C 992 67.04 -50.26 -64.64
N VAL C 993 66.46 -49.09 -64.33
CA VAL C 993 67.29 -47.90 -64.13
C VAL C 993 68.24 -48.12 -62.96
N PHE C 994 67.74 -48.70 -61.87
CA PHE C 994 68.60 -48.95 -60.72
C PHE C 994 69.75 -49.88 -61.10
N LYS C 995 69.48 -50.94 -61.85
CA LYS C 995 70.54 -51.86 -62.24
C LYS C 995 71.55 -51.18 -63.15
N LYS C 996 71.08 -50.34 -64.07
CA LYS C 996 72.02 -49.63 -64.94
C LYS C 996 72.96 -48.75 -64.11
N GLU C 997 72.40 -48.00 -63.16
CA GLU C 997 73.25 -47.15 -62.33
C GLU C 997 74.22 -47.98 -61.51
N PHE C 998 73.75 -49.11 -60.96
CA PHE C 998 74.63 -49.98 -60.18
C PHE C 998 75.79 -50.49 -61.03
N VAL C 999 75.49 -50.97 -62.25
CA VAL C 999 76.54 -51.49 -63.11
C VAL C 999 77.54 -50.40 -63.45
N GLU C 1000 77.05 -49.19 -63.75
CA GLU C 1000 77.96 -48.12 -64.11
C GLU C 1000 78.86 -47.72 -62.94
N VAL C 1001 78.28 -47.48 -61.77
CA VAL C 1001 79.05 -46.92 -60.67
C VAL C 1001 79.94 -47.98 -60.02
N PHE C 1002 79.39 -49.17 -59.78
CA PHE C 1002 80.12 -50.29 -59.17
C PHE C 1002 80.33 -51.36 -60.21
N PRO C 1003 81.39 -51.25 -61.04
CA PRO C 1003 81.61 -52.30 -62.04
C PRO C 1003 81.83 -53.67 -61.43
N MET C 1004 82.45 -53.75 -60.26
CA MET C 1004 82.74 -55.03 -59.62
C MET C 1004 81.48 -55.87 -59.45
N ASN C 1022 79.63 -42.44 -55.84
CA ASN C 1022 78.52 -43.33 -55.52
C ASN C 1022 77.41 -43.21 -56.56
N MET C 1023 76.24 -43.75 -56.23
CA MET C 1023 75.11 -43.70 -57.15
C MET C 1023 74.64 -42.26 -57.33
N ASN C 1024 74.10 -41.97 -58.52
CA ASN C 1024 73.50 -40.66 -58.77
C ASN C 1024 72.02 -40.75 -58.47
N LEU C 1025 71.69 -40.63 -57.17
CA LEU C 1025 70.29 -40.70 -56.76
C LEU C 1025 69.47 -39.61 -57.41
N ASP C 1026 70.08 -38.47 -57.73
CA ASP C 1026 69.36 -37.41 -58.44
C ASP C 1026 68.95 -37.87 -59.83
N ARG C 1027 69.86 -38.52 -60.56
CA ARG C 1027 69.52 -39.07 -61.87
C ARG C 1027 68.42 -40.12 -61.75
N ILE C 1028 68.55 -41.01 -60.76
CA ILE C 1028 67.52 -42.05 -60.58
C ILE C 1028 66.17 -41.40 -60.28
N GLY C 1029 66.17 -40.34 -59.47
CA GLY C 1029 64.93 -39.67 -59.15
C GLY C 1029 64.30 -38.99 -60.35
N GLU C 1030 65.12 -38.34 -61.18
CA GLU C 1030 64.59 -37.72 -62.40
C GLU C 1030 63.98 -38.78 -63.31
N GLN C 1031 64.67 -39.90 -63.49
CA GLN C 1031 64.13 -40.95 -64.35
C GLN C 1031 62.85 -41.54 -63.78
N ALA C 1032 62.79 -41.72 -62.46
CA ALA C 1032 61.57 -42.22 -61.84
C ALA C 1032 60.42 -41.25 -62.02
N GLU C 1033 60.67 -39.95 -61.84
CA GLU C 1033 59.62 -38.96 -62.01
C GLU C 1033 59.13 -38.92 -63.45
N ALA C 1034 60.04 -39.07 -64.41
CA ALA C 1034 59.66 -38.97 -65.82
C ALA C 1034 58.52 -39.93 -66.16
N MET C 1035 58.47 -41.08 -65.48
CA MET C 1035 57.51 -42.12 -65.87
C MET C 1035 56.08 -41.64 -65.69
N PHE C 1036 55.74 -41.13 -64.49
CA PHE C 1036 54.37 -40.78 -64.18
C PHE C 1036 53.96 -39.50 -64.89
N GLY C 1037 52.70 -39.46 -65.31
CA GLY C 1037 52.17 -38.28 -65.98
C GLY C 1037 52.33 -37.02 -65.15
N VAL C 1038 52.90 -35.98 -65.75
CA VAL C 1038 53.19 -34.75 -65.04
C VAL C 1038 52.24 -33.61 -65.41
N GLY C 1039 51.47 -33.75 -66.48
CA GLY C 1039 50.64 -32.67 -66.95
C GLY C 1039 51.39 -31.73 -67.86
N LYS C 1040 50.64 -31.06 -68.74
CA LYS C 1040 51.21 -30.19 -69.76
C LYS C 1040 51.86 -31.01 -70.87
N THR C 1041 51.96 -32.32 -70.68
CA THR C 1041 52.56 -33.23 -71.65
C THR C 1041 52.04 -34.64 -71.36
N SER C 1042 51.25 -35.18 -72.28
CA SER C 1042 50.61 -36.47 -72.05
C SER C 1042 51.67 -37.56 -71.92
N SER C 1043 51.34 -38.59 -71.13
CA SER C 1043 52.20 -39.73 -70.92
C SER C 1043 51.77 -40.87 -71.83
N MET C 1044 52.76 -41.63 -72.33
CA MET C 1044 52.45 -42.71 -73.27
C MET C 1044 51.55 -43.76 -72.62
N LEU C 1045 51.70 -43.98 -71.33
CA LEU C 1045 50.99 -45.06 -70.64
C LEU C 1045 49.61 -44.63 -70.15
N GLU C 1046 49.18 -43.40 -70.43
CA GLU C 1046 47.84 -42.98 -70.06
C GLU C 1046 46.81 -43.86 -70.75
N VAL C 1047 45.73 -44.17 -70.03
CA VAL C 1047 44.72 -45.08 -70.56
C VAL C 1047 44.08 -44.49 -71.81
N ASP C 1048 43.76 -43.21 -71.79
CA ASP C 1048 43.10 -42.54 -72.90
C ASP C 1048 44.02 -41.48 -73.50
N ASP C 1049 43.79 -41.18 -74.77
CA ASP C 1049 44.58 -40.19 -75.49
C ASP C 1049 44.16 -38.76 -75.21
N GLU C 1050 43.00 -38.55 -74.59
CA GLU C 1050 42.54 -37.21 -74.26
C GLU C 1050 43.35 -36.58 -73.13
N GLY C 1051 44.19 -37.36 -72.46
CA GLY C 1051 44.97 -36.87 -71.33
C GLY C 1051 44.45 -37.26 -69.97
N GLY C 1052 43.63 -38.31 -69.88
CA GLY C 1052 42.98 -38.68 -68.65
C GLY C 1052 41.59 -38.11 -68.48
N ARG C 1053 41.25 -37.09 -69.27
CA ARG C 1053 39.92 -36.50 -69.17
C ARG C 1053 38.84 -37.50 -69.57
N MET C 1054 39.11 -38.32 -70.58
CA MET C 1054 38.14 -39.35 -70.95
C MET C 1054 37.93 -40.33 -69.80
N PHE C 1055 39.01 -40.75 -69.15
CA PHE C 1055 38.87 -41.66 -68.01
C PHE C 1055 38.06 -41.03 -66.90
N LEU C 1056 38.37 -39.78 -66.55
CA LEU C 1056 37.62 -39.10 -65.50
C LEU C 1056 36.15 -38.97 -65.88
N ARG C 1057 35.87 -38.57 -67.11
CA ARG C 1057 34.49 -38.39 -67.55
C ARG C 1057 33.72 -39.70 -67.50
N VAL C 1058 34.34 -40.78 -67.98
CA VAL C 1058 33.67 -42.08 -67.97
C VAL C 1058 33.37 -42.51 -66.54
N LEU C 1059 34.36 -42.37 -65.64
CA LEU C 1059 34.13 -42.80 -64.26
C LEU C 1059 33.05 -41.97 -63.58
N ILE C 1060 33.08 -40.65 -63.77
CA ILE C 1060 32.07 -39.80 -63.14
C ILE C 1060 30.68 -40.11 -63.70
N HIS C 1061 30.57 -40.33 -65.01
CA HIS C 1061 29.29 -40.69 -65.57
C HIS C 1061 28.80 -42.02 -65.02
N LEU C 1062 29.69 -43.01 -64.91
CA LEU C 1062 29.30 -44.31 -64.40
C LEU C 1062 28.88 -44.22 -62.93
N THR C 1063 29.46 -43.29 -62.17
CA THR C 1063 29.10 -43.14 -60.78
C THR C 1063 27.61 -42.82 -60.63
N MET C 1064 27.05 -42.05 -61.57
CA MET C 1064 25.65 -41.66 -61.47
C MET C 1064 24.71 -42.83 -61.75
N HIS C 1065 25.21 -43.89 -62.38
CA HIS C 1065 24.34 -45.00 -62.76
C HIS C 1065 23.78 -45.68 -61.50
N ASP C 1066 22.62 -46.31 -61.66
CA ASP C 1066 21.92 -46.86 -60.50
C ASP C 1066 22.57 -48.15 -60.01
N TYR C 1067 23.14 -48.94 -60.91
CA TYR C 1067 23.61 -50.26 -60.55
C TYR C 1067 24.71 -50.18 -59.50
N ALA C 1068 24.47 -50.80 -58.34
CA ALA C 1068 25.38 -50.64 -57.22
C ALA C 1068 26.78 -51.19 -57.51
N PRO C 1069 26.94 -52.39 -58.07
CA PRO C 1069 28.30 -52.85 -58.39
C PRO C 1069 29.01 -51.93 -59.36
N LEU C 1070 28.29 -51.39 -60.35
CA LEU C 1070 28.89 -50.48 -61.30
C LEU C 1070 29.38 -49.22 -60.60
N VAL C 1071 28.56 -48.65 -59.72
CA VAL C 1071 28.98 -47.45 -59.00
C VAL C 1071 30.17 -47.74 -58.12
N SER C 1072 30.17 -48.90 -57.44
CA SER C 1072 31.30 -49.24 -56.57
C SER C 1072 32.58 -49.36 -57.37
N GLY C 1073 32.54 -50.06 -58.51
CA GLY C 1073 33.71 -50.18 -59.34
C GLY C 1073 34.20 -48.84 -59.87
N ALA C 1074 33.26 -47.98 -60.28
CA ALA C 1074 33.64 -46.66 -60.77
C ALA C 1074 34.32 -45.85 -59.68
N LEU C 1075 33.77 -45.87 -58.46
CA LEU C 1075 34.38 -45.14 -57.37
C LEU C 1075 35.77 -45.67 -57.05
N GLN C 1076 35.91 -47.00 -57.02
CA GLN C 1076 37.22 -47.58 -56.75
C GLN C 1076 38.24 -47.14 -57.80
N LEU C 1077 37.87 -47.23 -59.07
CA LEU C 1077 38.81 -46.86 -60.12
C LEU C 1077 39.14 -45.38 -60.08
N LEU C 1078 38.15 -44.54 -59.77
CA LEU C 1078 38.41 -43.10 -59.64
C LEU C 1078 39.41 -42.84 -58.52
N PHE C 1079 39.25 -43.52 -57.38
CA PHE C 1079 40.21 -43.34 -56.29
C PHE C 1079 41.60 -43.81 -56.69
N LYS C 1080 41.69 -44.95 -57.39
CA LYS C 1080 43.00 -45.44 -57.81
C LYS C 1080 43.68 -44.50 -58.80
N HIS C 1081 42.91 -43.93 -59.73
CA HIS C 1081 43.51 -43.18 -60.83
C HIS C 1081 44.34 -42.00 -60.32
N PHE C 1082 43.94 -41.40 -59.20
CA PHE C 1082 44.57 -40.18 -58.70
C PHE C 1082 45.68 -40.47 -57.69
N SER C 1083 46.09 -41.73 -57.54
CA SER C 1083 47.14 -42.12 -56.61
C SER C 1083 48.13 -43.07 -57.27
N GLN C 1084 48.52 -42.75 -58.51
CA GLN C 1084 49.43 -43.62 -59.24
C GLN C 1084 50.81 -43.67 -58.59
N ARG C 1085 51.34 -42.51 -58.20
CA ARG C 1085 52.70 -42.47 -57.66
C ARG C 1085 52.81 -43.27 -56.36
N GLN C 1086 51.82 -43.11 -55.47
CA GLN C 1086 51.87 -43.81 -54.19
C GLN C 1086 51.91 -45.32 -54.39
N GLU C 1087 51.05 -45.84 -55.26
CA GLU C 1087 51.03 -47.27 -55.51
C GLU C 1087 52.35 -47.73 -56.12
N ALA C 1088 52.91 -46.96 -57.04
CA ALA C 1088 54.18 -47.32 -57.65
C ALA C 1088 55.29 -47.43 -56.61
N MET C 1089 55.39 -46.43 -55.73
CA MET C 1089 56.44 -46.47 -54.72
C MET C 1089 56.20 -47.58 -53.71
N HIS C 1090 54.95 -47.84 -53.35
CA HIS C 1090 54.65 -48.93 -52.43
C HIS C 1090 55.04 -50.28 -53.03
N THR C 1091 54.73 -50.49 -54.31
CA THR C 1091 55.10 -51.73 -54.98
C THR C 1091 56.62 -51.85 -55.10
N PHE C 1092 57.30 -50.74 -55.36
CA PHE C 1092 58.76 -50.77 -55.43
C PHE C 1092 59.35 -51.15 -54.07
N LYS C 1093 58.77 -50.62 -52.99
CA LYS C 1093 59.19 -51.03 -51.65
C LYS C 1093 58.98 -52.52 -51.43
N GLN C 1094 57.81 -53.03 -51.84
CA GLN C 1094 57.49 -54.43 -51.60
C GLN C 1094 58.33 -55.38 -52.45
N VAL C 1095 58.85 -54.91 -53.58
CA VAL C 1095 59.61 -55.78 -54.48
C VAL C 1095 60.75 -56.45 -53.71
N GLN C 1096 61.09 -57.67 -54.13
CA GLN C 1096 62.21 -58.42 -53.57
C GLN C 1096 63.08 -58.91 -54.72
N LEU C 1097 64.39 -58.75 -54.58
CA LEU C 1097 65.35 -59.19 -55.59
C LEU C 1097 66.07 -60.44 -55.06
N LEU C 1098 66.03 -61.52 -55.84
CA LEU C 1098 66.66 -62.78 -55.47
C LEU C 1098 68.04 -62.88 -56.11
N ILE C 1099 68.96 -62.06 -55.60
CA ILE C 1099 70.32 -62.02 -56.14
C ILE C 1099 71.07 -63.31 -55.79
N SER C 1100 70.87 -63.82 -54.58
CA SER C 1100 71.66 -64.95 -54.11
C SER C 1100 71.38 -66.19 -54.93
N ALA C 1101 72.45 -66.96 -55.21
CA ALA C 1101 72.32 -68.16 -56.02
C ALA C 1101 71.49 -69.23 -55.32
N GLN C 1102 71.66 -69.39 -54.01
CA GLN C 1102 70.87 -70.37 -53.28
C GLN C 1102 69.38 -70.02 -53.32
N ASP C 1103 69.07 -68.74 -53.12
CA ASP C 1103 67.69 -68.30 -53.26
C ASP C 1103 67.18 -68.54 -54.67
N VAL C 1104 68.04 -68.37 -55.67
CA VAL C 1104 67.65 -68.63 -57.05
C VAL C 1104 67.28 -70.10 -57.23
N GLU C 1105 68.10 -71.00 -56.70
CA GLU C 1105 67.80 -72.43 -56.83
C GLU C 1105 66.49 -72.79 -56.14
N ASN C 1106 66.28 -72.27 -54.92
CA ASN C 1106 65.01 -72.53 -54.24
C ASN C 1106 63.84 -71.97 -55.05
N TYR C 1107 64.04 -70.79 -55.64
CA TYR C 1107 63.02 -70.15 -56.45
C TYR C 1107 62.62 -71.02 -57.63
N LYS C 1108 63.62 -71.54 -58.35
CA LYS C 1108 63.37 -72.42 -59.48
C LYS C 1108 62.66 -73.70 -59.06
N VAL C 1109 63.12 -74.32 -57.97
CA VAL C 1109 62.50 -75.56 -57.51
C VAL C 1109 61.03 -75.32 -57.19
N ILE C 1110 60.75 -74.23 -56.47
CA ILE C 1110 59.37 -73.91 -56.11
C ILE C 1110 58.53 -73.71 -57.36
N LYS C 1111 59.07 -72.98 -58.35
CA LYS C 1111 58.30 -72.74 -59.57
C LYS C 1111 57.95 -74.04 -60.27
N SER C 1112 58.94 -74.91 -60.47
CA SER C 1112 58.69 -76.15 -61.21
C SER C 1112 57.67 -77.02 -60.47
N GLU C 1113 57.88 -77.21 -59.16
CA GLU C 1113 56.97 -78.07 -58.42
C GLU C 1113 55.57 -77.47 -58.35
N LEU C 1114 55.47 -76.16 -58.22
CA LEU C 1114 54.16 -75.50 -58.19
C LEU C 1114 53.45 -75.68 -59.52
N ASP C 1115 54.16 -75.55 -60.63
CA ASP C 1115 53.53 -75.76 -61.94
C ASP C 1115 52.98 -77.17 -62.05
N ARG C 1116 53.81 -78.17 -61.70
CA ARG C 1116 53.35 -79.55 -61.80
C ARG C 1116 52.13 -79.79 -60.90
N LEU C 1117 52.19 -79.33 -59.65
CA LEU C 1117 51.11 -79.58 -58.72
C LEU C 1117 49.84 -78.83 -59.12
N ARG C 1118 49.99 -77.66 -59.71
CA ARG C 1118 48.82 -76.91 -60.18
C ARG C 1118 48.15 -77.63 -61.35
N THR C 1119 48.95 -78.18 -62.27
CA THR C 1119 48.36 -78.96 -63.36
C THR C 1119 47.64 -80.19 -62.80
N MET C 1120 48.24 -80.85 -61.80
CA MET C 1120 47.54 -81.97 -61.16
C MET C 1120 46.24 -81.51 -60.50
N VAL C 1121 46.26 -80.38 -59.81
CA VAL C 1121 45.04 -79.89 -59.18
C VAL C 1121 43.97 -79.63 -60.23
N GLU C 1122 44.37 -79.09 -61.38
CA GLU C 1122 43.41 -78.86 -62.46
C GLU C 1122 42.82 -80.17 -62.95
N LYS C 1123 43.66 -81.14 -63.31
CA LYS C 1123 43.17 -82.46 -63.73
C LYS C 1123 43.11 -83.43 -62.57
N SER C 1124 42.56 -82.96 -61.44
CA SER C 1124 42.30 -83.85 -60.30
C SER C 1124 41.49 -85.08 -60.70
N GLU C 1125 40.36 -84.88 -61.39
CA GLU C 1125 39.42 -85.98 -61.59
C GLU C 1125 40.09 -87.14 -62.34
N LEU C 1126 41.15 -86.86 -63.10
CA LEU C 1126 41.85 -87.91 -63.81
C LEU C 1126 42.51 -88.89 -62.85
N TRP C 1127 43.19 -88.36 -61.82
CA TRP C 1127 43.93 -89.20 -60.89
C TRP C 1127 43.11 -89.64 -59.70
N VAL C 1128 42.05 -88.91 -59.34
CA VAL C 1128 41.24 -89.28 -58.20
C VAL C 1128 40.38 -90.50 -58.54
N ASP C 1129 40.22 -91.37 -57.55
CA ASP C 1129 39.46 -92.60 -57.73
C ASP C 1129 38.05 -92.47 -57.16
N SER C 1166 47.50 -94.96 -58.09
CA SER C 1166 48.18 -94.37 -59.23
C SER C 1166 49.48 -93.70 -58.81
N GLU C 1167 50.41 -93.56 -59.75
CA GLU C 1167 51.67 -92.89 -59.46
C GLU C 1167 51.46 -91.40 -59.17
N ASN C 1168 50.32 -90.85 -59.59
CA ASN C 1168 50.04 -89.44 -59.31
C ASN C 1168 49.91 -89.19 -57.81
N TYR C 1169 49.35 -90.16 -57.08
CA TYR C 1169 49.28 -90.04 -55.63
C TYR C 1169 50.66 -89.85 -55.02
N GLN C 1170 51.58 -90.75 -55.37
CA GLN C 1170 52.94 -90.65 -54.83
C GLN C 1170 53.65 -89.40 -55.32
N ILE C 1171 53.35 -88.96 -56.54
CA ILE C 1171 53.95 -87.73 -57.06
C ILE C 1171 53.49 -86.54 -56.22
N VAL C 1172 52.20 -86.47 -55.92
CA VAL C 1172 51.67 -85.38 -55.09
C VAL C 1172 52.30 -85.43 -53.70
N LYS C 1173 52.39 -86.63 -53.13
CA LYS C 1173 53.00 -86.76 -51.81
C LYS C 1173 54.44 -86.29 -51.82
N GLY C 1174 55.20 -86.69 -52.85
CA GLY C 1174 56.58 -86.26 -52.95
C GLY C 1174 56.72 -84.76 -53.12
N ILE C 1175 55.84 -84.17 -53.94
CA ILE C 1175 55.88 -82.72 -54.13
C ILE C 1175 55.63 -82.01 -52.81
N LEU C 1176 54.62 -82.46 -52.07
CA LEU C 1176 54.32 -81.86 -50.78
C LEU C 1176 55.50 -81.99 -49.83
N GLU C 1177 56.13 -83.16 -49.78
CA GLU C 1177 57.25 -83.35 -48.88
C GLU C 1177 58.47 -82.52 -49.28
N ARG C 1178 58.74 -82.41 -50.59
CA ARG C 1178 59.84 -81.56 -51.02
C ARG C 1178 59.60 -80.10 -50.65
N LEU C 1179 58.37 -79.62 -50.82
CA LEU C 1179 58.08 -78.25 -50.41
C LEU C 1179 58.19 -78.10 -48.90
N ASN C 1180 57.76 -79.12 -48.15
CA ASN C 1180 57.90 -79.08 -46.69
C ASN C 1180 59.36 -78.96 -46.30
N LYS C 1181 60.23 -79.74 -46.93
CA LYS C 1181 61.67 -79.62 -46.69
C LYS C 1181 62.17 -78.23 -47.07
N MET C 1182 61.70 -77.70 -48.20
CA MET C 1182 62.11 -76.38 -48.63
C MET C 1182 61.77 -75.33 -47.58
N CYS C 1183 60.67 -75.53 -46.85
CA CYS C 1183 60.35 -74.62 -45.75
C CYS C 1183 61.53 -74.46 -44.80
N GLY C 1184 62.20 -75.56 -44.46
CA GLY C 1184 63.45 -75.48 -43.72
C GLY C 1184 63.28 -75.20 -42.24
N VAL C 1185 64.43 -74.93 -41.60
CA VAL C 1185 64.51 -74.76 -40.15
C VAL C 1185 65.32 -73.51 -39.83
N GLY C 1186 64.89 -72.79 -38.80
CA GLY C 1186 65.55 -71.56 -38.39
C GLY C 1186 64.64 -70.35 -38.55
N GLU C 1187 64.69 -69.41 -37.62
CA GLU C 1187 63.71 -68.31 -37.64
C GLU C 1187 63.97 -67.35 -38.80
N GLN C 1188 65.23 -66.95 -38.99
CA GLN C 1188 65.53 -65.98 -40.05
C GLN C 1188 65.26 -66.57 -41.43
N MET C 1189 65.79 -67.76 -41.69
CA MET C 1189 65.56 -68.38 -43.00
C MET C 1189 64.09 -68.73 -43.16
N ARG C 1190 63.39 -69.03 -42.06
CA ARG C 1190 61.96 -69.26 -42.12
C ARG C 1190 61.23 -68.01 -42.58
N LYS C 1191 61.58 -66.86 -42.02
CA LYS C 1191 60.99 -65.59 -42.46
C LYS C 1191 61.24 -65.39 -43.95
N LYS C 1192 62.49 -65.54 -44.38
CA LYS C 1192 62.81 -65.28 -45.78
C LYS C 1192 62.08 -66.24 -46.71
N GLN C 1193 62.06 -67.53 -46.36
CA GLN C 1193 61.45 -68.53 -47.23
C GLN C 1193 59.94 -68.39 -47.25
N GLN C 1194 59.33 -68.04 -46.11
CA GLN C 1194 57.89 -67.80 -46.10
C GLN C 1194 57.54 -66.59 -46.96
N ARG C 1195 58.37 -65.54 -46.91
CA ARG C 1195 58.16 -64.39 -47.79
C ARG C 1195 58.26 -64.81 -49.25
N LEU C 1196 59.25 -65.63 -49.58
CA LEU C 1196 59.39 -66.08 -50.96
C LEU C 1196 58.19 -66.91 -51.41
N LEU C 1197 57.72 -67.82 -50.56
CA LEU C 1197 56.55 -68.63 -50.89
C LEU C 1197 55.31 -67.77 -51.08
N LYS C 1198 55.12 -66.79 -50.18
CA LYS C 1198 53.97 -65.89 -50.32
C LYS C 1198 54.03 -65.13 -51.62
N ASN C 1199 55.21 -64.63 -52.00
CA ASN C 1199 55.37 -64.00 -53.31
C ASN C 1199 55.06 -65.00 -54.41
N MET C 1200 55.36 -66.28 -54.18
CA MET C 1200 55.18 -67.32 -55.18
C MET C 1200 53.71 -67.72 -55.35
N ASP C 1201 52.85 -67.41 -54.37
CA ASP C 1201 51.42 -67.68 -54.46
C ASP C 1201 51.12 -69.17 -54.32
N ALA C 1202 51.95 -69.89 -53.58
CA ALA C 1202 51.69 -71.31 -53.35
C ALA C 1202 50.42 -71.51 -52.52
N HIS C 1203 50.02 -70.51 -51.74
CA HIS C 1203 48.84 -70.68 -50.90
C HIS C 1203 47.59 -70.89 -51.73
N LYS C 1204 47.46 -70.17 -52.85
CA LYS C 1204 46.29 -70.37 -53.70
C LYS C 1204 46.23 -71.81 -54.20
N VAL C 1205 47.38 -72.34 -54.61
CA VAL C 1205 47.45 -73.73 -55.06
C VAL C 1205 47.03 -74.66 -53.92
N MET C 1206 47.51 -74.40 -52.71
CA MET C 1206 47.15 -75.26 -51.59
C MET C 1206 45.67 -75.16 -51.26
N LEU C 1207 45.09 -73.96 -51.38
CA LEU C 1207 43.66 -73.80 -51.16
C LEU C 1207 42.86 -74.63 -52.14
N ASP C 1208 43.24 -74.57 -53.43
CA ASP C 1208 42.55 -75.39 -54.42
C ASP C 1208 42.74 -76.88 -54.13
N LEU C 1209 43.96 -77.26 -53.74
CA LEU C 1209 44.24 -78.67 -53.44
C LEU C 1209 43.37 -79.15 -52.30
N LEU C 1210 43.19 -78.33 -51.27
CA LEU C 1210 42.25 -78.66 -50.20
C LEU C 1210 40.83 -78.74 -50.72
N GLN C 1211 40.45 -77.80 -51.60
CA GLN C 1211 39.11 -77.78 -52.16
C GLN C 1211 38.81 -78.99 -53.03
N ILE C 1212 39.84 -79.75 -53.43
CA ILE C 1212 39.65 -80.97 -54.21
C ILE C 1212 38.49 -81.77 -53.64
N PRO C 1213 37.63 -82.38 -54.46
CA PRO C 1213 36.60 -83.29 -53.94
C PRO C 1213 37.12 -84.71 -53.86
N TYR C 1214 36.74 -85.43 -52.80
CA TYR C 1214 37.18 -86.81 -52.60
C TYR C 1214 36.19 -87.55 -51.72
N ASP C 1215 36.11 -88.86 -51.91
CA ASP C 1215 35.30 -89.71 -51.05
C ASP C 1215 36.08 -90.08 -49.79
N LYS C 1216 35.34 -90.30 -48.70
CA LYS C 1216 35.96 -90.59 -47.42
C LYS C 1216 36.71 -91.93 -47.43
N GLY C 1217 36.40 -92.80 -48.39
CA GLY C 1217 36.98 -94.14 -48.36
C GLY C 1217 38.48 -94.15 -48.57
N ASP C 1218 38.98 -93.29 -49.45
CA ASP C 1218 40.38 -93.33 -49.86
C ASP C 1218 41.26 -92.84 -48.71
N ALA C 1219 42.19 -93.69 -48.28
CA ALA C 1219 43.11 -93.31 -47.21
C ALA C 1219 44.34 -92.60 -47.75
N LYS C 1220 44.73 -92.90 -49.00
CA LYS C 1220 45.87 -92.22 -49.60
C LYS C 1220 45.60 -90.73 -49.74
N MET C 1221 44.39 -90.37 -50.15
CA MET C 1221 44.03 -88.96 -50.27
C MET C 1221 44.04 -88.29 -48.90
N MET C 1222 43.58 -89.01 -47.87
CA MET C 1222 43.67 -88.50 -46.50
C MET C 1222 45.12 -88.24 -46.12
N GLU C 1223 46.02 -89.14 -46.49
CA GLU C 1223 47.43 -88.99 -46.16
C GLU C 1223 48.02 -87.76 -46.86
N ILE C 1224 47.64 -87.57 -48.13
CA ILE C 1224 48.06 -86.37 -48.86
C ILE C 1224 47.55 -85.12 -48.16
N LEU C 1225 46.29 -85.14 -47.70
CA LEU C 1225 45.75 -84.02 -46.95
C LEU C 1225 46.54 -83.79 -45.67
N ARG C 1226 46.99 -84.88 -45.04
CA ARG C 1226 47.75 -84.75 -43.81
C ARG C 1226 49.06 -84.01 -44.06
N TYR C 1227 49.73 -84.31 -45.18
CA TYR C 1227 50.91 -83.52 -45.54
C TYR C 1227 50.55 -82.09 -45.92
N THR C 1228 49.45 -81.90 -46.63
CA THR C 1228 49.08 -80.55 -47.08
C THR C 1228 48.83 -79.63 -45.89
N HIS C 1229 48.14 -80.15 -44.87
CA HIS C 1229 47.88 -79.34 -43.68
C HIS C 1229 49.19 -78.98 -42.98
N GLN C 1230 50.15 -79.91 -42.94
CA GLN C 1230 51.46 -79.58 -42.39
C GLN C 1230 52.10 -78.43 -43.16
N PHE C 1231 52.03 -78.47 -44.50
CA PHE C 1231 52.63 -77.40 -45.27
C PHE C 1231 51.95 -76.07 -45.00
N LEU C 1232 50.61 -76.06 -44.92
CA LEU C 1232 49.91 -74.82 -44.62
C LEU C 1232 50.31 -74.29 -43.24
N GLN C 1233 50.44 -75.19 -42.26
CA GLN C 1233 50.86 -74.78 -40.93
C GLN C 1233 52.26 -74.19 -40.96
N LYS C 1234 53.16 -74.79 -41.73
CA LYS C 1234 54.50 -74.23 -41.88
C LYS C 1234 54.43 -72.85 -42.53
N PHE C 1235 53.58 -72.68 -43.54
CA PHE C 1235 53.48 -71.40 -44.20
C PHE C 1235 53.07 -70.32 -43.21
N CYS C 1236 52.06 -70.61 -42.38
CA CYS C 1236 51.57 -69.64 -41.42
C CYS C 1236 52.37 -69.60 -40.13
N ALA C 1237 53.39 -70.44 -40.00
CA ALA C 1237 54.16 -70.52 -38.76
C ALA C 1237 54.95 -69.23 -38.54
N GLY C 1238 54.66 -68.54 -37.44
CA GLY C 1238 55.43 -67.39 -37.03
C GLY C 1238 55.49 -66.30 -38.08
N ASN C 1239 54.38 -66.04 -38.75
CA ASN C 1239 54.31 -65.05 -39.82
C ASN C 1239 52.99 -64.29 -39.74
N PRO C 1240 52.95 -63.09 -39.14
CA PRO C 1240 51.68 -62.36 -39.03
C PRO C 1240 51.06 -62.05 -40.38
N GLY C 1241 51.86 -61.62 -41.34
CA GLY C 1241 51.32 -61.29 -42.66
C GLY C 1241 50.76 -62.50 -43.36
N ASN C 1242 51.46 -63.63 -43.31
CA ASN C 1242 50.96 -64.84 -43.94
C ASN C 1242 49.70 -65.34 -43.27
N GLN C 1243 49.65 -65.24 -41.94
CA GLN C 1243 48.43 -65.63 -41.22
C GLN C 1243 47.25 -64.74 -41.62
N ALA C 1244 47.48 -63.43 -41.74
CA ALA C 1244 46.43 -62.53 -42.17
C ALA C 1244 45.97 -62.87 -43.58
N LEU C 1245 46.92 -63.16 -44.48
CA LEU C 1245 46.58 -63.54 -45.84
C LEU C 1245 45.73 -64.81 -45.86
N LEU C 1246 46.10 -65.80 -45.05
CA LEU C 1246 45.33 -67.03 -44.97
C LEU C 1246 43.93 -66.76 -44.42
N HIS C 1247 43.82 -65.79 -43.51
CA HIS C 1247 42.54 -65.47 -42.91
C HIS C 1247 41.48 -65.09 -43.94
N LYS C 1248 41.91 -64.50 -45.06
CA LYS C 1248 40.93 -64.02 -46.05
C LYS C 1248 40.03 -65.14 -46.54
N HIS C 1249 40.56 -66.37 -46.64
CA HIS C 1249 39.80 -67.51 -47.11
C HIS C 1249 39.32 -68.40 -45.97
N LEU C 1250 38.95 -67.80 -44.83
CA LEU C 1250 38.48 -68.58 -43.70
C LEU C 1250 37.21 -69.35 -44.04
N HIS C 1251 36.34 -68.76 -44.86
CA HIS C 1251 35.05 -69.40 -45.16
C HIS C 1251 35.26 -70.80 -45.70
N LEU C 1252 36.20 -70.97 -46.64
CA LEU C 1252 36.51 -72.30 -47.14
C LEU C 1252 37.10 -73.18 -46.03
N PHE C 1253 37.89 -72.58 -45.14
CA PHE C 1253 38.56 -73.36 -44.10
C PHE C 1253 37.55 -74.01 -43.15
N LEU C 1254 36.52 -73.27 -42.75
CA LEU C 1254 35.57 -73.78 -41.78
C LEU C 1254 34.89 -75.03 -42.32
N THR C 1255 35.19 -76.17 -41.71
CA THR C 1255 34.62 -77.45 -42.10
C THR C 1255 34.55 -78.33 -40.87
N PRO C 1256 33.70 -79.35 -40.88
CA PRO C 1256 33.69 -80.33 -39.77
C PRO C 1256 34.86 -81.30 -39.86
N GLY C 1257 36.08 -80.74 -39.92
CA GLY C 1257 37.27 -81.53 -40.16
C GLY C 1257 38.29 -81.46 -39.04
N LEU C 1258 38.64 -82.62 -38.50
CA LEU C 1258 39.63 -82.69 -37.44
C LEU C 1258 40.97 -82.13 -37.92
N LEU C 1259 41.37 -82.50 -39.14
CA LEU C 1259 42.65 -82.04 -39.67
C LEU C 1259 42.61 -80.53 -39.96
N GLU C 1260 41.45 -80.02 -40.38
CA GLU C 1260 41.34 -78.59 -40.66
C GLU C 1260 41.33 -77.77 -39.38
N ALA C 1261 40.83 -78.36 -38.28
CA ALA C 1261 40.79 -77.62 -37.02
C ALA C 1261 42.20 -77.27 -36.55
N GLU C 1262 43.15 -78.21 -36.68
CA GLU C 1262 44.51 -77.92 -36.24
C GLU C 1262 45.14 -76.83 -37.10
N THR C 1263 44.86 -76.84 -38.39
CA THR C 1263 45.36 -75.77 -39.25
C THR C 1263 44.77 -74.43 -38.85
N MET C 1264 43.48 -74.40 -38.50
CA MET C 1264 42.87 -73.16 -38.00
C MET C 1264 43.56 -72.72 -36.70
N GLN C 1265 43.87 -73.67 -35.82
CA GLN C 1265 44.59 -73.35 -34.60
C GLN C 1265 45.94 -72.72 -34.91
N HIS C 1266 46.68 -73.31 -35.84
CA HIS C 1266 47.97 -72.75 -36.21
C HIS C 1266 47.83 -71.36 -36.79
N ILE C 1267 46.79 -71.14 -37.60
CA ILE C 1267 46.54 -69.82 -38.18
C ILE C 1267 46.31 -68.80 -37.07
N PHE C 1268 45.49 -69.16 -36.08
CA PHE C 1268 45.15 -68.24 -35.01
C PHE C 1268 46.23 -68.12 -33.94
N LEU C 1269 47.25 -68.98 -33.97
CA LEU C 1269 48.28 -68.95 -32.94
C LEU C 1269 48.97 -67.60 -32.90
N ASN C 1270 49.07 -67.01 -31.71
CA ASN C 1270 49.79 -65.76 -31.49
C ASN C 1270 49.39 -64.69 -32.51
N ASN C 1271 48.08 -64.47 -32.65
CA ASN C 1271 47.54 -63.48 -33.58
C ASN C 1271 46.47 -62.67 -32.83
N TYR C 1272 46.91 -61.57 -32.21
CA TYR C 1272 46.01 -60.77 -31.40
C TYR C 1272 44.88 -60.17 -32.23
N GLN C 1273 45.20 -59.67 -33.43
CA GLN C 1273 44.17 -59.07 -34.26
C GLN C 1273 43.13 -60.10 -34.70
N LEU C 1274 43.59 -61.30 -35.07
CA LEU C 1274 42.65 -62.36 -35.43
C LEU C 1274 41.77 -62.74 -34.25
N CYS C 1275 42.37 -62.85 -33.05
CA CYS C 1275 41.57 -63.16 -31.87
C CYS C 1275 40.55 -62.07 -31.60
N SER C 1276 40.94 -60.81 -31.77
CA SER C 1276 40.01 -59.71 -31.55
C SER C 1276 38.84 -59.77 -32.53
N GLU C 1277 39.12 -60.09 -33.79
CA GLU C 1277 38.08 -60.14 -34.82
C GLU C 1277 37.52 -61.55 -35.04
N ILE C 1278 37.74 -62.46 -34.10
CA ILE C 1278 37.18 -63.81 -34.25
C ILE C 1278 35.65 -63.76 -34.16
N SER C 1279 35.00 -64.85 -34.57
CA SER C 1279 33.56 -64.88 -34.75
C SER C 1279 32.88 -65.86 -33.81
N GLU C 1280 31.94 -65.34 -33.02
CA GLU C 1280 31.08 -66.19 -32.21
C GLU C 1280 30.33 -67.22 -33.04
N PRO C 1281 29.93 -66.94 -34.28
CA PRO C 1281 29.38 -68.02 -35.12
C PRO C 1281 30.35 -69.18 -35.30
N VAL C 1282 31.64 -68.90 -35.46
CA VAL C 1282 32.63 -69.97 -35.57
C VAL C 1282 32.73 -70.74 -34.26
N LEU C 1283 32.73 -70.01 -33.14
CA LEU C 1283 32.75 -70.70 -31.84
C LEU C 1283 31.52 -71.60 -31.68
N GLN C 1284 30.35 -71.10 -32.10
CA GLN C 1284 29.13 -71.90 -32.03
C GLN C 1284 29.24 -73.13 -32.92
N HIS C 1285 29.83 -72.97 -34.10
CA HIS C 1285 30.06 -74.13 -34.98
C HIS C 1285 30.93 -75.17 -34.28
N PHE C 1286 32.00 -74.72 -33.62
CA PHE C 1286 32.89 -75.66 -32.93
C PHE C 1286 32.16 -76.41 -31.83
N VAL C 1287 31.37 -75.68 -31.01
CA VAL C 1287 30.69 -76.35 -29.90
C VAL C 1287 29.61 -77.30 -30.43
N HIS C 1288 28.93 -76.92 -31.52
CA HIS C 1288 27.94 -77.81 -32.10
C HIS C 1288 28.59 -79.07 -32.66
N LEU C 1289 29.79 -78.93 -33.24
CA LEU C 1289 30.52 -80.11 -33.69
C LEU C 1289 30.92 -80.99 -32.50
N LEU C 1290 31.32 -80.38 -31.39
CA LEU C 1290 31.56 -81.16 -30.18
C LEU C 1290 30.31 -81.94 -29.79
N ALA C 1291 29.15 -81.28 -29.79
CA ALA C 1291 27.91 -81.94 -29.39
C ALA C 1291 27.60 -83.10 -30.32
N THR C 1292 27.70 -82.89 -31.63
CA THR C 1292 27.32 -83.92 -32.59
C THR C 1292 28.29 -85.10 -32.55
N HIS C 1293 29.59 -84.82 -32.62
CA HIS C 1293 30.59 -85.88 -32.70
C HIS C 1293 31.53 -85.86 -31.50
N GLY C 1294 32.15 -84.72 -31.24
CA GLY C 1294 33.14 -84.64 -30.17
C GLY C 1294 34.27 -85.61 -30.36
N ARG C 1295 34.80 -85.73 -31.58
CA ARG C 1295 35.78 -86.76 -31.87
C ARG C 1295 37.05 -86.57 -31.07
N HIS C 1296 37.56 -85.33 -31.00
CA HIS C 1296 38.85 -85.06 -30.39
C HIS C 1296 38.75 -83.84 -29.50
N VAL C 1297 39.87 -83.52 -28.84
CA VAL C 1297 39.98 -82.31 -28.03
C VAL C 1297 40.53 -81.13 -28.81
N GLN C 1298 40.94 -81.34 -30.06
CA GLN C 1298 41.60 -80.27 -30.81
C GLN C 1298 40.70 -79.05 -30.94
N TYR C 1299 39.38 -79.24 -30.88
CA TYR C 1299 38.49 -78.09 -30.81
C TYR C 1299 38.71 -77.30 -29.53
N LEU C 1300 38.87 -78.01 -28.41
CA LEU C 1300 39.17 -77.34 -27.15
C LEU C 1300 40.53 -76.65 -27.23
N ASP C 1301 41.50 -77.26 -27.91
CA ASP C 1301 42.80 -76.59 -28.09
C ASP C 1301 42.65 -75.34 -28.94
N PHE C 1302 41.79 -75.36 -29.95
CA PHE C 1302 41.54 -74.17 -30.74
C PHE C 1302 40.97 -73.06 -29.87
N LEU C 1303 40.00 -73.41 -29.02
CA LEU C 1303 39.46 -72.40 -28.10
C LEU C 1303 40.53 -71.90 -27.15
N HIS C 1304 41.39 -72.80 -26.68
CA HIS C 1304 42.50 -72.41 -25.81
C HIS C 1304 43.39 -71.39 -26.49
N THR C 1305 43.78 -71.65 -27.74
CA THR C 1305 44.61 -70.71 -28.48
C THR C 1305 43.88 -69.38 -28.67
N VAL C 1306 42.58 -69.44 -28.92
CA VAL C 1306 41.79 -68.22 -29.09
C VAL C 1306 41.82 -67.39 -27.82
N ILE C 1307 41.79 -68.06 -26.66
CA ILE C 1307 41.64 -67.35 -25.39
C ILE C 1307 42.75 -66.32 -25.22
N LYS C 1308 44.00 -66.73 -25.39
CA LYS C 1308 45.16 -65.88 -25.12
C LYS C 1308 45.99 -65.72 -26.39
N ALA C 1309 46.42 -64.49 -26.65
CA ALA C 1309 47.27 -64.17 -27.79
C ALA C 1309 48.28 -63.11 -27.37
N GLU C 1310 49.53 -63.29 -27.79
CA GLU C 1310 50.60 -62.34 -27.50
C GLU C 1310 50.83 -62.18 -26.00
N GLY C 1311 50.28 -63.12 -25.21
CA GLY C 1311 50.31 -62.97 -23.78
C GLY C 1311 49.18 -62.14 -23.21
N LYS C 1312 48.18 -61.81 -24.02
CA LYS C 1312 47.07 -60.96 -23.63
C LYS C 1312 45.76 -61.70 -23.86
N TYR C 1313 44.95 -61.81 -22.81
CA TYR C 1313 43.67 -62.49 -22.92
C TYR C 1313 42.66 -61.61 -23.65
N VAL C 1314 41.68 -62.26 -24.28
CA VAL C 1314 40.57 -61.59 -24.94
C VAL C 1314 39.33 -61.85 -24.11
N LYS C 1315 38.92 -60.83 -23.34
CA LYS C 1315 37.79 -61.01 -22.43
C LYS C 1315 36.52 -61.34 -23.20
N LYS C 1316 36.31 -60.70 -24.36
CA LYS C 1316 35.11 -60.97 -25.13
C LYS C 1316 35.07 -62.42 -25.59
N CYS C 1317 36.19 -62.91 -26.13
CA CYS C 1317 36.24 -64.30 -26.57
C CYS C 1317 36.03 -65.26 -25.41
N GLN C 1318 36.61 -64.94 -24.25
CA GLN C 1318 36.40 -65.77 -23.07
C GLN C 1318 34.92 -65.83 -22.70
N ASP C 1319 34.25 -64.67 -22.72
CA ASP C 1319 32.84 -64.63 -22.37
C ASP C 1319 32.01 -65.44 -23.35
N MET C 1320 32.30 -65.31 -24.65
CA MET C 1320 31.59 -66.13 -25.64
C MET C 1320 31.84 -67.61 -25.41
N ILE C 1321 33.07 -67.99 -25.07
CA ILE C 1321 33.39 -69.39 -24.86
C ILE C 1321 32.58 -69.94 -23.70
N MET C 1322 32.53 -69.19 -22.59
CA MET C 1322 31.77 -69.66 -21.44
C MET C 1322 30.27 -69.69 -21.72
N THR C 1323 29.76 -68.70 -22.44
CA THR C 1323 28.33 -68.70 -22.76
C THR C 1323 27.98 -69.92 -23.61
N GLU C 1324 28.82 -70.24 -24.60
CA GLU C 1324 28.57 -71.41 -25.42
C GLU C 1324 28.70 -72.70 -24.62
N LEU C 1325 29.67 -72.75 -23.70
CA LEU C 1325 29.84 -73.91 -22.84
C LEU C 1325 28.61 -74.13 -21.97
N THR C 1326 28.07 -73.05 -21.39
CA THR C 1326 26.85 -73.18 -20.60
C THR C 1326 25.68 -73.59 -21.48
N ASN C 1327 25.59 -73.03 -22.69
CA ASN C 1327 24.51 -73.41 -23.61
C ASN C 1327 24.56 -74.91 -23.89
N ALA C 1328 25.75 -75.43 -24.18
CA ALA C 1328 25.88 -76.87 -24.40
C ALA C 1328 25.52 -77.65 -23.14
N GLY C 1329 25.94 -77.17 -21.98
CA GLY C 1329 25.44 -77.73 -20.73
C GLY C 1329 26.14 -79.03 -20.36
N ASP C 1330 25.32 -80.05 -20.06
CA ASP C 1330 25.86 -81.28 -19.48
C ASP C 1330 26.83 -81.98 -20.42
N ASP C 1331 26.51 -82.00 -21.72
CA ASP C 1331 27.30 -82.79 -22.66
C ASP C 1331 28.77 -82.35 -22.63
N VAL C 1332 29.00 -81.06 -22.77
CA VAL C 1332 30.37 -80.55 -22.79
C VAL C 1332 31.03 -80.70 -21.43
N VAL C 1333 30.28 -80.46 -20.35
CA VAL C 1333 30.86 -80.55 -19.00
C VAL C 1333 30.81 -81.99 -18.53
N VAL C 1334 31.81 -82.78 -18.91
CA VAL C 1334 31.92 -84.15 -18.42
C VAL C 1334 32.62 -84.13 -17.07
N PHE C 1335 31.96 -84.68 -16.05
CA PHE C 1335 32.50 -84.69 -14.71
C PHE C 1335 32.30 -86.07 -14.10
N TYR C 1336 33.19 -86.42 -13.18
CA TYR C 1336 33.14 -87.70 -12.49
C TYR C 1336 32.81 -87.52 -11.00
N ASN C 1337 32.18 -86.40 -10.65
CA ASN C 1337 31.85 -86.12 -9.26
C ASN C 1337 30.89 -87.15 -8.69
N ASP C 1338 29.87 -87.53 -9.46
CA ASP C 1338 28.93 -88.55 -9.01
C ASP C 1338 29.69 -89.81 -8.60
N LYS C 1339 29.05 -90.65 -7.79
CA LYS C 1339 29.74 -91.82 -7.27
C LYS C 1339 30.00 -92.85 -8.37
N ALA C 1340 29.00 -93.14 -9.20
CA ALA C 1340 29.19 -94.09 -10.28
C ALA C 1340 30.18 -93.57 -11.32
N SER C 1341 30.06 -92.28 -11.67
CA SER C 1341 31.00 -91.68 -12.59
C SER C 1341 32.41 -91.71 -12.03
N LEU C 1342 32.54 -91.53 -10.70
CA LEU C 1342 33.86 -91.59 -10.08
C LEU C 1342 34.39 -93.02 -10.08
N ALA C 1343 33.52 -94.02 -9.92
CA ALA C 1343 33.95 -95.40 -10.04
C ALA C 1343 34.49 -95.69 -11.43
N HIS C 1344 33.78 -95.23 -12.45
CA HIS C 1344 34.28 -95.40 -13.83
C HIS C 1344 35.58 -94.64 -14.01
N LEU C 1345 35.69 -93.44 -13.44
CA LEU C 1345 36.93 -92.67 -13.53
C LEU C 1345 38.08 -93.43 -12.91
N LEU C 1346 37.87 -94.00 -11.72
CA LEU C 1346 38.92 -94.78 -11.08
C LEU C 1346 39.30 -95.99 -11.92
N ASP C 1347 38.31 -96.62 -12.55
CA ASP C 1347 38.61 -97.75 -13.44
C ASP C 1347 39.54 -97.32 -14.56
N MET C 1348 39.19 -96.25 -15.29
CA MET C 1348 40.05 -95.85 -16.40
C MET C 1348 41.38 -95.28 -15.90
N MET C 1349 41.39 -94.72 -14.68
CA MET C 1349 42.62 -94.19 -14.12
C MET C 1349 43.59 -95.32 -13.83
N LYS C 1350 43.09 -96.42 -13.26
CA LYS C 1350 43.91 -97.62 -13.09
C LYS C 1350 44.36 -98.17 -14.44
N ALA C 1351 43.47 -98.17 -15.44
CA ALA C 1351 43.83 -98.68 -16.75
C ALA C 1351 44.97 -97.87 -17.37
N ALA C 1352 44.90 -96.55 -17.25
CA ALA C 1352 45.88 -95.65 -17.84
C ALA C 1352 47.11 -95.44 -16.97
N ARG C 1353 47.11 -95.95 -15.73
CA ARG C 1353 48.32 -95.88 -14.92
C ARG C 1353 49.51 -96.45 -15.67
N ASP C 1354 49.31 -97.49 -16.47
CA ASP C 1354 50.37 -97.98 -17.34
C ASP C 1354 50.79 -96.92 -18.35
N GLY C 1355 49.81 -96.23 -18.94
CA GLY C 1355 50.10 -95.17 -19.88
C GLY C 1355 48.86 -94.35 -20.15
N VAL C 1356 49.05 -93.08 -20.46
CA VAL C 1356 47.97 -92.14 -20.71
C VAL C 1356 47.89 -91.88 -22.21
N GLU C 1357 46.68 -91.99 -22.76
CA GLU C 1357 46.45 -91.83 -24.19
C GLU C 1357 45.89 -90.45 -24.49
N ASP C 1358 46.29 -89.89 -25.62
CA ASP C 1358 45.79 -88.58 -26.02
C ASP C 1358 44.29 -88.64 -26.31
N HIS C 1359 43.80 -89.79 -26.76
CA HIS C 1359 42.40 -89.95 -27.12
C HIS C 1359 41.54 -90.48 -25.98
N SER C 1360 42.12 -90.69 -24.80
CA SER C 1360 41.34 -91.24 -23.70
C SER C 1360 40.25 -90.26 -23.27
N PRO C 1361 39.10 -90.74 -22.81
CA PRO C 1361 38.10 -89.81 -22.26
C PRO C 1361 38.62 -89.04 -21.06
N LEU C 1362 39.48 -89.66 -20.25
CA LEU C 1362 40.11 -88.94 -19.16
C LEU C 1362 40.98 -87.80 -19.68
N MET C 1363 41.72 -88.05 -20.76
CA MET C 1363 42.52 -86.97 -21.36
C MET C 1363 41.61 -85.89 -21.94
N TYR C 1364 40.46 -86.27 -22.49
CA TYR C 1364 39.53 -85.27 -22.99
C TYR C 1364 39.01 -84.40 -21.85
N HIS C 1365 38.70 -85.02 -20.71
CA HIS C 1365 38.30 -84.25 -19.54
C HIS C 1365 39.44 -83.35 -19.08
N ILE C 1366 40.68 -83.83 -19.14
CA ILE C 1366 41.83 -83.00 -18.78
C ILE C 1366 41.91 -81.79 -19.68
N SER C 1367 41.75 -81.99 -20.98
CA SER C 1367 41.84 -80.87 -21.93
C SER C 1367 40.70 -79.89 -21.72
N LEU C 1368 39.51 -80.40 -21.43
CA LEU C 1368 38.39 -79.52 -21.11
C LEU C 1368 38.69 -78.70 -19.86
N VAL C 1369 39.31 -79.32 -18.86
CA VAL C 1369 39.67 -78.60 -17.64
C VAL C 1369 40.71 -77.54 -17.94
N ASP C 1370 41.68 -77.86 -18.81
CA ASP C 1370 42.68 -76.87 -19.19
C ASP C 1370 42.05 -75.69 -19.91
N LEU C 1371 41.10 -75.96 -20.80
CA LEU C 1371 40.40 -74.86 -21.47
C LEU C 1371 39.61 -74.03 -20.45
N LEU C 1372 38.95 -74.69 -19.51
CA LEU C 1372 38.21 -73.97 -18.47
C LEU C 1372 39.15 -73.07 -17.66
N ALA C 1373 40.31 -73.58 -17.29
CA ALA C 1373 41.27 -72.78 -16.54
C ALA C 1373 41.81 -71.63 -17.38
N ALA C 1374 42.05 -71.89 -18.66
CA ALA C 1374 42.57 -70.84 -19.55
C ALA C 1374 41.59 -69.70 -19.68
N CYS C 1375 40.30 -70.01 -19.80
CA CYS C 1375 39.31 -68.94 -19.91
C CYS C 1375 39.06 -68.28 -18.55
N ALA C 1376 39.17 -69.05 -17.47
CA ALA C 1376 39.08 -68.46 -16.13
C ALA C 1376 40.22 -67.48 -15.90
N GLU C 1377 41.36 -67.72 -16.54
CA GLU C 1377 42.46 -66.77 -16.46
C GLU C 1377 42.01 -65.41 -16.96
N GLY C 1378 42.54 -64.36 -16.34
CA GLY C 1378 42.07 -63.01 -16.56
C GLY C 1378 41.17 -62.48 -15.46
N LYS C 1379 40.95 -63.26 -14.41
CA LYS C 1379 40.18 -62.83 -13.24
C LYS C 1379 38.86 -62.20 -13.64
N ASN C 1380 38.13 -62.88 -14.51
CA ASN C 1380 36.83 -62.40 -14.99
C ASN C 1380 35.72 -63.04 -14.15
N VAL C 1381 34.94 -62.19 -13.47
CA VAL C 1381 33.99 -62.67 -12.46
C VAL C 1381 32.88 -63.48 -13.10
N TYR C 1382 32.47 -63.11 -14.31
CA TYR C 1382 31.37 -63.81 -14.99
C TYR C 1382 31.72 -65.29 -15.17
N THR C 1383 32.81 -65.55 -15.89
CA THR C 1383 33.26 -66.92 -16.10
C THR C 1383 33.65 -67.59 -14.78
N GLU C 1384 34.14 -66.82 -13.81
CA GLU C 1384 34.51 -67.42 -12.53
C GLU C 1384 33.27 -67.94 -11.80
N ILE C 1385 32.19 -67.18 -11.82
CA ILE C 1385 30.93 -67.64 -11.23
C ILE C 1385 30.46 -68.89 -11.96
N LYS C 1386 30.52 -68.88 -13.29
CA LYS C 1386 30.10 -70.07 -14.02
C LYS C 1386 30.99 -71.28 -13.74
N CYS C 1387 32.29 -71.07 -13.50
CA CYS C 1387 33.17 -72.19 -13.18
C CYS C 1387 32.88 -72.73 -11.79
N THR C 1388 32.59 -71.84 -10.83
CA THR C 1388 32.18 -72.29 -9.51
C THR C 1388 30.90 -73.10 -9.59
N SER C 1389 29.95 -72.67 -10.44
CA SER C 1389 28.75 -73.47 -10.67
C SER C 1389 29.10 -74.81 -11.31
N LEU C 1390 30.05 -74.80 -12.26
CA LEU C 1390 30.44 -76.02 -12.95
C LEU C 1390 30.93 -77.06 -11.96
N LEU C 1391 31.84 -76.68 -11.07
CA LEU C 1391 32.40 -77.66 -10.13
C LEU C 1391 32.81 -77.02 -8.81
N PRO C 1392 32.57 -77.69 -7.69
CA PRO C 1392 33.04 -77.18 -6.40
C PRO C 1392 34.44 -77.71 -6.05
N LEU C 1393 34.97 -77.18 -4.96
CA LEU C 1393 36.27 -77.65 -4.48
C LEU C 1393 36.20 -79.10 -4.01
N GLU C 1394 35.09 -79.47 -3.35
CA GLU C 1394 35.03 -80.77 -2.70
C GLU C 1394 35.03 -81.91 -3.72
N ASP C 1395 34.52 -81.68 -4.93
CA ASP C 1395 34.58 -82.71 -5.95
C ASP C 1395 36.01 -82.96 -6.40
N VAL C 1396 36.78 -81.88 -6.60
CA VAL C 1396 38.19 -82.01 -6.95
C VAL C 1396 38.93 -82.73 -5.82
N VAL C 1397 38.61 -82.39 -4.58
CA VAL C 1397 39.24 -83.07 -3.45
C VAL C 1397 38.85 -84.54 -3.42
N SER C 1398 37.60 -84.85 -3.79
CA SER C 1398 37.16 -86.24 -3.81
C SER C 1398 37.97 -87.04 -4.82
N VAL C 1399 38.16 -86.50 -6.01
CA VAL C 1399 38.97 -87.21 -7.00
C VAL C 1399 40.42 -87.29 -6.55
N VAL C 1400 40.91 -86.26 -5.87
CA VAL C 1400 42.30 -86.26 -5.40
C VAL C 1400 42.51 -87.33 -4.34
N THR C 1401 41.54 -87.50 -3.43
CA THR C 1401 41.76 -88.31 -2.24
C THR C 1401 42.03 -89.76 -2.61
N HIS C 1402 41.51 -90.24 -3.72
CA HIS C 1402 41.65 -91.65 -4.06
C HIS C 1402 43.12 -92.00 -4.23
N GLU C 1403 43.47 -93.25 -3.89
CA GLU C 1403 44.86 -93.67 -3.92
C GLU C 1403 45.43 -93.60 -5.33
N ASP C 1404 44.67 -94.05 -6.32
CA ASP C 1404 45.13 -94.13 -7.71
C ASP C 1404 44.54 -92.95 -8.48
N CYS C 1405 45.41 -92.19 -9.15
CA CYS C 1405 44.95 -91.05 -9.94
C CYS C 1405 46.04 -90.70 -10.95
N ILE C 1406 45.61 -90.15 -12.08
CA ILE C 1406 46.55 -89.72 -13.12
C ILE C 1406 47.25 -88.45 -12.66
N THR C 1407 48.59 -88.44 -12.77
CA THR C 1407 49.34 -87.25 -12.42
C THR C 1407 48.97 -86.08 -13.31
N GLU C 1408 48.65 -86.35 -14.58
CA GLU C 1408 48.14 -85.31 -15.46
C GLU C 1408 46.81 -84.76 -14.97
N VAL C 1409 45.95 -85.63 -14.44
CA VAL C 1409 44.69 -85.16 -13.85
C VAL C 1409 44.98 -84.28 -12.65
N LYS C 1410 45.95 -84.67 -11.83
CA LYS C 1410 46.34 -83.83 -10.70
C LYS C 1410 46.79 -82.46 -11.18
N MET C 1411 47.64 -82.44 -12.21
CA MET C 1411 48.09 -81.17 -12.79
C MET C 1411 46.90 -80.33 -13.24
N ALA C 1412 45.99 -80.95 -13.99
CA ALA C 1412 44.88 -80.22 -14.59
C ALA C 1412 43.98 -79.63 -13.50
N TYR C 1413 43.68 -80.41 -12.46
CA TYR C 1413 42.78 -79.93 -11.43
C TYR C 1413 43.45 -78.89 -10.54
N VAL C 1414 44.75 -79.06 -10.28
CA VAL C 1414 45.48 -78.06 -9.50
C VAL C 1414 45.47 -76.73 -10.24
N ASN C 1415 45.72 -76.76 -11.56
CA ASN C 1415 45.68 -75.54 -12.35
C ASN C 1415 44.26 -74.97 -12.41
N PHE C 1416 43.26 -75.87 -12.49
CA PHE C 1416 41.87 -75.43 -12.50
C PHE C 1416 41.56 -74.61 -11.26
N VAL C 1417 41.95 -75.11 -10.09
CA VAL C 1417 41.78 -74.32 -8.87
C VAL C 1417 42.64 -73.06 -8.93
N ASN C 1418 43.87 -73.19 -9.43
CA ASN C 1418 44.81 -72.08 -9.45
C ASN C 1418 44.30 -70.91 -10.28
N HIS C 1419 43.34 -71.15 -11.17
CA HIS C 1419 42.71 -70.06 -11.91
C HIS C 1419 41.23 -69.85 -11.60
N CYS C 1420 40.58 -70.76 -10.89
CA CYS C 1420 39.16 -70.59 -10.60
C CYS C 1420 38.94 -69.99 -9.22
N TYR C 1421 39.78 -70.35 -8.24
CA TYR C 1421 39.67 -69.87 -6.88
C TYR C 1421 40.78 -68.91 -6.49
N VAL C 1422 41.99 -69.15 -6.98
CA VAL C 1422 43.07 -68.19 -6.80
C VAL C 1422 42.75 -66.88 -7.52
N ASP C 1423 42.37 -66.96 -8.79
CA ASP C 1423 42.19 -65.78 -9.63
C ASP C 1423 40.87 -65.07 -9.40
N THR C 1424 40.11 -65.47 -8.37
CA THR C 1424 38.79 -64.90 -8.15
C THR C 1424 38.86 -63.39 -8.04
N GLU C 1425 37.97 -62.72 -8.78
CA GLU C 1425 37.90 -61.26 -8.71
C GLU C 1425 37.40 -60.81 -7.34
N VAL C 1426 36.55 -61.62 -6.70
CA VAL C 1426 35.98 -61.30 -5.41
C VAL C 1426 36.19 -62.48 -4.46
N GLU C 1427 36.15 -62.19 -3.17
CA GLU C 1427 36.37 -63.21 -2.16
C GLU C 1427 35.34 -64.33 -2.29
N MET C 1428 35.79 -65.57 -2.09
CA MET C 1428 34.93 -66.75 -2.09
C MET C 1428 35.11 -67.45 -0.76
N LYS C 1429 34.07 -67.41 0.09
CA LYS C 1429 34.20 -67.92 1.45
C LYS C 1429 34.47 -69.42 1.46
N GLU C 1430 34.16 -70.13 0.38
CA GLU C 1430 34.29 -71.58 0.39
C GLU C 1430 35.75 -71.99 0.57
N ILE C 1431 36.67 -71.33 -0.13
CA ILE C 1431 38.08 -71.70 -0.05
C ILE C 1431 38.57 -71.60 1.38
N TYR C 1432 38.21 -70.52 2.07
CA TYR C 1432 38.74 -70.28 3.40
C TYR C 1432 38.05 -71.16 4.44
N THR C 1433 36.74 -71.39 4.28
CA THR C 1433 36.04 -72.27 5.20
C THR C 1433 36.48 -73.73 5.02
N SER C 1434 36.98 -74.05 3.82
CA SER C 1434 37.33 -75.44 3.53
C SER C 1434 38.69 -75.78 4.10
N ASN C 1435 38.74 -76.85 4.89
CA ASN C 1435 39.99 -77.54 5.16
C ASN C 1435 40.45 -78.36 3.97
N HIS C 1436 39.70 -78.30 2.86
CA HIS C 1436 40.16 -78.90 1.62
C HIS C 1436 41.45 -78.25 1.13
N ILE C 1437 41.68 -76.99 1.48
CA ILE C 1437 42.94 -76.35 1.11
C ILE C 1437 44.09 -77.02 1.84
N TRP C 1438 43.91 -77.33 3.12
CA TRP C 1438 44.97 -78.01 3.86
C TRP C 1438 45.07 -79.47 3.44
N THR C 1439 43.95 -80.07 3.00
CA THR C 1439 44.02 -81.39 2.37
C THR C 1439 44.89 -81.34 1.11
N LEU C 1440 44.70 -80.31 0.29
CA LEU C 1440 45.53 -80.14 -0.89
C LEU C 1440 46.98 -79.87 -0.51
N PHE C 1441 47.21 -79.20 0.62
CA PHE C 1441 48.58 -78.92 1.04
C PHE C 1441 49.28 -80.18 1.55
N GLU C 1442 48.57 -81.04 2.28
CA GLU C 1442 49.16 -82.32 2.67
C GLU C 1442 49.38 -83.19 1.44
N ASN C 1443 48.48 -83.15 0.47
CA ASN C 1443 48.71 -83.84 -0.79
C ASN C 1443 49.92 -83.27 -1.52
N PHE C 1444 50.14 -81.96 -1.39
CA PHE C 1444 51.31 -81.32 -1.98
C PHE C 1444 52.58 -81.81 -1.32
N THR C 1445 52.57 -81.91 0.01
CA THR C 1445 53.69 -82.50 0.73
C THR C 1445 53.95 -83.91 0.23
N LEU C 1446 52.87 -84.68 0.06
CA LEU C 1446 53.01 -86.06 -0.43
C LEU C 1446 53.58 -86.09 -1.84
N ASP C 1447 53.20 -85.12 -2.69
CA ASP C 1447 53.65 -85.12 -4.07
C ASP C 1447 55.12 -84.74 -4.17
N MET C 1448 55.53 -83.70 -3.45
CA MET C 1448 56.96 -83.39 -3.39
C MET C 1448 57.75 -84.54 -2.78
N ALA C 1449 57.19 -85.19 -1.76
CA ALA C 1449 57.84 -86.37 -1.19
C ALA C 1449 57.95 -87.48 -2.22
N ARG C 1450 56.94 -87.61 -3.08
CA ARG C 1450 57.00 -88.63 -4.13
C ARG C 1450 58.10 -88.32 -5.13
N VAL C 1451 58.23 -87.04 -5.52
CA VAL C 1451 59.30 -86.67 -6.45
C VAL C 1451 60.67 -86.94 -5.82
N CYS C 1452 60.83 -86.52 -4.56
CA CYS C 1452 62.11 -86.71 -3.89
C CYS C 1452 62.39 -88.18 -3.64
N SER C 1453 61.35 -88.98 -3.39
CA SER C 1453 61.53 -90.41 -3.22
C SER C 1453 61.88 -91.08 -4.54
N LYS C 1454 61.36 -90.54 -5.65
CA LYS C 1454 61.80 -90.99 -6.97
C LYS C 1454 63.28 -90.74 -7.16
N ARG C 1455 63.73 -89.52 -6.80
CA ARG C 1455 65.16 -89.23 -6.89
C ARG C 1455 65.97 -90.16 -5.99
N GLU C 1456 65.45 -90.46 -4.79
CA GLU C 1456 66.13 -91.38 -3.89
C GLU C 1456 66.18 -92.78 -4.48
N LYS C 1457 65.09 -93.22 -5.14
CA LYS C 1457 65.03 -94.52 -5.79
C LYS C 1457 65.85 -94.59 -7.06
N ARG C 1458 66.34 -93.44 -7.56
CA ARG C 1458 67.14 -93.29 -8.77
C ARG C 1458 66.27 -93.37 -10.01
N VAL C 1459 64.95 -93.48 -9.87
CA VAL C 1459 64.02 -93.50 -10.98
C VAL C 1459 63.04 -92.35 -10.77
N ALA C 1460 62.92 -91.46 -11.76
CA ALA C 1460 62.11 -90.27 -11.63
C ALA C 1460 61.27 -90.06 -12.89
N ASP C 1461 60.14 -89.37 -12.72
CA ASP C 1461 59.22 -89.12 -13.81
C ASP C 1461 59.14 -87.63 -14.11
N PRO C 1462 59.49 -87.20 -15.32
CA PRO C 1462 59.42 -85.77 -15.62
C PRO C 1462 58.03 -85.21 -15.46
N THR C 1463 56.99 -86.01 -15.73
CA THR C 1463 55.63 -85.50 -15.55
C THR C 1463 55.38 -85.11 -14.10
N LEU C 1464 55.76 -85.97 -13.15
CA LEU C 1464 55.57 -85.64 -11.75
C LEU C 1464 56.45 -84.47 -11.32
N GLU C 1465 57.70 -84.44 -11.79
CA GLU C 1465 58.57 -83.32 -11.40
C GLU C 1465 58.00 -82.00 -11.90
N LYS C 1466 57.51 -81.95 -13.14
CA LYS C 1466 56.89 -80.72 -13.64
C LYS C 1466 55.60 -80.42 -12.90
N TYR C 1467 54.84 -81.45 -12.52
CA TYR C 1467 53.63 -81.22 -11.73
C TYR C 1467 53.95 -80.49 -10.44
N VAL C 1468 55.00 -80.93 -9.74
CA VAL C 1468 55.41 -80.25 -8.53
C VAL C 1468 55.98 -78.87 -8.85
N LEU C 1469 56.71 -78.76 -9.96
CA LEU C 1469 57.46 -77.55 -10.26
C LEU C 1469 56.55 -76.38 -10.62
N SER C 1470 55.57 -76.61 -11.49
CA SER C 1470 54.82 -75.49 -12.05
C SER C 1470 53.47 -75.29 -11.35
N VAL C 1471 52.58 -76.27 -11.45
CA VAL C 1471 51.21 -76.07 -10.98
C VAL C 1471 51.17 -75.99 -9.46
N VAL C 1472 51.84 -76.92 -8.79
CA VAL C 1472 51.81 -76.96 -7.33
C VAL C 1472 52.48 -75.71 -6.76
N LEU C 1473 53.66 -75.36 -7.29
CA LEU C 1473 54.39 -74.21 -6.79
C LEU C 1473 53.61 -72.92 -7.03
N ASP C 1474 53.01 -72.78 -8.22
CA ASP C 1474 52.22 -71.60 -8.50
C ASP C 1474 51.01 -71.53 -7.58
N THR C 1475 50.38 -72.67 -7.32
CA THR C 1475 49.23 -72.69 -6.42
C THR C 1475 49.63 -72.24 -5.02
N ILE C 1476 50.77 -72.71 -4.53
CA ILE C 1476 51.22 -72.33 -3.19
C ILE C 1476 51.57 -70.85 -3.14
N ASN C 1477 52.37 -70.39 -4.10
CA ASN C 1477 52.73 -68.98 -4.14
C ASN C 1477 51.49 -68.10 -4.29
N ALA C 1478 50.46 -68.61 -4.96
CA ALA C 1478 49.24 -67.84 -5.13
C ALA C 1478 48.41 -67.85 -3.86
N PHE C 1479 48.41 -68.96 -3.12
CA PHE C 1479 47.78 -68.98 -1.81
C PHE C 1479 48.39 -67.90 -0.92
N PHE C 1480 49.70 -67.71 -1.02
CA PHE C 1480 50.33 -66.63 -0.25
C PHE C 1480 50.03 -65.27 -0.85
N SER C 1481 49.93 -65.17 -2.18
CA SER C 1481 49.70 -63.89 -2.82
C SER C 1481 48.30 -63.36 -2.53
N SER C 1482 47.32 -64.24 -2.49
CA SER C 1482 45.92 -63.87 -2.37
C SER C 1482 45.68 -63.06 -1.11
N PRO C 1483 45.42 -61.74 -1.21
CA PRO C 1483 45.10 -60.99 0.01
C PRO C 1483 43.85 -61.51 0.71
N PHE C 1484 42.92 -62.11 -0.03
CA PHE C 1484 41.70 -62.62 0.58
C PHE C 1484 42.00 -63.73 1.58
N SER C 1485 42.93 -64.63 1.24
CA SER C 1485 43.27 -65.75 2.10
C SER C 1485 44.32 -65.39 3.16
N GLU C 1486 44.82 -64.16 3.15
CA GLU C 1486 45.82 -63.77 4.15
C GLU C 1486 45.24 -63.79 5.56
N ASN C 1487 43.97 -63.41 5.69
CA ASN C 1487 43.34 -63.29 7.01
C ASN C 1487 43.12 -64.63 7.69
N SER C 1488 43.30 -65.74 7.00
CA SER C 1488 43.03 -67.05 7.58
C SER C 1488 43.83 -67.23 8.87
N THR C 1489 43.14 -67.66 9.93
CA THR C 1489 43.76 -67.88 11.23
C THR C 1489 43.89 -69.36 11.56
N SER C 1490 43.73 -70.24 10.57
CA SER C 1490 44.10 -71.64 10.70
C SER C 1490 45.57 -71.87 10.39
N LEU C 1491 46.31 -70.80 10.09
CA LEU C 1491 47.71 -70.92 9.73
C LEU C 1491 48.52 -71.52 10.88
N GLN C 1492 48.27 -71.09 12.11
CA GLN C 1492 49.01 -71.65 13.23
C GLN C 1492 48.61 -73.12 13.47
N THR C 1493 47.32 -73.44 13.28
CA THR C 1493 46.87 -74.81 13.49
C THR C 1493 47.52 -75.76 12.49
N HIS C 1494 47.58 -75.37 11.22
CA HIS C 1494 48.21 -76.17 10.18
C HIS C 1494 49.65 -75.72 9.91
N GLN C 1495 50.27 -75.04 10.87
CA GLN C 1495 51.69 -74.73 10.76
C GLN C 1495 52.52 -75.99 10.59
N THR C 1496 52.14 -77.06 11.28
CA THR C 1496 52.85 -78.32 11.08
C THR C 1496 52.72 -78.79 9.64
N ILE C 1497 51.52 -78.72 9.06
CA ILE C 1497 51.31 -79.19 7.69
C ILE C 1497 52.10 -78.35 6.70
N VAL C 1498 52.04 -77.03 6.84
CA VAL C 1498 52.75 -76.16 5.91
C VAL C 1498 54.26 -76.32 6.10
N VAL C 1499 54.70 -76.64 7.32
CA VAL C 1499 56.12 -76.85 7.55
C VAL C 1499 56.57 -78.17 6.92
N GLN C 1500 55.70 -79.19 6.94
CA GLN C 1500 56.04 -80.42 6.22
C GLN C 1500 56.09 -80.16 4.72
N LEU C 1501 55.20 -79.31 4.23
CA LEU C 1501 55.26 -78.91 2.82
C LEU C 1501 56.58 -78.20 2.53
N LEU C 1502 57.02 -77.33 3.43
CA LEU C 1502 58.29 -76.64 3.24
C LEU C 1502 59.46 -77.61 3.32
N GLN C 1503 59.36 -78.64 4.16
CA GLN C 1503 60.41 -79.66 4.20
C GLN C 1503 60.46 -80.45 2.91
N SER C 1504 59.29 -80.77 2.35
CA SER C 1504 59.26 -81.45 1.05
C SER C 1504 59.86 -80.57 -0.03
N THR C 1505 59.55 -79.27 -0.01
CA THR C 1505 60.18 -78.34 -0.94
C THR C 1505 61.69 -78.28 -0.72
N THR C 1506 62.12 -78.34 0.53
CA THR C 1506 63.56 -78.34 0.84
C THR C 1506 64.24 -79.58 0.28
N ARG C 1507 63.61 -80.74 0.43
CA ARG C 1507 64.16 -81.96 -0.14
C ARG C 1507 64.19 -81.90 -1.66
N LEU C 1508 63.14 -81.33 -2.26
CA LEU C 1508 63.14 -81.11 -3.71
C LEU C 1508 64.30 -80.22 -4.12
N LEU C 1509 64.54 -79.15 -3.35
CA LEU C 1509 65.67 -78.27 -3.63
C LEU C 1509 66.99 -79.03 -3.50
N GLU C 1510 67.10 -79.89 -2.49
CA GLU C 1510 68.29 -80.72 -2.33
C GLU C 1510 68.51 -81.58 -3.56
N CYS C 1511 67.43 -82.10 -4.14
CA CYS C 1511 67.57 -82.85 -5.38
C CYS C 1511 68.23 -81.97 -6.43
N PRO C 1512 69.23 -82.48 -7.17
CA PRO C 1512 70.01 -81.59 -8.05
C PRO C 1512 69.29 -81.22 -9.34
N TRP C 1513 68.23 -81.94 -9.73
CA TRP C 1513 67.63 -81.71 -11.03
C TRP C 1513 67.00 -80.32 -11.14
N LEU C 1514 66.74 -79.66 -10.01
CA LEU C 1514 66.04 -78.39 -10.03
C LEU C 1514 66.82 -77.35 -10.85
N GLN C 1515 66.09 -76.61 -11.68
CA GLN C 1515 66.68 -75.60 -12.53
C GLN C 1515 66.81 -74.27 -11.78
N GLN C 1516 67.59 -73.36 -12.37
CA GLN C 1516 67.70 -72.01 -11.81
C GLN C 1516 66.41 -71.22 -12.02
N GLN C 1517 65.76 -71.43 -13.18
CA GLN C 1517 64.47 -70.77 -13.42
C GLN C 1517 63.44 -71.21 -12.39
N HIS C 1518 63.40 -72.51 -12.09
CA HIS C 1518 62.52 -73.00 -11.03
C HIS C 1518 62.96 -72.48 -9.67
N LYS C 1519 64.29 -72.38 -9.46
CA LYS C 1519 64.80 -71.95 -8.16
C LYS C 1519 64.40 -70.51 -7.86
N GLY C 1520 64.35 -69.65 -8.88
CA GLY C 1520 63.92 -68.29 -8.64
C GLY C 1520 62.51 -68.20 -8.09
N SER C 1521 61.58 -68.91 -8.73
CA SER C 1521 60.20 -68.94 -8.25
C SER C 1521 60.10 -69.61 -6.89
N VAL C 1522 60.90 -70.67 -6.67
CA VAL C 1522 60.90 -71.33 -5.37
C VAL C 1522 61.38 -70.38 -4.29
N GLU C 1523 62.40 -69.58 -4.60
CA GLU C 1523 62.89 -68.58 -3.65
C GLU C 1523 61.83 -67.54 -3.36
N ALA C 1524 61.11 -67.09 -4.38
CA ALA C 1524 60.03 -66.14 -4.15
C ALA C 1524 58.96 -66.73 -3.24
N CYS C 1525 58.57 -67.99 -3.49
CA CYS C 1525 57.57 -68.64 -2.67
C CYS C 1525 58.06 -68.79 -1.23
N ILE C 1526 59.33 -69.16 -1.05
CA ILE C 1526 59.86 -69.35 0.29
C ILE C 1526 59.99 -68.00 1.00
N ARG C 1527 60.24 -66.93 0.25
CA ARG C 1527 60.25 -65.60 0.86
C ARG C 1527 58.87 -65.21 1.33
N THR C 1528 57.83 -65.54 0.54
CA THR C 1528 56.47 -65.31 1.00
C THR C 1528 56.17 -66.15 2.24
N LEU C 1529 56.66 -67.39 2.28
CA LEU C 1529 56.52 -68.21 3.47
C LEU C 1529 57.20 -67.57 4.67
N ALA C 1530 58.38 -66.99 4.44
CA ALA C 1530 59.08 -66.30 5.52
C ALA C 1530 58.28 -65.09 6.01
N MET C 1531 57.65 -64.36 5.09
CA MET C 1531 56.80 -63.25 5.49
C MET C 1531 55.63 -63.73 6.34
N VAL C 1532 55.01 -64.85 5.94
CA VAL C 1532 53.95 -65.44 6.75
C VAL C 1532 54.50 -65.81 8.13
N ALA C 1533 55.73 -66.33 8.17
CA ALA C 1533 56.33 -66.69 9.45
C ALA C 1533 56.54 -65.46 10.32
N LYS C 1534 57.00 -64.35 9.74
CA LYS C 1534 57.17 -63.13 10.51
C LYS C 1534 55.83 -62.69 11.09
N GLY C 1535 54.78 -62.72 10.27
CA GLY C 1535 53.46 -62.33 10.75
C GLY C 1535 52.95 -63.23 11.86
N ARG C 1536 53.17 -64.54 11.73
CA ARG C 1536 52.59 -65.49 12.69
C ARG C 1536 53.40 -65.54 13.98
N ALA C 1537 54.70 -65.29 13.91
CA ALA C 1537 55.66 -65.46 15.01
C ALA C 1537 56.05 -66.92 15.18
N ILE C 1538 55.67 -67.81 14.26
CA ILE C 1538 56.03 -69.22 14.37
C ILE C 1538 57.53 -69.38 14.21
N LEU C 1539 58.04 -70.49 14.75
CA LEU C 1539 59.47 -70.81 14.70
C LEU C 1539 59.66 -72.14 13.97
N LEU C 1540 60.66 -72.20 13.12
CA LEU C 1540 60.90 -73.37 12.28
C LEU C 1540 61.80 -74.38 13.00
N PRO C 1541 61.81 -75.64 12.53
CA PRO C 1541 62.74 -76.62 13.10
C PRO C 1541 64.19 -76.20 12.89
N MET C 1542 65.04 -76.57 13.84
CA MET C 1542 66.39 -76.01 13.87
C MET C 1542 67.16 -76.33 12.59
N ASP C 1543 67.13 -77.59 12.16
CA ASP C 1543 67.82 -77.96 10.92
C ASP C 1543 67.11 -77.38 9.71
N LEU C 1544 65.78 -77.51 9.67
CA LEU C 1544 65.02 -76.87 8.60
C LEU C 1544 65.19 -75.36 8.66
N ASP C 1545 65.35 -74.80 9.87
CA ASP C 1545 65.58 -73.37 9.98
C ASP C 1545 66.95 -72.99 9.43
N ALA C 1546 67.95 -73.85 9.60
CA ALA C 1546 69.26 -73.58 9.04
C ALA C 1546 69.22 -73.60 7.52
N HIS C 1547 68.55 -74.59 6.95
CA HIS C 1547 68.44 -74.63 5.49
C HIS C 1547 67.59 -73.48 4.97
N ILE C 1548 66.58 -73.08 5.75
CA ILE C 1548 65.79 -71.90 5.42
C ILE C 1548 66.66 -70.66 5.47
N SER C 1549 67.61 -70.62 6.41
CA SER C 1549 68.57 -69.52 6.45
C SER C 1549 69.46 -69.52 5.21
N SER C 1550 69.82 -70.70 4.73
CA SER C 1550 70.57 -70.78 3.47
C SER C 1550 69.75 -70.20 2.32
N MET C 1551 68.48 -70.58 2.22
CA MET C 1551 67.62 -70.02 1.18
C MET C 1551 67.44 -68.52 1.35
N LEU C 1552 67.32 -68.05 2.59
CA LEU C 1552 67.17 -66.62 2.85
C LEU C 1552 68.45 -65.87 2.49
N SER C 1553 69.61 -66.54 2.64
CA SER C 1553 70.86 -65.96 2.15
C SER C 1553 70.85 -65.86 0.64
N SER C 1554 70.36 -66.91 -0.04
CA SER C 1554 70.19 -66.83 -1.48
C SER C 1554 69.34 -65.62 -1.86
N GLY C 1555 68.27 -65.39 -1.10
CA GLY C 1555 67.43 -64.22 -1.36
C GLY C 1555 68.14 -62.92 -1.08
N ALA C 1556 68.88 -62.86 0.02
CA ALA C 1556 69.57 -61.63 0.39
C ALA C 1556 70.61 -61.23 -0.64
N SER C 1557 71.35 -62.20 -1.15
CA SER C 1557 72.38 -61.94 -2.17
C SER C 1557 72.13 -62.77 -3.42
N TRP C 1586 78.91 -61.06 -57.72
CA TRP C 1586 78.04 -59.99 -57.25
C TRP C 1586 78.01 -59.94 -55.73
N ASP C 1587 77.79 -58.74 -55.19
CA ASP C 1587 77.71 -58.53 -53.75
C ASP C 1587 76.25 -58.51 -53.33
N TYR C 1588 75.83 -59.61 -52.70
CA TYR C 1588 74.43 -59.74 -52.28
C TYR C 1588 74.05 -58.63 -51.30
N LYS C 1589 74.83 -58.48 -50.22
CA LYS C 1589 74.54 -57.48 -49.21
C LYS C 1589 74.63 -56.07 -49.79
N ASN C 1590 75.64 -55.81 -50.60
CA ASN C 1590 75.80 -54.49 -51.19
C ASN C 1590 74.61 -54.13 -52.06
N ILE C 1591 74.17 -55.08 -52.89
CA ILE C 1591 73.04 -54.82 -53.78
C ILE C 1591 71.77 -54.54 -52.97
N ILE C 1592 71.52 -55.35 -51.94
CA ILE C 1592 70.31 -55.13 -51.14
C ILE C 1592 70.37 -53.77 -50.45
N GLU C 1593 71.52 -53.43 -49.87
CA GLU C 1593 71.64 -52.17 -49.15
C GLU C 1593 71.45 -50.99 -50.09
N LYS C 1594 72.04 -51.06 -51.28
CA LYS C 1594 71.92 -49.95 -52.21
C LYS C 1594 70.49 -49.82 -52.73
N LEU C 1595 69.81 -50.95 -52.94
CA LEU C 1595 68.40 -50.88 -53.32
C LEU C 1595 67.59 -50.22 -52.22
N GLN C 1596 67.86 -50.57 -50.96
CA GLN C 1596 67.15 -49.93 -49.85
C GLN C 1596 67.38 -48.42 -49.86
N ASP C 1597 68.64 -48.00 -50.04
CA ASP C 1597 68.95 -46.58 -50.06
C ASP C 1597 68.22 -45.88 -51.21
N ILE C 1598 68.20 -46.50 -52.39
CA ILE C 1598 67.53 -45.91 -53.54
C ILE C 1598 66.04 -45.78 -53.27
N ILE C 1599 65.44 -46.80 -52.66
CA ILE C 1599 64.01 -46.74 -52.35
C ILE C 1599 63.73 -45.58 -51.39
N THR C 1600 64.55 -45.44 -50.35
CA THR C 1600 64.34 -44.36 -49.40
C THR C 1600 64.46 -43.00 -50.09
N ALA C 1601 65.50 -42.85 -50.92
CA ALA C 1601 65.70 -41.57 -51.61
C ALA C 1601 64.55 -41.26 -52.54
N LEU C 1602 64.05 -42.26 -53.27
CA LEU C 1602 62.93 -42.03 -54.19
C LEU C 1602 61.67 -41.65 -53.43
N GLU C 1603 61.41 -42.31 -52.30
CA GLU C 1603 60.23 -41.95 -51.51
C GLU C 1603 60.34 -40.52 -51.01
N GLU C 1604 61.51 -40.13 -50.51
CA GLU C 1604 61.70 -38.75 -50.08
C GLU C 1604 61.51 -37.79 -51.25
N ARG C 1605 62.02 -38.14 -52.42
CA ARG C 1605 61.92 -37.26 -53.58
C ARG C 1605 60.47 -37.05 -53.99
N LEU C 1606 59.68 -38.12 -53.99
CA LEU C 1606 58.30 -38.04 -54.47
C LEU C 1606 57.29 -37.68 -53.39
N LYS C 1607 57.71 -37.57 -52.13
CA LYS C 1607 56.76 -37.23 -51.07
C LYS C 1607 55.79 -36.12 -51.46
N PRO C 1608 56.24 -34.91 -51.84
CA PRO C 1608 55.26 -33.84 -52.14
C PRO C 1608 54.33 -34.16 -53.29
N LEU C 1609 54.83 -34.88 -54.31
CA LEU C 1609 54.04 -35.12 -55.51
C LEU C 1609 52.82 -35.99 -55.21
N VAL C 1610 52.94 -36.92 -54.26
CA VAL C 1610 51.81 -37.76 -53.91
C VAL C 1610 50.66 -36.92 -53.37
N GLN C 1611 50.96 -36.01 -52.44
CA GLN C 1611 49.93 -35.13 -51.90
C GLN C 1611 49.37 -34.21 -52.97
N ALA C 1612 50.24 -33.69 -53.84
CA ALA C 1612 49.78 -32.82 -54.91
C ALA C 1612 48.80 -33.55 -55.81
N GLU C 1613 49.11 -34.80 -56.17
CA GLU C 1613 48.20 -35.59 -57.00
C GLU C 1613 46.90 -35.88 -56.27
N LEU C 1614 46.98 -36.19 -54.97
CA LEU C 1614 45.77 -36.50 -54.21
C LEU C 1614 44.84 -35.31 -54.14
N SER C 1615 45.38 -34.09 -54.10
CA SER C 1615 44.53 -32.90 -54.00
C SER C 1615 43.64 -32.76 -55.23
N VAL C 1616 44.10 -33.25 -56.38
CA VAL C 1616 43.33 -33.07 -57.61
C VAL C 1616 42.02 -33.84 -57.55
N LEU C 1617 42.00 -34.97 -56.83
CA LEU C 1617 40.74 -35.68 -56.64
C LEU C 1617 39.73 -34.83 -55.90
N VAL C 1618 40.18 -34.15 -54.84
CA VAL C 1618 39.28 -33.25 -54.12
C VAL C 1618 38.78 -32.14 -55.05
N ASP C 1619 39.69 -31.56 -55.84
CA ASP C 1619 39.28 -30.50 -56.76
C ASP C 1619 38.23 -31.00 -57.75
N VAL C 1620 38.45 -32.18 -58.34
CA VAL C 1620 37.52 -32.71 -59.33
C VAL C 1620 36.18 -33.02 -58.69
N LEU C 1621 36.19 -33.66 -57.52
CA LEU C 1621 34.93 -33.97 -56.84
C LEU C 1621 34.17 -32.70 -56.50
N HIS C 1622 34.89 -31.63 -56.15
CA HIS C 1622 34.25 -30.35 -55.92
C HIS C 1622 33.62 -29.81 -57.21
N TRP C 1623 34.32 -29.92 -58.33
CA TRP C 1623 33.87 -29.36 -59.60
C TRP C 1623 33.85 -30.45 -60.68
N PRO C 1624 32.81 -31.30 -60.68
CA PRO C 1624 32.72 -32.33 -61.72
C PRO C 1624 32.14 -31.83 -63.03
N GLU C 1625 31.26 -30.82 -62.99
CA GLU C 1625 30.58 -30.39 -64.21
C GLU C 1625 31.54 -29.83 -65.24
N LEU C 1626 32.74 -29.41 -64.80
CA LEU C 1626 33.71 -28.88 -65.75
C LEU C 1626 34.15 -29.93 -66.77
N LEU C 1627 34.29 -31.18 -66.32
CA LEU C 1627 34.78 -32.22 -67.21
C LEU C 1627 33.85 -32.42 -68.39
N PHE C 1628 32.54 -32.46 -68.14
CA PHE C 1628 31.58 -32.68 -69.21
C PHE C 1628 31.36 -31.40 -70.01
N LEU C 1629 30.79 -31.56 -71.20
CA LEU C 1629 30.55 -30.45 -72.10
C LEU C 1629 29.33 -29.65 -71.67
N GLU C 1630 29.44 -28.32 -71.78
CA GLU C 1630 28.35 -27.45 -71.38
C GLU C 1630 27.12 -27.69 -72.24
N GLY C 1631 25.94 -27.58 -71.62
CA GLY C 1631 24.69 -27.77 -72.31
C GLY C 1631 24.25 -29.21 -72.46
N SER C 1632 25.04 -30.17 -71.97
CA SER C 1632 24.70 -31.57 -72.09
C SER C 1632 23.85 -32.02 -70.90
N GLU C 1633 23.29 -33.23 -71.02
CA GLU C 1633 22.55 -33.80 -69.91
C GLU C 1633 23.44 -34.02 -68.70
N ALA C 1634 24.66 -34.52 -68.94
CA ALA C 1634 25.60 -34.73 -67.85
C ALA C 1634 25.97 -33.41 -67.18
N TYR C 1635 26.16 -32.35 -67.97
CA TYR C 1635 26.47 -31.06 -67.37
C TYR C 1635 25.34 -30.57 -66.50
N GLN C 1636 24.08 -30.72 -66.95
CA GLN C 1636 22.96 -30.33 -66.11
C GLN C 1636 22.94 -31.12 -64.81
N ARG C 1637 23.13 -32.44 -64.92
CA ARG C 1637 23.05 -33.29 -63.74
C ARG C 1637 24.15 -32.94 -62.74
N CYS C 1638 25.35 -32.66 -63.24
CA CYS C 1638 26.46 -32.34 -62.33
C CYS C 1638 26.33 -30.93 -61.77
N GLU C 1639 25.88 -29.98 -62.60
CA GLU C 1639 25.74 -28.60 -62.13
C GLU C 1639 24.66 -28.49 -61.07
N SER C 1640 23.62 -29.30 -61.16
CA SER C 1640 22.59 -29.31 -60.13
C SER C 1640 23.09 -29.85 -58.80
N GLY C 1641 24.36 -30.23 -58.71
CA GLY C 1641 24.88 -30.89 -57.53
C GLY C 1641 24.59 -32.37 -57.46
N GLY C 1642 24.19 -32.98 -58.57
CA GLY C 1642 23.78 -34.37 -58.54
C GLY C 1642 24.91 -35.32 -58.19
N PHE C 1643 26.13 -35.01 -58.61
CA PHE C 1643 27.23 -35.94 -58.42
C PHE C 1643 27.57 -36.12 -56.95
N LEU C 1644 27.72 -35.00 -56.22
CA LEU C 1644 28.07 -35.09 -54.81
C LEU C 1644 26.94 -35.72 -54.01
N SER C 1645 25.69 -35.41 -54.36
CA SER C 1645 24.56 -36.05 -53.69
C SER C 1645 24.55 -37.55 -53.94
N LYS C 1646 24.84 -37.97 -55.17
CA LYS C 1646 24.92 -39.39 -55.48
C LYS C 1646 26.03 -40.06 -54.68
N LEU C 1647 27.18 -39.40 -54.57
CA LEU C 1647 28.28 -39.96 -53.78
C LEU C 1647 27.88 -40.11 -52.32
N ILE C 1648 27.22 -39.09 -51.76
CA ILE C 1648 26.80 -39.15 -50.37
C ILE C 1648 25.82 -40.31 -50.16
N GLN C 1649 24.84 -40.43 -51.05
CA GLN C 1649 23.85 -41.50 -50.91
C GLN C 1649 24.51 -42.87 -51.05
N HIS C 1650 25.43 -43.01 -52.00
CA HIS C 1650 26.08 -44.30 -52.19
C HIS C 1650 26.97 -44.65 -51.02
N THR C 1651 27.50 -43.65 -50.32
CA THR C 1651 28.25 -43.93 -49.09
C THR C 1651 27.38 -44.67 -48.09
N LYS C 1652 26.18 -44.13 -47.82
CA LYS C 1652 25.26 -44.81 -46.90
C LYS C 1652 24.86 -46.17 -47.44
N ASP C 1653 24.63 -46.26 -48.75
CA ASP C 1653 24.21 -47.54 -49.34
C ASP C 1653 25.28 -48.61 -49.15
N LEU C 1654 26.55 -48.24 -49.33
CA LEU C 1654 27.67 -49.16 -49.29
C LEU C 1654 28.33 -49.23 -47.91
N MET C 1655 27.75 -48.59 -46.90
CA MET C 1655 28.36 -48.60 -45.56
C MET C 1655 28.77 -50.00 -45.13
N GLU C 1656 27.93 -51.00 -45.41
CA GLU C 1656 28.18 -52.36 -44.96
C GLU C 1656 28.95 -53.22 -45.96
N SER C 1657 28.58 -53.17 -47.25
CA SER C 1657 29.19 -54.06 -48.22
C SER C 1657 30.68 -53.76 -48.40
N GLU C 1658 31.05 -52.49 -48.45
CA GLU C 1658 32.44 -52.07 -48.72
C GLU C 1658 32.88 -51.09 -47.64
N GLU C 1659 33.41 -51.64 -46.54
CA GLU C 1659 33.87 -50.80 -45.43
C GLU C 1659 35.04 -49.92 -45.86
N LYS C 1660 35.99 -50.48 -46.61
CA LYS C 1660 37.14 -49.70 -47.05
C LYS C 1660 36.70 -48.54 -47.93
N LEU C 1661 35.79 -48.80 -48.87
CA LEU C 1661 35.31 -47.74 -49.75
C LEU C 1661 34.52 -46.69 -48.96
N CYS C 1662 33.73 -47.14 -47.97
CA CYS C 1662 33.03 -46.18 -47.13
C CYS C 1662 34.01 -45.26 -46.42
N ILE C 1663 35.06 -45.83 -45.82
CA ILE C 1663 36.04 -45.02 -45.11
C ILE C 1663 36.73 -44.07 -46.08
N LYS C 1664 37.10 -44.55 -47.27
CA LYS C 1664 37.76 -43.70 -48.25
C LYS C 1664 36.88 -42.53 -48.66
N VAL C 1665 35.59 -42.78 -48.91
CA VAL C 1665 34.69 -41.72 -49.33
C VAL C 1665 34.51 -40.70 -48.20
N LEU C 1666 34.36 -41.17 -46.97
CA LEU C 1666 34.20 -40.25 -45.85
C LEU C 1666 35.46 -39.39 -45.68
N ARG C 1667 36.64 -40.00 -45.80
CA ARG C 1667 37.88 -39.25 -45.70
C ARG C 1667 37.98 -38.23 -46.83
N THR C 1668 37.55 -38.59 -48.03
CA THR C 1668 37.59 -37.65 -49.15
C THR C 1668 36.66 -36.47 -48.91
N LEU C 1669 35.47 -36.73 -48.35
CA LEU C 1669 34.57 -35.62 -48.02
C LEU C 1669 35.19 -34.72 -46.96
N GLN C 1670 35.83 -35.31 -45.94
CA GLN C 1670 36.53 -34.50 -44.95
C GLN C 1670 37.63 -33.66 -45.60
N GLN C 1671 38.35 -34.24 -46.56
CA GLN C 1671 39.38 -33.48 -47.27
C GLN C 1671 38.76 -32.32 -48.04
N MET C 1672 37.62 -32.56 -48.68
CA MET C 1672 36.90 -31.47 -49.34
C MET C 1672 36.63 -30.34 -48.36
N LEU C 1673 36.10 -30.69 -47.19
CA LEU C 1673 35.75 -29.66 -46.20
C LEU C 1673 36.98 -28.96 -45.62
N LEU C 1674 38.13 -29.63 -45.62
CA LEU C 1674 39.32 -29.07 -44.97
C LEU C 1674 39.82 -27.84 -45.71
N LYS C 1675 40.72 -27.11 -45.03
CA LYS C 1675 41.26 -25.87 -45.54
C LYS C 1675 42.34 -26.15 -46.61
N LYS C 1676 42.61 -25.12 -47.41
CA LYS C 1676 43.62 -25.24 -48.47
C LYS C 1676 45.00 -25.43 -47.87
N THR C 1677 45.88 -26.07 -48.62
CA THR C 1677 47.21 -26.43 -48.16
C THR C 1677 48.25 -26.05 -49.20
N LYS C 1678 49.47 -25.82 -48.73
CA LYS C 1678 50.62 -25.53 -49.58
C LYS C 1678 51.54 -26.74 -49.61
N TYR C 1679 51.93 -27.16 -50.81
CA TYR C 1679 52.72 -28.37 -51.00
C TYR C 1679 54.16 -28.09 -51.40
N GLY C 1680 54.62 -26.85 -51.28
CA GLY C 1680 55.92 -26.47 -51.78
C GLY C 1680 55.89 -26.12 -53.24
N ASP C 1681 57.03 -25.64 -53.74
CA ASP C 1681 57.10 -25.19 -55.13
C ASP C 1681 56.92 -26.36 -56.09
N ARG C 1682 57.62 -27.47 -55.85
CA ARG C 1682 57.52 -28.62 -56.74
C ARG C 1682 56.12 -29.19 -56.76
N GLY C 1683 55.51 -29.32 -55.58
CA GLY C 1683 54.14 -29.83 -55.52
C GLY C 1683 53.14 -28.88 -56.16
N ASN C 1684 53.35 -27.57 -55.99
CA ASN C 1684 52.46 -26.59 -56.59
C ASN C 1684 52.53 -26.66 -58.12
N GLN C 1685 53.72 -26.86 -58.66
CA GLN C 1685 53.85 -26.99 -60.10
C GLN C 1685 53.01 -28.16 -60.62
N LEU C 1686 53.15 -29.32 -59.98
CA LEU C 1686 52.38 -30.49 -60.41
C LEU C 1686 50.89 -30.26 -60.23
N ARG C 1687 50.48 -29.64 -59.13
CA ARG C 1687 49.07 -29.34 -58.92
C ARG C 1687 48.54 -28.46 -60.03
N LYS C 1688 49.27 -27.40 -60.37
CA LYS C 1688 48.81 -26.49 -61.43
C LYS C 1688 48.70 -27.23 -62.75
N MET C 1689 49.71 -28.01 -63.12
CA MET C 1689 49.68 -28.71 -64.39
C MET C 1689 48.54 -29.71 -64.46
N LEU C 1690 48.36 -30.51 -63.40
CA LEU C 1690 47.31 -31.52 -63.40
C LEU C 1690 45.93 -30.88 -63.43
N LEU C 1691 45.73 -29.80 -62.67
CA LEU C 1691 44.44 -29.12 -62.69
C LEU C 1691 44.17 -28.55 -64.08
N GLN C 1692 45.18 -27.93 -64.70
CA GLN C 1692 44.99 -27.39 -66.05
C GLN C 1692 44.63 -28.50 -67.02
N ASN C 1693 45.29 -29.65 -66.92
CA ASN C 1693 45.00 -30.74 -67.85
C ASN C 1693 43.60 -31.30 -67.64
N TYR C 1694 43.28 -31.69 -66.40
CA TYR C 1694 42.00 -32.36 -66.16
C TYR C 1694 40.82 -31.41 -66.34
N LEU C 1695 40.89 -30.22 -65.75
CA LEU C 1695 39.88 -29.18 -65.92
C LEU C 1695 40.51 -28.08 -66.76
N GLN C 1696 39.91 -27.82 -67.93
CA GLN C 1696 40.64 -27.08 -68.96
C GLN C 1696 41.02 -25.67 -68.48
N ASN C 1697 40.04 -24.78 -68.37
CA ASN C 1697 40.33 -23.43 -67.87
C ASN C 1697 39.31 -22.93 -66.85
N ARG C 1698 38.03 -23.23 -67.08
CA ARG C 1698 36.89 -22.54 -66.46
C ARG C 1698 37.29 -21.71 -65.24
N TRP C 1718 37.92 -18.31 -44.58
CA TRP C 1718 36.92 -19.03 -43.81
C TRP C 1718 35.59 -19.06 -44.55
N SER C 1719 35.36 -18.03 -45.38
CA SER C 1719 34.13 -17.96 -46.14
C SER C 1719 34.02 -19.13 -47.11
N ALA C 1720 35.13 -19.48 -47.77
CA ALA C 1720 35.12 -20.62 -48.68
C ALA C 1720 34.81 -21.90 -47.94
N ILE C 1721 35.40 -22.08 -46.76
CA ILE C 1721 35.12 -23.27 -45.96
C ILE C 1721 33.65 -23.34 -45.58
N ALA C 1722 33.08 -22.20 -45.17
CA ALA C 1722 31.66 -22.17 -44.81
C ALA C 1722 30.79 -22.49 -46.02
N ALA C 1723 31.14 -21.96 -47.18
CA ALA C 1723 30.36 -22.25 -48.39
C ALA C 1723 30.43 -23.73 -48.73
N THR C 1724 31.61 -24.33 -48.63
CA THR C 1724 31.73 -25.77 -48.90
C THR C 1724 30.91 -26.58 -47.90
N GLN C 1725 30.96 -26.19 -46.63
CA GLN C 1725 30.17 -26.89 -45.61
C GLN C 1725 28.68 -26.80 -45.93
N CYS C 1726 28.21 -25.62 -46.29
CA CYS C 1726 26.80 -25.46 -46.63
C CYS C 1726 26.42 -26.28 -47.85
N ARG C 1727 27.29 -26.32 -48.86
CA ARG C 1727 27.01 -27.11 -50.06
C ARG C 1727 26.91 -28.59 -49.71
N LEU C 1728 27.84 -29.10 -48.91
CA LEU C 1728 27.79 -30.51 -48.52
C LEU C 1728 26.54 -30.81 -47.71
N ASP C 1729 26.19 -29.91 -46.78
CA ASP C 1729 24.99 -30.14 -45.98
C ASP C 1729 23.74 -30.16 -46.85
N LYS C 1730 23.66 -29.24 -47.82
CA LYS C 1730 22.53 -29.24 -48.73
C LYS C 1730 22.47 -30.55 -49.53
N GLU C 1731 23.62 -31.01 -50.01
CA GLU C 1731 23.66 -32.29 -50.72
C GLU C 1731 23.32 -33.47 -49.81
N GLY C 1732 23.45 -33.31 -48.50
CA GLY C 1732 23.03 -34.32 -47.54
C GLY C 1732 24.12 -34.90 -46.67
N ALA C 1733 25.22 -34.17 -46.42
CA ALA C 1733 26.27 -34.69 -45.57
C ALA C 1733 25.80 -34.88 -44.14
N THR C 1734 24.96 -33.96 -43.65
CA THR C 1734 24.51 -34.05 -42.26
C THR C 1734 23.69 -35.32 -42.03
N LYS C 1735 22.78 -35.64 -42.93
CA LYS C 1735 21.96 -36.83 -42.76
C LYS C 1735 22.82 -38.08 -42.83
N LEU C 1736 23.81 -38.11 -43.73
CA LEU C 1736 24.73 -39.24 -43.78
C LEU C 1736 25.49 -39.39 -42.47
N VAL C 1737 25.96 -38.27 -41.91
CA VAL C 1737 26.66 -38.31 -40.64
C VAL C 1737 25.76 -38.92 -39.57
N CYS C 1738 24.54 -38.42 -39.46
CA CYS C 1738 23.63 -38.92 -38.44
C CYS C 1738 23.34 -40.40 -38.63
N ASP C 1739 23.06 -40.82 -39.87
CA ASP C 1739 22.74 -42.21 -40.14
C ASP C 1739 23.90 -43.13 -39.79
N LEU C 1740 25.11 -42.76 -40.21
CA LEU C 1740 26.27 -43.60 -39.96
C LEU C 1740 26.56 -43.68 -38.47
N ILE C 1741 26.54 -42.54 -37.76
CA ILE C 1741 26.80 -42.57 -36.33
C ILE C 1741 25.74 -43.41 -35.63
N THR C 1742 24.50 -43.36 -36.10
CA THR C 1742 23.42 -44.06 -35.43
C THR C 1742 23.50 -45.57 -35.64
N SER C 1743 23.78 -46.02 -36.88
CA SER C 1743 23.62 -47.41 -37.23
C SER C 1743 24.91 -48.20 -37.39
N THR C 1744 26.05 -47.53 -37.60
CA THR C 1744 27.28 -48.25 -37.90
C THR C 1744 27.79 -49.02 -36.68
N LYS C 1745 28.34 -50.20 -36.93
CA LYS C 1745 29.02 -50.99 -35.91
C LYS C 1745 30.53 -51.03 -36.12
N ASN C 1746 31.04 -50.29 -37.10
CA ASN C 1746 32.46 -50.28 -37.40
C ASN C 1746 33.11 -49.07 -36.72
N GLU C 1747 34.15 -49.33 -35.91
CA GLU C 1747 34.77 -48.26 -35.15
C GLU C 1747 35.38 -47.20 -36.06
N LYS C 1748 36.07 -47.63 -37.12
CA LYS C 1748 36.68 -46.67 -38.02
C LYS C 1748 35.62 -45.81 -38.72
N ILE C 1749 34.53 -46.43 -39.15
CA ILE C 1749 33.46 -45.66 -39.80
C ILE C 1749 32.84 -44.67 -38.83
N PHE C 1750 32.62 -45.08 -37.58
CA PHE C 1750 32.09 -44.16 -36.59
C PHE C 1750 33.04 -42.99 -36.36
N GLN C 1751 34.34 -43.28 -36.25
CA GLN C 1751 35.31 -42.21 -36.06
C GLN C 1751 35.32 -41.26 -37.24
N GLU C 1752 35.25 -41.79 -38.46
CA GLU C 1752 35.24 -40.92 -39.64
C GLU C 1752 33.97 -40.09 -39.69
N SER C 1753 32.83 -40.67 -39.30
CA SER C 1753 31.58 -39.91 -39.28
C SER C 1753 31.65 -38.77 -38.27
N ILE C 1754 32.18 -39.04 -37.08
CA ILE C 1754 32.32 -37.98 -36.08
C ILE C 1754 33.28 -36.91 -36.57
N GLY C 1755 34.36 -37.32 -37.25
CA GLY C 1755 35.28 -36.36 -37.81
C GLY C 1755 34.63 -35.49 -38.87
N LEU C 1756 33.80 -36.09 -39.72
CA LEU C 1756 33.08 -35.32 -40.73
C LEU C 1756 32.12 -34.33 -40.08
N ALA C 1757 31.44 -34.77 -39.01
CA ALA C 1757 30.56 -33.85 -38.28
C ALA C 1757 31.36 -32.68 -37.72
N ILE C 1758 32.52 -32.97 -37.12
CA ILE C 1758 33.35 -31.91 -36.56
C ILE C 1758 33.80 -30.95 -37.65
N HIS C 1759 34.20 -31.49 -38.80
CA HIS C 1759 34.65 -30.64 -39.89
C HIS C 1759 33.52 -29.76 -40.42
N LEU C 1760 32.32 -30.32 -40.57
CA LEU C 1760 31.19 -29.53 -41.03
C LEU C 1760 30.85 -28.43 -40.04
N LEU C 1761 30.85 -28.74 -38.74
CA LEU C 1761 30.48 -27.75 -37.74
C LEU C 1761 31.63 -26.83 -37.35
N ASP C 1762 32.83 -27.05 -37.87
CA ASP C 1762 33.97 -26.24 -37.48
C ASP C 1762 33.73 -24.78 -37.83
N GLY C 1763 34.17 -23.89 -36.94
CA GLY C 1763 33.94 -22.46 -37.12
C GLY C 1763 32.57 -22.01 -36.67
N GLY C 1764 31.78 -22.87 -36.05
CA GLY C 1764 30.45 -22.50 -35.59
C GLY C 1764 29.53 -22.12 -36.73
N ASN C 1765 29.26 -23.05 -37.63
CA ASN C 1765 28.38 -22.80 -38.76
C ASN C 1765 26.93 -22.85 -38.29
N THR C 1766 26.28 -21.68 -38.28
CA THR C 1766 24.90 -21.62 -37.77
C THR C 1766 23.97 -22.46 -38.63
N GLU C 1767 24.13 -22.42 -39.95
CA GLU C 1767 23.26 -23.21 -40.82
C GLU C 1767 23.42 -24.70 -40.55
N ILE C 1768 24.66 -25.17 -40.37
CA ILE C 1768 24.88 -26.59 -40.12
C ILE C 1768 24.34 -26.98 -38.75
N GLN C 1769 24.50 -26.11 -37.75
CA GLN C 1769 23.94 -26.40 -36.43
C GLN C 1769 22.41 -26.51 -36.51
N LYS C 1770 21.77 -25.58 -37.22
CA LYS C 1770 20.33 -25.64 -37.38
C LYS C 1770 19.91 -26.89 -38.15
N SER C 1771 20.69 -27.30 -39.16
CA SER C 1771 20.37 -28.52 -39.89
C SER C 1771 20.44 -29.74 -38.97
N PHE C 1772 21.50 -29.83 -38.17
CA PHE C 1772 21.61 -30.94 -37.21
C PHE C 1772 20.43 -30.93 -36.26
N HIS C 1773 20.08 -29.75 -35.74
CA HIS C 1773 18.98 -29.65 -34.78
C HIS C 1773 17.65 -30.06 -35.42
N ASN C 1774 17.42 -29.66 -36.67
CA ASN C 1774 16.20 -30.04 -37.35
C ASN C 1774 16.14 -31.54 -37.60
N LEU C 1775 17.26 -32.13 -38.03
CA LEU C 1775 17.28 -33.58 -38.21
C LEU C 1775 16.98 -34.29 -36.89
N MET C 1776 17.59 -33.83 -35.81
CA MET C 1776 17.40 -34.49 -34.53
C MET C 1776 15.96 -34.34 -34.03
N MET C 1777 15.35 -33.17 -34.23
CA MET C 1777 13.97 -32.99 -33.80
C MET C 1777 13.02 -33.84 -34.64
N SER C 1778 13.10 -33.73 -35.96
CA SER C 1778 12.08 -34.37 -36.81
C SER C 1778 12.28 -35.88 -36.89
N ASP C 1779 13.52 -36.33 -37.05
CA ASP C 1779 13.77 -37.75 -37.27
C ASP C 1779 13.39 -38.56 -36.04
N LYS C 1780 12.97 -39.80 -36.27
CA LYS C 1780 12.55 -40.69 -35.19
C LYS C 1780 13.71 -41.44 -34.55
N LYS C 1781 14.93 -41.27 -35.06
CA LYS C 1781 16.11 -41.94 -34.51
C LYS C 1781 16.99 -41.01 -33.67
N SER C 1782 16.50 -39.81 -33.36
CA SER C 1782 17.23 -38.94 -32.44
C SER C 1782 17.50 -39.64 -31.12
N GLU C 1783 16.53 -40.43 -30.65
CA GLU C 1783 16.75 -41.26 -29.47
C GLU C 1783 17.97 -42.13 -29.66
N ARG C 1784 18.09 -42.79 -30.82
CA ARG C 1784 19.23 -43.67 -31.06
C ARG C 1784 20.53 -42.88 -31.10
N PHE C 1785 20.53 -41.70 -31.73
CA PHE C 1785 21.74 -40.89 -31.81
C PHE C 1785 22.24 -40.51 -30.41
N PHE C 1786 21.35 -39.93 -29.61
CA PHE C 1786 21.75 -39.54 -28.26
C PHE C 1786 22.11 -40.77 -27.44
N LYS C 1787 21.42 -41.88 -27.66
CA LYS C 1787 21.69 -43.09 -26.90
C LYS C 1787 23.08 -43.63 -27.21
N VAL C 1788 23.48 -43.64 -28.48
CA VAL C 1788 24.80 -44.14 -28.82
C VAL C 1788 25.88 -43.24 -28.24
N LEU C 1789 25.69 -41.92 -28.35
CA LEU C 1789 26.69 -41.02 -27.77
C LEU C 1789 26.79 -41.22 -26.26
N HIS C 1790 25.65 -41.31 -25.58
CA HIS C 1790 25.65 -41.49 -24.14
C HIS C 1790 26.26 -42.83 -23.74
N ASP C 1791 25.96 -43.89 -24.49
CA ASP C 1791 26.51 -45.20 -24.18
C ASP C 1791 28.02 -45.21 -24.33
N ARG C 1792 28.54 -44.56 -25.38
CA ARG C 1792 29.98 -44.47 -25.52
C ARG C 1792 30.59 -43.68 -24.36
N MET C 1793 29.94 -42.60 -23.93
CA MET C 1793 30.45 -41.85 -22.79
C MET C 1793 30.49 -42.72 -21.52
N LYS C 1794 29.42 -43.48 -21.28
CA LYS C 1794 29.39 -44.34 -20.09
C LYS C 1794 30.45 -45.42 -20.17
N ARG C 1795 30.64 -46.01 -21.34
CA ARG C 1795 31.69 -47.02 -21.50
C ARG C 1795 33.06 -46.43 -21.20
N ALA C 1796 33.31 -45.22 -21.71
CA ALA C 1796 34.58 -44.57 -21.41
C ALA C 1796 34.74 -44.29 -19.92
N GLN C 1797 33.66 -43.89 -19.26
CA GLN C 1797 33.72 -43.67 -17.82
C GLN C 1797 34.08 -44.95 -17.08
N GLN C 1798 33.46 -46.07 -17.46
CA GLN C 1798 33.76 -47.34 -16.82
C GLN C 1798 35.23 -47.73 -17.05
N GLU C 1799 35.70 -47.58 -18.28
CA GLU C 1799 37.09 -47.93 -18.58
C GLU C 1799 38.04 -47.06 -17.79
N THR C 1800 37.73 -45.76 -17.66
CA THR C 1800 38.59 -44.85 -16.92
C THR C 1800 38.60 -45.23 -15.44
N LYS C 1801 37.45 -45.61 -14.89
CA LYS C 1801 37.42 -46.07 -13.51
C LYS C 1801 38.30 -47.30 -13.33
N SER C 1802 38.22 -48.25 -14.26
CA SER C 1802 39.06 -49.44 -14.16
C SER C 1802 40.55 -49.07 -14.21
N THR C 1803 40.92 -48.19 -15.12
CA THR C 1803 42.32 -47.80 -15.24
C THR C 1803 42.79 -47.06 -13.99
N VAL C 1804 41.95 -46.19 -13.43
CA VAL C 1804 42.33 -45.47 -12.21
C VAL C 1804 42.51 -46.45 -11.06
N ALA C 1805 41.62 -47.44 -10.96
CA ALA C 1805 41.79 -48.47 -9.95
C ALA C 1805 43.10 -49.21 -10.15
N VAL C 1806 43.47 -49.49 -11.40
CA VAL C 1806 44.75 -50.14 -11.68
C VAL C 1806 45.89 -49.27 -11.19
N ASN C 1807 45.84 -47.97 -11.47
CA ASN C 1807 46.88 -47.04 -11.07
C ASN C 1807 46.50 -46.33 -9.78
N MET C 1863 45.99 -45.46 -23.59
CA MET C 1863 45.05 -45.46 -22.48
C MET C 1863 43.73 -46.11 -22.90
N GLY C 1864 43.74 -46.84 -24.01
CA GLY C 1864 42.55 -47.48 -24.50
C GLY C 1864 41.88 -46.67 -25.60
N THR C 1865 41.25 -47.38 -26.53
CA THR C 1865 40.54 -46.70 -27.63
C THR C 1865 39.28 -46.02 -27.12
N SER C 1866 38.65 -46.57 -26.09
CA SER C 1866 37.43 -45.99 -25.56
C SER C 1866 37.67 -44.59 -25.02
N VAL C 1867 38.79 -44.39 -24.32
CA VAL C 1867 39.12 -43.06 -23.81
C VAL C 1867 39.47 -42.13 -24.97
N LEU C 1868 40.17 -42.65 -25.98
CA LEU C 1868 40.57 -41.82 -27.11
C LEU C 1868 39.36 -41.31 -27.88
N ILE C 1869 38.32 -42.13 -28.01
CA ILE C 1869 37.18 -41.75 -28.83
C ILE C 1869 36.48 -40.51 -28.29
N MET C 1870 36.71 -40.19 -27.01
CA MET C 1870 35.98 -39.09 -26.39
C MET C 1870 36.30 -37.74 -27.03
N GLN C 1871 37.59 -37.48 -27.28
CA GLN C 1871 37.99 -36.16 -27.77
C GLN C 1871 37.19 -35.74 -29.00
N PRO C 1872 37.04 -36.57 -30.03
CA PRO C 1872 36.14 -36.19 -31.14
C PRO C 1872 34.71 -35.92 -30.68
N ILE C 1873 34.18 -36.72 -29.75
CA ILE C 1873 32.79 -36.53 -29.33
C ILE C 1873 32.63 -35.22 -28.57
N LEU C 1874 33.57 -34.92 -27.68
CA LEU C 1874 33.51 -33.66 -26.94
C LEU C 1874 33.66 -32.47 -27.88
N ARG C 1875 34.55 -32.57 -28.87
CA ARG C 1875 34.67 -31.50 -29.85
C ARG C 1875 33.38 -31.33 -30.65
N PHE C 1876 32.74 -32.45 -31.02
CA PHE C 1876 31.50 -32.38 -31.76
C PHE C 1876 30.42 -31.67 -30.95
N LEU C 1877 30.29 -32.01 -29.66
CA LEU C 1877 29.29 -31.35 -28.84
C LEU C 1877 29.61 -29.87 -28.64
N GLN C 1878 30.90 -29.55 -28.44
CA GLN C 1878 31.29 -28.15 -28.30
C GLN C 1878 30.94 -27.36 -29.56
N LEU C 1879 31.17 -27.95 -30.74
CA LEU C 1879 30.82 -27.25 -31.97
C LEU C 1879 29.32 -27.16 -32.16
N LEU C 1880 28.58 -28.16 -31.69
CA LEU C 1880 27.13 -28.09 -31.73
C LEU C 1880 26.62 -26.90 -30.92
N CYS C 1881 27.21 -26.67 -29.75
CA CYS C 1881 26.83 -25.56 -28.90
C CYS C 1881 27.60 -24.28 -29.16
N GLU C 1882 28.49 -24.27 -30.16
CA GLU C 1882 29.32 -23.11 -30.41
C GLU C 1882 28.47 -21.92 -30.85
N ASN C 1883 29.02 -20.71 -30.64
CA ASN C 1883 28.36 -19.45 -30.96
C ASN C 1883 27.09 -19.24 -30.16
N HIS C 1884 26.97 -19.90 -29.01
CA HIS C 1884 25.84 -19.71 -28.10
C HIS C 1884 24.51 -20.00 -28.79
N ASN C 1885 24.37 -21.25 -29.23
CA ASN C 1885 23.12 -21.72 -29.84
C ASN C 1885 22.26 -22.29 -28.73
N ARG C 1886 21.33 -21.47 -28.22
CA ARG C 1886 20.55 -21.87 -27.05
C ARG C 1886 19.71 -23.10 -27.33
N ASP C 1887 19.17 -23.21 -28.55
CA ASP C 1887 18.35 -24.38 -28.88
C ASP C 1887 19.15 -25.66 -28.72
N LEU C 1888 20.36 -25.71 -29.30
CA LEU C 1888 21.17 -26.91 -29.18
C LEU C 1888 21.63 -27.12 -27.74
N GLN C 1889 21.97 -26.03 -27.04
CA GLN C 1889 22.43 -26.15 -25.66
C GLN C 1889 21.36 -26.80 -24.79
N ASN C 1890 20.10 -26.39 -24.97
CA ASN C 1890 19.02 -26.98 -24.19
C ASN C 1890 18.66 -28.37 -24.69
N PHE C 1891 18.80 -28.61 -26.00
CA PHE C 1891 18.46 -29.91 -26.56
C PHE C 1891 19.40 -30.99 -26.05
N LEU C 1892 20.68 -30.68 -25.93
CA LEU C 1892 21.62 -31.67 -25.41
C LEU C 1892 21.22 -32.12 -24.02
N ARG C 1893 20.80 -31.18 -23.16
CA ARG C 1893 20.34 -31.54 -21.83
C ARG C 1893 19.04 -32.34 -21.89
N CYS C 1894 18.06 -31.87 -22.65
CA CYS C 1894 16.75 -32.50 -22.74
C CYS C 1894 16.40 -32.69 -24.20
N GLN C 1895 16.10 -33.94 -24.59
CA GLN C 1895 15.80 -34.26 -25.97
C GLN C 1895 14.31 -34.31 -26.28
N ASN C 1896 13.45 -34.16 -25.27
CA ASN C 1896 12.00 -34.19 -25.47
C ASN C 1896 11.57 -35.46 -26.19
N ASN C 1897 12.16 -36.58 -25.80
CA ASN C 1897 11.83 -37.89 -26.34
C ASN C 1897 11.29 -38.79 -25.23
N LYS C 1898 11.00 -40.05 -25.58
CA LYS C 1898 10.50 -40.99 -24.58
C LYS C 1898 11.53 -41.20 -23.47
N THR C 1899 12.80 -41.35 -23.85
CA THR C 1899 13.90 -41.42 -22.90
C THR C 1899 14.85 -40.27 -23.18
N ASN C 1900 15.16 -39.50 -22.14
CA ASN C 1900 15.99 -38.30 -22.27
C ASN C 1900 17.38 -38.59 -21.70
N TYR C 1901 18.41 -38.35 -22.52
CA TYR C 1901 19.79 -38.57 -22.13
C TYR C 1901 20.47 -37.21 -22.02
N ASN C 1902 20.88 -36.86 -20.81
CA ASN C 1902 21.48 -35.55 -20.53
C ASN C 1902 22.99 -35.68 -20.67
N LEU C 1903 23.53 -35.19 -21.79
CA LEU C 1903 24.97 -35.26 -22.01
C LEU C 1903 25.72 -34.17 -21.24
N VAL C 1904 25.03 -33.10 -20.85
CA VAL C 1904 25.70 -32.03 -20.11
C VAL C 1904 26.22 -32.55 -18.77
N CYS C 1905 25.40 -33.33 -18.06
CA CYS C 1905 25.85 -33.90 -16.80
C CYS C 1905 26.84 -35.03 -17.04
N GLU C 1906 26.72 -35.72 -18.19
CA GLU C 1906 27.66 -36.78 -18.51
C GLU C 1906 29.07 -36.23 -18.70
N THR C 1907 29.19 -35.05 -19.31
CA THR C 1907 30.51 -34.44 -19.47
C THR C 1907 31.15 -34.16 -18.10
N LEU C 1908 30.36 -33.60 -17.17
CA LEU C 1908 30.88 -33.34 -15.83
C LEU C 1908 31.25 -34.65 -15.13
N GLN C 1909 30.43 -35.69 -15.33
CA GLN C 1909 30.76 -36.99 -14.74
C GLN C 1909 32.06 -37.54 -15.31
N PHE C 1910 32.28 -37.37 -16.60
CA PHE C 1910 33.54 -37.79 -17.20
C PHE C 1910 34.72 -37.04 -16.59
N LEU C 1911 34.59 -35.72 -16.45
CA LEU C 1911 35.65 -34.96 -15.79
C LEU C 1911 35.90 -35.48 -14.38
N ASP C 1912 34.82 -35.71 -13.63
CA ASP C 1912 34.94 -36.18 -12.24
C ASP C 1912 35.67 -37.51 -12.19
N ILE C 1913 35.24 -38.48 -13.00
CA ILE C 1913 35.82 -39.82 -12.94
C ILE C 1913 37.26 -39.80 -13.43
N MET C 1914 37.56 -38.99 -14.44
CA MET C 1914 38.93 -38.90 -14.94
C MET C 1914 39.84 -38.28 -13.89
N CYS C 1915 39.36 -37.28 -13.16
CA CYS C 1915 40.18 -36.58 -12.18
C CYS C 1915 40.17 -37.25 -10.80
N GLY C 1916 39.36 -38.28 -10.61
CA GLY C 1916 39.47 -39.12 -9.42
C GLY C 1916 38.40 -38.94 -8.38
N SER C 1917 37.38 -38.12 -8.62
CA SER C 1917 36.24 -37.96 -7.70
C SER C 1917 36.78 -37.40 -6.39
N THR C 1918 36.41 -37.96 -5.23
CA THR C 1918 36.64 -37.28 -3.96
C THR C 1918 38.13 -37.10 -3.68
N THR C 1919 38.95 -38.11 -3.98
CA THR C 1919 40.37 -38.05 -3.64
C THR C 1919 41.06 -36.90 -4.36
N GLY C 1920 40.75 -36.70 -5.64
CA GLY C 1920 41.32 -35.59 -6.37
C GLY C 1920 41.01 -34.26 -5.71
N GLY C 1921 39.77 -34.09 -5.25
CA GLY C 1921 39.44 -32.89 -4.50
C GLY C 1921 40.21 -32.80 -3.19
N LEU C 1922 40.42 -33.95 -2.53
CA LEU C 1922 41.23 -33.96 -1.32
C LEU C 1922 42.64 -33.48 -1.60
N GLY C 1923 43.11 -33.66 -2.84
CA GLY C 1923 44.40 -33.11 -3.23
C GLY C 1923 45.27 -34.01 -4.08
N LEU C 1924 44.76 -35.17 -4.46
CA LEU C 1924 45.49 -36.08 -5.34
C LEU C 1924 45.22 -35.77 -6.82
N LEU C 1925 44.69 -34.58 -7.11
CA LEU C 1925 44.46 -34.19 -8.49
C LEU C 1925 45.76 -34.18 -9.28
N GLY C 1926 46.85 -33.69 -8.67
CA GLY C 1926 48.12 -33.69 -9.36
C GLY C 1926 48.57 -35.09 -9.74
N LEU C 1927 48.43 -36.04 -8.81
CA LEU C 1927 48.78 -37.42 -9.13
C LEU C 1927 47.91 -37.98 -10.24
N TYR C 1928 46.60 -37.70 -10.19
CA TYR C 1928 45.69 -38.31 -11.17
C TYR C 1928 45.91 -37.74 -12.57
N ILE C 1929 46.20 -36.44 -12.67
CA ILE C 1929 46.45 -35.84 -13.98
C ILE C 1929 47.84 -36.22 -14.45
N ASN C 1930 47.95 -36.51 -15.75
CA ASN C 1930 49.23 -36.82 -16.38
C ASN C 1930 49.32 -36.06 -17.70
N GLU C 1931 50.55 -35.99 -18.23
CA GLU C 1931 50.76 -35.26 -19.48
C GLU C 1931 49.91 -35.82 -20.61
N ASP C 1932 49.59 -37.11 -20.56
CA ASP C 1932 48.90 -37.74 -21.68
C ASP C 1932 47.43 -37.33 -21.75
N ASN C 1933 46.75 -37.25 -20.62
CA ASN C 1933 45.32 -36.96 -20.56
C ASN C 1933 45.02 -35.48 -20.32
N VAL C 1934 46.06 -34.64 -20.26
CA VAL C 1934 45.84 -33.21 -20.03
C VAL C 1934 45.00 -32.61 -21.16
N GLY C 1935 45.26 -33.04 -22.39
CA GLY C 1935 44.47 -32.55 -23.51
C GLY C 1935 42.99 -32.88 -23.38
N LEU C 1936 42.69 -34.12 -22.97
CA LEU C 1936 41.30 -34.51 -22.82
C LEU C 1936 40.64 -33.76 -21.66
N VAL C 1937 41.37 -33.54 -20.57
CA VAL C 1937 40.82 -32.74 -19.48
C VAL C 1937 40.50 -31.32 -19.96
N ILE C 1938 41.42 -30.73 -20.73
CA ILE C 1938 41.20 -29.40 -21.26
C ILE C 1938 39.98 -29.38 -22.16
N GLN C 1939 39.83 -30.39 -23.01
CA GLN C 1939 38.68 -30.45 -23.91
C GLN C 1939 37.38 -30.59 -23.11
N THR C 1940 37.39 -31.40 -22.06
CA THR C 1940 36.19 -31.53 -21.23
C THR C 1940 35.81 -30.20 -20.60
N LEU C 1941 36.79 -29.47 -20.06
CA LEU C 1941 36.51 -28.16 -19.48
C LEU C 1941 35.97 -27.20 -20.53
N GLU C 1942 36.57 -27.19 -21.72
CA GLU C 1942 36.09 -26.31 -22.78
C GLU C 1942 34.66 -26.66 -23.19
N THR C 1943 34.35 -27.95 -23.29
CA THR C 1943 33.00 -28.35 -23.65
C THR C 1943 32.00 -27.93 -22.60
N LEU C 1944 32.36 -28.06 -21.32
CA LEU C 1944 31.45 -27.61 -20.26
C LEU C 1944 31.27 -26.09 -20.31
N THR C 1945 32.34 -25.35 -20.59
CA THR C 1945 32.21 -23.91 -20.74
C THR C 1945 31.27 -23.55 -21.88
N GLU C 1946 31.39 -24.25 -23.01
CA GLU C 1946 30.50 -24.01 -24.13
C GLU C 1946 29.05 -24.34 -23.76
N TYR C 1947 28.84 -25.42 -23.02
CA TYR C 1947 27.49 -25.75 -22.56
C TYR C 1947 26.92 -24.61 -21.72
N CYS C 1948 27.70 -24.11 -20.75
CA CYS C 1948 27.18 -23.17 -19.77
C CYS C 1948 27.01 -21.75 -20.33
N GLN C 1949 27.90 -21.30 -21.21
CA GLN C 1949 27.88 -19.91 -21.63
C GLN C 1949 26.65 -19.61 -22.48
N GLY C 1950 26.32 -18.33 -22.59
CA GLY C 1950 25.24 -17.85 -23.42
C GLY C 1950 24.36 -16.80 -22.79
N PRO C 1951 24.07 -16.90 -21.48
CA PRO C 1951 24.21 -18.03 -20.56
C PRO C 1951 23.04 -19.00 -20.67
N CYS C 1952 23.24 -20.28 -20.38
CA CYS C 1952 22.15 -21.25 -20.30
C CYS C 1952 21.92 -21.53 -18.82
N HIS C 1953 20.86 -20.94 -18.27
CA HIS C 1953 20.62 -21.03 -16.84
C HIS C 1953 20.41 -22.47 -16.39
N GLU C 1954 19.67 -23.26 -17.19
CA GLU C 1954 19.43 -24.64 -16.83
C GLU C 1954 20.73 -25.44 -16.78
N ASN C 1955 21.61 -25.25 -17.77
CA ASN C 1955 22.88 -25.95 -17.77
C ASN C 1955 23.76 -25.52 -16.61
N GLN C 1956 23.79 -24.21 -16.33
CA GLN C 1956 24.58 -23.73 -15.20
C GLN C 1956 24.09 -24.36 -13.90
N THR C 1957 22.78 -24.38 -13.69
CA THR C 1957 22.23 -24.98 -12.49
C THR C 1957 22.53 -26.47 -12.43
N CYS C 1958 22.45 -27.15 -13.58
CA CYS C 1958 22.78 -28.58 -13.61
C CYS C 1958 24.22 -28.81 -13.16
N ILE C 1959 25.16 -28.06 -13.73
CA ILE C 1959 26.56 -28.25 -13.36
C ILE C 1959 26.77 -27.93 -11.89
N VAL C 1960 26.14 -26.87 -11.39
CA VAL C 1960 26.37 -26.46 -10.01
C VAL C 1960 25.78 -27.48 -9.03
N THR C 1961 24.60 -28.02 -9.35
CA THR C 1961 23.83 -28.82 -8.41
C THR C 1961 23.94 -30.32 -8.65
N HIS C 1962 24.74 -30.76 -9.61
CA HIS C 1962 24.82 -32.19 -9.88
C HIS C 1962 25.33 -32.94 -8.66
N GLU C 1963 24.82 -34.15 -8.48
CA GLU C 1963 25.19 -34.97 -7.33
C GLU C 1963 26.65 -35.37 -7.34
N SER C 1964 27.29 -35.39 -8.52
CA SER C 1964 28.67 -35.82 -8.60
C SER C 1964 29.62 -34.85 -7.89
N ASN C 1965 29.21 -33.61 -7.68
CA ASN C 1965 30.04 -32.62 -7.01
C ASN C 1965 31.30 -32.33 -7.82
N GLY C 1966 31.14 -32.12 -9.13
CA GLY C 1966 32.29 -31.81 -9.97
C GLY C 1966 32.76 -30.38 -9.82
N ILE C 1967 31.95 -29.53 -9.18
CA ILE C 1967 32.41 -28.17 -8.89
C ILE C 1967 33.61 -28.22 -7.96
N ASP C 1968 33.68 -29.22 -7.08
CA ASP C 1968 34.86 -29.38 -6.24
C ASP C 1968 36.10 -29.63 -7.08
N ILE C 1969 35.98 -30.49 -8.10
CA ILE C 1969 37.12 -30.74 -8.98
C ILE C 1969 37.50 -29.48 -9.74
N ILE C 1970 36.50 -28.75 -10.23
CA ILE C 1970 36.78 -27.54 -11.01
C ILE C 1970 37.52 -26.51 -10.15
N THR C 1971 37.08 -26.33 -8.90
CA THR C 1971 37.74 -25.38 -8.02
C THR C 1971 39.12 -25.90 -7.59
N ALA C 1972 39.25 -27.22 -7.44
CA ALA C 1972 40.53 -27.79 -7.06
C ALA C 1972 41.57 -27.61 -8.15
N LEU C 1973 41.13 -27.60 -9.41
CA LEU C 1973 42.09 -27.31 -10.48
C LEU C 1973 42.70 -25.93 -10.30
N ILE C 1974 41.89 -24.93 -9.95
CA ILE C 1974 42.41 -23.59 -9.75
C ILE C 1974 43.28 -23.52 -8.50
N LEU C 1975 42.79 -24.06 -7.38
CA LEU C 1975 43.49 -23.88 -6.12
C LEU C 1975 44.79 -24.69 -6.07
N ASN C 1976 44.75 -25.93 -6.56
CA ASN C 1976 45.91 -26.81 -6.48
C ASN C 1976 47.01 -26.34 -7.42
N ASP C 1977 48.21 -26.86 -7.18
CA ASP C 1977 49.38 -26.54 -8.00
C ASP C 1977 49.67 -27.58 -9.07
N ILE C 1978 49.04 -28.75 -9.01
CA ILE C 1978 49.35 -29.84 -9.92
C ILE C 1978 50.85 -30.08 -9.85
N SER C 1979 51.35 -30.37 -8.65
CA SER C 1979 52.79 -30.43 -8.43
C SER C 1979 53.50 -31.41 -9.35
N PRO C 1980 53.00 -32.63 -9.59
CA PRO C 1980 53.79 -33.59 -10.39
C PRO C 1980 54.12 -33.10 -11.79
N LEU C 1981 53.23 -32.33 -12.42
CA LEU C 1981 53.41 -31.97 -13.83
C LEU C 1981 53.93 -30.56 -14.04
N CYS C 1982 53.84 -29.68 -13.04
CA CYS C 1982 54.28 -28.31 -13.24
C CYS C 1982 55.77 -28.24 -13.56
N LYS C 1983 56.57 -29.04 -12.86
CA LYS C 1983 58.02 -29.02 -13.08
C LYS C 1983 58.35 -29.38 -14.51
N TYR C 1984 57.73 -30.43 -15.04
CA TYR C 1984 58.04 -30.89 -16.39
C TYR C 1984 57.48 -29.95 -17.45
N ARG C 1985 56.22 -29.50 -17.27
CA ARG C 1985 55.54 -28.70 -18.28
C ARG C 1985 54.60 -27.72 -17.57
N MET C 1986 55.03 -26.46 -17.50
CA MET C 1986 54.19 -25.42 -16.89
C MET C 1986 53.07 -24.98 -17.82
N ASP C 1987 53.31 -25.02 -19.13
CA ASP C 1987 52.35 -24.46 -20.08
C ASP C 1987 51.01 -25.18 -20.01
N LEU C 1988 51.03 -26.51 -19.95
CA LEU C 1988 49.79 -27.26 -19.92
C LEU C 1988 49.02 -27.02 -18.63
N VAL C 1989 49.75 -26.91 -17.51
CA VAL C 1989 49.10 -26.61 -16.23
C VAL C 1989 48.45 -25.23 -16.28
N LEU C 1990 49.14 -24.26 -16.86
CA LEU C 1990 48.56 -22.92 -17.01
C LEU C 1990 47.31 -22.96 -17.89
N GLN C 1991 47.36 -23.75 -18.96
CA GLN C 1991 46.18 -23.89 -19.82
C GLN C 1991 45.01 -24.47 -19.05
N LEU C 1992 45.26 -25.51 -18.25
CA LEU C 1992 44.21 -26.11 -17.45
C LEU C 1992 43.63 -25.12 -16.47
N LYS C 1993 44.49 -24.33 -15.80
CA LYS C 1993 44.01 -23.33 -14.87
C LYS C 1993 43.13 -22.30 -15.57
N ASP C 1994 43.58 -21.83 -16.74
CA ASP C 1994 42.79 -20.84 -17.47
C ASP C 1994 41.44 -21.40 -17.88
N ASN C 1995 41.41 -22.64 -18.36
CA ASN C 1995 40.14 -23.25 -18.76
C ASN C 1995 39.20 -23.41 -17.56
N ALA C 1996 39.74 -23.82 -16.41
CA ALA C 1996 38.91 -23.95 -15.22
C ALA C 1996 38.34 -22.59 -14.80
N SER C 1997 39.17 -21.56 -14.83
CA SER C 1997 38.69 -20.22 -14.49
C SER C 1997 37.59 -19.78 -15.43
N LYS C 1998 37.76 -20.03 -16.74
CA LYS C 1998 36.73 -19.67 -17.70
C LYS C 1998 35.44 -20.43 -17.42
N LEU C 1999 35.54 -21.72 -17.09
CA LEU C 1999 34.35 -22.50 -16.78
C LEU C 1999 33.61 -21.94 -15.57
N LEU C 2000 34.35 -21.58 -14.51
CA LEU C 2000 33.70 -21.02 -13.34
C LEU C 2000 33.06 -19.67 -13.64
N LEU C 2001 33.74 -18.84 -14.42
CA LEU C 2001 33.15 -17.55 -14.80
C LEU C 2001 31.87 -17.76 -15.61
N ALA C 2002 31.88 -18.73 -16.52
CA ALA C 2002 30.67 -19.04 -17.28
C ALA C 2002 29.56 -19.50 -16.35
N LEU C 2003 29.89 -20.32 -15.36
CA LEU C 2003 28.89 -20.77 -14.39
C LEU C 2003 28.30 -19.59 -13.61
N MET C 2004 29.10 -18.57 -13.34
CA MET C 2004 28.62 -17.37 -12.64
C MET C 2004 28.37 -16.21 -13.60
N GLU C 2005 28.09 -16.51 -14.87
CA GLU C 2005 28.00 -15.47 -15.89
C GLU C 2005 26.99 -14.39 -15.51
N SER C 2006 25.70 -14.76 -15.45
CA SER C 2006 24.65 -13.76 -15.28
C SER C 2006 23.58 -14.18 -14.29
N ARG C 2007 23.95 -14.81 -13.18
CA ARG C 2007 22.99 -15.22 -12.17
C ARG C 2007 22.98 -14.18 -11.05
N HIS C 2008 21.90 -13.40 -10.98
CA HIS C 2008 21.77 -12.42 -9.90
C HIS C 2008 21.71 -13.09 -8.54
N ASP C 2009 21.02 -14.24 -8.46
CA ASP C 2009 21.00 -15.00 -7.22
C ASP C 2009 22.40 -15.51 -6.90
N SER C 2010 22.66 -15.68 -5.61
CA SER C 2010 24.00 -15.98 -5.12
C SER C 2010 24.27 -17.46 -4.92
N GLU C 2011 23.30 -18.33 -5.23
CA GLU C 2011 23.43 -19.74 -4.87
C GLU C 2011 24.68 -20.36 -5.50
N ASN C 2012 24.89 -20.13 -6.79
CA ASN C 2012 26.08 -20.68 -7.45
C ASN C 2012 27.35 -20.10 -6.85
N ALA C 2013 27.34 -18.81 -6.52
CA ALA C 2013 28.51 -18.18 -5.92
C ALA C 2013 28.85 -18.83 -4.59
N GLU C 2014 27.84 -19.09 -3.74
CA GLU C 2014 28.09 -19.74 -2.46
C GLU C 2014 28.59 -21.17 -2.67
N ARG C 2015 28.00 -21.90 -3.61
CA ARG C 2015 28.46 -23.27 -3.85
C ARG C 2015 29.92 -23.27 -4.29
N ILE C 2016 30.30 -22.36 -5.17
CA ILE C 2016 31.70 -22.27 -5.57
C ILE C 2016 32.58 -21.88 -4.39
N LEU C 2017 32.14 -20.88 -3.60
CA LEU C 2017 32.94 -20.40 -2.48
C LEU C 2017 33.20 -21.50 -1.46
N ILE C 2018 32.26 -22.42 -1.29
CA ILE C 2018 32.43 -23.48 -0.29
C ILE C 2018 33.74 -24.22 -0.53
N SER C 2019 34.03 -24.55 -1.79
CA SER C 2019 35.27 -25.24 -2.12
C SER C 2019 36.43 -24.28 -2.40
N LEU C 2020 36.14 -23.07 -2.89
CA LEU C 2020 37.18 -22.10 -3.23
C LEU C 2020 37.31 -21.11 -2.08
N ARG C 2021 38.06 -21.52 -1.06
CA ARG C 2021 38.23 -20.68 0.11
C ARG C 2021 39.01 -19.42 -0.26
N PRO C 2022 38.72 -18.30 0.40
CA PRO C 2022 39.23 -17.00 -0.09
C PRO C 2022 40.75 -16.88 -0.09
N GLN C 2023 41.42 -17.34 0.96
CA GLN C 2023 42.84 -17.03 1.11
C GLN C 2023 43.68 -17.63 -0.02
N GLU C 2024 43.41 -18.89 -0.38
CA GLU C 2024 44.21 -19.55 -1.39
C GLU C 2024 44.03 -18.90 -2.75
N LEU C 2025 42.84 -18.35 -3.02
CA LEU C 2025 42.62 -17.68 -4.29
C LEU C 2025 43.54 -16.47 -4.45
N VAL C 2026 43.63 -15.64 -3.41
CA VAL C 2026 44.53 -14.49 -3.47
C VAL C 2026 45.98 -14.94 -3.50
N ASP C 2027 46.30 -16.03 -2.80
CA ASP C 2027 47.65 -16.57 -2.85
C ASP C 2027 48.02 -16.96 -4.27
N VAL C 2028 47.12 -17.64 -4.98
CA VAL C 2028 47.38 -18.03 -6.36
C VAL C 2028 47.48 -16.80 -7.26
N ILE C 2029 46.63 -15.81 -7.03
CA ILE C 2029 46.67 -14.59 -7.85
C ILE C 2029 48.03 -13.93 -7.74
N LYS C 2030 48.54 -13.80 -6.51
CA LYS C 2030 49.86 -13.19 -6.34
C LYS C 2030 50.96 -14.08 -6.87
N LYS C 2031 50.82 -15.40 -6.70
CA LYS C 2031 51.84 -16.33 -7.16
C LYS C 2031 52.01 -16.27 -8.67
N ALA C 2032 50.91 -16.12 -9.41
CA ALA C 2032 51.02 -16.02 -10.86
C ALA C 2032 51.82 -14.79 -11.27
N TYR C 2033 51.50 -13.64 -10.67
CA TYR C 2033 52.21 -12.42 -10.99
C TYR C 2033 53.70 -12.55 -10.68
N LEU C 2034 54.02 -13.14 -9.53
CA LEU C 2034 55.43 -13.33 -9.20
C LEU C 2034 56.09 -14.36 -10.12
N GLN C 2035 55.31 -15.32 -10.61
CA GLN C 2035 55.82 -16.33 -11.53
C GLN C 2035 56.07 -15.76 -12.92
N GLU C 2036 55.47 -14.61 -13.25
CA GLU C 2036 55.73 -14.00 -14.54
C GLU C 2036 57.23 -13.88 -14.80
N GLU C 2037 58.00 -13.51 -13.78
CA GLU C 2037 59.45 -13.41 -13.96
C GLU C 2037 60.05 -14.76 -14.32
N GLU C 2038 59.44 -15.85 -13.85
CA GLU C 2038 59.90 -17.20 -14.17
C GLU C 2038 59.28 -17.74 -15.44
N ARG C 2039 58.48 -16.94 -16.14
CA ARG C 2039 57.82 -17.41 -17.36
C ARG C 2039 58.84 -17.79 -18.43
N GLU C 2040 58.50 -18.82 -19.20
CA GLU C 2040 59.22 -19.16 -20.42
C GLU C 2040 58.33 -18.88 -21.62
N ASN C 2041 58.95 -18.48 -22.72
CA ASN C 2041 58.21 -18.08 -23.91
C ASN C 2041 57.17 -19.13 -24.27
N SER C 2042 55.90 -18.72 -24.29
CA SER C 2042 54.81 -19.62 -24.59
C SER C 2042 53.56 -18.78 -24.89
N GLU C 2043 52.55 -19.44 -25.45
CA GLU C 2043 51.30 -18.75 -25.77
C GLU C 2043 50.63 -18.22 -24.51
N VAL C 2044 50.60 -19.01 -23.44
CA VAL C 2044 49.95 -18.62 -22.21
C VAL C 2044 50.87 -17.68 -21.42
N SER C 2045 50.27 -16.90 -20.53
CA SER C 2045 51.02 -15.97 -19.70
C SER C 2045 50.55 -16.06 -18.26
N PRO C 2046 51.47 -16.20 -17.30
CA PRO C 2046 51.04 -16.18 -15.89
C PRO C 2046 50.30 -14.90 -15.51
N ARG C 2047 50.69 -13.76 -16.08
CA ARG C 2047 49.97 -12.53 -15.80
C ARG C 2047 48.53 -12.61 -16.30
N GLU C 2048 48.33 -13.17 -17.49
CA GLU C 2048 46.96 -13.30 -18.01
C GLU C 2048 46.13 -14.24 -17.14
N VAL C 2049 46.73 -15.37 -16.74
CA VAL C 2049 46.00 -16.31 -15.89
C VAL C 2049 45.66 -15.66 -14.55
N GLY C 2050 46.61 -14.91 -13.97
CA GLY C 2050 46.33 -14.21 -12.73
C GLY C 2050 45.26 -13.16 -12.88
N HIS C 2051 45.22 -12.48 -14.03
CA HIS C 2051 44.18 -11.50 -14.28
C HIS C 2051 42.81 -12.17 -14.36
N ASN C 2052 42.73 -13.32 -15.03
CA ASN C 2052 41.47 -14.05 -15.08
C ASN C 2052 41.03 -14.48 -13.68
N ILE C 2053 41.97 -14.98 -12.88
CA ILE C 2053 41.63 -15.40 -11.53
C ILE C 2053 41.21 -14.20 -10.70
N TYR C 2054 41.83 -13.05 -10.92
CA TYR C 2054 41.45 -11.83 -10.21
C TYR C 2054 40.04 -11.41 -10.57
N ILE C 2055 39.67 -11.52 -11.85
CA ILE C 2055 38.31 -11.19 -12.26
C ILE C 2055 37.32 -12.14 -11.60
N LEU C 2056 37.65 -13.43 -11.56
CA LEU C 2056 36.78 -14.39 -10.88
C LEU C 2056 36.64 -14.04 -9.40
N ALA C 2057 37.75 -13.67 -8.75
CA ALA C 2057 37.70 -13.30 -7.34
C ALA C 2057 36.86 -12.06 -7.13
N LEU C 2058 36.99 -11.08 -8.03
CA LEU C 2058 36.17 -9.87 -7.93
C LEU C 2058 34.69 -10.21 -8.04
N GLN C 2059 34.32 -11.09 -8.97
CA GLN C 2059 32.93 -11.48 -9.09
C GLN C 2059 32.44 -12.21 -7.84
N LEU C 2060 33.28 -13.08 -7.28
CA LEU C 2060 32.89 -13.81 -6.07
C LEU C 2060 32.86 -12.91 -4.84
N SER C 2061 33.58 -11.79 -4.86
CA SER C 2061 33.69 -10.96 -3.66
C SER C 2061 32.36 -10.30 -3.31
N ARG C 2062 31.46 -10.14 -4.29
CA ARG C 2062 30.19 -9.49 -4.00
C ARG C 2062 29.43 -10.21 -2.90
N HIS C 2063 29.60 -11.52 -2.79
CA HIS C 2063 28.91 -12.33 -1.78
C HIS C 2063 29.82 -12.73 -0.62
N ASN C 2064 31.04 -12.20 -0.55
CA ASN C 2064 31.97 -12.52 0.53
C ASN C 2064 32.77 -11.28 0.89
N LYS C 2065 32.68 -10.87 2.16
CA LYS C 2065 33.38 -9.67 2.61
C LYS C 2065 34.87 -9.93 2.80
N GLN C 2066 35.23 -11.13 3.26
CA GLN C 2066 36.63 -11.45 3.49
C GLN C 2066 37.42 -11.41 2.19
N LEU C 2067 36.83 -11.91 1.10
CA LEU C 2067 37.51 -11.87 -0.19
C LEU C 2067 37.76 -10.43 -0.62
N GLN C 2068 36.77 -9.55 -0.44
CA GLN C 2068 36.96 -8.14 -0.76
C GLN C 2068 38.12 -7.56 0.05
N HIS C 2069 38.11 -7.80 1.37
CA HIS C 2069 39.15 -7.24 2.21
C HIS C 2069 40.53 -7.74 1.80
N LEU C 2070 40.63 -9.03 1.49
CA LEU C 2070 41.91 -9.59 1.06
C LEU C 2070 42.34 -8.99 -0.28
N LEU C 2071 41.38 -8.80 -1.20
CA LEU C 2071 41.71 -8.29 -2.52
C LEU C 2071 42.09 -6.82 -2.51
N LYS C 2072 41.67 -6.08 -1.49
CA LYS C 2072 42.03 -4.67 -1.43
C LYS C 2072 43.54 -4.51 -1.46
N PRO C 2073 44.09 -3.69 -2.36
CA PRO C 2073 45.55 -3.48 -2.37
C PRO C 2073 46.01 -2.67 -1.17
N VAL C 2074 47.30 -2.75 -0.90
CA VAL C 2074 47.90 -2.00 0.20
C VAL C 2074 47.81 -0.51 -0.08
N GLU C 2111 55.50 -4.85 -8.08
CA GLU C 2111 55.57 -4.93 -6.63
C GLU C 2111 54.38 -5.70 -6.07
N ASP C 2112 53.23 -5.03 -6.00
CA ASP C 2112 52.02 -5.64 -5.48
C ASP C 2112 51.19 -6.19 -6.63
N PRO C 2113 50.99 -7.51 -6.74
CA PRO C 2113 50.15 -8.02 -7.83
C PRO C 2113 48.75 -7.45 -7.81
N LEU C 2114 48.17 -7.25 -6.62
CA LEU C 2114 46.81 -6.72 -6.53
C LEU C 2114 46.73 -5.33 -7.13
N ALA C 2115 47.74 -4.48 -6.88
CA ALA C 2115 47.72 -3.14 -7.44
C ALA C 2115 47.71 -3.18 -8.97
N TYR C 2116 48.57 -4.00 -9.57
CA TYR C 2116 48.62 -4.09 -11.02
C TYR C 2116 47.30 -4.60 -11.59
N TYR C 2117 46.76 -5.67 -10.99
CA TYR C 2117 45.53 -6.24 -11.51
C TYR C 2117 44.38 -5.26 -11.38
N GLU C 2118 44.28 -4.57 -10.24
CA GLU C 2118 43.23 -3.58 -10.06
C GLU C 2118 43.37 -2.44 -11.05
N ASN C 2119 44.59 -1.99 -11.30
CA ASN C 2119 44.81 -0.91 -12.25
C ASN C 2119 44.40 -1.32 -13.66
N HIS C 2120 44.67 -2.57 -14.02
CA HIS C 2120 44.45 -3.05 -15.39
C HIS C 2120 43.11 -3.76 -15.56
N THR C 2121 42.26 -3.78 -14.53
CA THR C 2121 40.90 -4.30 -14.65
C THR C 2121 39.92 -3.15 -14.75
N SER C 2122 38.86 -3.34 -15.54
CA SER C 2122 37.83 -2.33 -15.72
C SER C 2122 36.45 -2.98 -15.71
N GLN C 2123 35.43 -2.13 -15.63
CA GLN C 2123 34.04 -2.58 -15.58
C GLN C 2123 33.16 -1.62 -16.36
N ILE C 2124 32.09 -2.16 -16.93
CA ILE C 2124 31.08 -1.38 -17.63
C ILE C 2124 29.70 -1.92 -17.29
N GLU C 2125 28.68 -1.20 -17.75
CA GLU C 2125 27.28 -1.57 -17.53
C GLU C 2125 26.59 -1.67 -18.88
N ILE C 2126 25.89 -2.77 -19.10
CA ILE C 2126 25.23 -3.04 -20.38
C ILE C 2126 23.77 -3.41 -20.14
N VAL C 2127 22.89 -2.92 -21.00
CA VAL C 2127 21.47 -3.25 -20.96
C VAL C 2127 21.24 -4.39 -21.94
N ARG C 2128 20.77 -5.53 -21.43
CA ARG C 2128 20.56 -6.69 -22.29
C ARG C 2128 19.26 -6.52 -23.07
N GLN C 2129 18.97 -7.53 -23.91
CA GLN C 2129 17.78 -7.47 -24.76
C GLN C 2129 16.50 -7.42 -23.93
N ASP C 2130 16.46 -8.18 -22.84
CA ASP C 2130 15.28 -8.19 -21.98
C ASP C 2130 15.15 -6.92 -21.15
N ARG C 2131 16.00 -5.91 -21.37
CA ARG C 2131 15.95 -4.61 -20.71
C ARG C 2131 16.40 -4.69 -19.25
N SER C 2132 17.24 -5.67 -18.90
CA SER C 2132 17.82 -5.78 -17.57
C SER C 2132 19.27 -5.33 -17.65
N MET C 2133 19.73 -4.61 -16.62
CA MET C 2133 21.10 -4.14 -16.58
C MET C 2133 22.02 -5.21 -16.01
N GLU C 2134 23.25 -5.24 -16.51
CA GLU C 2134 24.27 -6.16 -16.02
C GLU C 2134 25.61 -5.45 -16.00
N GLN C 2135 26.49 -5.92 -15.13
CA GLN C 2135 27.83 -5.35 -14.97
C GLN C 2135 28.84 -6.32 -15.54
N ILE C 2136 29.65 -5.85 -16.49
CA ILE C 2136 30.66 -6.66 -17.15
C ILE C 2136 32.03 -6.22 -16.63
N VAL C 2137 32.76 -7.14 -16.03
CA VAL C 2137 34.12 -6.89 -15.55
C VAL C 2137 35.09 -7.55 -16.52
N PHE C 2138 35.99 -6.77 -17.10
CA PHE C 2138 36.87 -7.24 -18.14
C PHE C 2138 38.27 -6.70 -17.93
N PRO C 2139 39.29 -7.36 -18.49
CA PRO C 2139 40.65 -6.82 -18.43
C PRO C 2139 40.88 -5.80 -19.53
N VAL C 2140 41.58 -4.73 -19.20
CA VAL C 2140 41.81 -3.66 -20.17
C VAL C 2140 42.72 -4.18 -21.28
N PRO C 2141 42.40 -3.94 -22.55
CA PRO C 2141 43.32 -4.34 -23.62
C PRO C 2141 44.64 -3.58 -23.53
N GLY C 2142 45.70 -4.26 -23.97
CA GLY C 2142 47.02 -3.65 -23.89
C GLY C 2142 47.16 -2.43 -24.76
N ILE C 2143 46.57 -2.46 -25.96
CA ILE C 2143 46.71 -1.34 -26.90
C ILE C 2143 46.11 -0.06 -26.32
N CYS C 2144 45.14 -0.19 -25.42
CA CYS C 2144 44.43 0.99 -24.92
C CYS C 2144 45.33 1.92 -24.13
N GLN C 2145 46.49 1.43 -23.70
CA GLN C 2145 47.36 2.26 -22.85
C GLN C 2145 47.98 3.42 -23.61
N PHE C 2146 47.98 3.36 -24.95
CA PHE C 2146 48.68 4.34 -25.75
C PHE C 2146 47.82 5.56 -26.10
N LEU C 2147 46.55 5.58 -25.72
CA LEU C 2147 45.71 6.73 -26.01
C LEU C 2147 46.23 7.97 -25.31
N THR C 2148 46.15 9.10 -25.98
CA THR C 2148 46.74 10.34 -25.47
C THR C 2148 45.74 11.15 -24.67
N GLU C 2149 46.24 11.76 -23.59
CA GLU C 2149 45.39 12.64 -22.77
C GLU C 2149 44.86 13.80 -23.58
N GLU C 2150 45.65 14.33 -24.52
CA GLU C 2150 45.18 15.42 -25.36
C GLU C 2150 43.97 14.99 -26.18
N THR C 2151 44.05 13.81 -26.79
CA THR C 2151 42.92 13.30 -27.57
C THR C 2151 41.70 13.06 -26.67
N LYS C 2152 41.94 12.51 -25.48
CA LYS C 2152 40.83 12.26 -24.56
C LYS C 2152 40.13 13.56 -24.19
N HIS C 2153 40.90 14.58 -23.83
CA HIS C 2153 40.32 15.87 -23.47
C HIS C 2153 39.61 16.50 -24.64
N ARG C 2154 40.20 16.43 -25.84
CA ARG C 2154 39.55 17.00 -27.02
C ARG C 2154 38.21 16.35 -27.27
N LEU C 2155 38.16 15.01 -27.22
CA LEU C 2155 36.89 14.32 -27.42
C LEU C 2155 35.88 14.74 -26.35
N PHE C 2156 36.30 14.74 -25.09
CA PHE C 2156 35.37 15.04 -24.00
C PHE C 2156 34.78 16.44 -24.14
N THR C 2157 35.61 17.41 -24.52
CA THR C 2157 35.16 18.80 -24.59
C THR C 2157 34.60 19.18 -25.96
N THR C 2158 34.67 18.30 -26.96
CA THR C 2158 34.17 18.62 -28.29
C THR C 2158 32.95 17.82 -28.71
N THR C 2159 32.72 16.63 -28.14
CA THR C 2159 31.59 15.82 -28.58
C THR C 2159 30.29 16.59 -28.40
N GLU C 2160 29.39 16.43 -29.37
CA GLU C 2160 28.13 17.17 -29.42
C GLU C 2160 26.96 16.22 -29.22
N GLN C 2161 25.90 16.71 -28.58
CA GLN C 2161 24.70 15.91 -28.36
C GLN C 2161 23.92 15.74 -29.65
N ASP C 2162 23.12 14.67 -29.70
CA ASP C 2162 22.24 14.41 -30.83
C ASP C 2162 20.87 15.02 -30.57
N GLU C 2163 19.89 14.66 -31.40
CA GLU C 2163 18.54 15.18 -31.23
C GLU C 2163 17.92 14.66 -29.94
N GLN C 2164 18.20 13.41 -29.59
CA GLN C 2164 17.66 12.82 -28.36
C GLN C 2164 18.43 13.25 -27.12
N GLY C 2165 19.54 13.95 -27.27
CA GLY C 2165 20.31 14.42 -26.14
C GLY C 2165 21.42 13.49 -25.67
N SER C 2166 21.91 12.62 -26.53
CA SER C 2166 22.93 11.63 -26.16
C SER C 2166 24.19 11.84 -27.01
N LYS C 2167 25.35 11.77 -26.35
CA LYS C 2167 26.64 11.85 -27.00
C LYS C 2167 27.21 10.48 -27.35
N VAL C 2168 26.48 9.42 -27.00
CA VAL C 2168 26.96 8.06 -27.21
C VAL C 2168 27.18 7.79 -28.69
N SER C 2169 26.31 8.32 -29.54
CA SER C 2169 26.45 8.08 -30.98
C SER C 2169 27.77 8.62 -31.49
N ASP C 2170 28.12 9.86 -31.14
CA ASP C 2170 29.38 10.44 -31.60
C ASP C 2170 30.57 9.69 -31.00
N PHE C 2171 30.49 9.32 -29.73
CA PHE C 2171 31.58 8.56 -29.12
C PHE C 2171 31.82 7.25 -29.86
N PHE C 2172 30.74 6.51 -30.13
CA PHE C 2172 30.86 5.26 -30.86
C PHE C 2172 31.39 5.49 -32.26
N ASP C 2173 30.98 6.58 -32.90
CA ASP C 2173 31.48 6.88 -34.24
C ASP C 2173 32.98 7.10 -34.23
N GLN C 2174 33.50 7.80 -33.23
CA GLN C 2174 34.93 8.12 -33.17
C GLN C 2174 35.77 7.00 -32.55
N SER C 2175 35.13 5.94 -32.06
CA SER C 2175 35.88 4.81 -31.50
C SER C 2175 36.96 4.30 -32.45
N SER C 2176 36.61 4.10 -33.73
CA SER C 2176 37.56 3.49 -34.66
C SER C 2176 38.77 4.40 -34.90
N PHE C 2177 38.52 5.70 -35.08
CA PHE C 2177 39.63 6.63 -35.21
C PHE C 2177 40.50 6.60 -33.97
N LEU C 2178 39.88 6.49 -32.78
CA LEU C 2178 40.68 6.38 -31.57
C LEU C 2178 41.58 5.16 -31.61
N HIS C 2179 41.05 4.02 -32.03
CA HIS C 2179 41.84 2.79 -32.09
C HIS C 2179 43.02 2.94 -33.04
N ASN C 2180 42.78 3.49 -34.22
CA ASN C 2180 43.87 3.73 -35.17
C ASN C 2180 44.92 4.65 -34.56
N GLU C 2181 44.47 5.66 -33.81
CA GLU C 2181 45.41 6.55 -33.13
C GLU C 2181 46.26 5.80 -32.11
N MET C 2182 45.65 4.87 -31.37
CA MET C 2182 46.43 4.09 -30.41
C MET C 2182 47.52 3.30 -31.12
N GLU C 2183 47.16 2.64 -32.22
CA GLU C 2183 48.16 1.86 -32.96
C GLU C 2183 49.30 2.76 -33.46
N TRP C 2184 48.94 3.92 -34.02
CA TRP C 2184 49.97 4.83 -34.52
C TRP C 2184 50.86 5.32 -33.39
N GLN C 2185 50.27 5.60 -32.23
CA GLN C 2185 51.08 6.04 -31.09
C GLN C 2185 52.04 4.95 -30.64
N ARG C 2186 51.59 3.69 -30.65
CA ARG C 2186 52.49 2.61 -30.30
C ARG C 2186 53.68 2.55 -31.26
N LYS C 2187 53.41 2.67 -32.57
CA LYS C 2187 54.51 2.65 -33.53
C LYS C 2187 55.43 3.84 -33.33
N LEU C 2188 54.87 5.01 -33.05
CA LEU C 2188 55.70 6.20 -32.83
C LEU C 2188 56.60 6.01 -31.61
N ARG C 2189 56.06 5.44 -30.53
CA ARG C 2189 56.90 5.15 -29.37
C ARG C 2189 57.96 4.12 -29.70
N SER C 2190 57.66 3.20 -30.61
CA SER C 2190 58.70 2.29 -31.09
C SER C 2190 59.84 3.05 -31.74
N MET C 2191 59.50 4.07 -32.54
CA MET C 2191 60.51 4.88 -33.22
C MET C 2191 61.05 5.95 -32.26
N PRO C 2192 62.34 5.90 -31.88
CA PRO C 2192 62.80 6.83 -30.82
C PRO C 2192 62.83 8.30 -31.20
N LEU C 2193 63.55 8.66 -32.27
CA LEU C 2193 63.80 10.07 -32.56
C LEU C 2193 62.51 10.82 -32.88
N ILE C 2194 61.66 10.21 -33.71
CA ILE C 2194 60.39 10.84 -34.06
C ILE C 2194 59.56 11.06 -32.81
N TYR C 2195 59.67 10.15 -31.84
CA TYR C 2195 58.97 10.34 -30.57
C TYR C 2195 59.47 11.57 -29.84
N TRP C 2196 60.79 11.78 -29.83
CA TRP C 2196 61.35 12.98 -29.20
C TRP C 2196 60.79 14.24 -29.86
N PHE C 2197 60.87 14.30 -31.19
CA PHE C 2197 60.41 15.49 -31.89
C PHE C 2197 58.91 15.70 -31.69
N SER C 2198 58.11 14.63 -31.70
CA SER C 2198 56.69 14.76 -31.47
C SER C 2198 56.39 15.23 -30.05
N ARG C 2199 57.12 14.71 -29.07
CA ARG C 2199 56.90 15.13 -27.69
C ARG C 2199 57.17 16.62 -27.53
N ARG C 2200 58.16 17.14 -28.25
CA ARG C 2200 58.53 18.55 -28.13
C ARG C 2200 57.89 19.42 -29.21
N MET C 2201 56.64 19.13 -29.57
CA MET C 2201 55.96 19.92 -30.60
C MET C 2201 55.76 21.37 -30.17
N THR C 2202 55.27 21.59 -28.94
CA THR C 2202 54.93 22.95 -28.51
C THR C 2202 56.15 23.86 -28.52
N LEU C 2203 57.30 23.33 -28.09
CA LEU C 2203 58.52 24.13 -28.07
C LEU C 2203 58.80 24.73 -29.44
N TRP C 2204 58.71 23.91 -30.50
CA TRP C 2204 59.01 24.40 -31.84
C TRP C 2204 58.08 25.54 -32.24
N GLY C 2205 56.79 25.41 -31.93
CA GLY C 2205 55.87 26.49 -32.23
C GLY C 2205 56.22 27.77 -31.49
N SER C 2206 56.62 27.64 -30.22
CA SER C 2206 57.03 28.83 -29.48
C SER C 2206 58.25 29.49 -30.13
N ILE C 2207 59.24 28.69 -30.53
CA ILE C 2207 60.41 29.27 -31.18
C ILE C 2207 60.01 29.96 -32.47
N SER C 2208 59.13 29.33 -33.26
CA SER C 2208 58.72 29.92 -34.53
C SER C 2208 58.03 31.27 -34.30
N PHE C 2209 57.12 31.32 -33.32
CA PHE C 2209 56.42 32.58 -33.06
C PHE C 2209 57.37 33.67 -32.59
N ASN C 2210 58.29 33.33 -31.68
CA ASN C 2210 59.23 34.33 -31.20
C ASN C 2210 60.12 34.82 -32.33
N LEU C 2211 60.58 33.91 -33.20
CA LEU C 2211 61.41 34.30 -34.32
C LEU C 2211 60.66 35.22 -35.26
N ALA C 2212 59.39 34.89 -35.55
CA ALA C 2212 58.60 35.75 -36.43
C ALA C 2212 58.44 37.14 -35.84
N VAL C 2213 58.14 37.22 -34.53
CA VAL C 2213 57.96 38.52 -33.89
C VAL C 2213 59.24 39.33 -33.97
N PHE C 2214 60.38 38.71 -33.65
CA PHE C 2214 61.64 39.43 -33.69
C PHE C 2214 61.96 39.90 -35.10
N ILE C 2215 61.77 39.03 -36.10
CA ILE C 2215 62.05 39.41 -37.48
C ILE C 2215 61.20 40.60 -37.88
N ASN C 2216 59.90 40.54 -37.60
CA ASN C 2216 59.01 41.62 -37.99
C ASN C 2216 59.37 42.92 -37.29
N ILE C 2217 59.76 42.84 -36.02
CA ILE C 2217 60.18 44.05 -35.31
C ILE C 2217 61.41 44.66 -35.98
N ILE C 2218 62.38 43.81 -36.37
CA ILE C 2218 63.58 44.32 -37.02
C ILE C 2218 63.22 45.00 -38.33
N ILE C 2219 62.38 44.35 -39.15
CA ILE C 2219 62.00 44.96 -40.43
C ILE C 2219 61.29 46.29 -40.19
N ALA C 2220 60.40 46.34 -39.20
CA ALA C 2220 59.67 47.57 -38.93
C ALA C 2220 60.62 48.69 -38.51
N PHE C 2221 61.62 48.37 -37.69
CA PHE C 2221 62.50 49.39 -37.13
C PHE C 2221 63.67 49.75 -38.05
N PHE C 2222 63.93 48.99 -39.11
CA PHE C 2222 65.08 49.29 -39.97
C PHE C 2222 64.74 49.45 -41.44
N TYR C 2223 63.74 48.73 -41.95
CA TYR C 2223 63.46 48.82 -43.38
C TYR C 2223 63.02 50.23 -43.73
N PRO C 2224 63.53 50.82 -44.83
CA PRO C 2224 64.51 50.26 -45.78
C PRO C 2224 65.91 50.26 -45.21
N TYR C 2225 66.68 49.21 -45.45
CA TYR C 2225 68.05 49.08 -44.95
C TYR C 2225 68.96 48.64 -46.08
N MET C 2226 69.98 49.45 -46.37
CA MET C 2226 70.95 49.13 -47.40
C MET C 2226 70.27 48.63 -48.67
N SER C 2260 63.07 33.94 -17.79
CA SER C 2260 62.90 33.69 -19.22
C SER C 2260 64.21 33.95 -19.97
N ILE C 2261 64.40 33.22 -21.08
CA ILE C 2261 65.59 33.41 -21.91
C ILE C 2261 65.35 34.44 -23.01
N ARG C 2262 64.13 34.99 -23.10
CA ARG C 2262 63.86 36.01 -24.12
C ARG C 2262 64.76 37.22 -24.00
N PRO C 2263 65.05 37.76 -22.82
CA PRO C 2263 66.04 38.86 -22.76
C PRO C 2263 67.40 38.47 -23.29
N LEU C 2264 67.85 37.25 -23.00
CA LEU C 2264 69.13 36.80 -23.53
C LEU C 2264 69.11 36.71 -25.04
N ILE C 2265 68.01 36.19 -25.61
CA ILE C 2265 67.90 36.11 -27.06
C ILE C 2265 67.86 37.51 -27.68
N VAL C 2266 67.19 38.44 -27.01
CA VAL C 2266 67.15 39.82 -27.49
C VAL C 2266 68.55 40.42 -27.50
N ALA C 2267 69.31 40.19 -26.43
CA ALA C 2267 70.69 40.70 -26.39
C ALA C 2267 71.53 40.07 -27.49
N LEU C 2268 71.36 38.77 -27.72
CA LEU C 2268 72.10 38.10 -28.79
C LEU C 2268 71.76 38.70 -30.15
N ILE C 2269 70.48 38.96 -30.39
CA ILE C 2269 70.06 39.54 -31.67
C ILE C 2269 70.61 40.96 -31.81
N LEU C 2270 70.61 41.72 -30.72
CA LEU C 2270 71.15 43.07 -30.77
C LEU C 2270 72.64 43.05 -31.12
N ARG C 2271 73.40 42.14 -30.49
CA ARG C 2271 74.82 42.05 -30.80
C ARG C 2271 75.03 41.57 -32.23
N SER C 2272 74.15 40.66 -32.70
CA SER C 2272 74.25 40.21 -34.08
C SER C 2272 74.05 41.37 -35.06
N ILE C 2273 73.06 42.22 -34.78
CA ILE C 2273 72.86 43.40 -35.62
C ILE C 2273 74.08 44.31 -35.55
N TYR C 2274 74.63 44.50 -34.35
CA TYR C 2274 75.76 45.41 -34.19
C TYR C 2274 76.99 44.91 -34.94
N TYR C 2275 77.22 43.60 -34.94
CA TYR C 2275 78.45 43.04 -35.53
C TYR C 2275 78.25 42.69 -37.01
N LEU C 2276 77.35 41.76 -37.30
CA LEU C 2276 77.19 41.28 -38.67
C LEU C 2276 76.47 42.29 -39.54
N GLY C 2277 75.39 42.86 -39.03
CA GLY C 2277 74.56 43.78 -39.79
C GLY C 2277 73.11 43.33 -39.84
N ILE C 2278 72.25 44.28 -40.20
CA ILE C 2278 70.81 44.05 -40.19
C ILE C 2278 70.46 42.93 -41.18
N GLY C 2279 71.01 43.01 -42.40
CA GLY C 2279 70.69 42.05 -43.43
C GLY C 2279 71.13 40.65 -43.10
N PRO C 2280 72.41 40.48 -42.72
CA PRO C 2280 72.87 39.15 -42.28
C PRO C 2280 72.10 38.62 -41.08
N THR C 2281 71.76 39.47 -40.12
CA THR C 2281 70.99 39.01 -38.97
C THR C 2281 69.61 38.53 -39.40
N LEU C 2282 68.96 39.27 -40.30
CA LEU C 2282 67.66 38.85 -40.80
C LEU C 2282 67.75 37.54 -41.55
N ASN C 2283 68.82 37.37 -42.35
CA ASN C 2283 69.00 36.12 -43.08
C ASN C 2283 69.16 34.94 -42.12
N ILE C 2284 69.98 35.12 -41.08
CA ILE C 2284 70.18 34.05 -40.10
C ILE C 2284 68.86 33.71 -39.41
N LEU C 2285 68.12 34.74 -39.01
CA LEU C 2285 66.85 34.52 -38.32
C LEU C 2285 65.87 33.80 -39.23
N GLY C 2286 65.81 34.18 -40.51
CA GLY C 2286 64.91 33.52 -41.43
C GLY C 2286 65.26 32.07 -41.66
N ALA C 2287 66.56 31.78 -41.80
CA ALA C 2287 66.98 30.39 -41.95
C ALA C 2287 66.60 29.57 -40.73
N LEU C 2288 66.85 30.11 -39.53
CA LEU C 2288 66.47 29.41 -38.31
C LEU C 2288 64.96 29.19 -38.26
N ASN C 2289 64.18 30.20 -38.63
CA ASN C 2289 62.73 30.07 -38.62
C ASN C 2289 62.27 28.98 -39.57
N LEU C 2290 62.85 28.94 -40.77
CA LEU C 2290 62.46 27.92 -41.74
C LEU C 2290 62.80 26.52 -41.25
N THR C 2291 64.00 26.34 -40.68
CA THR C 2291 64.36 25.02 -40.16
C THR C 2291 63.43 24.62 -39.02
N ASN C 2292 63.15 25.55 -38.11
CA ASN C 2292 62.28 25.24 -36.98
C ASN C 2292 60.88 24.90 -37.46
N LYS C 2293 60.40 25.58 -38.50
CA LYS C 2293 59.07 25.28 -39.02
C LYS C 2293 59.03 23.92 -39.70
N ILE C 2294 60.12 23.53 -40.37
CA ILE C 2294 60.19 22.18 -40.94
C ILE C 2294 60.09 21.15 -39.83
N VAL C 2295 60.87 21.33 -38.77
CA VAL C 2295 60.79 20.41 -37.63
C VAL C 2295 59.39 20.41 -37.05
N PHE C 2296 58.75 21.59 -36.98
CA PHE C 2296 57.42 21.69 -36.39
C PHE C 2296 56.39 20.93 -37.22
N VAL C 2297 56.46 21.04 -38.54
CA VAL C 2297 55.50 20.32 -39.37
C VAL C 2297 55.72 18.81 -39.27
N VAL C 2298 56.98 18.38 -39.23
CA VAL C 2298 57.25 16.96 -39.05
C VAL C 2298 56.67 16.48 -37.71
N SER C 2299 56.90 17.24 -36.65
CA SER C 2299 56.36 16.86 -35.34
C SER C 2299 54.84 16.87 -35.34
N PHE C 2300 54.24 17.82 -36.05
CA PHE C 2300 52.79 17.89 -36.12
C PHE C 2300 52.21 16.64 -36.79
N VAL C 2301 52.76 16.26 -37.94
CA VAL C 2301 52.27 15.06 -38.61
C VAL C 2301 52.50 13.83 -37.75
N GLY C 2302 53.64 13.79 -37.05
CA GLY C 2302 53.90 12.64 -36.18
C GLY C 2302 52.92 12.54 -35.03
N ASN C 2303 52.66 13.65 -34.35
CA ASN C 2303 51.83 13.63 -33.15
C ASN C 2303 50.36 13.45 -33.49
N ARG C 2304 49.85 14.23 -34.44
CA ARG C 2304 48.42 14.18 -34.74
C ARG C 2304 48.06 12.90 -35.48
N GLY C 2305 48.99 12.31 -36.21
CA GLY C 2305 48.68 11.13 -36.99
C GLY C 2305 47.63 11.38 -38.04
N THR C 2306 47.66 12.57 -38.66
CA THR C 2306 46.67 12.90 -39.68
C THR C 2306 46.78 11.97 -40.88
N PHE C 2307 48.00 11.53 -41.21
CA PHE C 2307 48.19 10.63 -42.33
C PHE C 2307 47.49 9.30 -42.13
N ILE C 2308 47.14 8.96 -40.88
CA ILE C 2308 46.47 7.69 -40.62
C ILE C 2308 45.16 7.62 -41.39
N ARG C 2309 44.39 8.71 -41.39
CA ARG C 2309 43.13 8.72 -42.13
C ARG C 2309 43.36 8.57 -43.63
N GLY C 2310 44.43 9.19 -44.14
CA GLY C 2310 44.79 9.03 -45.54
C GLY C 2310 45.39 10.27 -46.16
N TYR C 2311 46.01 10.12 -47.33
CA TYR C 2311 46.57 11.28 -48.02
C TYR C 2311 45.50 12.30 -48.36
N LYS C 2312 44.35 11.82 -48.86
CA LYS C 2312 43.24 12.74 -49.14
C LYS C 2312 42.77 13.43 -47.87
N ALA C 2313 42.66 12.69 -46.77
CA ALA C 2313 42.30 13.31 -45.51
C ALA C 2313 43.36 14.31 -45.06
N MET C 2314 44.64 13.98 -45.26
CA MET C 2314 45.71 14.90 -44.89
C MET C 2314 45.58 16.21 -45.65
N VAL C 2315 45.32 16.13 -46.96
CA VAL C 2315 45.14 17.35 -47.74
C VAL C 2315 43.87 18.09 -47.30
N MET C 2316 42.84 17.33 -46.93
CA MET C 2316 41.58 17.95 -46.51
C MET C 2316 41.76 18.75 -45.23
N ASP C 2317 42.57 18.24 -44.30
CA ASP C 2317 42.73 18.90 -43.01
C ASP C 2317 43.17 20.35 -43.20
N MET C 2318 42.46 21.26 -42.54
CA MET C 2318 42.73 22.69 -42.71
C MET C 2318 43.97 23.12 -41.95
N GLU C 2319 44.22 22.52 -40.78
CA GLU C 2319 45.38 22.89 -39.99
C GLU C 2319 46.68 22.58 -40.74
N PHE C 2320 46.75 21.42 -41.39
CA PHE C 2320 47.92 21.08 -42.18
C PHE C 2320 48.13 22.07 -43.32
N LEU C 2321 47.03 22.46 -43.98
CA LEU C 2321 47.14 23.46 -45.04
C LEU C 2321 47.64 24.79 -44.50
N TYR C 2322 47.18 25.17 -43.31
CA TYR C 2322 47.65 26.41 -42.69
C TYR C 2322 49.14 26.35 -42.41
N HIS C 2323 49.62 25.22 -41.88
CA HIS C 2323 51.05 25.08 -41.63
C HIS C 2323 51.85 25.09 -42.92
N VAL C 2324 51.33 24.45 -43.97
CA VAL C 2324 52.02 24.47 -45.26
C VAL C 2324 52.08 25.89 -45.81
N GLY C 2325 50.99 26.65 -45.66
CA GLY C 2325 51.02 28.04 -46.07
C GLY C 2325 52.02 28.86 -45.29
N TYR C 2326 52.14 28.59 -43.98
CA TYR C 2326 53.17 29.26 -43.19
C TYR C 2326 54.56 28.94 -43.72
N ILE C 2327 54.81 27.67 -44.06
CA ILE C 2327 56.11 27.30 -44.60
C ILE C 2327 56.37 28.02 -45.92
N LEU C 2328 55.36 28.06 -46.79
CA LEU C 2328 55.52 28.75 -48.07
C LEU C 2328 55.81 30.23 -47.86
N THR C 2329 55.11 30.86 -46.92
CA THR C 2329 55.36 32.27 -46.63
C THR C 2329 56.77 32.47 -46.09
N SER C 2330 57.25 31.54 -45.27
CA SER C 2330 58.62 31.66 -44.77
C SER C 2330 59.63 31.58 -45.90
N VAL C 2331 59.44 30.64 -46.84
CA VAL C 2331 60.36 30.54 -47.98
C VAL C 2331 60.30 31.81 -48.81
N LEU C 2332 59.10 32.32 -49.05
CA LEU C 2332 58.96 33.55 -49.84
C LEU C 2332 59.65 34.72 -49.15
N GLY C 2333 59.49 34.83 -47.83
CA GLY C 2333 60.18 35.88 -47.10
C GLY C 2333 61.69 35.75 -47.20
N LEU C 2334 62.20 34.52 -47.08
CA LEU C 2334 63.65 34.32 -47.11
C LEU C 2334 64.24 34.65 -48.47
N PHE C 2335 63.58 34.24 -49.56
CA PHE C 2335 64.22 34.29 -50.87
C PHE C 2335 63.70 35.38 -51.80
N ALA C 2336 62.49 35.87 -51.61
CA ALA C 2336 61.92 36.85 -52.53
C ALA C 2336 62.03 38.27 -51.98
N HIS C 2337 61.46 38.52 -50.80
CA HIS C 2337 61.44 39.85 -50.22
C HIS C 2337 61.29 39.74 -48.70
N GLU C 2338 61.92 40.67 -47.98
CA GLU C 2338 61.89 40.62 -46.53
C GLU C 2338 60.52 41.03 -45.98
N LEU C 2339 59.80 41.88 -46.71
CA LEU C 2339 58.51 42.34 -46.23
C LEU C 2339 57.46 41.23 -46.19
N PHE C 2340 57.74 40.10 -46.82
CA PHE C 2340 56.77 39.00 -46.82
C PHE C 2340 56.60 38.38 -45.44
N TYR C 2341 57.54 38.62 -44.52
CA TYR C 2341 57.40 38.06 -43.18
C TYR C 2341 56.21 38.64 -42.42
N SER C 2342 55.67 39.77 -42.89
CA SER C 2342 54.58 40.42 -42.15
C SER C 2342 53.38 39.50 -42.00
N ILE C 2343 53.12 38.66 -42.99
CA ILE C 2343 51.96 37.77 -42.93
C ILE C 2343 52.07 36.81 -41.76
N LEU C 2344 53.29 36.49 -41.34
CA LEU C 2344 53.48 35.52 -40.27
C LEU C 2344 52.90 36.02 -38.94
N LEU C 2345 52.72 37.33 -38.80
CA LEU C 2345 52.20 37.87 -37.54
C LEU C 2345 50.76 37.48 -37.29
N PHE C 2346 50.07 36.93 -38.29
CA PHE C 2346 48.71 36.45 -38.10
C PHE C 2346 48.65 35.16 -37.29
N ASP C 2347 49.80 34.57 -36.95
CA ASP C 2347 49.83 33.37 -36.13
C ASP C 2347 49.32 33.62 -34.70
N LEU C 2348 49.17 34.88 -34.30
CA LEU C 2348 48.69 35.18 -32.95
C LEU C 2348 47.27 34.65 -32.76
N ILE C 2349 46.43 34.75 -33.79
CA ILE C 2349 45.07 34.24 -33.69
C ILE C 2349 45.08 32.74 -33.44
N TYR C 2350 45.91 32.01 -34.17
CA TYR C 2350 46.03 30.57 -33.96
C TYR C 2350 46.56 30.27 -32.56
N ARG C 2351 47.55 31.03 -32.10
CA ARG C 2351 48.18 30.73 -30.82
C ARG C 2351 47.23 30.99 -29.66
N GLU C 2352 46.53 32.13 -29.67
CA GLU C 2352 45.70 32.55 -28.55
C GLU C 2352 44.24 32.20 -28.84
N GLU C 2353 43.63 31.42 -27.94
CA GLU C 2353 42.23 31.05 -28.10
C GLU C 2353 41.32 32.24 -27.86
N THR C 2354 41.70 33.14 -26.95
CA THR C 2354 40.85 34.28 -26.64
C THR C 2354 40.64 35.17 -27.86
N LEU C 2355 41.70 35.47 -28.59
CA LEU C 2355 41.57 36.28 -29.79
C LEU C 2355 40.71 35.58 -30.84
N PHE C 2356 40.87 34.27 -30.97
CA PHE C 2356 40.03 33.51 -31.89
C PHE C 2356 38.57 33.62 -31.50
N ASN C 2357 38.26 33.52 -30.20
CA ASN C 2357 36.88 33.67 -29.75
C ASN C 2357 36.35 35.06 -30.02
N VAL C 2358 37.19 36.08 -29.83
CA VAL C 2358 36.77 37.45 -30.12
C VAL C 2358 36.42 37.60 -31.59
N ILE C 2359 37.26 37.05 -32.47
CA ILE C 2359 36.99 37.13 -33.90
C ILE C 2359 35.76 36.31 -34.27
N LYS C 2360 35.49 35.24 -33.51
CA LYS C 2360 34.32 34.41 -33.79
C LYS C 2360 33.04 35.23 -33.72
N SER C 2361 33.02 36.28 -32.90
CA SER C 2361 31.85 37.16 -32.86
C SER C 2361 31.59 37.76 -34.24
N VAL C 2362 32.66 38.17 -34.93
CA VAL C 2362 32.50 38.71 -36.28
C VAL C 2362 32.12 37.61 -37.26
N THR C 2363 32.80 36.45 -37.17
CA THR C 2363 32.67 35.44 -38.22
C THR C 2363 31.39 34.60 -38.14
N ARG C 2364 30.84 34.36 -36.93
CA ARG C 2364 29.73 33.42 -36.81
C ARG C 2364 28.52 33.87 -37.61
N ASN C 2365 28.15 35.14 -37.49
CA ASN C 2365 27.03 35.71 -38.22
C ASN C 2365 27.53 36.72 -39.25
N GLY C 2366 28.63 36.39 -39.92
CA GLY C 2366 29.20 37.31 -40.89
C GLY C 2366 28.28 37.59 -42.06
N ARG C 2367 27.43 36.63 -42.43
CA ARG C 2367 26.52 36.82 -43.54
C ARG C 2367 25.59 38.01 -43.28
N SER C 2368 25.10 38.14 -42.04
CA SER C 2368 24.23 39.26 -41.70
C SER C 2368 24.97 40.58 -41.87
N ILE C 2369 26.25 40.63 -41.47
CA ILE C 2369 27.03 41.86 -41.61
C ILE C 2369 27.18 42.22 -43.08
N LEU C 2370 27.48 41.24 -43.92
CA LEU C 2370 27.63 41.51 -45.35
C LEU C 2370 26.31 41.97 -45.97
N LEU C 2371 25.19 41.37 -45.56
CA LEU C 2371 23.90 41.79 -46.08
C LEU C 2371 23.57 43.21 -45.62
N THR C 2372 23.92 43.56 -44.39
CA THR C 2372 23.72 44.93 -43.92
C THR C 2372 24.57 45.90 -44.73
N ALA C 2373 25.81 45.51 -45.05
CA ALA C 2373 26.64 46.35 -45.90
C ALA C 2373 26.02 46.52 -47.28
N LEU C 2374 25.43 45.47 -47.82
CA LEU C 2374 24.75 45.57 -49.11
C LEU C 2374 23.55 46.52 -49.03
N LEU C 2375 22.80 46.45 -47.93
CA LEU C 2375 21.70 47.39 -47.73
C LEU C 2375 22.21 48.82 -47.67
N ALA C 2376 23.32 49.04 -46.98
CA ALA C 2376 23.92 50.36 -46.93
C ALA C 2376 24.32 50.83 -48.33
N LEU C 2377 24.87 49.91 -49.14
CA LEU C 2377 25.23 50.26 -50.51
C LEU C 2377 23.99 50.64 -51.32
N ILE C 2378 22.89 49.92 -51.14
CA ILE C 2378 21.66 50.24 -51.87
C ILE C 2378 21.16 51.63 -51.48
N LEU C 2379 21.17 51.93 -50.18
CA LEU C 2379 20.72 53.25 -49.73
C LEU C 2379 21.64 54.35 -50.27
N VAL C 2380 22.95 54.09 -50.28
CA VAL C 2380 23.89 55.06 -50.86
C VAL C 2380 23.60 55.26 -52.34
N TYR C 2381 23.26 54.19 -53.04
CA TYR C 2381 22.91 54.31 -54.46
C TYR C 2381 21.70 55.20 -54.66
N LEU C 2382 20.66 55.00 -53.84
CA LEU C 2382 19.47 55.84 -53.96
C LEU C 2382 19.78 57.31 -53.63
N PHE C 2383 20.57 57.53 -52.57
CA PHE C 2383 20.93 58.90 -52.22
C PHE C 2383 21.74 59.57 -53.32
N SER C 2384 22.65 58.81 -53.96
CA SER C 2384 23.41 59.35 -55.07
C SER C 2384 22.51 59.66 -56.25
N ILE C 2385 21.51 58.83 -56.50
CA ILE C 2385 20.54 59.14 -57.55
C ILE C 2385 19.88 60.48 -57.27
N VAL C 2386 19.41 60.67 -56.04
CA VAL C 2386 18.75 61.93 -55.70
C VAL C 2386 19.71 63.10 -55.86
N GLY C 2387 20.95 62.95 -55.37
CA GLY C 2387 21.91 64.04 -55.47
C GLY C 2387 22.20 64.42 -56.90
N PHE C 2388 22.39 63.42 -57.77
CA PHE C 2388 22.62 63.70 -59.18
C PHE C 2388 21.41 64.41 -59.79
N LEU C 2389 20.20 63.93 -59.47
CA LEU C 2389 19.01 64.51 -60.07
C LEU C 2389 18.81 65.96 -59.68
N PHE C 2390 19.04 66.29 -58.40
CA PHE C 2390 18.65 67.60 -57.89
C PHE C 2390 19.78 68.41 -57.26
N LEU C 2391 20.84 67.76 -56.76
CA LEU C 2391 21.89 68.46 -56.02
C LEU C 2391 23.26 68.24 -56.65
N LYS C 2392 23.34 68.25 -57.98
CA LYS C 2392 24.62 67.97 -58.64
C LYS C 2392 25.66 69.05 -58.33
N ASP C 2393 25.26 70.32 -58.38
CA ASP C 2393 26.23 71.40 -58.24
C ASP C 2393 26.88 71.39 -56.86
N ASP C 2394 26.18 70.93 -55.83
CA ASP C 2394 26.73 70.97 -54.48
C ASP C 2394 27.92 70.04 -54.32
N PHE C 2395 28.01 69.00 -55.14
CA PHE C 2395 29.07 68.00 -55.02
C PHE C 2395 30.37 68.56 -55.61
N ILE C 2396 31.00 69.43 -54.82
CA ILE C 2396 32.31 69.99 -55.15
C ILE C 2396 33.29 69.51 -54.10
N LEU C 2397 34.33 68.81 -54.53
CA LEU C 2397 35.32 68.22 -53.64
C LEU C 2397 36.68 68.87 -53.89
N GLU C 2398 37.31 69.33 -52.82
CA GLU C 2398 38.64 69.90 -52.92
C GLU C 2398 39.68 68.80 -53.20
N VAL C 2399 40.69 69.13 -54.00
CA VAL C 2399 41.71 68.18 -54.40
C VAL C 2399 43.07 68.85 -54.32
N ASP C 2400 44.07 68.11 -53.83
CA ASP C 2400 45.45 68.56 -53.87
C ASP C 2400 46.16 67.85 -55.02
N ARG C 2401 46.65 68.64 -55.97
CA ARG C 2401 47.19 68.10 -57.22
C ARG C 2401 48.71 67.94 -57.10
N LEU C 2402 49.20 66.78 -57.49
CA LEU C 2402 50.63 66.55 -57.48
C LEU C 2402 51.31 67.44 -58.53
N PRO C 2403 52.56 67.86 -58.32
CA PRO C 2403 53.23 68.74 -59.29
C PRO C 2403 53.46 68.07 -60.64
N ASP C 2449 42.80 74.01 -61.32
CA ASP C 2449 41.94 74.47 -60.24
C ASP C 2449 42.10 73.57 -59.02
N SER C 2450 41.75 74.11 -57.85
CA SER C 2450 41.84 73.38 -56.59
C SER C 2450 40.56 72.64 -56.24
N THR C 2451 39.54 72.70 -57.08
CA THR C 2451 38.27 72.02 -56.84
C THR C 2451 37.84 71.30 -58.10
N GLU C 2452 37.16 70.17 -57.93
CA GLU C 2452 36.69 69.35 -59.05
C GLU C 2452 35.26 68.91 -58.78
N ARG C 2453 34.49 68.81 -59.85
CA ARG C 2453 33.12 68.31 -59.74
C ARG C 2453 33.15 66.80 -59.50
N ALA C 2454 32.22 66.32 -58.67
CA ALA C 2454 32.23 64.95 -58.21
C ALA C 2454 30.92 64.19 -58.49
N CYS C 2455 29.91 64.86 -59.06
CA CYS C 2455 28.64 64.20 -59.35
C CYS C 2455 28.23 64.38 -60.80
N ASP C 2456 29.21 64.61 -61.69
CA ASP C 2456 28.90 64.76 -63.11
C ASP C 2456 28.32 63.48 -63.70
N THR C 2457 28.81 62.33 -63.26
CA THR C 2457 28.29 61.03 -63.66
C THR C 2457 27.83 60.28 -62.43
N LEU C 2458 26.85 59.39 -62.63
CA LEU C 2458 26.26 58.71 -61.47
C LEU C 2458 27.28 57.80 -60.79
N LEU C 2459 28.18 57.18 -61.55
CA LEU C 2459 29.22 56.37 -60.92
C LEU C 2459 30.15 57.21 -60.07
N MET C 2460 30.55 58.38 -60.59
CA MET C 2460 31.39 59.27 -59.79
C MET C 2460 30.65 59.71 -58.53
N CYS C 2461 29.37 60.01 -58.65
CA CYS C 2461 28.61 60.48 -57.50
C CYS C 2461 28.46 59.36 -56.46
N ILE C 2462 28.22 58.13 -56.92
CA ILE C 2462 28.15 56.98 -56.03
C ILE C 2462 29.47 56.77 -55.33
N VAL C 2463 30.58 56.88 -56.06
CA VAL C 2463 31.89 56.71 -55.44
C VAL C 2463 32.10 57.78 -54.37
N THR C 2464 31.79 59.04 -54.69
CA THR C 2464 31.95 60.11 -53.72
C THR C 2464 31.14 59.82 -52.46
N VAL C 2465 29.86 59.50 -52.63
CA VAL C 2465 29.04 59.20 -51.45
C VAL C 2465 29.63 58.04 -50.67
N MET C 2466 29.73 56.86 -51.29
CA MET C 2466 30.18 55.66 -50.59
C MET C 2466 31.49 55.91 -49.85
N ASN C 2467 32.43 56.62 -50.47
CA ASN C 2467 33.75 56.78 -49.87
C ASN C 2467 33.72 57.82 -48.76
N HIS C 2468 33.31 59.05 -49.09
CA HIS C 2468 33.45 60.15 -48.13
C HIS C 2468 32.30 60.20 -47.13
N GLY C 2469 31.05 60.11 -47.59
CA GLY C 2469 29.93 60.31 -46.69
C GLY C 2469 29.85 59.24 -45.62
N LEU C 2470 30.02 57.97 -46.01
CA LEU C 2470 29.97 56.89 -45.04
C LEU C 2470 31.07 57.03 -43.99
N ARG C 2471 32.29 57.36 -44.43
CA ARG C 2471 33.40 57.48 -43.50
C ARG C 2471 33.25 58.69 -42.60
N ASN C 2472 32.66 59.77 -43.11
CA ASN C 2472 32.44 60.96 -42.30
C ASN C 2472 31.35 60.71 -41.27
N GLY C 2473 31.57 61.24 -40.06
CA GLY C 2473 30.58 61.08 -39.01
C GLY C 2473 29.26 61.77 -39.33
N GLY C 2474 29.32 63.01 -39.82
CA GLY C 2474 28.10 63.71 -40.16
C GLY C 2474 27.36 63.08 -41.33
N GLY C 2475 28.10 62.69 -42.37
CA GLY C 2475 27.51 62.11 -43.56
C GLY C 2475 27.93 62.83 -44.82
N VAL C 2476 27.07 62.81 -45.84
CA VAL C 2476 27.38 63.48 -47.09
C VAL C 2476 27.28 65.00 -46.96
N GLY C 2477 26.59 65.48 -45.93
CA GLY C 2477 26.49 66.92 -45.74
C GLY C 2477 27.84 67.57 -45.50
N ASP C 2478 28.74 66.87 -44.80
CA ASP C 2478 30.05 67.43 -44.53
C ASP C 2478 30.82 67.69 -45.82
N ILE C 2479 30.80 66.73 -46.74
CA ILE C 2479 31.54 66.92 -47.98
C ILE C 2479 30.83 67.94 -48.87
N LEU C 2480 29.50 67.90 -48.90
CA LEU C 2480 28.77 68.78 -49.82
C LEU C 2480 28.99 70.24 -49.45
N ARG C 2481 28.76 71.11 -50.43
CA ARG C 2481 28.98 72.53 -50.25
C ARG C 2481 28.05 73.09 -49.18
N LYS C 2482 28.53 74.11 -48.48
CA LYS C 2482 27.77 74.72 -47.40
C LYS C 2482 26.73 75.67 -48.00
N PRO C 2483 25.43 75.44 -47.81
CA PRO C 2483 24.43 76.31 -48.41
C PRO C 2483 24.05 77.49 -47.53
N SER C 2484 23.81 78.63 -48.18
CA SER C 2484 23.34 79.81 -47.46
C SER C 2484 21.86 79.68 -47.16
N LYS C 2485 21.42 80.39 -46.10
CA LYS C 2485 20.02 80.34 -45.71
C LYS C 2485 19.12 80.94 -46.78
N ASP C 2486 19.58 82.01 -47.44
CA ASP C 2486 18.76 82.68 -48.43
C ASP C 2486 18.53 81.81 -49.66
N GLU C 2487 19.36 80.79 -49.86
CA GLU C 2487 19.23 79.97 -51.06
C GLU C 2487 17.91 79.21 -51.05
N SER C 2488 17.33 79.00 -52.23
CA SER C 2488 16.03 78.36 -52.34
C SER C 2488 16.08 76.91 -51.87
N LEU C 2489 17.14 76.19 -52.20
CA LEU C 2489 17.25 74.76 -51.91
C LEU C 2489 17.80 74.47 -50.52
N PHE C 2490 17.86 75.48 -49.65
CA PHE C 2490 18.37 75.25 -48.30
C PHE C 2490 17.53 74.25 -47.51
N PRO C 2491 16.21 74.33 -47.48
CA PRO C 2491 15.44 73.29 -46.77
C PRO C 2491 15.65 71.90 -47.34
N ALA C 2492 15.74 71.79 -48.67
CA ALA C 2492 15.98 70.49 -49.27
C ALA C 2492 17.34 69.94 -48.86
N ARG C 2493 18.36 70.79 -48.82
CA ARG C 2493 19.68 70.35 -48.39
C ARG C 2493 19.66 69.92 -46.93
N VAL C 2494 18.95 70.67 -46.08
CA VAL C 2494 18.85 70.29 -44.67
C VAL C 2494 18.20 68.92 -44.53
N VAL C 2495 17.09 68.71 -45.23
CA VAL C 2495 16.41 67.42 -45.16
C VAL C 2495 17.32 66.31 -45.67
N TYR C 2496 18.00 66.56 -46.79
CA TYR C 2496 18.91 65.56 -47.35
C TYR C 2496 19.97 65.15 -46.33
N ASP C 2497 20.65 66.13 -45.74
CA ASP C 2497 21.72 65.84 -44.80
C ASP C 2497 21.21 65.10 -43.59
N LEU C 2498 20.11 65.58 -42.97
CA LEU C 2498 19.61 64.94 -41.76
C LEU C 2498 19.12 63.53 -42.06
N LEU C 2499 18.44 63.33 -43.19
CA LEU C 2499 17.95 62.00 -43.53
C LEU C 2499 19.11 61.04 -43.76
N PHE C 2500 20.15 61.48 -44.47
CA PHE C 2500 21.31 60.61 -44.63
C PHE C 2500 21.91 60.26 -43.28
N PHE C 2501 22.11 61.26 -42.42
CA PHE C 2501 22.72 61.01 -41.11
C PHE C 2501 21.92 60.00 -40.31
N PHE C 2502 20.59 60.15 -40.29
CA PHE C 2502 19.78 59.27 -39.44
C PHE C 2502 19.62 57.88 -40.05
N ILE C 2503 19.31 57.80 -41.34
CA ILE C 2503 19.03 56.52 -41.96
C ILE C 2503 20.30 55.68 -42.08
N VAL C 2504 21.40 56.29 -42.54
CA VAL C 2504 22.59 55.51 -42.88
C VAL C 2504 23.55 55.47 -41.70
N ILE C 2505 24.01 56.64 -41.25
CA ILE C 2505 25.08 56.68 -40.26
C ILE C 2505 24.59 56.16 -38.90
N ILE C 2506 23.41 56.59 -38.47
CA ILE C 2506 22.96 56.29 -37.12
C ILE C 2506 22.35 54.89 -37.00
N ILE C 2507 21.60 54.45 -38.00
CA ILE C 2507 20.84 53.21 -37.93
C ILE C 2507 21.54 52.08 -38.66
N VAL C 2508 21.78 52.24 -39.96
CA VAL C 2508 22.31 51.14 -40.76
C VAL C 2508 23.71 50.76 -40.30
N LEU C 2509 24.57 51.75 -40.10
CA LEU C 2509 25.95 51.46 -39.70
C LEU C 2509 26.01 50.83 -38.32
N ASN C 2510 25.12 51.25 -37.41
CA ASN C 2510 25.14 50.72 -36.06
C ASN C 2510 24.58 49.29 -35.99
N LEU C 2511 23.84 48.87 -37.02
CA LEU C 2511 23.28 47.53 -37.00
C LEU C 2511 24.38 46.48 -37.08
N ILE C 2512 25.49 46.76 -37.76
CA ILE C 2512 26.60 45.83 -37.80
C ILE C 2512 27.18 45.61 -36.40
N PHE C 2513 27.37 46.70 -35.66
CA PHE C 2513 27.87 46.57 -34.29
C PHE C 2513 26.86 45.84 -33.41
N GLY C 2514 25.57 46.11 -33.60
CA GLY C 2514 24.56 45.36 -32.88
C GLY C 2514 24.63 43.88 -33.15
N VAL C 2515 24.84 43.51 -34.43
CA VAL C 2515 24.98 42.11 -34.79
C VAL C 2515 26.19 41.50 -34.10
N ILE C 2516 27.32 42.23 -34.07
CA ILE C 2516 28.51 41.72 -33.41
C ILE C 2516 28.24 41.49 -31.92
N ILE C 2517 27.58 42.44 -31.26
CA ILE C 2517 27.28 42.29 -29.84
C ILE C 2517 26.36 41.10 -29.60
N ASP C 2518 25.35 40.94 -30.45
CA ASP C 2518 24.44 39.80 -30.32
C ASP C 2518 25.18 38.48 -30.49
N THR C 2519 26.13 38.43 -31.43
CA THR C 2519 26.93 37.22 -31.60
C THR C 2519 27.76 36.93 -30.35
N PHE C 2520 28.35 37.98 -29.77
CA PHE C 2520 29.05 37.81 -28.50
C PHE C 2520 28.14 37.14 -27.47
N ALA C 2521 26.93 37.69 -27.30
CA ALA C 2521 26.02 37.16 -26.28
C ALA C 2521 25.63 35.72 -26.58
N ASP C 2522 25.37 35.41 -27.84
CA ASP C 2522 24.97 34.05 -28.21
C ASP C 2522 26.09 33.07 -27.93
N LEU C 2523 27.33 33.43 -28.27
CA LEU C 2523 28.47 32.55 -27.98
C LEU C 2523 28.59 32.32 -26.49
N ARG C 2524 28.45 33.39 -25.69
CA ARG C 2524 28.52 33.24 -24.24
C ARG C 2524 27.45 32.27 -23.73
N SER C 2525 26.22 32.42 -24.21
CA SER C 2525 25.14 31.56 -23.74
C SER C 2525 25.40 30.11 -24.10
N GLU C 2526 25.82 29.84 -25.34
CA GLU C 2526 26.08 28.47 -25.75
C GLU C 2526 27.21 27.86 -24.93
N LYS C 2527 28.29 28.63 -24.70
CA LYS C 2527 29.40 28.11 -23.91
C LYS C 2527 28.95 27.78 -22.49
N GLN C 2528 28.16 28.67 -21.87
CA GLN C 2528 27.70 28.42 -20.51
C GLN C 2528 26.84 27.17 -20.45
N LYS C 2529 25.92 27.00 -21.39
CA LYS C 2529 25.06 25.82 -21.38
C LYS C 2529 25.88 24.54 -21.54
N LYS C 2530 26.83 24.55 -22.48
CA LYS C 2530 27.64 23.36 -22.68
C LYS C 2530 28.47 23.03 -21.45
N GLU C 2531 29.06 24.05 -20.81
CA GLU C 2531 29.85 23.80 -19.61
C GLU C 2531 28.98 23.23 -18.49
N GLU C 2532 27.78 23.79 -18.32
CA GLU C 2532 26.88 23.28 -17.28
C GLU C 2532 26.54 21.82 -17.53
N ILE C 2533 26.19 21.47 -18.77
CA ILE C 2533 25.86 20.09 -19.08
C ILE C 2533 27.06 19.18 -18.79
N LEU C 2534 28.24 19.58 -19.25
CA LEU C 2534 29.43 18.75 -19.08
C LEU C 2534 29.72 18.51 -17.60
N LYS C 2535 29.60 19.56 -16.79
CA LYS C 2535 29.96 19.43 -15.38
C LYS C 2535 28.92 18.66 -14.59
N THR C 2536 27.63 18.84 -14.92
CA THR C 2536 26.56 18.30 -14.07
C THR C 2536 25.73 17.23 -14.77
N THR C 2537 26.29 16.53 -15.76
CA THR C 2537 25.60 15.38 -16.33
C THR C 2537 26.61 14.28 -16.66
N CYS C 2538 26.11 13.05 -16.67
CA CYS C 2538 26.94 11.88 -16.97
C CYS C 2538 26.97 11.67 -18.49
N PHE C 2539 28.16 11.43 -19.03
CA PHE C 2539 28.32 11.32 -20.48
C PHE C 2539 27.54 10.12 -21.02
N ILE C 2540 27.57 9.00 -20.31
CA ILE C 2540 27.04 7.76 -20.87
C ILE C 2540 25.52 7.68 -20.70
N CYS C 2541 25.04 7.83 -19.45
CA CYS C 2541 23.62 7.66 -19.17
C CYS C 2541 22.84 8.96 -19.07
N GLY C 2542 23.51 10.10 -18.94
CA GLY C 2542 22.83 11.37 -18.96
C GLY C 2542 22.15 11.76 -17.67
N LEU C 2543 22.30 10.99 -16.60
CA LEU C 2543 21.67 11.33 -15.33
C LEU C 2543 22.34 12.56 -14.72
N GLU C 2544 21.56 13.34 -13.99
CA GLU C 2544 22.02 14.58 -13.39
C GLU C 2544 22.54 14.35 -11.98
N ARG C 2545 23.26 15.35 -11.47
CA ARG C 2545 23.86 15.24 -10.14
C ARG C 2545 22.80 15.11 -9.06
N ASP C 2546 21.71 15.87 -9.17
CA ASP C 2546 20.69 15.86 -8.12
C ASP C 2546 20.11 14.49 -7.88
N LYS C 2547 20.10 13.63 -8.90
CA LYS C 2547 19.52 12.29 -8.74
C LYS C 2547 20.30 11.47 -7.73
N PHE C 2548 21.60 11.72 -7.58
CA PHE C 2548 22.46 10.93 -6.71
C PHE C 2548 22.52 11.48 -5.30
N ASP C 2549 21.75 12.53 -4.99
CA ASP C 2549 21.82 13.13 -3.66
C ASP C 2549 21.29 12.16 -2.61
N ASN C 2550 21.98 12.11 -1.46
CA ASN C 2550 21.60 11.24 -0.35
C ASN C 2550 21.52 9.78 -0.78
N LYS C 2551 22.59 9.31 -1.42
CA LYS C 2551 22.68 7.94 -1.88
C LYS C 2551 24.03 7.35 -1.49
N THR C 2552 24.11 6.02 -1.52
CA THR C 2552 25.34 5.34 -1.12
C THR C 2552 26.50 5.70 -2.05
N VAL C 2553 26.23 5.80 -3.35
CA VAL C 2553 27.24 6.08 -4.36
C VAL C 2553 27.06 7.51 -4.84
N SER C 2554 28.15 8.27 -4.82
CA SER C 2554 28.12 9.67 -5.23
C SER C 2554 28.22 9.81 -6.74
N PHE C 2555 27.95 11.02 -7.23
CA PHE C 2555 28.06 11.29 -8.66
C PHE C 2555 29.50 11.13 -9.14
N GLU C 2556 30.47 11.56 -8.31
CA GLU C 2556 31.86 11.38 -8.67
C GLU C 2556 32.20 9.90 -8.83
N GLU C 2557 31.73 9.07 -7.91
CA GLU C 2557 31.94 7.64 -8.04
C GLU C 2557 31.27 7.08 -9.29
N HIS C 2558 30.04 7.54 -9.57
CA HIS C 2558 29.34 7.08 -10.76
C HIS C 2558 30.15 7.36 -12.02
N ILE C 2559 30.63 8.59 -12.16
CA ILE C 2559 31.36 8.97 -13.37
C ILE C 2559 32.71 8.26 -13.43
N LYS C 2560 33.37 8.12 -12.28
CA LYS C 2560 34.73 7.57 -12.27
C LYS C 2560 34.75 6.06 -12.51
N LEU C 2561 33.84 5.33 -11.88
CA LEU C 2561 33.90 3.87 -11.86
C LEU C 2561 32.73 3.23 -12.59
N GLU C 2562 31.49 3.54 -12.20
CA GLU C 2562 30.34 2.81 -12.73
C GLU C 2562 30.14 3.11 -14.22
N HIS C 2563 30.20 4.38 -14.60
CA HIS C 2563 29.98 4.81 -15.99
C HIS C 2563 31.20 5.61 -16.44
N ASN C 2564 32.17 4.92 -17.04
CA ASN C 2564 33.37 5.57 -17.57
C ASN C 2564 33.41 5.40 -19.08
N MET C 2565 33.36 6.53 -19.80
CA MET C 2565 33.38 6.50 -21.25
C MET C 2565 34.62 5.77 -21.76
N TRP C 2566 35.75 5.96 -21.10
CA TRP C 2566 36.96 5.28 -21.54
C TRP C 2566 36.88 3.78 -21.26
N ASN C 2567 36.19 3.38 -20.19
CA ASN C 2567 35.96 1.95 -19.98
C ASN C 2567 35.10 1.36 -21.08
N TYR C 2568 34.07 2.08 -21.50
CA TYR C 2568 33.25 1.61 -22.62
C TYR C 2568 34.08 1.51 -23.89
N LEU C 2569 34.94 2.50 -24.15
CA LEU C 2569 35.81 2.45 -25.33
C LEU C 2569 36.74 1.25 -25.24
N TYR C 2570 37.29 0.97 -24.06
CA TYR C 2570 38.17 -0.17 -23.89
C TYR C 2570 37.42 -1.48 -24.12
N PHE C 2571 36.16 -1.55 -23.68
CA PHE C 2571 35.36 -2.74 -23.96
C PHE C 2571 35.14 -2.91 -25.47
N ILE C 2572 34.88 -1.80 -26.17
CA ILE C 2572 34.72 -1.88 -27.62
C ILE C 2572 36.00 -2.39 -28.27
N VAL C 2573 37.15 -1.88 -27.83
CA VAL C 2573 38.43 -2.33 -28.36
C VAL C 2573 38.64 -3.80 -28.06
N LEU C 2574 38.26 -4.24 -26.86
CA LEU C 2574 38.39 -5.65 -26.49
C LEU C 2574 37.55 -6.52 -27.42
N VAL C 2575 36.31 -6.10 -27.67
CA VAL C 2575 35.45 -6.88 -28.57
C VAL C 2575 36.05 -6.96 -29.96
N ARG C 2576 36.56 -5.83 -30.46
CA ARG C 2576 37.14 -5.82 -31.81
C ARG C 2576 38.36 -6.72 -31.90
N VAL C 2577 39.26 -6.63 -30.92
CA VAL C 2577 40.52 -7.37 -30.98
C VAL C 2577 40.26 -8.87 -30.75
N LYS C 2578 39.40 -9.21 -29.80
CA LYS C 2578 39.21 -10.59 -29.41
C LYS C 2578 38.64 -11.42 -30.55
N ASN C 2579 39.07 -12.68 -30.62
CA ASN C 2579 38.54 -13.59 -31.61
C ASN C 2579 37.09 -13.93 -31.31
N LYS C 2580 36.33 -14.25 -32.36
CA LYS C 2580 34.90 -14.51 -32.20
C LYS C 2580 34.67 -15.73 -31.31
N THR C 2581 35.50 -16.76 -31.46
CA THR C 2581 35.30 -17.97 -30.67
C THR C 2581 35.44 -17.70 -29.18
N ASP C 2582 36.39 -16.83 -28.80
CA ASP C 2582 36.64 -16.57 -27.39
C ASP C 2582 35.59 -15.64 -26.76
N TYR C 2583 34.66 -15.11 -27.54
CA TYR C 2583 33.65 -14.22 -27.00
C TYR C 2583 32.86 -14.89 -25.88
N THR C 2584 32.61 -14.14 -24.82
CA THR C 2584 31.66 -14.57 -23.79
C THR C 2584 30.25 -14.21 -24.23
N GLY C 2585 29.30 -14.43 -23.33
CA GLY C 2585 27.91 -14.11 -23.62
C GLY C 2585 27.68 -12.63 -23.81
N PRO C 2586 28.02 -11.84 -22.79
CA PRO C 2586 27.88 -10.37 -22.94
C PRO C 2586 28.70 -9.81 -24.09
N GLU C 2587 29.91 -10.34 -24.30
CA GLU C 2587 30.73 -9.87 -25.41
C GLU C 2587 30.09 -10.18 -26.75
N SER C 2588 29.51 -11.37 -26.88
CA SER C 2588 28.80 -11.72 -28.11
C SER C 2588 27.61 -10.79 -28.33
N TYR C 2589 26.85 -10.52 -27.26
CA TYR C 2589 25.72 -9.60 -27.38
C TYR C 2589 26.18 -8.23 -27.87
N VAL C 2590 27.22 -7.69 -27.25
CA VAL C 2590 27.70 -6.36 -27.62
C VAL C 2590 28.25 -6.36 -29.04
N ALA C 2591 28.94 -7.45 -29.43
CA ALA C 2591 29.47 -7.53 -30.78
C ALA C 2591 28.35 -7.57 -31.82
N GLN C 2592 27.30 -8.34 -31.55
CA GLN C 2592 26.17 -8.39 -32.46
C GLN C 2592 25.49 -7.03 -32.56
N MET C 2593 25.33 -6.34 -31.43
CA MET C 2593 24.72 -5.01 -31.46
C MET C 2593 25.58 -4.05 -32.26
N ILE C 2594 26.90 -4.11 -32.09
CA ILE C 2594 27.80 -3.27 -32.87
C ILE C 2594 27.67 -3.56 -34.36
N LYS C 2595 27.60 -4.85 -34.71
CA LYS C 2595 27.43 -5.22 -36.11
C LYS C 2595 26.12 -4.66 -36.67
N ASN C 2596 25.05 -4.74 -35.89
CA ASN C 2596 23.74 -4.27 -36.34
C ASN C 2596 23.54 -2.77 -36.16
N LYS C 2597 24.54 -2.06 -35.64
CA LYS C 2597 24.46 -0.61 -35.48
C LYS C 2597 23.35 -0.22 -34.52
N ASN C 2598 23.16 -1.02 -33.47
CA ASN C 2598 22.19 -0.73 -32.42
C ASN C 2598 22.94 -0.29 -31.18
N LEU C 2599 22.56 0.88 -30.63
CA LEU C 2599 23.24 1.46 -29.49
C LEU C 2599 22.44 1.31 -28.20
N ASP C 2600 21.50 0.36 -28.16
CA ASP C 2600 20.70 0.17 -26.95
C ASP C 2600 21.49 -0.50 -25.83
N TRP C 2601 22.67 -1.05 -26.12
CA TRP C 2601 23.45 -1.69 -25.06
C TRP C 2601 24.01 -0.66 -24.09
N PHE C 2602 24.24 0.57 -24.56
CA PHE C 2602 24.63 1.63 -23.66
C PHE C 2602 23.48 1.94 -22.70
N PRO C 2603 23.77 2.21 -21.42
CA PRO C 2603 22.69 2.55 -20.48
C PRO C 2603 22.23 3.98 -20.70
N ARG C 2604 20.91 4.17 -20.73
CA ARG C 2604 20.29 5.48 -20.93
C ARG C 2604 19.34 5.77 -19.79
N MET C 2605 19.64 6.81 -19.01
CA MET C 2605 18.76 7.25 -17.92
C MET C 2605 18.48 6.11 -16.94
N ARG C 2606 19.44 5.22 -16.74
CA ARG C 2606 19.30 4.11 -15.82
C ARG C 2606 20.64 3.83 -15.17
N ALA C 2607 20.63 3.59 -13.86
CA ALA C 2607 21.83 3.28 -13.11
C ALA C 2607 21.52 2.26 -12.04
N MET C 2608 22.33 1.20 -11.97
CA MET C 2608 22.11 0.14 -11.00
C MET C 2608 22.22 0.68 -9.57
N SER C 2609 23.21 1.54 -9.33
CA SER C 2609 23.39 2.09 -7.99
C SER C 2609 22.17 2.88 -7.55
N LEU C 2610 21.62 3.70 -8.45
CA LEU C 2610 20.42 4.46 -8.12
C LEU C 2610 19.23 3.54 -7.92
N VAL C 2611 19.11 2.51 -8.74
CA VAL C 2611 17.99 1.56 -8.61
C VAL C 2611 18.05 0.88 -7.24
N SER C 2612 19.24 0.45 -6.83
CA SER C 2612 19.42 -0.22 -5.56
C SER C 2612 20.47 0.49 -4.71
N LEU D 235 -51.48 -11.27 -5.10
CA LEU D 235 -52.82 -11.75 -4.81
C LEU D 235 -53.05 -11.82 -3.30
N LYS D 236 -54.20 -11.34 -2.85
CA LYS D 236 -54.55 -11.32 -1.43
C LYS D 236 -55.97 -11.84 -1.26
N GLY D 237 -56.24 -12.36 -0.06
CA GLY D 237 -57.59 -12.83 0.23
C GLY D 237 -58.60 -11.69 0.17
N GLY D 238 -59.80 -12.00 -0.29
CA GLY D 238 -60.85 -11.02 -0.45
C GLY D 238 -60.81 -10.25 -1.74
N ASP D 239 -59.88 -10.56 -2.64
CA ASP D 239 -59.79 -9.90 -3.94
C ASP D 239 -60.49 -10.76 -4.99
N VAL D 240 -61.18 -10.08 -5.91
CA VAL D 240 -61.98 -10.75 -6.94
C VAL D 240 -61.24 -10.68 -8.27
N VAL D 241 -61.17 -11.81 -8.96
CA VAL D 241 -60.52 -11.92 -10.26
C VAL D 241 -61.31 -12.89 -11.12
N ARG D 242 -60.88 -13.06 -12.37
CA ARG D 242 -61.49 -13.98 -13.31
C ARG D 242 -60.49 -15.04 -13.73
N LEU D 243 -60.95 -16.29 -13.82
CA LEU D 243 -60.12 -17.41 -14.24
C LEU D 243 -60.41 -17.72 -15.70
N PHE D 244 -59.37 -17.74 -16.52
CA PHE D 244 -59.49 -17.96 -17.96
C PHE D 244 -58.69 -19.18 -18.36
N HIS D 245 -59.28 -20.00 -19.23
CA HIS D 245 -58.64 -21.21 -19.73
C HIS D 245 -58.00 -20.91 -21.09
N ALA D 246 -56.73 -21.26 -21.24
CA ALA D 246 -56.01 -20.93 -22.47
C ALA D 246 -56.41 -21.85 -23.61
N GLU D 247 -56.31 -23.16 -23.41
CA GLU D 247 -56.61 -24.11 -24.49
C GLU D 247 -58.06 -23.98 -24.93
N GLN D 248 -58.99 -23.94 -23.97
CA GLN D 248 -60.41 -23.83 -24.31
C GLN D 248 -60.82 -22.41 -24.69
N GLU D 249 -60.04 -21.40 -24.28
CA GLU D 249 -60.37 -20.01 -24.56
C GLU D 249 -61.78 -19.68 -24.05
N LYS D 250 -62.05 -20.06 -22.80
CA LYS D 250 -63.36 -19.89 -22.20
C LYS D 250 -63.21 -19.46 -20.76
N PHE D 251 -64.30 -18.96 -20.19
CA PHE D 251 -64.33 -18.43 -18.83
C PHE D 251 -65.19 -19.31 -17.94
N LEU D 252 -64.69 -19.61 -16.76
CA LEU D 252 -65.45 -20.37 -15.77
C LEU D 252 -66.54 -19.50 -15.16
N THR D 253 -67.69 -20.10 -14.88
CA THR D 253 -68.82 -19.36 -14.35
C THR D 253 -69.69 -20.30 -13.53
N CYS D 254 -70.53 -19.72 -12.68
CA CYS D 254 -71.52 -20.45 -11.89
C CYS D 254 -72.88 -19.82 -12.11
N ASP D 255 -73.85 -20.63 -12.50
CA ASP D 255 -75.18 -20.11 -12.82
C ASP D 255 -76.23 -21.16 -12.50
N GLU D 256 -77.46 -20.70 -12.33
CA GLU D 256 -78.61 -21.57 -12.05
C GLU D 256 -79.21 -22.01 -13.37
N TYR D 257 -78.76 -23.17 -13.86
CA TYR D 257 -79.20 -23.66 -15.16
C TYR D 257 -80.70 -23.95 -15.14
N LYS D 258 -81.12 -24.91 -14.31
CA LYS D 258 -82.51 -25.35 -14.24
C LYS D 258 -82.98 -25.37 -12.80
N GLY D 259 -82.73 -24.26 -12.09
CA GLY D 259 -83.11 -24.14 -10.70
C GLY D 259 -82.05 -24.59 -9.71
N LYS D 260 -80.95 -25.17 -10.18
CA LYS D 260 -79.86 -25.60 -9.32
C LYS D 260 -78.57 -24.95 -9.80
N LEU D 261 -77.79 -24.46 -8.84
CA LEU D 261 -76.53 -23.80 -9.18
C LEU D 261 -75.52 -24.81 -9.69
N GLN D 262 -74.86 -24.49 -10.80
CA GLN D 262 -73.87 -25.37 -11.41
C GLN D 262 -72.72 -24.52 -11.93
N VAL D 263 -71.52 -25.12 -11.89
CA VAL D 263 -70.29 -24.49 -12.34
C VAL D 263 -69.90 -25.10 -13.68
N PHE D 264 -69.56 -24.24 -14.64
CA PHE D 264 -69.30 -24.70 -16.00
C PHE D 264 -68.33 -23.74 -16.70
N LEU D 265 -67.67 -24.26 -17.72
CA LEU D 265 -66.81 -23.46 -18.58
C LEU D 265 -67.65 -22.99 -19.77
N ARG D 266 -68.19 -21.77 -19.66
CA ARG D 266 -69.11 -21.27 -20.65
C ARG D 266 -68.40 -21.04 -21.98
N THR D 267 -69.04 -21.45 -23.08
CA THR D 267 -68.52 -21.20 -24.40
C THR D 267 -69.01 -19.85 -24.91
N THR D 268 -68.16 -19.19 -25.71
CA THR D 268 -68.47 -17.88 -26.27
C THR D 268 -68.32 -17.92 -27.78
N LEU D 269 -69.27 -17.31 -28.48
CA LEU D 269 -69.24 -17.20 -29.93
C LEU D 269 -68.58 -15.90 -30.40
N ARG D 270 -68.10 -15.07 -29.49
CA ARG D 270 -67.47 -13.82 -29.87
C ARG D 270 -66.14 -14.07 -30.57
N GLN D 271 -65.68 -13.07 -31.31
CA GLN D 271 -64.38 -13.13 -31.96
C GLN D 271 -63.24 -12.72 -31.04
N SER D 272 -63.54 -12.29 -29.81
CA SER D 272 -62.53 -11.91 -28.83
C SER D 272 -62.89 -12.56 -27.50
N ALA D 273 -62.11 -13.57 -27.11
CA ALA D 273 -62.41 -14.29 -25.88
C ALA D 273 -62.29 -13.37 -24.66
N THR D 274 -61.29 -12.50 -24.65
CA THR D 274 -61.09 -11.61 -23.50
C THR D 274 -62.30 -10.73 -23.26
N SER D 275 -63.05 -10.41 -24.31
CA SER D 275 -64.24 -9.57 -24.17
C SER D 275 -65.44 -10.33 -23.63
N ALA D 276 -65.36 -11.67 -23.53
CA ALA D 276 -66.47 -12.49 -23.03
C ALA D 276 -66.38 -12.54 -21.50
N THR D 277 -66.71 -11.40 -20.88
CA THR D 277 -66.67 -11.24 -19.44
C THR D 277 -68.07 -10.98 -18.93
N SER D 278 -68.45 -11.69 -17.86
CA SER D 278 -69.76 -11.55 -17.24
C SER D 278 -69.60 -11.37 -15.74
N SER D 279 -70.55 -10.66 -15.13
CA SER D 279 -70.49 -10.42 -13.70
C SER D 279 -70.57 -11.73 -12.92
N ASN D 280 -71.44 -12.64 -13.35
CA ASN D 280 -71.59 -13.92 -12.67
C ASN D 280 -70.34 -14.79 -12.76
N ALA D 281 -69.42 -14.48 -13.66
CA ALA D 281 -68.18 -15.22 -13.78
C ALA D 281 -67.08 -14.71 -12.86
N LEU D 282 -67.36 -13.69 -12.07
CA LEU D 282 -66.36 -13.17 -11.13
C LEU D 282 -66.12 -14.17 -10.00
N TRP D 283 -64.86 -14.30 -9.59
CA TRP D 283 -64.48 -15.19 -8.52
C TRP D 283 -63.58 -14.46 -7.54
N GLU D 284 -63.67 -14.85 -6.26
CA GLU D 284 -62.91 -14.25 -5.19
C GLU D 284 -62.01 -15.30 -4.54
N VAL D 285 -60.83 -14.87 -4.11
CA VAL D 285 -59.85 -15.75 -3.50
C VAL D 285 -59.89 -15.55 -1.99
N GLU D 286 -59.94 -16.66 -1.25
CA GLU D 286 -59.94 -16.65 0.21
C GLU D 286 -58.74 -17.42 0.71
N VAL D 287 -58.03 -16.84 1.67
CA VAL D 287 -56.83 -17.44 2.24
C VAL D 287 -57.20 -18.08 3.58
N VAL D 288 -56.55 -19.21 3.87
CA VAL D 288 -56.78 -19.96 5.09
C VAL D 288 -55.67 -19.64 6.08
N HIS D 289 -56.05 -19.20 7.27
CA HIS D 289 -55.11 -18.85 8.33
C HIS D 289 -55.60 -19.42 9.65
N HIS D 290 -54.73 -19.37 10.66
CA HIS D 290 -55.11 -19.89 11.97
C HIS D 290 -56.30 -19.13 12.54
N ASP D 291 -56.28 -17.80 12.42
CA ASP D 291 -57.41 -16.98 12.86
C ASP D 291 -58.46 -16.95 11.78
N PRO D 292 -59.71 -17.34 12.06
CA PRO D 292 -60.73 -17.33 11.00
C PRO D 292 -60.95 -15.96 10.38
N CYS D 293 -60.78 -14.89 11.15
CA CYS D 293 -60.99 -13.54 10.66
C CYS D 293 -59.74 -12.94 10.00
N ARG D 294 -58.64 -13.68 9.94
CA ARG D 294 -57.40 -13.21 9.35
C ARG D 294 -57.27 -13.78 7.94
N GLY D 295 -57.17 -12.88 6.96
CA GLY D 295 -56.98 -13.29 5.58
C GLY D 295 -55.56 -13.13 5.10
N GLY D 296 -54.95 -11.99 5.42
CA GLY D 296 -53.58 -11.75 5.02
C GLY D 296 -53.41 -11.81 3.52
N ALA D 297 -52.23 -12.26 3.09
CA ALA D 297 -51.92 -12.44 1.68
C ALA D 297 -51.49 -13.89 1.45
N GLY D 298 -52.02 -14.51 0.41
CA GLY D 298 -51.76 -15.92 0.18
C GLY D 298 -50.31 -16.16 -0.26
N HIS D 299 -49.74 -17.25 0.24
CA HIS D 299 -48.41 -17.70 -0.14
C HIS D 299 -48.52 -18.87 -1.11
N TRP D 300 -47.41 -19.14 -1.80
CA TRP D 300 -47.40 -20.24 -2.77
C TRP D 300 -47.58 -21.60 -2.12
N ASN D 301 -47.41 -21.69 -0.80
CA ASN D 301 -47.58 -22.94 -0.07
C ASN D 301 -48.74 -22.86 0.92
N GLY D 302 -49.75 -22.05 0.61
CA GLY D 302 -50.89 -21.87 1.47
C GLY D 302 -52.18 -22.34 0.79
N LEU D 303 -53.10 -22.85 1.60
CA LEU D 303 -54.37 -23.31 1.08
C LEU D 303 -55.22 -22.12 0.61
N TYR D 304 -56.00 -22.35 -0.44
CA TYR D 304 -56.82 -21.32 -1.04
C TYR D 304 -58.24 -21.84 -1.25
N ARG D 305 -59.19 -20.90 -1.29
CA ARG D 305 -60.58 -21.21 -1.57
C ARG D 305 -61.11 -20.22 -2.60
N PHE D 306 -62.06 -20.67 -3.41
CA PHE D 306 -62.68 -19.86 -4.44
C PHE D 306 -64.15 -19.64 -4.11
N LYS D 307 -64.56 -18.36 -4.13
CA LYS D 307 -65.91 -17.96 -3.76
C LYS D 307 -66.57 -17.25 -4.94
N HIS D 308 -67.89 -17.34 -5.01
CA HIS D 308 -68.66 -16.65 -6.04
C HIS D 308 -69.10 -15.30 -5.48
N LEU D 309 -68.80 -14.22 -6.22
CA LEU D 309 -69.10 -12.89 -5.76
C LEU D 309 -70.58 -12.56 -5.76
N ALA D 310 -71.40 -13.34 -6.47
CA ALA D 310 -72.83 -13.07 -6.59
C ALA D 310 -73.65 -14.09 -5.82
N THR D 311 -73.48 -15.39 -6.11
CA THR D 311 -74.23 -16.41 -5.39
C THR D 311 -73.68 -16.65 -3.99
N GLY D 312 -72.37 -16.47 -3.80
CA GLY D 312 -71.75 -16.69 -2.52
C GLY D 312 -71.29 -18.11 -2.26
N ASN D 313 -71.63 -19.05 -3.15
CA ASN D 313 -71.20 -20.43 -2.99
C ASN D 313 -69.72 -20.58 -3.34
N TYR D 314 -69.08 -21.59 -2.77
CA TYR D 314 -67.67 -21.83 -2.96
C TYR D 314 -67.45 -23.01 -3.90
N LEU D 315 -66.40 -22.90 -4.72
CA LEU D 315 -66.06 -23.96 -5.66
C LEU D 315 -65.55 -25.18 -4.91
N ALA D 316 -65.96 -26.36 -5.38
CA ALA D 316 -65.54 -27.62 -4.77
C ALA D 316 -65.75 -28.74 -5.78
N ALA D 317 -65.15 -29.88 -5.51
CA ALA D 317 -65.25 -31.07 -6.34
C ALA D 317 -65.94 -32.17 -5.55
N GLU D 318 -66.91 -32.82 -6.18
CA GLU D 318 -67.67 -33.89 -5.54
C GLU D 318 -67.79 -35.06 -6.50
N GLU D 319 -68.11 -36.22 -5.95
CA GLU D 319 -68.23 -37.46 -6.73
C GLU D 319 -69.08 -37.25 -7.97
N ASN D 320 -68.49 -37.49 -9.13
CA ASN D 320 -69.20 -37.31 -10.39
C ASN D 320 -70.07 -38.53 -10.69
N PRO D 321 -71.38 -38.37 -10.91
CA PRO D 321 -72.23 -39.53 -11.25
C PRO D 321 -71.71 -40.30 -12.45
N ILE D 350 -64.08 -39.42 -15.67
CA ILE D 350 -64.06 -38.47 -14.57
C ILE D 350 -64.67 -39.10 -13.33
N LYS D 351 -63.98 -38.94 -12.19
CA LYS D 351 -64.47 -39.43 -10.91
C LYS D 351 -65.07 -38.32 -10.05
N TYR D 352 -64.62 -37.09 -10.22
CA TYR D 352 -65.14 -35.95 -9.46
C TYR D 352 -65.45 -34.81 -10.42
N CYS D 353 -66.54 -34.10 -10.14
CA CYS D 353 -66.98 -32.97 -10.96
C CYS D 353 -67.02 -31.71 -10.10
N LEU D 354 -66.70 -30.58 -10.73
CA LEU D 354 -66.67 -29.31 -10.03
C LEU D 354 -68.09 -28.77 -9.87
N VAL D 355 -68.42 -28.37 -8.64
CA VAL D 355 -69.72 -27.81 -8.31
C VAL D 355 -69.52 -26.71 -7.27
N ALA D 356 -70.62 -26.08 -6.87
CA ALA D 356 -70.59 -25.00 -5.90
C ALA D 356 -71.29 -25.44 -4.62
N VAL D 357 -70.69 -25.11 -3.48
CA VAL D 357 -71.22 -25.49 -2.18
C VAL D 357 -71.60 -24.22 -1.42
N PRO D 358 -72.57 -24.29 -0.49
CA PRO D 358 -73.04 -23.07 0.17
C PRO D 358 -72.10 -22.56 1.25
N HIS D 359 -71.35 -23.47 1.89
CA HIS D 359 -70.48 -23.11 3.00
C HIS D 359 -69.07 -23.64 2.76
N GLY D 360 -68.10 -22.90 3.28
CA GLY D 360 -66.70 -23.28 3.14
C GLY D 360 -66.13 -23.95 4.36
N ASN D 361 -67.00 -24.46 5.24
CA ASN D 361 -66.58 -25.11 6.47
C ASN D 361 -66.21 -26.58 6.26
N ASP D 362 -65.94 -26.98 5.02
CA ASP D 362 -65.55 -28.35 4.70
C ASP D 362 -64.30 -28.34 3.84
N ILE D 363 -63.49 -29.39 3.98
CA ILE D 363 -62.25 -29.50 3.24
C ILE D 363 -62.47 -29.58 1.73
N ALA D 364 -63.70 -29.85 1.29
CA ALA D 364 -63.97 -29.95 -0.14
C ALA D 364 -63.67 -28.64 -0.85
N SER D 365 -64.07 -27.52 -0.25
CA SER D 365 -63.85 -26.22 -0.88
C SER D 365 -62.37 -25.85 -0.97
N LEU D 366 -61.52 -26.50 -0.19
CA LEU D 366 -60.09 -26.17 -0.20
C LEU D 366 -59.49 -26.47 -1.57
N PHE D 367 -58.56 -25.62 -2.00
CA PHE D 367 -57.88 -25.79 -3.27
C PHE D 367 -56.47 -25.22 -3.15
N GLU D 368 -55.60 -25.66 -4.04
CA GLU D 368 -54.23 -25.17 -4.09
C GLU D 368 -53.88 -24.79 -5.52
N LEU D 369 -52.96 -23.83 -5.65
CA LEU D 369 -52.54 -23.30 -6.95
C LEU D 369 -51.10 -23.74 -7.20
N ASP D 370 -50.94 -24.73 -8.06
CA ASP D 370 -49.61 -25.15 -8.50
C ASP D 370 -49.10 -24.18 -9.54
N PRO D 371 -47.95 -23.52 -9.33
CA PRO D 371 -47.44 -22.60 -10.35
C PRO D 371 -47.03 -23.34 -11.62
N THR D 372 -47.29 -22.70 -12.76
CA THR D 372 -46.86 -23.26 -14.04
C THR D 372 -45.38 -23.04 -14.27
N THR D 373 -44.84 -21.91 -13.82
CA THR D 373 -43.45 -21.55 -13.98
C THR D 373 -42.76 -21.47 -12.63
N LEU D 374 -41.50 -21.07 -12.65
CA LEU D 374 -40.72 -20.95 -11.41
C LEU D 374 -41.28 -19.84 -10.54
N GLN D 375 -41.16 -20.03 -9.22
CA GLN D 375 -41.65 -19.08 -8.24
C GLN D 375 -40.54 -18.78 -7.24
N LYS D 376 -40.65 -17.61 -6.60
CA LYS D 376 -39.65 -17.15 -5.64
C LYS D 376 -39.95 -17.79 -4.28
N THR D 377 -39.64 -19.08 -4.18
CA THR D 377 -39.83 -19.86 -2.95
C THR D 377 -41.28 -19.69 -2.51
N ASP D 378 -41.54 -19.30 -1.25
CA ASP D 378 -42.89 -19.15 -0.73
C ASP D 378 -43.38 -17.70 -0.80
N SER D 379 -42.92 -16.96 -1.81
CA SER D 379 -43.32 -15.57 -1.94
C SER D 379 -44.82 -15.47 -2.27
N PHE D 380 -45.38 -14.30 -1.97
CA PHE D 380 -46.80 -14.07 -2.22
C PHE D 380 -47.11 -14.23 -3.70
N VAL D 381 -48.25 -14.83 -4.00
CA VAL D 381 -48.63 -15.11 -5.39
C VAL D 381 -48.83 -13.78 -6.13
N PRO D 382 -48.18 -13.55 -7.25
CA PRO D 382 -48.42 -12.31 -8.01
C PRO D 382 -49.72 -12.40 -8.80
N ARG D 383 -50.40 -11.26 -8.90
CA ARG D 383 -51.65 -11.21 -9.64
C ARG D 383 -51.40 -11.39 -11.14
N ASN D 384 -52.37 -12.01 -11.81
CA ASN D 384 -52.30 -12.26 -13.25
C ASN D 384 -51.12 -13.19 -13.57
N SER D 385 -51.14 -14.35 -12.93
CA SER D 385 -50.12 -15.38 -13.13
C SER D 385 -50.78 -16.72 -13.39
N TYR D 386 -50.24 -17.47 -14.34
CA TYR D 386 -50.80 -18.78 -14.67
C TYR D 386 -50.63 -19.73 -13.48
N VAL D 387 -51.70 -20.50 -13.21
CA VAL D 387 -51.72 -21.45 -12.10
C VAL D 387 -52.55 -22.65 -12.52
N ARG D 388 -52.38 -23.75 -11.79
CA ARG D 388 -53.17 -24.96 -11.99
C ARG D 388 -53.90 -25.28 -10.70
N LEU D 389 -55.22 -25.50 -10.80
CA LEU D 389 -56.04 -25.80 -9.63
C LEU D 389 -55.87 -27.26 -9.25
N ARG D 390 -55.66 -27.51 -7.96
CA ARG D 390 -55.55 -28.87 -7.43
C ARG D 390 -56.44 -29.00 -6.21
N HIS D 391 -57.15 -30.12 -6.13
CA HIS D 391 -58.08 -30.41 -5.03
C HIS D 391 -57.37 -31.32 -4.03
N LEU D 392 -57.00 -30.78 -2.88
CA LEU D 392 -56.25 -31.53 -1.89
C LEU D 392 -57.14 -32.43 -1.04
N CYS D 393 -58.46 -32.22 -1.05
CA CYS D 393 -59.33 -33.04 -0.22
C CYS D 393 -59.28 -34.51 -0.63
N THR D 394 -59.29 -34.77 -1.93
CA THR D 394 -59.24 -36.14 -2.45
C THR D 394 -58.00 -36.40 -3.30
N ASN D 395 -57.06 -35.44 -3.34
CA ASN D 395 -55.81 -35.60 -4.09
C ASN D 395 -56.09 -35.91 -5.56
N THR D 396 -56.86 -35.02 -6.18
CA THR D 396 -57.18 -35.12 -7.61
C THR D 396 -56.85 -33.80 -8.28
N TRP D 397 -56.51 -33.88 -9.56
CA TRP D 397 -56.09 -32.72 -10.34
C TRP D 397 -57.23 -32.27 -11.24
N ILE D 398 -57.51 -30.96 -11.23
CA ILE D 398 -58.58 -30.42 -12.04
C ILE D 398 -58.22 -30.51 -13.51
N GLN D 399 -59.24 -30.70 -14.35
CA GLN D 399 -59.05 -30.78 -15.79
C GLN D 399 -60.29 -30.19 -16.47
N SER D 400 -60.24 -30.14 -17.80
CA SER D 400 -61.33 -29.61 -18.60
C SER D 400 -61.74 -30.63 -19.64
N THR D 401 -63.05 -30.71 -19.90
CA THR D 401 -63.60 -31.66 -20.87
C THR D 401 -64.63 -30.94 -21.73
N ASN D 402 -64.84 -31.48 -22.92
CA ASN D 402 -65.76 -30.91 -23.89
C ASN D 402 -67.19 -31.40 -23.72
N VAL D 403 -67.46 -32.24 -22.72
CA VAL D 403 -68.80 -32.76 -22.50
C VAL D 403 -69.67 -31.62 -21.96
N PRO D 404 -70.74 -31.22 -22.65
CA PRO D 404 -71.57 -30.13 -22.13
C PRO D 404 -72.39 -30.56 -20.92
N ILE D 405 -72.72 -29.58 -20.09
CA ILE D 405 -73.60 -29.81 -18.96
C ILE D 405 -75.06 -29.50 -19.31
N ASP D 406 -75.31 -28.76 -20.39
CA ASP D 406 -76.66 -28.37 -20.77
C ASP D 406 -77.01 -28.93 -22.14
N ILE D 407 -76.71 -30.22 -22.37
CA ILE D 407 -76.98 -30.85 -23.66
C ILE D 407 -78.46 -30.80 -24.01
N GLU D 408 -79.34 -30.58 -23.02
CA GLU D 408 -80.77 -30.55 -23.30
C GLU D 408 -81.13 -29.44 -24.27
N GLU D 409 -80.38 -28.34 -24.27
CA GLU D 409 -80.64 -27.20 -25.13
C GLU D 409 -79.72 -27.26 -26.34
N GLU D 410 -80.27 -26.90 -27.51
CA GLU D 410 -79.47 -26.91 -28.74
C GLU D 410 -78.32 -25.94 -28.63
N ARG D 411 -77.17 -26.34 -29.17
CA ARG D 411 -75.95 -25.54 -29.10
C ARG D 411 -75.61 -25.25 -27.64
N PRO D 412 -75.27 -26.26 -26.86
CA PRO D 412 -74.98 -26.03 -25.44
C PRO D 412 -73.76 -25.13 -25.25
N ILE D 413 -73.79 -24.35 -24.17
CA ILE D 413 -72.69 -23.47 -23.82
C ILE D 413 -71.97 -23.93 -22.55
N ARG D 414 -72.69 -24.48 -21.59
CA ARG D 414 -72.06 -24.96 -20.36
C ARG D 414 -71.24 -26.20 -20.63
N LEU D 415 -70.00 -26.23 -20.13
CA LEU D 415 -69.09 -27.34 -20.34
C LEU D 415 -68.64 -27.90 -19.00
N MET D 416 -68.56 -29.22 -18.92
CA MET D 416 -68.15 -29.88 -17.68
C MET D 416 -66.66 -29.69 -17.42
N LEU D 417 -66.30 -29.58 -16.15
CA LEU D 417 -64.91 -29.46 -15.70
C LEU D 417 -64.69 -30.52 -14.62
N GLY D 418 -64.20 -31.69 -15.03
CA GLY D 418 -63.94 -32.78 -14.12
C GLY D 418 -62.55 -32.74 -13.54
N THR D 419 -62.17 -33.86 -12.94
CA THR D 419 -60.86 -34.02 -12.33
C THR D 419 -60.21 -35.31 -12.82
N CYS D 420 -58.89 -35.31 -12.86
CA CYS D 420 -58.12 -36.46 -13.32
C CYS D 420 -57.11 -36.86 -12.24
N PRO D 421 -56.89 -38.16 -12.01
CA PRO D 421 -55.89 -38.56 -11.02
C PRO D 421 -54.49 -38.04 -11.34
N THR D 422 -54.14 -37.96 -12.61
CA THR D 422 -52.83 -37.47 -13.01
C THR D 422 -52.89 -35.96 -13.28
N LYS D 423 -51.71 -35.35 -13.39
CA LYS D 423 -51.58 -33.93 -13.62
C LYS D 423 -51.31 -33.65 -15.09
N GLU D 424 -52.00 -32.66 -15.64
CA GLU D 424 -51.83 -32.23 -17.02
C GLU D 424 -51.34 -30.79 -17.04
N ASP D 425 -50.28 -30.54 -17.81
CA ASP D 425 -49.71 -29.20 -17.88
C ASP D 425 -50.58 -28.24 -18.67
N LYS D 426 -51.47 -28.74 -19.52
CA LYS D 426 -52.32 -27.87 -20.33
C LYS D 426 -53.47 -27.26 -19.54
N GLU D 427 -53.80 -27.82 -18.38
CA GLU D 427 -54.90 -27.31 -17.56
C GLU D 427 -54.38 -26.21 -16.65
N ALA D 428 -54.09 -25.07 -17.26
CA ALA D 428 -53.58 -23.89 -16.57
C ALA D 428 -54.59 -22.75 -16.71
N PHE D 429 -54.91 -22.12 -15.58
CA PHE D 429 -55.87 -21.03 -15.55
C PHE D 429 -55.15 -19.71 -15.29
N ALA D 430 -55.48 -18.69 -16.06
CA ALA D 430 -54.90 -17.37 -15.93
C ALA D 430 -55.81 -16.45 -15.13
N ILE D 431 -55.20 -15.55 -14.37
CA ILE D 431 -55.92 -14.62 -13.50
C ILE D 431 -56.06 -13.28 -14.21
N VAL D 432 -57.21 -12.63 -14.03
CA VAL D 432 -57.51 -11.36 -14.68
C VAL D 432 -58.01 -10.38 -13.63
N SER D 433 -57.58 -9.13 -13.74
CA SER D 433 -58.01 -8.10 -12.81
C SER D 433 -59.48 -7.75 -13.01
N VAL D 434 -60.10 -7.22 -11.97
CA VAL D 434 -61.51 -6.88 -11.96
C VAL D 434 -61.65 -5.47 -11.41
N PRO D 435 -62.46 -4.59 -12.02
CA PRO D 435 -62.64 -3.25 -11.45
C PRO D 435 -63.52 -3.26 -10.21
N VAL D 436 -63.25 -2.32 -9.30
CA VAL D 436 -64.02 -2.23 -8.06
C VAL D 436 -65.45 -1.80 -8.36
N SER D 437 -65.64 -1.01 -9.41
CA SER D 437 -66.98 -0.53 -9.74
C SER D 437 -67.92 -1.68 -10.04
N GLU D 438 -67.41 -2.75 -10.67
CA GLU D 438 -68.26 -3.90 -10.96
C GLU D 438 -68.81 -4.52 -9.68
N ILE D 439 -67.95 -4.72 -8.67
CA ILE D 439 -68.39 -5.29 -7.41
C ILE D 439 -69.38 -4.35 -6.72
N ARG D 440 -69.06 -3.06 -6.71
CA ARG D 440 -69.96 -2.11 -6.05
C ARG D 440 -71.32 -2.09 -6.71
N ASP D 441 -71.36 -2.09 -8.04
CA ASP D 441 -72.63 -2.10 -8.75
C ASP D 441 -73.38 -3.40 -8.50
N LEU D 442 -72.68 -4.53 -8.45
CA LEU D 442 -73.35 -5.80 -8.18
C LEU D 442 -73.99 -5.78 -6.79
N ASP D 443 -73.26 -5.30 -5.78
CA ASP D 443 -73.80 -5.27 -4.43
C ASP D 443 -74.99 -4.31 -4.33
N PHE D 444 -74.87 -3.13 -4.94
CA PHE D 444 -75.97 -2.18 -4.91
C PHE D 444 -77.18 -2.72 -5.65
N ALA D 445 -76.96 -3.42 -6.76
CA ALA D 445 -78.06 -4.04 -7.49
C ALA D 445 -78.75 -5.09 -6.64
N ASN D 446 -77.97 -5.91 -5.92
CA ASN D 446 -78.57 -6.91 -5.06
C ASN D 446 -79.40 -6.27 -3.96
N ASP D 447 -78.89 -5.19 -3.36
CA ASP D 447 -79.64 -4.52 -2.30
C ASP D 447 -80.93 -3.89 -2.83
N ALA D 448 -80.84 -3.21 -3.98
CA ALA D 448 -82.04 -2.62 -4.56
C ALA D 448 -83.05 -3.68 -4.95
N SER D 449 -82.57 -4.81 -5.47
CA SER D 449 -83.47 -5.92 -5.79
C SER D 449 -84.10 -6.49 -4.54
N SER D 450 -83.35 -6.51 -3.43
CA SER D 450 -83.92 -6.98 -2.17
C SER D 450 -85.06 -6.07 -1.70
N MET D 451 -84.86 -4.75 -1.81
CA MET D 451 -85.91 -3.84 -1.38
C MET D 451 -87.12 -3.95 -2.31
N LEU D 452 -86.88 -4.01 -3.63
CA LEU D 452 -87.98 -4.19 -4.57
C LEU D 452 -88.67 -5.53 -4.34
N ALA D 453 -87.93 -6.52 -3.83
CA ALA D 453 -88.53 -7.80 -3.50
C ALA D 453 -89.39 -7.70 -2.25
N SER D 454 -89.01 -6.84 -1.32
CA SER D 454 -89.90 -6.53 -0.20
C SER D 454 -91.18 -5.88 -0.71
N ALA D 455 -91.05 -4.99 -1.70
CA ALA D 455 -92.24 -4.39 -2.32
C ALA D 455 -93.11 -5.47 -2.97
N VAL D 456 -92.48 -6.41 -3.67
CA VAL D 456 -93.22 -7.50 -4.31
C VAL D 456 -93.87 -8.37 -3.25
N GLU D 457 -93.21 -8.55 -2.11
CA GLU D 457 -93.81 -9.31 -1.01
C GLU D 457 -95.05 -8.62 -0.48
N LYS D 458 -95.00 -7.29 -0.32
CA LYS D 458 -96.19 -6.56 0.09
C LYS D 458 -97.30 -6.71 -0.94
N LEU D 459 -96.95 -6.62 -2.22
CA LEU D 459 -97.96 -6.81 -3.27
C LEU D 459 -98.58 -8.20 -3.21
N ASN D 460 -97.76 -9.22 -2.99
CA ASN D 460 -98.28 -10.58 -2.85
C ASN D 460 -99.20 -10.69 -1.64
N GLU D 461 -98.81 -10.08 -0.53
CA GLU D 461 -99.67 -10.03 0.64
C GLU D 461 -101.00 -9.37 0.31
N GLY D 462 -100.98 -8.42 -0.62
CA GLY D 462 -102.17 -7.69 -1.00
C GLY D 462 -102.44 -6.47 -0.18
N PHE D 463 -101.62 -6.19 0.83
CA PHE D 463 -101.75 -4.99 1.66
C PHE D 463 -100.40 -4.30 1.72
N ILE D 464 -100.37 -3.02 1.35
CA ILE D 464 -99.18 -2.19 1.45
C ILE D 464 -99.57 -0.86 2.07
N SER D 465 -98.86 -0.45 3.10
CA SER D 465 -99.12 0.83 3.73
C SER D 465 -98.76 1.97 2.78
N GLN D 466 -99.42 3.12 2.98
CA GLN D 466 -99.13 4.28 2.15
C GLN D 466 -97.67 4.71 2.31
N ASN D 467 -97.16 4.69 3.55
CA ASN D 467 -95.77 5.04 3.77
C ASN D 467 -94.83 4.03 3.10
N ASP D 468 -95.18 2.74 3.16
CA ASP D 468 -94.37 1.72 2.51
C ASP D 468 -94.31 1.95 1.01
N ARG D 469 -95.46 2.24 0.39
CA ARG D 469 -95.50 2.50 -1.04
C ARG D 469 -94.74 3.78 -1.37
N ARG D 470 -94.79 4.77 -0.48
CA ARG D 470 -94.02 6.00 -0.69
C ARG D 470 -92.52 5.72 -0.67
N PHE D 471 -92.07 4.87 0.25
CA PHE D 471 -90.66 4.47 0.25
C PHE D 471 -90.32 3.76 -1.04
N VAL D 472 -91.19 2.87 -1.50
CA VAL D 472 -90.96 2.17 -2.76
C VAL D 472 -90.84 3.17 -3.91
N ILE D 473 -91.69 4.20 -3.90
CA ILE D 473 -91.69 5.18 -4.99
C ILE D 473 -90.42 6.02 -4.95
N GLN D 474 -89.97 6.39 -3.76
CA GLN D 474 -88.70 7.11 -3.65
C GLN D 474 -87.56 6.27 -4.18
N LEU D 475 -87.54 4.98 -3.82
CA LEU D 475 -86.51 4.10 -4.38
C LEU D 475 -86.64 4.03 -5.89
N LEU D 476 -87.86 4.01 -6.42
CA LEU D 476 -88.04 3.91 -7.87
C LEU D 476 -87.50 5.16 -8.56
N GLU D 477 -87.69 6.33 -7.96
CA GLU D 477 -87.10 7.54 -8.50
C GLU D 477 -85.57 7.44 -8.52
N ASP D 478 -84.99 7.10 -7.36
CA ASP D 478 -83.54 6.94 -7.30
C ASP D 478 -83.06 5.86 -8.27
N LEU D 479 -83.91 4.86 -8.52
CA LEU D 479 -83.52 3.74 -9.38
C LEU D 479 -83.55 4.16 -10.85
N VAL D 480 -84.53 4.98 -11.24
CA VAL D 480 -84.52 5.52 -12.59
C VAL D 480 -83.28 6.35 -12.80
N PHE D 481 -82.94 7.18 -11.81
CA PHE D 481 -81.72 7.98 -11.93
C PHE D 481 -80.48 7.09 -12.03
N PHE D 482 -80.42 6.03 -11.23
CA PHE D 482 -79.28 5.11 -11.29
C PHE D 482 -79.19 4.42 -12.64
N VAL D 483 -80.33 3.97 -13.18
CA VAL D 483 -80.33 3.32 -14.48
C VAL D 483 -79.84 4.27 -15.55
N SER D 484 -80.35 5.51 -15.55
CA SER D 484 -79.90 6.48 -16.53
C SER D 484 -78.45 6.87 -16.30
N ASP D 485 -77.91 6.61 -15.11
CA ASP D 485 -76.57 7.01 -14.71
C ASP D 485 -76.43 8.52 -14.64
N VAL D 486 -77.54 9.23 -14.54
CA VAL D 486 -77.58 10.69 -14.53
C VAL D 486 -77.95 11.14 -13.12
N PRO D 487 -77.12 11.95 -12.45
CA PRO D 487 -77.49 12.44 -11.12
C PRO D 487 -78.77 13.27 -11.18
N ASN D 488 -79.55 13.18 -10.11
CA ASN D 488 -80.80 13.93 -10.05
C ASN D 488 -80.52 15.43 -10.01
N ASN D 489 -81.13 16.16 -10.94
CA ASN D 489 -80.98 17.62 -11.03
C ASN D 489 -82.34 18.31 -11.03
N GLY D 490 -83.36 17.67 -10.47
CA GLY D 490 -84.71 18.19 -10.48
C GLY D 490 -85.55 17.77 -11.67
N GLN D 491 -84.95 17.14 -12.67
CA GLN D 491 -85.71 16.66 -13.81
C GLN D 491 -86.56 15.45 -13.42
N ASN D 492 -87.76 15.38 -13.99
CA ASN D 492 -88.65 14.26 -13.71
C ASN D 492 -88.07 12.98 -14.28
N VAL D 493 -88.10 11.92 -13.46
CA VAL D 493 -87.64 10.62 -13.93
C VAL D 493 -88.46 10.17 -15.14
N LEU D 494 -89.73 10.59 -15.20
CA LEU D 494 -90.55 10.29 -16.37
C LEU D 494 -90.05 11.00 -17.61
N ASP D 495 -89.44 12.18 -17.43
CA ASP D 495 -88.93 12.98 -18.53
C ASP D 495 -87.42 12.86 -18.69
N ILE D 496 -86.77 11.93 -17.97
CA ILE D 496 -85.33 11.82 -18.04
C ILE D 496 -84.89 11.41 -19.44
N MET D 497 -83.72 11.90 -19.86
CA MET D 497 -83.14 11.58 -21.15
C MET D 497 -81.68 11.19 -20.93
N VAL D 498 -81.24 10.14 -21.63
CA VAL D 498 -79.86 9.70 -21.60
C VAL D 498 -79.40 9.52 -23.05
N THR D 499 -78.26 10.12 -23.39
CA THR D 499 -77.77 10.04 -24.77
C THR D 499 -77.28 8.64 -25.10
N LYS D 500 -76.47 8.04 -24.22
CA LYS D 500 -75.89 6.74 -24.46
C LYS D 500 -76.12 5.84 -23.24
N PRO D 501 -76.74 4.67 -23.40
CA PRO D 501 -76.88 3.76 -22.26
C PRO D 501 -75.57 3.07 -21.93
N ASN D 502 -75.52 2.49 -20.73
CA ASN D 502 -74.37 1.74 -20.25
C ASN D 502 -74.67 0.26 -20.40
N ARG D 503 -73.96 -0.40 -21.33
CA ARG D 503 -74.22 -1.80 -21.60
C ARG D 503 -73.97 -2.67 -20.38
N GLU D 504 -72.88 -2.39 -19.65
CA GLU D 504 -72.57 -3.19 -18.47
C GLU D 504 -73.67 -3.05 -17.42
N ARG D 505 -74.15 -1.83 -17.19
CA ARG D 505 -75.21 -1.63 -16.20
C ARG D 505 -76.49 -2.33 -16.63
N GLN D 506 -76.84 -2.22 -17.91
CA GLN D 506 -78.06 -2.87 -18.39
C GLN D 506 -77.95 -4.39 -18.25
N LYS D 507 -76.80 -4.95 -18.60
CA LYS D 507 -76.61 -6.40 -18.46
C LYS D 507 -76.65 -6.81 -16.99
N LEU D 508 -76.09 -5.98 -16.11
CA LEU D 508 -76.17 -6.26 -14.68
C LEU D 508 -77.63 -6.30 -14.22
N MET D 509 -78.42 -5.32 -14.64
CA MET D 509 -79.84 -5.33 -14.29
C MET D 509 -80.51 -6.60 -14.80
N ARG D 510 -80.26 -6.96 -16.07
CA ARG D 510 -80.90 -8.12 -16.64
C ARG D 510 -80.55 -9.39 -15.86
N GLU D 511 -79.26 -9.62 -15.61
CA GLU D 511 -78.85 -10.86 -14.96
C GLU D 511 -79.27 -10.88 -13.49
N GLN D 512 -79.17 -9.73 -12.80
CA GLN D 512 -79.67 -9.65 -11.43
C GLN D 512 -81.18 -9.78 -11.37
N ASN D 513 -81.87 -9.67 -12.51
CA ASN D 513 -83.32 -9.74 -12.58
C ASN D 513 -83.98 -8.47 -12.06
N ILE D 514 -83.24 -7.36 -12.02
CA ILE D 514 -83.83 -6.09 -11.63
C ILE D 514 -84.88 -5.68 -12.65
N LEU D 515 -84.64 -5.96 -13.93
CA LEU D 515 -85.68 -5.81 -14.94
C LEU D 515 -86.85 -6.75 -14.66
N LYS D 516 -86.55 -7.99 -14.27
CA LYS D 516 -87.61 -8.91 -13.88
C LYS D 516 -88.30 -8.44 -12.61
N GLN D 517 -87.57 -7.81 -11.70
CA GLN D 517 -88.19 -7.23 -10.51
C GLN D 517 -89.13 -6.10 -10.89
N VAL D 518 -88.73 -5.29 -11.88
CA VAL D 518 -89.60 -4.23 -12.38
C VAL D 518 -90.87 -4.82 -12.98
N PHE D 519 -90.71 -5.89 -13.77
CA PHE D 519 -91.88 -6.56 -14.35
C PHE D 519 -92.77 -7.13 -13.26
N GLY D 520 -92.18 -7.68 -12.20
CA GLY D 520 -92.96 -8.18 -11.09
C GLY D 520 -93.73 -7.07 -10.38
N ILE D 521 -93.08 -5.92 -10.20
CA ILE D 521 -93.79 -4.78 -9.63
C ILE D 521 -94.94 -4.38 -10.54
N LEU D 522 -94.73 -4.47 -11.85
CA LEU D 522 -95.79 -4.11 -12.79
C LEU D 522 -96.97 -5.06 -12.70
N LYS D 523 -96.70 -6.35 -12.56
CA LYS D 523 -97.73 -7.37 -12.70
C LYS D 523 -98.40 -7.77 -11.39
N ALA D 524 -97.66 -7.79 -10.28
CA ALA D 524 -98.21 -8.26 -9.02
C ALA D 524 -99.43 -7.49 -8.56
N PRO D 525 -99.45 -6.15 -8.60
CA PRO D 525 -100.66 -5.44 -8.14
C PRO D 525 -101.90 -5.86 -8.92
N PHE D 526 -101.76 -6.15 -10.22
CA PHE D 526 -102.87 -6.70 -10.98
C PHE D 526 -103.14 -8.15 -10.60
N ARG D 527 -102.08 -8.95 -10.51
CA ARG D 527 -102.19 -10.37 -10.19
C ARG D 527 -103.31 -11.04 -10.97
N PRO D 534 -108.01 -8.41 -6.80
CA PRO D 534 -106.59 -8.22 -6.49
C PRO D 534 -106.31 -6.87 -5.84
N LEU D 535 -105.03 -6.60 -5.55
CA LEU D 535 -104.67 -5.31 -4.97
C LEU D 535 -105.01 -4.17 -5.92
N VAL D 536 -104.72 -4.35 -7.21
CA VAL D 536 -104.94 -3.32 -8.22
C VAL D 536 -105.52 -3.97 -9.46
N ARG D 537 -106.11 -3.13 -10.32
CA ARG D 537 -106.60 -3.57 -11.62
C ARG D 537 -106.35 -2.46 -12.63
N LEU D 538 -106.24 -2.84 -13.90
CA LEU D 538 -106.06 -1.86 -14.95
C LEU D 538 -107.25 -0.90 -15.00
N GLU D 539 -108.47 -1.42 -14.87
CA GLU D 539 -109.63 -0.56 -14.76
C GLU D 539 -109.60 0.26 -13.48
N GLU D 540 -109.17 -0.35 -12.37
CA GLU D 540 -109.11 0.35 -11.09
C GLU D 540 -108.07 1.47 -11.08
N LEU D 541 -107.15 1.50 -12.04
CA LEU D 541 -106.17 2.58 -12.09
C LEU D 541 -106.84 3.94 -12.18
N SER D 542 -108.06 4.02 -12.71
CA SER D 542 -108.79 5.27 -12.71
C SER D 542 -109.00 5.79 -11.29
N ASP D 543 -109.09 4.89 -10.32
CA ASP D 543 -109.27 5.30 -8.94
C ASP D 543 -108.04 6.04 -8.44
N GLN D 544 -108.28 7.08 -7.64
CA GLN D 544 -107.16 7.84 -7.06
C GLN D 544 -106.34 6.97 -6.13
N LYS D 545 -106.98 6.01 -5.45
CA LYS D 545 -106.23 5.12 -4.56
C LYS D 545 -105.18 4.33 -5.32
N ASN D 546 -105.48 3.98 -6.57
CA ASN D 546 -104.54 3.27 -7.44
C ASN D 546 -103.71 4.21 -8.30
N ALA D 547 -103.87 5.52 -8.14
CA ALA D 547 -103.01 6.46 -8.86
C ALA D 547 -101.55 6.32 -8.47
N PRO D 548 -101.18 6.17 -7.19
CA PRO D 548 -99.76 5.90 -6.88
C PRO D 548 -99.26 4.60 -7.49
N TYR D 549 -100.11 3.57 -7.56
CA TYR D 549 -99.71 2.34 -8.26
C TYR D 549 -99.47 2.61 -9.73
N GLN D 550 -100.32 3.44 -10.35
CA GLN D 550 -100.11 3.79 -11.75
C GLN D 550 -98.80 4.55 -11.93
N HIS D 551 -98.48 5.44 -11.01
CA HIS D 551 -97.20 6.17 -11.10
C HIS D 551 -96.03 5.22 -10.89
N MET D 552 -96.18 4.22 -10.02
CA MET D 552 -95.10 3.25 -9.83
C MET D 552 -94.94 2.40 -11.09
N PHE D 553 -96.05 2.08 -11.76
CA PHE D 553 -95.94 1.45 -13.09
C PHE D 553 -95.20 2.36 -14.05
N ARG D 554 -95.47 3.66 -14.00
CA ARG D 554 -94.79 4.61 -14.86
C ARG D 554 -93.28 4.58 -14.61
N LEU D 555 -92.89 4.57 -13.34
CA LEU D 555 -91.46 4.50 -12.99
C LEU D 555 -90.84 3.20 -13.46
N CYS D 556 -91.54 2.08 -13.25
CA CYS D 556 -91.11 0.81 -13.81
C CYS D 556 -90.86 0.92 -15.30
N TYR D 557 -91.76 1.63 -15.99
CA TYR D 557 -91.67 1.77 -17.44
C TYR D 557 -90.45 2.60 -17.82
N ARG D 558 -90.19 3.65 -17.05
CA ARG D 558 -89.00 4.47 -17.31
C ARG D 558 -87.75 3.62 -17.17
N VAL D 559 -87.68 2.83 -16.10
CA VAL D 559 -86.51 1.99 -15.87
C VAL D 559 -86.33 1.00 -17.01
N LEU D 560 -87.42 0.33 -17.42
CA LEU D 560 -87.32 -0.64 -18.50
C LEU D 560 -86.90 0.01 -19.81
N ARG D 561 -87.46 1.19 -20.11
CA ARG D 561 -87.10 1.88 -21.34
C ARG D 561 -85.63 2.27 -21.36
N HIS D 562 -85.14 2.83 -20.25
CA HIS D 562 -83.73 3.19 -20.19
C HIS D 562 -82.84 1.96 -20.30
N SER D 563 -83.22 0.87 -19.65
CA SER D 563 -82.41 -0.35 -19.69
C SER D 563 -82.36 -0.95 -21.09
N GLN D 564 -83.50 -0.99 -21.78
CA GLN D 564 -83.59 -1.59 -23.10
C GLN D 564 -83.11 -0.67 -24.21
N GLU D 565 -82.97 0.62 -23.94
CA GLU D 565 -82.52 1.55 -24.98
C GLU D 565 -81.21 1.06 -25.60
N ASP D 566 -81.24 0.86 -26.92
CA ASP D 566 -80.05 0.44 -27.66
C ASP D 566 -79.43 -0.82 -27.07
N TYR D 567 -80.27 -1.78 -26.69
CA TYR D 567 -79.80 -3.05 -26.14
C TYR D 567 -80.70 -4.17 -26.64
N ARG D 568 -80.19 -4.94 -27.62
CA ARG D 568 -80.97 -6.00 -28.24
C ARG D 568 -81.29 -7.11 -27.24
N LYS D 569 -80.34 -7.45 -26.36
CA LYS D 569 -80.60 -8.52 -25.40
C LYS D 569 -81.67 -8.11 -24.39
N ASN D 570 -81.61 -6.86 -23.91
CA ASN D 570 -82.68 -6.37 -23.03
C ASN D 570 -84.01 -6.32 -23.77
N GLN D 571 -83.98 -5.98 -25.05
CA GLN D 571 -85.21 -6.00 -25.84
C GLN D 571 -85.80 -7.41 -25.90
N GLU D 572 -84.95 -8.41 -26.11
CA GLU D 572 -85.42 -9.80 -26.09
C GLU D 572 -85.99 -10.16 -24.73
N HIS D 573 -85.32 -9.73 -23.65
CA HIS D 573 -85.83 -10.04 -22.31
C HIS D 573 -87.21 -9.45 -22.11
N ILE D 574 -87.42 -8.20 -22.55
CA ILE D 574 -88.74 -7.58 -22.45
C ILE D 574 -89.74 -8.28 -23.35
N ALA D 575 -89.28 -8.86 -24.46
CA ALA D 575 -90.19 -9.54 -25.38
C ALA D 575 -90.96 -10.65 -24.67
N LYS D 576 -90.33 -11.32 -23.71
CA LYS D 576 -91.02 -12.37 -22.97
C LYS D 576 -92.25 -11.82 -22.25
N GLN D 577 -92.16 -10.60 -21.75
CA GLN D 577 -93.24 -9.97 -21.01
C GLN D 577 -94.05 -9.00 -21.87
N PHE D 578 -93.81 -8.98 -23.18
CA PHE D 578 -94.54 -8.05 -24.05
C PHE D 578 -96.05 -8.22 -23.92
N GLY D 579 -96.51 -9.45 -23.64
CA GLY D 579 -97.95 -9.67 -23.56
C GLY D 579 -98.62 -8.84 -22.48
N MET D 580 -98.06 -8.85 -21.27
CA MET D 580 -98.57 -7.98 -20.22
C MET D 580 -98.41 -6.51 -20.59
N MET D 581 -97.38 -6.20 -21.39
CA MET D 581 -97.25 -4.86 -21.96
C MET D 581 -98.43 -4.52 -22.87
N GLN D 582 -98.84 -5.46 -23.72
CA GLN D 582 -100.00 -5.20 -24.57
C GLN D 582 -101.25 -5.03 -23.73
N SER D 583 -101.38 -5.81 -22.65
CA SER D 583 -102.50 -5.63 -21.74
C SER D 583 -102.48 -4.23 -21.12
N GLN D 584 -101.30 -3.78 -20.67
CA GLN D 584 -101.20 -2.45 -20.07
C GLN D 584 -101.55 -1.36 -21.06
N ILE D 585 -101.25 -1.57 -22.35
CA ILE D 585 -101.62 -0.56 -23.34
C ILE D 585 -103.13 -0.31 -23.26
N GLY D 586 -103.55 0.86 -23.72
CA GLY D 586 -104.93 1.28 -23.61
C GLY D 586 -105.29 1.93 -22.30
N TYR D 587 -104.33 2.13 -21.40
CA TYR D 587 -104.54 2.76 -20.12
C TYR D 587 -103.47 3.83 -19.91
N ASP D 588 -103.76 4.78 -19.01
CA ASP D 588 -102.87 5.89 -18.75
C ASP D 588 -101.67 5.45 -17.91
N ILE D 589 -100.91 4.51 -18.47
CA ILE D 589 -99.68 4.00 -17.86
C ILE D 589 -98.47 4.29 -18.74
N LEU D 590 -98.63 5.10 -19.78
CA LEU D 590 -97.55 5.41 -20.71
C LEU D 590 -96.98 4.15 -21.36
N ALA D 591 -97.84 3.14 -21.54
CA ALA D 591 -97.40 1.89 -22.14
C ALA D 591 -97.17 2.04 -23.64
N GLU D 592 -97.93 2.93 -24.27
CA GLU D 592 -97.80 3.11 -25.71
C GLU D 592 -96.38 3.53 -26.08
N ASP D 593 -95.85 4.53 -25.38
CA ASP D 593 -94.54 5.06 -25.71
C ASP D 593 -93.46 3.99 -25.56
N THR D 594 -93.49 3.27 -24.45
CA THR D 594 -92.44 2.27 -24.21
C THR D 594 -92.53 1.12 -25.21
N ILE D 595 -93.75 0.61 -25.46
CA ILE D 595 -93.88 -0.49 -26.40
C ILE D 595 -93.42 -0.05 -27.79
N THR D 596 -93.85 1.16 -28.20
CA THR D 596 -93.50 1.64 -29.53
C THR D 596 -91.99 1.84 -29.66
N ALA D 597 -91.35 2.36 -28.60
CA ALA D 597 -89.90 2.52 -28.64
C ALA D 597 -89.20 1.17 -28.78
N LEU D 598 -89.64 0.18 -27.99
CA LEU D 598 -89.03 -1.14 -28.07
C LEU D 598 -89.19 -1.74 -29.46
N LEU D 599 -90.40 -1.65 -30.02
CA LEU D 599 -90.67 -2.26 -31.31
C LEU D 599 -89.95 -1.52 -32.43
N HIS D 600 -89.82 -0.19 -32.29
CA HIS D 600 -89.05 0.57 -33.26
C HIS D 600 -87.57 0.19 -33.21
N ASN D 601 -87.03 0.00 -32.01
CA ASN D 601 -85.63 -0.40 -31.89
C ASN D 601 -85.40 -1.76 -32.51
N ASN D 602 -86.31 -2.72 -32.27
CA ASN D 602 -86.14 -4.08 -32.76
C ASN D 602 -87.16 -4.35 -33.87
N ARG D 603 -86.66 -4.67 -35.07
CA ARG D 603 -87.55 -4.97 -36.19
C ARG D 603 -88.15 -6.37 -36.07
N LYS D 604 -87.31 -7.39 -35.91
CA LYS D 604 -87.80 -8.75 -35.87
C LYS D 604 -88.78 -8.94 -34.71
N LEU D 605 -88.44 -8.42 -33.53
CA LEU D 605 -89.36 -8.49 -32.41
C LEU D 605 -90.65 -7.75 -32.73
N LEU D 606 -90.55 -6.59 -33.39
CA LEU D 606 -91.74 -5.86 -33.80
C LEU D 606 -92.62 -6.72 -34.71
N GLU D 607 -92.01 -7.35 -35.71
CA GLU D 607 -92.78 -8.17 -36.65
C GLU D 607 -93.46 -9.32 -35.93
N LYS D 608 -92.74 -10.00 -35.04
CA LYS D 608 -93.32 -11.14 -34.34
C LYS D 608 -94.43 -10.70 -33.39
N HIS D 609 -94.21 -9.58 -32.69
CA HIS D 609 -95.19 -9.14 -31.69
C HIS D 609 -96.47 -8.63 -32.34
N ILE D 610 -96.35 -7.79 -33.35
CA ILE D 610 -97.52 -7.12 -33.91
C ILE D 610 -98.38 -8.12 -34.66
N THR D 611 -99.69 -8.06 -34.40
CA THR D 611 -100.67 -8.86 -35.09
C THR D 611 -101.83 -7.97 -35.52
N LYS D 612 -102.72 -8.55 -36.34
CA LYS D 612 -103.94 -7.84 -36.70
C LYS D 612 -104.68 -7.40 -35.45
N THR D 613 -104.64 -8.20 -34.39
CA THR D 613 -105.26 -7.81 -33.13
C THR D 613 -104.61 -6.57 -32.55
N GLU D 614 -103.27 -6.50 -32.61
CA GLU D 614 -102.58 -5.32 -32.10
C GLU D 614 -103.00 -4.07 -32.88
N VAL D 615 -103.01 -4.19 -34.22
CA VAL D 615 -103.36 -3.03 -35.04
C VAL D 615 -104.80 -2.62 -34.80
N GLU D 616 -105.70 -3.61 -34.64
CA GLU D 616 -107.10 -3.30 -34.38
C GLU D 616 -107.27 -2.62 -33.02
N THR D 617 -106.53 -3.08 -32.01
CA THR D 617 -106.60 -2.43 -30.70
C THR D 617 -106.11 -1.00 -30.78
N PHE D 618 -105.01 -0.77 -31.51
CA PHE D 618 -104.53 0.59 -31.70
C PHE D 618 -105.55 1.45 -32.40
N VAL D 619 -106.20 0.90 -33.44
CA VAL D 619 -107.24 1.64 -34.16
C VAL D 619 -108.39 1.98 -33.22
N SER D 620 -108.81 1.02 -32.40
CA SER D 620 -109.93 1.25 -31.51
C SER D 620 -109.60 2.32 -30.48
N LEU D 621 -108.40 2.27 -29.90
CA LEU D 621 -108.05 3.26 -28.88
C LEU D 621 -107.86 4.64 -29.48
N VAL D 622 -107.28 4.73 -30.68
CA VAL D 622 -107.15 6.03 -31.32
C VAL D 622 -108.52 6.58 -31.70
N ARG D 623 -109.46 5.71 -32.10
CA ARG D 623 -110.83 6.15 -32.32
C ARG D 623 -111.44 6.68 -31.02
N LYS D 624 -111.22 5.98 -29.91
CA LYS D 624 -111.81 6.38 -28.65
C LYS D 624 -111.28 7.73 -28.18
N ASN D 625 -109.97 7.93 -28.27
CA ASN D 625 -109.34 9.10 -27.66
C ASN D 625 -109.13 10.27 -28.60
N ARG D 626 -109.10 10.03 -29.91
CA ARG D 626 -108.98 11.09 -30.91
C ARG D 626 -107.81 12.03 -30.58
N GLU D 627 -106.66 11.42 -30.25
CA GLU D 627 -105.49 12.19 -29.83
C GLU D 627 -104.32 12.00 -30.80
N PRO D 628 -103.49 13.03 -31.01
CA PRO D 628 -102.43 12.92 -32.03
C PRO D 628 -101.41 11.81 -31.76
N ARG D 629 -101.06 11.57 -30.50
CA ARG D 629 -99.91 10.71 -30.21
C ARG D 629 -100.12 9.30 -30.74
N PHE D 630 -101.36 8.82 -30.74
CA PHE D 630 -101.63 7.46 -31.20
C PHE D 630 -101.29 7.31 -32.68
N LEU D 631 -101.64 8.31 -33.49
CA LEU D 631 -101.26 8.28 -34.90
C LEU D 631 -99.74 8.27 -35.06
N ASP D 632 -99.03 8.99 -34.20
CA ASP D 632 -97.58 8.97 -34.25
C ASP D 632 -97.06 7.57 -33.95
N TYR D 633 -97.65 6.89 -32.97
CA TYR D 633 -97.25 5.52 -32.67
C TYR D 633 -97.50 4.61 -33.87
N LEU D 634 -98.66 4.75 -34.51
CA LEU D 634 -98.94 3.96 -35.70
C LEU D 634 -97.87 4.22 -36.77
N SER D 635 -97.53 5.49 -36.99
CA SER D 635 -96.51 5.83 -37.97
C SER D 635 -95.17 5.20 -37.62
N ASP D 636 -94.80 5.24 -36.34
CA ASP D 636 -93.54 4.62 -35.92
C ASP D 636 -93.53 3.14 -36.20
N LEU D 637 -94.68 2.48 -36.04
CA LEU D 637 -94.73 1.04 -36.27
C LEU D 637 -94.29 0.67 -37.68
N CYS D 638 -94.58 1.54 -38.66
CA CYS D 638 -94.41 1.16 -40.06
C CYS D 638 -92.94 0.98 -40.44
N VAL D 639 -92.09 1.95 -40.10
CA VAL D 639 -90.75 2.04 -40.65
C VAL D 639 -89.73 1.84 -39.54
N SER D 640 -88.68 1.08 -39.84
CA SER D 640 -87.58 0.84 -38.91
C SER D 640 -86.29 1.37 -39.52
N ASN D 641 -85.62 2.26 -38.78
CA ASN D 641 -84.34 2.83 -39.22
C ASN D 641 -84.44 3.42 -40.62
N HIS D 642 -85.56 4.09 -40.91
CA HIS D 642 -85.82 4.73 -42.19
C HIS D 642 -86.00 3.72 -43.33
N ILE D 643 -86.10 2.43 -43.01
CA ILE D 643 -86.32 1.39 -44.00
C ILE D 643 -87.69 0.77 -43.74
N ALA D 644 -88.52 0.72 -44.78
CA ALA D 644 -89.90 0.28 -44.61
C ALA D 644 -89.97 -1.20 -44.28
N ILE D 645 -90.97 -1.57 -43.48
CA ILE D 645 -91.25 -2.96 -43.15
C ILE D 645 -92.49 -3.38 -43.94
N PRO D 646 -92.35 -4.24 -44.95
CA PRO D 646 -93.50 -4.48 -45.85
C PRO D 646 -94.73 -5.04 -45.16
N VAL D 647 -94.58 -6.08 -44.33
CA VAL D 647 -95.75 -6.75 -43.76
C VAL D 647 -96.48 -5.83 -42.81
N THR D 648 -95.76 -5.18 -41.90
CA THR D 648 -96.38 -4.26 -40.96
C THR D 648 -97.03 -3.09 -41.70
N GLN D 649 -96.35 -2.57 -42.71
CA GLN D 649 -96.94 -1.48 -43.50
C GLN D 649 -98.23 -1.93 -44.16
N GLU D 650 -98.25 -3.13 -44.74
CA GLU D 650 -99.45 -3.62 -45.40
C GLU D 650 -100.60 -3.76 -44.40
N LEU D 651 -100.33 -4.36 -43.24
CA LEU D 651 -101.37 -4.55 -42.24
C LEU D 651 -101.92 -3.20 -41.77
N ILE D 652 -101.02 -2.25 -41.49
CA ILE D 652 -101.46 -0.94 -41.02
C ILE D 652 -102.26 -0.23 -42.11
N CYS D 653 -101.87 -0.40 -43.36
CA CYS D 653 -102.62 0.20 -44.46
C CYS D 653 -104.03 -0.38 -44.54
N LYS D 654 -104.16 -1.71 -44.45
CA LYS D 654 -105.48 -2.32 -44.49
C LYS D 654 -106.34 -1.80 -43.35
N CYS D 655 -105.79 -1.72 -42.15
CA CYS D 655 -106.59 -1.29 -41.01
C CYS D 655 -106.96 0.18 -41.11
N VAL D 656 -106.01 1.04 -41.51
CA VAL D 656 -106.25 2.48 -41.52
C VAL D 656 -107.22 2.85 -42.64
N LEU D 657 -107.02 2.32 -43.84
CA LEU D 657 -107.79 2.72 -45.01
C LEU D 657 -109.11 1.95 -45.12
N ASP D 658 -109.46 1.16 -44.12
CA ASP D 658 -110.71 0.42 -44.18
C ASP D 658 -111.89 1.39 -44.14
N PRO D 659 -112.98 1.10 -44.87
CA PRO D 659 -114.16 1.99 -44.78
C PRO D 659 -114.74 2.06 -43.38
N LYS D 660 -114.55 1.02 -42.57
CA LYS D 660 -115.14 1.02 -41.22
C LYS D 660 -114.59 2.16 -40.37
N ASN D 661 -113.30 2.45 -40.50
CA ASN D 661 -112.65 3.52 -39.74
C ASN D 661 -112.59 4.83 -40.51
N SER D 662 -113.54 5.06 -41.42
CA SER D 662 -113.52 6.29 -42.22
C SER D 662 -113.74 7.53 -41.36
N ASP D 663 -114.42 7.37 -40.23
CA ASP D 663 -114.77 8.55 -39.42
C ASP D 663 -113.55 9.26 -38.88
N ILE D 664 -112.56 8.50 -38.40
CA ILE D 664 -111.43 9.11 -37.70
C ILE D 664 -110.65 10.02 -38.63
N LEU D 665 -110.41 9.58 -39.86
CA LEU D 665 -109.58 10.36 -40.79
C LEU D 665 -110.30 11.63 -41.20
N ILE D 666 -109.55 12.73 -41.25
CA ILE D 666 -110.07 14.01 -41.73
C ILE D 666 -110.10 13.95 -43.24
N ARG D 667 -111.24 14.33 -43.83
CA ARG D 667 -111.35 14.33 -45.29
C ARG D 667 -111.09 15.73 -45.83
N THR D 668 -110.20 15.83 -46.81
CA THR D 668 -109.79 17.10 -47.40
C THR D 668 -110.37 17.21 -48.80
N GLU D 669 -111.02 18.34 -49.07
CA GLU D 669 -111.59 18.60 -50.39
C GLU D 669 -111.23 19.99 -50.84
N LEU D 670 -111.49 20.25 -52.12
CA LEU D 670 -111.28 21.54 -52.76
C LEU D 670 -112.60 22.06 -53.33
N ARG D 671 -112.95 23.31 -52.97
CA ARG D 671 -114.17 23.94 -53.45
C ARG D 671 -113.87 25.21 -54.22
N PRO D 672 -114.68 25.56 -55.21
CA PRO D 672 -114.40 26.78 -55.99
C PRO D 672 -114.39 28.04 -55.14
N VAL D 673 -115.50 28.33 -54.46
CA VAL D 673 -115.61 29.52 -53.63
C VAL D 673 -115.17 30.76 -54.40
N GLU D 689 -109.42 31.98 -56.68
CA GLU D 689 -109.74 30.91 -57.61
C GLU D 689 -110.46 29.77 -56.90
N GLU D 690 -109.74 29.08 -56.01
CA GLU D 690 -110.22 27.85 -55.40
C GLU D 690 -109.64 27.76 -53.99
N GLU D 691 -110.33 27.04 -53.11
CA GLU D 691 -109.94 26.96 -51.71
C GLU D 691 -109.98 25.52 -51.23
N VAL D 692 -109.21 25.24 -50.18
CA VAL D 692 -109.09 23.91 -49.59
C VAL D 692 -109.84 23.91 -48.27
N TRP D 693 -110.72 22.94 -48.09
CA TRP D 693 -111.50 22.79 -46.86
C TRP D 693 -111.32 21.37 -46.32
N LEU D 694 -111.52 21.23 -45.02
CA LEU D 694 -111.39 19.96 -44.33
C LEU D 694 -112.67 19.66 -43.57
N THR D 695 -113.00 18.38 -43.47
CA THR D 695 -114.18 17.91 -42.74
C THR D 695 -113.75 16.85 -41.75
N TRP D 696 -114.20 16.99 -40.51
CA TRP D 696 -113.86 16.04 -39.46
C TRP D 696 -115.07 15.84 -38.56
N THR D 697 -114.95 14.86 -37.66
CA THR D 697 -116.01 14.52 -36.72
C THR D 697 -115.44 14.54 -35.30
N ASP D 698 -116.18 15.16 -34.39
CA ASP D 698 -115.77 15.22 -33.00
C ASP D 698 -116.10 13.93 -32.27
N LYS D 699 -115.54 13.78 -31.07
CA LYS D 699 -115.90 12.64 -30.22
C LYS D 699 -117.41 12.59 -30.00
N ASN D 700 -118.05 13.76 -29.92
CA ASN D 700 -119.50 13.81 -29.82
C ASN D 700 -120.18 13.40 -31.12
N ASN D 701 -119.40 13.09 -32.16
CA ASN D 701 -119.94 12.63 -33.43
C ASN D 701 -120.61 13.76 -34.20
N GLU D 702 -120.26 15.00 -33.85
CA GLU D 702 -120.74 16.16 -34.61
C GLU D 702 -119.77 16.45 -35.75
N HIS D 703 -120.33 16.74 -36.92
CA HIS D 703 -119.53 17.05 -38.10
C HIS D 703 -119.12 18.51 -38.09
N HIS D 704 -117.88 18.79 -38.50
CA HIS D 704 -117.38 20.16 -38.58
C HIS D 704 -116.56 20.31 -39.86
N GLU D 705 -116.70 21.49 -40.49
CA GLU D 705 -115.97 21.82 -41.70
C GLU D 705 -115.52 23.28 -41.62
N LYS D 706 -114.27 23.53 -42.01
CA LYS D 706 -113.71 24.87 -41.98
C LYS D 706 -112.65 25.01 -43.06
N SER D 707 -112.37 26.24 -43.45
CA SER D 707 -111.34 26.52 -44.42
C SER D 707 -109.96 26.41 -43.77
N VAL D 708 -108.98 25.92 -44.54
CA VAL D 708 -107.64 25.75 -43.99
C VAL D 708 -107.00 27.09 -43.67
N ARG D 709 -107.21 28.09 -44.52
CA ARG D 709 -106.63 29.41 -44.27
C ARG D 709 -107.24 30.04 -43.02
N GLN D 710 -108.57 29.93 -42.86
CA GLN D 710 -109.20 30.44 -41.65
C GLN D 710 -108.72 29.68 -40.42
N LEU D 711 -108.50 28.37 -40.58
CA LEU D 711 -107.98 27.57 -39.47
C LEU D 711 -106.60 28.04 -39.06
N ALA D 712 -105.74 28.34 -40.03
CA ALA D 712 -104.41 28.86 -39.72
C ALA D 712 -104.50 30.23 -39.06
N GLN D 713 -105.40 31.09 -39.53
CA GLN D 713 -105.59 32.39 -38.89
C GLN D 713 -106.02 32.22 -37.44
N GLU D 714 -106.95 31.30 -37.18
CA GLU D 714 -107.40 31.06 -35.81
C GLU D 714 -106.27 30.48 -34.97
N ALA D 715 -105.44 29.62 -35.55
CA ALA D 715 -104.29 29.08 -34.82
C ALA D 715 -103.33 30.19 -34.42
N ARG D 716 -103.08 31.13 -35.33
CA ARG D 716 -102.26 32.29 -34.97
C ARG D 716 -102.95 33.10 -33.87
N ALA D 717 -104.26 33.24 -33.94
CA ALA D 717 -105.00 33.94 -32.89
C ALA D 717 -104.82 33.25 -31.55
N GLY D 718 -104.72 31.91 -31.56
CA GLY D 718 -104.52 31.15 -30.35
C GLY D 718 -105.65 30.21 -29.98
N ASN D 719 -106.55 29.89 -30.90
CA ASN D 719 -107.69 29.04 -30.55
C ASN D 719 -107.25 27.59 -30.40
N ALA D 720 -107.48 27.04 -29.20
CA ALA D 720 -106.99 25.70 -28.89
C ALA D 720 -107.62 24.65 -29.80
N HIS D 721 -108.92 24.73 -30.03
CA HIS D 721 -109.59 23.73 -30.87
C HIS D 721 -109.03 23.74 -32.29
N ASP D 722 -108.84 24.93 -32.86
CA ASP D 722 -108.26 25.03 -34.19
C ASP D 722 -106.84 24.47 -34.21
N GLU D 723 -106.06 24.75 -33.17
CA GLU D 723 -104.71 24.21 -33.10
C GLU D 723 -104.73 22.69 -33.06
N ASN D 724 -105.63 22.11 -32.26
CA ASN D 724 -105.68 20.65 -32.16
C ASN D 724 -106.10 20.01 -33.48
N VAL D 725 -107.09 20.60 -34.17
CA VAL D 725 -107.50 20.02 -35.44
C VAL D 725 -106.37 20.11 -36.46
N LEU D 726 -105.64 21.24 -36.48
CA LEU D 726 -104.50 21.35 -37.37
C LEU D 726 -103.45 20.30 -37.07
N SER D 727 -103.15 20.08 -35.78
CA SER D 727 -102.16 19.07 -35.40
C SER D 727 -102.62 17.68 -35.82
N TYR D 728 -103.91 17.39 -35.64
CA TYR D 728 -104.43 16.09 -36.03
C TYR D 728 -104.29 15.88 -37.54
N TYR D 729 -104.59 16.93 -38.33
CA TYR D 729 -104.40 16.81 -39.77
C TYR D 729 -102.94 16.59 -40.12
N ARG D 730 -102.04 17.30 -39.45
CA ARG D 730 -100.61 17.11 -39.70
C ARG D 730 -100.19 15.67 -39.45
N TYR D 731 -100.61 15.10 -38.31
CA TYR D 731 -100.21 13.74 -37.99
C TYR D 731 -100.88 12.73 -38.91
N GLN D 732 -102.09 13.01 -39.37
CA GLN D 732 -102.74 12.17 -40.35
C GLN D 732 -101.97 12.15 -41.67
N LEU D 733 -101.51 13.33 -42.10
CA LEU D 733 -100.68 13.39 -43.31
C LEU D 733 -99.38 12.62 -43.12
N LYS D 734 -98.77 12.75 -41.94
CA LYS D 734 -97.55 11.98 -41.66
C LYS D 734 -97.81 10.49 -41.74
N LEU D 735 -98.93 10.04 -41.18
CA LEU D 735 -99.28 8.63 -41.25
C LEU D 735 -99.47 8.18 -42.69
N PHE D 736 -100.14 8.99 -43.50
CA PHE D 736 -100.33 8.63 -44.90
C PHE D 736 -98.99 8.49 -45.61
N ALA D 737 -98.09 9.45 -45.39
CA ALA D 737 -96.78 9.39 -46.03
C ALA D 737 -96.01 8.16 -45.59
N ARG D 738 -96.04 7.84 -44.29
CA ARG D 738 -95.33 6.67 -43.80
C ARG D 738 -95.90 5.39 -44.41
N MET D 739 -97.23 5.31 -44.52
CA MET D 739 -97.83 4.14 -45.15
C MET D 739 -97.41 4.02 -46.61
N CYS D 740 -97.33 5.14 -47.32
CA CYS D 740 -96.90 5.13 -48.72
C CYS D 740 -95.40 5.01 -48.90
N LEU D 741 -94.63 5.01 -47.81
CA LEU D 741 -93.19 4.82 -47.93
C LEU D 741 -92.86 3.52 -48.65
N ASP D 742 -91.84 3.59 -49.50
CA ASP D 742 -91.27 2.41 -50.16
C ASP D 742 -92.27 1.75 -51.11
N ARG D 743 -93.01 2.56 -51.86
CA ARG D 743 -93.83 2.09 -52.96
C ARG D 743 -94.80 0.99 -52.51
N GLN D 744 -95.73 1.38 -51.63
CA GLN D 744 -96.82 0.50 -51.22
C GLN D 744 -98.05 0.88 -52.04
N TYR D 745 -98.20 0.25 -53.21
CA TYR D 745 -99.20 0.69 -54.18
C TYR D 745 -100.61 0.52 -53.64
N LEU D 746 -100.84 -0.47 -52.78
CA LEU D 746 -102.19 -0.72 -52.28
C LEU D 746 -102.73 0.51 -51.55
N ALA D 747 -101.90 1.15 -50.74
CA ALA D 747 -102.33 2.37 -50.07
C ALA D 747 -102.12 3.59 -50.95
N ILE D 748 -101.13 3.54 -51.85
CA ILE D 748 -100.85 4.68 -52.71
C ILE D 748 -102.06 4.99 -53.58
N ASP D 749 -102.74 3.95 -54.06
CA ASP D 749 -103.90 4.19 -54.93
C ASP D 749 -104.96 5.03 -54.22
N GLU D 750 -105.36 4.59 -53.02
CA GLU D 750 -106.40 5.31 -52.28
C GLU D 750 -105.93 6.70 -51.88
N ILE D 751 -104.67 6.82 -51.45
CA ILE D 751 -104.18 8.11 -50.99
C ILE D 751 -104.09 9.09 -52.15
N SER D 752 -103.72 8.59 -53.34
CA SER D 752 -103.70 9.45 -54.52
C SER D 752 -105.11 9.84 -54.94
N GLN D 753 -106.06 8.92 -54.82
CA GLN D 753 -107.45 9.26 -55.12
C GLN D 753 -107.95 10.38 -54.21
N GLN D 754 -107.61 10.29 -52.92
CA GLN D 754 -108.07 11.29 -51.97
C GLN D 754 -107.34 12.62 -52.16
N LEU D 755 -106.02 12.58 -52.31
CA LEU D 755 -105.20 13.77 -52.40
C LEU D 755 -104.58 13.88 -53.78
N GLY D 756 -104.64 15.06 -54.37
CA GLY D 756 -104.16 15.27 -55.72
C GLY D 756 -102.90 16.12 -55.79
N VAL D 757 -102.18 16.01 -56.92
CA VAL D 757 -100.94 16.76 -57.09
C VAL D 757 -101.22 18.26 -57.02
N ASP D 758 -102.26 18.72 -57.71
CA ASP D 758 -102.59 20.14 -57.69
C ASP D 758 -102.96 20.61 -56.29
N LEU D 759 -103.73 19.80 -55.57
CA LEU D 759 -104.13 20.17 -54.21
C LEU D 759 -102.92 20.28 -53.30
N ILE D 760 -102.01 19.31 -53.38
CA ILE D 760 -100.80 19.36 -52.55
C ILE D 760 -99.95 20.56 -52.92
N PHE D 761 -99.83 20.84 -54.23
CA PHE D 761 -99.11 22.03 -54.66
C PHE D 761 -99.70 23.29 -54.06
N LEU D 762 -101.04 23.42 -54.12
CA LEU D 762 -101.66 24.61 -53.56
C LEU D 762 -101.38 24.74 -52.07
N CYS D 763 -101.54 23.65 -51.32
CA CYS D 763 -101.33 23.71 -49.88
C CYS D 763 -99.88 24.08 -49.55
N MET D 764 -98.91 23.46 -50.24
CA MET D 764 -97.51 23.72 -49.93
C MET D 764 -97.11 25.14 -50.35
N ALA D 765 -97.63 25.62 -51.48
CA ALA D 765 -97.24 26.93 -51.99
C ALA D 765 -97.85 28.06 -51.16
N ASP D 766 -99.06 27.84 -50.63
CA ASP D 766 -99.71 28.88 -49.84
C ASP D 766 -98.81 29.32 -48.70
N GLU D 767 -98.56 30.64 -48.63
CA GLU D 767 -97.70 31.19 -47.59
C GLU D 767 -98.45 31.46 -46.29
N MET D 768 -99.77 31.58 -46.33
CA MET D 768 -100.53 31.81 -45.11
C MET D 768 -100.38 30.64 -44.14
N LEU D 769 -100.38 29.42 -44.68
CA LEU D 769 -100.35 28.23 -43.84
C LEU D 769 -98.99 28.10 -43.14
N PRO D 770 -98.95 27.41 -42.01
CA PRO D 770 -97.70 27.32 -41.25
C PRO D 770 -96.68 26.40 -41.90
N PHE D 771 -95.42 26.61 -41.52
CA PHE D 771 -94.31 25.88 -42.12
C PHE D 771 -94.42 24.39 -41.84
N ASP D 772 -94.91 24.01 -40.67
CA ASP D 772 -95.02 22.59 -40.35
C ASP D 772 -96.02 21.89 -41.28
N LEU D 773 -97.18 22.52 -41.51
CA LEU D 773 -98.16 21.92 -42.40
C LEU D 773 -97.64 21.91 -43.84
N ARG D 774 -96.95 22.97 -44.24
CA ARG D 774 -96.35 22.97 -45.58
C ARG D 774 -95.34 21.84 -45.73
N ALA D 775 -94.54 21.59 -44.68
CA ALA D 775 -93.58 20.50 -44.71
C ALA D 775 -94.27 19.15 -44.80
N SER D 776 -95.38 18.98 -44.06
CA SER D 776 -96.14 17.74 -44.15
C SER D 776 -96.66 17.52 -45.57
N PHE D 777 -97.19 18.58 -46.18
CA PHE D 777 -97.67 18.47 -47.56
C PHE D 777 -96.54 18.13 -48.51
N CYS D 778 -95.36 18.74 -48.31
CA CYS D 778 -94.21 18.42 -49.15
C CYS D 778 -93.81 16.97 -49.01
N HIS D 779 -93.82 16.45 -47.78
CA HIS D 779 -93.47 15.04 -47.56
C HIS D 779 -94.47 14.13 -48.26
N LEU D 780 -95.76 14.45 -48.15
CA LEU D 780 -96.77 13.66 -48.86
C LEU D 780 -96.55 13.71 -50.35
N MET D 781 -96.23 14.89 -50.88
CA MET D 781 -95.98 15.04 -52.32
C MET D 781 -94.81 14.16 -52.73
N LEU D 782 -93.73 14.16 -51.95
CA LEU D 782 -92.57 13.34 -52.29
C LEU D 782 -92.92 11.85 -52.28
N HIS D 783 -93.66 11.40 -51.27
CA HIS D 783 -93.83 9.97 -51.06
C HIS D 783 -95.11 9.40 -51.64
N VAL D 784 -95.92 10.21 -52.33
CA VAL D 784 -97.16 9.71 -52.91
C VAL D 784 -97.08 9.76 -54.42
N HIS D 785 -96.47 10.81 -54.97
CA HIS D 785 -96.47 11.05 -56.40
C HIS D 785 -95.08 10.95 -57.03
N VAL D 786 -94.08 11.64 -56.45
CA VAL D 786 -92.77 11.69 -57.08
C VAL D 786 -92.17 10.29 -57.19
N ASP D 787 -92.26 9.51 -56.12
CA ASP D 787 -91.77 8.14 -56.12
C ASP D 787 -92.96 7.22 -56.41
N ARG D 788 -93.09 6.81 -57.67
CA ARG D 788 -94.23 6.03 -58.11
C ARG D 788 -93.80 5.22 -59.34
N ASP D 789 -94.71 4.38 -59.82
CA ASP D 789 -94.40 3.50 -60.94
C ASP D 789 -93.83 4.26 -62.14
N PRO D 790 -94.44 5.35 -62.61
CA PRO D 790 -93.93 5.98 -63.85
C PRO D 790 -92.47 6.40 -63.75
N GLN D 791 -92.01 6.82 -62.59
CA GLN D 791 -90.63 7.27 -62.43
C GLN D 791 -89.70 6.09 -62.18
N GLU D 792 -88.42 6.30 -62.46
CA GLU D 792 -87.40 5.29 -62.26
C GLU D 792 -86.06 5.96 -62.05
N LEU D 793 -85.20 5.32 -61.26
CA LEU D 793 -83.88 5.88 -60.98
C LEU D 793 -83.03 5.86 -62.24
N VAL D 794 -82.13 6.85 -62.33
CA VAL D 794 -81.27 7.03 -63.49
C VAL D 794 -79.82 6.87 -63.07
N THR D 795 -79.06 6.11 -63.86
CA THR D 795 -77.62 5.95 -63.63
C THR D 795 -76.90 6.96 -64.52
N PRO D 796 -76.21 7.96 -63.96
CA PRO D 796 -75.70 9.04 -64.82
C PRO D 796 -74.71 8.58 -65.88
N VAL D 797 -73.88 7.58 -65.58
CA VAL D 797 -72.82 7.16 -66.48
C VAL D 797 -73.24 5.85 -67.15
N LYS D 798 -73.25 5.85 -68.48
CA LYS D 798 -73.60 4.68 -69.27
C LYS D 798 -72.35 4.18 -69.98
N PHE D 799 -72.10 2.87 -69.90
CA PHE D 799 -70.90 2.29 -70.49
C PHE D 799 -71.17 1.57 -71.81
N ALA D 800 -72.41 1.16 -72.08
CA ALA D 800 -72.77 0.50 -73.33
C ALA D 800 -73.34 1.57 -74.26
N ARG D 801 -72.52 2.04 -75.19
CA ARG D 801 -72.88 3.13 -76.10
C ARG D 801 -72.87 2.61 -77.53
N LEU D 802 -73.94 2.89 -78.26
CA LEU D 802 -74.01 2.51 -79.67
C LEU D 802 -73.18 3.47 -80.52
N TRP D 803 -72.51 2.91 -81.53
CA TRP D 803 -71.68 3.75 -82.40
C TRP D 803 -72.54 4.74 -83.18
N THR D 804 -73.71 4.32 -83.64
CA THR D 804 -74.55 5.19 -84.45
C THR D 804 -75.00 6.41 -83.66
N GLU D 805 -75.17 6.27 -82.35
CA GLU D 805 -75.72 7.36 -81.55
C GLU D 805 -74.69 8.47 -81.33
N ILE D 806 -73.40 8.13 -81.36
CA ILE D 806 -72.35 9.10 -81.03
C ILE D 806 -72.44 10.28 -81.99
N PRO D 807 -72.52 11.52 -81.50
CA PRO D 807 -72.53 12.68 -82.40
C PRO D 807 -71.14 13.21 -82.69
N THR D 808 -70.96 13.69 -83.92
CA THR D 808 -69.68 14.27 -84.30
C THR D 808 -69.36 15.51 -83.45
N ALA D 809 -70.37 16.34 -83.21
CA ALA D 809 -70.23 17.52 -82.36
C ALA D 809 -71.24 17.43 -81.23
N ILE D 810 -70.78 17.65 -80.01
CA ILE D 810 -71.60 17.55 -78.81
C ILE D 810 -71.45 18.84 -78.02
N THR D 811 -72.56 19.39 -77.56
CA THR D 811 -72.58 20.55 -76.70
C THR D 811 -73.40 20.24 -75.46
N ILE D 812 -73.25 21.11 -74.44
CA ILE D 812 -74.01 20.91 -73.21
C ILE D 812 -75.50 20.94 -73.50
N LYS D 813 -75.92 21.77 -74.44
CA LYS D 813 -77.33 21.82 -74.81
C LYS D 813 -77.78 20.50 -75.43
N ASP D 814 -77.00 19.97 -76.37
CA ASP D 814 -77.40 18.75 -77.06
C ASP D 814 -77.41 17.55 -76.12
N TYR D 815 -76.47 17.52 -75.17
CA TYR D 815 -76.39 16.39 -74.25
C TYR D 815 -77.72 16.17 -73.53
N ASP D 816 -78.45 17.27 -73.27
CA ASP D 816 -79.76 17.15 -72.63
C ASP D 816 -80.87 17.09 -73.68
N SER D 817 -80.67 17.75 -74.83
CA SER D 817 -81.65 17.70 -75.89
C SER D 817 -81.90 16.26 -76.34
N ASN D 818 -80.91 15.39 -76.17
CA ASN D 818 -81.09 13.99 -76.54
C ASN D 818 -82.31 13.38 -75.85
N LEU D 819 -82.47 13.64 -74.54
CA LEU D 819 -83.56 13.07 -73.76
C LEU D 819 -84.63 14.09 -73.40
N ASN D 820 -84.54 15.31 -73.95
CA ASN D 820 -85.54 16.33 -73.66
C ASN D 820 -86.96 15.83 -73.88
N ALA D 821 -87.18 15.02 -74.93
CA ALA D 821 -88.54 14.64 -75.28
C ALA D 821 -89.26 13.96 -74.12
N SER D 822 -88.65 12.93 -73.54
CA SER D 822 -89.26 12.26 -72.39
C SER D 822 -89.33 13.18 -71.19
N ARG D 823 -88.30 14.02 -71.02
CA ARG D 823 -88.30 14.95 -69.90
C ARG D 823 -89.51 15.87 -69.95
N ASP D 824 -89.90 16.30 -71.16
CA ASP D 824 -91.08 17.16 -71.28
C ASP D 824 -92.34 16.42 -70.83
N ASP D 825 -92.50 15.17 -71.26
CA ASP D 825 -93.69 14.42 -70.88
C ASP D 825 -93.77 14.21 -69.38
N LYS D 826 -92.64 13.85 -68.75
CA LYS D 826 -92.66 13.65 -67.31
C LYS D 826 -92.83 14.96 -66.56
N LYS D 827 -92.32 16.07 -67.13
CA LYS D 827 -92.46 17.37 -66.49
C LYS D 827 -93.87 17.91 -66.61
N ASN D 828 -94.63 17.43 -67.59
CA ASN D 828 -96.00 17.93 -67.75
C ASN D 828 -96.79 17.74 -66.46
N LYS D 829 -96.44 16.72 -65.67
CA LYS D 829 -97.22 16.43 -64.47
C LYS D 829 -96.67 17.17 -63.24
N PHE D 830 -95.34 17.24 -63.12
CA PHE D 830 -94.68 17.81 -61.94
C PHE D 830 -94.06 19.18 -62.21
N ALA D 831 -94.55 19.91 -63.20
CA ALA D 831 -93.88 21.14 -63.61
C ALA D 831 -93.89 22.19 -62.50
N ASN D 832 -95.03 22.36 -61.83
CA ASN D 832 -95.15 23.45 -60.86
C ASN D 832 -94.33 23.15 -59.60
N THR D 833 -94.23 21.87 -59.22
CA THR D 833 -93.41 21.51 -58.09
C THR D 833 -91.96 21.91 -58.33
N MET D 834 -91.50 21.73 -59.57
CA MET D 834 -90.12 22.07 -59.92
C MET D 834 -89.87 23.55 -59.70
N GLU D 835 -90.80 24.40 -60.16
CA GLU D 835 -90.69 25.84 -59.96
C GLU D 835 -90.73 26.20 -58.49
N PHE D 836 -91.61 25.56 -57.72
CA PHE D 836 -91.68 25.85 -56.29
C PHE D 836 -90.36 25.55 -55.61
N VAL D 837 -89.78 24.39 -55.93
CA VAL D 837 -88.49 24.03 -55.32
C VAL D 837 -87.43 25.05 -55.68
N GLU D 838 -87.35 25.42 -56.97
CA GLU D 838 -86.32 26.36 -57.38
C GLU D 838 -86.49 27.70 -56.67
N ASP D 839 -87.72 28.22 -56.61
CA ASP D 839 -87.95 29.51 -55.98
C ASP D 839 -87.67 29.46 -54.49
N TYR D 840 -88.07 28.38 -53.81
CA TYR D 840 -87.83 28.28 -52.37
C TYR D 840 -86.34 28.24 -52.08
N LEU D 841 -85.58 27.45 -52.85
CA LEU D 841 -84.14 27.41 -52.61
C LEU D 841 -83.49 28.75 -52.93
N ASN D 842 -83.97 29.44 -53.97
CA ASN D 842 -83.44 30.78 -54.27
C ASN D 842 -83.68 31.73 -53.10
N ASN D 843 -84.88 31.71 -52.52
CA ASN D 843 -85.16 32.57 -51.38
C ASN D 843 -84.30 32.19 -50.18
N VAL D 844 -84.10 30.89 -49.96
CA VAL D 844 -83.29 30.46 -48.82
C VAL D 844 -81.86 30.96 -48.96
N VAL D 845 -81.29 30.83 -50.16
CA VAL D 845 -79.93 31.32 -50.37
C VAL D 845 -79.89 32.84 -50.25
N SER D 846 -80.95 33.52 -50.70
CA SER D 846 -80.99 34.97 -50.60
C SER D 846 -80.98 35.42 -49.14
N GLU D 847 -81.68 34.68 -48.28
CA GLU D 847 -81.72 35.05 -46.87
C GLU D 847 -80.30 35.11 -46.29
N ALA D 848 -80.08 36.10 -45.43
CA ALA D 848 -78.74 36.31 -44.88
C ALA D 848 -78.24 35.07 -44.14
N VAL D 849 -79.03 34.56 -43.21
CA VAL D 849 -78.71 33.36 -42.46
C VAL D 849 -79.60 32.23 -42.97
N PRO D 850 -79.07 31.26 -43.73
CA PRO D 850 -79.95 30.28 -44.36
C PRO D 850 -80.76 29.44 -43.38
N PHE D 851 -80.20 29.13 -42.21
CA PHE D 851 -80.83 28.21 -41.27
C PHE D 851 -81.14 28.86 -39.93
N ALA D 852 -81.45 30.16 -39.92
CA ALA D 852 -81.70 30.85 -38.66
C ALA D 852 -83.00 30.37 -38.01
N ASN D 853 -84.09 30.31 -38.77
CA ASN D 853 -85.40 29.99 -38.24
C ASN D 853 -85.57 28.48 -38.18
N GLU D 854 -85.88 27.95 -36.99
CA GLU D 854 -86.02 26.52 -36.83
C GLU D 854 -87.23 25.98 -37.59
N GLU D 855 -88.36 26.68 -37.52
CA GLU D 855 -89.57 26.20 -38.17
C GLU D 855 -89.40 26.13 -39.68
N LYS D 856 -88.77 27.14 -40.27
CA LYS D 856 -88.57 27.14 -41.72
C LYS D 856 -87.61 26.04 -42.14
N ASN D 857 -86.76 25.58 -41.23
CA ASN D 857 -85.79 24.54 -41.56
C ASN D 857 -86.47 23.24 -41.92
N LYS D 858 -87.63 22.96 -41.32
CA LYS D 858 -88.37 21.75 -41.68
C LYS D 858 -88.79 21.79 -43.16
N LEU D 859 -89.42 22.89 -43.57
CA LEU D 859 -89.82 23.01 -44.97
C LEU D 859 -88.61 23.01 -45.89
N THR D 860 -87.50 23.62 -45.45
CA THR D 860 -86.29 23.59 -46.25
C THR D 860 -85.79 22.16 -46.45
N PHE D 861 -85.81 21.35 -45.39
CA PHE D 861 -85.39 19.97 -45.51
C PHE D 861 -86.30 19.19 -46.45
N GLU D 862 -87.62 19.39 -46.34
CA GLU D 862 -88.53 18.69 -47.25
C GLU D 862 -88.28 19.11 -48.70
N VAL D 863 -88.07 20.40 -48.94
CA VAL D 863 -87.82 20.87 -50.30
C VAL D 863 -86.52 20.28 -50.83
N VAL D 864 -85.49 20.21 -49.99
CA VAL D 864 -84.22 19.64 -50.42
C VAL D 864 -84.38 18.17 -50.75
N SER D 865 -85.14 17.44 -49.93
CA SER D 865 -85.38 16.02 -50.22
C SER D 865 -86.14 15.84 -51.53
N LEU D 866 -87.15 16.68 -51.77
CA LEU D 866 -87.88 16.63 -53.03
C LEU D 866 -86.96 16.91 -54.20
N ALA D 867 -86.08 17.90 -54.07
CA ALA D 867 -85.13 18.21 -55.13
C ALA D 867 -84.21 17.02 -55.38
N HIS D 868 -83.74 16.39 -54.31
CA HIS D 868 -82.87 15.22 -54.45
C HIS D 868 -83.58 14.11 -55.23
N ASN D 869 -84.83 13.82 -54.85
CA ASN D 869 -85.57 12.75 -55.53
C ASN D 869 -85.80 13.09 -57.00
N LEU D 870 -86.19 14.34 -57.29
CA LEU D 870 -86.41 14.71 -58.68
C LEU D 870 -85.12 14.64 -59.49
N ILE D 871 -84.00 15.09 -58.90
CA ILE D 871 -82.73 15.03 -59.61
C ILE D 871 -82.35 13.59 -59.91
N TYR D 872 -82.49 12.70 -58.92
CA TYR D 872 -82.16 11.30 -59.13
C TYR D 872 -83.13 10.59 -60.06
N PHE D 873 -84.34 11.12 -60.24
CA PHE D 873 -85.26 10.61 -61.24
C PHE D 873 -85.06 11.28 -62.60
N GLY D 874 -84.22 12.30 -62.67
CA GLY D 874 -83.83 12.86 -63.95
C GLY D 874 -84.80 13.87 -64.53
N PHE D 875 -85.45 14.67 -63.69
CA PHE D 875 -86.32 15.73 -64.19
C PHE D 875 -85.54 16.99 -64.55
N TYR D 876 -84.28 17.09 -64.13
CA TYR D 876 -83.41 18.22 -64.44
C TYR D 876 -82.50 17.84 -65.60
N SER D 877 -82.34 18.77 -66.54
CA SER D 877 -81.30 18.62 -67.56
C SER D 877 -79.96 19.01 -66.97
N PHE D 878 -78.90 18.78 -67.74
CA PHE D 878 -77.55 19.05 -67.24
C PHE D 878 -77.35 20.54 -66.97
N SER D 879 -77.84 21.40 -67.86
CA SER D 879 -77.69 22.84 -67.65
C SER D 879 -78.46 23.29 -66.40
N GLU D 880 -79.67 22.79 -66.21
CA GLU D 880 -80.43 23.14 -65.02
C GLU D 880 -79.76 22.62 -63.75
N LEU D 881 -79.16 21.43 -63.81
CA LEU D 881 -78.41 20.93 -62.66
C LEU D 881 -77.21 21.81 -62.37
N LEU D 882 -76.51 22.26 -63.40
CA LEU D 882 -75.38 23.16 -63.19
C LEU D 882 -75.84 24.46 -62.55
N ARG D 883 -77.00 24.98 -62.98
CA ARG D 883 -77.55 26.16 -62.34
C ARG D 883 -77.91 25.89 -60.88
N LEU D 884 -78.47 24.71 -60.60
CA LEU D 884 -78.90 24.39 -59.25
C LEU D 884 -77.71 24.23 -58.30
N THR D 885 -76.57 23.77 -58.82
CA THR D 885 -75.38 23.68 -57.99
C THR D 885 -75.05 25.01 -57.35
N ARG D 886 -75.22 26.11 -58.09
CA ARG D 886 -74.91 27.43 -57.54
C ARG D 886 -75.75 27.70 -56.30
N THR D 887 -77.07 27.51 -56.41
CA THR D 887 -77.96 27.79 -55.29
C THR D 887 -77.66 26.87 -54.12
N LEU D 888 -77.43 25.58 -54.39
CA LEU D 888 -77.20 24.64 -53.30
C LEU D 888 -75.91 24.96 -52.56
N LEU D 889 -74.84 25.23 -53.30
CA LEU D 889 -73.57 25.57 -52.67
C LEU D 889 -73.68 26.89 -51.91
N GLY D 890 -74.41 27.87 -52.46
CA GLY D 890 -74.63 29.10 -51.71
C GLY D 890 -75.38 28.84 -50.42
N ILE D 891 -76.35 27.92 -50.44
CA ILE D 891 -77.08 27.57 -49.23
C ILE D 891 -76.14 26.99 -48.20
N ILE D 892 -75.28 26.06 -48.60
CA ILE D 892 -74.42 25.33 -47.66
C ILE D 892 -73.05 25.98 -47.53
N ASP D 893 -72.90 27.23 -47.95
CA ASP D 893 -71.64 27.96 -47.82
C ASP D 893 -71.64 28.77 -46.54
N CYS D 894 -70.44 29.09 -46.05
CA CYS D 894 -70.26 29.88 -44.85
C CYS D 894 -71.09 31.16 -44.90
N ASP D 961 -77.64 21.10 -35.45
CA ASP D 961 -78.98 20.52 -35.43
C ASP D 961 -79.09 19.37 -36.41
N ILE D 962 -79.77 18.30 -36.00
CA ILE D 962 -79.86 17.10 -36.82
C ILE D 962 -80.51 17.42 -38.16
N VAL D 963 -81.55 18.26 -38.16
CA VAL D 963 -82.25 18.58 -39.39
C VAL D 963 -81.31 19.31 -40.35
N VAL D 964 -80.56 20.30 -39.84
CA VAL D 964 -79.65 21.05 -40.69
C VAL D 964 -78.56 20.14 -41.26
N MET D 965 -77.99 19.28 -40.41
CA MET D 965 -76.95 18.38 -40.88
C MET D 965 -77.48 17.42 -41.94
N GLU D 966 -78.69 16.91 -41.74
CA GLU D 966 -79.29 16.02 -42.73
C GLU D 966 -79.53 16.75 -44.05
N THR D 967 -79.99 18.00 -43.98
CA THR D 967 -80.18 18.78 -45.20
C THR D 967 -78.86 18.96 -45.93
N LYS D 968 -77.79 19.26 -45.20
CA LYS D 968 -76.48 19.40 -45.83
C LYS D 968 -76.02 18.09 -46.46
N LEU D 969 -76.30 16.96 -45.79
CA LEU D 969 -75.97 15.66 -46.37
C LEU D 969 -76.71 15.45 -47.68
N LYS D 970 -78.00 15.77 -47.72
CA LYS D 970 -78.77 15.61 -48.95
C LYS D 970 -78.21 16.50 -50.06
N ILE D 971 -77.84 17.73 -49.73
CA ILE D 971 -77.27 18.62 -50.72
C ILE D 971 -75.95 18.05 -51.26
N LEU D 972 -75.15 17.46 -50.38
CA LEU D 972 -73.90 16.84 -50.83
C LEU D 972 -74.18 15.66 -51.76
N GLU D 973 -75.22 14.87 -51.48
CA GLU D 973 -75.59 13.79 -52.38
C GLU D 973 -76.01 14.33 -53.74
N ILE D 974 -76.77 15.42 -53.76
CA ILE D 974 -77.16 16.05 -55.02
C ILE D 974 -75.92 16.47 -55.80
N LEU D 975 -74.95 17.07 -55.10
CA LEU D 975 -73.71 17.47 -55.76
C LEU D 975 -72.96 16.26 -56.31
N GLN D 976 -72.96 15.15 -55.59
CA GLN D 976 -72.35 13.93 -56.11
C GLN D 976 -72.99 13.51 -57.42
N PHE D 977 -74.32 13.49 -57.46
CA PHE D 977 -75.00 13.11 -58.70
C PHE D 977 -74.66 14.05 -59.84
N ILE D 978 -74.62 15.36 -59.56
CA ILE D 978 -74.32 16.32 -60.62
C ILE D 978 -72.90 16.13 -61.13
N LEU D 979 -71.96 15.84 -60.24
CA LEU D 979 -70.59 15.59 -60.67
C LEU D 979 -70.50 14.34 -61.53
N ASN D 980 -71.25 13.30 -61.18
CA ASN D 980 -71.28 12.11 -62.02
C ASN D 980 -71.83 12.43 -63.41
N VAL D 981 -72.86 13.28 -63.47
CA VAL D 981 -73.40 13.69 -64.77
C VAL D 981 -72.32 14.43 -65.56
N ARG D 982 -71.54 15.26 -64.89
CA ARG D 982 -70.44 15.94 -65.58
C ARG D 982 -69.44 14.94 -66.14
N LEU D 983 -69.12 13.90 -65.37
CA LEU D 983 -68.22 12.86 -65.87
C LEU D 983 -68.80 12.21 -67.13
N ASP D 984 -70.10 11.92 -67.11
CA ASP D 984 -70.74 11.34 -68.30
C ASP D 984 -70.60 12.27 -69.49
N TYR D 985 -70.81 13.57 -69.29
CA TYR D 985 -70.67 14.52 -70.38
C TYR D 985 -69.24 14.51 -70.93
N ARG D 986 -68.25 14.46 -70.05
CA ARG D 986 -66.87 14.45 -70.52
C ARG D 986 -66.56 13.21 -71.34
N ILE D 987 -67.05 12.04 -70.90
CA ILE D 987 -66.86 10.82 -71.68
C ILE D 987 -67.52 10.96 -73.05
N SER D 988 -68.73 11.53 -73.08
CA SER D 988 -69.41 11.73 -74.36
C SER D 988 -68.60 12.65 -75.27
N TYR D 989 -68.03 13.71 -74.71
CA TYR D 989 -67.22 14.63 -75.51
C TYR D 989 -66.00 13.92 -76.09
N LEU D 990 -65.32 13.10 -75.28
CA LEU D 990 -64.17 12.36 -75.79
C LEU D 990 -64.59 11.44 -76.94
N LEU D 991 -65.70 10.72 -76.77
CA LEU D 991 -66.15 9.81 -77.82
C LEU D 991 -66.52 10.59 -79.09
N SER D 992 -67.13 11.77 -78.93
CA SER D 992 -67.48 12.56 -80.10
C SER D 992 -66.24 13.01 -80.86
N VAL D 993 -65.21 13.47 -80.13
CA VAL D 993 -63.97 13.87 -80.79
C VAL D 993 -63.35 12.69 -81.52
N PHE D 994 -63.32 11.52 -80.87
CA PHE D 994 -62.76 10.34 -81.50
C PHE D 994 -63.52 9.99 -82.77
N LYS D 995 -64.85 10.05 -82.72
CA LYS D 995 -65.65 9.74 -83.90
C LYS D 995 -65.37 10.72 -85.03
N LYS D 996 -65.27 12.01 -84.71
CA LYS D 996 -64.96 12.99 -85.74
C LYS D 996 -63.64 12.64 -86.42
N GLU D 997 -62.58 12.43 -85.64
CA GLU D 997 -61.27 12.17 -86.22
C GLU D 997 -61.28 10.86 -87.03
N PHE D 998 -61.91 9.81 -86.49
CA PHE D 998 -61.92 8.53 -87.19
C PHE D 998 -62.69 8.62 -88.49
N VAL D 999 -63.86 9.29 -88.49
CA VAL D 999 -64.63 9.42 -89.72
C VAL D 999 -63.86 10.24 -90.74
N GLU D 1000 -63.10 11.24 -90.28
CA GLU D 1000 -62.29 12.02 -91.21
C GLU D 1000 -61.22 11.13 -91.85
N VAL D 1001 -60.51 10.35 -91.04
CA VAL D 1001 -59.31 9.68 -91.55
C VAL D 1001 -59.70 8.42 -92.34
N PHE D 1002 -60.74 7.71 -91.93
CA PHE D 1002 -61.27 6.55 -92.65
C PHE D 1002 -62.65 6.92 -93.18
N PRO D 1003 -62.73 7.54 -94.37
CA PRO D 1003 -64.06 7.85 -94.93
C PRO D 1003 -64.91 6.64 -95.23
N MET D 1004 -64.30 5.46 -95.36
CA MET D 1004 -65.06 4.28 -95.77
C MET D 1004 -66.12 3.91 -94.75
N GLN D 1005 -65.92 4.25 -93.49
CA GLN D 1005 -66.82 3.85 -92.41
C GLN D 1005 -67.88 4.91 -92.11
N ASP D 1006 -67.93 5.99 -92.88
CA ASP D 1006 -68.95 7.01 -92.66
C ASP D 1006 -70.33 6.47 -93.01
N SER D 1007 -71.34 6.97 -92.31
CA SER D 1007 -72.70 6.48 -92.51
C SER D 1007 -73.18 6.75 -93.94
N GLY D 1008 -72.92 7.94 -94.45
CA GLY D 1008 -73.36 8.31 -95.78
C GLY D 1008 -72.32 8.00 -96.84
N ALA D 1009 -71.65 6.86 -96.72
CA ALA D 1009 -70.61 6.49 -97.66
C ALA D 1009 -71.20 6.28 -99.05
N ASP D 1010 -70.53 6.83 -100.05
CA ASP D 1010 -70.89 6.66 -101.45
C ASP D 1010 -69.64 6.30 -102.24
N GLY D 1011 -69.78 6.24 -103.57
CA GLY D 1011 -68.66 5.85 -104.40
C GLY D 1011 -67.51 6.83 -104.36
N THR D 1012 -67.82 8.13 -104.26
CA THR D 1012 -66.83 9.18 -104.39
C THR D 1012 -66.56 9.80 -103.03
N ALA D 1013 -65.30 9.71 -102.58
CA ALA D 1013 -64.84 10.41 -101.38
C ALA D 1013 -63.33 10.28 -101.33
N PRO D 1014 -62.60 11.34 -100.98
CA PRO D 1014 -61.13 11.22 -100.89
C PRO D 1014 -60.75 10.29 -99.76
N ALA D 1015 -60.19 9.14 -100.12
CA ALA D 1015 -59.82 8.10 -99.16
C ALA D 1015 -58.29 8.04 -99.06
N PHE D 1016 -57.78 8.25 -97.85
CA PHE D 1016 -56.34 8.17 -97.64
C PHE D 1016 -55.89 6.72 -97.66
N ASP D 1017 -54.68 6.50 -98.18
CA ASP D 1017 -54.13 5.16 -98.34
C ASP D 1017 -53.59 4.66 -96.99
N SER D 1018 -52.95 3.50 -97.02
CA SER D 1018 -52.48 2.86 -95.80
C SER D 1018 -51.45 3.75 -95.09
N THR D 1019 -50.45 4.23 -95.82
CA THR D 1019 -49.41 5.04 -95.20
C THR D 1019 -49.95 6.37 -94.70
N THR D 1020 -50.81 7.01 -95.47
CA THR D 1020 -51.28 8.36 -95.12
C THR D 1020 -52.31 8.33 -94.00
N ALA D 1021 -53.05 7.22 -93.85
CA ALA D 1021 -54.19 7.16 -92.93
C ALA D 1021 -53.67 6.91 -91.52
N ASN D 1022 -53.44 8.02 -90.80
CA ASN D 1022 -53.12 7.99 -89.38
C ASN D 1022 -53.79 9.17 -88.71
N MET D 1023 -54.35 8.94 -87.52
CA MET D 1023 -55.18 9.95 -86.86
C MET D 1023 -54.31 10.95 -86.11
N ASN D 1024 -54.92 12.10 -85.79
CA ASN D 1024 -54.19 13.21 -85.17
C ASN D 1024 -54.32 13.12 -83.66
N LEU D 1025 -53.51 12.23 -83.07
CA LEU D 1025 -53.50 12.06 -81.63
C LEU D 1025 -53.20 13.37 -80.93
N ASP D 1026 -52.38 14.23 -81.54
CA ASP D 1026 -52.04 15.50 -80.90
C ASP D 1026 -53.27 16.39 -80.75
N ARG D 1027 -54.05 16.56 -81.83
CA ARG D 1027 -55.26 17.36 -81.74
C ARG D 1027 -56.26 16.73 -80.78
N ILE D 1028 -56.40 15.40 -80.83
CA ILE D 1028 -57.34 14.75 -79.92
C ILE D 1028 -56.95 15.02 -78.47
N GLY D 1029 -55.67 14.89 -78.15
CA GLY D 1029 -55.23 15.13 -76.78
C GLY D 1029 -55.37 16.58 -76.37
N GLU D 1030 -55.12 17.51 -77.30
CA GLU D 1030 -55.30 18.92 -76.98
C GLU D 1030 -56.76 19.21 -76.63
N GLN D 1031 -57.69 18.70 -77.43
CA GLN D 1031 -59.10 18.91 -77.12
C GLN D 1031 -59.49 18.26 -75.81
N ALA D 1032 -58.99 17.05 -75.55
CA ALA D 1032 -59.30 16.37 -74.30
C ALA D 1032 -58.81 17.16 -73.11
N GLU D 1033 -57.58 17.66 -73.17
CA GLU D 1033 -57.05 18.47 -72.07
C GLU D 1033 -57.86 19.75 -71.90
N ALA D 1034 -58.24 20.38 -73.01
CA ALA D 1034 -59.06 21.58 -72.92
C ALA D 1034 -60.38 21.30 -72.23
N MET D 1035 -60.97 20.13 -72.47
CA MET D 1035 -62.26 19.82 -71.85
C MET D 1035 -62.13 19.78 -70.34
N PHE D 1036 -61.04 19.21 -69.82
CA PHE D 1036 -60.80 19.28 -68.38
C PHE D 1036 -60.50 20.69 -67.91
N GLY D 1037 -59.68 21.45 -68.64
CA GLY D 1037 -59.34 22.81 -68.26
C GLY D 1037 -58.66 22.87 -66.91
N SER D 1043 -64.41 27.50 -66.82
CA SER D 1043 -65.08 26.56 -67.71
C SER D 1043 -66.57 26.47 -67.38
N MET D 1044 -67.37 26.14 -68.38
CA MET D 1044 -68.81 26.04 -68.16
C MET D 1044 -69.15 24.90 -67.21
N LEU D 1045 -68.43 23.77 -67.32
CA LEU D 1045 -68.74 22.59 -66.52
C LEU D 1045 -68.44 22.79 -65.04
N GLU D 1046 -67.75 23.85 -64.66
CA GLU D 1046 -67.40 24.05 -63.25
C GLU D 1046 -68.66 24.16 -62.41
N VAL D 1047 -68.61 23.58 -61.21
CA VAL D 1047 -69.77 23.56 -60.33
C VAL D 1047 -70.11 24.96 -59.85
N ASP D 1048 -69.10 25.77 -59.57
CA ASP D 1048 -69.29 27.11 -59.00
C ASP D 1048 -68.71 28.15 -59.94
N ASP D 1049 -69.15 29.40 -59.76
CA ASP D 1049 -68.69 30.53 -60.54
C ASP D 1049 -67.33 31.05 -60.09
N GLU D 1050 -66.83 30.59 -58.93
CA GLU D 1050 -65.57 31.05 -58.40
C GLU D 1050 -64.39 30.21 -58.85
N GLY D 1051 -64.59 29.26 -59.76
CA GLY D 1051 -63.52 28.43 -60.25
C GLY D 1051 -63.16 27.26 -59.36
N GLY D 1052 -64.09 26.78 -58.55
CA GLY D 1052 -63.83 25.71 -57.60
C GLY D 1052 -63.50 26.18 -56.20
N ARG D 1053 -63.22 27.48 -56.02
CA ARG D 1053 -62.95 28.00 -54.69
C ARG D 1053 -64.13 27.79 -53.77
N MET D 1054 -65.35 28.06 -54.25
CA MET D 1054 -66.53 27.86 -53.42
C MET D 1054 -66.71 26.40 -53.06
N PHE D 1055 -66.51 25.49 -54.02
CA PHE D 1055 -66.64 24.07 -53.72
C PHE D 1055 -65.63 23.63 -52.66
N LEU D 1056 -64.37 24.02 -52.82
CA LEU D 1056 -63.36 23.65 -51.83
C LEU D 1056 -63.65 24.26 -50.47
N ARG D 1057 -64.07 25.52 -50.45
CA ARG D 1057 -64.40 26.17 -49.19
C ARG D 1057 -65.54 25.45 -48.48
N VAL D 1058 -66.60 25.10 -49.23
CA VAL D 1058 -67.73 24.41 -48.64
C VAL D 1058 -67.31 23.05 -48.10
N LEU D 1059 -66.52 22.31 -48.87
CA LEU D 1059 -66.12 20.98 -48.42
C LEU D 1059 -65.24 21.06 -47.18
N ILE D 1060 -64.29 21.99 -47.15
CA ILE D 1060 -63.44 22.15 -45.98
C ILE D 1060 -64.27 22.56 -44.77
N HIS D 1061 -65.22 23.49 -44.96
CA HIS D 1061 -66.07 23.92 -43.86
C HIS D 1061 -66.87 22.74 -43.31
N LEU D 1062 -67.47 21.95 -44.19
CA LEU D 1062 -68.24 20.80 -43.75
C LEU D 1062 -67.37 19.75 -43.06
N THR D 1063 -66.09 19.66 -43.44
CA THR D 1063 -65.21 18.72 -42.76
C THR D 1063 -65.10 19.03 -41.27
N MET D 1064 -65.28 20.31 -40.90
CA MET D 1064 -65.08 20.70 -39.51
C MET D 1064 -66.30 20.35 -38.66
N HIS D 1065 -67.45 20.14 -39.28
CA HIS D 1065 -68.66 19.81 -38.53
C HIS D 1065 -68.46 18.50 -37.77
N ASP D 1066 -69.17 18.36 -36.65
CA ASP D 1066 -69.00 17.19 -35.81
C ASP D 1066 -69.68 15.96 -36.41
N TYR D 1067 -70.67 16.17 -37.27
CA TYR D 1067 -71.46 15.06 -37.77
C TYR D 1067 -70.60 14.13 -38.62
N ALA D 1068 -70.45 12.89 -38.15
CA ALA D 1068 -69.53 11.96 -38.79
C ALA D 1068 -69.91 11.66 -40.24
N PRO D 1069 -71.16 11.34 -40.57
CA PRO D 1069 -71.48 11.09 -41.99
C PRO D 1069 -71.22 12.29 -42.88
N LEU D 1070 -71.55 13.49 -42.39
CA LEU D 1070 -71.29 14.69 -43.18
C LEU D 1070 -69.80 14.87 -43.43
N VAL D 1071 -68.98 14.68 -42.38
CA VAL D 1071 -67.54 14.81 -42.55
C VAL D 1071 -67.01 13.76 -43.53
N SER D 1072 -67.51 12.53 -43.44
CA SER D 1072 -67.06 11.49 -44.33
C SER D 1072 -67.39 11.82 -45.78
N GLY D 1073 -68.62 12.25 -46.04
CA GLY D 1073 -69.00 12.63 -47.39
C GLY D 1073 -68.19 13.81 -47.91
N ALA D 1074 -67.97 14.81 -47.05
CA ALA D 1074 -67.17 15.96 -47.47
C ALA D 1074 -65.75 15.55 -47.80
N LEU D 1075 -65.15 14.66 -47.00
CA LEU D 1075 -63.80 14.20 -47.28
C LEU D 1075 -63.75 13.43 -48.58
N GLN D 1076 -64.73 12.57 -48.83
CA GLN D 1076 -64.76 11.82 -50.08
C GLN D 1076 -64.84 12.77 -51.27
N LEU D 1077 -65.73 13.76 -51.20
CA LEU D 1077 -65.87 14.70 -52.30
C LEU D 1077 -64.59 15.52 -52.47
N LEU D 1078 -63.96 15.93 -51.37
CA LEU D 1078 -62.73 16.70 -51.47
C LEU D 1078 -61.62 15.89 -52.15
N PHE D 1079 -61.49 14.61 -51.78
CA PHE D 1079 -60.49 13.78 -52.41
C PHE D 1079 -60.80 13.56 -53.89
N LYS D 1080 -62.07 13.38 -54.24
CA LYS D 1080 -62.42 13.18 -55.63
C LYS D 1080 -62.23 14.44 -56.47
N HIS D 1081 -62.35 15.63 -55.85
CA HIS D 1081 -62.26 16.87 -56.60
C HIS D 1081 -60.92 17.01 -57.31
N PHE D 1082 -59.84 16.54 -56.68
CA PHE D 1082 -58.50 16.71 -57.20
C PHE D 1082 -58.02 15.52 -58.02
N SER D 1083 -58.89 14.55 -58.29
CA SER D 1083 -58.56 13.39 -59.12
C SER D 1083 -59.50 13.29 -60.32
N GLN D 1084 -59.85 14.43 -60.91
CA GLN D 1084 -60.80 14.43 -62.02
C GLN D 1084 -60.25 13.69 -63.23
N ARG D 1085 -58.98 13.94 -63.58
CA ARG D 1085 -58.43 13.37 -64.81
C ARG D 1085 -58.30 11.86 -64.73
N GLN D 1086 -57.78 11.34 -63.60
CA GLN D 1086 -57.63 9.90 -63.46
C GLN D 1086 -58.98 9.20 -63.50
N GLU D 1087 -59.98 9.77 -62.81
CA GLU D 1087 -61.31 9.18 -62.83
C GLU D 1087 -61.89 9.17 -64.25
N ALA D 1088 -61.71 10.28 -64.98
CA ALA D 1088 -62.23 10.35 -66.33
C ALA D 1088 -61.55 9.32 -67.24
N MET D 1089 -60.24 9.17 -67.12
CA MET D 1089 -59.54 8.18 -67.95
C MET D 1089 -59.99 6.76 -67.58
N HIS D 1090 -60.15 6.48 -66.28
CA HIS D 1090 -60.61 5.16 -65.86
C HIS D 1090 -62.00 4.86 -66.41
N THR D 1091 -62.89 5.84 -66.38
CA THR D 1091 -64.22 5.66 -66.94
C THR D 1091 -64.16 5.44 -68.44
N PHE D 1092 -63.31 6.22 -69.13
CA PHE D 1092 -63.20 6.10 -70.58
C PHE D 1092 -62.67 4.73 -70.99
N LYS D 1093 -61.76 4.17 -70.20
CA LYS D 1093 -61.19 2.88 -70.55
C LYS D 1093 -62.25 1.78 -70.61
N GLN D 1094 -63.35 1.95 -69.90
CA GLN D 1094 -64.37 0.91 -69.77
C GLN D 1094 -65.50 1.04 -70.78
N VAL D 1095 -65.47 2.05 -71.65
CA VAL D 1095 -66.55 2.23 -72.62
C VAL D 1095 -66.57 1.03 -73.57
N GLN D 1096 -67.79 0.56 -73.88
CA GLN D 1096 -68.01 -0.57 -74.77
C GLN D 1096 -68.79 -0.07 -75.97
N LEU D 1097 -68.08 0.34 -77.02
CA LEU D 1097 -68.73 0.79 -78.24
C LEU D 1097 -69.34 -0.40 -78.97
N LEU D 1098 -70.67 -0.39 -79.10
CA LEU D 1098 -71.41 -1.43 -79.80
C LEU D 1098 -71.57 -1.00 -81.25
N ILE D 1099 -70.96 -1.73 -82.18
CA ILE D 1099 -70.96 -1.37 -83.58
C ILE D 1099 -71.57 -2.43 -84.48
N SER D 1100 -71.51 -3.70 -84.11
CA SER D 1100 -72.00 -4.77 -84.99
C SER D 1100 -73.53 -4.79 -85.00
N ALA D 1101 -74.08 -5.32 -86.10
CA ALA D 1101 -75.53 -5.42 -86.23
C ALA D 1101 -76.11 -6.34 -85.16
N GLN D 1102 -75.47 -7.49 -84.95
CA GLN D 1102 -75.94 -8.40 -83.90
C GLN D 1102 -75.80 -7.76 -82.53
N ASP D 1103 -74.73 -6.98 -82.30
CA ASP D 1103 -74.58 -6.29 -81.03
C ASP D 1103 -75.70 -5.29 -80.80
N VAL D 1104 -76.06 -4.53 -81.83
CA VAL D 1104 -77.15 -3.57 -81.71
C VAL D 1104 -78.46 -4.28 -81.43
N GLU D 1105 -78.72 -5.38 -82.15
CA GLU D 1105 -79.95 -6.13 -81.93
C GLU D 1105 -80.02 -6.66 -80.51
N ASN D 1106 -78.92 -7.20 -80.01
CA ASN D 1106 -78.89 -7.71 -78.63
C ASN D 1106 -79.10 -6.58 -77.64
N TYR D 1107 -78.49 -5.42 -77.87
CA TYR D 1107 -78.70 -4.27 -77.00
C TYR D 1107 -80.17 -3.91 -76.93
N LYS D 1108 -80.83 -3.81 -78.09
CA LYS D 1108 -82.25 -3.46 -78.10
C LYS D 1108 -83.08 -4.50 -77.35
N VAL D 1109 -82.84 -5.78 -77.64
CA VAL D 1109 -83.65 -6.83 -77.03
C VAL D 1109 -83.46 -6.84 -75.52
N ILE D 1110 -82.21 -6.75 -75.05
CA ILE D 1110 -81.94 -6.77 -73.62
C ILE D 1110 -82.59 -5.56 -72.95
N LYS D 1111 -82.45 -4.39 -73.55
CA LYS D 1111 -83.05 -3.19 -72.95
C LYS D 1111 -84.55 -3.37 -72.78
N SER D 1112 -85.24 -3.78 -73.85
CA SER D 1112 -86.70 -3.92 -73.78
C SER D 1112 -87.10 -4.96 -72.75
N GLU D 1113 -86.46 -6.13 -72.78
CA GLU D 1113 -86.84 -7.21 -71.88
C GLU D 1113 -86.61 -6.80 -70.42
N LEU D 1114 -85.47 -6.17 -70.15
CA LEU D 1114 -85.17 -5.76 -68.78
C LEU D 1114 -86.12 -4.68 -68.31
N ASP D 1115 -86.50 -3.75 -69.19
CA ASP D 1115 -87.47 -2.75 -68.79
C ASP D 1115 -88.80 -3.39 -68.42
N ARG D 1116 -89.28 -4.33 -69.25
CA ARG D 1116 -90.54 -5.00 -68.94
C ARG D 1116 -90.44 -5.75 -67.61
N LEU D 1117 -89.36 -6.50 -67.41
CA LEU D 1117 -89.20 -7.25 -66.17
C LEU D 1117 -89.12 -6.31 -64.97
N ARG D 1118 -88.44 -5.18 -65.11
CA ARG D 1118 -88.34 -4.23 -64.01
C ARG D 1118 -89.71 -3.69 -63.63
N THR D 1119 -90.51 -3.32 -64.63
CA THR D 1119 -91.86 -2.83 -64.32
C THR D 1119 -92.68 -3.90 -63.62
N MET D 1120 -92.63 -5.14 -64.14
CA MET D 1120 -93.42 -6.21 -63.54
C MET D 1120 -92.99 -6.48 -62.10
N VAL D 1121 -91.68 -6.49 -61.86
CA VAL D 1121 -91.18 -6.72 -60.51
C VAL D 1121 -91.59 -5.59 -59.58
N GLU D 1122 -91.50 -4.34 -60.05
CA GLU D 1122 -91.89 -3.21 -59.21
C GLU D 1122 -93.35 -3.31 -58.81
N LYS D 1123 -94.21 -3.69 -59.75
CA LYS D 1123 -95.62 -3.93 -59.41
C LYS D 1123 -95.88 -5.38 -59.02
N SER D 1124 -95.20 -5.85 -57.97
CA SER D 1124 -95.27 -7.26 -57.60
C SER D 1124 -96.62 -7.62 -56.98
N GLU D 1125 -97.10 -6.79 -56.05
CA GLU D 1125 -98.25 -7.19 -55.24
C GLU D 1125 -99.51 -7.35 -56.08
N LEU D 1126 -99.64 -6.55 -57.13
CA LEU D 1126 -100.88 -6.55 -57.91
C LEU D 1126 -101.14 -7.89 -58.57
N TRP D 1127 -100.09 -8.54 -59.10
CA TRP D 1127 -100.27 -9.79 -59.81
C TRP D 1127 -99.84 -11.01 -59.01
N VAL D 1128 -99.06 -10.85 -57.93
CA VAL D 1128 -98.68 -12.01 -57.15
C VAL D 1128 -99.89 -12.57 -56.43
N ASP D 1129 -100.03 -13.90 -56.47
CA ASP D 1129 -101.15 -14.57 -55.84
C ASP D 1129 -101.14 -14.33 -54.33
N SER D 1166 -102.68 -15.51 -63.61
CA SER D 1166 -102.70 -14.28 -64.39
C SER D 1166 -101.70 -14.35 -65.53
N GLU D 1167 -101.88 -13.47 -66.52
CA GLU D 1167 -100.99 -13.45 -67.68
C GLU D 1167 -99.59 -12.98 -67.30
N ASN D 1168 -99.46 -12.25 -66.20
CA ASN D 1168 -98.16 -11.72 -65.80
C ASN D 1168 -97.19 -12.85 -65.49
N TYR D 1169 -97.68 -13.95 -64.92
CA TYR D 1169 -96.79 -15.08 -64.65
C TYR D 1169 -96.18 -15.61 -65.93
N GLN D 1170 -97.00 -15.82 -66.96
CA GLN D 1170 -96.49 -16.29 -68.24
C GLN D 1170 -95.54 -15.28 -68.87
N ILE D 1171 -95.87 -14.00 -68.77
CA ILE D 1171 -95.00 -12.96 -69.35
C ILE D 1171 -93.63 -12.98 -68.68
N VAL D 1172 -93.62 -13.06 -67.35
CA VAL D 1172 -92.35 -13.08 -66.63
C VAL D 1172 -91.56 -14.34 -66.94
N LYS D 1173 -92.25 -15.49 -67.04
CA LYS D 1173 -91.57 -16.71 -67.42
C LYS D 1173 -90.92 -16.57 -68.78
N GLY D 1174 -91.65 -16.01 -69.74
CA GLY D 1174 -91.07 -15.82 -71.06
C GLY D 1174 -89.88 -14.89 -71.05
N ILE D 1175 -89.97 -13.79 -70.30
CA ILE D 1175 -88.85 -12.85 -70.22
C ILE D 1175 -87.62 -13.54 -69.64
N LEU D 1176 -87.81 -14.26 -68.53
CA LEU D 1176 -86.68 -14.93 -67.89
C LEU D 1176 -86.07 -15.98 -68.81
N GLU D 1177 -86.89 -16.77 -69.50
CA GLU D 1177 -86.36 -17.78 -70.41
C GLU D 1177 -85.61 -17.12 -71.57
N ARG D 1178 -86.14 -16.01 -72.10
CA ARG D 1178 -85.47 -15.33 -73.20
C ARG D 1178 -84.12 -14.79 -72.77
N LEU D 1179 -84.02 -14.23 -71.56
CA LEU D 1179 -82.72 -13.77 -71.07
C LEU D 1179 -81.78 -14.95 -70.84
N ASN D 1180 -82.30 -16.06 -70.32
CA ASN D 1180 -81.49 -17.26 -70.17
C ASN D 1180 -80.87 -17.66 -71.50
N LYS D 1181 -81.68 -17.67 -72.56
CA LYS D 1181 -81.16 -18.02 -73.88
C LYS D 1181 -80.17 -16.98 -74.38
N MET D 1182 -80.48 -15.70 -74.18
CA MET D 1182 -79.61 -14.63 -74.66
C MET D 1182 -78.24 -14.68 -73.99
N CYS D 1183 -78.16 -15.29 -72.81
CA CYS D 1183 -76.86 -15.41 -72.13
C CYS D 1183 -75.80 -15.98 -73.07
N GLY D 1184 -76.17 -16.96 -73.89
CA GLY D 1184 -75.34 -17.41 -74.99
C GLY D 1184 -74.69 -18.76 -74.76
N VAL D 1185 -74.01 -19.22 -75.80
CA VAL D 1185 -73.31 -20.51 -75.80
C VAL D 1185 -71.90 -20.28 -76.34
N GLY D 1186 -70.93 -20.93 -75.71
CA GLY D 1186 -69.54 -20.80 -76.10
C GLY D 1186 -68.81 -19.81 -75.21
N GLU D 1187 -67.49 -20.00 -75.08
CA GLU D 1187 -66.71 -19.14 -74.20
C GLU D 1187 -66.59 -17.72 -74.75
N GLN D 1188 -66.23 -17.60 -76.03
CA GLN D 1188 -66.06 -16.28 -76.62
C GLN D 1188 -67.37 -15.51 -76.64
N MET D 1189 -68.46 -16.18 -77.02
CA MET D 1189 -69.77 -15.53 -76.98
C MET D 1189 -70.16 -15.16 -75.56
N ARG D 1190 -69.91 -16.06 -74.61
CA ARG D 1190 -70.35 -15.86 -73.23
C ARG D 1190 -69.64 -14.67 -72.58
N LYS D 1191 -68.35 -14.51 -72.84
CA LYS D 1191 -67.64 -13.38 -72.23
C LYS D 1191 -68.25 -12.05 -72.69
N LYS D 1192 -68.45 -11.89 -73.99
CA LYS D 1192 -69.01 -10.65 -74.51
C LYS D 1192 -70.44 -10.45 -74.01
N GLN D 1193 -71.24 -11.52 -73.99
CA GLN D 1193 -72.62 -11.38 -73.54
C GLN D 1193 -72.69 -11.02 -72.06
N GLN D 1194 -71.80 -11.60 -71.25
CA GLN D 1194 -71.76 -11.26 -69.84
C GLN D 1194 -71.36 -9.81 -69.65
N ARG D 1195 -70.39 -9.33 -70.43
CA ARG D 1195 -70.02 -7.92 -70.35
C ARG D 1195 -71.21 -7.03 -70.70
N LEU D 1196 -71.93 -7.37 -71.77
CA LEU D 1196 -73.08 -6.56 -72.18
C LEU D 1196 -74.15 -6.57 -71.10
N LEU D 1197 -74.46 -7.74 -70.53
CA LEU D 1197 -75.48 -7.81 -69.50
C LEU D 1197 -75.08 -7.03 -68.26
N LYS D 1198 -73.80 -7.12 -67.87
CA LYS D 1198 -73.33 -6.34 -66.72
C LYS D 1198 -73.47 -4.84 -66.99
N ASN D 1199 -73.10 -4.40 -68.19
CA ASN D 1199 -73.24 -2.99 -68.53
C ASN D 1199 -74.70 -2.56 -68.61
N MET D 1200 -75.61 -3.47 -68.94
CA MET D 1200 -77.03 -3.16 -69.02
C MET D 1200 -77.76 -3.38 -67.70
N ASP D 1201 -77.06 -3.87 -66.67
CA ASP D 1201 -77.60 -3.94 -65.31
C ASP D 1201 -78.76 -4.94 -65.21
N ALA D 1202 -78.53 -6.17 -65.66
CA ALA D 1202 -79.53 -7.22 -65.47
C ALA D 1202 -79.49 -7.78 -64.06
N HIS D 1203 -78.31 -7.75 -63.42
CA HIS D 1203 -78.17 -8.34 -62.10
C HIS D 1203 -79.07 -7.66 -61.08
N LYS D 1204 -79.18 -6.33 -61.15
CA LYS D 1204 -80.03 -5.61 -60.20
C LYS D 1204 -81.48 -6.06 -60.31
N VAL D 1205 -82.00 -6.15 -61.54
CA VAL D 1205 -83.38 -6.56 -61.73
C VAL D 1205 -83.58 -7.98 -61.25
N MET D 1206 -82.64 -8.87 -61.56
CA MET D 1206 -82.80 -10.26 -61.15
C MET D 1206 -82.76 -10.41 -59.64
N LEU D 1207 -81.88 -9.67 -58.97
CA LEU D 1207 -81.82 -9.72 -57.52
C LEU D 1207 -83.10 -9.16 -56.89
N ASP D 1208 -83.64 -8.09 -57.47
CA ASP D 1208 -84.92 -7.57 -56.98
C ASP D 1208 -86.03 -8.61 -57.15
N LEU D 1209 -86.07 -9.28 -58.29
CA LEU D 1209 -87.06 -10.33 -58.50
C LEU D 1209 -86.90 -11.43 -57.46
N LEU D 1210 -85.66 -11.83 -57.16
CA LEU D 1210 -85.43 -12.78 -56.08
C LEU D 1210 -85.96 -12.24 -54.76
N GLN D 1211 -85.83 -10.94 -54.54
CA GLN D 1211 -86.34 -10.29 -53.34
C GLN D 1211 -87.86 -10.18 -53.32
N ILE D 1212 -88.51 -10.44 -54.45
CA ILE D 1212 -89.98 -10.31 -54.49
C ILE D 1212 -90.60 -11.16 -53.38
N PRO D 1213 -91.61 -10.68 -52.64
CA PRO D 1213 -92.26 -11.53 -51.65
C PRO D 1213 -93.29 -12.45 -52.32
N TYR D 1214 -93.44 -13.66 -51.78
CA TYR D 1214 -94.30 -14.65 -52.38
C TYR D 1214 -94.67 -15.70 -51.34
N ASP D 1215 -95.74 -16.44 -51.63
CA ASP D 1215 -96.11 -17.58 -50.79
C ASP D 1215 -95.32 -18.82 -51.20
N LYS D 1216 -94.91 -19.60 -50.21
CA LYS D 1216 -94.01 -20.73 -50.46
C LYS D 1216 -94.65 -21.76 -51.37
N GLY D 1217 -95.98 -21.87 -51.34
CA GLY D 1217 -96.64 -22.96 -52.04
C GLY D 1217 -96.74 -22.73 -53.54
N ASP D 1218 -96.60 -21.48 -53.99
CA ASP D 1218 -96.85 -21.15 -55.39
C ASP D 1218 -95.82 -21.79 -56.30
N ALA D 1219 -96.26 -22.82 -57.04
CA ALA D 1219 -95.35 -23.52 -57.94
C ALA D 1219 -94.93 -22.65 -59.11
N LYS D 1220 -95.82 -21.80 -59.61
CA LYS D 1220 -95.47 -20.90 -60.71
C LYS D 1220 -94.36 -19.94 -60.28
N MET D 1221 -94.49 -19.35 -59.09
CA MET D 1221 -93.46 -18.47 -58.59
C MET D 1221 -92.17 -19.24 -58.30
N MET D 1222 -92.30 -20.50 -57.86
CA MET D 1222 -91.13 -21.34 -57.68
C MET D 1222 -90.38 -21.50 -59.00
N GLU D 1223 -91.11 -21.77 -60.08
CA GLU D 1223 -90.48 -21.92 -61.39
C GLU D 1223 -89.81 -20.62 -61.84
N ILE D 1224 -90.49 -19.48 -61.61
CA ILE D 1224 -89.90 -18.20 -61.97
C ILE D 1224 -88.61 -17.97 -61.21
N LEU D 1225 -88.60 -18.29 -59.91
CA LEU D 1225 -87.40 -18.13 -59.10
C LEU D 1225 -86.29 -19.06 -59.58
N ARG D 1226 -86.65 -20.28 -60.00
CA ARG D 1226 -85.66 -21.20 -60.54
C ARG D 1226 -85.01 -20.62 -61.79
N TYR D 1227 -85.81 -20.05 -62.69
CA TYR D 1227 -85.24 -19.45 -63.89
C TYR D 1227 -84.37 -18.24 -63.55
N THR D 1228 -84.78 -17.44 -62.57
CA THR D 1228 -83.95 -16.32 -62.14
C THR D 1228 -82.60 -16.81 -61.60
N HIS D 1229 -82.63 -17.88 -60.80
CA HIS D 1229 -81.38 -18.45 -60.30
C HIS D 1229 -80.51 -18.94 -61.44
N GLN D 1230 -81.11 -19.56 -62.45
CA GLN D 1230 -80.35 -19.99 -63.62
C GLN D 1230 -79.67 -18.79 -64.30
N PHE D 1231 -80.41 -17.70 -64.47
CA PHE D 1231 -79.82 -16.53 -65.11
C PHE D 1231 -78.64 -16.01 -64.28
N LEU D 1232 -78.81 -15.92 -62.95
CA LEU D 1232 -77.72 -15.41 -62.12
C LEU D 1232 -76.50 -16.32 -62.21
N GLN D 1233 -76.71 -17.63 -62.20
CA GLN D 1233 -75.60 -18.56 -62.32
C GLN D 1233 -74.87 -18.38 -63.64
N LYS D 1234 -75.62 -18.22 -64.74
CA LYS D 1234 -74.98 -17.98 -66.02
C LYS D 1234 -74.22 -16.65 -66.02
N PHE D 1235 -74.80 -15.63 -65.38
CA PHE D 1235 -74.15 -14.33 -65.34
C PHE D 1235 -72.81 -14.40 -64.62
N CYS D 1236 -72.74 -15.14 -63.51
CA CYS D 1236 -71.50 -15.26 -62.75
C CYS D 1236 -70.75 -16.55 -63.07
N ALA D 1237 -71.02 -17.17 -64.22
CA ALA D 1237 -70.32 -18.38 -64.63
C ALA D 1237 -69.00 -18.01 -65.28
N GLY D 1238 -67.90 -18.21 -64.54
CA GLY D 1238 -66.56 -18.10 -65.10
C GLY D 1238 -65.99 -16.71 -65.18
N ASN D 1239 -66.70 -15.68 -64.71
CA ASN D 1239 -66.22 -14.31 -64.79
C ASN D 1239 -65.88 -13.81 -63.39
N PRO D 1240 -64.60 -13.58 -63.05
CA PRO D 1240 -64.29 -13.10 -61.69
C PRO D 1240 -64.96 -11.79 -61.34
N GLY D 1241 -65.03 -10.85 -62.29
CA GLY D 1241 -65.64 -9.56 -62.00
C GLY D 1241 -67.12 -9.68 -61.67
N ASN D 1242 -67.86 -10.45 -62.48
CA ASN D 1242 -69.27 -10.65 -62.21
C ASN D 1242 -69.47 -11.45 -60.92
N GLN D 1243 -68.56 -12.39 -60.65
CA GLN D 1243 -68.65 -13.14 -59.40
C GLN D 1243 -68.51 -12.20 -58.20
N ALA D 1244 -67.56 -11.28 -58.26
CA ALA D 1244 -67.42 -10.30 -57.18
C ALA D 1244 -68.64 -9.40 -57.10
N LEU D 1245 -69.18 -8.98 -58.25
CA LEU D 1245 -70.36 -8.14 -58.25
C LEU D 1245 -71.53 -8.82 -57.54
N LEU D 1246 -71.75 -10.10 -57.83
CA LEU D 1246 -72.83 -10.82 -57.15
C LEU D 1246 -72.49 -11.07 -55.68
N HIS D 1247 -71.22 -11.36 -55.37
CA HIS D 1247 -70.81 -11.54 -54.00
C HIS D 1247 -71.05 -10.30 -53.15
N LYS D 1248 -71.05 -9.12 -53.77
CA LYS D 1248 -71.33 -7.90 -53.03
C LYS D 1248 -72.69 -7.95 -52.34
N HIS D 1249 -73.63 -8.74 -52.84
CA HIS D 1249 -74.96 -8.88 -52.27
C HIS D 1249 -75.19 -10.30 -51.75
N LEU D 1250 -74.20 -10.86 -51.07
CA LEU D 1250 -74.29 -12.25 -50.63
C LEU D 1250 -75.36 -12.45 -49.56
N HIS D 1251 -75.73 -11.40 -48.83
CA HIS D 1251 -76.69 -11.57 -47.74
C HIS D 1251 -78.02 -12.13 -48.24
N LEU D 1252 -78.33 -11.90 -49.52
CA LEU D 1252 -79.61 -12.35 -50.05
C LEU D 1252 -79.66 -13.87 -50.17
N PHE D 1253 -78.57 -14.49 -50.61
CA PHE D 1253 -78.55 -15.92 -50.82
C PHE D 1253 -78.31 -16.72 -49.55
N LEU D 1254 -78.05 -16.05 -48.42
CA LEU D 1254 -77.77 -16.74 -47.16
C LEU D 1254 -79.09 -17.00 -46.43
N THR D 1255 -79.87 -17.89 -47.01
CA THR D 1255 -81.16 -18.30 -46.47
C THR D 1255 -81.30 -19.80 -46.61
N PRO D 1256 -82.19 -20.42 -45.84
CA PRO D 1256 -82.36 -21.89 -45.94
C PRO D 1256 -83.04 -22.29 -47.25
N GLY D 1257 -82.30 -22.17 -48.35
CA GLY D 1257 -82.84 -22.45 -49.67
C GLY D 1257 -81.91 -23.32 -50.49
N LEU D 1258 -82.47 -24.41 -51.03
CA LEU D 1258 -81.68 -25.31 -51.85
C LEU D 1258 -81.13 -24.61 -53.08
N LEU D 1259 -81.97 -23.81 -53.75
CA LEU D 1259 -81.51 -23.09 -54.94
C LEU D 1259 -80.55 -21.97 -54.58
N GLU D 1260 -80.77 -21.33 -53.42
CA GLU D 1260 -79.83 -20.31 -52.96
C GLU D 1260 -78.46 -20.91 -52.71
N ALA D 1261 -78.41 -22.13 -52.18
CA ALA D 1261 -77.13 -22.80 -51.99
C ALA D 1261 -76.42 -23.02 -53.32
N GLU D 1262 -77.15 -23.43 -54.35
CA GLU D 1262 -76.55 -23.62 -55.67
C GLU D 1262 -76.03 -22.30 -56.23
N THR D 1263 -76.81 -21.23 -56.06
CA THR D 1263 -76.36 -19.93 -56.55
C THR D 1263 -75.10 -19.48 -55.82
N MET D 1264 -75.04 -19.70 -54.51
CA MET D 1264 -73.82 -19.40 -53.77
C MET D 1264 -72.64 -20.22 -54.25
N GLN D 1265 -72.86 -21.51 -54.53
CA GLN D 1265 -71.79 -22.35 -55.06
C GLN D 1265 -71.26 -21.79 -56.37
N HIS D 1266 -72.17 -21.42 -57.27
CA HIS D 1266 -71.74 -20.88 -58.56
C HIS D 1266 -71.03 -19.54 -58.40
N ILE D 1267 -71.46 -18.73 -57.43
CA ILE D 1267 -70.76 -17.50 -57.14
C ILE D 1267 -69.34 -17.77 -56.67
N PHE D 1268 -69.14 -18.79 -55.84
CA PHE D 1268 -67.85 -19.04 -55.23
C PHE D 1268 -66.94 -19.97 -56.03
N LEU D 1269 -67.44 -20.57 -57.12
CA LEU D 1269 -66.62 -21.51 -57.87
C LEU D 1269 -65.40 -20.83 -58.49
N ASN D 1270 -64.24 -21.47 -58.35
CA ASN D 1270 -63.02 -21.08 -59.05
C ASN D 1270 -62.73 -19.58 -58.89
N ASN D 1271 -62.69 -19.12 -57.65
CA ASN D 1271 -62.33 -17.73 -57.32
C ASN D 1271 -61.45 -17.78 -56.08
N TYR D 1272 -60.14 -17.70 -56.28
CA TYR D 1272 -59.22 -17.81 -55.15
C TYR D 1272 -59.43 -16.69 -54.15
N GLN D 1273 -59.61 -15.46 -54.62
CA GLN D 1273 -59.77 -14.34 -53.71
C GLN D 1273 -60.96 -14.56 -52.78
N LEU D 1274 -62.13 -14.85 -53.35
CA LEU D 1274 -63.34 -15.04 -52.54
C LEU D 1274 -63.20 -16.26 -51.64
N CYS D 1275 -62.69 -17.37 -52.18
CA CYS D 1275 -62.58 -18.59 -51.39
C CYS D 1275 -61.64 -18.39 -50.22
N SER D 1276 -60.51 -17.71 -50.42
CA SER D 1276 -59.54 -17.51 -49.36
C SER D 1276 -60.06 -16.53 -48.32
N GLU D 1277 -60.77 -15.48 -48.74
CA GLU D 1277 -61.25 -14.46 -47.81
C GLU D 1277 -62.68 -14.73 -47.34
N ILE D 1278 -63.20 -15.94 -47.60
CA ILE D 1278 -64.50 -16.31 -47.06
C ILE D 1278 -64.51 -16.06 -45.55
N SER D 1279 -65.54 -15.36 -45.08
CA SER D 1279 -65.63 -15.06 -43.66
C SER D 1279 -66.21 -16.26 -42.89
N GLU D 1280 -65.78 -16.39 -41.64
CA GLU D 1280 -66.20 -17.55 -40.84
C GLU D 1280 -67.72 -17.69 -40.75
N PRO D 1281 -68.50 -16.63 -40.59
CA PRO D 1281 -69.96 -16.81 -40.46
C PRO D 1281 -70.59 -17.50 -41.66
N VAL D 1282 -70.05 -17.31 -42.86
CA VAL D 1282 -70.64 -17.96 -44.04
C VAL D 1282 -70.54 -19.48 -43.91
N LEU D 1283 -69.35 -19.97 -43.55
CA LEU D 1283 -69.17 -21.40 -43.35
C LEU D 1283 -70.00 -21.89 -42.18
N GLN D 1284 -70.04 -21.11 -41.09
CA GLN D 1284 -70.84 -21.46 -39.94
C GLN D 1284 -72.31 -21.62 -40.34
N HIS D 1285 -72.77 -20.80 -41.28
CA HIS D 1285 -74.16 -20.87 -41.71
C HIS D 1285 -74.49 -22.24 -42.28
N PHE D 1286 -73.68 -22.72 -43.23
CA PHE D 1286 -73.97 -24.01 -43.84
C PHE D 1286 -73.81 -25.16 -42.86
N VAL D 1287 -72.76 -25.12 -42.04
CA VAL D 1287 -72.57 -26.22 -41.09
C VAL D 1287 -73.70 -26.27 -40.08
N HIS D 1288 -74.23 -25.10 -39.69
CA HIS D 1288 -75.35 -25.05 -38.75
C HIS D 1288 -76.65 -25.45 -39.43
N LEU D 1289 -76.81 -25.09 -40.71
CA LEU D 1289 -78.00 -25.50 -41.45
C LEU D 1289 -78.07 -27.02 -41.57
N LEU D 1290 -76.92 -27.67 -41.82
CA LEU D 1290 -76.92 -29.12 -41.91
C LEU D 1290 -77.50 -29.74 -40.64
N ALA D 1291 -77.13 -29.21 -39.47
CA ALA D 1291 -77.63 -29.75 -38.21
C ALA D 1291 -79.11 -29.42 -38.03
N THR D 1292 -79.49 -28.15 -38.24
CA THR D 1292 -80.86 -27.74 -37.95
C THR D 1292 -81.86 -28.45 -38.85
N HIS D 1293 -81.65 -28.40 -40.16
CA HIS D 1293 -82.57 -29.01 -41.11
C HIS D 1293 -81.97 -30.20 -41.84
N GLY D 1294 -80.76 -30.06 -42.37
CA GLY D 1294 -80.15 -31.18 -43.10
C GLY D 1294 -80.99 -31.65 -44.25
N ARG D 1295 -81.53 -30.71 -45.04
CA ARG D 1295 -82.46 -31.09 -46.10
C ARG D 1295 -81.79 -31.98 -47.14
N HIS D 1296 -80.65 -31.56 -47.67
CA HIS D 1296 -80.08 -32.21 -48.84
C HIS D 1296 -78.57 -32.01 -48.86
N VAL D 1297 -77.95 -32.43 -49.96
CA VAL D 1297 -76.49 -32.44 -50.08
C VAL D 1297 -75.93 -31.15 -50.68
N GLN D 1298 -76.78 -30.18 -51.00
CA GLN D 1298 -76.27 -28.93 -51.57
C GLN D 1298 -75.40 -28.19 -50.56
N TYR D 1299 -75.74 -28.29 -49.28
CA TYR D 1299 -74.93 -27.66 -48.25
C TYR D 1299 -73.52 -28.24 -48.25
N LEU D 1300 -73.40 -29.57 -48.37
CA LEU D 1300 -72.09 -30.19 -48.46
C LEU D 1300 -71.39 -29.84 -49.77
N ASP D 1301 -72.16 -29.71 -50.85
CA ASP D 1301 -71.57 -29.36 -52.14
C ASP D 1301 -70.89 -27.99 -52.07
N PHE D 1302 -71.55 -27.01 -51.44
CA PHE D 1302 -70.94 -25.69 -51.31
C PHE D 1302 -69.66 -25.76 -50.48
N LEU D 1303 -69.68 -26.53 -49.40
CA LEU D 1303 -68.49 -26.68 -48.56
C LEU D 1303 -67.34 -27.29 -49.35
N HIS D 1304 -67.63 -28.32 -50.13
CA HIS D 1304 -66.60 -28.92 -50.98
C HIS D 1304 -66.08 -27.92 -52.00
N THR D 1305 -66.98 -27.11 -52.58
CA THR D 1305 -66.56 -26.13 -53.58
C THR D 1305 -65.60 -25.10 -52.98
N VAL D 1306 -65.90 -24.61 -51.78
CA VAL D 1306 -65.08 -23.55 -51.21
C VAL D 1306 -63.66 -24.03 -50.94
N ILE D 1307 -63.46 -25.35 -50.84
CA ILE D 1307 -62.19 -25.88 -50.34
C ILE D 1307 -61.04 -25.51 -51.26
N LYS D 1308 -61.22 -25.71 -52.56
CA LYS D 1308 -60.15 -25.53 -53.54
C LYS D 1308 -60.55 -24.50 -54.57
N ALA D 1309 -59.60 -23.63 -54.94
CA ALA D 1309 -59.82 -22.61 -55.95
C ALA D 1309 -58.58 -22.50 -56.83
N GLU D 1310 -58.77 -22.54 -58.14
CA GLU D 1310 -57.70 -22.38 -59.12
C GLU D 1310 -56.63 -23.46 -58.98
N GLY D 1311 -56.97 -24.63 -58.45
CA GLY D 1311 -56.00 -25.68 -58.24
C GLY D 1311 -55.13 -25.50 -57.02
N LYS D 1312 -55.35 -24.46 -56.22
CA LYS D 1312 -54.55 -24.16 -55.05
C LYS D 1312 -55.43 -24.33 -53.82
N TYR D 1313 -55.08 -25.30 -52.97
CA TYR D 1313 -55.91 -25.64 -51.82
C TYR D 1313 -56.00 -24.46 -50.85
N VAL D 1314 -57.15 -24.31 -50.22
CA VAL D 1314 -57.37 -23.25 -49.24
C VAL D 1314 -57.28 -23.88 -47.85
N LYS D 1315 -56.12 -23.68 -47.21
CA LYS D 1315 -55.85 -24.33 -45.94
C LYS D 1315 -56.86 -23.94 -44.87
N LYS D 1316 -57.10 -22.63 -44.73
CA LYS D 1316 -58.01 -22.17 -43.67
C LYS D 1316 -59.41 -22.71 -43.88
N CYS D 1317 -59.89 -22.70 -45.13
CA CYS D 1317 -61.20 -23.27 -45.40
C CYS D 1317 -61.25 -24.73 -45.02
N GLN D 1318 -60.22 -25.50 -45.39
CA GLN D 1318 -60.19 -26.91 -45.02
C GLN D 1318 -60.29 -27.09 -43.51
N ASP D 1319 -59.43 -26.38 -42.75
CA ASP D 1319 -59.41 -26.58 -41.31
C ASP D 1319 -60.73 -26.16 -40.68
N MET D 1320 -61.28 -25.01 -41.09
CA MET D 1320 -62.53 -24.55 -40.49
C MET D 1320 -63.67 -25.51 -40.80
N ILE D 1321 -63.76 -26.00 -42.04
CA ILE D 1321 -64.80 -26.96 -42.38
C ILE D 1321 -64.67 -28.20 -41.51
N MET D 1322 -63.44 -28.70 -41.37
CA MET D 1322 -63.24 -29.91 -40.55
C MET D 1322 -63.67 -29.66 -39.11
N THR D 1323 -63.22 -28.55 -38.52
CA THR D 1323 -63.55 -28.28 -37.12
C THR D 1323 -65.05 -28.18 -36.92
N GLU D 1324 -65.73 -27.43 -37.78
CA GLU D 1324 -67.17 -27.29 -37.64
C GLU D 1324 -67.87 -28.63 -37.80
N LEU D 1325 -67.44 -29.45 -38.77
CA LEU D 1325 -68.09 -30.73 -39.00
C LEU D 1325 -67.94 -31.64 -37.79
N THR D 1326 -66.74 -31.67 -37.19
CA THR D 1326 -66.56 -32.52 -36.01
C THR D 1326 -67.34 -31.99 -34.82
N ASN D 1327 -67.35 -30.66 -34.64
CA ASN D 1327 -67.95 -30.10 -33.44
C ASN D 1327 -69.47 -30.13 -33.47
N ALA D 1328 -70.07 -30.11 -34.67
CA ALA D 1328 -71.52 -30.00 -34.74
C ALA D 1328 -72.21 -31.17 -34.05
N GLY D 1329 -71.75 -32.39 -34.29
CA GLY D 1329 -72.28 -33.57 -33.63
C GLY D 1329 -72.68 -34.65 -34.61
N ASP D 1330 -73.16 -35.77 -34.03
CA ASP D 1330 -73.43 -36.96 -34.83
C ASP D 1330 -74.51 -36.70 -35.88
N ASP D 1331 -75.38 -35.71 -35.64
CA ASP D 1331 -76.48 -35.48 -36.57
C ASP D 1331 -75.97 -35.11 -37.95
N VAL D 1332 -75.07 -34.14 -38.03
CA VAL D 1332 -74.53 -33.74 -39.33
C VAL D 1332 -73.59 -34.80 -39.88
N VAL D 1333 -72.75 -35.38 -39.02
CA VAL D 1333 -71.76 -36.38 -39.43
C VAL D 1333 -72.22 -37.73 -38.90
N VAL D 1334 -72.59 -38.62 -39.81
CA VAL D 1334 -73.08 -39.94 -39.48
C VAL D 1334 -72.17 -40.96 -40.14
N PHE D 1335 -71.63 -41.88 -39.35
CA PHE D 1335 -70.80 -42.97 -39.85
C PHE D 1335 -71.38 -44.29 -39.36
N TYR D 1336 -71.54 -45.23 -40.27
CA TYR D 1336 -72.09 -46.55 -39.92
C TYR D 1336 -70.99 -47.48 -39.41
N ASN D 1337 -70.25 -47.02 -38.41
CA ASN D 1337 -69.16 -47.81 -37.85
C ASN D 1337 -69.67 -48.93 -36.96
N ASP D 1338 -70.76 -48.67 -36.23
CA ASP D 1338 -71.31 -49.69 -35.34
C ASP D 1338 -71.87 -50.86 -36.15
N LYS D 1339 -72.07 -51.98 -35.46
CA LYS D 1339 -72.57 -53.18 -36.13
C LYS D 1339 -74.00 -52.97 -36.64
N ALA D 1340 -74.87 -52.41 -35.81
CA ALA D 1340 -76.24 -52.18 -36.23
C ALA D 1340 -76.31 -51.21 -37.40
N SER D 1341 -75.53 -50.13 -37.33
CA SER D 1341 -75.50 -49.18 -38.43
C SER D 1341 -74.94 -49.80 -39.69
N LEU D 1342 -73.95 -50.68 -39.54
CA LEU D 1342 -73.39 -51.39 -40.70
C LEU D 1342 -74.45 -52.28 -41.35
N ALA D 1343 -75.28 -52.92 -40.53
CA ALA D 1343 -76.36 -53.73 -41.10
C ALA D 1343 -77.29 -52.88 -41.96
N HIS D 1344 -77.66 -51.70 -41.45
CA HIS D 1344 -78.50 -50.80 -42.24
C HIS D 1344 -77.79 -50.37 -43.52
N LEU D 1345 -76.51 -50.04 -43.42
CA LEU D 1345 -75.76 -49.62 -44.61
C LEU D 1345 -75.78 -50.73 -45.66
N LEU D 1346 -75.60 -51.98 -45.22
CA LEU D 1346 -75.67 -53.11 -46.14
C LEU D 1346 -77.05 -53.20 -46.79
N ASP D 1347 -78.11 -53.03 -46.00
CA ASP D 1347 -79.45 -53.14 -46.56
C ASP D 1347 -79.70 -52.07 -47.62
N MET D 1348 -79.31 -50.82 -47.33
CA MET D 1348 -79.51 -49.75 -48.30
C MET D 1348 -78.62 -49.94 -49.52
N MET D 1349 -77.41 -50.49 -49.35
CA MET D 1349 -76.57 -50.76 -50.51
C MET D 1349 -77.23 -51.81 -51.41
N LYS D 1350 -77.77 -52.88 -50.81
CA LYS D 1350 -78.48 -53.87 -51.59
C LYS D 1350 -79.67 -53.26 -52.31
N ALA D 1351 -80.39 -52.36 -51.63
CA ALA D 1351 -81.49 -51.66 -52.30
C ALA D 1351 -80.99 -50.83 -53.48
N ALA D 1352 -79.85 -50.17 -53.32
CA ALA D 1352 -79.27 -49.32 -54.35
C ALA D 1352 -78.37 -50.08 -55.32
N ARG D 1353 -78.45 -51.42 -55.33
CA ARG D 1353 -77.68 -52.19 -56.30
C ARG D 1353 -77.85 -51.65 -57.71
N ASP D 1354 -79.10 -51.38 -58.12
CA ASP D 1354 -79.33 -50.87 -59.46
C ASP D 1354 -78.68 -49.50 -59.66
N GLY D 1355 -78.80 -48.62 -58.66
CA GLY D 1355 -78.22 -47.30 -58.77
C GLY D 1355 -78.45 -46.52 -57.49
N VAL D 1356 -77.98 -45.27 -57.51
CA VAL D 1356 -78.08 -44.37 -56.36
C VAL D 1356 -79.06 -43.26 -56.73
N GLU D 1357 -80.04 -43.03 -55.85
CA GLU D 1357 -81.05 -42.01 -56.11
C GLU D 1357 -80.46 -40.61 -55.93
N ASP D 1358 -81.19 -39.62 -56.45
CA ASP D 1358 -80.69 -38.25 -56.43
C ASP D 1358 -80.55 -37.74 -54.99
N HIS D 1359 -81.51 -38.06 -54.12
CA HIS D 1359 -81.52 -37.56 -52.76
C HIS D 1359 -81.78 -38.70 -51.77
N SER D 1360 -81.12 -39.83 -51.98
CA SER D 1360 -81.22 -40.93 -51.05
C SER D 1360 -80.36 -40.68 -49.82
N PRO D 1361 -80.66 -41.36 -48.71
CA PRO D 1361 -79.80 -41.21 -47.52
C PRO D 1361 -78.35 -41.60 -47.76
N LEU D 1362 -78.10 -42.56 -48.65
CA LEU D 1362 -76.73 -42.98 -48.93
C LEU D 1362 -75.93 -41.89 -49.63
N MET D 1363 -76.62 -41.05 -50.40
CA MET D 1363 -75.92 -39.97 -51.11
C MET D 1363 -75.30 -38.99 -50.13
N TYR D 1364 -76.00 -38.69 -49.03
CA TYR D 1364 -75.42 -37.79 -48.04
C TYR D 1364 -74.17 -38.37 -47.41
N HIS D 1365 -74.18 -39.68 -47.11
CA HIS D 1365 -72.99 -40.32 -46.57
C HIS D 1365 -71.84 -40.24 -47.56
N ILE D 1366 -72.11 -40.52 -48.84
CA ILE D 1366 -71.04 -40.46 -49.84
C ILE D 1366 -70.49 -39.04 -49.93
N SER D 1367 -71.38 -38.05 -49.96
CA SER D 1367 -70.93 -36.66 -50.07
C SER D 1367 -70.11 -36.24 -48.86
N LEU D 1368 -70.52 -36.67 -47.67
CA LEU D 1368 -69.78 -36.33 -46.46
C LEU D 1368 -68.39 -36.96 -46.49
N VAL D 1369 -68.30 -38.23 -46.88
CA VAL D 1369 -66.98 -38.87 -46.98
C VAL D 1369 -66.11 -38.11 -47.97
N ASP D 1370 -66.70 -37.72 -49.11
CA ASP D 1370 -65.94 -36.96 -50.11
C ASP D 1370 -65.46 -35.63 -49.55
N LEU D 1371 -66.32 -34.93 -48.82
CA LEU D 1371 -65.94 -33.63 -48.25
C LEU D 1371 -64.81 -33.79 -47.25
N LEU D 1372 -64.91 -34.79 -46.36
CA LEU D 1372 -63.85 -34.99 -45.38
C LEU D 1372 -62.55 -35.36 -46.06
N ALA D 1373 -62.61 -36.19 -47.10
CA ALA D 1373 -61.40 -36.50 -47.85
C ALA D 1373 -60.83 -35.26 -48.52
N ALA D 1374 -61.71 -34.37 -48.99
CA ALA D 1374 -61.24 -33.12 -49.60
C ALA D 1374 -60.51 -32.26 -48.58
N CYS D 1375 -61.06 -32.14 -47.36
CA CYS D 1375 -60.35 -31.41 -46.31
C CYS D 1375 -59.02 -32.07 -46.01
N ALA D 1376 -58.98 -33.39 -45.96
CA ALA D 1376 -57.73 -34.10 -45.68
C ALA D 1376 -56.69 -33.84 -46.76
N GLU D 1377 -57.13 -33.76 -48.02
CA GLU D 1377 -56.21 -33.55 -49.12
C GLU D 1377 -55.42 -32.25 -48.92
N GLY D 1378 -54.17 -32.27 -49.35
CA GLY D 1378 -53.28 -31.14 -49.18
C GLY D 1378 -52.25 -31.30 -48.08
N LYS D 1379 -52.07 -32.52 -47.56
CA LYS D 1379 -51.10 -32.79 -46.51
C LYS D 1379 -51.15 -31.73 -45.41
N ASN D 1380 -52.33 -31.61 -44.79
CA ASN D 1380 -52.55 -30.66 -43.71
C ASN D 1380 -52.57 -31.39 -42.37
N VAL D 1381 -51.69 -30.97 -41.46
CA VAL D 1381 -51.45 -31.74 -40.25
C VAL D 1381 -52.72 -31.86 -39.42
N TYR D 1382 -53.39 -30.73 -39.18
CA TYR D 1382 -54.52 -30.74 -38.26
C TYR D 1382 -55.65 -31.60 -38.81
N THR D 1383 -56.04 -31.34 -40.05
CA THR D 1383 -57.20 -32.00 -40.63
C THR D 1383 -56.95 -33.48 -40.86
N GLU D 1384 -55.73 -33.87 -41.23
CA GLU D 1384 -55.48 -35.29 -41.44
C GLU D 1384 -55.63 -36.08 -40.15
N ILE D 1385 -55.10 -35.56 -39.04
CA ILE D 1385 -55.27 -36.24 -37.76
C ILE D 1385 -56.74 -36.32 -37.37
N LYS D 1386 -57.48 -35.22 -37.54
CA LYS D 1386 -58.89 -35.29 -37.19
C LYS D 1386 -59.65 -36.29 -38.05
N CYS D 1387 -59.41 -36.28 -39.37
CA CYS D 1387 -60.13 -37.18 -40.26
C CYS D 1387 -59.80 -38.64 -39.94
N THR D 1388 -58.55 -38.93 -39.62
CA THR D 1388 -58.18 -40.30 -39.30
C THR D 1388 -58.97 -40.81 -38.09
N SER D 1389 -59.13 -39.96 -37.07
CA SER D 1389 -59.93 -40.34 -35.92
C SER D 1389 -61.40 -40.47 -36.28
N LEU D 1390 -61.88 -39.64 -37.21
CA LEU D 1390 -63.30 -39.67 -37.56
C LEU D 1390 -63.72 -41.05 -38.05
N LEU D 1391 -62.92 -41.67 -38.91
CA LEU D 1391 -63.26 -42.96 -39.50
C LEU D 1391 -62.07 -43.91 -39.32
N PRO D 1392 -62.18 -44.96 -38.51
CA PRO D 1392 -61.05 -45.88 -38.35
C PRO D 1392 -60.81 -46.71 -39.60
N LEU D 1393 -59.57 -47.18 -39.75
CA LEU D 1393 -59.22 -47.97 -40.93
C LEU D 1393 -59.97 -49.30 -40.95
N GLU D 1394 -60.16 -49.93 -39.79
CA GLU D 1394 -60.81 -51.23 -39.75
C GLU D 1394 -62.23 -51.15 -40.31
N ASP D 1395 -62.95 -50.08 -39.97
CA ASP D 1395 -64.30 -49.90 -40.52
C ASP D 1395 -64.25 -49.80 -42.04
N VAL D 1396 -63.27 -49.06 -42.57
CA VAL D 1396 -63.15 -48.92 -44.01
C VAL D 1396 -62.91 -50.28 -44.66
N VAL D 1397 -62.01 -51.08 -44.07
CA VAL D 1397 -61.74 -52.40 -44.63
C VAL D 1397 -63.01 -53.24 -44.61
N SER D 1398 -63.73 -53.23 -43.49
CA SER D 1398 -64.96 -54.02 -43.42
C SER D 1398 -65.93 -53.62 -44.51
N VAL D 1399 -66.19 -52.33 -44.65
CA VAL D 1399 -67.21 -51.89 -45.61
C VAL D 1399 -66.76 -52.21 -47.04
N VAL D 1400 -65.49 -51.96 -47.37
CA VAL D 1400 -65.05 -52.16 -48.74
C VAL D 1400 -65.01 -53.65 -49.09
N THR D 1401 -64.56 -54.48 -48.14
CA THR D 1401 -64.41 -55.90 -48.41
C THR D 1401 -65.69 -56.69 -48.25
N HIS D 1402 -66.76 -56.09 -47.73
CA HIS D 1402 -68.02 -56.81 -47.63
C HIS D 1402 -68.47 -57.27 -49.02
N GLU D 1403 -69.03 -58.47 -49.07
CA GLU D 1403 -69.40 -59.07 -50.35
C GLU D 1403 -70.42 -58.20 -51.09
N ASP D 1404 -71.43 -57.72 -50.37
CA ASP D 1404 -72.50 -56.91 -50.94
C ASP D 1404 -72.10 -55.44 -50.79
N CYS D 1405 -71.73 -54.81 -51.89
CA CYS D 1405 -71.24 -53.43 -51.84
C CYS D 1405 -71.47 -52.76 -53.18
N ILE D 1406 -71.35 -51.43 -53.17
CA ILE D 1406 -71.58 -50.59 -54.34
C ILE D 1406 -70.27 -49.91 -54.70
N THR D 1407 -69.99 -49.82 -56.00
CA THR D 1407 -68.74 -49.19 -56.44
C THR D 1407 -68.69 -47.71 -56.06
N GLU D 1408 -69.84 -47.03 -56.13
CA GLU D 1408 -69.88 -45.64 -55.70
C GLU D 1408 -69.50 -45.51 -54.23
N VAL D 1409 -69.96 -46.44 -53.40
CA VAL D 1409 -69.56 -46.45 -52.00
C VAL D 1409 -68.08 -46.74 -51.86
N LYS D 1410 -67.57 -47.69 -52.67
CA LYS D 1410 -66.17 -48.06 -52.60
C LYS D 1410 -65.27 -46.88 -52.91
N MET D 1411 -65.64 -46.08 -53.91
CA MET D 1411 -64.76 -45.01 -54.37
C MET D 1411 -64.50 -44.00 -53.26
N ALA D 1412 -65.54 -43.60 -52.54
CA ALA D 1412 -65.36 -42.61 -51.48
C ALA D 1412 -64.44 -43.13 -50.39
N TYR D 1413 -64.65 -44.38 -49.96
CA TYR D 1413 -63.81 -44.95 -48.91
C TYR D 1413 -62.36 -45.08 -49.37
N VAL D 1414 -62.15 -45.49 -50.62
CA VAL D 1414 -60.78 -45.67 -51.10
C VAL D 1414 -60.08 -44.33 -51.22
N ASN D 1415 -60.79 -43.30 -51.69
CA ASN D 1415 -60.19 -41.97 -51.74
C ASN D 1415 -59.89 -41.45 -50.35
N PHE D 1416 -60.79 -41.72 -49.39
CA PHE D 1416 -60.53 -41.34 -48.00
C PHE D 1416 -59.27 -42.01 -47.48
N VAL D 1417 -59.09 -43.29 -47.78
CA VAL D 1417 -57.87 -43.97 -47.37
C VAL D 1417 -56.66 -43.34 -48.04
N ASN D 1418 -56.76 -43.03 -49.33
CA ASN D 1418 -55.62 -42.50 -50.07
C ASN D 1418 -55.17 -41.17 -49.50
N HIS D 1419 -56.11 -40.29 -49.18
CA HIS D 1419 -55.77 -38.92 -48.77
C HIS D 1419 -55.62 -38.77 -47.26
N CYS D 1420 -56.61 -39.22 -46.49
CA CYS D 1420 -56.56 -39.07 -45.04
C CYS D 1420 -55.38 -39.84 -44.43
N TYR D 1421 -55.16 -41.07 -44.88
CA TYR D 1421 -54.21 -41.98 -44.25
C TYR D 1421 -52.87 -42.03 -44.98
N VAL D 1422 -52.87 -42.39 -46.26
CA VAL D 1422 -51.62 -42.73 -46.93
C VAL D 1422 -50.75 -41.50 -47.15
N ASP D 1423 -51.37 -40.39 -47.56
CA ASP D 1423 -50.63 -39.21 -48.00
C ASP D 1423 -50.44 -38.18 -46.88
N THR D 1424 -50.36 -38.63 -45.64
CA THR D 1424 -50.19 -37.70 -44.53
C THR D 1424 -48.78 -37.11 -44.52
N GLU D 1425 -48.67 -35.84 -44.17
CA GLU D 1425 -47.36 -35.22 -43.98
C GLU D 1425 -46.65 -35.85 -42.78
N VAL D 1426 -47.40 -36.13 -41.72
CA VAL D 1426 -46.85 -36.73 -40.50
C VAL D 1426 -47.14 -38.23 -40.54
N GLU D 1427 -46.11 -39.03 -40.32
CA GLU D 1427 -46.25 -40.48 -40.40
C GLU D 1427 -47.32 -40.98 -39.44
N MET D 1428 -48.17 -41.87 -39.93
CA MET D 1428 -49.13 -42.59 -39.10
C MET D 1428 -48.75 -44.06 -39.13
N LYS D 1429 -48.38 -44.60 -37.95
CA LYS D 1429 -47.82 -45.94 -37.90
C LYS D 1429 -48.85 -47.02 -38.21
N GLU D 1430 -50.14 -46.75 -37.96
CA GLU D 1430 -51.15 -47.78 -38.08
C GLU D 1430 -51.23 -48.31 -39.51
N ILE D 1431 -51.24 -47.41 -40.49
CA ILE D 1431 -51.42 -47.84 -41.88
C ILE D 1431 -50.28 -48.76 -42.31
N TYR D 1432 -49.05 -48.38 -41.98
CA TYR D 1432 -47.89 -49.08 -42.51
C TYR D 1432 -47.58 -50.35 -41.71
N THR D 1433 -47.98 -50.39 -40.43
CA THR D 1433 -47.68 -51.56 -39.62
C THR D 1433 -48.81 -52.59 -39.69
N SER D 1434 -50.05 -52.14 -39.86
CA SER D 1434 -51.19 -53.05 -39.83
C SER D 1434 -51.31 -53.81 -41.15
N ASN D 1435 -52.18 -54.82 -41.15
CA ASN D 1435 -52.43 -55.66 -42.31
C ASN D 1435 -53.70 -55.25 -43.06
N HIS D 1436 -54.30 -54.11 -42.69
CA HIS D 1436 -55.54 -53.66 -43.31
C HIS D 1436 -55.33 -53.31 -44.79
N ILE D 1437 -54.23 -52.61 -45.08
CA ILE D 1437 -54.00 -52.11 -46.43
C ILE D 1437 -53.86 -53.29 -47.40
N TRP D 1438 -53.36 -54.42 -46.91
CA TRP D 1438 -53.16 -55.57 -47.80
C TRP D 1438 -54.48 -56.21 -48.17
N THR D 1439 -55.43 -56.27 -47.23
CA THR D 1439 -56.77 -56.71 -47.55
C THR D 1439 -57.39 -55.76 -48.57
N LEU D 1440 -57.21 -54.46 -48.37
CA LEU D 1440 -57.72 -53.50 -49.35
C LEU D 1440 -57.12 -53.75 -50.73
N PHE D 1441 -55.82 -54.06 -50.78
CA PHE D 1441 -55.15 -54.30 -52.06
C PHE D 1441 -55.66 -55.56 -52.73
N GLU D 1442 -55.91 -56.62 -51.96
CA GLU D 1442 -56.43 -57.84 -52.57
C GLU D 1442 -57.83 -57.60 -53.13
N ASN D 1443 -58.64 -56.79 -52.42
CA ASN D 1443 -59.92 -56.39 -52.97
C ASN D 1443 -59.74 -55.64 -54.29
N PHE D 1444 -58.74 -54.74 -54.34
CA PHE D 1444 -58.44 -54.04 -55.58
C PHE D 1444 -58.16 -55.01 -56.71
N THR D 1445 -57.30 -56.02 -56.46
CA THR D 1445 -56.96 -56.97 -57.51
C THR D 1445 -58.19 -57.72 -58.00
N LEU D 1446 -59.06 -58.13 -57.07
CA LEU D 1446 -60.27 -58.81 -57.49
C LEU D 1446 -61.13 -57.90 -58.37
N ASP D 1447 -61.22 -56.62 -58.02
CA ASP D 1447 -61.99 -55.69 -58.83
C ASP D 1447 -61.41 -55.55 -60.24
N MET D 1448 -60.08 -55.48 -60.34
CA MET D 1448 -59.48 -55.37 -61.67
C MET D 1448 -59.73 -56.63 -62.50
N ALA D 1449 -59.65 -57.80 -61.86
CA ALA D 1449 -59.99 -59.02 -62.57
C ALA D 1449 -61.43 -58.99 -63.07
N ARG D 1450 -62.34 -58.50 -62.24
CA ARG D 1450 -63.73 -58.39 -62.65
C ARG D 1450 -63.89 -57.46 -63.85
N VAL D 1451 -63.17 -56.33 -63.84
CA VAL D 1451 -63.25 -55.40 -64.97
C VAL D 1451 -62.79 -56.07 -66.25
N CYS D 1452 -61.65 -56.77 -66.18
CA CYS D 1452 -61.15 -57.46 -67.36
C CYS D 1452 -62.16 -58.49 -67.86
N SER D 1453 -62.74 -59.26 -66.95
CA SER D 1453 -63.71 -60.28 -67.36
C SER D 1453 -64.94 -59.65 -68.01
N LYS D 1454 -65.40 -58.52 -67.47
CA LYS D 1454 -66.54 -57.83 -68.05
C LYS D 1454 -66.24 -57.39 -69.48
N ARG D 1455 -65.13 -56.67 -69.66
CA ARG D 1455 -64.81 -56.19 -71.00
C ARG D 1455 -64.55 -57.35 -71.96
N GLU D 1456 -64.16 -58.50 -71.44
CA GLU D 1456 -64.09 -59.69 -72.30
C GLU D 1456 -65.48 -60.16 -72.69
N LYS D 1457 -66.43 -60.17 -71.74
CA LYS D 1457 -67.78 -60.60 -72.03
C LYS D 1457 -68.56 -59.62 -72.90
N ARG D 1458 -68.03 -58.40 -73.10
CA ARG D 1458 -68.64 -57.31 -73.86
C ARG D 1458 -69.73 -56.60 -73.06
N VAL D 1459 -70.05 -57.07 -71.86
CA VAL D 1459 -70.99 -56.39 -70.96
C VAL D 1459 -70.15 -55.63 -69.95
N ALA D 1460 -70.19 -54.30 -70.02
CA ALA D 1460 -69.26 -53.45 -69.29
C ALA D 1460 -70.01 -52.51 -68.36
N ASP D 1461 -69.41 -52.24 -67.19
CA ASP D 1461 -69.95 -51.28 -66.24
C ASP D 1461 -69.01 -50.09 -66.16
N PRO D 1462 -69.42 -48.90 -66.62
CA PRO D 1462 -68.46 -47.78 -66.64
C PRO D 1462 -67.98 -47.35 -65.26
N THR D 1463 -68.85 -47.45 -64.24
CA THR D 1463 -68.47 -46.97 -62.92
C THR D 1463 -67.34 -47.80 -62.32
N LEU D 1464 -67.39 -49.12 -62.50
CA LEU D 1464 -66.32 -49.96 -61.98
C LEU D 1464 -64.99 -49.63 -62.64
N GLU D 1465 -65.00 -49.42 -63.96
CA GLU D 1465 -63.78 -49.03 -64.64
C GLU D 1465 -63.28 -47.69 -64.13
N LYS D 1466 -64.17 -46.73 -63.94
CA LYS D 1466 -63.77 -45.43 -63.38
C LYS D 1466 -63.08 -45.63 -62.03
N TYR D 1467 -63.70 -46.43 -61.15
CA TYR D 1467 -63.12 -46.70 -59.85
C TYR D 1467 -61.72 -47.28 -59.99
N VAL D 1468 -61.59 -48.35 -60.77
CA VAL D 1468 -60.32 -49.06 -60.86
C VAL D 1468 -59.23 -48.17 -61.43
N LEU D 1469 -59.53 -47.41 -62.48
CA LEU D 1469 -58.52 -46.61 -63.15
C LEU D 1469 -58.32 -45.23 -62.55
N SER D 1470 -59.11 -44.84 -61.54
CA SER D 1470 -58.91 -43.55 -60.88
C SER D 1470 -58.35 -43.71 -59.47
N VAL D 1471 -58.97 -44.52 -58.61
CA VAL D 1471 -58.63 -44.51 -57.19
C VAL D 1471 -57.79 -45.72 -56.81
N VAL D 1472 -58.06 -46.89 -57.40
CA VAL D 1472 -57.28 -48.07 -57.07
C VAL D 1472 -55.82 -47.86 -57.41
N LEU D 1473 -55.54 -47.41 -58.64
CA LEU D 1473 -54.17 -47.18 -59.06
C LEU D 1473 -53.51 -46.10 -58.21
N ASP D 1474 -54.25 -45.01 -57.91
CA ASP D 1474 -53.69 -43.94 -57.12
C ASP D 1474 -53.30 -44.42 -55.73
N THR D 1475 -54.19 -45.20 -55.08
CA THR D 1475 -53.88 -45.72 -53.75
C THR D 1475 -52.67 -46.66 -53.80
N ILE D 1476 -52.63 -47.55 -54.78
CA ILE D 1476 -51.50 -48.47 -54.89
C ILE D 1476 -50.21 -47.70 -55.06
N ASN D 1477 -50.19 -46.73 -55.98
CA ASN D 1477 -48.99 -45.96 -56.23
C ASN D 1477 -48.58 -45.18 -54.99
N ALA D 1478 -49.53 -44.53 -54.31
CA ALA D 1478 -49.19 -43.75 -53.13
C ALA D 1478 -48.58 -44.62 -52.05
N PHE D 1479 -49.21 -45.76 -51.76
CA PHE D 1479 -48.70 -46.63 -50.71
C PHE D 1479 -47.32 -47.17 -51.06
N PHE D 1480 -47.11 -47.59 -52.31
CA PHE D 1480 -45.87 -48.27 -52.66
C PHE D 1480 -44.75 -47.27 -52.95
N SER D 1481 -45.07 -46.00 -53.16
CA SER D 1481 -44.06 -44.99 -53.41
C SER D 1481 -43.88 -44.03 -52.24
N SER D 1482 -44.66 -44.18 -51.17
CA SER D 1482 -44.51 -43.29 -50.03
C SER D 1482 -43.10 -43.43 -49.44
N PRO D 1483 -42.45 -42.33 -49.08
CA PRO D 1483 -41.15 -42.47 -48.41
C PRO D 1483 -41.25 -43.25 -47.11
N PHE D 1484 -42.43 -43.24 -46.48
CA PHE D 1484 -42.62 -43.96 -45.23
C PHE D 1484 -42.57 -45.47 -45.46
N SER D 1485 -43.06 -45.93 -46.60
CA SER D 1485 -43.10 -47.35 -46.92
C SER D 1485 -41.79 -47.88 -47.48
N GLU D 1486 -40.78 -47.02 -47.64
CA GLU D 1486 -39.49 -47.49 -48.16
C GLU D 1486 -38.89 -48.56 -47.26
N ASN D 1487 -39.11 -48.44 -45.95
CA ASN D 1487 -38.60 -49.40 -44.98
C ASN D 1487 -39.70 -50.33 -44.46
N SER D 1488 -40.71 -50.61 -45.28
CA SER D 1488 -41.81 -51.45 -44.84
C SER D 1488 -41.31 -52.83 -44.43
N THR D 1489 -41.75 -53.29 -43.26
CA THR D 1489 -41.44 -54.62 -42.78
C THR D 1489 -42.49 -55.65 -43.20
N SER D 1490 -43.60 -55.20 -43.79
CA SER D 1490 -44.61 -56.10 -44.33
C SER D 1490 -44.41 -56.41 -45.81
N LEU D 1491 -43.60 -55.62 -46.50
CA LEU D 1491 -43.39 -55.81 -47.93
C LEU D 1491 -42.81 -57.20 -48.21
N GLN D 1492 -41.81 -57.60 -47.43
CA GLN D 1492 -41.21 -58.92 -47.63
C GLN D 1492 -42.12 -60.03 -47.14
N THR D 1493 -42.86 -59.78 -46.05
CA THR D 1493 -43.74 -60.81 -45.51
C THR D 1493 -44.86 -61.16 -46.48
N HIS D 1494 -45.45 -60.16 -47.12
CA HIS D 1494 -46.57 -60.36 -48.03
C HIS D 1494 -46.18 -60.10 -49.49
N GLN D 1495 -45.01 -60.60 -49.89
CA GLN D 1495 -44.50 -60.33 -51.23
C GLN D 1495 -45.33 -61.01 -52.32
N THR D 1496 -46.23 -61.93 -51.96
CA THR D 1496 -47.08 -62.55 -52.98
C THR D 1496 -48.09 -61.55 -53.54
N ILE D 1497 -48.70 -60.75 -52.66
CA ILE D 1497 -49.78 -59.87 -53.09
C ILE D 1497 -49.25 -58.81 -54.06
N VAL D 1498 -48.02 -58.34 -53.86
CA VAL D 1498 -47.45 -57.36 -54.78
C VAL D 1498 -47.27 -57.98 -56.16
N VAL D 1499 -46.84 -59.25 -56.21
CA VAL D 1499 -46.69 -59.92 -57.49
C VAL D 1499 -48.05 -60.09 -58.17
N GLN D 1500 -49.09 -60.44 -57.40
CA GLN D 1500 -50.42 -60.55 -57.99
C GLN D 1500 -50.90 -59.19 -58.51
N LEU D 1501 -50.61 -58.11 -57.77
CA LEU D 1501 -50.96 -56.78 -58.25
C LEU D 1501 -50.24 -56.46 -59.55
N LEU D 1502 -48.96 -56.80 -59.63
CA LEU D 1502 -48.21 -56.56 -60.86
C LEU D 1502 -48.82 -57.31 -62.02
N GLN D 1503 -49.16 -58.59 -61.81
CA GLN D 1503 -49.77 -59.38 -62.88
C GLN D 1503 -51.10 -58.78 -63.33
N SER D 1504 -51.95 -58.39 -62.37
CA SER D 1504 -53.26 -57.85 -62.73
C SER D 1504 -53.13 -56.54 -63.48
N THR D 1505 -52.22 -55.65 -63.04
CA THR D 1505 -52.05 -54.39 -63.75
C THR D 1505 -51.45 -54.61 -65.13
N THR D 1506 -50.57 -55.61 -65.26
CA THR D 1506 -50.06 -55.97 -66.57
C THR D 1506 -51.18 -56.41 -67.49
N ARG D 1507 -52.11 -57.22 -66.97
CA ARG D 1507 -53.27 -57.60 -67.77
C ARG D 1507 -54.08 -56.36 -68.17
N LEU D 1508 -54.30 -55.46 -67.22
CA LEU D 1508 -55.05 -54.24 -67.51
C LEU D 1508 -54.41 -53.47 -68.66
N LEU D 1509 -53.08 -53.33 -68.62
CA LEU D 1509 -52.39 -52.66 -69.71
C LEU D 1509 -52.54 -53.44 -71.02
N GLU D 1510 -52.47 -54.77 -70.94
CA GLU D 1510 -52.58 -55.59 -72.14
C GLU D 1510 -53.97 -55.51 -72.77
N CYS D 1511 -54.97 -55.10 -72.01
CA CYS D 1511 -56.33 -55.05 -72.54
C CYS D 1511 -56.36 -54.20 -73.81
N PRO D 1512 -57.02 -54.66 -74.88
CA PRO D 1512 -57.12 -53.81 -76.08
C PRO D 1512 -57.89 -52.53 -75.84
N TRP D 1513 -59.09 -52.63 -75.30
CA TRP D 1513 -59.80 -51.47 -74.80
C TRP D 1513 -58.91 -50.72 -73.80
N LEU D 1514 -58.58 -49.46 -74.13
CA LEU D 1514 -58.21 -48.51 -73.09
C LEU D 1514 -57.81 -47.19 -73.75
N GLN D 1515 -58.07 -46.06 -73.12
CA GLN D 1515 -57.54 -44.79 -73.61
C GLN D 1515 -56.07 -44.62 -73.25
N GLN D 1516 -55.34 -43.87 -74.09
CA GLN D 1516 -53.94 -43.58 -73.82
C GLN D 1516 -53.78 -42.71 -72.57
N GLN D 1517 -54.71 -41.78 -72.36
CA GLN D 1517 -54.66 -40.91 -71.19
C GLN D 1517 -54.60 -41.73 -69.91
N HIS D 1518 -55.45 -42.75 -69.80
CA HIS D 1518 -55.39 -43.64 -68.64
C HIS D 1518 -54.16 -44.53 -68.71
N LYS D 1519 -53.67 -44.83 -69.92
CA LYS D 1519 -52.50 -45.68 -70.05
C LYS D 1519 -51.28 -45.04 -69.41
N GLY D 1520 -51.18 -43.72 -69.47
CA GLY D 1520 -50.06 -43.05 -68.81
C GLY D 1520 -50.02 -43.35 -67.32
N SER D 1521 -51.16 -43.20 -66.63
CA SER D 1521 -51.21 -43.47 -65.21
C SER D 1521 -50.99 -44.95 -64.92
N VAL D 1522 -51.55 -45.83 -65.76
CA VAL D 1522 -51.35 -47.26 -65.55
C VAL D 1522 -49.88 -47.61 -65.66
N GLU D 1523 -49.19 -47.05 -66.65
CA GLU D 1523 -47.77 -47.29 -66.81
C GLU D 1523 -46.97 -46.76 -65.63
N ALA D 1524 -47.34 -45.58 -65.12
CA ALA D 1524 -46.66 -45.06 -63.94
C ALA D 1524 -46.83 -46.02 -62.75
N CYS D 1525 -48.05 -46.50 -62.55
CA CYS D 1525 -48.31 -47.40 -61.43
C CYS D 1525 -47.52 -48.70 -61.56
N ILE D 1526 -47.51 -49.29 -62.75
CA ILE D 1526 -46.76 -50.54 -62.95
C ILE D 1526 -45.27 -50.30 -62.77
N ARG D 1527 -44.77 -49.15 -63.21
CA ARG D 1527 -43.35 -48.85 -63.01
C ARG D 1527 -43.03 -48.78 -61.52
N THR D 1528 -43.87 -48.09 -60.75
CA THR D 1528 -43.62 -47.99 -59.31
C THR D 1528 -43.67 -49.35 -58.65
N LEU D 1529 -44.67 -50.17 -59.00
CA LEU D 1529 -44.79 -51.48 -58.38
C LEU D 1529 -43.61 -52.37 -58.74
N ALA D 1530 -43.15 -52.30 -60.00
CA ALA D 1530 -41.98 -53.06 -60.40
C ALA D 1530 -40.74 -52.59 -59.65
N MET D 1531 -40.61 -51.27 -59.44
CA MET D 1531 -39.47 -50.77 -58.68
C MET D 1531 -39.47 -51.33 -57.27
N VAL D 1532 -40.64 -51.37 -56.64
CA VAL D 1532 -40.74 -51.95 -55.30
C VAL D 1532 -40.36 -53.43 -55.35
N ALA D 1533 -40.81 -54.14 -56.38
CA ALA D 1533 -40.48 -55.55 -56.51
C ALA D 1533 -38.98 -55.76 -56.62
N LYS D 1534 -38.30 -54.95 -57.43
CA LYS D 1534 -36.84 -55.06 -57.51
C LYS D 1534 -36.19 -54.73 -56.17
N GLY D 1535 -36.68 -53.68 -55.50
CA GLY D 1535 -36.10 -53.31 -54.23
C GLY D 1535 -36.16 -54.43 -53.21
N ARG D 1536 -37.28 -55.15 -53.17
CA ARG D 1536 -37.41 -56.29 -52.27
C ARG D 1536 -36.87 -57.58 -52.86
N ALA D 1537 -36.39 -57.56 -54.11
CA ALA D 1537 -35.79 -58.74 -54.73
C ALA D 1537 -36.72 -59.94 -54.70
N ILE D 1538 -38.01 -59.69 -54.93
CA ILE D 1538 -38.99 -60.77 -54.93
C ILE D 1538 -38.96 -61.49 -56.27
N LEU D 1539 -39.21 -62.79 -56.24
CA LEU D 1539 -39.19 -63.59 -57.46
C LEU D 1539 -40.35 -63.19 -58.37
N LEU D 1540 -40.05 -62.96 -59.65
CA LEU D 1540 -41.03 -62.56 -60.64
C LEU D 1540 -41.14 -63.61 -61.74
N PRO D 1541 -42.33 -63.90 -62.26
CA PRO D 1541 -42.43 -64.82 -63.39
C PRO D 1541 -41.74 -64.28 -64.64
N MET D 1542 -41.28 -65.19 -65.49
CA MET D 1542 -40.55 -64.81 -66.69
C MET D 1542 -41.41 -63.99 -67.64
N ASP D 1543 -42.69 -64.35 -67.78
CA ASP D 1543 -43.58 -63.58 -68.64
C ASP D 1543 -43.74 -62.17 -68.11
N LEU D 1544 -43.87 -62.02 -66.79
CA LEU D 1544 -43.96 -60.69 -66.20
C LEU D 1544 -42.70 -59.90 -66.46
N ASP D 1545 -41.53 -60.54 -66.32
CA ASP D 1545 -40.28 -59.86 -66.61
C ASP D 1545 -40.23 -59.42 -68.07
N ALA D 1546 -40.72 -60.26 -68.98
CA ALA D 1546 -40.73 -59.90 -70.39
C ALA D 1546 -41.61 -58.68 -70.64
N HIS D 1547 -42.80 -58.65 -70.03
CA HIS D 1547 -43.69 -57.51 -70.20
C HIS D 1547 -43.08 -56.23 -69.60
N ILE D 1548 -42.25 -56.40 -68.58
CA ILE D 1548 -41.65 -55.24 -67.92
C ILE D 1548 -40.84 -54.42 -68.91
N SER D 1549 -40.07 -55.09 -69.77
CA SER D 1549 -39.24 -54.36 -70.73
C SER D 1549 -40.11 -53.57 -71.71
N SER D 1550 -41.20 -54.17 -72.19
CA SER D 1550 -42.02 -53.52 -73.21
C SER D 1550 -42.81 -52.34 -72.64
N MET D 1551 -43.10 -52.37 -71.33
CA MET D 1551 -43.79 -51.22 -70.75
C MET D 1551 -43.05 -49.93 -71.06
N LEU D 1552 -41.72 -49.95 -70.95
CA LEU D 1552 -40.94 -48.74 -71.20
C LEU D 1552 -40.96 -48.35 -72.67
N SER D 1553 -40.91 -49.35 -73.56
CA SER D 1553 -40.83 -49.07 -74.99
C SER D 1553 -42.12 -48.43 -75.50
N SER D 1554 -43.26 -48.81 -74.92
CA SER D 1554 -44.54 -48.32 -75.45
C SER D 1554 -44.58 -46.78 -75.50
N GLY D 1555 -43.99 -46.12 -74.50
CA GLY D 1555 -44.09 -44.67 -74.43
C GLY D 1555 -43.42 -43.96 -75.58
N ALA D 1556 -42.28 -44.48 -76.03
CA ALA D 1556 -41.59 -43.86 -77.16
C ALA D 1556 -42.44 -43.92 -78.42
N SER D 1557 -43.10 -45.06 -78.65
CA SER D 1557 -44.01 -45.16 -79.80
C SER D 1557 -45.17 -44.19 -79.66
N CYS D 1558 -45.71 -44.04 -78.45
CA CYS D 1558 -46.80 -43.08 -78.25
C CYS D 1558 -46.34 -41.66 -78.61
N ALA D 1559 -45.16 -41.27 -78.12
CA ALA D 1559 -44.65 -39.93 -78.41
C ALA D 1559 -44.39 -39.75 -79.90
N ALA D 1560 -43.85 -40.78 -80.56
CA ALA D 1560 -43.61 -40.69 -81.99
C ALA D 1560 -44.92 -40.51 -82.76
N ALA D 1561 -45.97 -41.24 -82.36
CA ALA D 1561 -47.27 -41.08 -83.01
C ALA D 1561 -47.81 -39.66 -82.80
N ALA D 1562 -47.65 -39.13 -81.58
CA ALA D 1562 -48.08 -37.75 -81.33
C ALA D 1562 -47.35 -36.78 -82.24
N GLN D 1563 -46.03 -36.95 -82.38
CA GLN D 1563 -45.27 -36.08 -83.27
C GLN D 1563 -45.74 -36.23 -84.72
N ARG D 1564 -46.01 -37.45 -85.14
CA ARG D 1564 -46.45 -37.68 -86.52
C ARG D 1564 -47.77 -36.98 -86.80
N ASN D 1565 -48.72 -37.05 -85.87
CA ASN D 1565 -50.05 -36.51 -86.08
C ASN D 1565 -50.20 -35.07 -85.61
N ALA D 1566 -49.12 -34.46 -85.09
CA ALA D 1566 -49.20 -33.06 -84.69
C ALA D 1566 -49.61 -32.16 -85.85
N SER D 1567 -49.10 -32.42 -87.05
CA SER D 1567 -49.32 -31.50 -88.17
C SER D 1567 -50.80 -31.40 -88.52
N SER D 1568 -51.52 -32.51 -88.48
CA SER D 1568 -52.91 -32.50 -88.91
C SER D 1568 -53.75 -31.53 -88.07
N TYR D 1569 -53.57 -31.57 -86.75
CA TYR D 1569 -54.29 -30.67 -85.87
C TYR D 1569 -53.67 -29.28 -85.91
N LYS D 1570 -54.34 -28.33 -85.25
CA LYS D 1570 -53.82 -26.98 -85.16
C LYS D 1570 -52.45 -26.98 -84.51
N ALA D 1571 -51.49 -26.30 -85.15
CA ALA D 1571 -50.13 -26.24 -84.66
C ALA D 1571 -49.82 -24.93 -83.96
N THR D 1572 -50.83 -24.13 -83.63
CA THR D 1572 -50.58 -22.86 -82.96
C THR D 1572 -49.92 -23.08 -81.60
N THR D 1573 -50.18 -24.22 -80.96
CA THR D 1573 -49.54 -24.52 -79.68
C THR D 1573 -48.03 -24.60 -79.85
N ARG D 1574 -47.57 -25.22 -80.94
CA ARG D 1574 -46.13 -25.33 -81.22
C ARG D 1574 -45.64 -24.07 -81.93
N ALA D 1575 -45.57 -22.98 -81.16
CA ALA D 1575 -45.05 -21.70 -81.63
C ALA D 1575 -46.10 -20.98 -82.48
N PHE D 1576 -46.18 -19.66 -82.35
CA PHE D 1576 -47.13 -18.84 -83.11
C PHE D 1576 -46.43 -17.60 -83.63
N PRO D 1577 -45.52 -17.78 -84.60
CA PRO D 1577 -44.86 -16.62 -85.24
C PRO D 1577 -45.76 -16.02 -86.30
N ARG D 1578 -46.09 -14.74 -86.14
CA ARG D 1578 -46.98 -14.06 -87.07
C ARG D 1578 -46.60 -12.59 -87.15
N VAL D 1579 -47.04 -11.95 -88.24
CA VAL D 1579 -46.81 -10.53 -88.48
C VAL D 1579 -48.16 -9.86 -88.67
N THR D 1580 -48.36 -8.72 -88.02
CA THR D 1580 -49.64 -8.04 -88.09
C THR D 1580 -49.90 -7.59 -89.53
N PRO D 1581 -51.03 -7.97 -90.12
CA PRO D 1581 -51.33 -7.53 -91.49
C PRO D 1581 -51.86 -6.10 -91.51
N THR D 1582 -51.80 -5.50 -92.70
CA THR D 1582 -52.36 -4.17 -92.88
C THR D 1582 -53.85 -4.20 -92.59
N ALA D 1583 -54.31 -3.23 -91.81
CA ALA D 1583 -55.69 -3.23 -91.35
C ALA D 1583 -56.66 -3.04 -92.52
N ASN D 1584 -57.72 -3.84 -92.53
CA ASN D 1584 -58.78 -3.66 -93.49
C ASN D 1584 -59.63 -2.45 -93.11
N GLN D 1585 -59.66 -1.44 -93.98
CA GLN D 1585 -60.37 -0.21 -93.71
C GLN D 1585 -61.87 -0.34 -93.92
N TRP D 1586 -62.35 -1.48 -94.42
CA TRP D 1586 -63.76 -1.75 -94.56
C TRP D 1586 -64.29 -2.66 -93.45
N ASP D 1587 -63.51 -2.85 -92.39
CA ASP D 1587 -63.87 -3.76 -91.30
C ASP D 1587 -64.25 -2.96 -90.06
N TYR D 1588 -65.14 -3.51 -89.26
CA TYR D 1588 -65.64 -2.80 -88.08
C TYR D 1588 -64.63 -2.83 -86.93
N LYS D 1589 -63.79 -3.87 -86.87
CA LYS D 1589 -62.87 -4.01 -85.76
C LYS D 1589 -61.87 -2.86 -85.69
N ASN D 1590 -61.65 -2.17 -86.81
CA ASN D 1590 -60.70 -1.08 -86.84
C ASN D 1590 -61.10 0.04 -85.88
N ILE D 1591 -62.41 0.26 -85.73
CA ILE D 1591 -62.88 1.33 -84.84
C ILE D 1591 -62.45 1.05 -83.41
N ILE D 1592 -62.69 -0.19 -82.94
CA ILE D 1592 -62.28 -0.55 -81.58
C ILE D 1592 -60.76 -0.50 -81.45
N GLU D 1593 -60.05 -1.01 -82.46
CA GLU D 1593 -58.60 -1.05 -82.38
C GLU D 1593 -58.01 0.36 -82.26
N LYS D 1594 -58.56 1.31 -83.01
CA LYS D 1594 -58.08 2.69 -82.93
C LYS D 1594 -58.55 3.40 -81.67
N LEU D 1595 -59.74 3.06 -81.16
CA LEU D 1595 -60.18 3.63 -79.89
C LEU D 1595 -59.23 3.24 -78.77
N GLN D 1596 -58.76 1.98 -78.77
CA GLN D 1596 -57.79 1.57 -77.76
C GLN D 1596 -56.51 2.38 -77.85
N ASP D 1597 -56.03 2.61 -79.07
CA ASP D 1597 -54.81 3.39 -79.26
C ASP D 1597 -55.00 4.82 -78.75
N ILE D 1598 -56.17 5.42 -79.04
CA ILE D 1598 -56.43 6.77 -78.55
C ILE D 1598 -56.46 6.78 -77.02
N ILE D 1599 -57.07 5.75 -76.42
CA ILE D 1599 -57.09 5.68 -74.95
C ILE D 1599 -55.67 5.66 -74.41
N THR D 1600 -54.81 4.81 -74.97
CA THR D 1600 -53.44 4.73 -74.49
C THR D 1600 -52.70 6.05 -74.66
N ALA D 1601 -52.84 6.67 -75.82
CA ALA D 1601 -52.13 7.92 -76.09
C ALA D 1601 -52.57 9.01 -75.12
N LEU D 1602 -53.88 9.11 -74.87
CA LEU D 1602 -54.36 10.15 -73.97
C LEU D 1602 -53.95 9.86 -72.53
N GLU D 1603 -53.92 8.59 -72.13
CA GLU D 1603 -53.41 8.26 -70.81
C GLU D 1603 -51.97 8.72 -70.65
N GLU D 1604 -51.14 8.43 -71.66
CA GLU D 1604 -49.75 8.85 -71.59
C GLU D 1604 -49.63 10.37 -71.52
N ARG D 1605 -50.44 11.08 -72.32
CA ARG D 1605 -50.36 12.54 -72.32
C ARG D 1605 -50.80 13.12 -70.98
N LEU D 1606 -51.84 12.56 -70.37
CA LEU D 1606 -52.44 13.13 -69.17
C LEU D 1606 -51.82 12.64 -67.87
N LYS D 1607 -50.91 11.66 -67.92
CA LYS D 1607 -50.25 11.24 -66.69
C LYS D 1607 -49.60 12.40 -65.94
N PRO D 1608 -48.72 13.20 -66.54
CA PRO D 1608 -48.11 14.30 -65.77
C PRO D 1608 -49.13 15.30 -65.25
N LEU D 1609 -50.18 15.59 -66.03
CA LEU D 1609 -51.20 16.50 -65.54
C LEU D 1609 -51.96 15.90 -64.37
N VAL D 1610 -52.20 14.59 -64.40
CA VAL D 1610 -52.84 13.92 -63.27
C VAL D 1610 -51.99 14.09 -62.01
N GLN D 1611 -50.68 13.86 -62.13
CA GLN D 1611 -49.82 14.00 -60.97
C GLN D 1611 -49.79 15.45 -60.48
N ALA D 1612 -49.71 16.40 -61.40
CA ALA D 1612 -49.68 17.80 -61.01
C ALA D 1612 -50.96 18.21 -60.29
N GLU D 1613 -52.11 17.77 -60.80
CA GLU D 1613 -53.37 18.08 -60.13
C GLU D 1613 -53.42 17.47 -58.74
N LEU D 1614 -53.00 16.21 -58.61
CA LEU D 1614 -53.01 15.58 -57.30
C LEU D 1614 -52.11 16.33 -56.33
N SER D 1615 -51.01 16.90 -56.82
CA SER D 1615 -50.07 17.59 -55.94
C SER D 1615 -50.73 18.77 -55.24
N VAL D 1616 -51.72 19.41 -55.87
CA VAL D 1616 -52.30 20.63 -55.30
C VAL D 1616 -53.05 20.33 -54.01
N LEU D 1617 -53.55 19.10 -53.85
CA LEU D 1617 -54.26 18.75 -52.62
C LEU D 1617 -53.35 18.88 -51.41
N VAL D 1618 -52.06 18.52 -51.57
CA VAL D 1618 -51.12 18.65 -50.47
C VAL D 1618 -50.99 20.10 -50.03
N ASP D 1619 -50.86 21.01 -50.99
CA ASP D 1619 -50.78 22.43 -50.65
C ASP D 1619 -52.06 22.92 -50.00
N VAL D 1620 -53.21 22.47 -50.50
CA VAL D 1620 -54.48 22.89 -49.91
C VAL D 1620 -54.56 22.45 -48.46
N LEU D 1621 -54.18 21.20 -48.19
CA LEU D 1621 -54.19 20.71 -46.80
C LEU D 1621 -53.17 21.46 -45.95
N HIS D 1622 -52.00 21.78 -46.52
CA HIS D 1622 -50.98 22.49 -45.77
C HIS D 1622 -51.45 23.87 -45.35
N TRP D 1623 -52.09 24.61 -46.25
CA TRP D 1623 -52.54 25.98 -45.99
C TRP D 1623 -54.02 26.08 -46.35
N PRO D 1624 -54.90 25.54 -45.51
CA PRO D 1624 -56.33 25.61 -45.82
C PRO D 1624 -56.96 26.95 -45.50
N GLU D 1625 -56.38 27.71 -44.57
CA GLU D 1625 -57.01 28.96 -44.14
C GLU D 1625 -57.09 29.98 -45.26
N LEU D 1626 -56.25 29.84 -46.29
CA LEU D 1626 -56.26 30.81 -47.39
C LEU D 1626 -57.58 30.77 -48.15
N LEU D 1627 -58.23 29.60 -48.19
CA LEU D 1627 -59.49 29.50 -48.92
C LEU D 1627 -60.56 30.38 -48.31
N PHE D 1628 -60.56 30.52 -46.99
CA PHE D 1628 -61.54 31.33 -46.28
C PHE D 1628 -61.05 32.77 -46.14
N LEU D 1629 -62.00 33.67 -45.90
CA LEU D 1629 -61.67 35.08 -45.74
C LEU D 1629 -60.95 35.31 -44.41
N GLU D 1630 -60.00 36.24 -44.43
CA GLU D 1630 -59.23 36.54 -43.24
C GLU D 1630 -60.11 37.17 -42.16
N GLY D 1631 -59.81 36.84 -40.91
CA GLY D 1631 -60.54 37.38 -39.77
C GLY D 1631 -61.84 36.68 -39.45
N SER D 1632 -62.19 35.63 -40.20
CA SER D 1632 -63.45 34.92 -39.97
C SER D 1632 -63.25 33.79 -38.96
N GLU D 1633 -64.38 33.23 -38.50
CA GLU D 1633 -64.31 32.10 -37.60
C GLU D 1633 -63.63 30.90 -38.26
N ALA D 1634 -63.97 30.65 -39.53
CA ALA D 1634 -63.32 29.56 -40.26
C ALA D 1634 -61.83 29.82 -40.41
N TYR D 1635 -61.45 31.07 -40.69
CA TYR D 1635 -60.03 31.40 -40.81
C TYR D 1635 -59.30 31.16 -39.50
N GLN D 1636 -59.90 31.58 -38.38
CA GLN D 1636 -59.27 31.35 -37.08
C GLN D 1636 -59.14 29.86 -36.80
N ARG D 1637 -60.18 29.08 -37.11
CA ARG D 1637 -60.14 27.65 -36.87
C ARG D 1637 -59.04 26.99 -37.71
N CYS D 1638 -58.90 27.41 -38.97
CA CYS D 1638 -57.95 26.75 -39.86
C CYS D 1638 -56.51 27.19 -39.57
N GLU D 1639 -56.31 28.43 -39.13
CA GLU D 1639 -54.96 28.94 -38.95
C GLU D 1639 -54.19 28.13 -37.92
N SER D 1640 -54.85 27.76 -36.82
CA SER D 1640 -54.19 27.02 -35.76
C SER D 1640 -53.88 25.58 -36.14
N GLY D 1641 -54.17 25.17 -37.36
CA GLY D 1641 -54.05 23.79 -37.76
C GLY D 1641 -55.26 22.94 -37.43
N GLY D 1642 -56.40 23.56 -37.15
CA GLY D 1642 -57.58 22.81 -36.76
C GLY D 1642 -58.04 21.83 -37.81
N PHE D 1643 -57.91 22.21 -39.10
CA PHE D 1643 -58.34 21.31 -40.16
C PHE D 1643 -57.53 20.03 -40.18
N LEU D 1644 -56.20 20.14 -40.11
CA LEU D 1644 -55.36 18.94 -40.11
C LEU D 1644 -55.64 18.09 -38.88
N SER D 1645 -55.73 18.72 -37.70
CA SER D 1645 -56.00 17.95 -36.49
C SER D 1645 -57.34 17.24 -36.58
N LYS D 1646 -58.35 17.90 -37.13
CA LYS D 1646 -59.65 17.27 -37.33
C LYS D 1646 -59.52 16.07 -38.26
N LEU D 1647 -58.76 16.21 -39.34
CA LEU D 1647 -58.58 15.10 -40.28
C LEU D 1647 -57.94 13.90 -39.58
N ILE D 1648 -56.86 14.14 -38.83
CA ILE D 1648 -56.19 13.04 -38.14
C ILE D 1648 -57.12 12.41 -37.11
N GLN D 1649 -57.85 13.23 -36.36
CA GLN D 1649 -58.75 12.68 -35.34
C GLN D 1649 -59.85 11.84 -35.98
N HIS D 1650 -60.42 12.30 -37.10
CA HIS D 1650 -61.50 11.57 -37.73
C HIS D 1650 -61.00 10.31 -38.42
N THR D 1651 -59.71 10.30 -38.78
CA THR D 1651 -59.12 9.10 -39.36
C THR D 1651 -59.23 7.91 -38.42
N LYS D 1652 -58.95 8.13 -37.13
CA LYS D 1652 -59.09 7.07 -36.15
C LYS D 1652 -60.53 6.60 -36.05
N ASP D 1653 -61.48 7.55 -36.04
CA ASP D 1653 -62.89 7.19 -35.86
C ASP D 1653 -63.43 6.39 -37.05
N LEU D 1654 -63.03 6.76 -38.26
CA LEU D 1654 -63.60 6.15 -39.45
C LEU D 1654 -62.94 4.83 -39.83
N MET D 1655 -62.00 4.35 -39.02
CA MET D 1655 -61.23 3.17 -39.41
C MET D 1655 -62.13 1.99 -39.74
N GLU D 1656 -63.08 1.67 -38.85
CA GLU D 1656 -63.90 0.48 -39.05
C GLU D 1656 -64.92 0.69 -40.16
N SER D 1657 -65.54 1.86 -40.21
CA SER D 1657 -66.63 2.08 -41.16
C SER D 1657 -66.12 2.20 -42.59
N GLU D 1658 -65.05 2.99 -42.79
CA GLU D 1658 -64.55 3.32 -44.13
C GLU D 1658 -63.05 3.04 -44.19
N GLU D 1659 -62.70 1.77 -44.46
CA GLU D 1659 -61.30 1.39 -44.56
C GLU D 1659 -60.63 2.08 -45.75
N LYS D 1660 -61.33 2.15 -46.88
CA LYS D 1660 -60.75 2.79 -48.07
C LYS D 1660 -60.47 4.27 -47.81
N LEU D 1661 -61.40 4.96 -47.15
CA LEU D 1661 -61.19 6.37 -46.84
C LEU D 1661 -60.05 6.54 -45.84
N CYS D 1662 -59.96 5.63 -44.86
CA CYS D 1662 -58.83 5.68 -43.93
C CYS D 1662 -57.51 5.53 -44.68
N ILE D 1663 -57.44 4.58 -45.61
CA ILE D 1663 -56.23 4.36 -46.38
C ILE D 1663 -55.89 5.61 -47.19
N LYS D 1664 -56.90 6.21 -47.83
CA LYS D 1664 -56.66 7.39 -48.64
C LYS D 1664 -56.13 8.54 -47.79
N VAL D 1665 -56.72 8.74 -46.60
CA VAL D 1665 -56.26 9.82 -45.72
C VAL D 1665 -54.82 9.57 -45.28
N LEU D 1666 -54.50 8.33 -44.91
CA LEU D 1666 -53.13 8.03 -44.50
C LEU D 1666 -52.14 8.27 -45.65
N ARG D 1667 -52.51 7.86 -46.86
CA ARG D 1667 -51.63 8.08 -48.00
C ARG D 1667 -51.44 9.56 -48.27
N THR D 1668 -52.52 10.34 -48.16
CA THR D 1668 -52.39 11.79 -48.37
C THR D 1668 -51.49 12.41 -47.33
N LEU D 1669 -51.60 11.97 -46.07
CA LEU D 1669 -50.71 12.48 -45.03
C LEU D 1669 -49.26 12.13 -45.34
N GLN D 1670 -49.02 10.91 -45.84
CA GLN D 1670 -47.65 10.55 -46.22
C GLN D 1670 -47.14 11.43 -47.36
N GLN D 1671 -47.98 11.69 -48.35
CA GLN D 1671 -47.59 12.59 -49.44
C GLN D 1671 -47.25 13.97 -48.89
N MET D 1672 -47.98 14.42 -47.87
CA MET D 1672 -47.70 15.72 -47.27
C MET D 1672 -46.27 15.78 -46.77
N LEU D 1673 -45.81 14.72 -46.09
CA LEU D 1673 -44.46 14.70 -45.57
C LEU D 1673 -43.41 14.48 -46.66
N LEU D 1674 -43.75 13.75 -47.71
CA LEU D 1674 -42.76 13.46 -48.74
C LEU D 1674 -42.23 14.74 -49.38
N LYS D 1675 -41.05 14.63 -49.98
CA LYS D 1675 -40.39 15.79 -50.57
C LYS D 1675 -41.05 16.22 -51.87
N LYS D 1676 -40.85 17.49 -52.23
CA LYS D 1676 -41.45 18.04 -53.43
C LYS D 1676 -40.71 17.55 -54.67
N THR D 1677 -41.40 17.58 -55.80
CA THR D 1677 -40.88 17.10 -57.07
C THR D 1677 -41.36 18.00 -58.21
N LYS D 1678 -40.56 18.05 -59.28
CA LYS D 1678 -40.90 18.79 -60.49
C LYS D 1678 -41.51 17.83 -61.50
N TYR D 1679 -42.63 18.23 -62.09
CA TYR D 1679 -43.42 17.35 -62.95
C TYR D 1679 -43.35 17.74 -64.42
N GLY D 1680 -42.35 18.51 -64.83
CA GLY D 1680 -42.23 18.96 -66.20
C GLY D 1680 -42.91 20.30 -66.42
N ASP D 1681 -42.76 20.82 -67.65
CA ASP D 1681 -43.28 22.15 -67.94
C ASP D 1681 -44.81 22.18 -67.90
N ARG D 1682 -45.47 21.21 -68.54
CA ARG D 1682 -46.92 21.20 -68.57
C ARG D 1682 -47.50 21.03 -67.17
N GLY D 1683 -46.95 20.08 -66.40
CA GLY D 1683 -47.42 19.88 -65.04
C GLY D 1683 -47.17 21.09 -64.16
N ASN D 1684 -46.02 21.74 -64.34
CA ASN D 1684 -45.73 22.94 -63.56
C ASN D 1684 -46.70 24.06 -63.89
N GLN D 1685 -47.04 24.22 -65.18
CA GLN D 1685 -48.03 25.22 -65.56
C GLN D 1685 -49.38 24.93 -64.93
N LEU D 1686 -49.82 23.67 -65.00
CA LEU D 1686 -51.11 23.31 -64.41
C LEU D 1686 -51.10 23.56 -62.90
N ARG D 1687 -50.01 23.19 -62.24
CA ARG D 1687 -49.91 23.40 -60.79
C ARG D 1687 -49.94 24.89 -60.46
N LYS D 1688 -49.22 25.70 -61.23
CA LYS D 1688 -49.20 27.14 -60.97
C LYS D 1688 -50.59 27.73 -61.12
N MET D 1689 -51.30 27.37 -62.19
CA MET D 1689 -52.64 27.92 -62.39
C MET D 1689 -53.60 27.46 -61.28
N LEU D 1690 -53.56 26.17 -60.94
CA LEU D 1690 -54.47 25.67 -59.90
C LEU D 1690 -54.19 26.34 -58.57
N LEU D 1691 -52.91 26.48 -58.20
CA LEU D 1691 -52.58 27.10 -56.93
C LEU D 1691 -52.94 28.58 -56.92
N GLN D 1692 -52.71 29.28 -58.04
CA GLN D 1692 -53.09 30.69 -58.11
C GLN D 1692 -54.59 30.86 -57.93
N ASN D 1693 -55.38 29.99 -58.57
CA ASN D 1693 -56.83 30.11 -58.48
C ASN D 1693 -57.32 29.77 -57.07
N TYR D 1694 -56.84 28.66 -56.50
CA TYR D 1694 -57.40 28.18 -55.24
C TYR D 1694 -56.86 28.99 -54.06
N LEU D 1695 -55.54 29.12 -53.96
CA LEU D 1695 -54.89 29.94 -52.93
C LEU D 1695 -54.53 31.26 -53.58
N GLN D 1696 -55.05 32.36 -53.03
CA GLN D 1696 -55.00 33.63 -53.74
C GLN D 1696 -53.57 34.17 -53.83
N ASN D 1697 -52.97 34.50 -52.69
CA ASN D 1697 -51.68 35.18 -52.71
C ASN D 1697 -50.70 34.67 -51.66
N ARG D 1698 -50.88 33.48 -51.10
CA ARG D 1698 -49.97 32.96 -50.09
C ARG D 1698 -49.60 31.51 -50.38
N TRP D 1718 -34.42 19.78 -46.59
CA TRP D 1718 -34.64 18.89 -45.46
C TRP D 1718 -35.30 19.63 -44.31
N SER D 1719 -35.02 20.94 -44.21
CA SER D 1719 -35.64 21.75 -43.18
C SER D 1719 -37.15 21.81 -43.35
N ALA D 1720 -37.62 21.93 -44.61
CA ALA D 1720 -39.05 21.92 -44.86
C ALA D 1720 -39.68 20.59 -44.45
N ILE D 1721 -39.00 19.48 -44.74
CA ILE D 1721 -39.51 18.17 -44.34
C ILE D 1721 -39.59 18.07 -42.82
N ALA D 1722 -38.56 18.57 -42.13
CA ALA D 1722 -38.56 18.55 -40.67
C ALA D 1722 -39.71 19.39 -40.12
N ALA D 1723 -39.95 20.56 -40.71
CA ALA D 1723 -41.05 21.41 -40.27
C ALA D 1723 -42.39 20.71 -40.48
N THR D 1724 -42.57 20.06 -41.63
CA THR D 1724 -43.80 19.33 -41.89
C THR D 1724 -43.99 18.19 -40.89
N GLN D 1725 -42.91 17.46 -40.60
CA GLN D 1725 -43.01 16.36 -39.64
C GLN D 1725 -43.39 16.89 -38.26
N CYS D 1726 -42.77 17.98 -37.83
CA CYS D 1726 -43.11 18.55 -36.52
C CYS D 1726 -44.56 19.03 -36.50
N ARG D 1727 -45.02 19.67 -37.58
CA ARG D 1727 -46.40 20.14 -37.63
C ARG D 1727 -47.38 18.97 -37.52
N LEU D 1728 -47.14 17.91 -38.29
CA LEU D 1728 -48.04 16.77 -38.23
C LEU D 1728 -48.00 16.09 -36.87
N ASP D 1729 -46.81 15.98 -36.26
CA ASP D 1729 -46.72 15.40 -34.93
C ASP D 1729 -47.49 16.23 -33.91
N LYS D 1730 -47.39 17.55 -34.00
CA LYS D 1730 -48.16 18.40 -33.10
C LYS D 1730 -49.66 18.22 -33.32
N GLU D 1731 -50.09 18.14 -34.58
CA GLU D 1731 -51.49 17.88 -34.87
C GLU D 1731 -51.94 16.51 -34.39
N GLY D 1732 -51.01 15.57 -34.20
CA GLY D 1732 -51.32 14.27 -33.66
C GLY D 1732 -51.07 13.10 -34.56
N ALA D 1733 -50.15 13.22 -35.53
CA ALA D 1733 -49.88 12.11 -36.43
C ALA D 1733 -49.33 10.91 -35.69
N THR D 1734 -48.39 11.12 -34.77
CA THR D 1734 -47.73 10.01 -34.09
C THR D 1734 -48.73 9.19 -33.30
N LYS D 1735 -49.64 9.85 -32.59
CA LYS D 1735 -50.67 9.12 -31.85
C LYS D 1735 -51.54 8.31 -32.81
N LEU D 1736 -51.87 8.89 -33.97
CA LEU D 1736 -52.67 8.16 -34.93
C LEU D 1736 -51.95 6.90 -35.38
N VAL D 1737 -50.66 7.02 -35.71
CA VAL D 1737 -49.88 5.86 -36.13
C VAL D 1737 -49.89 4.78 -35.06
N CYS D 1738 -49.60 5.18 -33.81
CA CYS D 1738 -49.54 4.20 -32.75
C CYS D 1738 -50.87 3.49 -32.56
N ASP D 1739 -51.98 4.25 -32.54
CA ASP D 1739 -53.28 3.65 -32.30
C ASP D 1739 -53.68 2.72 -33.44
N LEU D 1740 -53.46 3.15 -34.70
CA LEU D 1740 -53.77 2.27 -35.83
C LEU D 1740 -52.94 1.00 -35.80
N ILE D 1741 -51.63 1.11 -35.54
CA ILE D 1741 -50.81 -0.11 -35.49
C ILE D 1741 -51.31 -1.04 -34.38
N THR D 1742 -51.69 -0.46 -33.23
CA THR D 1742 -52.10 -1.28 -32.11
C THR D 1742 -53.43 -1.97 -32.37
N SER D 1743 -54.41 -1.26 -32.94
CA SER D 1743 -55.78 -1.74 -32.97
C SER D 1743 -56.23 -2.32 -34.31
N THR D 1744 -55.64 -1.89 -35.43
CA THR D 1744 -56.14 -2.29 -36.73
C THR D 1744 -55.99 -3.80 -36.94
N LYS D 1745 -57.01 -4.40 -37.53
CA LYS D 1745 -56.95 -5.78 -37.98
C LYS D 1745 -56.77 -5.89 -39.49
N ASN D 1746 -56.46 -4.78 -40.17
CA ASN D 1746 -56.37 -4.75 -41.63
C ASN D 1746 -54.92 -4.57 -42.05
N GLU D 1747 -54.45 -5.47 -42.93
CA GLU D 1747 -53.05 -5.45 -43.34
C GLU D 1747 -52.70 -4.17 -44.08
N LYS D 1748 -53.59 -3.71 -44.97
CA LYS D 1748 -53.32 -2.47 -45.70
C LYS D 1748 -53.22 -1.28 -44.75
N ILE D 1749 -54.12 -1.20 -43.77
CA ILE D 1749 -54.07 -0.10 -42.81
C ILE D 1749 -52.78 -0.16 -42.02
N PHE D 1750 -52.37 -1.36 -41.60
CA PHE D 1750 -51.11 -1.49 -40.88
C PHE D 1750 -49.93 -1.03 -41.74
N GLN D 1751 -49.93 -1.42 -43.01
CA GLN D 1751 -48.85 -1.01 -43.91
C GLN D 1751 -48.80 0.50 -44.04
N GLU D 1752 -49.95 1.14 -44.23
CA GLU D 1752 -49.97 2.59 -44.36
C GLU D 1752 -49.54 3.27 -43.07
N SER D 1753 -49.94 2.72 -41.92
CA SER D 1753 -49.52 3.30 -40.65
C SER D 1753 -48.01 3.22 -40.48
N ILE D 1754 -47.43 2.06 -40.82
CA ILE D 1754 -45.97 1.93 -40.71
C ILE D 1754 -45.28 2.87 -41.69
N GLY D 1755 -45.85 3.04 -42.89
CA GLY D 1755 -45.29 3.98 -43.83
C GLY D 1755 -45.31 5.40 -43.32
N LEU D 1756 -46.42 5.80 -42.70
CA LEU D 1756 -46.51 7.14 -42.12
C LEU D 1756 -45.51 7.30 -40.97
N ALA D 1757 -45.33 6.26 -40.16
CA ALA D 1757 -44.32 6.30 -39.11
C ALA D 1757 -42.93 6.53 -39.68
N ILE D 1758 -42.60 5.78 -40.73
CA ILE D 1758 -41.28 5.89 -41.35
C ILE D 1758 -41.10 7.29 -41.94
N HIS D 1759 -42.14 7.81 -42.60
CA HIS D 1759 -42.04 9.15 -43.18
C HIS D 1759 -41.85 10.20 -42.10
N LEU D 1760 -42.58 10.08 -40.99
CA LEU D 1760 -42.43 11.04 -39.90
C LEU D 1760 -41.04 10.99 -39.29
N LEU D 1761 -40.51 9.79 -39.07
CA LEU D 1761 -39.22 9.64 -38.42
C LEU D 1761 -38.04 9.78 -39.38
N ASP D 1762 -38.29 9.89 -40.68
CA ASP D 1762 -37.19 9.93 -41.64
C ASP D 1762 -36.32 11.16 -41.40
N GLY D 1763 -35.02 10.99 -41.62
CA GLY D 1763 -34.07 12.04 -41.32
C GLY D 1763 -33.61 12.09 -39.88
N GLY D 1764 -34.01 11.12 -39.06
CA GLY D 1764 -33.59 11.09 -37.67
C GLY D 1764 -34.11 12.27 -36.87
N ASN D 1765 -35.39 12.59 -37.02
CA ASN D 1765 -35.96 13.74 -36.35
C ASN D 1765 -36.06 13.48 -34.85
N THR D 1766 -35.27 14.22 -34.07
CA THR D 1766 -35.21 14.01 -32.63
C THR D 1766 -36.57 14.27 -31.98
N GLU D 1767 -37.28 15.29 -32.46
CA GLU D 1767 -38.60 15.59 -31.88
C GLU D 1767 -39.56 14.43 -32.08
N ILE D 1768 -39.58 13.85 -33.28
CA ILE D 1768 -40.49 12.73 -33.54
C ILE D 1768 -40.08 11.52 -32.73
N GLN D 1769 -38.77 11.26 -32.63
CA GLN D 1769 -38.31 10.13 -31.83
C GLN D 1769 -38.72 10.30 -30.36
N LYS D 1770 -38.55 11.51 -29.83
CA LYS D 1770 -38.93 11.78 -28.44
C LYS D 1770 -40.44 11.64 -28.25
N SER D 1771 -41.23 12.09 -29.23
CA SER D 1771 -42.67 11.94 -29.13
C SER D 1771 -43.06 10.46 -29.09
N PHE D 1772 -42.44 9.65 -29.96
CA PHE D 1772 -42.71 8.22 -29.94
C PHE D 1772 -42.34 7.61 -28.59
N HIS D 1773 -41.17 7.97 -28.07
CA HIS D 1773 -40.74 7.42 -26.79
C HIS D 1773 -41.68 7.81 -25.67
N ASN D 1774 -42.10 9.08 -25.64
CA ASN D 1774 -43.02 9.54 -24.60
C ASN D 1774 -44.35 8.83 -24.69
N LEU D 1775 -44.87 8.65 -25.91
CA LEU D 1775 -46.13 7.92 -26.07
C LEU D 1775 -45.99 6.49 -25.57
N MET D 1776 -44.90 5.82 -25.94
CA MET D 1776 -44.71 4.44 -25.51
C MET D 1776 -44.62 4.35 -23.99
N MET D 1777 -43.89 5.28 -23.37
CA MET D 1777 -43.72 5.23 -21.92
C MET D 1777 -45.03 5.53 -21.19
N SER D 1778 -45.71 6.60 -21.58
CA SER D 1778 -46.89 7.03 -20.83
C SER D 1778 -48.08 6.11 -21.08
N ASP D 1779 -48.33 5.76 -22.34
CA ASP D 1779 -49.53 5.01 -22.67
C ASP D 1779 -49.47 3.60 -22.09
N LYS D 1780 -50.64 3.09 -21.70
CA LYS D 1780 -50.76 1.74 -21.16
C LYS D 1780 -50.83 0.68 -22.26
N LYS D 1781 -50.94 1.08 -23.52
CA LYS D 1781 -51.02 0.16 -24.64
C LYS D 1781 -49.69 -0.02 -25.36
N SER D 1782 -48.61 0.56 -24.83
CA SER D 1782 -47.28 0.29 -25.38
C SER D 1782 -46.99 -1.20 -25.37
N GLU D 1783 -47.51 -1.92 -24.37
CA GLU D 1783 -47.42 -3.37 -24.36
C GLU D 1783 -48.06 -3.95 -25.61
N ARG D 1784 -49.25 -3.44 -25.98
CA ARG D 1784 -49.92 -3.93 -27.18
C ARG D 1784 -49.11 -3.62 -28.44
N PHE D 1785 -48.54 -2.41 -28.51
CA PHE D 1785 -47.74 -2.03 -29.67
C PHE D 1785 -46.54 -2.97 -29.84
N PHE D 1786 -45.77 -3.14 -28.77
CA PHE D 1786 -44.61 -4.01 -28.85
C PHE D 1786 -45.02 -5.46 -29.11
N LYS D 1787 -46.17 -5.87 -28.56
CA LYS D 1787 -46.64 -7.23 -28.79
C LYS D 1787 -46.98 -7.45 -30.26
N VAL D 1788 -47.67 -6.50 -30.90
CA VAL D 1788 -48.00 -6.68 -32.31
C VAL D 1788 -46.74 -6.72 -33.15
N LEU D 1789 -45.79 -5.83 -32.87
CA LEU D 1789 -44.55 -5.85 -33.64
C LEU D 1789 -43.82 -7.18 -33.47
N HIS D 1790 -43.71 -7.66 -32.24
CA HIS D 1790 -43.02 -8.92 -31.97
C HIS D 1790 -43.73 -10.09 -32.63
N ASP D 1791 -45.07 -10.10 -32.60
CA ASP D 1791 -45.82 -11.18 -33.21
C ASP D 1791 -45.62 -11.21 -34.71
N ARG D 1792 -45.64 -10.04 -35.37
CA ARG D 1792 -45.38 -10.02 -36.80
C ARG D 1792 -43.97 -10.49 -37.11
N MET D 1793 -42.99 -10.09 -36.30
CA MET D 1793 -41.63 -10.57 -36.51
C MET D 1793 -41.56 -12.10 -36.39
N LYS D 1794 -42.20 -12.66 -35.37
CA LYS D 1794 -42.15 -14.10 -35.18
C LYS D 1794 -42.84 -14.84 -36.32
N ARG D 1795 -43.97 -14.32 -36.79
CA ARG D 1795 -44.65 -14.93 -37.91
C ARG D 1795 -43.78 -14.90 -39.17
N ALA D 1796 -43.10 -13.77 -39.41
CA ALA D 1796 -42.19 -13.69 -40.53
C ALA D 1796 -41.07 -14.72 -40.40
N GLN D 1797 -40.54 -14.88 -39.20
CA GLN D 1797 -39.48 -15.88 -38.99
C GLN D 1797 -39.98 -17.28 -39.30
N GLN D 1798 -41.18 -17.62 -38.82
CA GLN D 1798 -41.72 -18.96 -39.07
C GLN D 1798 -41.95 -19.18 -40.56
N GLU D 1799 -42.49 -18.18 -41.25
CA GLU D 1799 -42.74 -18.31 -42.68
C GLU D 1799 -41.42 -18.48 -43.43
N THR D 1800 -40.39 -17.73 -43.03
CA THR D 1800 -39.08 -17.88 -43.66
C THR D 1800 -38.53 -19.29 -43.43
N LYS D 1801 -38.68 -19.82 -42.22
CA LYS D 1801 -38.25 -21.19 -41.97
C LYS D 1801 -38.96 -22.16 -42.89
N SER D 1802 -40.28 -22.02 -43.03
CA SER D 1802 -41.03 -22.93 -43.88
C SER D 1802 -40.56 -22.86 -45.33
N THR D 1803 -40.40 -21.64 -45.85
CA THR D 1803 -39.98 -21.49 -47.25
C THR D 1803 -38.57 -22.02 -47.47
N VAL D 1804 -37.65 -21.75 -46.53
CA VAL D 1804 -36.29 -22.25 -46.67
C VAL D 1804 -36.28 -23.78 -46.64
N ALA D 1805 -37.08 -24.38 -45.77
CA ALA D 1805 -37.17 -25.84 -45.74
C ALA D 1805 -37.72 -26.37 -47.06
N VAL D 1806 -38.73 -25.70 -47.62
CA VAL D 1806 -39.28 -26.13 -48.90
C VAL D 1806 -38.22 -26.06 -49.99
N ASN D 1807 -37.47 -24.97 -50.03
CA ASN D 1807 -36.43 -24.78 -51.05
C ASN D 1807 -35.39 -25.88 -50.96
N MET D 1863 -42.38 -12.98 -52.11
CA MET D 1863 -41.75 -14.03 -51.31
C MET D 1863 -42.55 -14.34 -50.05
N GLY D 1864 -43.77 -13.80 -49.98
CA GLY D 1864 -44.62 -13.98 -48.83
C GLY D 1864 -44.94 -12.66 -48.13
N THR D 1865 -46.21 -12.46 -47.79
CA THR D 1865 -46.60 -11.18 -47.17
C THR D 1865 -45.94 -11.01 -45.80
N SER D 1866 -45.83 -12.09 -45.04
CA SER D 1866 -45.26 -11.99 -43.70
C SER D 1866 -43.80 -11.59 -43.74
N VAL D 1867 -43.06 -12.05 -44.75
CA VAL D 1867 -41.66 -11.66 -44.87
C VAL D 1867 -41.54 -10.28 -45.51
N LEU D 1868 -42.48 -9.94 -46.40
CA LEU D 1868 -42.48 -8.62 -47.01
C LEU D 1868 -42.69 -7.52 -45.98
N ILE D 1869 -43.60 -7.74 -45.03
CA ILE D 1869 -43.91 -6.71 -44.04
C ILE D 1869 -42.73 -6.44 -43.13
N MET D 1870 -41.71 -7.32 -43.11
CA MET D 1870 -40.57 -7.12 -42.22
C MET D 1870 -39.79 -5.86 -42.60
N GLN D 1871 -39.60 -5.62 -43.90
CA GLN D 1871 -38.77 -4.49 -44.33
C GLN D 1871 -39.28 -3.16 -43.78
N PRO D 1872 -40.57 -2.81 -43.91
CA PRO D 1872 -41.02 -1.57 -43.26
C PRO D 1872 -40.80 -1.57 -41.75
N ILE D 1873 -40.99 -2.70 -41.08
CA ILE D 1873 -40.83 -2.75 -39.63
C ILE D 1873 -39.36 -2.50 -39.27
N LEU D 1874 -38.44 -3.14 -39.99
CA LEU D 1874 -37.03 -2.95 -39.71
C LEU D 1874 -36.60 -1.51 -39.99
N ARG D 1875 -37.10 -0.93 -41.08
CA ARG D 1875 -36.78 0.47 -41.35
C ARG D 1875 -37.34 1.39 -40.27
N PHE D 1876 -38.55 1.10 -39.79
CA PHE D 1876 -39.14 1.91 -38.73
C PHE D 1876 -38.31 1.85 -37.46
N LEU D 1877 -37.86 0.64 -37.08
CA LEU D 1877 -37.03 0.52 -35.88
C LEU D 1877 -35.67 1.20 -36.06
N GLN D 1878 -35.08 1.06 -37.25
CA GLN D 1878 -33.82 1.75 -37.52
C GLN D 1878 -33.98 3.25 -37.40
N LEU D 1879 -35.10 3.78 -37.91
CA LEU D 1879 -35.35 5.21 -37.80
C LEU D 1879 -35.58 5.63 -36.35
N LEU D 1880 -36.24 4.77 -35.58
CA LEU D 1880 -36.43 5.05 -34.16
C LEU D 1880 -35.09 5.17 -33.45
N CYS D 1881 -34.16 4.26 -33.74
CA CYS D 1881 -32.87 4.25 -33.06
C CYS D 1881 -31.80 5.07 -33.79
N GLU D 1882 -32.15 5.75 -34.87
CA GLU D 1882 -31.17 6.51 -35.63
C GLU D 1882 -30.70 7.73 -34.85
N ASN D 1883 -29.49 8.19 -35.19
CA ASN D 1883 -28.87 9.36 -34.57
C ASN D 1883 -28.44 9.07 -33.13
N HIS D 1884 -28.20 7.79 -32.82
CA HIS D 1884 -27.68 7.37 -31.53
C HIS D 1884 -28.61 7.84 -30.40
N ASN D 1885 -29.87 7.42 -30.50
CA ASN D 1885 -30.85 7.74 -29.47
C ASN D 1885 -30.77 6.66 -28.39
N ARG D 1886 -30.04 6.95 -27.31
CA ARG D 1886 -29.79 5.95 -26.28
C ARG D 1886 -31.09 5.50 -25.63
N ASP D 1887 -32.00 6.45 -25.38
CA ASP D 1887 -33.26 6.10 -24.72
C ASP D 1887 -34.05 5.07 -25.51
N LEU D 1888 -34.25 5.32 -26.80
CA LEU D 1888 -34.98 4.37 -27.63
C LEU D 1888 -34.21 3.06 -27.79
N GLN D 1889 -32.88 3.15 -27.93
CA GLN D 1889 -32.08 1.95 -28.08
C GLN D 1889 -32.25 1.02 -26.89
N ASN D 1890 -32.27 1.58 -25.68
CA ASN D 1890 -32.46 0.75 -24.48
C ASN D 1890 -33.93 0.35 -24.31
N PHE D 1891 -34.86 1.22 -24.73
CA PHE D 1891 -36.27 0.88 -24.58
C PHE D 1891 -36.64 -0.33 -25.42
N LEU D 1892 -36.14 -0.40 -26.65
CA LEU D 1892 -36.45 -1.54 -27.51
C LEU D 1892 -35.99 -2.84 -26.85
N ARG D 1893 -34.79 -2.84 -26.26
CA ARG D 1893 -34.32 -4.03 -25.57
C ARG D 1893 -35.19 -4.34 -24.36
N CYS D 1894 -35.49 -3.32 -23.54
CA CYS D 1894 -36.36 -3.48 -22.39
C CYS D 1894 -37.29 -2.27 -22.32
N GLN D 1895 -38.57 -2.51 -22.60
CA GLN D 1895 -39.60 -1.47 -22.64
C GLN D 1895 -40.11 -1.07 -21.26
N ASN D 1896 -39.68 -1.75 -20.19
CA ASN D 1896 -40.13 -1.44 -18.83
C ASN D 1896 -41.65 -1.59 -18.75
N ASN D 1897 -42.11 -2.83 -18.87
CA ASN D 1897 -43.53 -3.17 -18.75
C ASN D 1897 -43.66 -4.53 -18.07
N LYS D 1898 -44.91 -4.94 -17.86
CA LYS D 1898 -45.16 -6.24 -17.22
C LYS D 1898 -44.53 -7.37 -18.02
N THR D 1899 -44.72 -7.37 -19.34
CA THR D 1899 -44.11 -8.34 -20.23
C THR D 1899 -43.27 -7.57 -21.25
N ASN D 1900 -42.01 -7.97 -21.40
CA ASN D 1900 -41.05 -7.27 -22.25
C ASN D 1900 -40.68 -8.13 -23.44
N TYR D 1901 -40.66 -7.53 -24.62
CA TYR D 1901 -40.28 -8.20 -25.86
C TYR D 1901 -38.97 -7.60 -26.35
N ASN D 1902 -38.04 -8.47 -26.74
CA ASN D 1902 -36.69 -8.06 -27.11
C ASN D 1902 -36.57 -8.00 -28.62
N LEU D 1903 -37.00 -6.88 -29.20
CA LEU D 1903 -36.92 -6.72 -30.66
C LEU D 1903 -35.48 -6.77 -31.15
N VAL D 1904 -34.52 -6.34 -30.33
CA VAL D 1904 -33.12 -6.45 -30.71
C VAL D 1904 -32.75 -7.91 -30.92
N CYS D 1905 -33.18 -8.78 -30.00
CA CYS D 1905 -32.94 -10.20 -30.17
C CYS D 1905 -33.71 -10.76 -31.38
N GLU D 1906 -34.93 -10.29 -31.58
CA GLU D 1906 -35.73 -10.79 -32.71
C GLU D 1906 -35.07 -10.46 -34.04
N THR D 1907 -34.43 -9.29 -34.13
CA THR D 1907 -33.76 -8.92 -35.38
C THR D 1907 -32.65 -9.90 -35.72
N LEU D 1908 -31.81 -10.23 -34.73
CA LEU D 1908 -30.74 -11.20 -34.97
C LEU D 1908 -31.30 -12.58 -35.25
N GLN D 1909 -32.40 -12.95 -34.59
CA GLN D 1909 -33.03 -14.23 -34.88
C GLN D 1909 -33.53 -14.28 -36.32
N PHE D 1910 -34.13 -13.19 -36.79
CA PHE D 1910 -34.59 -13.14 -38.18
C PHE D 1910 -33.41 -13.25 -39.15
N LEU D 1911 -32.31 -12.55 -38.86
CA LEU D 1911 -31.13 -12.68 -39.71
C LEU D 1911 -30.65 -14.13 -39.75
N ASP D 1912 -30.58 -14.76 -38.58
CA ASP D 1912 -30.14 -16.15 -38.50
C ASP D 1912 -31.03 -17.06 -39.35
N ILE D 1913 -32.35 -16.95 -39.16
CA ILE D 1913 -33.26 -17.84 -39.88
C ILE D 1913 -33.19 -17.58 -41.37
N MET D 1914 -33.15 -16.32 -41.79
CA MET D 1914 -33.08 -16.00 -43.21
C MET D 1914 -31.81 -16.56 -43.84
N CYS D 1915 -30.68 -16.43 -43.14
CA CYS D 1915 -29.39 -16.85 -43.70
C CYS D 1915 -29.14 -18.35 -43.57
N GLY D 1916 -29.94 -19.06 -42.77
CA GLY D 1916 -29.88 -20.51 -42.76
C GLY D 1916 -29.30 -21.14 -41.52
N SER D 1917 -28.79 -20.35 -40.57
CA SER D 1917 -28.39 -20.84 -39.26
C SER D 1917 -27.15 -21.73 -39.41
N THR D 1918 -27.11 -22.90 -38.78
CA THR D 1918 -25.85 -23.65 -38.66
C THR D 1918 -25.33 -24.09 -40.01
N THR D 1919 -26.23 -24.46 -40.94
CA THR D 1919 -25.78 -24.86 -42.27
C THR D 1919 -25.10 -23.69 -42.97
N GLY D 1920 -25.70 -22.50 -42.91
CA GLY D 1920 -25.05 -21.33 -43.45
C GLY D 1920 -23.70 -21.06 -42.80
N GLY D 1921 -23.63 -21.26 -41.48
CA GLY D 1921 -22.34 -21.14 -40.82
C GLY D 1921 -21.32 -22.12 -41.36
N LEU D 1922 -21.75 -23.35 -41.63
CA LEU D 1922 -20.88 -24.32 -42.29
C LEU D 1922 -20.42 -23.82 -43.64
N GLY D 1923 -21.24 -23.05 -44.35
CA GLY D 1923 -20.80 -22.42 -45.57
C GLY D 1923 -21.77 -22.47 -46.73
N LEU D 1924 -23.01 -22.86 -46.46
CA LEU D 1924 -24.06 -22.85 -47.46
C LEU D 1924 -24.82 -21.53 -47.49
N LEU D 1925 -24.17 -20.43 -47.08
CA LEU D 1925 -24.83 -19.15 -47.01
C LEU D 1925 -25.28 -18.67 -48.38
N GLY D 1926 -24.47 -18.91 -49.40
CA GLY D 1926 -24.82 -18.44 -50.74
C GLY D 1926 -26.11 -19.06 -51.25
N LEU D 1927 -26.32 -20.34 -50.96
CA LEU D 1927 -27.54 -20.99 -51.42
C LEU D 1927 -28.78 -20.33 -50.82
N TYR D 1928 -28.75 -20.05 -49.52
CA TYR D 1928 -29.89 -19.40 -48.88
C TYR D 1928 -30.07 -17.96 -49.39
N ILE D 1929 -28.97 -17.23 -49.55
CA ILE D 1929 -29.06 -15.85 -50.01
C ILE D 1929 -29.36 -15.84 -51.50
N ASN D 1930 -30.28 -14.97 -51.91
CA ASN D 1930 -30.66 -14.85 -53.31
C ASN D 1930 -30.89 -13.39 -53.64
N GLU D 1931 -31.25 -13.13 -54.89
CA GLU D 1931 -31.44 -11.75 -55.34
C GLU D 1931 -32.59 -11.07 -54.61
N ASP D 1932 -33.68 -11.80 -54.37
CA ASP D 1932 -34.87 -11.18 -53.81
C ASP D 1932 -34.66 -10.74 -52.38
N ASN D 1933 -34.02 -11.57 -51.55
CA ASN D 1933 -33.92 -11.32 -50.12
C ASN D 1933 -32.65 -10.58 -49.73
N VAL D 1934 -31.76 -10.27 -50.69
CA VAL D 1934 -30.52 -9.58 -50.36
C VAL D 1934 -30.80 -8.22 -49.73
N GLY D 1935 -31.80 -7.52 -50.26
CA GLY D 1935 -32.16 -6.22 -49.68
C GLY D 1935 -32.64 -6.35 -48.25
N LEU D 1936 -33.45 -7.37 -47.97
CA LEU D 1936 -33.92 -7.58 -46.61
C LEU D 1936 -32.78 -7.91 -45.66
N VAL D 1937 -31.82 -8.72 -46.13
CA VAL D 1937 -30.65 -9.02 -45.29
C VAL D 1937 -29.86 -7.75 -45.02
N ILE D 1938 -29.69 -6.91 -46.04
CA ILE D 1938 -28.97 -5.65 -45.86
C ILE D 1938 -29.69 -4.77 -44.84
N GLN D 1939 -31.02 -4.71 -44.94
CA GLN D 1939 -31.79 -3.91 -43.99
C GLN D 1939 -31.64 -4.45 -42.57
N THR D 1940 -31.66 -5.77 -42.41
CA THR D 1940 -31.48 -6.36 -41.08
C THR D 1940 -30.12 -6.00 -40.51
N LEU D 1941 -29.07 -6.10 -41.32
CA LEU D 1941 -27.73 -5.75 -40.85
C LEU D 1941 -27.66 -4.27 -40.48
N GLU D 1942 -28.27 -3.40 -41.29
CA GLU D 1942 -28.27 -1.97 -40.99
C GLU D 1942 -29.00 -1.68 -39.68
N THR D 1943 -30.13 -2.36 -39.46
CA THR D 1943 -30.87 -2.17 -38.22
C THR D 1943 -30.06 -2.63 -37.01
N LEU D 1944 -29.36 -3.76 -37.14
CA LEU D 1944 -28.52 -4.23 -36.04
C LEU D 1944 -27.40 -3.23 -35.76
N THR D 1945 -26.79 -2.69 -36.82
CA THR D 1945 -25.74 -1.70 -36.63
C THR D 1945 -26.29 -0.46 -35.93
N GLU D 1946 -27.48 0.00 -36.32
CA GLU D 1946 -28.09 1.15 -35.67
C GLU D 1946 -28.36 0.86 -34.19
N TYR D 1947 -28.83 -0.35 -33.89
CA TYR D 1947 -29.01 -0.73 -32.49
C TYR D 1947 -27.70 -0.63 -31.72
N CYS D 1948 -26.63 -1.19 -32.29
CA CYS D 1948 -25.39 -1.32 -31.53
C CYS D 1948 -24.69 0.03 -31.35
N GLN D 1949 -24.62 0.85 -32.40
CA GLN D 1949 -23.80 2.04 -32.36
C GLN D 1949 -24.32 3.02 -31.31
N GLY D 1950 -23.42 3.93 -30.89
CA GLY D 1950 -23.77 4.98 -29.97
C GLY D 1950 -22.73 5.24 -28.88
N PRO D 1951 -22.08 4.19 -28.35
CA PRO D 1951 -22.38 2.76 -28.40
C PRO D 1951 -23.46 2.37 -27.40
N CYS D 1952 -24.18 1.29 -27.63
CA CYS D 1952 -25.11 0.72 -26.65
C CYS D 1952 -24.52 -0.59 -26.18
N HIS D 1953 -23.84 -0.55 -25.03
CA HIS D 1953 -23.10 -1.71 -24.56
C HIS D 1953 -24.02 -2.89 -24.30
N GLU D 1954 -25.22 -2.63 -23.79
CA GLU D 1954 -26.16 -3.72 -23.52
C GLU D 1954 -26.57 -4.42 -24.80
N ASN D 1955 -26.89 -3.65 -25.85
CA ASN D 1955 -27.26 -4.25 -27.12
C ASN D 1955 -26.08 -5.00 -27.74
N GLN D 1956 -24.88 -4.42 -27.64
CA GLN D 1956 -23.70 -5.11 -28.16
C GLN D 1956 -23.50 -6.45 -27.46
N THR D 1957 -23.60 -6.46 -26.14
CA THR D 1957 -23.46 -7.71 -25.40
C THR D 1957 -24.56 -8.70 -25.77
N CYS D 1958 -25.78 -8.23 -25.93
CA CYS D 1958 -26.88 -9.11 -26.32
C CYS D 1958 -26.58 -9.79 -27.66
N ILE D 1959 -26.19 -9.00 -28.66
CA ILE D 1959 -25.93 -9.57 -29.97
C ILE D 1959 -24.73 -10.51 -29.92
N VAL D 1960 -23.69 -10.14 -29.18
CA VAL D 1960 -22.47 -10.95 -29.16
C VAL D 1960 -22.74 -12.29 -28.46
N THR D 1961 -23.48 -12.27 -27.36
CA THR D 1961 -23.65 -13.45 -26.52
C THR D 1961 -25.01 -14.12 -26.67
N HIS D 1962 -25.77 -13.77 -27.70
CA HIS D 1962 -27.06 -14.41 -27.90
C HIS D 1962 -26.89 -15.91 -28.14
N GLU D 1963 -27.93 -16.67 -27.78
CA GLU D 1963 -27.84 -18.12 -27.89
C GLU D 1963 -27.93 -18.59 -29.33
N SER D 1964 -28.54 -17.78 -30.22
CA SER D 1964 -28.69 -18.21 -31.60
C SER D 1964 -27.36 -18.31 -32.32
N ASN D 1965 -26.33 -17.65 -31.81
CA ASN D 1965 -25.01 -17.61 -32.43
C ASN D 1965 -25.05 -16.91 -33.80
N GLY D 1966 -25.74 -15.77 -33.87
CA GLY D 1966 -25.82 -15.05 -35.13
C GLY D 1966 -24.55 -14.31 -35.48
N ILE D 1967 -23.63 -14.16 -34.52
CA ILE D 1967 -22.33 -13.56 -34.83
C ILE D 1967 -21.57 -14.45 -35.78
N ASP D 1968 -21.73 -15.76 -35.68
CA ASP D 1968 -21.15 -16.66 -36.66
C ASP D 1968 -21.66 -16.33 -38.06
N ILE D 1969 -22.96 -16.06 -38.18
CA ILE D 1969 -23.54 -15.73 -39.49
C ILE D 1969 -22.97 -14.41 -39.99
N ILE D 1970 -22.85 -13.44 -39.09
CA ILE D 1970 -22.32 -12.13 -39.46
C ILE D 1970 -20.90 -12.26 -40.00
N THR D 1971 -20.06 -13.05 -39.31
CA THR D 1971 -18.69 -13.24 -39.76
C THR D 1971 -18.63 -14.06 -41.05
N ALA D 1972 -19.53 -15.03 -41.19
CA ALA D 1972 -19.56 -15.83 -42.41
C ALA D 1972 -19.94 -14.99 -43.61
N LEU D 1973 -20.76 -13.95 -43.40
CA LEU D 1973 -21.08 -13.05 -44.50
C LEU D 1973 -19.82 -12.41 -45.06
N ILE D 1974 -18.92 -11.96 -44.17
CA ILE D 1974 -17.68 -11.34 -44.63
C ILE D 1974 -16.77 -12.39 -45.26
N LEU D 1975 -16.58 -13.53 -44.58
CA LEU D 1975 -15.57 -14.48 -45.03
C LEU D 1975 -15.98 -15.16 -46.33
N ASN D 1976 -17.24 -15.60 -46.42
CA ASN D 1976 -17.70 -16.33 -47.60
C ASN D 1976 -17.84 -15.40 -48.79
N ASP D 1977 -17.87 -16.00 -49.98
CA ASP D 1977 -17.95 -15.27 -51.23
C ASP D 1977 -19.38 -15.12 -51.75
N ILE D 1978 -20.35 -15.82 -51.15
CA ILE D 1978 -21.72 -15.80 -51.64
C ILE D 1978 -21.70 -16.10 -53.14
N SER D 1979 -21.19 -17.28 -53.49
CA SER D 1979 -20.92 -17.59 -54.89
C SER D 1979 -22.15 -17.51 -55.78
N PRO D 1980 -23.30 -18.11 -55.43
CA PRO D 1980 -24.43 -18.12 -56.38
C PRO D 1980 -24.86 -16.73 -56.81
N LEU D 1981 -24.86 -15.77 -55.88
CA LEU D 1981 -25.27 -14.40 -56.23
C LEU D 1981 -24.11 -13.62 -56.83
N CYS D 1982 -22.89 -13.86 -56.37
CA CYS D 1982 -21.75 -13.06 -56.80
C CYS D 1982 -21.61 -13.05 -58.32
N LYS D 1983 -21.94 -14.16 -58.98
CA LYS D 1983 -21.79 -14.22 -60.43
C LYS D 1983 -22.68 -13.21 -61.13
N TYR D 1984 -23.92 -13.07 -60.68
CA TYR D 1984 -24.87 -12.20 -61.37
C TYR D 1984 -24.79 -10.76 -60.87
N ARG D 1985 -24.77 -10.56 -59.54
CA ARG D 1985 -24.74 -9.22 -58.95
C ARG D 1985 -23.67 -9.20 -57.85
N MET D 1986 -22.46 -8.81 -58.25
CA MET D 1986 -21.36 -8.71 -57.30
C MET D 1986 -21.47 -7.47 -56.44
N ASP D 1987 -22.10 -6.40 -56.97
CA ASP D 1987 -22.24 -5.17 -56.21
C ASP D 1987 -23.08 -5.38 -54.96
N LEU D 1988 -24.16 -6.17 -55.08
CA LEU D 1988 -24.99 -6.44 -53.91
C LEU D 1988 -24.22 -7.22 -52.86
N VAL D 1989 -23.39 -8.17 -53.28
CA VAL D 1989 -22.56 -8.91 -52.33
C VAL D 1989 -21.56 -7.98 -51.66
N LEU D 1990 -20.99 -7.04 -52.42
CA LEU D 1990 -20.08 -6.07 -51.83
C LEU D 1990 -20.78 -5.22 -50.78
N GLN D 1991 -22.00 -4.77 -51.09
CA GLN D 1991 -22.78 -4.01 -50.13
C GLN D 1991 -23.06 -4.83 -48.88
N LEU D 1992 -23.41 -6.11 -49.06
CA LEU D 1992 -23.65 -6.98 -47.92
C LEU D 1992 -22.42 -7.10 -47.04
N LYS D 1993 -21.25 -7.30 -47.66
CA LYS D 1993 -20.02 -7.43 -46.89
C LYS D 1993 -19.69 -6.13 -46.16
N ASP D 1994 -19.90 -4.99 -46.83
CA ASP D 1994 -19.64 -3.70 -46.17
C ASP D 1994 -20.54 -3.51 -44.96
N ASN D 1995 -21.83 -3.85 -45.10
CA ASN D 1995 -22.74 -3.73 -43.97
C ASN D 1995 -22.36 -4.66 -42.84
N ALA D 1996 -21.94 -5.88 -43.17
CA ALA D 1996 -21.49 -6.82 -42.14
C ALA D 1996 -20.28 -6.28 -41.40
N SER D 1997 -19.33 -5.69 -42.14
CA SER D 1997 -18.15 -5.11 -41.50
C SER D 1997 -18.54 -3.96 -40.60
N LYS D 1998 -19.48 -3.11 -41.04
CA LYS D 1998 -19.94 -2.02 -40.20
C LYS D 1998 -20.57 -2.55 -38.91
N LEU D 1999 -21.40 -3.60 -39.02
CA LEU D 1999 -22.01 -4.18 -37.84
C LEU D 1999 -20.97 -4.75 -36.89
N LEU D 2000 -19.97 -5.44 -37.43
CA LEU D 2000 -18.93 -6.01 -36.59
C LEU D 2000 -18.14 -4.93 -35.88
N LEU D 2001 -17.83 -3.83 -36.58
CA LEU D 2001 -17.14 -2.72 -35.94
C LEU D 2001 -18.00 -2.10 -34.85
N ALA D 2002 -19.29 -1.95 -35.11
CA ALA D 2002 -20.20 -1.42 -34.09
C ALA D 2002 -20.20 -2.31 -32.86
N LEU D 2003 -20.12 -3.62 -33.05
CA LEU D 2003 -20.08 -4.54 -31.92
C LEU D 2003 -18.83 -4.35 -31.06
N MET D 2004 -17.79 -3.73 -31.60
CA MET D 2004 -16.56 -3.44 -30.85
C MET D 2004 -16.31 -1.94 -30.76
N GLU D 2005 -17.37 -1.14 -30.91
CA GLU D 2005 -17.22 0.32 -30.92
C GLU D 2005 -16.27 0.80 -29.84
N SER D 2006 -16.61 0.56 -28.56
CA SER D 2006 -15.82 1.11 -27.46
C SER D 2006 -15.62 0.11 -26.33
N ARG D 2007 -15.50 -1.18 -26.62
CA ARG D 2007 -15.31 -2.19 -25.58
C ARG D 2007 -13.82 -2.32 -25.29
N HIS D 2008 -13.39 -1.81 -24.13
CA HIS D 2008 -11.99 -1.95 -23.74
C HIS D 2008 -11.63 -3.40 -23.50
N ASP D 2009 -12.54 -4.18 -22.94
CA ASP D 2009 -12.29 -5.59 -22.73
C ASP D 2009 -12.27 -6.35 -24.06
N SER D 2010 -11.74 -7.56 -24.03
CA SER D 2010 -11.51 -8.36 -25.23
C SER D 2010 -12.53 -9.49 -25.39
N GLU D 2011 -13.61 -9.49 -24.62
CA GLU D 2011 -14.58 -10.58 -24.71
C GLU D 2011 -15.24 -10.62 -26.09
N ASN D 2012 -15.76 -9.47 -26.55
CA ASN D 2012 -16.41 -9.43 -27.85
C ASN D 2012 -15.44 -9.76 -28.97
N ALA D 2013 -14.22 -9.22 -28.91
CA ALA D 2013 -13.23 -9.51 -29.93
C ALA D 2013 -12.89 -10.99 -29.96
N GLU D 2014 -12.75 -11.61 -28.80
CA GLU D 2014 -12.48 -13.05 -28.75
C GLU D 2014 -13.63 -13.83 -29.36
N ARG D 2015 -14.87 -13.48 -29.02
CA ARG D 2015 -16.00 -14.23 -29.56
C ARG D 2015 -16.06 -14.10 -31.08
N ILE D 2016 -15.83 -12.89 -31.60
CA ILE D 2016 -15.81 -12.71 -33.06
C ILE D 2016 -14.68 -13.51 -33.68
N LEU D 2017 -13.48 -13.45 -33.08
CA LEU D 2017 -12.33 -14.15 -33.65
C LEU D 2017 -12.52 -15.66 -33.65
N ILE D 2018 -13.34 -16.18 -32.74
CA ILE D 2018 -13.59 -17.62 -32.73
C ILE D 2018 -14.08 -18.08 -34.10
N SER D 2019 -14.99 -17.33 -34.71
CA SER D 2019 -15.49 -17.67 -36.04
C SER D 2019 -14.70 -17.03 -37.17
N LEU D 2020 -14.11 -15.85 -36.93
CA LEU D 2020 -13.37 -15.11 -37.95
C LEU D 2020 -11.89 -15.48 -37.82
N ARG D 2021 -11.49 -16.51 -38.57
CA ARG D 2021 -10.10 -16.93 -38.53
C ARG D 2021 -9.21 -15.85 -39.16
N PRO D 2022 -8.01 -15.63 -38.63
CA PRO D 2022 -7.19 -14.52 -39.13
C PRO D 2022 -6.78 -14.67 -40.59
N GLN D 2023 -6.31 -15.85 -40.98
CA GLN D 2023 -5.79 -16.04 -42.34
C GLN D 2023 -6.86 -15.71 -43.37
N GLU D 2024 -8.09 -16.19 -43.17
CA GLU D 2024 -9.15 -15.90 -44.12
C GLU D 2024 -9.44 -14.41 -44.20
N LEU D 2025 -9.39 -13.72 -43.04
CA LEU D 2025 -9.63 -12.29 -43.04
C LEU D 2025 -8.57 -11.56 -43.85
N VAL D 2026 -7.30 -11.91 -43.68
CA VAL D 2026 -6.23 -11.26 -44.44
C VAL D 2026 -6.39 -11.57 -45.92
N ASP D 2027 -6.73 -12.82 -46.25
CA ASP D 2027 -6.91 -13.20 -47.64
C ASP D 2027 -8.04 -12.38 -48.28
N VAL D 2028 -9.15 -12.20 -47.55
CA VAL D 2028 -10.26 -11.40 -48.07
C VAL D 2028 -9.82 -9.96 -48.28
N ILE D 2029 -9.07 -9.41 -47.32
CA ILE D 2029 -8.63 -8.01 -47.43
C ILE D 2029 -7.78 -7.84 -48.68
N LYS D 2030 -6.85 -8.76 -48.93
CA LYS D 2030 -6.03 -8.69 -50.14
C LYS D 2030 -6.89 -8.90 -51.38
N LYS D 2031 -7.85 -9.82 -51.32
CA LYS D 2031 -8.62 -10.19 -52.50
C LYS D 2031 -9.49 -9.04 -52.98
N ALA D 2032 -10.06 -8.27 -52.06
CA ALA D 2032 -10.84 -7.11 -52.47
C ALA D 2032 -9.99 -6.12 -53.27
N TYR D 2033 -8.81 -5.78 -52.73
CA TYR D 2033 -7.92 -4.87 -53.43
C TYR D 2033 -7.56 -5.40 -54.81
N LEU D 2034 -7.25 -6.69 -54.90
CA LEU D 2034 -6.96 -7.27 -56.21
C LEU D 2034 -8.18 -7.19 -57.12
N GLN D 2035 -9.38 -7.42 -56.57
CA GLN D 2035 -10.62 -7.33 -57.32
C GLN D 2035 -10.94 -5.93 -57.80
N GLU D 2036 -10.26 -4.91 -57.25
CA GLU D 2036 -10.52 -3.54 -57.70
C GLU D 2036 -10.50 -3.43 -59.22
N GLU D 2037 -9.52 -4.06 -59.88
CA GLU D 2037 -9.40 -3.95 -61.32
C GLU D 2037 -10.63 -4.52 -62.02
N GLU D 2038 -11.25 -5.56 -61.44
CA GLU D 2038 -12.44 -6.16 -62.01
C GLU D 2038 -13.70 -5.33 -61.78
N ARG D 2039 -13.58 -4.21 -61.06
CA ARG D 2039 -14.74 -3.40 -60.75
C ARG D 2039 -15.37 -2.83 -62.02
N GLU D 2040 -16.70 -2.73 -62.01
CA GLU D 2040 -17.46 -1.98 -62.99
C GLU D 2040 -18.09 -0.77 -62.32
N ASN D 2041 -18.38 0.25 -63.12
CA ASN D 2041 -18.90 1.50 -62.58
C ASN D 2041 -20.06 1.24 -61.63
N SER D 2042 -19.86 1.58 -60.36
CA SER D 2042 -20.87 1.37 -59.34
C SER D 2042 -20.56 2.28 -58.15
N GLU D 2043 -21.58 2.50 -57.33
CA GLU D 2043 -21.40 3.35 -56.15
C GLU D 2043 -20.40 2.74 -55.18
N VAL D 2044 -20.49 1.43 -54.94
CA VAL D 2044 -19.59 0.76 -54.02
C VAL D 2044 -18.26 0.51 -54.69
N SER D 2045 -17.20 0.43 -53.88
CA SER D 2045 -15.86 0.19 -54.38
C SER D 2045 -15.23 -1.00 -53.64
N PRO D 2046 -14.70 -1.99 -54.36
CA PRO D 2046 -14.00 -3.08 -53.67
C PRO D 2046 -12.86 -2.58 -52.79
N ARG D 2047 -12.17 -1.52 -53.22
CA ARG D 2047 -11.11 -0.96 -52.40
C ARG D 2047 -11.66 -0.41 -51.09
N GLU D 2048 -12.80 0.28 -51.14
CA GLU D 2048 -13.39 0.81 -49.92
C GLU D 2048 -13.86 -0.30 -48.99
N VAL D 2049 -14.46 -1.36 -49.56
CA VAL D 2049 -14.89 -2.48 -48.72
C VAL D 2049 -13.68 -3.15 -48.08
N GLY D 2050 -12.61 -3.33 -48.86
CA GLY D 2050 -11.40 -3.90 -48.30
C GLY D 2050 -10.79 -3.02 -47.23
N HIS D 2051 -10.88 -1.70 -47.40
CA HIS D 2051 -10.39 -0.78 -46.39
C HIS D 2051 -11.17 -0.91 -45.09
N ASN D 2052 -12.50 -1.02 -45.19
CA ASN D 2052 -13.31 -1.22 -43.98
C ASN D 2052 -12.96 -2.53 -43.29
N ILE D 2053 -12.82 -3.60 -44.07
CA ILE D 2053 -12.46 -4.90 -43.48
C ILE D 2053 -11.06 -4.81 -42.87
N TYR D 2054 -10.17 -4.04 -43.50
CA TYR D 2054 -8.82 -3.84 -42.97
C TYR D 2054 -8.86 -3.12 -41.64
N ILE D 2055 -9.72 -2.11 -41.51
CA ILE D 2055 -9.86 -1.41 -40.23
C ILE D 2055 -10.38 -2.37 -39.16
N LEU D 2056 -11.37 -3.19 -39.52
CA LEU D 2056 -11.85 -4.20 -38.57
C LEU D 2056 -10.73 -5.15 -38.16
N ALA D 2057 -9.92 -5.59 -39.13
CA ALA D 2057 -8.82 -6.49 -38.82
C ALA D 2057 -7.80 -5.82 -37.91
N LEU D 2058 -7.50 -4.54 -38.16
CA LEU D 2058 -6.56 -3.82 -37.30
C LEU D 2058 -7.09 -3.73 -35.87
N GLN D 2059 -8.39 -3.44 -35.71
CA GLN D 2059 -8.95 -3.38 -34.38
C GLN D 2059 -8.91 -4.74 -33.70
N LEU D 2060 -9.17 -5.81 -34.45
CA LEU D 2060 -9.17 -7.14 -33.87
C LEU D 2060 -7.77 -7.62 -33.54
N SER D 2061 -6.75 -7.13 -34.26
CA SER D 2061 -5.40 -7.64 -34.09
C SER D 2061 -4.86 -7.36 -32.69
N ARG D 2062 -5.42 -6.38 -31.98
CA ARG D 2062 -4.91 -6.05 -30.65
C ARG D 2062 -5.03 -7.24 -29.70
N HIS D 2063 -5.99 -8.13 -29.95
CA HIS D 2063 -6.23 -9.26 -29.08
C HIS D 2063 -5.75 -10.59 -29.66
N ASN D 2064 -5.15 -10.58 -30.86
CA ASN D 2064 -4.63 -11.78 -31.49
C ASN D 2064 -3.30 -11.44 -32.15
N LYS D 2065 -2.30 -12.31 -31.95
CA LYS D 2065 -0.97 -12.01 -32.45
C LYS D 2065 -0.78 -12.51 -33.88
N GLN D 2066 -1.41 -13.64 -34.22
CA GLN D 2066 -1.29 -14.16 -35.58
C GLN D 2066 -1.86 -13.17 -36.59
N LEU D 2067 -3.02 -12.57 -36.28
CA LEU D 2067 -3.59 -11.60 -37.18
C LEU D 2067 -2.68 -10.38 -37.32
N GLN D 2068 -2.07 -9.94 -36.23
CA GLN D 2068 -1.14 -8.81 -36.31
C GLN D 2068 0.03 -9.14 -37.23
N HIS D 2069 0.61 -10.32 -37.07
CA HIS D 2069 1.75 -10.70 -37.90
C HIS D 2069 1.35 -10.79 -39.37
N LEU D 2070 0.20 -11.40 -39.66
CA LEU D 2070 -0.25 -11.49 -41.04
C LEU D 2070 -0.55 -10.12 -41.62
N LEU D 2071 -1.11 -9.21 -40.81
CA LEU D 2071 -1.48 -7.90 -41.30
C LEU D 2071 -0.25 -7.03 -41.56
N LYS D 2072 0.82 -7.24 -40.81
CA LYS D 2072 2.02 -6.44 -41.04
C LYS D 2072 2.48 -6.59 -42.48
N PRO D 2073 2.73 -5.49 -43.20
CA PRO D 2073 3.12 -5.62 -44.61
C PRO D 2073 4.54 -6.16 -44.76
N VAL D 2074 4.84 -6.57 -45.99
CA VAL D 2074 6.17 -7.08 -46.32
C VAL D 2074 7.22 -5.99 -46.09
N GLU D 2111 1.54 -2.19 -55.19
CA GLU D 2111 1.30 -3.57 -55.56
C GLU D 2111 0.75 -4.36 -54.39
N ASP D 2112 1.34 -4.16 -53.21
CA ASP D 2112 0.90 -4.89 -52.03
C ASP D 2112 -0.38 -4.26 -51.48
N PRO D 2113 -1.49 -5.00 -51.40
CA PRO D 2113 -2.71 -4.40 -50.83
C PRO D 2113 -2.54 -3.89 -49.42
N LEU D 2114 -1.82 -4.64 -48.57
CA LEU D 2114 -1.65 -4.23 -47.19
C LEU D 2114 -0.86 -2.94 -47.10
N ALA D 2115 0.14 -2.77 -47.98
CA ALA D 2115 0.90 -1.53 -47.98
C ALA D 2115 0.00 -0.33 -48.24
N TYR D 2116 -0.83 -0.41 -49.28
CA TYR D 2116 -1.73 0.69 -49.60
C TYR D 2116 -2.69 0.97 -48.46
N TYR D 2117 -3.31 -0.08 -47.91
CA TYR D 2117 -4.29 0.13 -46.84
C TYR D 2117 -3.63 0.71 -45.60
N GLU D 2118 -2.45 0.21 -45.23
CA GLU D 2118 -1.75 0.76 -44.08
C GLU D 2118 -1.37 2.23 -44.31
N ASN D 2119 -0.92 2.56 -45.52
CA ASN D 2119 -0.57 3.94 -45.81
C ASN D 2119 -1.78 4.85 -45.74
N HIS D 2120 -2.95 4.36 -46.14
CA HIS D 2120 -4.15 5.17 -46.19
C HIS D 2120 -5.05 5.01 -44.98
N THR D 2121 -4.61 4.30 -43.95
CA THR D 2121 -5.31 4.21 -42.67
C THR D 2121 -4.56 5.03 -41.63
N SER D 2122 -5.30 5.77 -40.80
CA SER D 2122 -4.70 6.58 -39.75
C SER D 2122 -5.44 6.37 -38.43
N GLN D 2123 -4.82 6.86 -37.36
CA GLN D 2123 -5.35 6.71 -36.01
C GLN D 2123 -5.22 8.03 -35.26
N ILE D 2124 -6.18 8.31 -34.39
CA ILE D 2124 -6.15 9.48 -33.51
C ILE D 2124 -6.60 9.07 -32.12
N GLU D 2125 -6.44 10.00 -31.18
CA GLU D 2125 -6.77 9.78 -29.78
C GLU D 2125 -7.73 10.88 -29.35
N ILE D 2126 -8.89 10.50 -28.81
CA ILE D 2126 -9.93 11.44 -28.43
C ILE D 2126 -10.36 11.18 -27.00
N VAL D 2127 -10.58 12.26 -26.25
CA VAL D 2127 -11.09 12.18 -24.89
C VAL D 2127 -12.60 12.33 -24.94
N ARG D 2128 -13.32 11.32 -24.43
CA ARG D 2128 -14.76 11.34 -24.45
C ARG D 2128 -15.30 12.20 -23.31
N GLN D 2129 -16.63 12.27 -23.22
CA GLN D 2129 -17.25 13.06 -22.17
C GLN D 2129 -16.92 12.50 -20.78
N ASP D 2130 -16.86 11.17 -20.67
CA ASP D 2130 -16.54 10.55 -19.39
C ASP D 2130 -15.08 10.67 -19.02
N ARG D 2131 -14.30 11.46 -19.75
CA ARG D 2131 -12.88 11.72 -19.48
C ARG D 2131 -12.01 10.50 -19.73
N SER D 2132 -12.49 9.54 -20.51
CA SER D 2132 -11.70 8.37 -20.88
C SER D 2132 -11.20 8.55 -22.30
N MET D 2133 -9.98 8.09 -22.57
CA MET D 2133 -9.40 8.21 -23.89
C MET D 2133 -9.73 6.99 -24.74
N GLU D 2134 -9.99 7.23 -26.02
CA GLU D 2134 -10.24 6.18 -26.98
C GLU D 2134 -9.44 6.45 -28.24
N GLN D 2135 -9.09 5.37 -28.94
CA GLN D 2135 -8.35 5.45 -30.19
C GLN D 2135 -9.32 5.23 -31.34
N ILE D 2136 -9.34 6.16 -32.28
CA ILE D 2136 -10.19 6.09 -33.45
C ILE D 2136 -9.33 5.80 -34.67
N VAL D 2137 -9.58 4.66 -35.31
CA VAL D 2137 -8.88 4.28 -36.54
C VAL D 2137 -9.81 4.57 -37.70
N PHE D 2138 -9.39 5.46 -38.59
CA PHE D 2138 -10.23 5.91 -39.68
C PHE D 2138 -9.46 5.86 -41.00
N PRO D 2139 -10.17 5.72 -42.12
CA PRO D 2139 -9.50 5.80 -43.44
C PRO D 2139 -9.29 7.25 -43.84
N VAL D 2140 -8.11 7.55 -44.38
CA VAL D 2140 -7.79 8.94 -44.69
C VAL D 2140 -8.72 9.43 -45.79
N PRO D 2141 -9.32 10.62 -45.66
CA PRO D 2141 -10.08 11.18 -46.79
C PRO D 2141 -9.18 11.38 -48.00
N GLY D 2142 -9.74 11.14 -49.19
CA GLY D 2142 -8.95 11.26 -50.40
C GLY D 2142 -8.49 12.68 -50.67
N ILE D 2143 -9.22 13.66 -50.14
CA ILE D 2143 -8.89 15.05 -50.44
C ILE D 2143 -7.68 15.49 -49.64
N CYS D 2144 -7.31 14.74 -48.60
CA CYS D 2144 -6.21 15.16 -47.74
C CYS D 2144 -4.87 15.02 -48.44
N GLN D 2145 -4.80 14.24 -49.52
CA GLN D 2145 -3.53 14.01 -50.19
C GLN D 2145 -3.02 15.26 -50.89
N PHE D 2146 -3.89 16.26 -51.11
CA PHE D 2146 -3.51 17.43 -51.89
C PHE D 2146 -2.88 18.53 -51.05
N LEU D 2147 -2.81 18.37 -49.73
CA LEU D 2147 -2.23 19.41 -48.88
C LEU D 2147 -0.76 19.61 -49.22
N THR D 2148 -0.31 20.86 -49.17
CA THR D 2148 1.04 21.20 -49.60
C THR D 2148 2.03 21.18 -48.44
N GLU D 2149 3.24 20.72 -48.75
CA GLU D 2149 4.29 20.67 -47.74
C GLU D 2149 4.63 22.07 -47.23
N GLU D 2150 4.61 23.07 -48.12
CA GLU D 2150 4.87 24.43 -47.69
C GLU D 2150 3.84 24.89 -46.67
N THR D 2151 2.55 24.62 -46.93
CA THR D 2151 1.51 24.99 -45.99
C THR D 2151 1.67 24.25 -44.68
N LYS D 2152 2.00 22.96 -44.74
CA LYS D 2152 2.19 22.19 -43.51
C LYS D 2152 3.33 22.76 -42.67
N HIS D 2153 4.45 23.07 -43.31
CA HIS D 2153 5.60 23.63 -42.59
C HIS D 2153 5.25 25.00 -42.01
N ARG D 2154 4.56 25.83 -42.78
CA ARG D 2154 4.18 27.15 -42.28
C ARG D 2154 3.29 27.02 -41.06
N LEU D 2155 2.29 26.13 -41.11
CA LEU D 2155 1.42 25.94 -39.96
C LEU D 2155 2.21 25.43 -38.76
N PHE D 2156 3.13 24.50 -38.98
CA PHE D 2156 3.91 23.96 -37.86
C PHE D 2156 4.78 25.02 -37.21
N THR D 2157 5.40 25.88 -38.02
CA THR D 2157 6.40 26.83 -37.52
C THR D 2157 5.84 28.22 -37.25
N THR D 2158 4.54 28.45 -37.45
CA THR D 2158 3.95 29.77 -37.22
C THR D 2158 2.94 29.80 -36.08
N THR D 2159 2.30 28.67 -35.77
CA THR D 2159 1.24 28.68 -34.77
C THR D 2159 1.79 29.15 -33.43
N GLU D 2160 0.99 29.94 -32.72
CA GLU D 2160 1.38 30.57 -31.47
C GLU D 2160 0.56 29.98 -30.32
N GLN D 2161 1.23 29.71 -29.21
CA GLN D 2161 0.54 29.18 -28.04
C GLN D 2161 -0.40 30.24 -27.46
N ASP D 2162 -1.50 29.77 -26.87
CA ASP D 2162 -2.46 30.65 -26.21
C ASP D 2162 -2.04 30.90 -24.77
N GLU D 2163 -2.92 31.55 -24.01
CA GLU D 2163 -2.63 31.82 -22.60
C GLU D 2163 -2.48 30.51 -21.83
N GLN D 2164 -3.35 29.54 -22.09
CA GLN D 2164 -3.26 28.25 -21.42
C GLN D 2164 -2.06 27.42 -21.88
N GLY D 2165 -1.41 27.80 -22.97
CA GLY D 2165 -0.24 27.11 -23.45
C GLY D 2165 -0.48 26.04 -24.48
N SER D 2166 -1.58 26.09 -25.21
CA SER D 2166 -1.92 25.07 -26.20
C SER D 2166 -2.09 25.70 -27.58
N LYS D 2167 -1.64 24.98 -28.61
CA LYS D 2167 -1.77 25.39 -30.00
C LYS D 2167 -2.98 24.77 -30.68
N VAL D 2168 -3.77 23.99 -29.94
CA VAL D 2168 -4.92 23.30 -30.51
C VAL D 2168 -5.93 24.30 -31.07
N SER D 2169 -6.11 25.42 -30.36
CA SER D 2169 -7.08 26.42 -30.82
C SER D 2169 -6.70 26.96 -32.18
N ASP D 2170 -5.44 27.34 -32.36
CA ASP D 2170 -5.00 27.86 -33.65
C ASP D 2170 -5.10 26.80 -34.74
N PHE D 2171 -4.70 25.57 -34.44
CA PHE D 2171 -4.79 24.51 -35.43
C PHE D 2171 -6.23 24.32 -35.89
N PHE D 2172 -7.17 24.27 -34.94
CA PHE D 2172 -8.58 24.13 -35.27
C PHE D 2172 -9.07 25.33 -36.08
N ASP D 2173 -8.59 26.53 -35.75
CA ASP D 2173 -9.00 27.71 -36.48
C ASP D 2173 -8.57 27.63 -37.94
N GLN D 2174 -7.37 27.14 -38.19
CA GLN D 2174 -6.84 27.07 -39.56
C GLN D 2174 -7.29 25.82 -40.31
N SER D 2175 -7.97 24.88 -39.65
CA SER D 2175 -8.43 23.68 -40.33
C SER D 2175 -9.26 23.99 -41.57
N SER D 2176 -10.22 24.93 -41.47
CA SER D 2176 -11.10 25.20 -42.60
C SER D 2176 -10.33 25.78 -43.78
N PHE D 2177 -9.43 26.73 -43.49
CA PHE D 2177 -8.58 27.26 -44.56
C PHE D 2177 -7.76 26.16 -45.20
N LEU D 2178 -7.30 25.19 -44.39
CA LEU D 2178 -6.57 24.06 -44.96
C LEU D 2178 -7.44 23.26 -45.91
N HIS D 2179 -8.70 23.01 -45.54
CA HIS D 2179 -9.61 22.28 -46.42
C HIS D 2179 -9.80 23.02 -47.74
N ASN D 2180 -10.04 24.33 -47.67
CA ASN D 2180 -10.21 25.11 -48.90
C ASN D 2180 -8.93 25.05 -49.74
N GLU D 2181 -7.77 25.11 -49.10
CA GLU D 2181 -6.51 25.02 -49.82
C GLU D 2181 -6.37 23.68 -50.53
N MET D 2182 -6.78 22.60 -49.87
CA MET D 2182 -6.71 21.29 -50.51
C MET D 2182 -7.59 21.24 -51.75
N GLU D 2183 -8.82 21.76 -51.65
CA GLU D 2183 -9.69 21.78 -52.82
C GLU D 2183 -9.08 22.60 -53.96
N TRP D 2184 -8.53 23.77 -53.62
CA TRP D 2184 -7.91 24.61 -54.64
C TRP D 2184 -6.71 23.92 -55.28
N GLN D 2185 -5.93 23.20 -54.48
CA GLN D 2185 -4.78 22.48 -55.03
C GLN D 2185 -5.23 21.39 -55.99
N ARG D 2186 -6.31 20.68 -55.65
CA ARG D 2186 -6.84 19.68 -56.58
C ARG D 2186 -7.26 20.33 -57.89
N LYS D 2187 -7.95 21.46 -57.82
CA LYS D 2187 -8.36 22.14 -59.05
C LYS D 2187 -7.16 22.61 -59.86
N LEU D 2188 -6.13 23.13 -59.18
CA LEU D 2188 -4.93 23.57 -59.88
C LEU D 2188 -4.24 22.42 -60.58
N ARG D 2189 -4.13 21.27 -59.90
CA ARG D 2189 -3.56 20.09 -60.55
C ARG D 2189 -4.40 19.68 -61.75
N SER D 2190 -5.72 19.85 -61.66
CA SER D 2190 -6.56 19.61 -62.83
C SER D 2190 -6.17 20.52 -63.99
N MET D 2191 -5.90 21.79 -63.69
CA MET D 2191 -5.51 22.74 -64.74
C MET D 2191 -4.02 22.59 -65.07
N PRO D 2192 -3.66 22.14 -66.28
CA PRO D 2192 -2.23 21.87 -66.56
C PRO D 2192 -1.36 23.12 -66.63
N LEU D 2193 -1.70 24.09 -67.48
CA LEU D 2193 -0.79 25.20 -67.75
C LEU D 2193 -0.56 26.03 -66.50
N ILE D 2194 -1.64 26.37 -65.78
CA ILE D 2194 -1.50 27.14 -64.56
C ILE D 2194 -0.69 26.36 -63.53
N TYR D 2195 -0.84 25.04 -63.52
CA TYR D 2195 -0.01 24.21 -62.65
C TYR D 2195 1.46 24.33 -63.01
N TRP D 2196 1.76 24.30 -64.31
CA TRP D 2196 3.16 24.43 -64.74
C TRP D 2196 3.74 25.77 -64.31
N PHE D 2197 2.97 26.85 -64.47
CA PHE D 2197 3.47 28.15 -64.06
C PHE D 2197 3.62 28.23 -62.54
N SER D 2198 2.68 27.65 -61.80
CA SER D 2198 2.72 27.75 -60.34
C SER D 2198 3.90 26.98 -59.76
N ARG D 2199 4.20 25.80 -60.31
CA ARG D 2199 5.23 24.96 -59.71
C ARG D 2199 6.59 25.65 -59.71
N ARG D 2200 6.81 26.59 -60.64
CA ARG D 2200 8.11 27.23 -60.84
C ARG D 2200 8.12 28.66 -60.30
N MET D 2201 7.48 28.89 -59.15
CA MET D 2201 7.43 30.24 -58.59
C MET D 2201 8.82 30.76 -58.25
N THR D 2202 9.68 29.90 -57.69
CA THR D 2202 11.01 30.34 -57.28
C THR D 2202 11.83 30.85 -58.47
N LEU D 2203 11.73 30.16 -59.60
CA LEU D 2203 12.51 30.54 -60.77
C LEU D 2203 12.18 31.96 -61.21
N TRP D 2204 10.90 32.33 -61.21
CA TRP D 2204 10.51 33.68 -61.60
C TRP D 2204 11.07 34.72 -60.65
N GLY D 2205 11.04 34.44 -59.35
CA GLY D 2205 11.61 35.37 -58.38
C GLY D 2205 13.10 35.57 -58.59
N SER D 2206 13.82 34.46 -58.80
CA SER D 2206 15.26 34.58 -59.07
C SER D 2206 15.52 35.40 -60.32
N ILE D 2207 14.75 35.14 -61.39
CA ILE D 2207 14.92 35.89 -62.62
C ILE D 2207 14.69 37.38 -62.38
N SER D 2208 13.62 37.71 -61.65
CA SER D 2208 13.31 39.11 -61.40
C SER D 2208 14.41 39.79 -60.61
N PHE D 2209 14.91 39.13 -59.56
CA PHE D 2209 15.96 39.74 -58.76
C PHE D 2209 17.23 39.95 -59.57
N ASN D 2210 17.63 38.95 -60.36
CA ASN D 2210 18.82 39.10 -61.18
C ASN D 2210 18.66 40.20 -62.21
N LEU D 2211 17.48 40.28 -62.84
CA LEU D 2211 17.24 41.33 -63.83
C LEU D 2211 17.31 42.70 -63.19
N ALA D 2212 16.70 42.86 -62.01
CA ALA D 2212 16.75 44.16 -61.33
C ALA D 2212 18.18 44.54 -61.00
N VAL D 2213 18.96 43.59 -60.47
CA VAL D 2213 20.35 43.89 -60.12
C VAL D 2213 21.14 44.31 -61.35
N PHE D 2214 20.99 43.58 -62.46
CA PHE D 2214 21.73 43.92 -63.67
C PHE D 2214 21.32 45.28 -64.21
N ILE D 2215 20.01 45.57 -64.21
CA ILE D 2215 19.53 46.85 -64.71
C ILE D 2215 20.13 47.98 -63.87
N ASN D 2216 20.13 47.82 -62.55
CA ASN D 2216 20.65 48.87 -61.69
C ASN D 2216 22.15 49.03 -61.85
N ILE D 2217 22.88 47.93 -62.03
CA ILE D 2217 24.31 48.02 -62.28
C ILE D 2217 24.58 48.80 -63.56
N ILE D 2218 23.84 48.48 -64.62
CA ILE D 2218 24.02 49.18 -65.89
C ILE D 2218 23.73 50.67 -65.72
N ILE D 2219 22.62 50.99 -65.06
CA ILE D 2219 22.25 52.39 -64.88
C ILE D 2219 23.32 53.13 -64.09
N ALA D 2220 23.81 52.53 -63.01
CA ALA D 2220 24.81 53.18 -62.19
C ALA D 2220 26.10 53.41 -62.96
N PHE D 2221 26.53 52.42 -63.75
CA PHE D 2221 27.83 52.52 -64.40
C PHE D 2221 27.79 53.47 -65.59
N PHE D 2222 26.68 53.52 -66.32
CA PHE D 2222 26.64 54.27 -67.57
C PHE D 2222 25.85 55.57 -67.49
N TYR D 2223 24.85 55.67 -66.62
CA TYR D 2223 24.06 56.89 -66.57
C TYR D 2223 24.94 58.06 -66.11
N PRO D 2224 24.82 59.24 -66.73
CA PRO D 2224 23.96 59.58 -67.89
C PRO D 2224 24.54 59.04 -69.19
N TYR D 2225 23.71 58.46 -70.05
CA TYR D 2225 24.15 57.91 -71.33
C TYR D 2225 23.41 58.64 -72.46
N MET D 2226 24.16 59.04 -73.48
CA MET D 2226 23.61 59.74 -74.64
C MET D 2226 22.67 60.87 -74.20
N SER D 2260 26.80 27.74 -63.76
CA SER D 2260 25.77 28.78 -63.76
C SER D 2260 25.70 29.46 -65.13
N ILE D 2261 24.51 29.91 -65.48
CA ILE D 2261 24.29 30.64 -66.73
C ILE D 2261 24.44 32.15 -66.54
N ARG D 2262 24.69 32.61 -65.32
CA ARG D 2262 24.90 34.03 -65.09
C ARG D 2262 26.05 34.61 -65.89
N PRO D 2263 27.22 33.95 -65.98
CA PRO D 2263 28.27 34.50 -66.86
C PRO D 2263 27.84 34.62 -68.30
N LEU D 2264 27.08 33.64 -68.81
CA LEU D 2264 26.61 33.71 -70.19
C LEU D 2264 25.64 34.88 -70.36
N ILE D 2265 24.75 35.08 -69.40
CA ILE D 2265 23.81 36.20 -69.49
C ILE D 2265 24.55 37.52 -69.41
N VAL D 2266 25.60 37.59 -68.59
CA VAL D 2266 26.40 38.80 -68.49
C VAL D 2266 27.09 39.09 -69.83
N ALA D 2267 27.62 38.04 -70.47
CA ALA D 2267 28.24 38.22 -71.77
C ALA D 2267 27.22 38.70 -72.79
N LEU D 2268 26.00 38.14 -72.76
CA LEU D 2268 24.96 38.60 -73.67
C LEU D 2268 24.63 40.07 -73.44
N ILE D 2269 24.53 40.48 -72.16
CA ILE D 2269 24.22 41.87 -71.86
C ILE D 2269 25.34 42.79 -72.35
N LEU D 2270 26.60 42.38 -72.15
CA LEU D 2270 27.72 43.18 -72.62
C LEU D 2270 27.70 43.32 -74.13
N ARG D 2271 27.43 42.22 -74.85
CA ARG D 2271 27.36 42.29 -76.30
C ARG D 2271 26.19 43.16 -76.75
N SER D 2272 25.07 43.10 -76.02
CA SER D 2272 23.93 43.95 -76.36
C SER D 2272 24.28 45.42 -76.20
N ILE D 2273 24.99 45.76 -75.12
CA ILE D 2273 25.44 47.14 -74.94
C ILE D 2273 26.39 47.53 -76.07
N TYR D 2274 27.29 46.63 -76.46
CA TYR D 2274 28.26 46.94 -77.49
C TYR D 2274 27.59 47.16 -78.84
N TYR D 2275 26.56 46.37 -79.16
CA TYR D 2275 25.95 46.41 -80.49
C TYR D 2275 24.81 47.41 -80.56
N LEU D 2276 23.76 47.20 -79.75
CA LEU D 2276 22.57 48.04 -79.83
C LEU D 2276 22.79 49.36 -79.09
N GLY D 2277 23.33 49.29 -77.89
CA GLY D 2277 23.55 50.46 -77.07
C GLY D 2277 22.91 50.31 -75.69
N ILE D 2278 23.31 51.23 -74.81
CA ILE D 2278 22.86 51.19 -73.42
C ILE D 2278 21.34 51.35 -73.36
N GLY D 2279 20.79 52.28 -74.13
CA GLY D 2279 19.35 52.53 -74.11
C GLY D 2279 18.54 51.34 -74.55
N PRO D 2280 18.87 50.80 -75.73
CA PRO D 2280 18.17 49.57 -76.17
C PRO D 2280 18.34 48.41 -75.22
N THR D 2281 19.53 48.23 -74.64
CA THR D 2281 19.74 47.15 -73.70
C THR D 2281 18.85 47.32 -72.47
N LEU D 2282 18.78 48.55 -71.94
CA LEU D 2282 17.93 48.80 -70.78
C LEU D 2282 16.46 48.60 -71.13
N ASN D 2283 16.05 48.99 -72.32
CA ASN D 2283 14.66 48.77 -72.74
C ASN D 2283 14.34 47.28 -72.78
N ILE D 2284 15.24 46.49 -73.37
CA ILE D 2284 15.01 45.04 -73.44
C ILE D 2284 14.95 44.44 -72.04
N LEU D 2285 15.88 44.85 -71.17
CA LEU D 2285 15.90 44.31 -69.82
C LEU D 2285 14.65 44.68 -69.05
N GLY D 2286 14.17 45.92 -69.21
CA GLY D 2286 12.95 46.32 -68.52
C GLY D 2286 11.73 45.57 -69.02
N ALA D 2287 11.64 45.37 -70.33
CA ALA D 2287 10.53 44.59 -70.86
C ALA D 2287 10.56 43.17 -70.31
N LEU D 2288 11.74 42.55 -70.28
CA LEU D 2288 11.86 41.21 -69.71
C LEU D 2288 11.47 41.20 -68.24
N ASN D 2289 11.91 42.21 -67.49
CA ASN D 2289 11.57 42.29 -66.07
C ASN D 2289 10.06 42.38 -65.87
N LEU D 2290 9.39 43.23 -66.64
CA LEU D 2290 7.95 43.36 -66.50
C LEU D 2290 7.23 42.06 -66.85
N THR D 2291 7.63 41.42 -67.95
CA THR D 2291 6.99 40.16 -68.32
C THR D 2291 7.19 39.11 -67.24
N ASN D 2292 8.43 39.00 -66.72
CA ASN D 2292 8.71 38.02 -65.69
C ASN D 2292 7.92 38.32 -64.42
N LYS D 2293 7.72 39.59 -64.09
CA LYS D 2293 6.97 39.92 -62.89
C LYS D 2293 5.49 39.60 -63.06
N ILE D 2294 4.95 39.78 -64.26
CA ILE D 2294 3.57 39.36 -64.51
C ILE D 2294 3.43 37.84 -64.35
N VAL D 2295 4.37 37.09 -64.93
CA VAL D 2295 4.35 35.65 -64.75
C VAL D 2295 4.45 35.30 -63.27
N PHE D 2296 5.29 36.03 -62.54
CA PHE D 2296 5.47 35.75 -61.12
C PHE D 2296 4.20 36.02 -60.32
N VAL D 2297 3.48 37.10 -60.65
CA VAL D 2297 2.27 37.41 -59.89
C VAL D 2297 1.18 36.40 -60.17
N VAL D 2298 1.05 35.96 -61.44
CA VAL D 2298 0.05 34.93 -61.72
C VAL D 2298 0.43 33.63 -61.03
N SER D 2299 1.71 33.27 -61.02
CA SER D 2299 2.14 32.07 -60.31
C SER D 2299 1.88 32.20 -58.81
N PHE D 2300 2.11 33.39 -58.26
CA PHE D 2300 1.89 33.62 -56.84
C PHE D 2300 0.42 33.43 -56.47
N VAL D 2301 -0.48 34.04 -57.24
CA VAL D 2301 -1.91 33.89 -56.94
C VAL D 2301 -2.34 32.44 -57.13
N GLY D 2302 -1.76 31.75 -58.13
CA GLY D 2302 -2.11 30.36 -58.33
C GLY D 2302 -1.66 29.47 -57.18
N ASN D 2303 -0.45 29.70 -56.68
CA ASN D 2303 0.11 28.82 -55.66
C ASN D 2303 -0.48 29.11 -54.29
N ARG D 2304 -0.45 30.37 -53.85
CA ARG D 2304 -0.94 30.69 -52.52
C ARG D 2304 -2.45 30.51 -52.41
N GLY D 2305 -3.18 30.72 -53.50
CA GLY D 2305 -4.63 30.64 -53.43
C GLY D 2305 -5.24 31.69 -52.53
N THR D 2306 -4.64 32.88 -52.51
CA THR D 2306 -5.17 33.96 -51.67
C THR D 2306 -6.58 34.34 -52.08
N PHE D 2307 -6.90 34.19 -53.37
CA PHE D 2307 -8.24 34.51 -53.85
C PHE D 2307 -9.28 33.58 -53.26
N ILE D 2308 -8.88 32.42 -52.73
CA ILE D 2308 -9.84 31.49 -52.13
C ILE D 2308 -10.57 32.16 -50.97
N ARG D 2309 -9.82 32.88 -50.13
CA ARG D 2309 -10.44 33.54 -48.98
C ARG D 2309 -11.41 34.62 -49.42
N GLY D 2310 -11.07 35.36 -50.45
CA GLY D 2310 -11.93 36.40 -51.00
C GLY D 2310 -11.14 37.56 -51.57
N TYR D 2311 -11.81 38.37 -52.37
CA TYR D 2311 -11.16 39.53 -52.96
C TYR D 2311 -10.71 40.51 -51.89
N LYS D 2312 -11.55 40.75 -50.88
CA LYS D 2312 -11.17 41.65 -49.80
C LYS D 2312 -9.94 41.15 -49.07
N ALA D 2313 -9.90 39.84 -48.77
CA ALA D 2313 -8.73 39.28 -48.12
C ALA D 2313 -7.49 39.38 -49.01
N MET D 2314 -7.66 39.15 -50.32
CA MET D 2314 -6.54 39.29 -51.24
C MET D 2314 -5.98 40.71 -51.20
N VAL D 2315 -6.86 41.71 -51.25
CA VAL D 2315 -6.40 43.09 -51.20
C VAL D 2315 -5.73 43.38 -49.87
N MET D 2316 -6.26 42.81 -48.78
CA MET D 2316 -5.67 43.02 -47.47
C MET D 2316 -4.25 42.44 -47.40
N ASP D 2317 -4.04 41.29 -48.02
CA ASP D 2317 -2.75 40.61 -47.93
C ASP D 2317 -1.62 41.56 -48.33
N MET D 2318 -0.60 41.64 -47.47
CA MET D 2318 0.47 42.60 -47.71
C MET D 2318 1.44 42.12 -48.79
N GLU D 2319 1.66 40.81 -48.89
CA GLU D 2319 2.58 40.30 -49.90
C GLU D 2319 2.07 40.58 -51.31
N PHE D 2320 0.77 40.38 -51.53
CA PHE D 2320 0.20 40.66 -52.84
C PHE D 2320 0.30 42.14 -53.17
N LEU D 2321 0.06 43.01 -52.19
CA LEU D 2321 0.19 44.44 -52.41
C LEU D 2321 1.64 44.81 -52.72
N TYR D 2322 2.59 44.15 -52.06
CA TYR D 2322 4.00 44.40 -52.35
C TYR D 2322 4.33 44.00 -53.80
N HIS D 2323 3.82 42.86 -54.25
CA HIS D 2323 4.05 42.47 -55.64
C HIS D 2323 3.40 43.45 -56.61
N VAL D 2324 2.20 43.93 -56.29
CA VAL D 2324 1.54 44.91 -57.14
C VAL D 2324 2.35 46.20 -57.21
N GLY D 2325 2.87 46.64 -56.06
CA GLY D 2325 3.72 47.83 -56.06
C GLY D 2325 4.99 47.63 -56.87
N TYR D 2326 5.57 46.42 -56.81
CA TYR D 2326 6.72 46.12 -57.65
C TYR D 2326 6.36 46.22 -59.13
N ILE D 2327 5.18 45.71 -59.50
CA ILE D 2327 4.74 45.80 -60.89
C ILE D 2327 4.61 47.27 -61.30
N LEU D 2328 3.99 48.08 -60.43
CA LEU D 2328 3.82 49.49 -60.74
C LEU D 2328 5.17 50.19 -60.90
N THR D 2329 6.12 49.86 -60.02
CA THR D 2329 7.45 50.46 -60.11
C THR D 2329 8.16 50.06 -61.40
N SER D 2330 8.02 48.80 -61.80
CA SER D 2330 8.60 48.37 -63.07
C SER D 2330 7.98 49.11 -64.24
N VAL D 2331 6.66 49.29 -64.23
CA VAL D 2331 5.99 50.04 -65.29
C VAL D 2331 6.51 51.47 -65.34
N LEU D 2332 6.64 52.10 -64.18
CA LEU D 2332 7.14 53.47 -64.13
C LEU D 2332 8.57 53.54 -64.64
N GLY D 2333 9.41 52.57 -64.28
CA GLY D 2333 10.77 52.56 -64.77
C GLY D 2333 10.82 52.44 -66.28
N LEU D 2334 9.95 51.59 -66.84
CA LEU D 2334 9.97 51.37 -68.28
C LEU D 2334 9.46 52.58 -69.05
N PHE D 2335 8.42 53.24 -68.56
CA PHE D 2335 7.70 54.23 -69.35
C PHE D 2335 7.95 55.68 -68.94
N ALA D 2336 8.61 55.93 -67.81
CA ALA D 2336 8.80 57.31 -67.36
C ALA D 2336 10.29 57.69 -67.32
N HIS D 2337 11.09 56.94 -66.58
CA HIS D 2337 12.50 57.25 -66.41
C HIS D 2337 13.25 56.01 -65.94
N GLU D 2338 14.51 55.88 -66.37
CA GLU D 2338 15.29 54.69 -66.04
C GLU D 2338 15.70 54.66 -64.58
N LEU D 2339 15.76 55.82 -63.92
CA LEU D 2339 16.19 55.85 -62.53
C LEU D 2339 15.12 55.31 -61.58
N PHE D 2340 13.90 55.09 -62.05
CA PHE D 2340 12.87 54.50 -61.19
C PHE D 2340 13.15 53.05 -60.86
N TYR D 2341 13.97 52.36 -61.67
CA TYR D 2341 14.30 50.97 -61.36
C TYR D 2341 15.08 50.84 -60.06
N SER D 2342 15.65 51.94 -59.55
CA SER D 2342 16.48 51.85 -58.34
C SER D 2342 15.66 51.36 -57.15
N ILE D 2343 14.37 51.67 -57.13
CA ILE D 2343 13.54 51.26 -56.00
C ILE D 2343 13.44 49.75 -55.92
N LEU D 2344 13.58 49.05 -57.05
CA LEU D 2344 13.44 47.61 -57.06
C LEU D 2344 14.53 46.90 -56.26
N LEU D 2345 15.64 47.59 -55.97
CA LEU D 2345 16.73 46.97 -55.23
C LEU D 2345 16.32 46.61 -53.81
N PHE D 2346 15.21 47.15 -53.31
CA PHE D 2346 14.75 46.84 -51.97
C PHE D 2346 14.24 45.40 -51.84
N ASP D 2347 14.09 44.69 -52.96
CA ASP D 2347 13.63 43.31 -52.91
C ASP D 2347 14.61 42.39 -52.20
N LEU D 2348 15.84 42.85 -51.95
CA LEU D 2348 16.79 42.04 -51.20
C LEU D 2348 16.28 41.75 -49.79
N ILE D 2349 15.62 42.75 -49.17
CA ILE D 2349 15.06 42.54 -47.84
C ILE D 2349 14.02 41.43 -47.87
N TYR D 2350 13.14 41.45 -48.87
CA TYR D 2350 12.14 40.40 -49.02
C TYR D 2350 12.79 39.05 -49.24
N ARG D 2351 13.82 39.01 -50.10
CA ARG D 2351 14.43 37.73 -50.46
C ARG D 2351 15.17 37.11 -49.29
N GLU D 2352 15.93 37.90 -48.54
CA GLU D 2352 16.81 37.40 -47.50
C GLU D 2352 16.11 37.52 -46.15
N GLU D 2353 15.99 36.39 -45.44
CA GLU D 2353 15.43 36.42 -44.09
C GLU D 2353 16.40 37.03 -43.10
N THR D 2354 17.71 36.87 -43.35
CA THR D 2354 18.71 37.41 -42.43
C THR D 2354 18.60 38.93 -42.34
N LEU D 2355 18.57 39.61 -43.49
CA LEU D 2355 18.46 41.06 -43.49
C LEU D 2355 17.11 41.50 -42.92
N PHE D 2356 16.04 40.75 -43.21
CA PHE D 2356 14.75 41.06 -42.62
C PHE D 2356 14.79 40.94 -41.10
N ASN D 2357 15.44 39.89 -40.60
CA ASN D 2357 15.57 39.73 -39.15
C ASN D 2357 16.39 40.87 -38.55
N VAL D 2358 17.44 41.31 -39.25
CA VAL D 2358 18.24 42.42 -38.76
C VAL D 2358 17.40 43.68 -38.67
N ILE D 2359 16.60 43.96 -39.71
CA ILE D 2359 15.77 45.16 -39.72
C ILE D 2359 14.66 45.05 -38.69
N LYS D 2360 14.24 43.83 -38.35
CA LYS D 2360 13.21 43.65 -37.33
C LYS D 2360 13.64 44.24 -36.00
N SER D 2361 14.95 44.31 -35.75
CA SER D 2361 15.44 44.95 -34.53
C SER D 2361 15.06 46.43 -34.52
N VAL D 2362 15.19 47.10 -35.65
CA VAL D 2362 14.80 48.51 -35.74
C VAL D 2362 13.28 48.63 -35.66
N THR D 2363 12.55 47.75 -36.34
CA THR D 2363 11.11 47.93 -36.49
C THR D 2363 10.31 47.54 -35.25
N ARG D 2364 10.76 46.55 -34.47
CA ARG D 2364 9.93 46.05 -33.39
C ARG D 2364 9.65 47.11 -32.34
N ASN D 2365 10.67 47.88 -31.95
CA ASN D 2365 10.52 48.98 -31.00
C ASN D 2365 10.72 50.32 -31.70
N GLY D 2366 10.21 50.42 -32.92
CA GLY D 2366 10.29 51.67 -33.65
C GLY D 2366 9.58 52.79 -32.94
N ARG D 2367 8.51 52.49 -32.21
CA ARG D 2367 7.84 53.52 -31.42
C ARG D 2367 8.76 54.07 -30.34
N SER D 2368 9.50 53.18 -29.67
CA SER D 2368 10.48 53.64 -28.69
C SER D 2368 11.55 54.50 -29.34
N ILE D 2369 12.04 54.08 -30.50
CA ILE D 2369 13.08 54.85 -31.19
C ILE D 2369 12.55 56.23 -31.55
N LEU D 2370 11.33 56.31 -32.08
CA LEU D 2370 10.77 57.60 -32.47
C LEU D 2370 10.51 58.48 -31.26
N LEU D 2371 10.09 57.89 -30.14
CA LEU D 2371 9.90 58.68 -28.93
C LEU D 2371 11.22 59.23 -28.42
N THR D 2372 12.29 58.44 -28.50
CA THR D 2372 13.60 58.95 -28.13
C THR D 2372 14.02 60.09 -29.05
N ALA D 2373 13.72 59.96 -30.35
CA ALA D 2373 14.02 61.05 -31.28
C ALA D 2373 13.24 62.32 -30.91
N LEU D 2374 11.98 62.15 -30.53
CA LEU D 2374 11.18 63.31 -30.11
C LEU D 2374 11.75 63.96 -28.86
N LEU D 2375 12.22 63.14 -27.91
CA LEU D 2375 12.88 63.69 -26.73
C LEU D 2375 14.12 64.48 -27.11
N ALA D 2376 14.91 63.94 -28.05
CA ALA D 2376 16.08 64.67 -28.53
C ALA D 2376 15.66 66.01 -29.14
N LEU D 2377 14.59 66.01 -29.92
CA LEU D 2377 14.11 67.25 -30.52
C LEU D 2377 13.70 68.26 -29.45
N ILE D 2378 13.01 67.81 -28.41
CA ILE D 2378 12.59 68.71 -27.34
C ILE D 2378 13.80 69.32 -26.64
N LEU D 2379 14.81 68.49 -26.35
CA LEU D 2379 16.01 69.00 -25.70
C LEU D 2379 16.73 69.99 -26.59
N VAL D 2380 16.80 69.70 -27.89
CA VAL D 2380 17.40 70.65 -28.83
C VAL D 2380 16.63 71.96 -28.83
N TYR D 2381 15.30 71.88 -28.76
CA TYR D 2381 14.48 73.09 -28.73
C TYR D 2381 14.81 73.93 -27.50
N LEU D 2382 14.92 73.30 -26.33
CA LEU D 2382 15.27 74.04 -25.13
C LEU D 2382 16.66 74.66 -25.21
N PHE D 2383 17.63 73.90 -25.72
CA PHE D 2383 18.98 74.44 -25.88
C PHE D 2383 18.99 75.62 -26.84
N SER D 2384 18.21 75.53 -27.92
CA SER D 2384 18.11 76.65 -28.85
C SER D 2384 17.50 77.88 -28.20
N ILE D 2385 16.48 77.67 -27.35
CA ILE D 2385 15.92 78.81 -26.62
C ILE D 2385 16.99 79.46 -25.77
N VAL D 2386 17.76 78.67 -25.03
CA VAL D 2386 18.79 79.24 -24.16
C VAL D 2386 19.81 80.00 -25.00
N GLY D 2387 20.27 79.40 -26.09
CA GLY D 2387 21.27 80.06 -26.93
C GLY D 2387 20.77 81.36 -27.52
N PHE D 2388 19.51 81.36 -27.99
CA PHE D 2388 18.93 82.59 -28.52
C PHE D 2388 18.87 83.66 -27.45
N LEU D 2389 18.48 83.30 -26.23
CA LEU D 2389 18.34 84.30 -25.18
C LEU D 2389 19.69 84.88 -24.76
N PHE D 2390 20.71 84.04 -24.62
CA PHE D 2390 21.96 84.48 -24.02
C PHE D 2390 23.18 84.39 -24.93
N LEU D 2391 23.25 83.42 -25.83
CA LEU D 2391 24.43 83.20 -26.66
C LEU D 2391 24.15 83.45 -28.13
N LYS D 2392 23.38 84.49 -28.45
CA LYS D 2392 22.99 84.73 -29.83
C LYS D 2392 24.20 85.07 -30.71
N ASP D 2393 25.08 85.94 -30.22
CA ASP D 2393 26.18 86.43 -31.05
C ASP D 2393 27.13 85.32 -31.47
N ASP D 2394 27.24 84.26 -30.66
CA ASP D 2394 28.19 83.20 -30.96
C ASP D 2394 27.76 82.35 -32.16
N PHE D 2395 26.49 82.44 -32.55
CA PHE D 2395 25.96 81.64 -33.65
C PHE D 2395 26.30 82.32 -34.99
N ILE D 2396 27.56 82.16 -35.38
CA ILE D 2396 28.06 82.64 -36.67
C ILE D 2396 28.52 81.43 -37.47
N LEU D 2397 27.96 81.26 -38.66
CA LEU D 2397 28.22 80.10 -39.49
C LEU D 2397 28.78 80.55 -40.84
N GLU D 2398 29.81 79.85 -41.31
CA GLU D 2398 30.38 80.15 -42.62
C GLU D 2398 29.48 79.57 -43.72
N VAL D 2399 29.54 80.19 -44.90
CA VAL D 2399 28.72 79.78 -46.03
C VAL D 2399 29.50 79.99 -47.32
N ASP D 2400 29.23 79.12 -48.29
CA ASP D 2400 29.79 79.24 -49.63
C ASP D 2400 28.70 79.70 -50.58
N ARG D 2401 28.98 80.75 -51.35
CA ARG D 2401 28.00 81.41 -52.19
C ARG D 2401 28.22 81.05 -53.66
N LEU D 2402 27.16 80.61 -54.33
CA LEU D 2402 27.24 80.32 -55.75
C LEU D 2402 27.39 81.63 -56.53
N PRO D 2403 28.04 81.59 -57.71
CA PRO D 2403 28.24 82.82 -58.48
C PRO D 2403 26.97 83.28 -59.19
N ASP D 2449 29.01 88.40 -47.70
CA ASP D 2449 30.12 88.01 -46.85
C ASP D 2449 30.24 86.48 -46.80
N SER D 2450 31.30 86.01 -46.15
CA SER D 2450 31.54 84.57 -46.01
C SER D 2450 30.94 83.99 -44.73
N THR D 2451 30.30 84.81 -43.91
CA THR D 2451 29.68 84.35 -42.66
C THR D 2451 28.29 84.95 -42.55
N GLU D 2452 27.39 84.19 -41.93
CA GLU D 2452 26.02 84.63 -41.72
C GLU D 2452 25.59 84.30 -40.30
N ARG D 2453 24.70 85.13 -39.75
CA ARG D 2453 24.15 84.88 -38.42
C ARG D 2453 23.03 83.86 -38.52
N ALA D 2454 23.04 82.87 -37.62
CA ALA D 2454 22.14 81.73 -37.70
C ALA D 2454 21.20 81.62 -36.51
N CYS D 2455 21.17 82.62 -35.63
CA CYS D 2455 20.27 82.61 -34.47
C CYS D 2455 19.51 83.93 -34.36
N ASP D 2456 19.28 84.61 -35.48
CA ASP D 2456 18.46 85.82 -35.47
C ASP D 2456 17.03 85.50 -35.08
N THR D 2457 16.50 84.37 -35.56
CA THR D 2457 15.15 83.93 -35.23
C THR D 2457 15.23 82.54 -34.60
N LEU D 2458 14.22 82.22 -33.78
CA LEU D 2458 14.26 80.97 -33.05
C LEU D 2458 14.16 79.76 -33.98
N LEU D 2459 13.40 79.87 -35.07
CA LEU D 2459 13.37 78.77 -36.03
C LEU D 2459 14.75 78.56 -36.66
N MET D 2460 15.43 79.65 -37.02
CA MET D 2460 16.78 79.52 -37.57
C MET D 2460 17.71 78.88 -36.56
N CYS D 2461 17.62 79.29 -35.30
CA CYS D 2461 18.51 78.74 -34.28
C CYS D 2461 18.22 77.26 -34.04
N ILE D 2462 16.95 76.88 -34.03
CA ILE D 2462 16.57 75.48 -33.87
C ILE D 2462 17.10 74.66 -35.04
N VAL D 2463 16.93 75.16 -36.26
CA VAL D 2463 17.42 74.44 -37.44
C VAL D 2463 18.92 74.27 -37.36
N THR D 2464 19.64 75.35 -37.01
CA THR D 2464 21.09 75.26 -36.88
C THR D 2464 21.49 74.20 -35.87
N VAL D 2465 20.91 74.25 -34.66
CA VAL D 2465 21.29 73.29 -33.64
C VAL D 2465 20.99 71.87 -34.12
N MET D 2466 19.77 71.61 -34.57
CA MET D 2466 19.39 70.26 -34.95
C MET D 2466 20.25 69.73 -36.08
N ASN D 2467 20.54 70.57 -37.08
CA ASN D 2467 21.26 70.11 -38.26
C ASN D 2467 22.73 69.89 -37.95
N HIS D 2468 23.36 70.80 -37.21
CA HIS D 2468 24.81 70.77 -37.05
C HIS D 2468 25.27 70.13 -35.73
N GLY D 2469 24.71 70.52 -34.59
CA GLY D 2469 25.17 69.97 -33.34
C GLY D 2469 24.93 68.48 -33.24
N LEU D 2470 23.75 68.02 -33.65
CA LEU D 2470 23.45 66.60 -33.59
C LEU D 2470 24.39 65.80 -34.49
N ARG D 2471 24.66 66.29 -35.70
CA ARG D 2471 25.49 65.55 -36.64
C ARG D 2471 26.96 65.58 -36.23
N ASN D 2472 27.41 66.70 -35.67
CA ASN D 2472 28.79 66.82 -35.24
C ASN D 2472 29.05 65.94 -34.02
N GLY D 2473 30.26 65.39 -33.96
CA GLY D 2473 30.61 64.53 -32.84
C GLY D 2473 30.60 65.26 -31.51
N GLY D 2474 31.13 66.48 -31.48
CA GLY D 2474 31.23 67.25 -30.26
C GLY D 2474 29.99 68.04 -29.88
N GLY D 2475 29.06 68.20 -30.79
CA GLY D 2475 27.85 68.97 -30.52
C GLY D 2475 27.89 70.37 -31.10
N VAL D 2476 27.09 71.25 -30.48
CA VAL D 2476 26.96 72.61 -30.98
C VAL D 2476 28.26 73.39 -30.86
N GLY D 2477 29.07 73.09 -29.85
CA GLY D 2477 30.28 73.87 -29.63
C GLY D 2477 31.17 73.92 -30.87
N ASP D 2478 31.11 72.87 -31.71
CA ASP D 2478 31.92 72.86 -32.92
C ASP D 2478 31.52 74.01 -33.85
N ILE D 2479 30.22 74.13 -34.14
CA ILE D 2479 29.79 75.20 -35.05
C ILE D 2479 29.92 76.56 -34.37
N LEU D 2480 29.62 76.63 -33.07
CA LEU D 2480 29.63 77.92 -32.41
C LEU D 2480 31.03 78.53 -32.43
N ARG D 2481 31.07 79.86 -32.42
CA ARG D 2481 32.32 80.59 -32.48
C ARG D 2481 33.23 80.20 -31.33
N LYS D 2482 34.52 80.11 -31.61
CA LYS D 2482 35.50 79.73 -30.60
C LYS D 2482 35.72 80.91 -29.65
N PRO D 2483 35.45 80.76 -28.36
CA PRO D 2483 35.51 81.92 -27.46
C PRO D 2483 36.91 82.15 -26.91
N SER D 2484 37.25 83.43 -26.76
CA SER D 2484 38.49 83.81 -26.11
C SER D 2484 38.38 83.66 -24.60
N LYS D 2485 39.51 83.38 -23.95
CA LYS D 2485 39.50 83.20 -22.51
C LYS D 2485 39.19 84.51 -21.80
N ASP D 2486 39.57 85.64 -22.40
CA ASP D 2486 39.34 86.93 -21.76
C ASP D 2486 37.86 87.28 -21.72
N GLU D 2487 37.06 86.67 -22.60
CA GLU D 2487 35.64 86.98 -22.66
C GLU D 2487 34.95 86.59 -21.36
N SER D 2488 34.00 87.42 -20.94
CA SER D 2488 33.32 87.19 -19.68
C SER D 2488 32.45 85.94 -19.73
N LEU D 2489 31.82 85.66 -20.86
CA LEU D 2489 30.88 84.55 -20.98
C LEU D 2489 31.55 83.24 -21.33
N PHE D 2490 32.88 83.16 -21.22
CA PHE D 2490 33.58 81.91 -21.51
C PHE D 2490 33.12 80.76 -20.61
N PRO D 2491 33.00 80.92 -19.29
CA PRO D 2491 32.48 79.80 -18.49
C PRO D 2491 31.09 79.38 -18.91
N ALA D 2492 30.22 80.34 -19.24
CA ALA D 2492 28.88 79.99 -19.68
C ALA D 2492 28.92 79.19 -20.97
N ARG D 2493 29.77 79.59 -21.92
CA ARG D 2493 29.90 78.84 -23.15
C ARG D 2493 30.42 77.43 -22.89
N VAL D 2494 31.42 77.30 -22.01
CA VAL D 2494 31.97 75.98 -21.71
C VAL D 2494 30.89 75.07 -21.13
N VAL D 2495 30.14 75.58 -20.16
CA VAL D 2495 29.06 74.79 -19.57
C VAL D 2495 28.02 74.43 -20.62
N TYR D 2496 27.67 75.38 -21.49
CA TYR D 2496 26.68 75.11 -22.53
C TYR D 2496 27.13 73.96 -23.43
N ASP D 2497 28.37 74.04 -23.94
CA ASP D 2497 28.84 73.01 -24.85
C ASP D 2497 28.92 71.65 -24.16
N LEU D 2498 29.49 71.61 -22.95
CA LEU D 2498 29.64 70.32 -22.28
C LEU D 2498 28.28 69.72 -21.92
N LEU D 2499 27.33 70.56 -21.48
CA LEU D 2499 26.00 70.05 -21.17
C LEU D 2499 25.33 69.49 -22.41
N PHE D 2500 25.42 70.21 -23.53
CA PHE D 2500 24.84 69.69 -24.77
C PHE D 2500 25.47 68.35 -25.13
N PHE D 2501 26.80 68.28 -25.09
CA PHE D 2501 27.50 67.05 -25.46
C PHE D 2501 27.03 65.88 -24.59
N PHE D 2502 27.00 66.07 -23.27
CA PHE D 2502 26.69 64.96 -22.39
C PHE D 2502 25.22 64.58 -22.45
N ILE D 2503 24.32 65.57 -22.42
CA ILE D 2503 22.89 65.25 -22.35
C ILE D 2503 22.40 64.69 -23.68
N VAL D 2504 22.79 65.29 -24.79
CA VAL D 2504 22.24 64.93 -26.09
C VAL D 2504 23.10 63.90 -26.82
N ILE D 2505 24.38 64.23 -27.04
CA ILE D 2505 25.21 63.39 -27.89
C ILE D 2505 25.52 62.06 -27.23
N ILE D 2506 25.83 62.08 -25.93
CA ILE D 2506 26.34 60.87 -25.27
C ILE D 2506 25.23 60.01 -24.69
N ILE D 2507 24.11 60.61 -24.27
CA ILE D 2507 23.04 59.90 -23.59
C ILE D 2507 21.83 59.71 -24.52
N VAL D 2508 21.23 60.79 -24.98
CA VAL D 2508 19.98 60.69 -25.74
C VAL D 2508 20.22 59.95 -27.06
N LEU D 2509 21.28 60.30 -27.78
CA LEU D 2509 21.53 59.66 -29.06
C LEU D 2509 21.89 58.18 -28.89
N ASN D 2510 22.62 57.85 -27.83
CA ASN D 2510 23.02 56.46 -27.62
C ASN D 2510 21.84 55.60 -27.18
N LEU D 2511 20.76 56.22 -26.70
CA LEU D 2511 19.61 55.44 -26.26
C LEU D 2511 18.94 54.72 -27.42
N ILE D 2512 18.97 55.30 -28.62
CA ILE D 2512 18.41 54.63 -29.79
C ILE D 2512 19.17 53.35 -30.08
N PHE D 2513 20.50 53.42 -30.05
CA PHE D 2513 21.32 52.23 -30.27
C PHE D 2513 21.09 51.20 -29.17
N GLY D 2514 20.95 51.67 -27.92
CA GLY D 2514 20.63 50.74 -26.84
C GLY D 2514 19.30 50.05 -27.07
N VAL D 2515 18.30 50.79 -27.56
CA VAL D 2515 17.00 50.19 -27.87
C VAL D 2515 17.16 49.13 -28.95
N ILE D 2516 17.95 49.42 -29.98
CA ILE D 2516 18.15 48.45 -31.05
C ILE D 2516 18.80 47.18 -30.51
N ILE D 2517 19.81 47.33 -29.65
CA ILE D 2517 20.50 46.17 -29.09
C ILE D 2517 19.54 45.36 -28.22
N ASP D 2518 18.74 46.04 -27.41
CA ASP D 2518 17.78 45.34 -26.57
C ASP D 2518 16.75 44.59 -27.42
N THR D 2519 16.34 45.17 -28.54
CA THR D 2519 15.43 44.48 -29.44
C THR D 2519 16.10 43.24 -30.04
N PHE D 2520 17.37 43.35 -30.42
CA PHE D 2520 18.13 42.18 -30.84
C PHE D 2520 18.04 41.07 -29.80
N ALA D 2521 18.32 41.41 -28.54
CA ALA D 2521 18.32 40.40 -27.48
C ALA D 2521 16.94 39.79 -27.29
N ASP D 2522 15.89 40.62 -27.31
CA ASP D 2522 14.54 40.12 -27.12
C ASP D 2522 14.15 39.17 -28.24
N LEU D 2523 14.46 39.53 -29.48
CA LEU D 2523 14.15 38.65 -30.61
C LEU D 2523 14.89 37.32 -30.47
N ARG D 2524 16.16 37.37 -30.08
CA ARG D 2524 16.92 36.13 -29.90
C ARG D 2524 16.27 35.25 -28.83
N SER D 2525 15.89 35.85 -27.71
CA SER D 2525 15.28 35.06 -26.63
C SER D 2525 13.97 34.44 -27.08
N GLU D 2526 13.13 35.21 -27.76
CA GLU D 2526 11.85 34.67 -28.23
C GLU D 2526 12.06 33.53 -29.20
N LYS D 2527 12.99 33.70 -30.15
CA LYS D 2527 13.26 32.64 -31.11
C LYS D 2527 13.74 31.37 -30.41
N GLN D 2528 14.67 31.51 -29.45
CA GLN D 2528 15.18 30.34 -28.76
C GLN D 2528 14.08 29.63 -27.99
N LYS D 2529 13.23 30.38 -27.28
CA LYS D 2529 12.16 29.75 -26.53
C LYS D 2529 11.20 29.00 -27.44
N LYS D 2530 10.80 29.63 -28.55
CA LYS D 2530 9.87 28.98 -29.47
C LYS D 2530 10.49 27.72 -30.06
N GLU D 2531 11.76 27.78 -30.46
CA GLU D 2531 12.41 26.60 -31.02
C GLU D 2531 12.48 25.48 -29.99
N GLU D 2532 12.83 25.80 -28.75
CA GLU D 2532 12.90 24.77 -27.72
C GLU D 2532 11.54 24.12 -27.51
N ILE D 2533 10.48 24.93 -27.41
CA ILE D 2533 9.14 24.36 -27.23
C ILE D 2533 8.80 23.44 -28.39
N LEU D 2534 9.01 23.92 -29.62
CA LEU D 2534 8.66 23.13 -30.79
C LEU D 2534 9.40 21.80 -30.81
N LYS D 2535 10.69 21.82 -30.48
CA LYS D 2535 11.50 20.61 -30.60
C LYS D 2535 11.22 19.63 -29.46
N THR D 2536 10.94 20.14 -28.26
CA THR D 2536 10.89 19.29 -27.08
C THR D 2536 9.47 19.09 -26.53
N THR D 2537 8.43 19.51 -27.25
CA THR D 2537 7.07 19.32 -26.77
C THR D 2537 6.17 18.83 -27.90
N CYS D 2538 5.15 18.06 -27.53
CA CYS D 2538 4.17 17.55 -28.47
C CYS D 2538 3.16 18.64 -28.79
N PHE D 2539 2.83 18.77 -30.08
CA PHE D 2539 1.93 19.82 -30.52
C PHE D 2539 0.54 19.64 -29.93
N ILE D 2540 0.03 18.41 -29.91
CA ILE D 2540 -1.36 18.17 -29.54
C ILE D 2540 -1.52 18.16 -28.03
N CYS D 2541 -0.85 17.22 -27.36
CA CYS D 2541 -1.04 17.02 -25.93
C CYS D 2541 -0.10 17.84 -25.06
N GLY D 2542 1.02 18.30 -25.60
CA GLY D 2542 1.91 19.17 -24.85
C GLY D 2542 2.87 18.47 -23.91
N LEU D 2543 2.91 17.14 -23.92
CA LEU D 2543 3.81 16.43 -23.02
C LEU D 2543 5.26 16.65 -23.43
N GLU D 2544 6.12 16.80 -22.42
CA GLU D 2544 7.54 17.02 -22.67
C GLU D 2544 8.24 15.70 -23.00
N ARG D 2545 9.48 15.83 -23.50
CA ARG D 2545 10.25 14.64 -23.86
C ARG D 2545 10.55 13.77 -22.65
N ASP D 2546 10.87 14.39 -21.51
CA ASP D 2546 11.29 13.62 -20.35
C ASP D 2546 10.20 12.66 -19.88
N LYS D 2547 8.93 13.01 -20.14
CA LYS D 2547 7.84 12.13 -19.72
C LYS D 2547 7.92 10.77 -20.39
N PHE D 2548 8.47 10.70 -21.60
CA PHE D 2548 8.52 9.48 -22.38
C PHE D 2548 9.84 8.73 -22.20
N ASP D 2549 10.72 9.18 -21.32
CA ASP D 2549 11.97 8.49 -21.08
C ASP D 2549 11.71 7.11 -20.49
N ASN D 2550 12.62 6.17 -20.77
CA ASN D 2550 12.53 4.78 -20.31
C ASN D 2550 11.10 4.25 -20.35
N LYS D 2551 10.43 4.46 -21.48
CA LYS D 2551 9.10 3.90 -21.73
C LYS D 2551 9.16 3.01 -22.96
N THR D 2552 8.13 2.18 -23.11
CA THR D 2552 8.04 1.31 -24.27
C THR D 2552 7.96 2.13 -25.56
N VAL D 2553 7.20 3.22 -25.54
CA VAL D 2553 7.01 4.07 -26.71
C VAL D 2553 7.82 5.35 -26.52
N SER D 2554 8.61 5.70 -27.53
CA SER D 2554 9.43 6.90 -27.47
C SER D 2554 8.63 8.13 -27.83
N PHE D 2555 9.22 9.30 -27.56
CA PHE D 2555 8.59 10.56 -27.94
C PHE D 2555 8.43 10.66 -29.45
N GLU D 2556 9.43 10.18 -30.20
CA GLU D 2556 9.32 10.19 -31.65
C GLU D 2556 8.15 9.35 -32.12
N GLU D 2557 7.98 8.15 -31.53
CA GLU D 2557 6.83 7.31 -31.88
C GLU D 2557 5.53 8.00 -31.51
N HIS D 2558 5.48 8.62 -30.34
CA HIS D 2558 4.27 9.31 -29.90
C HIS D 2558 3.87 10.39 -30.90
N ILE D 2559 4.82 11.21 -31.31
CA ILE D 2559 4.49 12.31 -32.22
C ILE D 2559 4.15 11.78 -33.62
N LYS D 2560 4.86 10.74 -34.07
CA LYS D 2560 4.68 10.28 -35.45
C LYS D 2560 3.37 9.51 -35.61
N LEU D 2561 3.03 8.63 -34.65
CA LEU D 2561 1.90 7.72 -34.80
C LEU D 2561 0.73 8.07 -33.90
N GLU D 2562 0.93 8.12 -32.57
CA GLU D 2562 -0.20 8.30 -31.68
C GLU D 2562 -0.78 9.71 -31.79
N HIS D 2563 0.07 10.73 -31.72
CA HIS D 2563 -0.35 12.12 -31.73
C HIS D 2563 0.25 12.82 -32.94
N ASN D 2564 -0.44 12.73 -34.07
CA ASN D 2564 -0.05 13.43 -35.28
C ASN D 2564 -1.09 14.51 -35.59
N MET D 2565 -0.64 15.76 -35.62
CA MET D 2565 -1.57 16.87 -35.85
C MET D 2565 -2.27 16.70 -37.20
N TRP D 2566 -1.57 16.17 -38.19
CA TRP D 2566 -2.19 16.00 -39.51
C TRP D 2566 -3.24 14.90 -39.48
N ASN D 2567 -3.07 13.89 -38.61
CA ASN D 2567 -4.13 12.91 -38.45
C ASN D 2567 -5.39 13.53 -37.87
N TYR D 2568 -5.23 14.44 -36.90
CA TYR D 2568 -6.39 15.15 -36.36
C TYR D 2568 -7.05 16.01 -37.43
N LEU D 2569 -6.24 16.68 -38.25
CA LEU D 2569 -6.81 17.45 -39.35
C LEU D 2569 -7.56 16.55 -40.32
N TYR D 2570 -7.01 15.38 -40.62
CA TYR D 2570 -7.68 14.44 -41.50
C TYR D 2570 -9.01 13.98 -40.90
N PHE D 2571 -9.04 13.74 -39.58
CA PHE D 2571 -10.29 13.36 -38.94
C PHE D 2571 -11.32 14.49 -39.02
N ILE D 2572 -10.88 15.74 -38.83
CA ILE D 2572 -11.80 16.86 -38.96
C ILE D 2572 -12.37 16.92 -40.38
N VAL D 2573 -11.50 16.74 -41.37
CA VAL D 2573 -11.97 16.75 -42.76
C VAL D 2573 -12.94 15.59 -43.00
N LEU D 2574 -12.66 14.43 -42.41
CA LEU D 2574 -13.56 13.29 -42.56
C LEU D 2574 -14.93 13.59 -41.97
N VAL D 2575 -14.95 14.21 -40.78
CA VAL D 2575 -16.23 14.58 -40.17
C VAL D 2575 -16.98 15.55 -41.06
N ARG D 2576 -16.28 16.54 -41.61
CA ARG D 2576 -16.94 17.51 -42.47
C ARG D 2576 -17.51 16.86 -43.73
N VAL D 2577 -16.72 15.98 -44.37
CA VAL D 2577 -17.14 15.39 -45.64
C VAL D 2577 -18.26 14.38 -45.44
N LYS D 2578 -18.13 13.52 -44.43
CA LYS D 2578 -19.04 12.40 -44.27
C LYS D 2578 -20.46 12.88 -43.96
N ASN D 2579 -21.43 12.13 -44.43
CA ASN D 2579 -22.83 12.43 -44.17
C ASN D 2579 -23.17 12.17 -42.71
N LYS D 2580 -24.12 12.95 -42.19
CA LYS D 2580 -24.49 12.82 -40.78
C LYS D 2580 -25.06 11.43 -40.48
N THR D 2581 -25.80 10.85 -41.44
CA THR D 2581 -26.41 9.55 -41.22
C THR D 2581 -25.35 8.47 -41.00
N ASP D 2582 -24.26 8.53 -41.76
CA ASP D 2582 -23.25 7.49 -41.71
C ASP D 2582 -22.28 7.65 -40.54
N TYR D 2583 -22.42 8.70 -39.74
CA TYR D 2583 -21.53 8.90 -38.60
C TYR D 2583 -21.58 7.70 -37.66
N THR D 2584 -20.42 7.30 -37.17
CA THR D 2584 -20.34 6.37 -36.04
C THR D 2584 -20.41 7.15 -34.74
N GLY D 2585 -20.23 6.44 -33.62
CA GLY D 2585 -20.33 7.04 -32.32
C GLY D 2585 -19.29 8.11 -32.08
N PRO D 2586 -18.01 7.74 -32.19
CA PRO D 2586 -16.94 8.74 -32.00
C PRO D 2586 -17.02 9.89 -32.98
N GLU D 2587 -17.35 9.61 -34.24
CA GLU D 2587 -17.46 10.67 -35.23
C GLU D 2587 -18.61 11.62 -34.87
N SER D 2588 -19.74 11.08 -34.42
CA SER D 2588 -20.84 11.93 -33.99
C SER D 2588 -20.43 12.79 -32.80
N TYR D 2589 -19.72 12.20 -31.83
CA TYR D 2589 -19.28 12.97 -30.67
C TYR D 2589 -18.36 14.12 -31.10
N VAL D 2590 -17.40 13.82 -31.97
CA VAL D 2590 -16.44 14.84 -32.39
C VAL D 2590 -17.15 15.92 -33.20
N ALA D 2591 -18.11 15.53 -34.05
CA ALA D 2591 -18.85 16.51 -34.82
C ALA D 2591 -19.66 17.43 -33.91
N GLN D 2592 -20.31 16.86 -32.89
CA GLN D 2592 -21.07 17.68 -31.96
C GLN D 2592 -20.16 18.63 -31.20
N MET D 2593 -18.99 18.17 -30.78
CA MET D 2593 -18.04 19.05 -30.11
C MET D 2593 -17.59 20.17 -31.03
N ILE D 2594 -17.31 19.84 -32.29
CA ILE D 2594 -16.89 20.86 -33.26
C ILE D 2594 -18.00 21.90 -33.42
N LYS D 2595 -19.25 21.45 -33.56
CA LYS D 2595 -20.35 22.39 -33.70
C LYS D 2595 -20.50 23.26 -32.46
N ASN D 2596 -20.33 22.69 -31.28
CA ASN D 2596 -20.48 23.42 -30.03
C ASN D 2596 -19.27 24.28 -29.69
N LYS D 2597 -18.19 24.18 -30.46
CA LYS D 2597 -17.01 25.05 -30.28
C LYS D 2597 -16.28 24.72 -28.99
N ASN D 2598 -16.27 23.44 -28.61
CA ASN D 2598 -15.56 22.96 -27.45
C ASN D 2598 -14.40 22.08 -27.90
N LEU D 2599 -13.20 22.41 -27.46
CA LEU D 2599 -11.97 21.76 -27.91
C LEU D 2599 -11.49 20.70 -26.94
N ASP D 2600 -12.38 20.16 -26.10
CA ASP D 2600 -11.96 19.18 -25.10
C ASP D 2600 -11.69 17.81 -25.70
N TRP D 2601 -12.13 17.56 -26.93
CA TRP D 2601 -11.91 16.25 -27.53
C TRP D 2601 -10.43 16.04 -27.86
N PHE D 2602 -9.70 17.13 -28.12
CA PHE D 2602 -8.27 17.03 -28.27
C PHE D 2602 -7.63 16.62 -26.95
N PRO D 2603 -6.74 15.63 -26.94
CA PRO D 2603 -6.10 15.24 -25.67
C PRO D 2603 -5.17 16.33 -25.16
N ARG D 2604 -5.20 16.54 -23.85
CA ARG D 2604 -4.40 17.57 -23.20
C ARG D 2604 -3.66 16.96 -22.01
N MET D 2605 -2.33 17.06 -22.02
CA MET D 2605 -1.52 16.64 -20.88
C MET D 2605 -1.76 15.18 -20.53
N ARG D 2606 -2.14 14.37 -21.52
CA ARG D 2606 -2.46 12.96 -21.30
C ARG D 2606 -2.03 12.13 -22.50
N ALA D 2607 -1.60 10.91 -22.24
CA ALA D 2607 -1.24 9.96 -23.29
C ALA D 2607 -1.54 8.55 -22.81
N MET D 2608 -2.23 7.79 -23.66
CA MET D 2608 -2.58 6.42 -23.28
C MET D 2608 -1.34 5.55 -23.10
N SER D 2609 -0.33 5.74 -23.95
CA SER D 2609 0.89 4.95 -23.83
C SER D 2609 1.56 5.19 -22.48
N LEU D 2610 1.64 6.46 -22.06
CA LEU D 2610 2.23 6.76 -20.75
C LEU D 2610 1.36 6.24 -19.63
N VAL D 2611 0.03 6.36 -19.77
CA VAL D 2611 -0.88 5.87 -18.74
C VAL D 2611 -0.70 4.38 -18.52
N SER D 2612 -0.60 3.62 -19.61
CA SER D 2612 -0.42 2.18 -19.55
C SER D 2612 0.91 1.78 -20.18
ZN ZN E . -5.29 30.15 -4.99
C1 I3P F . -39.43 26.00 66.03
C2 I3P F . -40.46 25.05 65.43
C3 I3P F . -40.82 23.93 66.41
C4 I3P F . -39.64 23.01 66.72
C5 I3P F . -38.32 23.83 66.73
C6 I3P F . -38.55 25.31 67.07
O1 I3P F . -40.11 27.10 66.58
O2 I3P F . -41.61 25.78 65.07
O3 I3P F . -41.29 24.49 67.63
O4 I3P F . -39.55 22.02 65.74
O5 I3P F . -37.46 23.25 67.66
O6 I3P F . -37.30 25.92 67.19
P1 I3P F . -39.35 28.60 66.59
O11 I3P F . -40.34 29.58 67.19
O12 I3P F . -38.11 28.32 67.44
O13 I3P F . -39.04 28.86 65.10
P4 I3P F . -40.19 20.46 65.93
O41 I3P F . -39.75 20.02 67.32
O42 I3P F . -41.69 20.71 65.83
O43 I3P F . -39.61 19.61 64.80
P5 I3P F . -36.37 22.01 67.29
O51 I3P F . -37.00 21.19 66.17
O52 I3P F . -36.17 21.23 68.59
O53 I3P F . -35.12 22.78 66.88
H1 I3P F . -38.86 26.27 65.29
H2 I3P F . -40.06 24.64 64.65
H3 I3P F . -41.52 23.40 66.00
H4 I3P F . -39.76 22.62 67.59
H5 I3P F . -37.94 23.78 65.84
H6 I3P F . -39.02 25.34 67.92
HO2 I3P F . -41.60 26.50 65.51
HO3 I3P F . -41.74 23.89 68.03
HO6 I3P F . -37.38 26.68 67.57
CA CA G . -23.52 37.18 19.23
PG ATP H . -17.50 39.90 -13.10
O1G ATP H . -18.30 41.06 -13.59
O2G ATP H . -17.86 39.47 -11.66
O3G ATP H . -17.56 38.67 -14.01
PB ATP H . -14.68 40.37 -13.97
O1B ATP H . -14.38 41.77 -14.35
O2B ATP H . -14.90 39.40 -15.14
O3B ATP H . -15.94 40.28 -13.03
PA ATP H . -12.99 39.97 -11.58
O1A ATP H . -13.71 39.12 -10.60
O2A ATP H . -13.06 41.47 -11.29
O3A ATP H . -13.53 39.76 -13.06
O5' ATP H . -11.47 39.57 -11.70
C5' ATP H . -10.43 40.56 -11.84
C4' ATP H . -9.27 39.99 -12.60
O4' ATP H . -8.33 39.48 -11.63
C3' ATP H . -9.69 38.76 -13.41
O3' ATP H . -8.72 38.62 -14.44
C2' ATP H . -9.42 37.62 -12.43
O2' ATP H . -9.05 36.49 -13.23
C1' ATP H . -8.11 38.10 -11.84
N9 ATP H . -7.86 37.52 -10.53
C8 ATP H . -8.61 37.68 -9.38
N7 ATP H . -8.14 37.02 -8.35
C5 ATP H . -7.02 36.38 -8.84
C6 ATP H . -6.07 35.51 -8.25
N6 ATP H . -6.12 35.14 -6.97
N1 ATP H . -5.07 35.04 -9.03
C2 ATP H . -5.02 35.42 -10.31
N3 ATP H . -5.85 36.22 -10.97
C4 ATP H . -6.84 36.68 -10.19
H5'1 ATP H . -10.14 40.85 -10.97
H5'2 ATP H . -10.79 41.32 -12.32
H4' ATP H . -8.88 40.66 -13.18
H3' ATP H . -10.60 38.79 -13.75
HO3' ATP H . -9.04 38.08 -15.01
H2' ATP H . -10.13 37.44 -11.80
HO2' ATP H . -8.41 36.74 -13.73
H1' ATP H . -7.37 37.95 -12.43
H8 ATP H . -9.36 38.21 -9.35
HN61 ATP H . -6.74 35.43 -6.45
HN62 ATP H . -5.53 34.59 -6.66
H2 ATP H . -4.32 35.07 -10.80
ZN ZN I . 19.87 23.71 6.66
C1 I3P J . 52.43 -30.03 53.70
C2 I3P J . 51.17 -30.08 54.53
C3 I3P J . 50.84 -31.50 54.97
C4 I3P J . 50.52 -32.41 53.77
C5 I3P J . 51.38 -32.05 52.55
C6 I3P J . 52.68 -31.30 52.90
O1 I3P J . 53.51 -29.76 54.57
O2 I3P J . 51.31 -29.24 55.66
O3 I3P J . 51.92 -32.05 55.70
O4 I3P J . 49.18 -32.29 53.45
O5 I3P J . 51.69 -33.22 51.87
O6 I3P J . 53.35 -31.03 51.69
P1 I3P J . 54.91 -29.04 53.94
O11 I3P J . 55.80 -28.72 55.13
O12 I3P J . 55.42 -30.13 53.00
O13 I3P J . 54.38 -27.78 53.23
P4 I3P J . 47.97 -33.32 54.06
O41 I3P J . 48.53 -34.73 53.91
O42 I3P J . 47.88 -32.88 55.52
O43 I3P J . 46.71 -33.06 53.24
P5 I3P J . 50.69 -33.94 50.71
O51 I3P J . 49.26 -33.55 51.07
O52 I3P J . 50.95 -35.44 50.82
O53 I3P J . 51.21 -33.35 49.41
H1 I3P J . 52.31 -29.30 53.07
H2 I3P J . 50.44 -29.76 53.98
H3 I3P J . 50.04 -31.47 55.53
H4 I3P J . 50.73 -33.33 54.03
H5 I3P J . 50.85 -31.46 51.99
H6 I3P J . 53.22 -31.89 53.45
HO2 I3P J . 52.15 -29.15 55.80
HO3 I3P J . 51.60 -32.41 56.39
HO6 I3P J . 54.17 -31.28 51.75
CA CA K . 36.65 11.61 29.93
PG ATP L . 20.64 38.50 16.92
O1G ATP L . 21.52 39.57 17.47
O2G ATP L . 20.55 37.26 17.80
O3G ATP L . 19.23 38.98 16.56
PB ATP L . 21.04 38.16 13.96
O1B ATP L . 22.02 39.12 13.41
O2B ATP L . 19.57 38.49 13.72
O3B ATP L . 21.24 37.96 15.52
PA ATP L . 22.48 35.63 13.40
O1A ATP L . 22.17 34.44 14.22
O2A ATP L . 23.75 36.39 13.81
O3A ATP L . 21.29 36.68 13.41
O5' ATP L . 22.61 35.27 11.87
C5' ATP L . 23.36 36.09 10.96
C4' ATP L . 22.65 36.16 9.63
O4' ATP L . 22.99 34.95 8.90
C3' ATP L . 21.14 36.09 9.82
O3' ATP L . 20.58 36.71 8.67
C2' ATP L . 20.85 34.61 9.67
O2' ATP L . 19.55 34.51 9.06
C1' ATP L . 21.82 34.27 8.54
N9 ATP L . 22.13 32.85 8.52
C8 ATP L . 22.85 32.14 9.46
N7 ATP L . 22.98 30.87 9.18
C5 ATP L . 22.31 30.72 7.97
C6 ATP L . 22.08 29.61 7.13
N6 ATP L . 22.52 28.38 7.39
N1 ATP L . 21.36 29.82 6.01
C2 ATP L . 20.92 31.05 5.74
N3 ATP L . 21.07 32.16 6.45
C4 ATP L . 21.78 31.93 7.56
H5'1 ATP L . 24.25 35.69 10.83
H5'2 ATP L . 23.45 36.98 11.32
H4' ATP L . 22.92 36.96 9.15
H3' ATP L . 20.83 36.47 10.66
HO3' ATP L . 19.76 36.87 8.85
H2' ATP L . 20.95 34.07 10.47
HO2' ATP L . 19.57 34.98 8.36
H1' ATP L . 21.48 34.55 7.68
H8 ATP L . 23.22 32.53 10.22
HN61 ATP L . 22.96 28.23 8.12
HN62 ATP L . 22.37 27.74 6.84
H2 ATP L . 20.44 31.13 4.95
ZN ZN M . 25.97 7.41 -15.85
C1 I3P N . 17.76 -66.32 -40.97
C2 I3P N . 17.96 -66.76 -39.54
C3 I3P N . 17.10 -67.98 -39.20
C4 I3P N . 15.61 -67.66 -39.25
C5 I3P N . 15.32 -66.63 -40.34
C6 I3P N . 16.36 -66.65 -41.49
O1 I3P N . 18.75 -66.93 -41.77
O2 I3P N . 19.33 -67.03 -39.31
O3 I3P N . 17.39 -69.03 -40.10
O4 I3P N . 15.19 -67.16 -38.01
O5 I3P N . 14.05 -66.87 -40.86
O6 I3P N . 15.94 -65.77 -42.49
P1 I3P N . 19.18 -66.22 -43.24
O11 I3P N . 20.32 -67.06 -43.80
O12 I3P N . 17.87 -66.28 -44.00
O13 I3P N . 19.62 -64.80 -42.84
P4 I3P N . 14.50 -68.12 -36.80
O41 I3P N . 13.36 -68.86 -37.49
O42 I3P N . 15.65 -69.03 -36.41
O43 I3P N . 14.04 -67.16 -35.70
P5 I3P N . 12.63 -66.22 -40.22
O51 I3P N . 12.87 -66.04 -38.71
O52 I3P N . 11.53 -67.24 -40.53
O53 I3P N . 12.47 -64.93 -41.00
H1 I3P N . 17.86 -65.36 -40.98
H2 I3P N . 17.69 -66.02 -38.97
H3 I3P N . 17.33 -68.24 -38.29
H4 I3P N . 15.14 -68.48 -39.45
H5 I3P N . 15.36 -65.74 -39.94
H6 I3P N . 16.38 -67.55 -41.83
HO2 I3P N . 19.64 -67.33 -40.05
HO3 I3P N . 17.03 -69.74 -39.79
HO6 I3P N . 16.09 -66.10 -43.25
CA CA O . 33.40 -20.52 -27.75
PG ATP P . 43.74 7.98 -13.51
O1G ATP P . 45.12 8.00 -14.09
O2G ATP P . 43.13 6.58 -13.44
O3G ATP P . 43.65 8.64 -12.13
PB ATP P . 42.16 10.29 -14.57
O1B ATP P . 42.83 11.06 -15.63
O2B ATP P . 42.19 10.92 -13.17
O3B ATP P . 42.74 8.82 -14.43
PA ATP P . 39.84 9.15 -16.00
O1A ATP P . 39.29 7.91 -15.41
O2A ATP P . 40.76 8.93 -17.19
O3A ATP P . 40.64 10.01 -14.92
O5' ATP P . 38.68 10.14 -16.45
C5' ATP P . 38.92 11.14 -17.45
C4' ATP P . 38.17 12.40 -17.09
O4' ATP P . 36.83 12.26 -17.63
C3' ATP P . 37.96 12.50 -15.58
O3' ATP P . 37.72 13.88 -15.32
C2' ATP P . 36.62 11.80 -15.37
O2' ATP P . 36.00 12.45 -14.28
C1' ATP P . 35.87 12.32 -16.59
N9 ATP P . 34.78 11.42 -16.97
C8 ATP P . 34.88 10.12 -17.38
N7 ATP P . 33.73 9.55 -17.65
C5 ATP P . 32.81 10.56 -17.41
C6 ATP P . 31.40 10.61 -17.52
N6 ATP P . 30.65 9.58 -17.91
N1 ATP P . 30.79 11.76 -17.20
C2 ATP P . 31.54 12.81 -16.81
N3 ATP P . 32.86 12.88 -16.67
C4 ATP P . 33.44 11.72 -16.99
H5'1 ATP P . 38.61 10.82 -18.31
H5'2 ATP P . 39.86 11.34 -17.49
H4' ATP P . 38.61 13.18 -17.43
H3' ATP P . 38.69 12.13 -15.05
HO3' ATP P . 37.87 14.01 -14.49
H2' ATP P . 36.67 10.84 -15.29
HO2' ATP P . 36.04 13.29 -14.43
H1' ATP P . 35.55 13.22 -16.46
H8 ATP P . 35.70 9.67 -17.45
HN61 ATP P . 31.03 8.84 -18.14
HN62 ATP P . 29.79 9.65 -17.93
H2 ATP P . 31.07 13.58 -16.59
ZN ZN Q . 1.09 14.07 -27.80
C1 I3P R . -73.41 -10.31 -29.13
C2 I3P R . -72.90 -11.73 -29.09
C3 I3P R . -73.81 -12.64 -28.27
C4 I3P R . -73.84 -12.26 -26.79
C5 I3P R . -73.71 -10.73 -26.64
C6 I3P R . -74.22 -9.97 -27.87
O1 I3P R . -74.19 -10.15 -30.29
O2 I3P R . -72.77 -12.21 -30.42
O3 I3P R . -75.11 -12.59 -28.79
O4 I3P R . -72.79 -12.87 -26.11
O5 I3P R . -74.44 -10.33 -25.51
O6 I3P R . -74.22 -8.60 -27.60
P1 I3P R . -74.52 -8.59 -30.87
O11 I3P R . -75.34 -8.77 -32.13
O12 I3P R . -75.26 -7.97 -29.69
O13 I3P R . -73.12 -7.99 -31.13
P4 I3P R . -72.99 -14.30 -25.22
O41 I3P R . -74.23 -14.07 -24.35
O42 I3P R . -73.23 -15.34 -26.31
O43 I3P R . -71.71 -14.49 -24.42
P5 I3P R . -73.79 -10.19 -23.96
O51 I3P R . -72.69 -11.25 -23.85
O52 I3P R . -74.96 -10.43 -23.00
O53 I3P R . -73.30 -8.75 -23.93
H1 I3P R . -72.63 -9.73 -29.14
H2 I3P R . -72.02 -11.71 -28.66
H3 I3P R . -73.45 -13.54 -28.33
H4 I3P R . -74.70 -12.52 -26.42
H5 I3P R . -72.77 -10.52 -26.53
H6 I3P R . -75.12 -10.28 -28.04
HO2 I3P R . -73.40 -11.87 -30.86
HO3 I3P R . -75.60 -13.11 -28.33
HO6 I3P R . -74.88 -8.22 -27.98
CA CA S . -27.43 6.15 -38.93
PG ATP T . 5.51 10.91 -44.89
O1G ATP T . 5.63 11.17 -46.35
O2G ATP T . 4.18 10.27 -44.48
O3G ATP T . 6.66 10.09 -44.31
PB ATP T . 6.60 13.28 -43.42
O1B ATP T . 6.83 14.48 -44.26
O2B ATP T . 7.85 12.46 -43.08
O3B ATP T . 5.54 12.29 -44.07
PA ATP T . 4.48 14.22 -41.58
O1A ATP T . 3.51 13.14 -41.36
O2A ATP T . 4.06 15.27 -42.61
O3A ATP T . 5.89 13.66 -42.05
O5' ATP T . 4.83 14.97 -40.23
C5' ATP T . 5.48 16.26 -40.24
C4' ATP T . 6.64 16.24 -39.28
O4' ATP T . 6.14 16.71 -38.01
C3' ATP T . 7.13 14.82 -39.01
O3' ATP T . 8.44 14.94 -38.48
C2' ATP T . 6.25 14.41 -37.84
O2' ATP T . 7.02 13.50 -37.06
C1' ATP T . 6.25 15.69 -37.03
N9 ATP T . 5.08 15.81 -36.18
C8 ATP T . 3.79 15.44 -36.48
N7 ATP T . 2.93 15.65 -35.51
C5 ATP T . 3.71 16.21 -34.50
C6 ATP T . 3.40 16.67 -33.21
N6 ATP T . 2.17 16.64 -32.68
N1 ATP T . 4.41 17.16 -32.46
C2 ATP T . 5.64 17.21 -32.98
N3 ATP T . 6.05 16.80 -34.18
C4 ATP T . 5.03 16.31 -34.90
H5'1 ATP T . 4.85 16.94 -39.97
H5'2 ATP T . 5.80 16.45 -41.13
H4' ATP T . 7.37 16.80 -39.62
H3' ATP T . 7.08 14.23 -39.78
HO3' ATP T . 8.82 14.20 -38.59
H2' ATP T . 5.37 14.06 -38.08
HO2' ATP T . 7.79 13.85 -36.95
H1' ATP T . 7.06 15.78 -36.51
H8 ATP T . 3.55 15.05 -37.29
HN61 ATP T . 1.52 16.30 -33.13
HN62 ATP T . 2.04 16.95 -31.89
H2 ATP T . 6.30 17.56 -32.42
#